data_8PE8
#
_entry.id   8PE8
#
_entity_poly.entity_id   1
_entity_poly.type   'polypeptide(L)'
_entity_poly.pdbx_seq_one_letter_code
;MQRALTRASVSSPLATARVRSAQQLRFAHKELKFGVEGRAALLNGVETLAKAVATTLGPKGRNVLIESTFGSPKITKDGV
TVAKAISLKDKFENLGAKLLAEVASKTNEVAGDGTTTATVLARAIFSEMVKNVAAGCNPMDLRRGIQAAVDAVVEYLQQN
KRDITTSAEIAQVATISANGDQHIGKLIASAMEKVGKEGVITVKEGKTLQDELEVTEGMRFDRGFVSPYFITDAKAQKVE
FEKPLILLSEQKISAATDIIPALEISHKMRRPLVIIAEDIDGEALAVCILNKLRGQLEVAAVKAPGFGDNRKSILGDIAV
LTNGTVFTNELDVKLEKVTPDMLGSTGSITITKEDTIILNGDGSKDAIAQRCEQIRGAMNDPSTSEYEKEKLQERLAKLS
GGVAVIKVGGSSEVEVGEKKDRFVDALNATRAAVEEGILPGGGTALIKASVNALNNLKPANFDQQLGVNIIKNAITRPAR
MIVENAGLEGSVVIGKISDEYAADFNKGFNSATGEYVDMIQAGILDPLKVVRTGLIDASGVASLLGTTEVAIVEAPEEKG
PAGGMGGMGGMGGMM
;
_entity_poly.pdbx_strand_id   A,B,C,D,E,F,G,H,I,J,K,L,M,N
#
# COMPACT_ATOMS: atom_id res chain seq x y z
N ALA A 28 -20.64 26.43 -13.10
CA ALA A 28 -21.17 26.53 -11.74
C ALA A 28 -20.26 25.81 -10.74
N HIS A 29 -18.95 26.05 -10.86
CA HIS A 29 -17.97 25.42 -9.98
C HIS A 29 -16.73 26.29 -9.98
N LYS A 30 -16.42 26.90 -8.83
CA LYS A 30 -15.30 27.81 -8.71
C LYS A 30 -14.50 27.50 -7.46
N GLU A 31 -13.21 27.86 -7.49
CA GLU A 31 -12.34 27.78 -6.33
C GLU A 31 -11.71 29.14 -6.09
N LEU A 32 -11.56 29.50 -4.82
CA LEU A 32 -11.15 30.84 -4.43
C LEU A 32 -9.76 30.83 -3.83
N LYS A 33 -8.96 31.84 -4.16
CA LYS A 33 -7.65 32.07 -3.57
C LYS A 33 -7.60 33.50 -3.07
N PHE A 34 -7.16 33.70 -1.83
CA PHE A 34 -7.28 34.97 -1.14
C PHE A 34 -5.92 35.58 -0.89
N GLY A 35 -5.76 36.84 -1.31
CA GLY A 35 -4.61 37.63 -0.88
C GLY A 35 -3.29 37.09 -1.37
N VAL A 36 -2.45 36.68 -0.41
CA VAL A 36 -1.06 36.35 -0.72
C VAL A 36 -0.97 35.15 -1.64
N GLU A 37 -1.85 34.16 -1.45
CA GLU A 37 -1.79 32.96 -2.28
C GLU A 37 -2.09 33.28 -3.75
N GLY A 38 -3.18 34.01 -3.99
CA GLY A 38 -3.51 34.39 -5.35
C GLY A 38 -2.46 35.30 -5.97
N ARG A 39 -1.94 36.24 -5.17
CA ARG A 39 -0.90 37.12 -5.68
C ARG A 39 0.36 36.35 -6.05
N ALA A 40 0.73 35.35 -5.24
CA ALA A 40 1.89 34.53 -5.55
C ALA A 40 1.66 33.69 -6.81
N ALA A 41 0.44 33.16 -6.98
CA ALA A 41 0.15 32.40 -8.19
C ALA A 41 0.24 33.28 -9.43
N LEU A 42 -0.32 34.50 -9.35
CA LEU A 42 -0.22 35.42 -10.48
C LEU A 42 1.23 35.82 -10.73
N LEU A 43 2.01 36.02 -9.66
CA LEU A 43 3.42 36.30 -9.81
C LEU A 43 4.13 35.18 -10.57
N ASN A 44 3.86 33.93 -10.18
CA ASN A 44 4.51 32.80 -10.83
C ASN A 44 4.15 32.73 -12.30
N GLY A 45 2.86 32.88 -12.62
CA GLY A 45 2.45 32.82 -14.02
C GLY A 45 3.05 33.94 -14.85
N VAL A 46 2.99 35.17 -14.35
CA VAL A 46 3.51 36.31 -15.10
C VAL A 46 5.01 36.19 -15.27
N GLU A 47 5.72 35.78 -14.20
CA GLU A 47 7.16 35.65 -14.29
C GLU A 47 7.56 34.56 -15.27
N THR A 48 6.85 33.43 -15.28
CA THR A 48 7.16 32.37 -16.24
C THR A 48 6.95 32.85 -17.67
N LEU A 49 5.81 33.50 -17.93
CA LEU A 49 5.55 33.97 -19.29
C LEU A 49 6.57 35.01 -19.72
N ALA A 50 6.91 35.94 -18.82
CA ALA A 50 7.86 36.99 -19.17
C ALA A 50 9.27 36.43 -19.38
N LYS A 51 9.67 35.44 -18.58
CA LYS A 51 10.96 34.81 -18.78
C LYS A 51 11.01 34.07 -20.11
N ALA A 52 9.90 33.42 -20.49
CA ALA A 52 9.86 32.78 -21.80
C ALA A 52 9.94 33.81 -22.92
N VAL A 53 9.24 34.94 -22.78
CA VAL A 53 9.17 35.93 -23.85
C VAL A 53 10.50 36.66 -24.00
N ALA A 54 11.14 37.02 -22.89
CA ALA A 54 12.32 37.87 -22.93
C ALA A 54 13.52 37.19 -23.57
N THR A 55 13.45 35.88 -23.79
CA THR A 55 14.56 35.17 -24.43
C THR A 55 14.82 35.64 -25.86
N THR A 56 13.86 36.30 -26.49
CA THR A 56 14.02 36.83 -27.84
C THR A 56 14.25 38.33 -27.87
N LEU A 57 14.42 38.96 -26.71
CA LEU A 57 14.59 40.40 -26.62
C LEU A 57 15.95 40.81 -27.19
N GLY A 58 15.97 41.97 -27.85
CA GLY A 58 17.19 42.54 -28.36
C GLY A 58 17.56 41.99 -29.71
N PRO A 59 18.47 42.69 -30.42
CA PRO A 59 18.94 42.17 -31.71
C PRO A 59 19.59 40.81 -31.60
N LYS A 60 20.27 40.52 -30.50
CA LYS A 60 20.91 39.23 -30.27
C LYS A 60 19.97 38.29 -29.53
N GLY A 61 18.78 38.12 -30.11
CA GLY A 61 17.77 37.26 -29.52
C GLY A 61 18.08 35.79 -29.76
N ARG A 62 17.22 34.95 -29.18
CA ARG A 62 17.39 33.51 -29.28
C ARG A 62 16.05 32.88 -29.64
N ASN A 63 16.11 31.80 -30.41
CA ASN A 63 14.92 31.28 -31.08
C ASN A 63 14.02 30.50 -30.13
N VAL A 64 12.79 30.24 -30.58
CA VAL A 64 11.79 29.46 -29.86
C VAL A 64 11.33 28.33 -30.76
N LEU A 65 10.93 27.21 -30.17
CA LEU A 65 10.46 26.05 -30.92
C LEU A 65 8.95 25.93 -30.76
N ILE A 66 8.22 26.11 -31.87
CA ILE A 66 6.77 26.04 -31.88
C ILE A 66 6.33 24.97 -32.87
N GLU A 67 5.37 24.15 -32.46
CA GLU A 67 4.81 23.12 -33.32
C GLU A 67 3.34 23.38 -33.59
N SER A 68 2.98 23.25 -34.86
CA SER A 68 1.60 23.40 -35.31
C SER A 68 0.81 22.14 -34.97
N THR A 69 -0.53 22.27 -35.01
CA THR A 69 -1.39 21.13 -34.73
C THR A 69 -1.19 20.03 -35.77
N PHE A 70 -1.06 20.40 -37.04
CA PHE A 70 -0.84 19.45 -38.12
C PHE A 70 0.50 19.74 -38.78
N GLY A 71 1.12 18.68 -39.30
CA GLY A 71 2.37 18.84 -40.01
C GLY A 71 3.59 18.68 -39.13
N SER A 72 4.51 19.63 -39.18
CA SER A 72 5.77 19.58 -38.46
C SER A 72 6.08 20.95 -37.85
N PRO A 73 6.88 20.98 -36.78
CA PRO A 73 7.10 22.24 -36.05
C PRO A 73 7.81 23.30 -36.88
N LYS A 74 7.53 24.55 -36.52
CA LYS A 74 8.15 25.72 -37.12
C LYS A 74 9.14 26.34 -36.15
N ILE A 75 9.68 27.49 -36.53
CA ILE A 75 10.63 28.24 -35.72
C ILE A 75 10.02 29.60 -35.41
N THR A 76 10.44 30.21 -34.32
CA THR A 76 9.95 31.51 -33.88
C THR A 76 11.07 32.31 -33.24
N LYS A 77 11.23 33.56 -33.68
CA LYS A 77 12.22 34.46 -33.11
C LYS A 77 11.63 35.75 -32.56
N ASP A 78 10.32 35.97 -32.71
CA ASP A 78 9.68 37.17 -32.22
C ASP A 78 9.07 36.91 -30.83
N GLY A 79 8.27 37.85 -30.34
CA GLY A 79 7.71 37.73 -29.01
C GLY A 79 6.20 37.60 -28.98
N VAL A 80 5.51 38.16 -29.98
CA VAL A 80 4.05 38.19 -29.96
C VAL A 80 3.48 36.78 -30.06
N THR A 81 4.01 35.95 -30.97
CA THR A 81 3.45 34.62 -31.16
C THR A 81 3.71 33.72 -29.95
N VAL A 82 4.92 33.75 -29.41
CA VAL A 82 5.22 32.93 -28.24
C VAL A 82 4.43 33.42 -27.03
N ALA A 83 4.22 34.74 -26.92
CA ALA A 83 3.40 35.26 -25.84
C ALA A 83 1.96 34.80 -25.96
N LYS A 84 1.42 34.79 -27.18
CA LYS A 84 0.04 34.37 -27.39
C LYS A 84 -0.14 32.86 -27.33
N ALA A 85 0.94 32.09 -27.48
CA ALA A 85 0.87 30.63 -27.52
C ALA A 85 1.38 30.00 -26.22
N ILE A 86 1.11 30.62 -25.07
CA ILE A 86 1.56 30.11 -23.79
C ILE A 86 0.34 29.91 -22.89
N SER A 87 0.21 28.73 -22.30
CA SER A 87 -0.85 28.44 -21.34
C SER A 87 -0.24 27.55 -20.26
N LEU A 88 -0.22 28.05 -19.02
CA LEU A 88 0.48 27.36 -17.94
C LEU A 88 -0.35 26.21 -17.40
N LYS A 89 0.23 25.50 -16.42
CA LYS A 89 -0.45 24.36 -15.81
C LYS A 89 -1.58 24.81 -14.91
N ASP A 90 -1.25 25.61 -13.89
CA ASP A 90 -2.26 26.05 -12.93
C ASP A 90 -3.22 27.03 -13.57
N LYS A 91 -4.46 27.03 -13.08
CA LYS A 91 -5.47 27.92 -13.64
C LYS A 91 -5.17 29.38 -13.36
N PHE A 92 -4.66 29.69 -12.16
CA PHE A 92 -4.33 31.07 -11.82
C PHE A 92 -3.14 31.57 -12.61
N GLU A 93 -2.13 30.72 -12.81
CA GLU A 93 -1.01 31.08 -13.67
C GLU A 93 -1.48 31.34 -15.09
N ASN A 94 -2.40 30.51 -15.58
CA ASN A 94 -2.96 30.73 -16.91
C ASN A 94 -3.74 32.03 -16.97
N LEU A 95 -4.45 32.37 -15.89
CA LEU A 95 -5.19 33.63 -15.84
C LEU A 95 -4.24 34.82 -15.93
N GLY A 96 -3.16 34.79 -15.14
CA GLY A 96 -2.19 35.87 -15.21
C GLY A 96 -1.53 35.97 -16.58
N ALA A 97 -1.19 34.82 -17.16
CA ALA A 97 -0.59 34.80 -18.49
C ALA A 97 -1.56 35.35 -19.53
N LYS A 98 -2.85 35.06 -19.39
CA LYS A 98 -3.83 35.55 -20.34
C LYS A 98 -4.03 37.05 -20.21
N LEU A 99 -4.00 37.59 -18.99
CA LEU A 99 -4.06 39.03 -18.82
C LEU A 99 -2.83 39.71 -19.43
N LEU A 100 -1.65 39.12 -19.20
CA LEU A 100 -0.44 39.65 -19.82
C LEU A 100 -0.52 39.56 -21.35
N ALA A 101 -1.14 38.51 -21.87
CA ALA A 101 -1.35 38.40 -23.31
C ALA A 101 -2.29 39.48 -23.81
N GLU A 102 -3.34 39.78 -23.05
CA GLU A 102 -4.23 40.89 -23.40
C GLU A 102 -3.46 42.19 -23.54
N VAL A 103 -2.68 42.55 -22.52
CA VAL A 103 -2.01 43.84 -22.58
C VAL A 103 -0.93 43.83 -23.67
N ALA A 104 -0.25 42.71 -23.88
CA ALA A 104 0.75 42.62 -24.93
C ALA A 104 0.11 42.77 -26.30
N SER A 105 -1.04 42.12 -26.52
CA SER A 105 -1.73 42.23 -27.80
C SER A 105 -2.24 43.64 -28.03
N LYS A 106 -2.74 44.29 -26.98
CA LYS A 106 -3.17 45.69 -27.13
C LYS A 106 -2.00 46.58 -27.49
N THR A 107 -0.84 46.37 -26.85
CA THR A 107 0.34 47.17 -27.18
C THR A 107 0.79 46.91 -28.62
N ASN A 108 0.76 45.65 -29.06
CA ASN A 108 1.16 45.32 -30.41
C ASN A 108 0.22 45.94 -31.45
N GLU A 109 -1.09 45.90 -31.18
CA GLU A 109 -2.04 46.52 -32.09
C GLU A 109 -1.89 48.03 -32.12
N VAL A 110 -1.61 48.65 -30.97
CA VAL A 110 -1.46 50.10 -30.93
C VAL A 110 -0.20 50.54 -31.67
N ALA A 111 0.93 49.88 -31.38
CA ALA A 111 2.22 50.30 -31.90
C ALA A 111 2.74 49.40 -33.01
N GLY A 112 2.88 48.10 -32.75
CA GLY A 112 3.45 47.16 -33.70
C GLY A 112 4.70 46.46 -33.22
N ASP A 113 5.30 46.92 -32.13
CA ASP A 113 6.51 46.31 -31.58
C ASP A 113 6.58 46.63 -30.09
N GLY A 114 7.74 46.37 -29.49
CA GLY A 114 7.93 46.66 -28.09
C GLY A 114 7.15 45.80 -27.13
N THR A 115 6.59 44.68 -27.61
CA THR A 115 5.82 43.81 -26.74
C THR A 115 6.68 43.20 -25.65
N THR A 116 7.87 42.72 -26.02
CA THR A 116 8.74 42.06 -25.04
C THR A 116 9.19 43.03 -23.95
N THR A 117 9.55 44.26 -24.34
CA THR A 117 9.97 45.24 -23.34
C THR A 117 8.83 45.57 -22.38
N ALA A 118 7.62 45.74 -22.91
CA ALA A 118 6.47 46.02 -22.05
C ALA A 118 6.19 44.86 -21.11
N THR A 119 6.29 43.62 -21.61
CA THR A 119 6.06 42.46 -20.75
C THR A 119 7.11 42.38 -19.64
N VAL A 120 8.38 42.63 -19.98
CA VAL A 120 9.44 42.57 -18.98
C VAL A 120 9.25 43.66 -17.93
N LEU A 121 8.92 44.88 -18.37
CA LEU A 121 8.68 45.96 -17.42
C LEU A 121 7.50 45.65 -16.51
N ALA A 122 6.42 45.12 -17.07
CA ALA A 122 5.27 44.77 -16.25
C ALA A 122 5.62 43.70 -15.24
N ARG A 123 6.37 42.68 -15.65
CA ARG A 123 6.78 41.64 -14.72
C ARG A 123 7.62 42.21 -13.59
N ALA A 124 8.59 43.06 -13.93
CA ALA A 124 9.47 43.63 -12.91
C ALA A 124 8.69 44.48 -11.92
N ILE A 125 7.81 45.35 -12.43
CA ILE A 125 7.04 46.23 -11.55
C ILE A 125 6.11 45.42 -10.66
N PHE A 126 5.44 44.41 -11.23
CA PHE A 126 4.54 43.58 -10.44
C PHE A 126 5.30 42.82 -9.35
N SER A 127 6.47 42.27 -9.69
CA SER A 127 7.24 41.51 -8.71
C SER A 127 7.70 42.42 -7.58
N GLU A 128 8.21 43.60 -7.90
CA GLU A 128 8.64 44.52 -6.85
C GLU A 128 7.45 44.97 -6.00
N MET A 129 6.30 45.21 -6.63
CA MET A 129 5.13 45.66 -5.90
C MET A 129 4.65 44.60 -4.92
N VAL A 130 4.58 43.34 -5.36
CA VAL A 130 4.12 42.28 -4.47
C VAL A 130 5.14 42.02 -3.37
N LYS A 131 6.43 42.13 -3.69
CA LYS A 131 7.46 41.98 -2.66
C LYS A 131 7.33 43.06 -1.60
N ASN A 132 7.08 44.30 -2.00
CA ASN A 132 6.89 45.37 -1.03
C ASN A 132 5.59 45.20 -0.25
N VAL A 133 4.54 44.69 -0.90
CA VAL A 133 3.27 44.46 -0.22
C VAL A 133 3.43 43.41 0.86
N ALA A 134 4.20 42.35 0.56
CA ALA A 134 4.46 41.32 1.56
C ALA A 134 5.20 41.86 2.78
N ALA A 135 5.85 43.01 2.65
CA ALA A 135 6.53 43.65 3.78
C ALA A 135 5.61 44.53 4.60
N GLY A 136 4.35 44.69 4.21
CA GLY A 136 3.40 45.49 4.96
C GLY A 136 3.17 46.89 4.44
N CYS A 137 3.77 47.25 3.31
CA CYS A 137 3.58 48.59 2.77
C CYS A 137 2.17 48.76 2.21
N ASN A 138 1.73 50.01 2.13
CA ASN A 138 0.39 50.30 1.64
C ASN A 138 0.35 50.22 0.12
N PRO A 139 -0.45 49.33 -0.46
CA PRO A 139 -0.49 49.23 -1.93
C PRO A 139 -0.95 50.50 -2.63
N MET A 140 -1.86 51.26 -2.02
CA MET A 140 -2.38 52.45 -2.67
C MET A 140 -1.33 53.53 -2.82
N ASP A 141 -0.55 53.76 -1.75
CA ASP A 141 0.53 54.74 -1.83
C ASP A 141 1.60 54.30 -2.82
N LEU A 142 1.89 53.00 -2.86
CA LEU A 142 2.83 52.48 -3.85
C LEU A 142 2.34 52.75 -5.27
N ARG A 143 1.05 52.49 -5.52
CA ARG A 143 0.48 52.73 -6.84
C ARG A 143 0.55 54.20 -7.21
N ARG A 144 0.21 55.09 -6.27
CA ARG A 144 0.28 56.52 -6.55
C ARG A 144 1.71 56.95 -6.85
N GLY A 145 2.67 56.42 -6.08
CA GLY A 145 4.06 56.78 -6.31
C GLY A 145 4.57 56.31 -7.66
N ILE A 146 4.25 55.07 -8.03
CA ILE A 146 4.70 54.58 -9.33
C ILE A 146 4.00 55.32 -10.46
N GLN A 147 2.74 55.72 -10.28
CA GLN A 147 2.05 56.50 -11.30
C GLN A 147 2.72 57.85 -11.50
N ALA A 148 3.03 58.54 -10.40
CA ALA A 148 3.70 59.83 -10.50
C ALA A 148 5.08 59.68 -11.13
N ALA A 149 5.81 58.63 -10.75
CA ALA A 149 7.14 58.41 -11.31
C ALA A 149 7.07 58.10 -12.80
N VAL A 150 6.09 57.31 -13.22
CA VAL A 150 5.92 57.00 -14.64
C VAL A 150 5.58 58.26 -15.41
N ASP A 151 4.73 59.11 -14.84
CA ASP A 151 4.40 60.38 -15.50
C ASP A 151 5.65 61.24 -15.65
N ALA A 152 6.48 61.31 -14.61
CA ALA A 152 7.72 62.07 -14.71
C ALA A 152 8.64 61.49 -15.76
N VAL A 153 8.73 60.15 -15.83
CA VAL A 153 9.60 59.50 -16.80
C VAL A 153 9.16 59.81 -18.22
N VAL A 154 7.86 59.69 -18.50
CA VAL A 154 7.39 59.93 -19.86
C VAL A 154 7.53 61.41 -20.21
N GLU A 155 7.32 62.30 -19.24
CA GLU A 155 7.53 63.72 -19.49
C GLU A 155 8.99 64.01 -19.84
N TYR A 156 9.92 63.40 -19.11
CA TYR A 156 11.34 63.59 -19.42
C TYR A 156 11.68 63.02 -20.80
N LEU A 157 11.12 61.86 -21.14
CA LEU A 157 11.37 61.26 -22.44
C LEU A 157 10.86 62.17 -23.56
N GLN A 158 9.67 62.74 -23.38
CA GLN A 158 9.12 63.65 -24.38
C GLN A 158 9.95 64.92 -24.48
N GLN A 159 10.47 65.40 -23.36
CA GLN A 159 11.28 66.62 -23.38
C GLN A 159 12.58 66.43 -24.16
N ASN A 160 13.23 65.28 -23.99
CA ASN A 160 14.55 65.06 -24.56
C ASN A 160 14.50 64.57 -26.00
N LYS A 161 13.34 64.13 -26.48
CA LYS A 161 13.25 63.50 -27.79
C LYS A 161 13.60 64.47 -28.92
N ARG A 162 13.72 63.92 -30.12
CA ARG A 162 14.00 64.67 -31.32
C ARG A 162 12.87 64.47 -32.33
N ASP A 163 12.62 65.49 -33.15
CA ASP A 163 11.56 65.45 -34.14
C ASP A 163 12.10 64.96 -35.48
N ILE A 164 11.21 64.43 -36.30
CA ILE A 164 11.55 63.90 -37.62
C ILE A 164 10.81 64.76 -38.63
N THR A 165 11.50 65.74 -39.21
CA THR A 165 10.87 66.69 -40.12
C THR A 165 11.50 66.70 -41.51
N THR A 166 12.83 66.82 -41.59
CA THR A 166 13.48 67.03 -42.89
C THR A 166 13.41 65.76 -43.74
N SER A 167 13.20 65.96 -45.05
CA SER A 167 13.05 64.81 -45.94
C SER A 167 14.28 63.92 -45.97
N ALA A 168 15.47 64.51 -45.80
CA ALA A 168 16.69 63.69 -45.79
C ALA A 168 16.71 62.75 -44.58
N GLU A 169 16.45 63.29 -43.38
CA GLU A 169 16.39 62.43 -42.21
C GLU A 169 15.14 61.57 -42.23
N ILE A 170 14.10 61.99 -42.98
CA ILE A 170 12.96 61.11 -43.23
C ILE A 170 13.41 59.86 -43.96
N ALA A 171 14.17 60.04 -45.04
CA ALA A 171 14.70 58.89 -45.77
C ALA A 171 15.65 58.08 -44.90
N GLN A 172 16.44 58.75 -44.06
CA GLN A 172 17.36 58.04 -43.17
C GLN A 172 16.62 57.14 -42.20
N VAL A 173 15.59 57.67 -41.54
CA VAL A 173 14.84 56.87 -40.56
C VAL A 173 14.06 55.77 -41.26
N ALA A 174 13.55 56.04 -42.47
CA ALA A 174 12.89 54.99 -43.24
C ALA A 174 13.88 53.88 -43.59
N THR A 175 15.13 54.24 -43.90
CA THR A 175 16.14 53.25 -44.23
C THR A 175 16.46 52.37 -43.04
N ILE A 176 16.77 52.99 -41.89
CA ILE A 176 17.19 52.19 -40.74
C ILE A 176 16.01 51.39 -40.19
N SER A 177 14.80 51.93 -40.29
CA SER A 177 13.61 51.17 -39.89
C SER A 177 13.35 49.99 -40.82
N ALA A 178 13.88 50.02 -42.04
CA ALA A 178 13.72 48.93 -43.00
C ALA A 178 14.99 48.13 -43.18
N ASN A 179 15.76 47.95 -42.11
CA ASN A 179 16.99 47.17 -42.07
C ASN A 179 18.08 47.73 -42.97
N GLY A 180 17.91 48.93 -43.51
CA GLY A 180 18.96 49.57 -44.31
C GLY A 180 19.12 49.11 -45.73
N ASP A 181 19.05 47.80 -45.98
CA ASP A 181 19.27 47.29 -47.33
C ASP A 181 18.14 47.69 -48.27
N GLN A 182 16.97 48.04 -47.73
CA GLN A 182 15.81 48.41 -48.54
C GLN A 182 15.92 49.87 -48.96
N HIS A 183 16.88 50.13 -49.85
CA HIS A 183 17.09 51.49 -50.33
C HIS A 183 15.94 51.97 -51.22
N ILE A 184 15.49 51.12 -52.14
CA ILE A 184 14.33 51.47 -52.95
C ILE A 184 13.11 51.67 -52.06
N GLY A 185 12.98 50.85 -51.02
CA GLY A 185 11.87 51.01 -50.10
C GLY A 185 11.92 52.31 -49.34
N LYS A 186 13.11 52.73 -48.89
CA LYS A 186 13.21 53.99 -48.16
C LYS A 186 12.97 55.18 -49.07
N LEU A 187 13.43 55.12 -50.32
CA LEU A 187 13.12 56.18 -51.27
C LEU A 187 11.62 56.26 -51.52
N ILE A 188 10.96 55.10 -51.68
CA ILE A 188 9.52 55.08 -51.89
C ILE A 188 8.80 55.66 -50.68
N ALA A 189 9.24 55.30 -49.47
CA ALA A 189 8.60 55.81 -48.27
C ALA A 189 8.79 57.31 -48.14
N SER A 190 9.99 57.82 -48.46
CA SER A 190 10.22 59.25 -48.38
C SER A 190 9.34 60.00 -49.39
N ALA A 191 9.25 59.49 -50.62
CA ALA A 191 8.39 60.14 -51.61
C ALA A 191 6.93 60.10 -51.19
N MET A 192 6.48 58.96 -50.65
CA MET A 192 5.09 58.82 -50.23
C MET A 192 4.77 59.70 -49.03
N GLU A 193 5.76 59.97 -48.17
CA GLU A 193 5.55 60.88 -47.05
C GLU A 193 5.56 62.34 -47.50
N LYS A 194 6.42 62.68 -48.46
CA LYS A 194 6.46 64.04 -48.97
C LYS A 194 5.28 64.35 -49.90
N VAL A 195 4.60 63.33 -50.39
CA VAL A 195 3.44 63.54 -51.27
C VAL A 195 2.14 63.52 -50.48
N GLY A 196 1.93 62.47 -49.67
CA GLY A 196 0.70 62.33 -48.91
C GLY A 196 0.98 62.03 -47.45
N LYS A 197 -0.10 61.94 -46.68
CA LYS A 197 -0.03 61.66 -45.25
C LYS A 197 -0.84 60.45 -44.81
N GLU A 198 -1.81 60.00 -45.61
CA GLU A 198 -2.60 58.83 -45.23
C GLU A 198 -1.85 57.53 -45.54
N GLY A 199 -1.56 57.30 -46.82
CA GLY A 199 -0.76 56.15 -47.21
C GLY A 199 -1.47 54.81 -47.16
N VAL A 200 -1.10 53.91 -48.06
CA VAL A 200 -1.65 52.56 -48.09
C VAL A 200 -0.73 51.68 -48.92
N ILE A 201 -0.82 50.38 -48.70
CA ILE A 201 -0.04 49.39 -49.45
C ILE A 201 -0.99 48.34 -50.00
N THR A 202 -0.80 47.99 -51.27
CA THR A 202 -1.64 47.00 -51.93
C THR A 202 -0.78 46.14 -52.85
N VAL A 203 -1.30 44.94 -53.14
CA VAL A 203 -0.62 43.99 -54.01
C VAL A 203 -1.62 43.45 -55.03
N LYS A 204 -1.18 43.35 -56.29
CA LYS A 204 -2.00 42.84 -57.38
C LYS A 204 -1.17 41.83 -58.15
N GLU A 205 -1.62 40.58 -58.18
CA GLU A 205 -0.98 39.46 -58.87
C GLU A 205 0.53 39.48 -58.76
N GLY A 206 1.24 39.16 -59.85
CA GLY A 206 2.68 39.11 -59.81
C GLY A 206 3.34 40.45 -59.58
N LYS A 207 2.86 41.50 -60.27
CA LYS A 207 3.39 42.85 -60.17
C LYS A 207 4.88 42.88 -60.48
N THR A 208 5.19 42.56 -61.74
CA THR A 208 6.57 42.52 -62.20
C THR A 208 7.20 43.90 -62.33
N LEU A 209 6.51 44.96 -61.93
CA LEU A 209 7.06 46.31 -62.02
C LEU A 209 8.17 46.51 -61.00
N GLN A 210 8.74 47.70 -61.01
CA GLN A 210 9.88 48.06 -60.15
C GLN A 210 9.45 48.93 -58.97
N ASP A 211 8.29 48.65 -58.39
CA ASP A 211 7.78 49.37 -57.22
C ASP A 211 7.63 50.87 -57.50
N GLU A 212 6.75 51.18 -58.45
CA GLU A 212 6.46 52.55 -58.82
C GLU A 212 5.31 53.10 -57.99
N LEU A 213 5.45 54.35 -57.57
CA LEU A 213 4.43 55.00 -56.74
C LEU A 213 3.51 55.86 -57.61
N GLU A 214 2.37 56.24 -57.03
CA GLU A 214 1.39 57.04 -57.73
C GLU A 214 0.54 57.79 -56.72
N VAL A 215 -0.17 58.81 -57.20
CA VAL A 215 -1.07 59.60 -56.39
C VAL A 215 -2.47 59.45 -56.97
N THR A 216 -3.42 59.04 -56.15
CA THR A 216 -4.79 58.79 -56.59
C THR A 216 -5.77 59.28 -55.52
N GLU A 217 -6.82 59.95 -55.98
CA GLU A 217 -7.87 60.41 -55.08
C GLU A 217 -8.64 59.21 -54.53
N GLY A 218 -8.99 59.26 -53.25
CA GLY A 218 -9.72 58.17 -52.64
C GLY A 218 -10.21 58.54 -51.26
N MET A 219 -10.77 57.54 -50.58
CA MET A 219 -11.35 57.70 -49.25
C MET A 219 -10.88 56.57 -48.35
N ARG A 220 -10.89 56.82 -47.04
CA ARG A 220 -10.44 55.83 -46.07
C ARG A 220 -11.31 55.92 -44.83
N PHE A 221 -11.63 54.75 -44.25
CA PHE A 221 -12.31 54.69 -42.97
C PHE A 221 -11.94 53.37 -42.30
N ASP A 222 -12.11 53.33 -40.98
CA ASP A 222 -11.72 52.19 -40.16
C ASP A 222 -12.97 51.46 -39.69
N ARG A 223 -13.45 50.51 -40.50
CA ARG A 223 -14.58 49.67 -40.12
C ARG A 223 -14.51 48.38 -40.93
N GLY A 224 -14.04 47.31 -40.29
CA GLY A 224 -13.87 46.03 -40.94
C GLY A 224 -15.18 45.25 -41.04
N PHE A 225 -15.07 44.05 -41.59
CA PHE A 225 -16.23 43.19 -41.74
C PHE A 225 -16.74 42.72 -40.39
N VAL A 226 -18.06 42.54 -40.29
CA VAL A 226 -18.66 42.04 -39.05
C VAL A 226 -18.28 40.59 -38.82
N SER A 227 -18.20 39.80 -39.89
CA SER A 227 -17.91 38.38 -39.78
C SER A 227 -16.56 38.05 -40.40
N PRO A 228 -15.82 37.09 -39.83
CA PRO A 228 -14.51 36.73 -40.36
C PRO A 228 -14.54 35.77 -41.54
N TYR A 229 -15.72 35.42 -42.06
CA TYR A 229 -15.84 34.47 -43.16
C TYR A 229 -15.98 35.14 -44.51
N PHE A 230 -15.93 36.47 -44.58
CA PHE A 230 -16.14 37.18 -45.84
C PHE A 230 -14.89 37.25 -46.71
N ILE A 231 -13.71 36.95 -46.16
CA ILE A 231 -12.46 37.00 -46.91
C ILE A 231 -11.81 35.63 -46.84
N THR A 232 -11.57 35.02 -48.00
CA THR A 232 -10.92 33.71 -48.03
C THR A 232 -9.46 33.82 -47.62
N ASP A 233 -8.75 34.82 -48.13
CA ASP A 233 -7.34 35.04 -47.80
C ASP A 233 -7.18 35.99 -46.62
N ALA A 234 -7.81 35.66 -45.49
CA ALA A 234 -7.75 36.51 -44.31
C ALA A 234 -6.35 36.52 -43.69
N LYS A 235 -5.51 35.56 -44.03
CA LYS A 235 -4.15 35.52 -43.48
C LYS A 235 -3.33 36.72 -43.93
N ALA A 236 -3.47 37.12 -45.19
CA ALA A 236 -2.71 38.23 -45.74
C ALA A 236 -3.57 39.36 -46.30
N GLN A 237 -4.90 39.21 -46.31
CA GLN A 237 -5.81 40.22 -46.83
C GLN A 237 -5.48 40.57 -48.29
N LYS A 238 -5.58 39.55 -49.14
CA LYS A 238 -5.29 39.71 -50.55
C LYS A 238 -6.31 40.63 -51.22
N VAL A 239 -5.86 41.32 -52.27
CA VAL A 239 -6.70 42.24 -53.02
C VAL A 239 -7.23 41.50 -54.24
N GLU A 240 -8.55 41.34 -54.32
CA GLU A 240 -9.20 40.65 -55.42
C GLU A 240 -10.43 41.42 -55.91
N PHE A 241 -10.44 42.74 -55.70
CA PHE A 241 -11.55 43.60 -56.09
C PHE A 241 -11.05 44.57 -57.16
N GLU A 242 -11.19 44.16 -58.42
CA GLU A 242 -10.80 44.99 -59.57
C GLU A 242 -12.07 45.62 -60.15
N LYS A 243 -12.13 46.95 -60.13
CA LYS A 243 -13.30 47.70 -60.54
C LYS A 243 -14.57 47.18 -59.87
N PRO A 244 -14.66 47.27 -58.54
CA PRO A 244 -15.82 46.69 -57.84
C PRO A 244 -16.95 47.69 -57.64
N LEU A 245 -18.18 47.20 -57.82
CA LEU A 245 -19.36 47.98 -57.52
C LEU A 245 -19.55 48.09 -56.02
N ILE A 246 -20.18 49.19 -55.60
CA ILE A 246 -20.41 49.45 -54.19
C ILE A 246 -21.86 49.84 -53.98
N LEU A 247 -22.34 49.65 -52.75
CA LEU A 247 -23.70 49.95 -52.37
C LEU A 247 -23.71 50.94 -51.21
N LEU A 248 -24.57 51.94 -51.30
CA LEU A 248 -24.70 52.97 -50.27
C LEU A 248 -26.08 52.87 -49.64
N SER A 249 -26.11 52.80 -48.31
CA SER A 249 -27.37 52.72 -47.58
C SER A 249 -27.17 53.31 -46.19
N GLU A 250 -28.27 53.75 -45.59
CA GLU A 250 -28.26 54.34 -44.26
C GLU A 250 -29.21 53.66 -43.29
N GLN A 251 -30.39 53.26 -43.76
CA GLN A 251 -31.37 52.62 -42.88
C GLN A 251 -30.95 51.18 -42.58
N LYS A 252 -31.62 50.60 -41.59
CA LYS A 252 -31.32 49.23 -41.18
C LYS A 252 -31.70 48.24 -42.27
N ILE A 253 -30.87 47.21 -42.44
CA ILE A 253 -31.13 46.14 -43.39
C ILE A 253 -31.24 44.84 -42.60
N SER A 254 -32.42 44.23 -42.61
CA SER A 254 -32.65 42.99 -41.90
C SER A 254 -33.45 41.96 -42.68
N ALA A 255 -33.89 42.26 -43.90
CA ALA A 255 -34.68 41.35 -44.70
C ALA A 255 -34.10 41.22 -46.10
N ALA A 256 -34.44 40.12 -46.76
CA ALA A 256 -33.97 39.84 -48.11
C ALA A 256 -34.91 40.37 -49.19
N THR A 257 -35.96 41.10 -48.82
CA THR A 257 -36.92 41.58 -49.80
C THR A 257 -36.30 42.57 -50.77
N ASP A 258 -35.45 43.48 -50.26
CA ASP A 258 -34.92 44.58 -51.05
C ASP A 258 -33.42 44.49 -51.25
N ILE A 259 -32.81 43.32 -51.02
CA ILE A 259 -31.37 43.15 -51.22
C ILE A 259 -31.06 41.96 -52.11
N ILE A 260 -32.01 41.05 -52.30
CA ILE A 260 -31.76 39.88 -53.14
C ILE A 260 -31.44 40.26 -54.58
N PRO A 261 -32.18 41.14 -55.26
CA PRO A 261 -31.85 41.42 -56.67
C PRO A 261 -30.43 41.92 -56.89
N ALA A 262 -29.89 42.70 -55.95
CA ALA A 262 -28.55 43.25 -56.13
C ALA A 262 -27.51 42.14 -56.18
N LEU A 263 -27.51 41.25 -55.18
CA LEU A 263 -26.53 40.18 -55.15
C LEU A 263 -26.73 39.20 -56.30
N GLU A 264 -27.99 38.93 -56.66
CA GLU A 264 -28.25 38.02 -57.76
C GLU A 264 -27.72 38.58 -59.08
N ILE A 265 -27.96 39.86 -59.35
CA ILE A 265 -27.47 40.44 -60.59
C ILE A 265 -25.94 40.54 -60.56
N SER A 266 -25.37 40.83 -59.39
CA SER A 266 -23.91 40.89 -59.29
C SER A 266 -23.28 39.53 -59.60
N HIS A 267 -23.88 38.46 -59.10
CA HIS A 267 -23.41 37.13 -59.46
C HIS A 267 -23.66 36.82 -60.93
N LYS A 268 -24.76 37.35 -61.48
CA LYS A 268 -25.07 37.13 -62.90
C LYS A 268 -24.00 37.72 -63.80
N MET A 269 -23.60 38.96 -63.54
CA MET A 269 -22.54 39.56 -64.35
C MET A 269 -21.14 39.29 -63.80
N ARG A 270 -21.03 38.58 -62.68
CA ARG A 270 -19.75 38.23 -62.07
C ARG A 270 -18.94 39.48 -61.74
N ARG A 271 -19.53 40.36 -60.94
CA ARG A 271 -18.88 41.58 -60.51
C ARG A 271 -18.89 41.68 -58.98
N PRO A 272 -17.83 42.23 -58.39
CA PRO A 272 -17.80 42.38 -56.93
C PRO A 272 -18.81 43.40 -56.45
N LEU A 273 -19.25 43.20 -55.20
CA LEU A 273 -20.21 44.11 -54.58
C LEU A 273 -19.98 44.11 -53.08
N VAL A 274 -20.45 45.18 -52.43
CA VAL A 274 -20.35 45.33 -50.99
C VAL A 274 -21.73 45.64 -50.42
N ILE A 275 -21.87 45.41 -49.11
CA ILE A 275 -23.12 45.63 -48.40
C ILE A 275 -22.82 46.49 -47.18
N ILE A 276 -23.57 47.58 -47.01
CA ILE A 276 -23.44 48.48 -45.87
C ILE A 276 -24.73 48.38 -45.08
N ALA A 277 -24.71 47.62 -43.99
CA ALA A 277 -25.88 47.41 -43.15
C ALA A 277 -25.53 47.70 -41.69
N GLU A 278 -26.47 48.33 -40.98
CA GLU A 278 -26.25 48.63 -39.57
C GLU A 278 -26.10 47.35 -38.75
N ASP A 279 -26.96 46.37 -39.01
CA ASP A 279 -26.90 45.10 -38.30
C ASP A 279 -27.53 44.02 -39.17
N ILE A 280 -26.71 43.10 -39.67
CA ILE A 280 -27.17 42.01 -40.52
C ILE A 280 -26.66 40.69 -39.95
N ASP A 281 -27.55 39.71 -39.84
CA ASP A 281 -27.19 38.39 -39.33
C ASP A 281 -26.75 37.41 -40.41
N GLY A 282 -26.75 37.83 -41.68
CA GLY A 282 -26.32 36.97 -42.75
C GLY A 282 -27.28 35.88 -43.14
N GLU A 283 -28.60 36.12 -43.00
CA GLU A 283 -29.57 35.12 -43.41
C GLU A 283 -29.52 34.88 -44.92
N ALA A 284 -29.37 35.96 -45.69
CA ALA A 284 -29.24 35.80 -47.14
C ALA A 284 -27.97 35.05 -47.50
N LEU A 285 -26.86 35.34 -46.80
CA LEU A 285 -25.62 34.61 -47.05
C LEU A 285 -25.78 33.13 -46.74
N ALA A 286 -26.44 32.80 -45.63
CA ALA A 286 -26.65 31.40 -45.28
C ALA A 286 -27.54 30.70 -46.30
N VAL A 287 -28.59 31.38 -46.76
CA VAL A 287 -29.48 30.80 -47.76
C VAL A 287 -28.71 30.54 -49.06
N CYS A 288 -27.91 31.52 -49.49
CA CYS A 288 -27.12 31.33 -50.71
C CYS A 288 -26.12 30.19 -50.56
N ILE A 289 -25.48 30.09 -49.39
CA ILE A 289 -24.49 29.03 -49.18
C ILE A 289 -25.16 27.66 -49.20
N LEU A 290 -26.31 27.53 -48.53
CA LEU A 290 -27.00 26.23 -48.53
C LEU A 290 -27.55 25.88 -49.90
N ASN A 291 -27.98 26.88 -50.68
CA ASN A 291 -28.36 26.61 -52.07
C ASN A 291 -27.16 26.15 -52.88
N LYS A 292 -26.02 26.79 -52.68
CA LYS A 292 -24.77 26.38 -53.31
C LYS A 292 -23.62 26.96 -52.49
N LEU A 293 -22.77 26.06 -51.96
CA LEU A 293 -21.62 26.45 -51.13
C LEU A 293 -20.73 27.50 -51.79
N ARG A 294 -19.86 28.11 -51.00
CA ARG A 294 -19.07 29.26 -51.43
C ARG A 294 -18.36 28.99 -52.75
N GLY A 295 -18.30 30.03 -53.59
CA GLY A 295 -17.72 29.92 -54.91
C GLY A 295 -18.60 30.51 -55.99
N GLN A 296 -19.63 31.25 -55.58
CA GLN A 296 -20.55 31.87 -56.51
C GLN A 296 -20.72 33.37 -56.33
N LEU A 297 -20.35 33.94 -55.18
CA LEU A 297 -20.48 35.36 -54.95
C LEU A 297 -19.49 35.80 -53.89
N GLU A 298 -19.22 37.10 -53.86
CA GLU A 298 -18.28 37.70 -52.91
C GLU A 298 -19.09 38.58 -51.95
N VAL A 299 -19.26 38.11 -50.72
CA VAL A 299 -20.02 38.84 -49.71
C VAL A 299 -19.08 39.79 -48.98
N ALA A 300 -19.47 41.06 -48.92
CA ALA A 300 -18.69 42.10 -48.24
C ALA A 300 -19.66 42.95 -47.43
N ALA A 301 -19.77 42.69 -46.13
CA ALA A 301 -20.65 43.42 -45.24
C ALA A 301 -19.81 44.25 -44.28
N VAL A 302 -20.07 45.55 -44.24
CA VAL A 302 -19.38 46.49 -43.37
C VAL A 302 -20.41 47.32 -42.64
N LYS A 303 -20.29 47.39 -41.31
CA LYS A 303 -21.22 48.16 -40.51
C LYS A 303 -21.09 49.66 -40.80
N ALA A 304 -22.22 50.35 -40.83
CA ALA A 304 -22.21 51.78 -41.06
C ALA A 304 -21.58 52.52 -39.87
N PRO A 305 -20.89 53.62 -40.12
CA PRO A 305 -20.26 54.36 -39.03
C PRO A 305 -21.29 55.13 -38.22
N GLY A 306 -20.79 55.79 -37.17
CA GLY A 306 -21.62 56.66 -36.34
C GLY A 306 -21.59 58.08 -36.84
N PHE A 307 -21.71 59.03 -35.90
CA PHE A 307 -21.66 60.46 -36.18
C PHE A 307 -22.74 60.85 -37.19
N GLY A 308 -23.99 60.74 -36.74
CA GLY A 308 -25.16 60.89 -37.58
C GLY A 308 -25.12 61.95 -38.66
N ASP A 309 -24.97 63.22 -38.28
CA ASP A 309 -24.85 64.28 -39.28
C ASP A 309 -23.57 64.11 -40.09
N ASN A 310 -22.46 63.79 -39.43
CA ASN A 310 -21.22 63.49 -40.14
C ASN A 310 -21.36 62.22 -40.97
N ARG A 311 -22.20 61.28 -40.53
CA ARG A 311 -22.48 60.10 -41.35
C ARG A 311 -23.19 60.48 -42.64
N LYS A 312 -24.17 61.37 -42.56
CA LYS A 312 -24.82 61.88 -43.77
C LYS A 312 -23.84 62.60 -44.66
N SER A 313 -22.96 63.41 -44.07
CA SER A 313 -21.96 64.13 -44.86
C SER A 313 -21.02 63.16 -45.56
N ILE A 314 -20.56 62.12 -44.86
CA ILE A 314 -19.63 61.17 -45.45
C ILE A 314 -20.34 60.33 -46.52
N LEU A 315 -21.62 60.03 -46.33
CA LEU A 315 -22.37 59.33 -47.36
C LEU A 315 -22.51 60.18 -48.61
N GLY A 316 -22.81 61.47 -48.44
CA GLY A 316 -22.83 62.37 -49.59
C GLY A 316 -21.48 62.46 -50.27
N ASP A 317 -20.40 62.48 -49.49
CA ASP A 317 -19.07 62.56 -50.07
C ASP A 317 -18.72 61.31 -50.88
N ILE A 318 -18.99 60.12 -50.33
CA ILE A 318 -18.66 58.91 -51.07
C ILE A 318 -19.56 58.77 -52.29
N ALA A 319 -20.82 59.19 -52.20
CA ALA A 319 -21.68 59.20 -53.37
C ALA A 319 -21.14 60.13 -54.44
N VAL A 320 -20.71 61.34 -54.04
CA VAL A 320 -20.15 62.30 -54.99
C VAL A 320 -18.91 61.72 -55.66
N LEU A 321 -18.05 61.06 -54.89
CA LEU A 321 -16.83 60.49 -55.45
C LEU A 321 -17.14 59.35 -56.41
N THR A 322 -18.01 58.43 -56.00
CA THR A 322 -18.26 57.21 -56.78
C THR A 322 -19.71 57.06 -57.21
N ASN A 323 -20.67 57.15 -56.30
CA ASN A 323 -22.02 56.70 -56.60
C ASN A 323 -22.90 57.81 -57.18
N GLY A 324 -23.10 58.88 -56.41
CA GLY A 324 -24.02 59.93 -56.79
C GLY A 324 -25.44 59.73 -56.32
N THR A 325 -25.76 58.59 -55.70
CA THR A 325 -27.09 58.30 -55.20
C THR A 325 -26.99 57.45 -53.95
N VAL A 326 -27.72 57.83 -52.91
CA VAL A 326 -27.75 57.09 -51.66
C VAL A 326 -29.15 56.51 -51.47
N PHE A 327 -29.25 55.57 -50.55
CA PHE A 327 -30.50 54.87 -50.25
C PHE A 327 -30.98 55.29 -48.86
N THR A 328 -32.20 55.82 -48.79
CA THR A 328 -32.80 56.23 -47.53
C THR A 328 -34.29 56.40 -47.73
N ASN A 329 -35.08 55.77 -46.86
CA ASN A 329 -36.54 55.87 -46.98
C ASN A 329 -37.02 57.30 -46.75
N GLU A 330 -36.35 58.06 -45.88
CA GLU A 330 -36.71 59.45 -45.68
C GLU A 330 -36.51 60.26 -46.95
N LEU A 331 -35.43 60.00 -47.68
CA LEU A 331 -35.19 60.65 -48.96
C LEU A 331 -36.15 60.10 -50.01
N ASP A 332 -36.36 60.87 -51.07
CA ASP A 332 -37.32 60.52 -52.11
C ASP A 332 -36.94 59.26 -52.88
N VAL A 333 -35.70 58.79 -52.76
CA VAL A 333 -35.28 57.57 -53.45
C VAL A 333 -36.02 56.38 -52.86
N LYS A 334 -36.58 55.54 -53.74
CA LYS A 334 -37.33 54.38 -53.30
C LYS A 334 -36.37 53.31 -52.78
N LEU A 335 -36.78 52.60 -51.74
CA LEU A 335 -35.91 51.60 -51.13
C LEU A 335 -35.78 50.35 -51.98
N GLU A 336 -36.79 50.04 -52.80
CA GLU A 336 -36.78 48.86 -53.64
C GLU A 336 -36.32 49.13 -55.07
N LYS A 337 -35.40 50.08 -55.25
CA LYS A 337 -34.86 50.42 -56.56
C LYS A 337 -33.46 49.87 -56.77
N VAL A 338 -33.21 48.65 -56.30
CA VAL A 338 -31.87 48.06 -56.38
C VAL A 338 -31.60 47.55 -57.79
N THR A 339 -31.05 48.41 -58.64
CA THR A 339 -30.65 48.10 -59.99
C THR A 339 -29.23 48.59 -60.23
N PRO A 340 -28.49 47.96 -61.14
CA PRO A 340 -27.12 48.41 -61.42
C PRO A 340 -27.04 49.74 -62.15
N ASP A 341 -28.16 50.44 -62.35
CA ASP A 341 -28.13 51.69 -63.10
C ASP A 341 -27.41 52.78 -62.32
N MET A 342 -27.75 52.97 -61.06
CA MET A 342 -27.17 54.02 -60.24
C MET A 342 -26.15 53.52 -59.23
N LEU A 343 -25.81 52.24 -59.27
CA LEU A 343 -24.82 51.70 -58.36
C LEU A 343 -23.46 52.32 -58.62
N GLY A 344 -22.75 52.67 -57.54
CA GLY A 344 -21.46 53.30 -57.68
C GLY A 344 -20.37 52.32 -58.05
N SER A 345 -19.25 52.87 -58.52
CA SER A 345 -18.11 52.08 -58.94
C SER A 345 -16.83 52.85 -58.66
N THR A 346 -15.72 52.12 -58.62
CA THR A 346 -14.41 52.70 -58.39
C THR A 346 -13.36 51.89 -59.13
N GLY A 347 -12.18 52.49 -59.31
CA GLY A 347 -11.11 51.79 -59.99
C GLY A 347 -10.64 50.56 -59.23
N SER A 348 -10.45 50.70 -57.92
CA SER A 348 -10.05 49.58 -57.09
C SER A 348 -10.39 49.90 -55.64
N ILE A 349 -10.69 48.85 -54.88
CA ILE A 349 -11.02 48.98 -53.46
C ILE A 349 -10.22 47.97 -52.67
N THR A 350 -10.04 48.25 -51.38
CA THR A 350 -9.32 47.36 -50.48
C THR A 350 -9.97 47.46 -49.11
N ILE A 351 -10.67 46.41 -48.70
CA ILE A 351 -11.34 46.36 -47.41
C ILE A 351 -10.79 45.18 -46.62
N THR A 352 -10.30 45.44 -45.41
CA THR A 352 -9.79 44.37 -44.56
C THR A 352 -10.49 44.40 -43.20
N LYS A 353 -9.99 43.61 -42.24
CA LYS A 353 -10.72 43.38 -41.01
C LYS A 353 -10.72 44.57 -40.06
N GLU A 354 -9.90 45.60 -40.32
CA GLU A 354 -9.86 46.76 -39.45
C GLU A 354 -10.18 48.08 -40.13
N ASP A 355 -9.94 48.22 -41.44
CA ASP A 355 -10.24 49.48 -42.12
C ASP A 355 -10.53 49.19 -43.59
N THR A 356 -11.14 50.19 -44.24
CA THR A 356 -11.47 50.11 -45.66
C THR A 356 -10.67 51.15 -46.42
N ILE A 357 -10.20 50.77 -47.61
CA ILE A 357 -9.44 51.66 -48.48
C ILE A 357 -10.21 51.82 -49.77
N ILE A 358 -10.55 53.07 -50.11
CA ILE A 358 -11.25 53.39 -51.34
C ILE A 358 -10.37 54.33 -52.15
N LEU A 359 -10.32 54.09 -53.46
CA LEU A 359 -9.45 54.87 -54.33
C LEU A 359 -10.00 54.82 -55.76
N ASN A 360 -9.60 55.82 -56.55
CA ASN A 360 -10.00 55.96 -57.95
C ASN A 360 -11.53 56.06 -58.08
N GLY A 361 -12.05 57.14 -57.52
CA GLY A 361 -13.47 57.42 -57.65
C GLY A 361 -13.86 57.62 -59.11
N ASP A 362 -15.02 57.06 -59.46
CA ASP A 362 -15.50 57.09 -60.84
C ASP A 362 -16.46 58.23 -61.13
N GLY A 363 -16.70 59.12 -60.17
CA GLY A 363 -17.61 60.22 -60.40
C GLY A 363 -17.03 61.26 -61.33
N SER A 364 -17.92 62.10 -61.86
CA SER A 364 -17.51 63.16 -62.78
C SER A 364 -16.70 64.21 -62.03
N LYS A 365 -15.53 64.56 -62.60
CA LYS A 365 -14.65 65.51 -61.93
C LYS A 365 -15.19 66.93 -61.99
N ASP A 366 -15.97 67.25 -63.03
CA ASP A 366 -16.51 68.60 -63.16
C ASP A 366 -17.47 68.92 -62.01
N ALA A 367 -18.40 68.00 -61.74
CA ALA A 367 -19.33 68.21 -60.63
C ALA A 367 -18.62 68.18 -59.29
N ILE A 368 -17.57 67.35 -59.16
CA ILE A 368 -16.79 67.32 -57.93
C ILE A 368 -16.13 68.68 -57.70
N ALA A 369 -15.55 69.27 -58.75
CA ALA A 369 -14.94 70.59 -58.62
C ALA A 369 -15.98 71.65 -58.31
N GLN A 370 -17.17 71.55 -58.93
CA GLN A 370 -18.23 72.52 -58.65
C GLN A 370 -18.65 72.46 -57.19
N ARG A 371 -18.84 71.25 -56.66
CA ARG A 371 -19.21 71.12 -55.25
C ARG A 371 -18.08 71.56 -54.32
N CYS A 372 -16.82 71.31 -54.71
CA CYS A 372 -15.70 71.77 -53.91
C CYS A 372 -15.66 73.29 -53.85
N GLU A 373 -15.88 73.96 -54.98
CA GLU A 373 -15.90 75.42 -54.98
C GLU A 373 -17.12 75.96 -54.22
N GLN A 374 -18.25 75.24 -54.27
CA GLN A 374 -19.39 75.64 -53.46
C GLN A 374 -19.07 75.56 -51.97
N ILE A 375 -18.38 74.50 -51.55
CA ILE A 375 -17.97 74.37 -50.16
C ILE A 375 -16.98 75.48 -49.79
N ARG A 376 -16.05 75.79 -50.69
CA ARG A 376 -15.09 76.86 -50.44
C ARG A 376 -15.79 78.20 -50.26
N GLY A 377 -16.79 78.48 -51.10
CA GLY A 377 -17.58 79.68 -50.91
C GLY A 377 -18.38 79.67 -49.63
N ALA A 378 -18.86 78.49 -49.21
CA ALA A 378 -19.55 78.38 -47.93
C ALA A 378 -18.61 78.64 -46.76
N MET A 379 -17.31 78.39 -46.94
CA MET A 379 -16.33 78.69 -45.89
C MET A 379 -16.23 80.18 -45.61
N ASN A 380 -16.70 81.04 -46.51
CA ASN A 380 -16.59 82.48 -46.33
C ASN A 380 -17.68 83.07 -45.44
N ASP A 381 -18.70 82.28 -45.09
CA ASP A 381 -19.79 82.79 -44.26
C ASP A 381 -19.38 82.73 -42.79
N PRO A 382 -19.31 83.87 -42.09
CA PRO A 382 -18.97 83.83 -40.65
C PRO A 382 -20.03 83.16 -39.80
N SER A 383 -21.25 83.01 -40.29
CA SER A 383 -22.36 82.46 -39.52
C SER A 383 -22.45 80.94 -39.59
N THR A 384 -21.52 80.28 -40.28
CA THR A 384 -21.54 78.83 -40.37
C THR A 384 -21.31 78.20 -39.00
N SER A 385 -21.98 77.08 -38.76
CA SER A 385 -21.85 76.38 -37.48
C SER A 385 -20.42 75.88 -37.28
N GLU A 386 -19.95 75.94 -36.04
CA GLU A 386 -18.58 75.54 -35.74
C GLU A 386 -18.37 74.06 -36.00
N TYR A 387 -19.31 73.22 -35.57
CA TYR A 387 -19.18 71.78 -35.80
C TYR A 387 -19.18 71.45 -37.28
N GLU A 388 -20.11 72.06 -38.04
CA GLU A 388 -20.13 71.86 -39.48
C GLU A 388 -18.86 72.39 -40.13
N LYS A 389 -18.36 73.53 -39.66
CA LYS A 389 -17.14 74.09 -40.21
C LYS A 389 -15.95 73.16 -40.03
N GLU A 390 -15.79 72.62 -38.81
CA GLU A 390 -14.66 71.72 -38.57
C GLU A 390 -14.83 70.39 -39.29
N LYS A 391 -16.06 69.89 -39.37
CA LYS A 391 -16.29 68.65 -40.12
C LYS A 391 -15.94 68.82 -41.60
N LEU A 392 -16.37 69.93 -42.20
CA LEU A 392 -16.03 70.17 -43.60
C LEU A 392 -14.54 70.47 -43.78
N GLN A 393 -13.91 71.10 -42.78
CA GLN A 393 -12.47 71.33 -42.86
C GLN A 393 -11.68 70.04 -42.84
N GLU A 394 -12.04 69.10 -41.95
CA GLU A 394 -11.36 67.82 -41.94
C GLU A 394 -11.70 67.01 -43.18
N ARG A 395 -12.92 67.17 -43.72
CA ARG A 395 -13.25 66.56 -45.01
C ARG A 395 -12.32 67.07 -46.10
N LEU A 396 -12.10 68.39 -46.14
CA LEU A 396 -11.17 68.97 -47.10
C LEU A 396 -9.76 68.41 -46.90
N ALA A 397 -9.33 68.31 -45.64
CA ALA A 397 -7.98 67.82 -45.35
C ALA A 397 -7.80 66.38 -45.82
N LYS A 398 -8.81 65.53 -45.61
CA LYS A 398 -8.70 64.12 -45.96
C LYS A 398 -9.14 63.82 -47.39
N LEU A 399 -9.65 64.80 -48.12
CA LEU A 399 -10.07 64.59 -49.50
C LEU A 399 -9.15 65.26 -50.52
N SER A 400 -8.73 66.50 -50.27
CA SER A 400 -7.89 67.21 -51.23
C SER A 400 -6.53 66.53 -51.39
N GLY A 401 -5.96 66.06 -50.29
CA GLY A 401 -4.64 65.43 -50.32
C GLY A 401 -4.58 64.18 -51.18
N GLY A 402 -5.59 63.33 -51.06
CA GLY A 402 -5.63 62.10 -51.83
C GLY A 402 -4.99 60.96 -51.08
N VAL A 403 -5.33 59.74 -51.50
CA VAL A 403 -4.80 58.53 -50.86
C VAL A 403 -3.48 58.17 -51.52
N ALA A 404 -2.43 58.08 -50.72
CA ALA A 404 -1.11 57.70 -51.22
C ALA A 404 -1.06 56.19 -51.41
N VAL A 405 -0.97 55.75 -52.65
CA VAL A 405 -0.96 54.33 -53.00
C VAL A 405 0.38 54.00 -53.65
N ILE A 406 0.99 52.91 -53.21
CA ILE A 406 2.24 52.42 -53.77
C ILE A 406 2.03 51.03 -54.32
N LYS A 407 2.40 50.81 -55.58
CA LYS A 407 2.30 49.51 -56.21
C LYS A 407 3.59 48.75 -55.96
N VAL A 408 3.54 47.77 -55.05
CA VAL A 408 4.72 47.01 -54.71
C VAL A 408 5.14 46.14 -55.90
N GLY A 409 6.42 45.77 -55.94
CA GLY A 409 6.96 44.95 -56.99
C GLY A 409 7.42 43.59 -56.49
N GLY A 410 7.95 42.81 -57.42
CA GLY A 410 8.45 41.49 -57.10
C GLY A 410 8.43 40.60 -58.31
N SER A 411 9.05 39.43 -58.15
CA SER A 411 9.13 38.42 -59.20
C SER A 411 8.08 37.32 -59.04
N SER A 412 8.10 36.60 -57.93
CA SER A 412 7.16 35.51 -57.68
C SER A 412 6.12 35.93 -56.66
N GLU A 413 5.15 35.04 -56.44
CA GLU A 413 4.09 35.33 -55.47
C GLU A 413 4.66 35.43 -54.05
N VAL A 414 5.54 34.50 -53.68
CA VAL A 414 6.14 34.55 -52.35
C VAL A 414 7.05 35.77 -52.22
N GLU A 415 7.77 36.11 -53.29
CA GLU A 415 8.64 37.28 -53.25
C GLU A 415 7.84 38.56 -53.09
N VAL A 416 6.76 38.72 -53.87
CA VAL A 416 5.95 39.92 -53.74
C VAL A 416 5.25 39.95 -52.38
N GLY A 417 4.88 38.78 -51.85
CA GLY A 417 4.28 38.76 -50.53
C GLY A 417 5.23 39.21 -49.43
N GLU A 418 6.46 38.68 -49.45
CA GLU A 418 7.43 39.09 -48.43
C GLU A 418 7.80 40.56 -48.60
N LYS A 419 7.85 41.04 -49.85
CA LYS A 419 8.09 42.46 -50.07
C LYS A 419 6.94 43.30 -49.49
N LYS A 420 5.70 42.85 -49.66
CA LYS A 420 4.56 43.58 -49.12
C LYS A 420 4.61 43.64 -47.60
N ASP A 421 4.89 42.52 -46.94
CA ASP A 421 5.01 42.53 -45.49
C ASP A 421 6.15 43.42 -45.01
N ARG A 422 7.31 43.34 -45.68
CA ARG A 422 8.43 44.20 -45.32
C ARG A 422 8.05 45.67 -45.44
N PHE A 423 7.38 46.01 -46.55
CA PHE A 423 6.94 47.38 -46.75
C PHE A 423 5.95 47.81 -45.68
N VAL A 424 5.04 46.91 -45.28
CA VAL A 424 4.02 47.33 -44.33
C VAL A 424 4.63 47.58 -42.96
N ASP A 425 5.59 46.75 -42.52
CA ASP A 425 6.19 47.04 -41.22
C ASP A 425 7.06 48.30 -41.30
N ALA A 426 7.76 48.48 -42.42
CA ALA A 426 8.59 49.68 -42.57
C ALA A 426 7.74 50.95 -42.51
N LEU A 427 6.61 50.96 -43.23
CA LEU A 427 5.74 52.13 -43.22
C LEU A 427 5.07 52.32 -41.87
N ASN A 428 4.71 51.23 -41.18
CA ASN A 428 4.13 51.37 -39.86
C ASN A 428 5.12 52.02 -38.89
N ALA A 429 6.37 51.55 -38.92
CA ALA A 429 7.41 52.16 -38.08
C ALA A 429 7.64 53.62 -38.45
N THR A 430 7.64 53.92 -39.75
CA THR A 430 7.85 55.30 -40.19
C THR A 430 6.72 56.21 -39.71
N ARG A 431 5.46 55.74 -39.81
CA ARG A 431 4.34 56.54 -39.32
C ARG A 431 4.43 56.76 -37.83
N ALA A 432 4.77 55.72 -37.06
CA ALA A 432 4.94 55.90 -35.63
C ALA A 432 6.03 56.93 -35.33
N ALA A 433 7.16 56.84 -36.02
CA ALA A 433 8.26 57.76 -35.79
C ALA A 433 7.89 59.19 -36.12
N VAL A 434 7.20 59.42 -37.25
CA VAL A 434 6.86 60.79 -37.61
C VAL A 434 5.79 61.35 -36.68
N GLU A 435 4.82 60.53 -36.26
CA GLU A 435 3.74 61.08 -35.45
C GLU A 435 4.19 61.32 -34.02
N GLU A 436 5.18 60.55 -33.53
CA GLU A 436 5.67 60.74 -32.17
C GLU A 436 7.10 61.21 -32.10
N GLY A 437 8.04 60.48 -32.69
CA GLY A 437 9.44 60.81 -32.57
C GLY A 437 10.28 59.59 -32.24
N ILE A 438 11.57 59.64 -32.55
CA ILE A 438 12.46 58.51 -32.35
C ILE A 438 13.31 58.74 -31.12
N LEU A 439 13.77 57.64 -30.52
CA LEU A 439 14.64 57.64 -29.36
C LEU A 439 15.70 56.56 -29.54
N PRO A 440 16.86 56.72 -28.89
CA PRO A 440 17.90 55.68 -28.97
C PRO A 440 17.40 54.34 -28.45
N GLY A 441 17.42 53.32 -29.30
CA GLY A 441 16.92 52.00 -28.96
C GLY A 441 17.89 51.22 -28.10
N GLY A 442 17.50 49.98 -27.81
CA GLY A 442 18.31 49.12 -26.98
C GLY A 442 18.19 49.38 -25.50
N GLY A 443 17.20 50.15 -25.07
CA GLY A 443 17.01 50.46 -23.67
C GLY A 443 17.86 51.59 -23.14
N THR A 444 18.68 52.22 -23.98
CA THR A 444 19.51 53.33 -23.51
C THR A 444 18.66 54.50 -23.06
N ALA A 445 17.60 54.81 -23.80
CA ALA A 445 16.73 55.93 -23.42
C ALA A 445 16.08 55.68 -22.07
N LEU A 446 15.68 54.44 -21.79
CA LEU A 446 15.10 54.13 -20.49
C LEU A 446 16.10 54.35 -19.37
N ILE A 447 17.35 53.93 -19.57
CA ILE A 447 18.38 54.13 -18.56
C ILE A 447 18.60 55.62 -18.31
N LYS A 448 18.72 56.40 -19.39
CA LYS A 448 18.96 57.83 -19.24
C LYS A 448 17.78 58.50 -18.52
N ALA A 449 16.55 58.11 -18.86
CA ALA A 449 15.39 58.67 -18.18
C ALA A 449 15.37 58.31 -16.71
N SER A 450 15.62 57.03 -16.39
CA SER A 450 15.62 56.61 -15.00
C SER A 450 16.73 57.26 -14.19
N VAL A 451 17.81 57.67 -14.83
CA VAL A 451 18.91 58.30 -14.10
C VAL A 451 18.71 59.81 -13.95
N ASN A 452 18.27 60.49 -15.01
CA ASN A 452 18.17 61.95 -15.01
C ASN A 452 16.76 62.46 -14.72
N ALA A 453 15.81 61.59 -14.41
CA ALA A 453 14.43 62.02 -14.22
C ALA A 453 13.93 61.83 -12.80
N LEU A 454 14.04 60.62 -12.25
CA LEU A 454 13.46 60.30 -10.96
C LEU A 454 14.24 60.91 -9.80
N ASN A 455 15.45 61.44 -10.04
CA ASN A 455 16.22 62.05 -8.97
C ASN A 455 15.62 63.37 -8.50
N ASN A 456 14.77 64.00 -9.32
CA ASN A 456 14.18 65.28 -8.97
C ASN A 456 12.89 65.13 -8.17
N LEU A 457 12.17 64.02 -8.33
CA LEU A 457 10.91 63.83 -7.63
C LEU A 457 11.13 63.76 -6.12
N LYS A 458 10.23 64.40 -5.38
CA LYS A 458 10.29 64.46 -3.92
C LYS A 458 8.94 64.03 -3.36
N PRO A 459 8.71 62.73 -3.25
CA PRO A 459 7.43 62.25 -2.70
C PRO A 459 7.26 62.66 -1.25
N ALA A 460 6.00 62.86 -0.86
CA ALA A 460 5.71 63.35 0.48
C ALA A 460 5.89 62.25 1.52
N ASN A 461 5.14 61.17 1.41
CA ASN A 461 5.20 60.08 2.37
C ASN A 461 6.33 59.13 2.00
N PHE A 462 6.36 57.96 2.67
CA PHE A 462 7.45 57.02 2.52
C PHE A 462 7.18 55.95 1.46
N ASP A 463 5.95 55.44 1.42
CA ASP A 463 5.62 54.40 0.44
C ASP A 463 5.68 54.93 -0.98
N GLN A 464 5.40 56.22 -1.19
CA GLN A 464 5.58 56.80 -2.51
C GLN A 464 7.05 56.78 -2.92
N GLN A 465 7.95 57.08 -1.98
CA GLN A 465 9.38 56.96 -2.26
C GLN A 465 9.76 55.52 -2.56
N LEU A 466 9.17 54.58 -1.84
CA LEU A 466 9.43 53.16 -2.12
C LEU A 466 8.97 52.79 -3.53
N GLY A 467 7.82 53.28 -3.95
CA GLY A 467 7.34 53.01 -5.30
C GLY A 467 8.21 53.66 -6.36
N VAL A 468 8.71 54.87 -6.09
CA VAL A 468 9.62 55.52 -7.02
C VAL A 468 10.89 54.70 -7.17
N ASN A 469 11.44 54.21 -6.05
CA ASN A 469 12.61 53.35 -6.11
C ASN A 469 12.30 52.06 -6.87
N ILE A 470 11.09 51.53 -6.69
CA ILE A 470 10.68 50.32 -7.40
C ILE A 470 10.69 50.55 -8.90
N ILE A 471 10.12 51.67 -9.35
CA ILE A 471 10.09 51.94 -10.78
C ILE A 471 11.50 52.22 -11.30
N LYS A 472 12.35 52.84 -10.49
CA LYS A 472 13.73 53.09 -10.92
C LYS A 472 14.49 51.78 -11.10
N ASN A 473 14.28 50.83 -10.20
CA ASN A 473 14.94 49.53 -10.34
C ASN A 473 14.34 48.72 -11.48
N ALA A 474 13.04 48.88 -11.76
CA ALA A 474 12.38 48.07 -12.77
C ALA A 474 12.56 48.61 -14.19
N ILE A 475 12.86 49.90 -14.34
CA ILE A 475 13.02 50.46 -15.70
C ILE A 475 14.21 49.84 -16.41
N THR A 476 15.28 49.53 -15.68
CA THR A 476 16.51 49.02 -16.28
C THR A 476 16.42 47.56 -16.69
N ARG A 477 15.31 46.88 -16.42
CA ARG A 477 15.21 45.45 -16.72
C ARG A 477 15.33 45.14 -18.22
N PRO A 478 14.63 45.83 -19.13
CA PRO A 478 14.81 45.50 -20.55
C PRO A 478 16.24 45.64 -21.05
N ALA A 479 16.95 46.68 -20.59
CA ALA A 479 18.35 46.83 -21.00
C ALA A 479 19.20 45.70 -20.46
N ARG A 480 18.95 45.29 -19.21
CA ARG A 480 19.67 44.16 -18.64
C ARG A 480 19.43 42.89 -19.45
N MET A 481 18.18 42.63 -19.82
CA MET A 481 17.88 41.45 -20.63
C MET A 481 18.55 41.52 -21.99
N ILE A 482 18.54 42.70 -22.62
CA ILE A 482 19.16 42.86 -23.93
C ILE A 482 20.65 42.57 -23.85
N VAL A 483 21.31 43.12 -22.83
CA VAL A 483 22.75 42.90 -22.69
C VAL A 483 23.06 41.45 -22.36
N GLU A 484 22.26 40.83 -21.47
CA GLU A 484 22.53 39.46 -21.08
C GLU A 484 22.24 38.47 -22.20
N ASN A 485 21.35 38.83 -23.14
CA ASN A 485 21.06 37.94 -24.25
C ASN A 485 22.29 37.71 -25.12
N ALA A 486 23.06 38.76 -25.37
CA ALA A 486 24.27 38.62 -26.17
C ALA A 486 25.30 37.76 -25.45
N GLY A 487 25.44 37.94 -24.14
CA GLY A 487 26.39 37.15 -23.38
C GLY A 487 27.17 37.96 -22.35
N LEU A 488 27.39 39.24 -22.65
CA LEU A 488 28.14 40.08 -21.73
C LEU A 488 27.33 40.35 -20.47
N GLU A 489 28.04 40.64 -19.38
CA GLU A 489 27.39 40.91 -18.10
C GLU A 489 26.62 42.22 -18.17
N GLY A 490 25.35 42.19 -17.74
CA GLY A 490 24.53 43.37 -17.82
C GLY A 490 24.84 44.41 -16.76
N SER A 491 25.32 43.98 -15.59
CA SER A 491 25.55 44.92 -14.49
C SER A 491 26.62 45.93 -14.85
N VAL A 492 27.75 45.47 -15.39
CA VAL A 492 28.84 46.39 -15.72
C VAL A 492 28.42 47.33 -16.85
N VAL A 493 27.70 46.82 -17.85
CA VAL A 493 27.26 47.66 -18.96
C VAL A 493 26.30 48.74 -18.47
N ILE A 494 25.34 48.36 -17.61
CA ILE A 494 24.40 49.33 -17.08
C ILE A 494 25.11 50.36 -16.22
N GLY A 495 26.09 49.93 -15.42
CA GLY A 495 26.85 50.86 -14.62
C GLY A 495 27.63 51.86 -15.46
N LYS A 496 28.24 51.38 -16.55
CA LYS A 496 28.97 52.27 -17.45
C LYS A 496 28.03 53.24 -18.14
N ILE A 497 26.85 52.78 -18.57
CA ILE A 497 25.92 53.65 -19.28
C ILE A 497 25.36 54.71 -18.35
N SER A 498 24.93 54.30 -17.15
CA SER A 498 24.22 55.21 -16.27
C SER A 498 25.14 56.26 -15.65
N ASP A 499 26.38 55.87 -15.34
CA ASP A 499 27.29 56.76 -14.61
C ASP A 499 28.27 57.47 -15.53
N GLU A 500 29.05 56.72 -16.33
CA GLU A 500 30.08 57.33 -17.15
C GLU A 500 29.48 58.21 -18.24
N TYR A 501 28.36 57.79 -18.83
CA TYR A 501 27.75 58.50 -19.95
C TYR A 501 26.37 59.03 -19.57
N ALA A 502 26.25 59.57 -18.36
CA ALA A 502 24.97 60.13 -17.93
C ALA A 502 24.59 61.37 -18.75
N ALA A 503 25.57 62.23 -19.03
CA ALA A 503 25.29 63.47 -19.75
C ALA A 503 24.85 63.19 -21.18
N ASP A 504 25.51 62.25 -21.85
CA ASP A 504 25.22 61.95 -23.25
C ASP A 504 24.02 61.02 -23.33
N PHE A 505 22.88 61.55 -23.78
CA PHE A 505 21.68 60.73 -23.91
C PHE A 505 21.87 59.65 -24.97
N ASN A 506 22.48 59.99 -26.11
CA ASN A 506 22.61 59.04 -27.21
C ASN A 506 23.64 57.95 -26.92
N LYS A 507 24.54 58.17 -25.97
CA LYS A 507 25.57 57.17 -25.68
C LYS A 507 24.96 55.99 -24.94
N GLY A 508 25.26 54.79 -25.41
CA GLY A 508 24.76 53.58 -24.79
C GLY A 508 25.64 52.41 -25.15
N PHE A 509 25.03 51.23 -25.22
CA PHE A 509 25.73 49.99 -25.55
C PHE A 509 25.13 49.40 -26.83
N ASN A 510 26.00 49.08 -27.79
CA ASN A 510 25.58 48.43 -29.03
C ASN A 510 25.82 46.94 -28.87
N SER A 511 24.74 46.19 -28.64
CA SER A 511 24.86 44.75 -28.43
C SER A 511 25.30 44.01 -29.68
N ALA A 512 25.13 44.60 -30.86
CA ALA A 512 25.52 43.94 -32.10
C ALA A 512 27.03 43.73 -32.15
N THR A 513 27.81 44.72 -31.74
CA THR A 513 29.26 44.64 -31.80
C THR A 513 29.94 44.70 -30.44
N GLY A 514 29.27 45.21 -29.41
CA GLY A 514 29.86 45.30 -28.09
C GLY A 514 30.63 46.57 -27.81
N GLU A 515 30.49 47.60 -28.64
CA GLU A 515 31.18 48.87 -28.45
C GLU A 515 30.18 49.95 -28.09
N TYR A 516 30.57 50.83 -27.18
CA TYR A 516 29.71 51.92 -26.72
C TYR A 516 29.68 53.00 -27.79
N VAL A 517 28.68 52.95 -28.67
CA VAL A 517 28.51 53.91 -29.74
C VAL A 517 27.10 54.48 -29.68
N ASP A 518 26.92 55.63 -30.33
CA ASP A 518 25.63 56.29 -30.36
C ASP A 518 24.69 55.57 -31.31
N MET A 519 23.47 55.28 -30.86
CA MET A 519 22.49 54.62 -31.72
C MET A 519 22.03 55.51 -32.86
N ILE A 520 22.12 56.83 -32.72
CA ILE A 520 21.71 57.73 -33.79
C ILE A 520 22.59 57.50 -35.02
N GLN A 521 23.91 57.45 -34.82
CA GLN A 521 24.82 57.17 -35.92
C GLN A 521 24.82 55.70 -36.29
N ALA A 522 24.68 54.81 -35.30
CA ALA A 522 24.69 53.38 -35.57
C ALA A 522 23.41 52.90 -36.26
N GLY A 523 22.32 53.68 -36.19
CA GLY A 523 21.09 53.34 -36.83
C GLY A 523 20.04 52.74 -35.91
N ILE A 524 20.43 52.28 -34.72
CA ILE A 524 19.47 51.71 -33.79
C ILE A 524 18.55 52.82 -33.30
N LEU A 525 17.25 52.49 -33.20
CA LEU A 525 16.27 53.48 -32.75
C LEU A 525 15.10 52.76 -32.10
N ASP A 526 14.31 53.54 -31.37
CA ASP A 526 13.04 53.09 -30.81
C ASP A 526 12.12 54.30 -30.83
N PRO A 527 11.00 54.22 -31.54
CA PRO A 527 10.07 55.36 -31.57
C PRO A 527 9.51 55.65 -30.18
N LEU A 528 9.21 56.93 -29.96
CA LEU A 528 8.69 57.33 -28.64
C LEU A 528 7.34 56.70 -28.38
N LYS A 529 6.50 56.57 -29.41
CA LYS A 529 5.14 56.10 -29.22
C LYS A 529 5.12 54.68 -28.65
N VAL A 530 5.88 53.78 -29.26
CA VAL A 530 5.84 52.37 -28.85
C VAL A 530 6.36 52.21 -27.43
N VAL A 531 7.50 52.81 -27.11
CA VAL A 531 8.07 52.64 -25.78
C VAL A 531 7.20 53.31 -24.73
N ARG A 532 6.64 54.48 -25.05
CA ARG A 532 5.79 55.18 -24.10
C ARG A 532 4.52 54.40 -23.81
N THR A 533 3.85 53.90 -24.85
CA THR A 533 2.62 53.13 -24.62
C THR A 533 2.92 51.80 -23.94
N GLY A 534 4.05 51.17 -24.26
CA GLY A 534 4.42 49.95 -23.57
C GLY A 534 4.66 50.17 -22.09
N LEU A 535 5.41 51.24 -21.76
CA LEU A 535 5.65 51.55 -20.36
C LEU A 535 4.36 51.88 -19.63
N ILE A 536 3.47 52.66 -20.26
CA ILE A 536 2.22 53.04 -19.62
C ILE A 536 1.36 51.82 -19.36
N ASP A 537 1.20 50.95 -20.37
CA ASP A 537 0.39 49.75 -20.20
C ASP A 537 1.00 48.81 -19.18
N ALA A 538 2.33 48.66 -19.19
CA ALA A 538 2.97 47.78 -18.22
C ALA A 538 2.76 48.29 -16.80
N SER A 539 2.96 49.60 -16.59
CA SER A 539 2.77 50.16 -15.27
C SER A 539 1.33 50.02 -14.80
N GLY A 540 0.37 50.31 -15.69
CA GLY A 540 -1.02 50.17 -15.32
C GLY A 540 -1.41 48.75 -14.98
N VAL A 541 -0.95 47.79 -15.80
CA VAL A 541 -1.29 46.39 -15.56
C VAL A 541 -0.65 45.90 -14.27
N ALA A 542 0.60 46.27 -14.02
CA ALA A 542 1.26 45.84 -12.78
C ALA A 542 0.58 46.46 -11.56
N SER A 543 0.23 47.74 -11.63
CA SER A 543 -0.45 48.38 -10.52
C SER A 543 -1.81 47.74 -10.26
N LEU A 544 -2.55 47.43 -11.32
CA LEU A 544 -3.84 46.77 -11.15
C LEU A 544 -3.67 45.38 -10.56
N LEU A 545 -2.68 44.62 -11.04
CA LEU A 545 -2.50 43.25 -10.58
C LEU A 545 -1.97 43.21 -9.15
N GLY A 546 -1.30 44.27 -8.70
CA GLY A 546 -0.78 44.29 -7.34
C GLY A 546 -1.83 44.62 -6.29
N THR A 547 -3.07 44.86 -6.69
CA THR A 547 -4.12 45.20 -5.75
C THR A 547 -5.35 44.31 -5.94
N THR A 548 -5.13 43.00 -6.08
CA THR A 548 -6.22 42.03 -6.23
C THR A 548 -5.98 40.90 -5.22
N GLU A 549 -6.60 41.02 -4.05
CA GLU A 549 -6.49 39.97 -3.05
C GLU A 549 -7.23 38.71 -3.49
N VAL A 550 -8.39 38.88 -4.12
CA VAL A 550 -9.27 37.77 -4.47
C VAL A 550 -9.19 37.55 -5.98
N ALA A 551 -9.17 36.28 -6.37
CA ALA A 551 -9.17 35.88 -7.78
C ALA A 551 -9.75 34.49 -7.87
N ILE A 552 -10.75 34.30 -8.73
CA ILE A 552 -11.45 33.04 -8.85
C ILE A 552 -11.20 32.46 -10.24
N VAL A 553 -11.23 31.13 -10.31
CA VAL A 553 -11.09 30.40 -11.57
C VAL A 553 -12.19 29.34 -11.64
N GLU A 554 -12.41 28.84 -12.86
CA GLU A 554 -13.43 27.82 -13.10
C GLU A 554 -12.89 26.45 -12.69
N ALA A 555 -13.68 25.41 -12.94
CA ALA A 555 -13.29 24.05 -12.59
C ALA A 555 -12.16 23.56 -13.49
N ALA B 28 -5.01 24.32 -26.06
CA ALA B 28 -4.94 25.31 -24.99
C ALA B 28 -4.34 24.69 -23.72
N HIS B 29 -3.24 23.97 -23.90
CA HIS B 29 -2.57 23.33 -22.76
C HIS B 29 -1.13 23.08 -23.17
N LYS B 30 -0.20 23.75 -22.51
CA LYS B 30 1.22 23.67 -22.84
C LYS B 30 2.04 23.50 -21.57
N GLU B 31 3.22 22.89 -21.72
CA GLU B 31 4.20 22.79 -20.66
C GLU B 31 5.53 23.35 -21.16
N LEU B 32 6.24 24.04 -20.27
CA LEU B 32 7.44 24.79 -20.63
C LEU B 32 8.68 24.14 -20.05
N LYS B 33 9.75 24.13 -20.83
CA LYS B 33 11.07 23.70 -20.38
C LYS B 33 12.07 24.79 -20.72
N PHE B 34 12.89 25.17 -19.75
CA PHE B 34 13.74 26.35 -19.86
C PHE B 34 15.21 25.97 -19.91
N GLY B 35 15.90 26.49 -20.91
CA GLY B 35 17.36 26.45 -20.91
C GLY B 35 17.92 25.03 -20.98
N VAL B 36 18.62 24.65 -19.92
CA VAL B 36 19.41 23.43 -19.94
C VAL B 36 18.52 22.20 -20.07
N GLU B 37 17.35 22.22 -19.43
CA GLU B 37 16.46 21.07 -19.49
C GLU B 37 15.96 20.83 -20.92
N GLY B 38 15.45 21.89 -21.56
CA GLY B 38 14.99 21.74 -22.94
C GLY B 38 16.11 21.39 -23.89
N ARG B 39 17.29 21.98 -23.69
CA ARG B 39 18.43 21.66 -24.54
C ARG B 39 18.85 20.21 -24.39
N ALA B 40 18.81 19.68 -23.15
CA ALA B 40 19.15 18.29 -22.93
C ALA B 40 18.11 17.36 -23.56
N ALA B 41 16.82 17.73 -23.48
CA ALA B 41 15.80 16.91 -24.11
C ALA B 41 15.98 16.88 -25.63
N LEU B 42 16.26 18.04 -26.23
CA LEU B 42 16.50 18.08 -27.67
C LEU B 42 17.76 17.29 -28.02
N LEU B 43 18.80 17.38 -27.19
CA LEU B 43 20.00 16.58 -27.40
C LEU B 43 19.67 15.09 -27.41
N ASN B 44 18.89 14.64 -26.43
CA ASN B 44 18.54 13.23 -26.35
C ASN B 44 17.77 12.78 -27.58
N GLY B 45 16.77 13.56 -27.99
CA GLY B 45 15.98 13.18 -29.16
C GLY B 45 16.81 13.13 -30.43
N VAL B 46 17.61 14.18 -30.66
CA VAL B 46 18.42 14.25 -31.87
C VAL B 46 19.46 13.14 -31.89
N GLU B 47 20.10 12.88 -30.74
CA GLU B 47 21.11 11.83 -30.67
C GLU B 47 20.49 10.46 -30.91
N THR B 48 19.31 10.20 -30.35
CA THR B 48 18.66 8.92 -30.58
C THR B 48 18.32 8.74 -32.06
N LEU B 49 17.74 9.76 -32.68
CA LEU B 49 17.37 9.64 -34.08
C LEU B 49 18.61 9.47 -34.96
N ALA B 50 19.67 10.23 -34.68
CA ALA B 50 20.88 10.13 -35.49
C ALA B 50 21.57 8.78 -35.29
N LYS B 51 21.57 8.25 -34.07
CA LYS B 51 22.15 6.93 -33.85
C LYS B 51 21.36 5.85 -34.58
N ALA B 52 20.03 5.99 -34.61
CA ALA B 52 19.23 5.04 -35.39
C ALA B 52 19.52 5.16 -36.88
N VAL B 53 19.65 6.38 -37.38
CA VAL B 53 19.84 6.59 -38.82
C VAL B 53 21.22 6.14 -39.27
N ALA B 54 22.26 6.44 -38.49
CA ALA B 54 23.63 6.20 -38.92
C ALA B 54 23.97 4.72 -39.05
N THR B 55 23.11 3.84 -38.55
CA THR B 55 23.36 2.41 -38.66
C THR B 55 23.38 1.93 -40.10
N THR B 56 22.81 2.69 -41.03
CA THR B 56 22.81 2.33 -42.44
C THR B 56 23.83 3.13 -43.26
N LEU B 57 24.67 3.91 -42.60
CA LEU B 57 25.64 4.75 -43.29
C LEU B 57 26.74 3.90 -43.92
N GLY B 58 27.20 4.34 -45.09
CA GLY B 58 28.30 3.70 -45.77
C GLY B 58 27.86 2.52 -46.62
N PRO B 59 28.73 2.08 -47.53
CA PRO B 59 28.40 0.89 -48.34
C PRO B 59 28.16 -0.35 -47.49
N LYS B 60 28.86 -0.47 -46.37
CA LYS B 60 28.70 -1.61 -45.46
C LYS B 60 27.67 -1.29 -44.38
N GLY B 61 26.48 -0.88 -44.83
CA GLY B 61 25.42 -0.53 -43.93
C GLY B 61 24.74 -1.75 -43.33
N ARG B 62 23.80 -1.49 -42.44
CA ARG B 62 23.09 -2.55 -41.75
C ARG B 62 21.60 -2.25 -41.79
N ASN B 63 20.79 -3.30 -41.85
CA ASN B 63 19.38 -3.17 -42.21
C ASN B 63 18.54 -2.66 -41.02
N VAL B 64 17.32 -2.25 -41.33
CA VAL B 64 16.34 -1.79 -40.36
C VAL B 64 15.07 -2.61 -40.55
N LEU B 65 14.32 -2.80 -39.46
CA LEU B 65 13.07 -3.55 -39.50
C LEU B 65 11.89 -2.60 -39.38
N ILE B 66 11.09 -2.49 -40.44
CA ILE B 66 9.94 -1.61 -40.48
C ILE B 66 8.70 -2.44 -40.78
N GLU B 67 7.62 -2.16 -40.04
CA GLU B 67 6.34 -2.84 -40.24
C GLU B 67 5.29 -1.84 -40.68
N SER B 68 4.54 -2.25 -41.71
CA SER B 68 3.43 -1.45 -42.23
C SER B 68 2.22 -1.60 -41.31
N THR B 69 1.26 -0.68 -41.48
CA THR B 69 0.04 -0.73 -40.67
C THR B 69 -0.75 -2.01 -40.96
N PHE B 70 -0.84 -2.41 -42.22
CA PHE B 70 -1.54 -3.61 -42.62
C PHE B 70 -0.56 -4.58 -43.27
N GLY B 71 -0.83 -5.87 -43.13
CA GLY B 71 0.00 -6.88 -43.75
C GLY B 71 1.11 -7.39 -42.86
N SER B 72 2.33 -7.39 -43.37
CA SER B 72 3.50 -7.91 -42.67
C SER B 72 4.69 -6.98 -42.87
N PRO B 73 5.66 -7.01 -41.95
CA PRO B 73 6.75 -6.04 -41.98
C PRO B 73 7.64 -6.18 -43.21
N LYS B 74 8.24 -5.06 -43.59
CA LYS B 74 9.19 -4.97 -44.69
C LYS B 74 10.60 -4.79 -44.15
N ILE B 75 11.55 -4.58 -45.06
CA ILE B 75 12.94 -4.34 -44.72
C ILE B 75 13.34 -2.96 -45.22
N THR B 76 14.34 -2.37 -44.59
CA THR B 76 14.82 -1.04 -44.93
C THR B 76 16.34 -0.98 -44.76
N LYS B 77 17.03 -0.49 -45.79
CA LYS B 77 18.47 -0.30 -45.73
C LYS B 77 18.91 1.13 -45.98
N ASP B 78 17.99 2.04 -46.29
CA ASP B 78 18.33 3.44 -46.54
C ASP B 78 18.14 4.25 -45.25
N GLY B 79 18.22 5.58 -45.37
CA GLY B 79 18.11 6.43 -44.21
C GLY B 79 16.91 7.35 -44.18
N VAL B 80 16.38 7.69 -45.36
CA VAL B 80 15.28 8.66 -45.43
C VAL B 80 14.02 8.09 -44.79
N THR B 81 13.69 6.84 -45.10
CA THR B 81 12.45 6.26 -44.58
C THR B 81 12.52 6.05 -43.07
N VAL B 82 13.63 5.53 -42.57
CA VAL B 82 13.76 5.33 -41.13
C VAL B 82 13.80 6.67 -40.41
N ALA B 83 14.42 7.68 -41.02
CA ALA B 83 14.42 9.01 -40.42
C ALA B 83 13.02 9.59 -40.35
N LYS B 84 12.22 9.40 -41.40
CA LYS B 84 10.86 9.92 -41.42
C LYS B 84 9.89 9.10 -40.56
N ALA B 85 10.24 7.86 -40.25
CA ALA B 85 9.36 6.97 -39.50
C ALA B 85 9.79 6.80 -38.04
N ILE B 86 10.29 7.86 -37.42
CA ILE B 86 10.74 7.81 -36.03
C ILE B 86 9.98 8.85 -35.23
N SER B 87 9.40 8.43 -34.10
CA SER B 87 8.73 9.35 -33.18
C SER B 87 9.02 8.86 -31.77
N LEU B 88 9.70 9.70 -30.99
CA LEU B 88 10.19 9.28 -29.68
C LEU B 88 9.07 9.32 -28.65
N LYS B 89 9.42 8.91 -27.42
CA LYS B 89 8.45 8.89 -26.33
C LYS B 89 8.12 10.30 -25.85
N ASP B 90 9.13 11.04 -25.39
CA ASP B 90 8.91 12.37 -24.87
C ASP B 90 8.53 13.34 -25.98
N LYS B 91 7.73 14.35 -25.62
CA LYS B 91 7.28 15.31 -26.61
C LYS B 91 8.42 16.17 -27.13
N PHE B 92 9.36 16.55 -26.26
CA PHE B 92 10.48 17.37 -26.68
C PHE B 92 11.44 16.58 -27.57
N GLU B 93 11.67 15.31 -27.24
CA GLU B 93 12.47 14.45 -28.11
C GLU B 93 11.82 14.29 -29.47
N ASN B 94 10.48 14.14 -29.48
CA ASN B 94 9.76 14.06 -30.75
C ASN B 94 9.89 15.37 -31.53
N LEU B 95 9.87 16.51 -30.83
CA LEU B 95 10.02 17.79 -31.49
C LEU B 95 11.39 17.91 -32.15
N GLY B 96 12.45 17.55 -31.42
CA GLY B 96 13.78 17.56 -32.01
C GLY B 96 13.91 16.61 -33.18
N ALA B 97 13.34 15.41 -33.05
CA ALA B 97 13.38 14.45 -34.14
C ALA B 97 12.62 14.97 -35.35
N LYS B 98 11.51 15.68 -35.14
CA LYS B 98 10.75 16.20 -36.26
C LYS B 98 11.48 17.35 -36.95
N LEU B 99 12.18 18.19 -36.19
CA LEU B 99 13.00 19.22 -36.82
C LEU B 99 14.13 18.60 -37.64
N LEU B 100 14.78 17.56 -37.08
CA LEU B 100 15.82 16.85 -37.83
C LEU B 100 15.23 16.20 -39.08
N ALA B 101 14.00 15.69 -38.99
CA ALA B 101 13.33 15.13 -40.16
C ALA B 101 13.05 16.21 -41.20
N GLU B 102 12.66 17.40 -40.76
CA GLU B 102 12.49 18.51 -41.70
C GLU B 102 13.77 18.79 -42.46
N VAL B 103 14.89 18.97 -41.75
CA VAL B 103 16.11 19.32 -42.46
C VAL B 103 16.59 18.16 -43.33
N ALA B 104 16.42 16.92 -42.88
CA ALA B 104 16.81 15.77 -43.67
C ALA B 104 15.98 15.67 -44.94
N SER B 105 14.67 15.91 -44.84
CA SER B 105 13.80 15.86 -46.01
C SER B 105 14.13 16.99 -46.99
N LYS B 106 14.44 18.18 -46.46
CA LYS B 106 14.85 19.28 -47.34
C LYS B 106 16.14 18.93 -48.07
N THR B 107 17.11 18.33 -47.37
CA THR B 107 18.36 17.94 -48.01
C THR B 107 18.11 16.87 -49.08
N ASN B 108 17.24 15.90 -48.77
CA ASN B 108 16.95 14.84 -49.74
C ASN B 108 16.25 15.40 -50.98
N GLU B 109 15.31 16.32 -50.79
CA GLU B 109 14.64 16.93 -51.93
C GLU B 109 15.60 17.78 -52.75
N VAL B 110 16.51 18.49 -52.10
CA VAL B 110 17.46 19.33 -52.82
C VAL B 110 18.45 18.48 -53.62
N ALA B 111 19.02 17.46 -52.98
CA ALA B 111 20.10 16.68 -53.58
C ALA B 111 19.64 15.29 -54.01
N GLY B 112 19.09 14.49 -53.10
CA GLY B 112 18.70 13.12 -53.37
C GLY B 112 19.42 12.08 -52.54
N ASP B 113 20.49 12.46 -51.84
CA ASP B 113 21.24 11.54 -50.99
C ASP B 113 21.92 12.34 -49.90
N GLY B 114 22.86 11.70 -49.21
CA GLY B 114 23.61 12.36 -48.16
C GLY B 114 22.82 12.72 -46.93
N THR B 115 21.61 12.17 -46.76
CA THR B 115 20.80 12.49 -45.60
C THR B 115 21.45 12.02 -44.32
N THR B 116 21.98 10.80 -44.32
CA THR B 116 22.58 10.24 -43.10
C THR B 116 23.80 11.04 -42.67
N THR B 117 24.65 11.42 -43.63
CA THR B 117 25.84 12.21 -43.29
C THR B 117 25.45 13.56 -42.71
N ALA B 118 24.46 14.22 -43.30
CA ALA B 118 24.00 15.50 -42.77
C ALA B 118 23.43 15.35 -41.38
N THR B 119 22.65 14.29 -41.14
CA THR B 119 22.10 14.07 -39.81
C THR B 119 23.19 13.83 -38.78
N VAL B 120 24.19 13.02 -39.13
CA VAL B 120 25.29 12.74 -38.21
C VAL B 120 26.08 14.00 -37.90
N LEU B 121 26.37 14.80 -38.93
CA LEU B 121 27.09 16.05 -38.72
C LEU B 121 26.30 17.00 -37.84
N ALA B 122 25.00 17.12 -38.08
CA ALA B 122 24.17 17.99 -37.26
C ALA B 122 24.16 17.53 -35.81
N ARG B 123 24.03 16.21 -35.59
CA ARG B 123 24.04 15.69 -34.23
C ARG B 123 25.37 16.01 -33.54
N ALA B 124 26.48 15.79 -34.24
CA ALA B 124 27.79 16.02 -33.63
C ALA B 124 27.98 17.49 -33.28
N ILE B 125 27.64 18.38 -34.21
CA ILE B 125 27.81 19.81 -33.97
C ILE B 125 26.92 20.27 -32.83
N PHE B 126 25.66 19.82 -32.81
CA PHE B 126 24.76 20.21 -31.74
C PHE B 126 25.25 19.72 -30.38
N SER B 127 25.72 18.47 -30.32
CA SER B 127 26.20 17.92 -29.06
C SER B 127 27.41 18.69 -28.55
N GLU B 128 28.38 18.97 -29.44
CA GLU B 128 29.54 19.75 -29.01
C GLU B 128 29.14 21.15 -28.58
N MET B 129 28.20 21.77 -29.31
CA MET B 129 27.78 23.12 -28.97
C MET B 129 27.12 23.18 -27.60
N VAL B 130 26.22 22.24 -27.31
CA VAL B 130 25.56 22.25 -26.02
C VAL B 130 26.53 21.90 -24.90
N LYS B 131 27.49 21.01 -25.17
CA LYS B 131 28.50 20.69 -24.17
C LYS B 131 29.34 21.92 -23.85
N ASN B 132 29.72 22.70 -24.86
CA ASN B 132 30.48 23.91 -24.62
C ASN B 132 29.63 24.98 -23.92
N VAL B 133 28.34 25.05 -24.26
CA VAL B 133 27.45 26.01 -23.62
C VAL B 133 27.30 25.70 -22.14
N ALA B 134 27.22 24.41 -21.79
CA ALA B 134 27.14 24.03 -20.39
C ALA B 134 28.39 24.43 -19.61
N ALA B 135 29.50 24.69 -20.30
CA ALA B 135 30.73 25.13 -19.65
C ALA B 135 30.78 26.65 -19.46
N GLY B 136 29.78 27.38 -19.95
CA GLY B 136 29.73 28.81 -19.77
C GLY B 136 30.18 29.63 -20.97
N CYS B 137 30.50 28.99 -22.09
CA CYS B 137 30.94 29.72 -23.27
C CYS B 137 29.77 30.48 -23.90
N ASN B 138 30.12 31.53 -24.64
CA ASN B 138 29.11 32.37 -25.28
C ASN B 138 28.56 31.66 -26.52
N PRO B 139 27.26 31.38 -26.58
CA PRO B 139 26.72 30.70 -27.77
C PRO B 139 26.87 31.49 -29.06
N MET B 140 26.78 32.83 -28.98
CA MET B 140 26.85 33.64 -30.20
C MET B 140 28.23 33.58 -30.84
N ASP B 141 29.28 33.69 -30.02
CA ASP B 141 30.63 33.59 -30.56
C ASP B 141 30.90 32.19 -31.12
N LEU B 142 30.38 31.16 -30.44
CA LEU B 142 30.50 29.81 -30.97
C LEU B 142 29.82 29.67 -32.33
N ARG B 143 28.62 30.24 -32.46
CA ARG B 143 27.90 30.18 -33.73
C ARG B 143 28.67 30.91 -34.82
N ARG B 144 29.19 32.09 -34.52
CA ARG B 144 29.98 32.83 -35.51
C ARG B 144 31.22 32.06 -35.92
N GLY B 145 31.89 31.44 -34.95
CA GLY B 145 33.09 30.67 -35.27
C GLY B 145 32.80 29.47 -36.14
N ILE B 146 31.74 28.73 -35.81
CA ILE B 146 31.41 27.57 -36.63
C ILE B 146 30.94 28.00 -38.02
N GLN B 147 30.25 29.14 -38.13
CA GLN B 147 29.84 29.63 -39.44
C GLN B 147 31.06 29.97 -40.29
N ALA B 148 32.02 30.69 -39.71
CA ALA B 148 33.23 31.03 -40.45
C ALA B 148 34.01 29.77 -40.84
N ALA B 149 34.10 28.82 -39.93
CA ALA B 149 34.83 27.58 -40.23
C ALA B 149 34.13 26.77 -41.32
N VAL B 150 32.80 26.73 -41.30
CA VAL B 150 32.06 26.02 -42.35
C VAL B 150 32.26 26.70 -43.69
N ASP B 151 32.26 28.04 -43.70
CA ASP B 151 32.53 28.77 -44.94
C ASP B 151 33.92 28.45 -45.47
N ALA B 152 34.92 28.42 -44.58
CA ALA B 152 36.26 28.06 -45.01
C ALA B 152 36.31 26.63 -45.56
N VAL B 153 35.61 25.71 -44.90
CA VAL B 153 35.61 24.31 -45.33
C VAL B 153 35.01 24.18 -46.73
N VAL B 154 33.85 24.81 -46.95
CA VAL B 154 33.21 24.68 -48.26
C VAL B 154 34.03 25.38 -49.34
N GLU B 155 34.69 26.50 -48.99
CA GLU B 155 35.56 27.15 -49.95
C GLU B 155 36.73 26.25 -50.33
N TYR B 156 37.34 25.58 -49.35
CA TYR B 156 38.43 24.66 -49.64
C TYR B 156 37.95 23.49 -50.49
N LEU B 157 36.76 22.96 -50.19
CA LEU B 157 36.21 21.87 -50.96
C LEU B 157 35.97 22.28 -52.41
N GLN B 158 35.44 23.49 -52.62
CA GLN B 158 35.22 23.97 -53.97
C GLN B 158 36.54 24.20 -54.70
N GLN B 159 37.56 24.66 -53.98
CA GLN B 159 38.86 24.91 -54.60
C GLN B 159 39.50 23.63 -55.10
N ASN B 160 39.41 22.55 -54.31
CA ASN B 160 40.13 21.31 -54.62
C ASN B 160 39.36 20.40 -55.59
N LYS B 161 38.08 20.67 -55.81
CA LYS B 161 37.24 19.75 -56.59
C LYS B 161 37.70 19.66 -58.04
N ARG B 162 37.11 18.72 -58.76
CA ARG B 162 37.39 18.50 -60.17
C ARG B 162 36.09 18.65 -60.97
N ASP B 163 36.22 19.11 -62.21
CA ASP B 163 35.08 19.32 -63.08
C ASP B 163 34.80 18.11 -63.93
N ILE B 164 33.56 17.98 -64.38
CA ILE B 164 33.12 16.85 -65.20
C ILE B 164 32.72 17.43 -66.55
N THR B 165 33.62 17.36 -67.53
CA THR B 165 33.39 17.97 -68.83
C THR B 165 33.45 16.98 -69.98
N THR B 166 34.50 16.17 -70.06
CA THR B 166 34.72 15.32 -71.23
C THR B 166 33.69 14.19 -71.28
N SER B 167 33.22 13.88 -72.50
CA SER B 167 32.19 12.87 -72.66
C SER B 167 32.64 11.50 -72.16
N ALA B 168 33.92 11.18 -72.27
CA ALA B 168 34.40 9.90 -71.77
C ALA B 168 34.26 9.80 -70.25
N GLU B 169 34.74 10.83 -69.53
CA GLU B 169 34.57 10.84 -68.08
C GLU B 169 33.12 11.08 -67.70
N ILE B 170 32.34 11.68 -68.60
CA ILE B 170 30.89 11.76 -68.41
C ILE B 170 30.30 10.35 -68.35
N ALA B 171 30.65 9.51 -69.32
CA ALA B 171 30.18 8.13 -69.30
C ALA B 171 30.72 7.38 -68.08
N GLN B 172 31.96 7.67 -67.69
CA GLN B 172 32.55 7.01 -66.52
C GLN B 172 31.77 7.33 -65.26
N VAL B 173 31.49 8.62 -65.02
CA VAL B 173 30.77 9.02 -63.82
C VAL B 173 29.34 8.51 -63.86
N ALA B 174 28.72 8.50 -65.05
CA ALA B 174 27.39 7.91 -65.17
C ALA B 174 27.41 6.42 -64.83
N THR B 175 28.48 5.72 -65.22
CA THR B 175 28.59 4.29 -64.94
C THR B 175 28.72 4.04 -63.45
N ILE B 176 29.66 4.74 -62.80
CA ILE B 176 29.88 4.46 -61.37
C ILE B 176 28.70 4.95 -60.53
N SER B 177 28.04 6.03 -60.96
CA SER B 177 26.84 6.48 -60.28
C SER B 177 25.67 5.49 -60.44
N ALA B 178 25.72 4.64 -61.47
CA ALA B 178 24.69 3.65 -61.71
C ALA B 178 25.15 2.23 -61.38
N ASN B 179 25.98 2.10 -60.34
CA ASN B 179 26.50 0.83 -59.84
C ASN B 179 27.36 0.09 -60.85
N GLY B 180 27.75 0.74 -61.95
CA GLY B 180 28.65 0.12 -62.91
C GLY B 180 28.07 -0.89 -63.87
N ASP B 181 27.21 -1.79 -63.39
CA ASP B 181 26.67 -2.83 -64.25
C ASP B 181 25.74 -2.26 -65.32
N GLN B 182 25.21 -1.05 -65.10
CA GLN B 182 24.27 -0.42 -66.03
C GLN B 182 25.05 0.25 -67.15
N HIS B 183 25.66 -0.58 -68.00
CA HIS B 183 26.44 -0.06 -69.12
C HIS B 183 25.54 0.59 -70.17
N ILE B 184 24.44 -0.06 -70.52
CA ILE B 184 23.50 0.55 -71.45
C ILE B 184 22.95 1.85 -70.86
N GLY B 185 22.72 1.86 -69.55
CA GLY B 185 22.24 3.07 -68.91
C GLY B 185 23.24 4.20 -68.96
N LYS B 186 24.53 3.89 -68.74
CA LYS B 186 25.54 4.94 -68.79
C LYS B 186 25.75 5.46 -70.21
N LEU B 187 25.67 4.58 -71.21
CA LEU B 187 25.74 5.04 -72.59
C LEU B 187 24.56 5.95 -72.91
N ILE B 188 23.35 5.56 -72.46
CA ILE B 188 22.17 6.38 -72.70
C ILE B 188 22.32 7.74 -72.02
N ALA B 189 22.82 7.75 -70.78
CA ALA B 189 23.00 9.00 -70.06
C ALA B 189 24.03 9.90 -70.75
N SER B 190 25.13 9.32 -71.22
CA SER B 190 26.15 10.11 -71.91
C SER B 190 25.58 10.71 -73.20
N ALA B 191 24.83 9.91 -73.97
CA ALA B 191 24.23 10.44 -75.19
C ALA B 191 23.22 11.54 -74.88
N MET B 192 22.41 11.33 -73.85
CA MET B 192 21.40 12.31 -73.48
C MET B 192 22.02 13.60 -72.95
N GLU B 193 23.19 13.51 -72.32
CA GLU B 193 23.89 14.70 -71.86
C GLU B 193 24.58 15.42 -73.01
N LYS B 194 25.14 14.68 -73.97
CA LYS B 194 25.77 15.29 -75.12
C LYS B 194 24.75 15.85 -76.12
N VAL B 195 23.49 15.42 -76.03
CA VAL B 195 22.46 15.92 -76.93
C VAL B 195 21.69 17.08 -76.31
N GLY B 196 21.20 16.91 -75.09
CA GLY B 196 20.41 17.92 -74.43
C GLY B 196 20.91 18.19 -73.02
N LYS B 197 20.27 19.15 -72.36
CA LYS B 197 20.62 19.55 -71.01
C LYS B 197 19.45 19.49 -70.04
N GLU B 198 18.20 19.49 -70.51
CA GLU B 198 17.06 19.41 -69.61
C GLU B 198 16.81 17.98 -69.15
N GLY B 199 16.49 17.08 -70.10
CA GLY B 199 16.35 15.68 -69.78
C GLY B 199 15.07 15.30 -69.06
N VAL B 200 14.57 14.10 -69.33
CA VAL B 200 13.37 13.59 -68.66
C VAL B 200 13.33 12.07 -68.86
N ILE B 201 12.58 11.40 -67.98
CA ILE B 201 12.40 9.96 -68.05
C ILE B 201 10.91 9.66 -68.01
N THR B 202 10.46 8.76 -68.89
CA THR B 202 9.06 8.39 -68.97
C THR B 202 8.95 6.90 -69.24
N VAL B 203 7.79 6.34 -68.88
CA VAL B 203 7.50 4.93 -69.08
C VAL B 203 6.12 4.79 -69.70
N LYS B 204 6.01 3.90 -70.69
CA LYS B 204 4.75 3.63 -71.38
C LYS B 204 4.59 2.12 -71.47
N GLU B 205 3.52 1.61 -70.84
CA GLU B 205 3.16 0.18 -70.80
C GLU B 205 4.38 -0.72 -70.65
N GLY B 206 4.39 -1.84 -71.38
CA GLY B 206 5.48 -2.80 -71.25
C GLY B 206 6.81 -2.25 -71.73
N LYS B 207 6.81 -1.59 -72.89
CA LYS B 207 8.02 -1.02 -73.50
C LYS B 207 9.09 -2.10 -73.71
N THR B 208 8.75 -3.04 -74.59
CA THR B 208 9.64 -4.15 -74.90
C THR B 208 10.86 -3.74 -75.71
N LEU B 209 11.05 -2.45 -75.97
CA LEU B 209 12.20 -1.99 -76.74
C LEU B 209 13.49 -2.13 -75.92
N GLN B 210 14.59 -1.74 -76.54
CA GLN B 210 15.92 -1.87 -75.94
C GLN B 210 16.46 -0.53 -75.43
N ASP B 211 15.60 0.29 -74.84
CA ASP B 211 15.96 1.58 -74.26
C ASP B 211 16.61 2.49 -75.30
N GLU B 212 15.82 2.85 -76.31
CA GLU B 212 16.25 3.74 -77.37
C GLU B 212 15.94 5.19 -77.01
N LEU B 213 16.87 6.08 -77.30
CA LEU B 213 16.72 7.50 -77.00
C LEU B 213 16.23 8.25 -78.23
N GLU B 214 15.75 9.47 -77.99
CA GLU B 214 15.23 10.31 -79.06
C GLU B 214 15.31 11.77 -78.63
N VAL B 215 15.19 12.65 -79.62
CA VAL B 215 15.19 14.10 -79.39
C VAL B 215 13.86 14.64 -79.87
N THR B 216 13.16 15.35 -79.00
CA THR B 216 11.84 15.88 -79.31
C THR B 216 11.68 17.27 -78.71
N GLU B 217 11.12 18.19 -79.50
CA GLU B 217 10.85 19.53 -79.03
C GLU B 217 9.75 19.50 -77.96
N GLY B 218 9.92 20.31 -76.93
CA GLY B 218 8.94 20.35 -75.87
C GLY B 218 9.19 21.50 -74.91
N MET B 219 8.41 21.51 -73.83
CA MET B 219 8.48 22.56 -72.83
C MET B 219 8.47 21.93 -71.44
N ARG B 220 9.01 22.66 -70.46
CA ARG B 220 9.10 22.17 -69.10
C ARG B 220 8.87 23.32 -68.13
N PHE B 221 8.15 23.04 -67.04
CA PHE B 221 7.99 23.98 -65.95
C PHE B 221 7.74 23.20 -64.67
N ASP B 222 8.00 23.86 -63.54
CA ASP B 222 7.91 23.24 -62.22
C ASP B 222 6.68 23.79 -61.49
N ARG B 223 5.53 23.13 -61.70
CA ARG B 223 4.31 23.50 -60.98
C ARG B 223 3.39 22.27 -60.98
N GLY B 224 3.34 21.58 -59.85
CA GLY B 224 2.55 20.38 -59.71
C GLY B 224 1.08 20.67 -59.45
N PHE B 225 0.32 19.60 -59.26
CA PHE B 225 -1.11 19.73 -58.99
C PHE B 225 -1.33 20.35 -57.62
N VAL B 226 -2.41 21.12 -57.51
CA VAL B 226 -2.77 21.73 -56.22
C VAL B 226 -3.22 20.66 -55.24
N SER B 227 -3.94 19.64 -55.71
CA SER B 227 -4.49 18.60 -54.86
C SER B 227 -3.83 17.26 -55.14
N PRO B 228 -3.62 16.43 -54.12
CA PRO B 228 -2.99 15.12 -54.33
C PRO B 228 -3.92 14.03 -54.81
N TYR B 229 -5.18 14.34 -55.13
CA TYR B 229 -6.15 13.34 -55.55
C TYR B 229 -6.29 13.27 -57.07
N PHE B 230 -5.52 14.05 -57.82
CA PHE B 230 -5.68 14.09 -59.28
C PHE B 230 -4.96 12.96 -59.98
N ILE B 231 -4.06 12.25 -59.31
CA ILE B 231 -3.30 11.15 -59.91
C ILE B 231 -3.55 9.90 -59.09
N THR B 232 -4.08 8.86 -59.74
CA THR B 232 -4.32 7.60 -59.04
C THR B 232 -3.01 6.91 -58.68
N ASP B 233 -2.06 6.87 -59.62
CA ASP B 233 -0.76 6.26 -59.38
C ASP B 233 0.27 7.27 -58.89
N ALA B 234 -0.05 7.95 -57.78
CA ALA B 234 0.85 8.95 -57.24
C ALA B 234 2.11 8.33 -56.65
N LYS B 235 2.11 7.03 -56.39
CA LYS B 235 3.30 6.38 -55.83
C LYS B 235 4.46 6.42 -56.82
N ALA B 236 4.20 6.22 -58.10
CA ALA B 236 5.23 6.20 -59.12
C ALA B 236 5.03 7.22 -60.23
N GLN B 237 3.93 7.97 -60.23
CA GLN B 237 3.63 8.98 -61.25
C GLN B 237 3.63 8.35 -62.64
N LYS B 238 2.71 7.40 -62.83
CA LYS B 238 2.59 6.70 -64.10
C LYS B 238 2.13 7.65 -65.20
N VAL B 239 2.52 7.34 -66.43
CA VAL B 239 2.17 8.14 -67.60
C VAL B 239 0.96 7.48 -68.26
N GLU B 240 -0.16 8.20 -68.31
CA GLU B 240 -1.39 7.70 -68.90
C GLU B 240 -2.05 8.77 -69.78
N PHE B 241 -1.26 9.69 -70.30
CA PHE B 241 -1.74 10.79 -71.14
C PHE B 241 -1.14 10.62 -72.54
N GLU B 242 -1.87 9.91 -73.40
CA GLU B 242 -1.47 9.69 -74.78
C GLU B 242 -2.26 10.65 -75.67
N LYS B 243 -1.55 11.53 -76.37
CA LYS B 243 -2.16 12.58 -77.16
C LYS B 243 -3.21 13.36 -76.38
N PRO B 244 -2.82 14.06 -75.30
CA PRO B 244 -3.81 14.73 -74.47
C PRO B 244 -4.06 16.18 -74.88
N LEU B 245 -5.34 16.57 -74.82
CA LEU B 245 -5.70 17.95 -75.04
C LEU B 245 -5.32 18.80 -73.83
N ILE B 246 -5.05 20.08 -74.09
CA ILE B 246 -4.64 21.00 -73.05
C ILE B 246 -5.47 22.27 -73.15
N LEU B 247 -5.56 22.98 -72.02
CA LEU B 247 -6.33 24.22 -71.92
C LEU B 247 -5.41 25.34 -71.47
N LEU B 248 -5.54 26.49 -72.12
CA LEU B 248 -4.74 27.68 -71.80
C LEU B 248 -5.65 28.77 -71.28
N SER B 249 -5.30 29.31 -70.11
CA SER B 249 -6.08 30.39 -69.51
C SER B 249 -5.18 31.23 -68.64
N GLU B 250 -5.58 32.48 -68.41
CA GLU B 250 -4.83 33.42 -67.60
C GLU B 250 -5.64 34.02 -66.46
N GLN B 251 -6.92 34.32 -66.69
CA GLN B 251 -7.75 34.92 -65.67
C GLN B 251 -8.15 33.87 -64.62
N LYS B 252 -8.68 34.36 -63.51
CA LYS B 252 -9.10 33.48 -62.42
C LYS B 252 -10.28 32.63 -62.84
N ILE B 253 -10.28 31.37 -62.39
CA ILE B 253 -11.37 30.43 -62.64
C ILE B 253 -11.94 30.03 -61.29
N SER B 254 -13.19 30.40 -61.04
CA SER B 254 -13.85 30.06 -59.79
C SER B 254 -15.28 29.59 -59.94
N ALA B 255 -15.83 29.53 -61.15
CA ALA B 255 -17.20 29.12 -61.38
C ALA B 255 -17.26 28.06 -62.47
N ALA B 256 -18.34 27.28 -62.46
CA ALA B 256 -18.55 26.22 -63.44
C ALA B 256 -19.31 26.69 -64.67
N THR B 257 -19.59 27.99 -64.79
CA THR B 257 -20.37 28.48 -65.92
C THR B 257 -19.63 28.30 -67.24
N ASP B 258 -18.31 28.55 -67.25
CA ASP B 258 -17.53 28.57 -68.48
C ASP B 258 -16.49 27.46 -68.54
N ILE B 259 -16.61 26.43 -67.69
CA ILE B 259 -15.67 25.32 -67.70
C ILE B 259 -16.37 23.97 -67.81
N ILE B 260 -17.67 23.93 -67.53
CA ILE B 260 -18.41 22.65 -67.61
C ILE B 260 -18.39 22.06 -69.01
N PRO B 261 -18.67 22.81 -70.09
CA PRO B 261 -18.70 22.16 -71.42
C PRO B 261 -17.40 21.48 -71.81
N ALA B 262 -16.26 22.03 -71.40
CA ALA B 262 -14.98 21.44 -71.78
C ALA B 262 -14.81 20.05 -71.19
N LEU B 263 -15.00 19.92 -69.87
CA LEU B 263 -14.84 18.62 -69.23
C LEU B 263 -15.91 17.63 -69.70
N GLU B 264 -17.14 18.11 -69.91
CA GLU B 264 -18.20 17.23 -70.37
C GLU B 264 -17.88 16.67 -71.76
N ILE B 265 -17.43 17.53 -72.67
CA ILE B 265 -17.11 17.03 -74.01
C ILE B 265 -15.87 16.14 -73.98
N SER B 266 -14.90 16.45 -73.11
CA SER B 266 -13.73 15.61 -72.99
C SER B 266 -14.10 14.21 -72.50
N HIS B 267 -15.01 14.13 -71.53
CA HIS B 267 -15.52 12.82 -71.10
C HIS B 267 -16.34 12.17 -72.20
N LYS B 268 -17.05 12.96 -73.00
CA LYS B 268 -17.86 12.40 -74.10
C LYS B 268 -16.99 11.70 -75.13
N MET B 269 -15.89 12.33 -75.55
CA MET B 269 -14.99 11.69 -76.50
C MET B 269 -13.91 10.87 -75.82
N ARG B 270 -13.87 10.83 -74.50
CA ARG B 270 -12.90 10.04 -73.73
C ARG B 270 -11.47 10.46 -74.08
N ARG B 271 -11.18 11.75 -73.90
CA ARG B 271 -9.86 12.30 -74.15
C ARG B 271 -9.34 13.02 -72.91
N PRO B 272 -8.03 12.95 -72.66
CA PRO B 272 -7.48 13.66 -71.49
C PRO B 272 -7.52 15.17 -71.67
N LEU B 273 -7.58 15.86 -70.54
CA LEU B 273 -7.62 17.32 -70.54
C LEU B 273 -6.98 17.83 -69.25
N VAL B 274 -6.53 19.08 -69.29
CA VAL B 274 -5.92 19.73 -68.15
C VAL B 274 -6.63 21.06 -67.90
N ILE B 275 -6.46 21.57 -66.68
CA ILE B 275 -7.07 22.82 -66.25
C ILE B 275 -5.98 23.70 -65.66
N ILE B 276 -5.90 24.94 -66.13
CA ILE B 276 -4.93 25.92 -65.63
C ILE B 276 -5.74 27.03 -64.97
N ALA B 277 -5.81 27.01 -63.64
CA ALA B 277 -6.56 27.99 -62.87
C ALA B 277 -5.68 28.57 -61.78
N GLU B 278 -5.82 29.88 -61.56
CA GLU B 278 -5.04 30.55 -60.51
C GLU B 278 -5.40 29.99 -59.13
N ASP B 279 -6.69 29.80 -58.87
CA ASP B 279 -7.13 29.27 -57.59
C ASP B 279 -8.49 28.62 -57.79
N ILE B 280 -8.54 27.29 -57.67
CA ILE B 280 -9.77 26.53 -57.85
C ILE B 280 -9.94 25.60 -56.63
N ASP B 281 -11.14 25.59 -56.07
CA ASP B 281 -11.44 24.76 -54.92
C ASP B 281 -12.00 23.39 -55.30
N GLY B 282 -12.16 23.11 -56.58
CA GLY B 282 -12.64 21.81 -57.02
C GLY B 282 -14.12 21.58 -56.82
N GLU B 283 -14.94 22.63 -56.88
CA GLU B 283 -16.37 22.44 -56.74
C GLU B 283 -16.94 21.60 -57.89
N ALA B 284 -16.47 21.85 -59.11
CA ALA B 284 -16.90 21.05 -60.25
C ALA B 284 -16.47 19.60 -60.10
N LEU B 285 -15.24 19.38 -59.61
CA LEU B 285 -14.77 18.02 -59.38
C LEU B 285 -15.63 17.31 -58.34
N ALA B 286 -15.97 18.01 -57.25
CA ALA B 286 -16.82 17.40 -56.22
C ALA B 286 -18.20 17.09 -56.75
N VAL B 287 -18.77 18.00 -57.55
CA VAL B 287 -20.09 17.76 -58.14
C VAL B 287 -20.05 16.55 -59.06
N CYS B 288 -19.02 16.46 -59.90
CA CYS B 288 -18.89 15.32 -60.80
C CYS B 288 -18.73 14.02 -60.02
N ILE B 289 -17.93 14.04 -58.95
CA ILE B 289 -17.71 12.84 -58.16
C ILE B 289 -19.00 12.37 -57.49
N LEU B 290 -19.75 13.31 -56.91
CA LEU B 290 -21.00 12.94 -56.25
C LEU B 290 -22.05 12.48 -57.25
N ASN B 291 -22.06 13.05 -58.45
CA ASN B 291 -22.93 12.53 -59.50
C ASN B 291 -22.52 11.12 -59.89
N LYS B 292 -21.22 10.87 -60.01
CA LYS B 292 -20.69 9.54 -60.27
C LYS B 292 -19.23 9.52 -59.82
N LEU B 293 -18.91 8.65 -58.87
CA LEU B 293 -17.57 8.50 -58.31
C LEU B 293 -16.50 8.32 -59.39
N ARG B 294 -15.24 8.49 -59.00
CA ARG B 294 -14.12 8.53 -59.94
C ARG B 294 -14.15 7.33 -60.88
N GLY B 295 -13.77 7.59 -62.14
CA GLY B 295 -13.80 6.58 -63.17
C GLY B 295 -14.47 7.05 -64.44
N GLN B 296 -14.72 8.36 -64.53
CA GLN B 296 -15.36 8.93 -65.70
C GLN B 296 -14.58 10.07 -66.35
N LEU B 297 -13.64 10.70 -65.65
CA LEU B 297 -12.86 11.79 -66.22
C LEU B 297 -11.53 11.88 -65.52
N GLU B 298 -10.58 12.55 -66.17
CA GLU B 298 -9.22 12.74 -65.63
C GLU B 298 -9.05 14.23 -65.33
N VAL B 299 -9.07 14.57 -64.04
CA VAL B 299 -8.92 15.95 -63.61
C VAL B 299 -7.45 16.28 -63.45
N ALA B 300 -7.01 17.36 -64.09
CA ALA B 300 -5.62 17.81 -64.03
C ALA B 300 -5.62 19.33 -63.85
N ALA B 301 -5.45 19.78 -62.61
CA ALA B 301 -5.44 21.20 -62.28
C ALA B 301 -4.04 21.61 -61.88
N VAL B 302 -3.49 22.61 -62.55
CA VAL B 302 -2.16 23.14 -62.28
C VAL B 302 -2.26 24.65 -62.14
N LYS B 303 -1.72 25.19 -61.05
CA LYS B 303 -1.75 26.63 -60.83
C LYS B 303 -0.89 27.35 -61.86
N ALA B 304 -1.38 28.51 -62.30
CA ALA B 304 -0.64 29.31 -63.25
C ALA B 304 0.62 29.89 -62.61
N PRO B 305 1.70 30.03 -63.37
CA PRO B 305 2.94 30.58 -62.81
C PRO B 305 2.83 32.08 -62.58
N GLY B 306 3.91 32.63 -62.02
CA GLY B 306 4.02 34.06 -61.81
C GLY B 306 4.69 34.74 -62.99
N PHE B 307 5.42 35.82 -62.70
CA PHE B 307 6.18 36.57 -63.70
C PHE B 307 5.25 37.07 -64.81
N GLY B 308 4.38 38.00 -64.43
CA GLY B 308 3.30 38.48 -65.28
C GLY B 308 3.60 38.66 -66.75
N ASP B 309 4.54 39.54 -67.10
CA ASP B 309 4.92 39.70 -68.50
C ASP B 309 5.56 38.42 -69.04
N ASN B 310 6.43 37.79 -68.25
CA ASN B 310 6.99 36.50 -68.64
C ASN B 310 5.91 35.43 -68.68
N ARG B 311 4.87 35.56 -67.84
CA ARG B 311 3.75 34.63 -67.92
C ARG B 311 3.02 34.77 -69.26
N LYS B 312 2.79 36.01 -69.71
CA LYS B 312 2.19 36.22 -71.02
C LYS B 312 3.08 35.65 -72.12
N SER B 313 4.40 35.87 -72.01
CA SER B 313 5.32 35.33 -73.01
C SER B 313 5.28 33.82 -73.05
N ILE B 314 5.26 33.17 -71.88
CA ILE B 314 5.26 31.71 -71.83
C ILE B 314 3.92 31.17 -72.33
N LEU B 315 2.82 31.89 -72.06
CA LEU B 315 1.53 31.47 -72.60
C LEU B 315 1.52 31.56 -74.12
N GLY B 316 2.06 32.64 -74.67
CA GLY B 316 2.19 32.74 -76.11
C GLY B 316 3.07 31.63 -76.68
N ASP B 317 4.15 31.29 -75.98
CA ASP B 317 5.04 30.23 -76.46
C ASP B 317 4.35 28.87 -76.45
N ILE B 318 3.64 28.53 -75.38
CA ILE B 318 2.98 27.23 -75.34
C ILE B 318 1.84 27.19 -76.35
N ALA B 319 1.13 28.30 -76.55
CA ALA B 319 0.11 28.35 -77.59
C ALA B 319 0.73 28.14 -78.97
N VAL B 320 1.86 28.79 -79.23
CA VAL B 320 2.53 28.63 -80.52
C VAL B 320 2.94 27.18 -80.73
N LEU B 321 3.48 26.55 -79.68
CA LEU B 321 3.92 25.16 -79.80
C LEU B 321 2.74 24.22 -80.03
N THR B 322 1.68 24.36 -79.23
CA THR B 322 0.56 23.43 -79.26
C THR B 322 -0.77 24.06 -79.61
N ASN B 323 -1.17 25.14 -78.93
CA ASN B 323 -2.55 25.59 -79.00
C ASN B 323 -2.77 26.60 -80.13
N GLY B 324 -2.10 27.75 -80.05
CA GLY B 324 -2.32 28.83 -80.97
C GLY B 324 -3.38 29.82 -80.53
N THR B 325 -4.08 29.56 -79.42
CA THR B 325 -5.10 30.46 -78.91
C THR B 325 -5.12 30.39 -77.39
N VAL B 326 -5.13 31.56 -76.75
CA VAL B 326 -5.19 31.64 -75.30
C VAL B 326 -6.52 32.25 -74.90
N PHE B 327 -6.85 32.12 -73.61
CA PHE B 327 -8.10 32.62 -73.06
C PHE B 327 -7.81 33.78 -72.12
N THR B 328 -8.42 34.93 -72.40
CA THR B 328 -8.25 36.12 -71.59
C THR B 328 -9.37 37.10 -71.91
N ASN B 329 -10.06 37.58 -70.88
CA ASN B 329 -11.15 38.53 -71.10
C ASN B 329 -10.64 39.84 -71.69
N GLU B 330 -9.44 40.26 -71.32
CA GLU B 330 -8.87 41.48 -71.91
C GLU B 330 -8.66 41.30 -73.40
N LEU B 331 -8.20 40.13 -73.83
CA LEU B 331 -8.05 39.83 -75.25
C LEU B 331 -9.42 39.65 -75.89
N ASP B 332 -9.47 39.81 -77.21
CA ASP B 332 -10.73 39.76 -77.94
C ASP B 332 -11.39 38.38 -77.92
N VAL B 333 -10.66 37.34 -77.50
CA VAL B 333 -11.24 36.00 -77.42
C VAL B 333 -12.30 35.97 -76.32
N LYS B 334 -13.47 35.43 -76.65
CA LYS B 334 -14.57 35.35 -75.70
C LYS B 334 -14.27 34.28 -74.65
N LEU B 335 -14.66 34.54 -73.40
CA LEU B 335 -14.37 33.62 -72.31
C LEU B 335 -15.24 32.37 -72.37
N GLU B 336 -16.43 32.47 -72.95
CA GLU B 336 -17.36 31.34 -73.03
C GLU B 336 -17.29 30.61 -74.36
N LYS B 337 -16.11 30.54 -74.97
CA LYS B 337 -15.90 29.85 -76.25
C LYS B 337 -15.21 28.51 -76.05
N VAL B 338 -15.56 27.77 -75.00
CA VAL B 338 -14.89 26.52 -74.70
C VAL B 338 -15.41 25.41 -75.61
N THR B 339 -14.76 25.24 -76.76
CA THR B 339 -15.05 24.19 -77.71
C THR B 339 -13.76 23.49 -78.11
N PRO B 340 -13.83 22.23 -78.51
CA PRO B 340 -12.61 21.51 -78.93
C PRO B 340 -12.03 21.98 -80.25
N ASP B 341 -12.56 23.06 -80.84
CA ASP B 341 -12.07 23.51 -82.13
C ASP B 341 -10.66 24.08 -82.03
N MET B 342 -10.42 24.97 -81.07
CA MET B 342 -9.13 25.62 -80.91
C MET B 342 -8.32 25.08 -79.74
N LEU B 343 -8.80 24.03 -79.08
CA LEU B 343 -8.05 23.45 -77.97
C LEU B 343 -6.74 22.85 -78.46
N GLY B 344 -5.67 23.09 -77.69
CA GLY B 344 -4.37 22.60 -78.09
C GLY B 344 -4.20 21.11 -77.84
N SER B 345 -3.17 20.56 -78.47
CA SER B 345 -2.88 19.14 -78.35
C SER B 345 -1.38 18.92 -78.47
N THR B 346 -0.93 17.77 -77.99
CA THR B 346 0.47 17.40 -78.05
C THR B 346 0.59 15.89 -78.19
N GLY B 347 1.78 15.44 -78.61
CA GLY B 347 2.00 14.01 -78.77
C GLY B 347 1.90 13.26 -77.45
N SER B 348 2.52 13.80 -76.40
CA SER B 348 2.47 13.18 -75.09
C SER B 348 2.84 14.23 -74.05
N ILE B 349 2.25 14.10 -72.86
CA ILE B 349 2.51 15.00 -71.75
C ILE B 349 2.80 14.19 -70.50
N THR B 350 3.49 14.81 -69.55
CA THR B 350 3.83 14.17 -68.28
C THR B 350 3.81 15.24 -67.20
N ILE B 351 2.81 15.20 -66.33
CA ILE B 351 2.68 16.16 -65.25
C ILE B 351 2.67 15.39 -63.93
N THR B 352 3.57 15.78 -63.01
CA THR B 352 3.63 15.14 -61.71
C THR B 352 3.53 16.19 -60.61
N LYS B 353 3.77 15.79 -59.36
CA LYS B 353 3.45 16.64 -58.21
C LYS B 353 4.42 17.81 -58.06
N GLU B 354 5.54 17.83 -58.78
CA GLU B 354 6.51 18.91 -58.65
C GLU B 354 6.79 19.65 -59.95
N ASP B 355 6.64 19.03 -61.11
CA ASP B 355 6.91 19.72 -62.37
C ASP B 355 6.08 19.09 -63.48
N THR B 356 5.96 19.82 -64.59
CA THR B 356 5.22 19.38 -65.76
C THR B 356 6.19 19.19 -66.92
N ILE B 357 5.96 18.14 -67.70
CA ILE B 357 6.78 17.84 -68.88
C ILE B 357 5.88 17.88 -70.09
N ILE B 358 6.21 18.74 -71.05
CA ILE B 358 5.47 18.86 -72.30
C ILE B 358 6.43 18.54 -73.44
N LEU B 359 5.93 17.80 -74.43
CA LEU B 359 6.76 17.34 -75.53
C LEU B 359 5.87 17.06 -76.74
N ASN B 360 6.49 17.09 -77.92
CA ASN B 360 5.82 16.83 -79.19
C ASN B 360 4.67 17.82 -79.43
N GLY B 361 5.06 19.08 -79.56
CA GLY B 361 4.08 20.11 -79.88
C GLY B 361 3.44 19.86 -81.23
N ASP B 362 2.13 20.08 -81.30
CA ASP B 362 1.35 19.82 -82.50
C ASP B 362 1.17 21.03 -83.40
N GLY B 363 1.78 22.16 -83.07
CA GLY B 363 1.64 23.35 -83.89
C GLY B 363 2.37 23.23 -85.21
N SER B 364 1.99 24.11 -86.13
CA SER B 364 2.62 24.12 -87.45
C SER B 364 4.06 24.58 -87.34
N LYS B 365 4.97 23.82 -87.95
CA LYS B 365 6.39 24.14 -87.84
C LYS B 365 6.77 25.36 -88.68
N ASP B 366 6.03 25.62 -89.76
CA ASP B 366 6.33 26.77 -90.61
C ASP B 366 6.13 28.08 -89.85
N ALA B 367 4.98 28.22 -89.19
CA ALA B 367 4.73 29.42 -88.40
C ALA B 367 5.68 29.52 -87.21
N ILE B 368 6.06 28.39 -86.62
CA ILE B 368 7.01 28.39 -85.53
C ILE B 368 8.36 28.94 -86.02
N ALA B 369 8.80 28.48 -87.18
CA ALA B 369 10.05 28.98 -87.75
C ALA B 369 9.95 30.46 -88.10
N GLN B 370 8.80 30.88 -88.63
CA GLN B 370 8.61 32.30 -88.95
C GLN B 370 8.71 33.16 -87.71
N ARG B 371 8.06 32.75 -86.63
CA ARG B 371 8.13 33.50 -85.38
C ARG B 371 9.53 33.47 -84.78
N CYS B 372 10.23 32.33 -84.91
CA CYS B 372 11.61 32.26 -84.43
C CYS B 372 12.51 33.23 -85.19
N GLU B 373 12.36 33.31 -86.50
CA GLU B 373 13.17 34.24 -87.28
C GLU B 373 12.78 35.68 -86.98
N GLN B 374 11.50 35.93 -86.70
CA GLN B 374 11.09 37.27 -86.27
C GLN B 374 11.76 37.66 -84.95
N ILE B 375 11.81 36.73 -84.00
CA ILE B 375 12.49 36.99 -82.74
C ILE B 375 13.99 37.22 -82.97
N ARG B 376 14.60 36.42 -83.86
CA ARG B 376 16.02 36.59 -84.16
C ARG B 376 16.29 37.97 -84.76
N GLY B 377 15.42 38.42 -85.66
CA GLY B 377 15.54 39.77 -86.18
C GLY B 377 15.32 40.84 -85.12
N ALA B 378 14.42 40.58 -84.17
CA ALA B 378 14.23 41.50 -83.06
C ALA B 378 15.46 41.57 -82.16
N MET B 379 16.25 40.50 -82.12
CA MET B 379 17.51 40.53 -81.35
C MET B 379 18.51 41.53 -81.89
N ASN B 380 18.35 41.98 -83.13
CA ASN B 380 19.31 42.90 -83.73
C ASN B 380 19.07 44.36 -83.34
N ASP B 381 17.96 44.67 -82.69
CA ASP B 381 17.67 46.04 -82.30
C ASP B 381 18.40 46.38 -81.00
N PRO B 382 19.31 47.36 -81.01
CA PRO B 382 20.00 47.73 -79.76
C PRO B 382 19.08 48.37 -78.73
N SER B 383 17.90 48.83 -79.12
CA SER B 383 16.98 49.53 -78.22
C SER B 383 16.04 48.59 -77.49
N THR B 384 16.17 47.28 -77.68
CA THR B 384 15.30 46.33 -76.99
C THR B 384 15.55 46.38 -75.48
N SER B 385 14.48 46.20 -74.71
CA SER B 385 14.59 46.24 -73.26
C SER B 385 15.46 45.08 -72.76
N GLU B 386 16.25 45.36 -71.72
CA GLU B 386 17.16 44.35 -71.18
C GLU B 386 16.41 43.16 -70.61
N TYR B 387 15.34 43.42 -69.85
CA TYR B 387 14.57 42.32 -69.27
C TYR B 387 13.92 41.48 -70.35
N GLU B 388 13.32 42.14 -71.35
CA GLU B 388 12.74 41.40 -72.47
C GLU B 388 13.81 40.64 -73.24
N LYS B 389 14.98 41.24 -73.42
CA LYS B 389 16.06 40.58 -74.13
C LYS B 389 16.50 39.31 -73.43
N GLU B 390 16.70 39.39 -72.10
CA GLU B 390 17.14 38.20 -71.38
C GLU B 390 16.03 37.16 -71.28
N LYS B 391 14.78 37.58 -71.14
CA LYS B 391 13.68 36.62 -71.13
C LYS B 391 13.58 35.87 -72.46
N LEU B 392 13.69 36.58 -73.57
CA LEU B 392 13.66 35.91 -74.87
C LEU B 392 14.91 35.08 -75.11
N GLN B 393 16.05 35.50 -74.57
CA GLN B 393 17.26 34.70 -74.70
C GLN B 393 17.14 33.38 -73.96
N GLU B 394 16.62 33.40 -72.72
CA GLU B 394 16.43 32.14 -72.01
C GLU B 394 15.32 31.32 -72.64
N ARG B 395 14.32 31.96 -73.24
CA ARG B 395 13.32 31.23 -74.02
C ARG B 395 13.97 30.49 -75.17
N LEU B 396 14.87 31.17 -75.90
CA LEU B 396 15.61 30.51 -76.97
C LEU B 396 16.44 29.35 -76.44
N ALA B 397 17.10 29.56 -75.29
CA ALA B 397 17.96 28.51 -74.73
C ALA B 397 17.14 27.28 -74.36
N LYS B 398 15.96 27.47 -73.78
CA LYS B 398 15.13 26.36 -73.32
C LYS B 398 14.19 25.83 -74.39
N LEU B 399 14.11 26.47 -75.55
CA LEU B 399 13.25 26.00 -76.63
C LEU B 399 14.02 25.40 -77.81
N SER B 400 15.12 26.03 -78.24
CA SER B 400 15.85 25.51 -79.38
C SER B 400 16.47 24.15 -79.10
N GLY B 401 16.98 23.95 -77.88
CA GLY B 401 17.63 22.71 -77.52
C GLY B 401 16.70 21.50 -77.57
N GLY B 402 15.49 21.67 -77.07
CA GLY B 402 14.53 20.58 -77.07
C GLY B 402 14.61 19.76 -75.80
N VAL B 403 13.53 19.03 -75.53
CA VAL B 403 13.45 18.20 -74.32
C VAL B 403 14.06 16.84 -74.62
N ALA B 404 15.06 16.45 -73.85
CA ALA B 404 15.71 15.15 -74.01
C ALA B 404 14.84 14.08 -73.37
N VAL B 405 14.27 13.20 -74.18
CA VAL B 405 13.38 12.14 -73.73
C VAL B 405 14.01 10.80 -74.04
N ILE B 406 14.00 9.90 -73.06
CA ILE B 406 14.51 8.55 -73.22
C ILE B 406 13.39 7.56 -72.95
N LYS B 407 13.17 6.64 -73.89
CA LYS B 407 12.17 5.61 -73.74
C LYS B 407 12.80 4.41 -73.06
N VAL B 408 12.49 4.22 -71.77
CA VAL B 408 13.08 3.12 -71.02
C VAL B 408 12.54 1.79 -71.55
N GLY B 409 13.30 0.72 -71.33
CA GLY B 409 12.92 -0.60 -71.76
C GLY B 409 12.68 -1.55 -70.60
N GLY B 410 12.35 -2.78 -70.95
CA GLY B 410 12.09 -3.80 -69.95
C GLY B 410 11.20 -4.88 -70.50
N SER B 411 11.06 -5.95 -69.71
CA SER B 411 10.23 -7.09 -70.07
C SER B 411 8.86 -7.05 -69.40
N SER B 412 8.81 -7.03 -68.07
CA SER B 412 7.57 -7.03 -67.33
C SER B 412 7.31 -5.64 -66.74
N GLU B 413 6.14 -5.49 -66.13
CA GLU B 413 5.79 -4.22 -65.50
C GLU B 413 6.72 -3.90 -64.33
N VAL B 414 6.99 -4.89 -63.48
CA VAL B 414 7.89 -4.66 -62.36
C VAL B 414 9.31 -4.42 -62.85
N GLU B 415 9.73 -5.13 -63.90
CA GLU B 415 11.06 -4.93 -64.45
C GLU B 415 11.22 -3.53 -65.03
N VAL B 416 10.23 -3.08 -65.82
CA VAL B 416 10.33 -1.73 -66.39
C VAL B 416 10.24 -0.68 -65.29
N GLY B 417 9.46 -0.96 -64.23
CA GLY B 417 9.39 -0.02 -63.13
C GLY B 417 10.72 0.13 -62.39
N GLU B 418 11.36 -1.00 -62.07
CA GLU B 418 12.65 -0.92 -61.38
C GLU B 418 13.70 -0.30 -62.29
N LYS B 419 13.63 -0.57 -63.60
CA LYS B 419 14.54 0.09 -64.53
C LYS B 419 14.31 1.60 -64.54
N LYS B 420 13.05 2.04 -64.50
CA LYS B 420 12.76 3.46 -64.49
C LYS B 420 13.30 4.14 -63.23
N ASP B 421 13.09 3.51 -62.06
CA ASP B 421 13.64 4.09 -60.83
C ASP B 421 15.17 4.11 -60.85
N ARG B 422 15.80 3.03 -61.32
CA ARG B 422 17.25 3.02 -61.41
C ARG B 422 17.74 4.14 -62.31
N PHE B 423 17.10 4.31 -63.47
CA PHE B 423 17.46 5.38 -64.38
C PHE B 423 17.27 6.74 -63.75
N VAL B 424 16.19 6.93 -62.97
CA VAL B 424 15.94 8.27 -62.44
C VAL B 424 16.98 8.62 -61.39
N ASP B 425 17.38 7.67 -60.53
CA ASP B 425 18.41 8.04 -59.56
C ASP B 425 19.76 8.23 -60.25
N ALA B 426 20.05 7.43 -61.27
CA ALA B 426 21.31 7.59 -61.99
C ALA B 426 21.39 8.97 -62.65
N LEU B 427 20.31 9.38 -63.32
CA LEU B 427 20.30 10.69 -63.97
C LEU B 427 20.32 11.82 -62.96
N ASN B 428 19.64 11.65 -61.81
CA ASN B 428 19.69 12.70 -60.79
C ASN B 428 21.12 12.89 -60.28
N ALA B 429 21.80 11.78 -59.99
CA ALA B 429 23.20 11.86 -59.56
C ALA B 429 24.07 12.47 -60.63
N THR B 430 23.84 12.11 -61.89
CA THR B 430 24.64 12.66 -62.98
C THR B 430 24.44 14.16 -63.11
N ARG B 431 23.19 14.63 -63.01
CA ARG B 431 22.92 16.07 -63.07
C ARG B 431 23.59 16.80 -61.92
N ALA B 432 23.50 16.24 -60.71
CA ALA B 432 24.17 16.87 -59.58
C ALA B 432 25.67 16.97 -59.82
N ALA B 433 26.27 15.87 -60.31
CA ALA B 433 27.71 15.85 -60.55
C ALA B 433 28.13 16.86 -61.61
N VAL B 434 27.37 16.95 -62.71
CA VAL B 434 27.77 17.88 -63.76
C VAL B 434 27.56 19.33 -63.32
N GLU B 435 26.49 19.62 -62.58
CA GLU B 435 26.22 21.01 -62.23
C GLU B 435 27.14 21.49 -61.12
N GLU B 436 27.62 20.58 -60.26
CA GLU B 436 28.52 20.98 -59.18
C GLU B 436 29.91 20.39 -59.31
N GLY B 437 30.04 19.07 -59.39
CA GLY B 437 31.33 18.43 -59.39
C GLY B 437 31.39 17.26 -58.42
N ILE B 438 32.31 16.32 -58.65
CA ILE B 438 32.41 15.12 -57.84
C ILE B 438 33.58 15.26 -56.89
N LEU B 439 33.50 14.52 -55.77
CA LEU B 439 34.53 14.47 -54.75
C LEU B 439 34.68 13.03 -54.28
N PRO B 440 35.86 12.67 -53.75
CA PRO B 440 36.04 11.30 -53.22
C PRO B 440 35.07 11.00 -52.10
N GLY B 441 34.25 9.97 -52.28
CA GLY B 441 33.24 9.62 -51.31
C GLY B 441 33.80 8.86 -50.12
N GLY B 442 32.89 8.45 -49.24
CA GLY B 442 33.28 7.75 -48.04
C GLY B 442 33.79 8.63 -46.93
N GLY B 443 33.61 9.95 -47.03
CA GLY B 443 34.07 10.87 -46.01
C GLY B 443 35.52 11.27 -46.12
N THR B 444 36.24 10.77 -47.13
CA THR B 444 37.65 11.15 -47.29
C THR B 444 37.80 12.63 -47.56
N ALA B 445 36.93 13.19 -48.40
CA ALA B 445 37.01 14.61 -48.71
C ALA B 445 36.80 15.47 -47.47
N LEU B 446 35.88 15.05 -46.59
CA LEU B 446 35.65 15.79 -45.35
C LEU B 446 36.89 15.77 -44.48
N ILE B 447 37.56 14.62 -44.37
CA ILE B 447 38.77 14.53 -43.56
C ILE B 447 39.86 15.43 -44.13
N LYS B 448 40.05 15.38 -45.46
CA LYS B 448 41.08 16.21 -46.07
C LYS B 448 40.78 17.70 -45.88
N ALA B 449 39.51 18.09 -46.01
CA ALA B 449 39.15 19.49 -45.79
C ALA B 449 39.38 19.90 -44.36
N SER B 450 38.97 19.07 -43.40
CA SER B 450 39.15 19.40 -42.00
C SER B 450 40.63 19.46 -41.60
N VAL B 451 41.49 18.74 -42.32
CA VAL B 451 42.90 18.76 -41.98
C VAL B 451 43.65 19.90 -42.66
N ASN B 452 43.37 20.16 -43.94
CA ASN B 452 44.11 21.15 -44.72
C ASN B 452 43.41 22.51 -44.81
N ALA B 453 42.29 22.69 -44.13
CA ALA B 453 41.53 23.94 -44.26
C ALA B 453 41.48 24.74 -42.99
N LEU B 454 41.05 24.15 -41.88
CA LEU B 454 40.83 24.88 -40.63
C LEU B 454 42.13 25.27 -39.94
N ASN B 455 43.28 24.73 -40.36
CA ASN B 455 44.54 25.08 -39.75
C ASN B 455 44.98 26.51 -40.08
N ASN B 456 44.43 27.09 -41.15
CA ASN B 456 44.80 28.44 -41.56
C ASN B 456 43.98 29.51 -40.86
N LEU B 457 42.76 29.19 -40.45
CA LEU B 457 41.90 30.19 -39.81
C LEU B 457 42.50 30.66 -38.49
N LYS B 458 42.40 31.97 -38.24
CA LYS B 458 42.93 32.59 -37.03
C LYS B 458 41.83 33.42 -36.39
N PRO B 459 40.94 32.79 -35.62
CA PRO B 459 39.87 33.54 -34.96
C PRO B 459 40.43 34.55 -33.96
N ALA B 460 39.69 35.65 -33.80
CA ALA B 460 40.16 36.73 -32.93
C ALA B 460 40.00 36.36 -31.46
N ASN B 461 38.78 36.10 -31.01
CA ASN B 461 38.51 35.80 -29.62
C ASN B 461 38.73 34.32 -29.37
N PHE B 462 38.31 33.83 -28.20
CA PHE B 462 38.57 32.47 -27.77
C PHE B 462 37.43 31.52 -28.11
N ASP B 463 36.18 31.96 -27.92
CA ASP B 463 35.05 31.09 -28.22
C ASP B 463 34.95 30.77 -29.70
N GLN B 464 35.39 31.69 -30.57
CA GLN B 464 35.45 31.37 -31.99
C GLN B 464 36.44 30.24 -32.26
N GLN B 465 37.59 30.25 -31.58
CA GLN B 465 38.53 29.15 -31.69
C GLN B 465 37.91 27.85 -31.16
N LEU B 466 37.16 27.94 -30.08
CA LEU B 466 36.48 26.76 -29.56
C LEU B 466 35.48 26.20 -30.58
N GLY B 467 34.73 27.08 -31.24
CA GLY B 467 33.80 26.63 -32.26
C GLY B 467 34.50 26.02 -33.47
N VAL B 468 35.64 26.59 -33.85
CA VAL B 468 36.42 26.01 -34.94
C VAL B 468 36.90 24.61 -34.58
N ASN B 469 37.38 24.44 -33.34
CA ASN B 469 37.77 23.10 -32.88
C ASN B 469 36.58 22.16 -32.86
N ILE B 470 35.41 22.68 -32.48
CA ILE B 470 34.19 21.87 -32.45
C ILE B 470 33.86 21.35 -33.85
N ILE B 471 33.92 22.24 -34.85
CA ILE B 471 33.60 21.81 -36.21
C ILE B 471 34.68 20.86 -36.73
N LYS B 472 35.94 21.07 -36.34
CA LYS B 472 36.99 20.15 -36.76
C LYS B 472 36.79 18.75 -36.19
N ASN B 473 36.36 18.68 -34.93
CA ASN B 473 36.10 17.37 -34.33
C ASN B 473 34.82 16.74 -34.89
N ALA B 474 33.84 17.55 -35.28
CA ALA B 474 32.56 17.03 -35.73
C ALA B 474 32.56 16.64 -37.21
N ILE B 475 33.48 17.20 -38.01
CA ILE B 475 33.48 16.88 -39.44
C ILE B 475 33.83 15.41 -39.67
N THR B 476 34.71 14.84 -38.84
CA THR B 476 35.17 13.47 -39.02
C THR B 476 34.15 12.41 -38.59
N ARG B 477 33.01 12.82 -38.05
CA ARG B 477 32.03 11.84 -37.55
C ARG B 477 31.48 10.93 -38.65
N PRO B 478 31.05 11.42 -39.82
CA PRO B 478 30.56 10.48 -40.85
C PRO B 478 31.58 9.44 -41.27
N ALA B 479 32.86 9.83 -41.41
CA ALA B 479 33.89 8.86 -41.76
C ALA B 479 34.06 7.82 -40.66
N ARG B 480 34.02 8.27 -39.40
CA ARG B 480 34.13 7.33 -38.28
C ARG B 480 32.97 6.33 -38.31
N MET B 481 31.76 6.82 -38.55
CA MET B 481 30.61 5.91 -38.61
C MET B 481 30.75 4.94 -39.78
N ILE B 482 31.20 5.43 -40.93
CA ILE B 482 31.36 4.55 -42.10
C ILE B 482 32.37 3.45 -41.81
N VAL B 483 33.49 3.81 -41.20
CA VAL B 483 34.53 2.82 -40.90
C VAL B 483 34.04 1.84 -39.84
N GLU B 484 33.36 2.34 -38.80
CA GLU B 484 32.91 1.47 -37.72
C GLU B 484 31.79 0.55 -38.16
N ASN B 485 31.01 0.94 -39.18
CA ASN B 485 29.94 0.07 -39.67
C ASN B 485 30.49 -1.23 -40.23
N ALA B 486 31.60 -1.16 -40.97
CA ALA B 486 32.20 -2.38 -41.51
C ALA B 486 32.72 -3.28 -40.39
N GLY B 487 33.35 -2.68 -39.37
CA GLY B 487 33.86 -3.46 -38.27
C GLY B 487 35.23 -3.01 -37.79
N LEU B 488 36.03 -2.47 -38.71
CA LEU B 488 37.36 -2.00 -38.35
C LEU B 488 37.29 -0.78 -37.46
N GLU B 489 38.33 -0.57 -36.66
CA GLU B 489 38.37 0.56 -35.74
C GLU B 489 38.50 1.86 -36.54
N GLY B 490 37.65 2.84 -36.22
CA GLY B 490 37.67 4.09 -36.95
C GLY B 490 38.82 5.00 -36.60
N SER B 491 39.30 4.92 -35.35
CA SER B 491 40.34 5.84 -34.90
C SER B 491 41.63 5.65 -35.70
N VAL B 492 42.06 4.40 -35.86
CA VAL B 492 43.31 4.14 -36.58
C VAL B 492 43.17 4.52 -38.04
N VAL B 493 42.02 4.22 -38.66
CA VAL B 493 41.81 4.56 -40.06
C VAL B 493 41.84 6.07 -40.26
N ILE B 494 41.16 6.81 -39.39
CA ILE B 494 41.14 8.26 -39.49
C ILE B 494 42.54 8.83 -39.28
N GLY B 495 43.28 8.27 -38.32
CA GLY B 495 44.65 8.73 -38.11
C GLY B 495 45.54 8.50 -39.31
N LYS B 496 45.40 7.33 -39.95
CA LYS B 496 46.18 7.04 -41.15
C LYS B 496 45.80 7.96 -42.30
N ILE B 497 44.50 8.23 -42.46
CA ILE B 497 44.05 9.07 -43.57
C ILE B 497 44.50 10.51 -43.37
N SER B 498 44.32 11.04 -42.16
CA SER B 498 44.56 12.46 -41.92
C SER B 498 46.05 12.79 -41.92
N ASP B 499 46.88 11.90 -41.40
CA ASP B 499 48.30 12.19 -41.21
C ASP B 499 49.17 11.61 -42.31
N GLU B 500 49.09 10.30 -42.55
CA GLU B 500 49.98 9.67 -43.53
C GLU B 500 49.67 10.14 -44.95
N TYR B 501 48.40 10.33 -45.28
CA TYR B 501 47.98 10.70 -46.63
C TYR B 501 47.34 12.07 -46.66
N ALA B 502 47.92 13.02 -45.92
CA ALA B 502 47.39 14.38 -45.91
C ALA B 502 47.55 15.05 -47.28
N ALA B 503 48.70 14.85 -47.93
CA ALA B 503 48.95 15.50 -49.21
C ALA B 503 48.02 14.98 -50.30
N ASP B 504 47.78 13.68 -50.32
CA ASP B 504 46.96 13.07 -51.37
C ASP B 504 45.49 13.22 -51.00
N PHE B 505 44.77 14.08 -51.72
CA PHE B 505 43.35 14.27 -51.45
C PHE B 505 42.55 13.01 -51.76
N ASN B 506 42.87 12.35 -52.88
CA ASN B 506 42.09 11.19 -53.29
C ASN B 506 42.36 9.96 -52.43
N LYS B 507 43.47 9.93 -51.70
CA LYS B 507 43.78 8.76 -50.88
C LYS B 507 42.87 8.72 -49.64
N GLY B 508 42.29 7.57 -49.40
CA GLY B 508 41.42 7.39 -48.25
C GLY B 508 41.32 5.92 -47.90
N PHE B 509 40.17 5.54 -47.36
CA PHE B 509 39.91 4.16 -46.95
C PHE B 509 38.72 3.62 -47.75
N ASN B 510 38.90 2.45 -48.35
CA ASN B 510 37.84 1.76 -49.08
C ASN B 510 37.22 0.73 -48.13
N SER B 511 36.05 1.05 -47.60
CA SER B 511 35.40 0.16 -46.64
C SER B 511 34.93 -1.14 -47.29
N ALA B 512 34.77 -1.16 -48.61
CA ALA B 512 34.30 -2.37 -49.28
C ALA B 512 35.32 -3.50 -49.15
N THR B 513 36.61 -3.18 -49.30
CA THR B 513 37.66 -4.20 -49.24
C THR B 513 38.63 -4.01 -48.08
N GLY B 514 38.73 -2.80 -47.52
CA GLY B 514 39.64 -2.55 -46.42
C GLY B 514 41.03 -2.12 -46.82
N GLU B 515 41.25 -1.74 -48.08
CA GLU B 515 42.55 -1.29 -48.55
C GLU B 515 42.50 0.19 -48.86
N TYR B 516 43.58 0.89 -48.55
CA TYR B 516 43.67 2.33 -48.78
C TYR B 516 43.94 2.57 -50.26
N VAL B 517 42.85 2.80 -51.02
CA VAL B 517 42.94 3.06 -52.45
C VAL B 517 42.20 4.35 -52.76
N ASP B 518 42.50 4.91 -53.93
CA ASP B 518 41.88 6.15 -54.37
C ASP B 518 40.46 5.87 -54.83
N MET B 519 39.50 6.67 -54.35
CA MET B 519 38.11 6.52 -54.77
C MET B 519 37.90 6.87 -56.23
N ILE B 520 38.76 7.72 -56.81
CA ILE B 520 38.62 8.08 -58.22
C ILE B 520 38.79 6.84 -59.09
N GLN B 521 39.82 6.05 -58.83
CA GLN B 521 40.03 4.82 -59.58
C GLN B 521 39.08 3.72 -59.10
N ALA B 522 38.78 3.68 -57.80
CA ALA B 522 37.89 2.65 -57.27
C ALA B 522 36.44 2.87 -57.67
N GLY B 523 36.07 4.08 -58.07
CA GLY B 523 34.73 4.39 -58.48
C GLY B 523 33.87 5.07 -57.44
N ILE B 524 34.29 5.04 -56.17
CA ILE B 524 33.52 5.71 -55.13
C ILE B 524 33.58 7.21 -55.34
N LEU B 525 32.44 7.87 -55.15
CA LEU B 525 32.38 9.32 -55.33
C LEU B 525 31.29 9.90 -54.46
N ASP B 526 31.34 11.23 -54.29
CA ASP B 526 30.30 11.99 -53.63
C ASP B 526 30.26 13.34 -54.34
N PRO B 527 29.14 13.70 -54.94
CA PRO B 527 29.06 15.00 -55.62
C PRO B 527 29.23 16.14 -54.62
N LEU B 528 29.78 17.25 -55.12
CA LEU B 528 30.02 18.40 -54.26
C LEU B 528 28.71 18.98 -53.75
N LYS B 529 27.68 19.00 -54.60
CA LYS B 529 26.42 19.65 -54.24
C LYS B 529 25.79 19.01 -53.02
N VAL B 530 25.68 17.68 -53.02
CA VAL B 530 24.98 17.00 -51.93
C VAL B 530 25.72 17.17 -50.61
N VAL B 531 27.04 16.96 -50.61
CA VAL B 531 27.79 17.06 -49.37
C VAL B 531 27.82 18.51 -48.88
N ARG B 532 27.95 19.46 -49.79
CA ARG B 532 28.00 20.87 -49.40
C ARG B 532 26.67 21.31 -48.79
N THR B 533 25.56 20.97 -49.44
CA THR B 533 24.26 21.37 -48.91
C THR B 533 23.95 20.63 -47.61
N GLY B 534 24.36 19.36 -47.49
CA GLY B 534 24.16 18.65 -46.24
C GLY B 534 24.94 19.28 -45.10
N LEU B 535 26.20 19.62 -45.35
CA LEU B 535 27.01 20.27 -44.32
C LEU B 535 26.43 21.62 -43.93
N ILE B 536 26.00 22.40 -44.92
CA ILE B 536 25.45 23.74 -44.63
C ILE B 536 24.18 23.62 -43.81
N ASP B 537 23.26 22.74 -44.22
CA ASP B 537 22.02 22.57 -43.48
C ASP B 537 22.26 22.02 -42.08
N ALA B 538 23.19 21.07 -41.94
CA ALA B 538 23.49 20.52 -40.62
C ALA B 538 24.07 21.59 -39.71
N SER B 539 25.02 22.39 -40.22
CA SER B 539 25.60 23.44 -39.40
C SER B 539 24.56 24.48 -39.00
N GLY B 540 23.71 24.89 -39.95
CA GLY B 540 22.68 25.86 -39.63
C GLY B 540 21.69 25.33 -38.60
N VAL B 541 21.25 24.08 -38.76
CA VAL B 541 20.27 23.52 -37.83
C VAL B 541 20.89 23.35 -36.45
N ALA B 542 22.13 22.89 -36.38
CA ALA B 542 22.78 22.74 -35.08
C ALA B 542 22.99 24.09 -34.40
N SER B 543 23.42 25.10 -35.16
CA SER B 543 23.61 26.43 -34.59
C SER B 543 22.28 27.00 -34.09
N LEU B 544 21.21 26.82 -34.86
CA LEU B 544 19.91 27.30 -34.42
C LEU B 544 19.43 26.57 -33.18
N LEU B 545 19.62 25.24 -33.14
CA LEU B 545 19.13 24.45 -32.01
C LEU B 545 19.96 24.70 -30.76
N GLY B 546 21.21 25.14 -30.91
CA GLY B 546 22.04 25.42 -29.75
C GLY B 546 21.74 26.74 -29.08
N THR B 547 20.80 27.52 -29.60
CA THR B 547 20.48 28.82 -29.03
C THR B 547 18.98 28.96 -28.78
N THR B 548 18.37 27.93 -28.20
CA THR B 548 16.94 27.94 -27.85
C THR B 548 16.81 27.52 -26.40
N GLU B 549 16.76 28.50 -25.49
CA GLU B 549 16.56 28.19 -24.08
C GLU B 549 15.16 27.67 -23.82
N VAL B 550 14.16 28.26 -24.50
CA VAL B 550 12.75 27.96 -24.25
C VAL B 550 12.22 27.12 -25.40
N ALA B 551 11.40 26.13 -25.06
CA ALA B 551 10.75 25.27 -26.04
C ALA B 551 9.48 24.71 -25.40
N ILE B 552 8.35 24.86 -26.09
CA ILE B 552 7.07 24.46 -25.55
C ILE B 552 6.49 23.33 -26.40
N VAL B 553 5.70 22.48 -25.76
CA VAL B 553 5.01 21.38 -26.44
C VAL B 553 3.55 21.38 -25.98
N GLU B 554 2.72 20.68 -26.76
CA GLU B 554 1.30 20.59 -26.47
C GLU B 554 1.06 19.55 -25.37
N ALA B 555 -0.21 19.28 -25.06
CA ALA B 555 -0.56 18.33 -24.03
C ALA B 555 -0.27 16.90 -24.47
N ALA C 28 1.75 7.37 -35.19
CA ALA C 28 2.69 8.40 -34.81
C ALA C 28 3.20 8.18 -33.38
N HIS C 29 3.59 6.94 -33.09
CA HIS C 29 4.08 6.59 -31.76
C HIS C 29 4.92 5.34 -31.90
N LYS C 30 6.23 5.46 -31.66
CA LYS C 30 7.16 4.35 -31.83
C LYS C 30 8.09 4.26 -30.63
N GLU C 31 8.60 3.06 -30.38
CA GLU C 31 9.62 2.81 -29.38
C GLU C 31 10.81 2.12 -30.04
N LEU C 32 12.01 2.47 -29.62
CA LEU C 32 13.24 2.04 -30.26
C LEU C 32 14.01 1.08 -29.38
N LYS C 33 14.58 0.04 -29.98
CA LYS C 33 15.49 -0.88 -29.31
C LYS C 33 16.76 -0.98 -30.13
N PHE C 34 17.90 -0.84 -29.47
CA PHE C 34 19.18 -0.68 -30.14
C PHE C 34 20.08 -1.88 -29.92
N GLY C 35 20.59 -2.44 -31.01
CA GLY C 35 21.68 -3.40 -30.92
C GLY C 35 21.30 -4.68 -30.21
N VAL C 36 21.96 -4.92 -29.07
CA VAL C 36 21.87 -6.21 -28.40
C VAL C 36 20.45 -6.47 -27.91
N GLU C 37 19.76 -5.44 -27.43
CA GLU C 37 18.41 -5.62 -26.91
C GLU C 37 17.45 -6.06 -28.02
N GLY C 38 17.46 -5.35 -29.14
CA GLY C 38 16.60 -5.74 -30.25
C GLY C 38 16.97 -7.10 -30.82
N ARG C 39 18.27 -7.39 -30.91
CA ARG C 39 18.70 -8.68 -31.41
C ARG C 39 18.24 -9.81 -30.48
N ALA C 40 18.31 -9.59 -29.16
CA ALA C 40 17.84 -10.59 -28.22
C ALA C 40 16.32 -10.78 -28.31
N ALA C 41 15.58 -9.69 -28.50
CA ALA C 41 14.13 -9.82 -28.64
C ALA C 41 13.78 -10.62 -29.90
N LEU C 42 14.45 -10.32 -31.01
CA LEU C 42 14.23 -11.08 -32.25
C LEU C 42 14.63 -12.54 -32.07
N LEU C 43 15.74 -12.79 -31.36
CA LEU C 43 16.15 -14.15 -31.06
C LEU C 43 15.06 -14.89 -30.30
N ASN C 44 14.51 -14.25 -29.26
CA ASN C 44 13.47 -14.89 -28.46
C ASN C 44 12.24 -15.21 -29.30
N GLY C 45 11.79 -14.25 -30.10
CA GLY C 45 10.62 -14.49 -30.93
C GLY C 45 10.82 -15.60 -31.94
N VAL C 46 11.96 -15.56 -32.66
CA VAL C 46 12.24 -16.56 -33.68
C VAL C 46 12.40 -17.93 -33.05
N GLU C 47 13.11 -18.00 -31.92
CA GLU C 47 13.31 -19.28 -31.25
C GLU C 47 12.00 -19.87 -30.76
N THR C 48 11.12 -19.03 -30.20
CA THR C 48 9.82 -19.53 -29.75
C THR C 48 9.00 -20.07 -30.92
N LEU C 49 8.94 -19.31 -32.01
CA LEU C 49 8.15 -19.77 -33.16
C LEU C 49 8.73 -21.05 -33.75
N ALA C 50 10.06 -21.13 -33.86
CA ALA C 50 10.68 -22.30 -34.44
C ALA C 50 10.51 -23.52 -33.53
N LYS C 51 10.59 -23.33 -32.22
CA LYS C 51 10.36 -24.45 -31.30
C LYS C 51 8.93 -24.93 -31.39
N ALA C 52 7.97 -24.01 -31.54
CA ALA C 52 6.58 -24.43 -31.73
C ALA C 52 6.41 -25.19 -33.04
N VAL C 53 7.05 -24.72 -34.12
CA VAL C 53 6.86 -25.33 -35.44
C VAL C 53 7.52 -26.70 -35.51
N ALA C 54 8.73 -26.83 -34.97
CA ALA C 54 9.52 -28.04 -35.14
C ALA C 54 8.90 -29.26 -34.45
N THR C 55 7.90 -29.04 -33.59
CA THR C 55 7.25 -30.16 -32.92
C THR C 55 6.54 -31.10 -33.88
N THR C 56 6.25 -30.67 -35.09
CA THR C 56 5.61 -31.50 -36.11
C THR C 56 6.59 -32.00 -37.17
N LEU C 57 7.89 -31.76 -36.99
CA LEU C 57 8.88 -32.14 -37.97
C LEU C 57 9.05 -33.66 -38.01
N GLY C 58 9.29 -34.18 -39.21
CA GLY C 58 9.55 -35.59 -39.39
C GLY C 58 8.30 -36.41 -39.50
N PRO C 59 8.42 -37.65 -40.00
CA PRO C 59 7.25 -38.53 -40.06
C PRO C 59 6.64 -38.81 -38.70
N LYS C 60 7.45 -38.85 -37.66
CA LYS C 60 6.97 -39.08 -36.29
C LYS C 60 6.71 -37.75 -35.60
N GLY C 61 5.88 -36.93 -36.25
CA GLY C 61 5.54 -35.62 -35.72
C GLY C 61 4.52 -35.72 -34.60
N ARG C 62 4.23 -34.56 -34.03
CA ARG C 62 3.29 -34.48 -32.91
C ARG C 62 2.30 -33.34 -33.17
N ASN C 63 1.07 -33.52 -32.71
CA ASN C 63 -0.03 -32.68 -33.15
C ASN C 63 -0.02 -31.33 -32.45
N VAL C 64 -0.82 -30.41 -32.99
CA VAL C 64 -1.01 -29.06 -32.45
C VAL C 64 -2.51 -28.85 -32.23
N LEU C 65 -2.86 -28.02 -31.26
CA LEU C 65 -4.25 -27.72 -30.94
C LEU C 65 -4.57 -26.30 -31.40
N ILE C 66 -5.46 -26.19 -32.39
CA ILE C 66 -5.85 -24.90 -32.95
C ILE C 66 -7.37 -24.75 -32.81
N GLU C 67 -7.80 -23.58 -32.39
CA GLU C 67 -9.22 -23.27 -32.26
C GLU C 67 -9.62 -22.16 -33.21
N SER C 68 -10.73 -22.37 -33.90
CA SER C 68 -11.31 -21.39 -34.81
C SER C 68 -12.02 -20.30 -34.01
N THR C 69 -12.30 -19.18 -34.69
CA THR C 69 -13.01 -18.09 -34.04
C THR C 69 -14.42 -18.51 -33.63
N PHE C 70 -15.10 -19.25 -34.50
CA PHE C 70 -16.44 -19.75 -34.24
C PHE C 70 -16.44 -21.27 -34.22
N GLY C 71 -17.33 -21.85 -33.43
CA GLY C 71 -17.46 -23.29 -33.38
C GLY C 71 -16.61 -23.94 -32.31
N SER C 72 -15.83 -24.95 -32.69
CA SER C 72 -15.02 -25.72 -31.76
C SER C 72 -13.64 -25.98 -32.36
N PRO C 73 -12.63 -26.22 -31.52
CA PRO C 73 -11.26 -26.32 -32.02
C PRO C 73 -11.03 -27.51 -32.94
N LYS C 74 -10.06 -27.34 -33.82
CA LYS C 74 -9.63 -28.37 -34.76
C LYS C 74 -8.28 -28.92 -34.34
N ILE C 75 -7.71 -29.78 -35.18
CA ILE C 75 -6.41 -30.39 -34.95
C ILE C 75 -5.48 -29.98 -36.08
N THR C 76 -4.19 -29.99 -35.82
CA THR C 76 -3.17 -29.60 -36.79
C THR C 76 -1.93 -30.45 -36.61
N LYS C 77 -1.44 -31.03 -37.71
CA LYS C 77 -0.21 -31.80 -37.69
C LYS C 77 0.86 -31.29 -38.65
N ASP C 78 0.57 -30.26 -39.43
CA ASP C 78 1.53 -29.70 -40.37
C ASP C 78 2.25 -28.51 -39.72
N GLY C 79 3.01 -27.76 -40.52
CA GLY C 79 3.78 -26.65 -39.99
C GLY C 79 3.37 -25.29 -40.51
N VAL C 80 2.80 -25.24 -41.72
CA VAL C 80 2.48 -23.96 -42.34
C VAL C 80 1.39 -23.23 -41.55
N THR C 81 0.34 -23.94 -41.17
CA THR C 81 -0.77 -23.29 -40.48
C THR C 81 -0.37 -22.81 -39.09
N VAL C 82 0.34 -23.64 -38.34
CA VAL C 82 0.77 -23.23 -37.00
C VAL C 82 1.78 -22.09 -37.10
N ALA C 83 2.64 -22.11 -38.12
CA ALA C 83 3.57 -21.02 -38.32
C ALA C 83 2.84 -19.72 -38.63
N LYS C 84 1.79 -19.78 -39.46
CA LYS C 84 1.05 -18.59 -39.82
C LYS C 84 0.11 -18.12 -38.71
N ALA C 85 -0.23 -18.98 -37.76
CA ALA C 85 -1.17 -18.66 -36.69
C ALA C 85 -0.48 -18.42 -35.35
N ILE C 86 0.69 -17.79 -35.36
CA ILE C 86 1.44 -17.52 -34.14
C ILE C 86 1.70 -16.02 -34.06
N SER C 87 1.36 -15.43 -32.90
CA SER C 87 1.64 -14.02 -32.64
C SER C 87 2.04 -13.90 -31.18
N LEU C 88 3.27 -13.48 -30.93
CA LEU C 88 3.82 -13.48 -29.58
C LEU C 88 3.31 -12.29 -28.78
N LYS C 89 3.73 -12.24 -27.50
CA LYS C 89 3.30 -11.16 -26.61
C LYS C 89 3.99 -9.85 -26.97
N ASP C 90 5.32 -9.84 -26.92
CA ASP C 90 6.07 -8.62 -27.20
C ASP C 90 5.98 -8.25 -28.67
N LYS C 91 6.04 -6.94 -28.94
CA LYS C 91 5.93 -6.45 -30.31
C LYS C 91 7.13 -6.88 -31.15
N PHE C 92 8.32 -6.85 -30.57
CA PHE C 92 9.52 -7.25 -31.32
C PHE C 92 9.53 -8.74 -31.60
N GLU C 93 9.10 -9.56 -30.64
CA GLU C 93 8.96 -10.98 -30.88
C GLU C 93 7.94 -11.25 -31.97
N ASN C 94 6.83 -10.50 -31.97
CA ASN C 94 5.85 -10.64 -33.03
C ASN C 94 6.43 -10.23 -34.38
N LEU C 95 7.28 -9.20 -34.39
CA LEU C 95 7.92 -8.76 -35.63
C LEU C 95 8.83 -9.85 -36.19
N GLY C 96 9.66 -10.44 -35.32
CA GLY C 96 10.51 -11.53 -35.77
C GLY C 96 9.71 -12.72 -36.25
N ALA C 97 8.64 -13.07 -35.54
CA ALA C 97 7.78 -14.17 -35.94
C ALA C 97 7.12 -13.89 -37.28
N LYS C 98 6.73 -12.63 -37.52
CA LYS C 98 6.10 -12.29 -38.79
C LYS C 98 7.08 -12.34 -39.94
N LEU C 99 8.33 -11.93 -39.72
CA LEU C 99 9.34 -12.08 -40.76
C LEU C 99 9.61 -13.55 -41.07
N LEU C 100 9.69 -14.38 -40.01
CA LEU C 100 9.85 -15.81 -40.22
C LEU C 100 8.65 -16.39 -40.96
N ALA C 101 7.45 -15.89 -40.67
CA ALA C 101 6.26 -16.32 -41.40
C ALA C 101 6.33 -15.91 -42.86
N GLU C 102 6.84 -14.71 -43.15
CA GLU C 102 7.05 -14.30 -44.54
C GLU C 102 7.94 -15.28 -45.27
N VAL C 103 9.12 -15.58 -44.71
CA VAL C 103 10.04 -16.44 -45.44
C VAL C 103 9.48 -17.86 -45.54
N ALA C 104 8.79 -18.33 -44.51
CA ALA C 104 8.19 -19.67 -44.55
C ALA C 104 7.11 -19.74 -45.61
N SER C 105 6.27 -18.71 -45.71
CA SER C 105 5.21 -18.68 -46.72
C SER C 105 5.80 -18.61 -48.12
N LYS C 106 6.87 -17.82 -48.30
CA LYS C 106 7.52 -17.77 -49.60
C LYS C 106 8.09 -19.13 -49.98
N THR C 107 8.72 -19.82 -49.02
CA THR C 107 9.25 -21.15 -49.30
C THR C 107 8.13 -22.13 -49.64
N ASN C 108 7.01 -22.06 -48.92
CA ASN C 108 5.90 -22.96 -49.18
C ASN C 108 5.29 -22.70 -50.56
N GLU C 109 5.15 -21.43 -50.94
CA GLU C 109 4.62 -21.11 -52.25
C GLU C 109 5.57 -21.54 -53.36
N VAL C 110 6.89 -21.40 -53.14
CA VAL C 110 7.85 -21.77 -54.15
C VAL C 110 7.89 -23.30 -54.33
N ALA C 111 7.95 -24.04 -53.22
CA ALA C 111 8.15 -25.48 -53.26
C ALA C 111 6.88 -26.26 -52.92
N GLY C 112 6.30 -26.01 -51.74
CA GLY C 112 5.14 -26.75 -51.27
C GLY C 112 5.37 -27.51 -49.98
N ASP C 113 6.62 -27.65 -49.54
CA ASP C 113 6.93 -28.35 -48.30
C ASP C 113 8.25 -27.81 -47.77
N GLY C 114 8.83 -28.52 -46.79
CA GLY C 114 10.10 -28.12 -46.23
C GLY C 114 10.08 -26.85 -45.42
N THR C 115 8.90 -26.36 -45.04
CA THR C 115 8.81 -25.13 -44.26
C THR C 115 9.45 -25.29 -42.89
N THR C 116 9.16 -26.42 -42.22
CA THR C 116 9.69 -26.63 -40.87
C THR C 116 11.21 -26.71 -40.87
N THR C 117 11.77 -27.43 -41.84
CA THR C 117 13.23 -27.55 -41.92
C THR C 117 13.87 -26.18 -42.16
N ALA C 118 13.29 -25.39 -43.06
CA ALA C 118 13.83 -24.06 -43.31
C ALA C 118 13.74 -23.18 -42.07
N THR C 119 12.62 -23.25 -41.35
CA THR C 119 12.49 -22.46 -40.13
C THR C 119 13.51 -22.86 -39.08
N VAL C 120 13.72 -24.18 -38.91
CA VAL C 120 14.68 -24.65 -37.92
C VAL C 120 16.09 -24.23 -38.30
N LEU C 121 16.45 -24.35 -39.58
CA LEU C 121 17.77 -23.93 -40.03
C LEU C 121 17.98 -22.44 -39.83
N ALA C 122 16.96 -21.64 -40.15
CA ALA C 122 17.08 -20.20 -39.96
C ALA C 122 17.25 -19.86 -38.49
N ARG C 123 16.49 -20.51 -37.61
CA ARG C 123 16.63 -20.25 -36.18
C ARG C 123 18.03 -20.61 -35.70
N ALA C 124 18.55 -21.77 -36.12
CA ALA C 124 19.87 -22.19 -35.67
C ALA C 124 20.95 -21.23 -36.15
N ILE C 125 20.90 -20.85 -37.43
CA ILE C 125 21.91 -19.95 -37.97
C ILE C 125 21.84 -18.59 -37.30
N PHE C 126 20.62 -18.07 -37.09
CA PHE C 126 20.49 -16.77 -36.44
C PHE C 126 21.00 -16.81 -35.00
N SER C 127 20.69 -17.89 -34.27
CA SER C 127 21.14 -18.00 -32.89
C SER C 127 22.65 -18.06 -32.81
N GLU C 128 23.28 -18.88 -33.66
CA GLU C 128 24.73 -18.96 -33.66
C GLU C 128 25.36 -17.63 -34.06
N MET C 129 24.76 -16.94 -35.04
CA MET C 129 25.31 -15.67 -35.50
C MET C 129 25.26 -14.62 -34.40
N VAL C 130 24.13 -14.52 -33.70
CA VAL C 130 24.02 -13.52 -32.64
C VAL C 130 24.92 -13.88 -31.46
N LYS C 131 25.06 -15.18 -31.17
CA LYS C 131 25.98 -15.60 -30.11
C LYS C 131 27.41 -15.22 -30.45
N ASN C 132 27.82 -15.41 -31.70
CA ASN C 132 29.17 -15.02 -32.11
C ASN C 132 29.33 -13.49 -32.12
N VAL C 133 28.28 -12.77 -32.50
CA VAL C 133 28.33 -11.31 -32.51
C VAL C 133 28.50 -10.78 -31.10
N ALA C 134 27.82 -11.39 -30.13
CA ALA C 134 27.98 -10.98 -28.74
C ALA C 134 29.40 -11.19 -28.24
N ALA C 135 30.19 -12.03 -28.90
CA ALA C 135 31.58 -12.25 -28.54
C ALA C 135 32.53 -11.24 -29.17
N GLY C 136 32.03 -10.34 -30.02
CA GLY C 136 32.85 -9.33 -30.64
C GLY C 136 33.28 -9.62 -32.06
N CYS C 137 32.82 -10.71 -32.66
CA CYS C 137 33.20 -11.03 -34.02
C CYS C 137 32.55 -10.08 -35.02
N ASN C 138 33.16 -9.96 -36.19
CA ASN C 138 32.66 -9.06 -37.21
C ASN C 138 31.46 -9.68 -37.92
N PRO C 139 30.29 -9.06 -37.87
CA PRO C 139 29.12 -9.67 -38.55
C PRO C 139 29.28 -9.81 -40.05
N MET C 140 29.99 -8.88 -40.70
CA MET C 140 30.12 -8.93 -42.15
C MET C 140 30.94 -10.13 -42.60
N ASP C 141 32.07 -10.39 -41.92
CA ASP C 141 32.88 -11.55 -42.26
C ASP C 141 32.13 -12.84 -41.98
N LEU C 142 31.35 -12.87 -40.89
CA LEU C 142 30.52 -14.04 -40.61
C LEU C 142 29.51 -14.27 -41.72
N ARG C 143 28.86 -13.21 -42.18
CA ARG C 143 27.88 -13.34 -43.26
C ARG C 143 28.54 -13.83 -44.54
N ARG C 144 29.71 -13.29 -44.88
CA ARG C 144 30.41 -13.75 -46.08
C ARG C 144 30.81 -15.21 -45.96
N GLY C 145 31.28 -15.62 -44.78
CA GLY C 145 31.67 -17.01 -44.59
C GLY C 145 30.49 -17.95 -44.70
N ILE C 146 29.37 -17.61 -44.08
CA ILE C 146 28.20 -18.49 -44.17
C ILE C 146 27.66 -18.51 -45.59
N GLN C 147 27.74 -17.39 -46.32
CA GLN C 147 27.29 -17.39 -47.71
C GLN C 147 28.15 -18.33 -48.56
N ALA C 148 29.47 -18.23 -48.40
CA ALA C 148 30.36 -19.12 -49.15
C ALA C 148 30.13 -20.58 -48.78
N ALA C 149 29.95 -20.85 -47.50
CA ALA C 149 29.71 -22.23 -47.07
C ALA C 149 28.39 -22.76 -47.60
N VAL C 150 27.34 -21.94 -47.62
CA VAL C 150 26.06 -22.36 -48.16
C VAL C 150 26.18 -22.63 -49.65
N ASP C 151 26.94 -21.80 -50.37
CA ASP C 151 27.16 -22.04 -51.79
C ASP C 151 27.88 -23.36 -52.00
N ALA C 152 28.90 -23.64 -51.19
CA ALA C 152 29.60 -24.91 -51.30
C ALA C 152 28.67 -26.08 -51.00
N VAL C 153 27.81 -25.94 -49.99
CA VAL C 153 26.89 -27.01 -49.62
C VAL C 153 25.92 -27.31 -50.75
N VAL C 154 25.33 -26.27 -51.34
CA VAL C 154 24.35 -26.51 -52.40
C VAL C 154 25.04 -27.06 -53.64
N GLU C 155 26.28 -26.62 -53.91
CA GLU C 155 27.02 -27.18 -55.03
C GLU C 155 27.29 -28.67 -54.82
N TYR C 156 27.68 -29.05 -53.60
CA TYR C 156 27.91 -30.46 -53.32
C TYR C 156 26.62 -31.26 -53.43
N LEU C 157 25.50 -30.69 -52.95
CA LEU C 157 24.23 -31.39 -53.06
C LEU C 157 23.82 -31.60 -54.51
N GLN C 158 24.03 -30.58 -55.35
CA GLN C 158 23.72 -30.71 -56.77
C GLN C 158 24.64 -31.73 -57.44
N GLN C 159 25.90 -31.78 -57.03
CA GLN C 159 26.84 -32.72 -57.63
C GLN C 159 26.45 -34.17 -57.33
N ASN C 160 26.02 -34.45 -56.10
CA ASN C 160 25.78 -35.82 -55.68
C ASN C 160 24.39 -36.33 -56.05
N LYS C 161 23.48 -35.44 -56.44
CA LYS C 161 22.08 -35.81 -56.65
C LYS C 161 21.94 -36.80 -57.81
N ARG C 162 20.73 -37.33 -57.94
CA ARG C 162 20.38 -38.26 -59.01
C ARG C 162 19.22 -37.67 -59.82
N ASP C 163 19.19 -38.00 -61.11
CA ASP C 163 18.17 -37.51 -62.02
C ASP C 163 17.00 -38.48 -62.10
N ILE C 164 15.84 -37.96 -62.47
CA ILE C 164 14.62 -38.74 -62.59
C ILE C 164 14.23 -38.70 -64.06
N THR C 165 14.57 -39.74 -64.81
CA THR C 165 14.33 -39.78 -66.25
C THR C 165 13.46 -40.94 -66.69
N THR C 166 13.79 -42.17 -66.27
CA THR C 166 13.12 -43.34 -66.81
C THR C 166 11.68 -43.42 -66.30
N SER C 167 10.77 -43.85 -67.19
CA SER C 167 9.36 -43.90 -66.84
C SER C 167 9.07 -44.83 -65.66
N ALA C 168 9.84 -45.91 -65.52
CA ALA C 168 9.65 -46.81 -64.39
C ALA C 168 9.96 -46.13 -63.07
N GLU C 169 11.13 -45.48 -62.98
CA GLU C 169 11.44 -44.73 -61.76
C GLU C 169 10.59 -43.48 -61.64
N ILE C 170 10.05 -42.99 -62.76
CA ILE C 170 9.05 -41.93 -62.70
C ILE C 170 7.83 -42.42 -61.93
N ALA C 171 7.32 -43.60 -62.29
CA ALA C 171 6.19 -44.16 -61.57
C ALA C 171 6.56 -44.46 -60.12
N GLN C 172 7.79 -44.91 -59.88
CA GLN C 172 8.24 -45.19 -58.52
C GLN C 172 8.21 -43.94 -57.65
N VAL C 173 8.79 -42.84 -58.15
CA VAL C 173 8.84 -41.61 -57.37
C VAL C 173 7.45 -41.02 -57.20
N ALA C 174 6.60 -41.16 -58.23
CA ALA C 174 5.20 -40.73 -58.08
C ALA C 174 4.49 -41.55 -57.01
N THR C 175 4.80 -42.83 -56.92
CA THR C 175 4.16 -43.69 -55.92
C THR C 175 4.59 -43.28 -54.52
N ILE C 176 5.89 -43.16 -54.29
CA ILE C 176 6.35 -42.87 -52.93
C ILE C 176 5.99 -41.44 -52.53
N SER C 177 5.95 -40.51 -53.49
CA SER C 177 5.49 -39.16 -53.20
C SER C 177 4.00 -39.12 -52.89
N ALA C 178 3.24 -40.13 -53.31
CA ALA C 178 1.81 -40.20 -53.02
C ALA C 178 1.48 -41.26 -51.97
N ASN C 179 2.36 -41.42 -50.98
CA ASN C 179 2.19 -42.34 -49.86
C ASN C 179 2.13 -43.80 -50.28
N GLY C 180 2.45 -44.11 -51.54
CA GLY C 180 2.50 -45.50 -51.99
C GLY C 180 1.19 -46.19 -52.29
N ASP C 181 0.17 -46.00 -51.44
CA ASP C 181 -1.10 -46.68 -51.64
C ASP C 181 -1.83 -46.18 -52.89
N GLN C 182 -1.48 -44.99 -53.37
CA GLN C 182 -2.14 -44.39 -54.54
C GLN C 182 -1.50 -44.94 -55.81
N HIS C 183 -1.77 -46.22 -56.06
CA HIS C 183 -1.23 -46.88 -57.25
C HIS C 183 -1.88 -46.35 -58.53
N ILE C 184 -3.21 -46.21 -58.52
CA ILE C 184 -3.86 -45.61 -59.69
C ILE C 184 -3.37 -44.19 -59.90
N GLY C 185 -3.14 -43.46 -58.80
CA GLY C 185 -2.62 -42.11 -58.92
C GLY C 185 -1.23 -42.06 -59.52
N LYS C 186 -0.35 -42.99 -59.11
CA LYS C 186 0.99 -42.98 -59.66
C LYS C 186 1.00 -43.41 -61.12
N LEU C 187 0.14 -44.36 -61.51
CA LEU C 187 0.03 -44.69 -62.92
C LEU C 187 -0.47 -43.50 -63.73
N ILE C 188 -1.46 -42.79 -63.21
CA ILE C 188 -1.99 -41.60 -63.89
C ILE C 188 -0.90 -40.54 -64.03
N ALA C 189 -0.12 -40.33 -62.97
CA ALA C 189 0.94 -39.34 -63.01
C ALA C 189 2.02 -39.73 -64.01
N SER C 190 2.39 -41.01 -64.06
CA SER C 190 3.40 -41.46 -65.01
C SER C 190 2.90 -41.27 -66.45
N ALA C 191 1.64 -41.63 -66.71
CA ALA C 191 1.10 -41.44 -68.06
C ALA C 191 1.04 -39.96 -68.42
N MET C 192 0.62 -39.12 -67.48
CA MET C 192 0.51 -37.69 -67.74
C MET C 192 1.88 -37.05 -67.94
N GLU C 193 2.92 -37.58 -67.30
CA GLU C 193 4.27 -37.07 -67.51
C GLU C 193 4.84 -37.55 -68.83
N LYS C 194 4.55 -38.80 -69.23
CA LYS C 194 5.03 -39.31 -70.50
C LYS C 194 4.25 -38.74 -71.69
N VAL C 195 3.08 -38.16 -71.45
CA VAL C 195 2.28 -37.58 -72.52
C VAL C 195 2.54 -36.09 -72.65
N GLY C 196 2.44 -35.35 -71.54
CA GLY C 196 2.62 -33.91 -71.56
C GLY C 196 3.59 -33.45 -70.48
N LYS C 197 3.84 -32.15 -70.48
CA LYS C 197 4.75 -31.53 -69.52
C LYS C 197 4.13 -30.40 -68.72
N GLU C 198 3.02 -29.82 -69.18
CA GLU C 198 2.38 -28.73 -68.42
C GLU C 198 1.52 -29.29 -67.29
N GLY C 199 0.49 -30.06 -67.63
CA GLY C 199 -0.32 -30.72 -66.62
C GLY C 199 -1.28 -29.82 -65.88
N VAL C 200 -2.43 -30.38 -65.48
CA VAL C 200 -3.42 -29.65 -64.71
C VAL C 200 -4.37 -30.66 -64.07
N ILE C 201 -5.05 -30.24 -63.01
CA ILE C 201 -6.02 -31.07 -62.31
C ILE C 201 -7.32 -30.29 -62.19
N THR C 202 -8.44 -30.94 -62.48
CA THR C 202 -9.75 -30.31 -62.41
C THR C 202 -10.76 -31.31 -61.85
N VAL C 203 -11.85 -30.76 -61.30
CA VAL C 203 -12.92 -31.56 -60.74
C VAL C 203 -14.26 -31.04 -61.26
N LYS C 204 -15.14 -31.96 -61.63
CA LYS C 204 -16.48 -31.62 -62.13
C LYS C 204 -17.48 -32.50 -61.40
N GLU C 205 -18.39 -31.88 -60.65
CA GLU C 205 -19.45 -32.54 -59.88
C GLU C 205 -18.99 -33.83 -59.21
N GLY C 206 -19.83 -34.87 -59.24
CA GLY C 206 -19.49 -36.11 -58.57
C GLY C 206 -18.31 -36.82 -59.21
N LYS C 207 -18.30 -36.91 -60.54
CA LYS C 207 -17.24 -37.58 -61.30
C LYS C 207 -17.10 -39.04 -60.86
N THR C 208 -18.16 -39.80 -61.12
CA THR C 208 -18.19 -41.21 -60.75
C THR C 208 -17.28 -42.08 -61.60
N LEU C 209 -16.49 -41.50 -62.49
CA LEU C 209 -15.59 -42.27 -63.33
C LEU C 209 -14.43 -42.83 -62.51
N GLN C 210 -13.55 -43.56 -63.19
CA GLN C 210 -12.43 -44.24 -62.55
C GLN C 210 -11.10 -43.52 -62.80
N ASP C 211 -11.12 -42.19 -62.78
CA ASP C 211 -9.93 -41.36 -62.95
C ASP C 211 -9.24 -41.63 -64.29
N GLU C 212 -9.97 -41.33 -65.36
CA GLU C 212 -9.45 -41.51 -66.72
C GLU C 212 -8.77 -40.23 -67.19
N LEU C 213 -7.64 -40.40 -67.88
CA LEU C 213 -6.87 -39.27 -68.38
C LEU C 213 -7.21 -39.00 -69.84
N GLU C 214 -6.81 -37.82 -70.31
CA GLU C 214 -7.07 -37.42 -71.69
C GLU C 214 -6.06 -36.36 -72.09
N VAL C 215 -5.95 -36.16 -73.41
CA VAL C 215 -5.07 -35.15 -73.98
C VAL C 215 -5.93 -34.15 -74.73
N THR C 216 -5.81 -32.87 -74.39
CA THR C 216 -6.62 -31.82 -75.00
C THR C 216 -5.77 -30.59 -75.24
N GLU C 217 -5.93 -29.99 -76.42
CA GLU C 217 -5.23 -28.74 -76.75
C GLU C 217 -5.76 -27.61 -75.88
N GLY C 218 -4.85 -26.76 -75.43
CA GLY C 218 -5.26 -25.64 -74.59
C GLY C 218 -4.12 -24.66 -74.39
N MET C 219 -4.38 -23.69 -73.52
CA MET C 219 -3.42 -22.63 -73.22
C MET C 219 -3.35 -22.42 -71.70
N ARG C 220 -2.22 -21.88 -71.24
CA ARG C 220 -2.00 -21.67 -69.82
C ARG C 220 -1.23 -20.36 -69.63
N PHE C 221 -1.61 -19.62 -68.59
CA PHE C 221 -0.85 -18.44 -68.18
C PHE C 221 -1.09 -18.22 -66.69
N ASP C 222 -0.18 -17.49 -66.07
CA ASP C 222 -0.18 -17.25 -64.62
C ASP C 222 -0.59 -15.80 -64.36
N ARG C 223 -1.90 -15.57 -64.24
CA ARG C 223 -2.41 -14.25 -63.89
C ARG C 223 -3.81 -14.43 -63.27
N GLY C 224 -3.87 -14.34 -61.95
CA GLY C 224 -5.12 -14.54 -61.23
C GLY C 224 -6.00 -13.30 -61.23
N PHE C 225 -7.12 -13.41 -60.55
CA PHE C 225 -8.06 -12.30 -60.45
C PHE C 225 -7.46 -11.16 -59.63
N VAL C 226 -7.82 -9.93 -59.99
CA VAL C 226 -7.36 -8.77 -59.24
C VAL C 226 -8.00 -8.73 -57.86
N SER C 227 -9.27 -9.12 -57.77
CA SER C 227 -10.01 -9.05 -56.51
C SER C 227 -10.34 -10.45 -56.01
N PRO C 228 -10.33 -10.67 -54.69
CA PRO C 228 -10.64 -12.00 -54.15
C PRO C 228 -12.13 -12.31 -54.02
N TYR C 229 -13.01 -11.43 -54.51
CA TYR C 229 -14.45 -11.63 -54.39
C TYR C 229 -15.07 -12.24 -55.63
N PHE C 230 -14.28 -12.56 -56.66
CA PHE C 230 -14.83 -13.07 -57.91
C PHE C 230 -15.13 -14.56 -57.87
N ILE C 231 -14.63 -15.30 -56.89
CA ILE C 231 -14.85 -16.74 -56.79
C ILE C 231 -15.49 -17.01 -55.44
N THR C 232 -16.69 -17.61 -55.46
CA THR C 232 -17.36 -17.96 -54.21
C THR C 232 -16.63 -19.08 -53.48
N ASP C 233 -16.22 -20.11 -54.21
CA ASP C 233 -15.50 -21.24 -53.62
C ASP C 233 -13.99 -21.04 -53.69
N ALA C 234 -13.51 -19.93 -53.13
CA ALA C 234 -12.08 -19.63 -53.15
C ALA C 234 -11.27 -20.57 -52.28
N LYS C 235 -11.93 -21.29 -51.36
CA LYS C 235 -11.21 -22.22 -50.49
C LYS C 235 -10.60 -23.37 -51.30
N ALA C 236 -11.33 -23.87 -52.28
CA ALA C 236 -10.86 -25.00 -53.09
C ALA C 236 -10.78 -24.71 -54.58
N GLN C 237 -11.20 -23.52 -55.02
CA GLN C 237 -11.18 -23.13 -56.44
C GLN C 237 -11.97 -24.13 -57.28
N LYS C 238 -13.26 -24.22 -56.98
CA LYS C 238 -14.13 -25.14 -57.70
C LYS C 238 -14.31 -24.72 -59.15
N VAL C 239 -14.55 -25.70 -60.02
CA VAL C 239 -14.75 -25.47 -61.43
C VAL C 239 -16.24 -25.40 -61.70
N GLU C 240 -16.71 -24.24 -62.18
CA GLU C 240 -18.12 -24.03 -62.48
C GLU C 240 -18.30 -23.31 -63.81
N PHE C 241 -17.33 -23.46 -64.71
CA PHE C 241 -17.35 -22.82 -66.02
C PHE C 241 -17.43 -23.91 -67.08
N GLU C 242 -18.65 -24.28 -67.47
CA GLU C 242 -18.89 -25.27 -68.51
C GLU C 242 -19.24 -24.53 -69.80
N LYS C 243 -18.41 -24.73 -70.83
CA LYS C 243 -18.52 -24.02 -72.09
C LYS C 243 -18.66 -22.51 -71.88
N PRO C 244 -17.63 -21.86 -71.33
CA PRO C 244 -17.75 -20.43 -71.02
C PRO C 244 -17.26 -19.52 -72.14
N LEU C 245 -18.00 -18.44 -72.37
CA LEU C 245 -17.57 -17.43 -73.31
C LEU C 245 -16.42 -16.60 -72.72
N ILE C 246 -15.58 -16.08 -73.60
CA ILE C 246 -14.42 -15.31 -73.19
C ILE C 246 -14.37 -14.01 -73.98
N LEU C 247 -13.70 -13.02 -73.41
CA LEU C 247 -13.55 -11.70 -74.02
C LEU C 247 -12.08 -11.38 -74.19
N LEU C 248 -11.73 -10.85 -75.35
CA LEU C 248 -10.35 -10.48 -75.67
C LEU C 248 -10.27 -8.97 -75.86
N SER C 249 -9.34 -8.34 -75.14
CA SER C 249 -9.15 -6.90 -75.24
C SER C 249 -7.70 -6.56 -74.91
N GLU C 250 -7.25 -5.42 -75.40
CA GLU C 250 -5.89 -4.95 -75.17
C GLU C 250 -5.81 -3.56 -74.56
N GLN C 251 -6.70 -2.65 -74.98
CA GLN C 251 -6.68 -1.29 -74.47
C GLN C 251 -7.26 -1.25 -73.05
N LYS C 252 -7.04 -0.11 -72.38
CA LYS C 252 -7.52 0.06 -71.02
C LYS C 252 -9.04 0.09 -70.98
N ILE C 253 -9.60 -0.51 -69.93
CA ILE C 253 -11.04 -0.51 -69.70
C ILE C 253 -11.28 0.18 -68.37
N SER C 254 -11.96 1.33 -68.40
CA SER C 254 -12.27 2.08 -67.19
C SER C 254 -13.67 2.63 -67.14
N ALA C 255 -14.50 2.41 -68.16
CA ALA C 255 -15.86 2.93 -68.19
C ALA C 255 -16.83 1.82 -68.57
N ALA C 256 -18.10 2.04 -68.20
CA ALA C 256 -19.16 1.08 -68.47
C ALA C 256 -19.86 1.33 -69.80
N THR C 257 -19.38 2.28 -70.60
CA THR C 257 -20.05 2.60 -71.85
C THR C 257 -19.99 1.44 -72.84
N ASP C 258 -18.85 0.75 -72.92
CA ASP C 258 -18.63 -0.27 -73.93
C ASP C 258 -18.47 -1.66 -73.34
N ILE C 259 -18.87 -1.87 -72.08
CA ILE C 259 -18.78 -3.19 -71.46
C ILE C 259 -20.11 -3.64 -70.87
N ILE C 260 -21.05 -2.71 -70.67
CA ILE C 260 -22.35 -3.09 -70.10
C ILE C 260 -23.11 -4.08 -70.97
N PRO C 261 -23.24 -3.89 -72.30
CA PRO C 261 -24.04 -4.86 -73.08
C PRO C 261 -23.55 -6.29 -72.98
N ALA C 262 -22.23 -6.50 -72.88
CA ALA C 262 -21.70 -7.86 -72.83
C ALA C 262 -22.17 -8.59 -71.58
N LEU C 263 -21.98 -7.98 -70.41
CA LEU C 263 -22.39 -8.63 -69.16
C LEU C 263 -23.90 -8.77 -69.09
N GLU C 264 -24.65 -7.77 -69.58
CA GLU C 264 -26.10 -7.85 -69.55
C GLU C 264 -26.60 -9.00 -70.41
N ILE C 265 -26.06 -9.16 -71.62
CA ILE C 265 -26.51 -10.25 -72.48
C ILE C 265 -26.05 -11.60 -71.92
N SER C 266 -24.87 -11.64 -71.30
CA SER C 266 -24.40 -12.88 -70.70
C SER C 266 -25.32 -13.31 -69.56
N HIS C 267 -25.77 -12.37 -68.74
CA HIS C 267 -26.75 -12.69 -67.71
C HIS C 267 -28.09 -13.05 -68.33
N LYS C 268 -28.44 -12.43 -69.46
CA LYS C 268 -29.71 -12.75 -70.12
C LYS C 268 -29.76 -14.19 -70.59
N MET C 269 -28.69 -14.67 -71.23
CA MET C 269 -28.66 -16.07 -71.65
C MET C 269 -28.08 -17.00 -70.59
N ARG C 270 -27.66 -16.47 -69.45
CA ARG C 270 -27.12 -17.27 -68.34
C ARG C 270 -25.90 -18.07 -68.79
N ARG C 271 -24.90 -17.35 -69.30
CA ARG C 271 -23.65 -17.96 -69.75
C ARG C 271 -22.47 -17.30 -69.06
N PRO C 272 -21.43 -18.07 -68.74
CA PRO C 272 -20.24 -17.48 -68.11
C PRO C 272 -19.48 -16.57 -69.06
N LEU C 273 -18.79 -15.59 -68.47
CA LEU C 273 -18.00 -14.66 -69.25
C LEU C 273 -16.82 -14.19 -68.40
N VAL C 274 -15.78 -13.69 -69.08
CA VAL C 274 -14.59 -13.17 -68.43
C VAL C 274 -14.31 -11.77 -68.95
N ILE C 275 -13.52 -11.03 -68.18
CA ILE C 275 -13.15 -9.66 -68.51
C ILE C 275 -11.64 -9.54 -68.42
N ILE C 276 -11.01 -9.01 -69.48
CA ILE C 276 -9.57 -8.79 -69.53
C ILE C 276 -9.36 -7.29 -69.60
N ALA C 277 -9.01 -6.68 -68.46
CA ALA C 277 -8.80 -5.24 -68.37
C ALA C 277 -7.45 -4.96 -67.71
N GLU C 278 -6.76 -3.95 -68.22
CA GLU C 278 -5.48 -3.58 -67.65
C GLU C 278 -5.62 -3.10 -66.21
N ASP C 279 -6.64 -2.27 -65.94
CA ASP C 279 -6.88 -1.77 -64.60
C ASP C 279 -8.35 -1.41 -64.49
N ILE C 280 -9.10 -2.17 -63.69
CA ILE C 280 -10.53 -1.94 -63.48
C ILE C 280 -10.80 -1.89 -61.98
N ASP C 281 -11.54 -0.88 -61.56
CA ASP C 281 -11.90 -0.72 -60.15
C ASP C 281 -13.20 -1.40 -59.77
N GLY C 282 -13.88 -2.04 -60.72
CA GLY C 282 -15.12 -2.73 -60.43
C GLY C 282 -16.32 -1.85 -60.19
N GLU C 283 -16.38 -0.68 -60.85
CA GLU C 283 -17.54 0.18 -60.69
C GLU C 283 -18.80 -0.48 -61.25
N ALA C 284 -18.67 -1.16 -62.40
CA ALA C 284 -19.81 -1.88 -62.96
C ALA C 284 -20.25 -3.01 -62.04
N LEU C 285 -19.28 -3.73 -61.45
CA LEU C 285 -19.61 -4.79 -60.51
C LEU C 285 -20.35 -4.24 -59.29
N ALA C 286 -19.88 -3.11 -58.75
CA ALA C 286 -20.55 -2.50 -57.60
C ALA C 286 -21.96 -2.05 -57.95
N VAL C 287 -22.13 -1.46 -59.14
CA VAL C 287 -23.45 -1.02 -59.57
C VAL C 287 -24.39 -2.21 -59.70
N CYS C 288 -23.91 -3.29 -60.32
CA CYS C 288 -24.73 -4.49 -60.47
C CYS C 288 -25.10 -5.07 -59.11
N ILE C 289 -24.14 -5.10 -58.18
CA ILE C 289 -24.40 -5.67 -56.86
C ILE C 289 -25.44 -4.84 -56.11
N LEU C 290 -25.31 -3.52 -56.14
CA LEU C 290 -26.27 -2.67 -55.45
C LEU C 290 -27.64 -2.72 -56.10
N ASN C 291 -27.71 -2.88 -57.43
CA ASN C 291 -28.99 -3.10 -58.08
C ASN C 291 -29.60 -4.43 -57.64
N LYS C 292 -28.78 -5.47 -57.55
CA LYS C 292 -29.19 -6.76 -57.04
C LYS C 292 -27.95 -7.51 -56.58
N LEU C 293 -27.91 -7.87 -55.29
CA LEU C 293 -26.78 -8.58 -54.69
C LEU C 293 -26.40 -9.84 -55.45
N ARG C 294 -25.21 -10.37 -55.15
CA ARG C 294 -24.63 -11.48 -55.91
C ARG C 294 -25.61 -12.62 -56.08
N GLY C 295 -25.58 -13.24 -57.26
CA GLY C 295 -26.49 -14.32 -57.60
C GLY C 295 -27.13 -14.13 -58.96
N GLN C 296 -26.61 -13.19 -59.74
CA GLN C 296 -27.14 -12.91 -61.07
C GLN C 296 -26.11 -12.97 -62.18
N LEU C 297 -24.82 -12.88 -61.88
CA LEU C 297 -23.78 -12.93 -62.90
C LEU C 297 -22.49 -13.42 -62.29
N GLU C 298 -21.59 -13.89 -63.15
CA GLU C 298 -20.28 -14.40 -62.74
C GLU C 298 -19.22 -13.44 -63.26
N VAL C 299 -18.64 -12.65 -62.36
CA VAL C 299 -17.61 -11.68 -62.72
C VAL C 299 -16.24 -12.35 -62.69
N ALA C 300 -15.50 -12.23 -63.79
CA ALA C 300 -14.17 -12.80 -63.90
C ALA C 300 -13.26 -11.75 -64.56
N ALA C 301 -12.49 -11.05 -63.74
CA ALA C 301 -11.58 -10.00 -64.22
C ALA C 301 -10.14 -10.48 -64.03
N VAL C 302 -9.38 -10.48 -65.10
CA VAL C 302 -7.98 -10.88 -65.08
C VAL C 302 -7.15 -9.80 -65.78
N LYS C 303 -6.10 -9.33 -65.12
CA LYS C 303 -5.25 -8.31 -65.69
C LYS C 303 -4.50 -8.84 -66.91
N ALA C 304 -4.36 -7.98 -67.91
CA ALA C 304 -3.64 -8.37 -69.12
C ALA C 304 -2.14 -8.53 -68.82
N PRO C 305 -1.48 -9.46 -69.49
CA PRO C 305 -0.05 -9.66 -69.25
C PRO C 305 0.79 -8.54 -69.86
N GLY C 306 2.10 -8.64 -69.63
CA GLY C 306 3.06 -7.72 -70.21
C GLY C 306 3.58 -8.23 -71.53
N PHE C 307 4.84 -7.88 -71.82
CA PHE C 307 5.53 -8.32 -73.03
C PHE C 307 4.76 -7.89 -74.28
N GLY C 308 4.73 -6.58 -74.49
CA GLY C 308 3.91 -5.95 -75.51
C GLY C 308 3.79 -6.66 -76.85
N ASP C 309 4.89 -6.86 -77.55
CA ASP C 309 4.84 -7.62 -78.81
C ASP C 309 4.44 -9.07 -78.56
N ASN C 310 5.00 -9.68 -77.52
CA ASN C 310 4.58 -11.02 -77.14
C ASN C 310 3.14 -11.03 -76.65
N ARG C 311 2.68 -9.93 -76.06
CA ARG C 311 1.27 -9.82 -75.69
C ARG C 311 0.37 -9.84 -76.93
N LYS C 312 0.75 -9.11 -77.97
CA LYS C 312 0.00 -9.16 -79.23
C LYS C 312 0.03 -10.56 -79.82
N SER C 313 1.19 -11.22 -79.77
CA SER C 313 1.29 -12.58 -80.29
C SER C 313 0.39 -13.54 -79.52
N ILE C 314 0.38 -13.43 -78.19
CA ILE C 314 -0.43 -14.33 -77.37
C ILE C 314 -1.92 -14.03 -77.57
N LEU C 315 -2.27 -12.76 -77.78
CA LEU C 315 -3.66 -12.42 -78.08
C LEU C 315 -4.09 -13.02 -79.41
N GLY C 316 -3.23 -12.92 -80.42
CA GLY C 316 -3.54 -13.58 -81.69
C GLY C 316 -3.66 -15.07 -81.54
N ASP C 317 -2.81 -15.68 -80.72
CA ASP C 317 -2.87 -17.13 -80.52
C ASP C 317 -4.16 -17.56 -79.83
N ILE C 318 -4.56 -16.84 -78.77
CA ILE C 318 -5.78 -17.23 -78.08
C ILE C 318 -7.00 -16.96 -78.96
N ALA C 319 -6.97 -15.89 -79.76
CA ALA C 319 -8.05 -15.66 -80.70
C ALA C 319 -8.13 -16.78 -81.73
N VAL C 320 -6.98 -17.21 -82.25
CA VAL C 320 -6.95 -18.29 -83.23
C VAL C 320 -7.51 -19.57 -82.62
N LEU C 321 -7.13 -19.86 -81.37
CA LEU C 321 -7.62 -21.07 -80.72
C LEU C 321 -9.12 -21.01 -80.46
N THR C 322 -9.60 -19.90 -79.91
CA THR C 322 -11.00 -19.80 -79.48
C THR C 322 -11.77 -18.69 -80.19
N ASN C 323 -11.26 -17.46 -80.20
CA ASN C 323 -12.09 -16.31 -80.56
C ASN C 323 -12.04 -16.01 -82.06
N GLY C 324 -10.85 -15.70 -82.58
CA GLY C 324 -10.70 -15.25 -83.94
C GLY C 324 -10.81 -13.76 -84.14
N THR C 325 -11.15 -12.99 -83.10
CA THR C 325 -11.27 -11.55 -83.19
C THR C 325 -10.85 -10.93 -81.87
N VAL C 326 -10.01 -9.90 -81.94
CA VAL C 326 -9.55 -9.18 -80.76
C VAL C 326 -10.11 -7.76 -80.81
N PHE C 327 -10.04 -7.09 -79.66
CA PHE C 327 -10.54 -5.72 -79.52
C PHE C 327 -9.37 -4.77 -79.33
N THR C 328 -9.28 -3.77 -80.20
CA THR C 328 -8.23 -2.76 -80.13
C THR C 328 -8.64 -1.58 -80.98
N ASN C 329 -8.57 -0.38 -80.39
CA ASN C 329 -8.95 0.83 -81.14
C ASN C 329 -8.01 1.08 -82.31
N GLU C 330 -6.72 0.73 -82.16
CA GLU C 330 -5.79 0.88 -83.28
C GLU C 330 -6.19 -0.01 -84.44
N LEU C 331 -6.63 -1.23 -84.16
CA LEU C 331 -7.13 -2.13 -85.19
C LEU C 331 -8.48 -1.64 -85.71
N ASP C 332 -8.83 -2.08 -86.91
CA ASP C 332 -10.06 -1.63 -87.56
C ASP C 332 -11.32 -2.06 -86.84
N VAL C 333 -11.23 -3.01 -85.90
CA VAL C 333 -12.39 -3.45 -85.15
C VAL C 333 -12.88 -2.33 -84.26
N LYS C 334 -14.19 -2.07 -84.30
CA LYS C 334 -14.78 -1.00 -83.50
C LYS C 334 -14.82 -1.40 -82.03
N LEU C 335 -14.59 -0.45 -81.14
CA LEU C 335 -14.54 -0.76 -79.71
C LEU C 335 -15.93 -1.01 -79.14
N GLU C 336 -16.98 -0.43 -79.73
CA GLU C 336 -18.34 -0.59 -79.24
C GLU C 336 -19.11 -1.68 -79.98
N LYS C 337 -18.44 -2.74 -80.41
CA LYS C 337 -19.07 -3.85 -81.11
C LYS C 337 -19.23 -5.07 -80.21
N VAL C 338 -19.58 -4.86 -78.94
CA VAL C 338 -19.68 -5.96 -77.99
C VAL C 338 -20.99 -6.72 -78.19
N THR C 339 -20.94 -7.74 -79.04
CA THR C 339 -22.05 -8.64 -79.32
C THR C 339 -21.58 -10.07 -79.22
N PRO C 340 -22.48 -11.00 -78.88
CA PRO C 340 -22.07 -12.42 -78.81
C PRO C 340 -21.77 -13.06 -80.15
N ASP C 341 -21.75 -12.29 -81.24
CA ASP C 341 -21.52 -12.89 -82.56
C ASP C 341 -20.08 -13.39 -82.70
N MET C 342 -19.11 -12.56 -82.35
CA MET C 342 -17.70 -12.90 -82.50
C MET C 342 -17.02 -13.25 -81.19
N LEU C 343 -17.77 -13.32 -80.09
CA LEU C 343 -17.19 -13.70 -78.81
C LEU C 343 -16.67 -15.13 -78.85
N GLY C 344 -15.48 -15.33 -78.27
CA GLY C 344 -14.87 -16.64 -78.29
C GLY C 344 -15.51 -17.59 -77.28
N SER C 345 -15.23 -18.88 -77.47
CA SER C 345 -15.76 -19.92 -76.61
C SER C 345 -14.78 -21.06 -76.52
N THR C 346 -14.93 -21.88 -75.49
CA THR C 346 -14.08 -23.03 -75.27
C THR C 346 -14.88 -24.12 -74.59
N GLY C 347 -14.36 -25.35 -74.65
CA GLY C 347 -15.04 -26.46 -74.01
C GLY C 347 -15.13 -26.32 -72.51
N SER C 348 -14.02 -25.92 -71.87
CA SER C 348 -14.00 -25.69 -70.44
C SER C 348 -12.80 -24.82 -70.10
N ILE C 349 -12.97 -24.02 -69.04
CA ILE C 349 -11.91 -23.13 -68.57
C ILE C 349 -11.76 -23.29 -67.07
N THR C 350 -10.58 -22.93 -66.56
CA THR C 350 -10.30 -23.01 -65.13
C THR C 350 -9.37 -21.85 -64.79
N ILE C 351 -9.89 -20.85 -64.08
CA ILE C 351 -9.12 -19.69 -63.68
C ILE C 351 -9.14 -19.60 -62.15
N THR C 352 -7.96 -19.53 -61.54
CA THR C 352 -7.86 -19.42 -60.10
C THR C 352 -7.00 -18.21 -59.73
N LYS C 353 -6.66 -18.08 -58.44
CA LYS C 353 -6.06 -16.84 -57.94
C LYS C 353 -4.62 -16.65 -58.38
N GLU C 354 -3.98 -17.67 -58.95
CA GLU C 354 -2.59 -17.56 -59.38
C GLU C 354 -2.35 -17.82 -60.86
N ASP C 355 -3.18 -18.62 -61.51
CA ASP C 355 -2.98 -18.90 -62.93
C ASP C 355 -4.31 -19.24 -63.58
N THR C 356 -4.33 -19.19 -64.91
CA THR C 356 -5.51 -19.50 -65.70
C THR C 356 -5.24 -20.74 -66.54
N ILE C 357 -6.25 -21.60 -66.65
CA ILE C 357 -6.16 -22.83 -67.44
C ILE C 357 -7.20 -22.75 -68.54
N ILE C 358 -6.76 -22.83 -69.79
CA ILE C 358 -7.64 -22.82 -70.95
C ILE C 358 -7.45 -24.13 -71.70
N LEU C 359 -8.55 -24.71 -72.16
CA LEU C 359 -8.51 -26.00 -72.82
C LEU C 359 -9.73 -26.14 -73.73
N ASN C 360 -9.61 -27.03 -74.72
CA ASN C 360 -10.66 -27.32 -75.69
C ASN C 360 -11.06 -26.05 -76.47
N GLY C 361 -10.09 -25.55 -77.23
CA GLY C 361 -10.36 -24.42 -78.09
C GLY C 361 -11.42 -24.75 -79.13
N ASP C 362 -12.30 -23.79 -79.37
CA ASP C 362 -13.43 -23.98 -80.28
C ASP C 362 -13.17 -23.49 -81.69
N GLY C 363 -11.95 -23.02 -81.99
CA GLY C 363 -11.66 -22.53 -83.32
C GLY C 363 -11.56 -23.64 -84.34
N SER C 364 -11.65 -23.25 -85.61
CA SER C 364 -11.58 -24.21 -86.70
C SER C 364 -10.17 -24.79 -86.78
N LYS C 365 -10.09 -26.13 -86.85
CA LYS C 365 -8.79 -26.78 -86.87
C LYS C 365 -8.08 -26.62 -88.21
N ASP C 366 -8.84 -26.45 -89.29
CA ASP C 366 -8.22 -26.28 -90.60
C ASP C 366 -7.41 -24.99 -90.66
N ALA C 367 -8.00 -23.88 -90.23
CA ALA C 367 -7.27 -22.61 -90.21
C ALA C 367 -6.12 -22.64 -89.22
N ILE C 368 -6.28 -23.35 -88.10
CA ILE C 368 -5.20 -23.48 -87.13
C ILE C 368 -4.02 -24.21 -87.77
N ALA C 369 -4.30 -25.29 -88.50
CA ALA C 369 -3.24 -26.02 -89.18
C ALA C 369 -2.59 -25.18 -90.27
N GLN C 370 -3.40 -24.39 -91.00
CA GLN C 370 -2.85 -23.52 -92.02
C GLN C 370 -1.90 -22.49 -91.43
N ARG C 371 -2.30 -21.86 -90.32
CA ARG C 371 -1.43 -20.90 -89.66
C ARG C 371 -0.18 -21.56 -89.07
N CYS C 372 -0.33 -22.78 -88.55
CA CYS C 372 0.83 -23.50 -88.04
C CYS C 372 1.83 -23.80 -89.15
N GLU C 373 1.35 -24.22 -90.31
CA GLU C 373 2.26 -24.48 -91.42
C GLU C 373 2.86 -23.19 -91.96
N GLN C 374 2.12 -22.07 -91.91
CA GLN C 374 2.68 -20.78 -92.28
C GLN C 374 3.82 -20.40 -91.34
N ILE C 375 3.63 -20.61 -90.04
CA ILE C 375 4.69 -20.34 -89.07
C ILE C 375 5.90 -21.25 -89.32
N ARG C 376 5.64 -22.53 -89.62
CA ARG C 376 6.72 -23.47 -89.90
C ARG C 376 7.53 -23.02 -91.12
N GLY C 377 6.84 -22.56 -92.17
CA GLY C 377 7.53 -22.01 -93.32
C GLY C 377 8.29 -20.74 -93.00
N ALA C 378 7.75 -19.92 -92.10
CA ALA C 378 8.46 -18.73 -91.66
C ALA C 378 9.73 -19.09 -90.88
N MET C 379 9.75 -20.26 -90.24
CA MET C 379 10.95 -20.71 -89.54
C MET C 379 12.12 -20.94 -90.48
N ASN C 380 11.87 -21.09 -91.79
CA ASN C 380 12.93 -21.38 -92.73
C ASN C 380 13.69 -20.14 -93.19
N ASP C 381 13.21 -18.95 -92.84
CA ASP C 381 13.89 -17.72 -93.26
C ASP C 381 15.05 -17.42 -92.31
N PRO C 382 16.29 -17.39 -92.79
CA PRO C 382 17.41 -17.04 -91.90
C PRO C 382 17.39 -15.61 -91.41
N SER C 383 16.62 -14.72 -92.04
CA SER C 383 16.59 -13.31 -91.70
C SER C 383 15.57 -12.98 -90.62
N THR C 384 14.87 -13.98 -90.08
CA THR C 384 13.89 -13.73 -89.03
C THR C 384 14.57 -13.20 -87.77
N SER C 385 13.89 -12.30 -87.08
CA SER C 385 14.44 -11.72 -85.86
C SER C 385 14.62 -12.78 -84.78
N GLU C 386 15.70 -12.66 -84.01
CA GLU C 386 16.01 -13.66 -82.99
C GLU C 386 14.93 -13.68 -81.90
N TYR C 387 14.50 -12.51 -81.44
CA TYR C 387 13.47 -12.45 -80.41
C TYR C 387 12.16 -13.05 -80.91
N GLU C 388 11.76 -12.68 -82.13
CA GLU C 388 10.55 -13.26 -82.71
C GLU C 388 10.70 -14.75 -82.91
N LYS C 389 11.89 -15.20 -83.33
CA LYS C 389 12.12 -16.63 -83.53
C LYS C 389 11.96 -17.40 -82.24
N GLU C 390 12.57 -16.91 -81.15
CA GLU C 390 12.46 -17.63 -79.88
C GLU C 390 11.06 -17.55 -79.30
N LYS C 391 10.38 -16.42 -79.47
CA LYS C 391 9.00 -16.31 -79.00
C LYS C 391 8.09 -17.30 -79.73
N LEU C 392 8.23 -17.40 -81.05
CA LEU C 392 7.42 -18.36 -81.79
C LEU C 392 7.84 -19.80 -81.49
N GLN C 393 9.12 -20.03 -81.20
CA GLN C 393 9.56 -21.37 -80.83
C GLN C 393 8.95 -21.81 -79.51
N GLU C 394 8.95 -20.93 -78.49
CA GLU C 394 8.31 -21.29 -77.23
C GLU C 394 6.80 -21.38 -77.38
N ARG C 395 6.21 -20.57 -78.28
CA ARG C 395 4.80 -20.74 -78.60
C ARG C 395 4.53 -22.14 -79.16
N LEU C 396 5.36 -22.59 -80.08
CA LEU C 396 5.23 -23.95 -80.61
C LEU C 396 5.38 -24.98 -79.50
N ALA C 397 6.36 -24.79 -78.62
CA ALA C 397 6.60 -25.75 -77.54
C ALA C 397 5.40 -25.85 -76.61
N LYS C 398 4.78 -24.72 -76.29
CA LYS C 398 3.67 -24.70 -75.34
C LYS C 398 2.31 -24.89 -76.01
N LEU C 399 2.25 -24.94 -77.34
CA LEU C 399 0.99 -25.15 -78.04
C LEU C 399 0.87 -26.53 -78.68
N SER C 400 1.93 -27.02 -79.32
CA SER C 400 1.86 -28.32 -79.99
C SER C 400 1.66 -29.45 -79.00
N GLY C 401 2.31 -29.37 -77.84
CA GLY C 401 2.22 -30.42 -76.84
C GLY C 401 0.81 -30.62 -76.29
N GLY C 402 0.13 -29.53 -76.01
CA GLY C 402 -1.22 -29.60 -75.48
C GLY C 402 -1.22 -29.61 -73.96
N VAL C 403 -2.37 -29.27 -73.40
CA VAL C 403 -2.52 -29.22 -71.94
C VAL C 403 -2.92 -30.61 -71.44
N ALA C 404 -2.13 -31.17 -70.53
CA ALA C 404 -2.42 -32.47 -69.96
C ALA C 404 -3.49 -32.32 -68.88
N VAL C 405 -4.67 -32.86 -69.13
CA VAL C 405 -5.81 -32.76 -68.23
C VAL C 405 -6.18 -34.15 -67.75
N ILE C 406 -6.39 -34.30 -66.44
CA ILE C 406 -6.80 -35.56 -65.84
C ILE C 406 -8.13 -35.34 -65.14
N LYS C 407 -9.10 -36.19 -65.46
CA LYS C 407 -10.41 -36.14 -64.83
C LYS C 407 -10.38 -37.02 -63.59
N VAL C 408 -10.33 -36.39 -62.41
CA VAL C 408 -10.28 -37.13 -61.16
C VAL C 408 -11.60 -37.86 -60.93
N GLY C 409 -11.55 -38.92 -60.14
CA GLY C 409 -12.71 -39.71 -59.82
C GLY C 409 -13.07 -39.64 -58.35
N GLY C 410 -14.13 -40.37 -58.00
CA GLY C 410 -14.59 -40.42 -56.63
C GLY C 410 -16.05 -40.76 -56.56
N SER C 411 -16.51 -41.01 -55.34
CA SER C 411 -17.90 -41.36 -55.07
C SER C 411 -18.72 -40.17 -54.60
N SER C 412 -18.34 -39.55 -53.48
CA SER C 412 -19.06 -38.43 -52.92
C SER C 412 -18.28 -37.13 -53.16
N GLU C 413 -18.91 -36.02 -52.77
CA GLU C 413 -18.27 -34.71 -52.94
C GLU C 413 -17.02 -34.61 -52.07
N VAL C 414 -17.10 -35.04 -50.81
CA VAL C 414 -15.93 -34.98 -49.94
C VAL C 414 -14.86 -35.96 -50.42
N GLU C 415 -15.27 -37.12 -50.92
CA GLU C 415 -14.30 -38.10 -51.42
C GLU C 415 -13.58 -37.56 -52.66
N VAL C 416 -14.32 -36.98 -53.61
CA VAL C 416 -13.67 -36.44 -54.79
C VAL C 416 -12.81 -35.23 -54.42
N GLY C 417 -13.23 -34.45 -53.42
CA GLY C 417 -12.40 -33.33 -52.99
C GLY C 417 -11.08 -33.78 -52.38
N GLU C 418 -11.12 -34.77 -51.48
CA GLU C 418 -9.88 -35.25 -50.88
C GLU C 418 -9.00 -35.92 -51.93
N LYS C 419 -9.62 -36.61 -52.90
CA LYS C 419 -8.84 -37.18 -53.99
C LYS C 419 -8.16 -36.08 -54.82
N LYS C 420 -8.87 -34.98 -55.07
CA LYS C 420 -8.29 -33.87 -55.83
C LYS C 420 -7.10 -33.25 -55.09
N ASP C 421 -7.25 -33.00 -53.79
CA ASP C 421 -6.13 -32.46 -53.02
C ASP C 421 -4.95 -33.43 -52.98
N ARG C 422 -5.22 -34.73 -52.78
CA ARG C 422 -4.14 -35.70 -52.78
C ARG C 422 -3.41 -35.70 -54.12
N PHE C 423 -4.17 -35.67 -55.22
CA PHE C 423 -3.58 -35.62 -56.54
C PHE C 423 -2.76 -34.36 -56.74
N VAL C 424 -3.24 -33.22 -56.23
CA VAL C 424 -2.52 -31.98 -56.50
C VAL C 424 -1.20 -31.96 -55.74
N ASP C 425 -1.16 -32.45 -54.49
CA ASP C 425 0.14 -32.47 -53.82
C ASP C 425 1.07 -33.49 -54.45
N ALA C 426 0.52 -34.65 -54.86
CA ALA C 426 1.36 -35.66 -55.51
C ALA C 426 1.98 -35.12 -56.79
N LEU C 427 1.18 -34.46 -57.62
CA LEU C 427 1.71 -33.91 -58.88
C LEU C 427 2.68 -32.76 -58.62
N ASN C 428 2.42 -31.94 -57.60
CA ASN C 428 3.36 -30.86 -57.28
C ASN C 428 4.71 -31.43 -56.88
N ALA C 429 4.71 -32.45 -56.02
CA ALA C 429 5.96 -33.10 -55.63
C ALA C 429 6.64 -33.75 -56.82
N THR C 430 5.87 -34.37 -57.70
CA THR C 430 6.45 -35.01 -58.88
C THR C 430 7.10 -33.98 -59.80
N ARG C 431 6.43 -32.84 -60.02
CA ARG C 431 7.02 -31.78 -60.84
C ARG C 431 8.30 -31.25 -60.23
N ALA C 432 8.29 -31.01 -58.91
CA ALA C 432 9.52 -30.57 -58.26
C ALA C 432 10.64 -31.57 -58.44
N ALA C 433 10.34 -32.86 -58.25
CA ALA C 433 11.36 -33.90 -58.37
C ALA C 433 11.92 -33.98 -59.79
N VAL C 434 11.05 -33.91 -60.80
CA VAL C 434 11.55 -34.03 -62.16
C VAL C 434 12.33 -32.80 -62.57
N GLU C 435 11.91 -31.60 -62.15
CA GLU C 435 12.59 -30.40 -62.60
C GLU C 435 13.91 -30.20 -61.88
N GLU C 436 14.03 -30.71 -60.64
CA GLU C 436 15.28 -30.57 -59.90
C GLU C 436 15.98 -31.89 -59.63
N GLY C 437 15.31 -32.84 -58.98
CA GLY C 437 15.93 -34.08 -58.59
C GLY C 437 15.63 -34.44 -57.15
N ILE C 438 15.74 -35.72 -56.80
CA ILE C 438 15.39 -36.20 -55.47
C ILE C 438 16.66 -36.44 -54.69
N LEU C 439 16.53 -36.38 -53.36
CA LEU C 439 17.60 -36.63 -52.41
C LEU C 439 17.06 -37.44 -51.24
N PRO C 440 17.92 -38.20 -50.55
CA PRO C 440 17.45 -38.95 -49.37
C PRO C 440 16.89 -38.03 -48.30
N GLY C 441 15.63 -38.24 -47.95
CA GLY C 441 14.95 -37.40 -46.99
C GLY C 441 15.33 -37.71 -45.56
N GLY C 442 14.68 -37.02 -44.63
CA GLY C 442 14.95 -37.19 -43.23
C GLY C 442 16.18 -36.48 -42.73
N GLY C 443 16.75 -35.58 -43.52
CA GLY C 443 17.94 -34.85 -43.13
C GLY C 443 19.24 -35.57 -43.37
N THR C 444 19.20 -36.78 -43.93
CA THR C 444 20.44 -37.51 -44.19
C THR C 444 21.31 -36.78 -45.20
N ALA C 445 20.70 -36.24 -46.26
CA ALA C 445 21.46 -35.52 -47.27
C ALA C 445 22.16 -34.30 -46.67
N LEU C 446 21.49 -33.59 -45.75
CA LEU C 446 22.12 -32.45 -45.10
C LEU C 446 23.33 -32.88 -44.30
N ILE C 447 23.23 -33.99 -43.56
CA ILE C 447 24.36 -34.48 -42.78
C ILE C 447 25.53 -34.84 -43.69
N LYS C 448 25.23 -35.57 -44.77
CA LYS C 448 26.30 -35.97 -45.69
C LYS C 448 26.96 -34.76 -46.33
N ALA C 449 26.17 -33.75 -46.71
CA ALA C 449 26.74 -32.54 -47.28
C ALA C 449 27.60 -31.80 -46.27
N SER C 450 27.12 -31.64 -45.04
CA SER C 450 27.88 -30.95 -44.02
C SER C 450 29.16 -31.69 -43.65
N VAL C 451 29.20 -33.01 -43.84
CA VAL C 451 30.39 -33.75 -43.49
C VAL C 451 31.40 -33.80 -44.64
N ASN C 452 30.93 -34.01 -45.88
CA ASN C 452 31.82 -34.19 -47.02
C ASN C 452 32.02 -32.93 -47.86
N ALA C 453 31.47 -31.80 -47.43
CA ALA C 453 31.54 -30.58 -48.23
C ALA C 453 32.36 -29.48 -47.59
N LEU C 454 32.04 -29.10 -46.35
CA LEU C 454 32.68 -27.97 -45.70
C LEU C 454 34.10 -28.26 -45.25
N ASN C 455 34.55 -29.51 -45.27
CA ASN C 455 35.91 -29.83 -44.89
C ASN C 455 36.93 -29.36 -45.90
N ASN C 456 36.50 -29.09 -47.14
CA ASN C 456 37.43 -28.65 -48.18
C ASN C 456 37.62 -27.14 -48.20
N LEU C 457 36.63 -26.38 -47.73
CA LEU C 457 36.73 -24.92 -47.76
C LEU C 457 37.87 -24.43 -46.87
N LYS C 458 38.60 -23.44 -47.35
CA LYS C 458 39.73 -22.86 -46.64
C LYS C 458 39.55 -21.35 -46.59
N PRO C 459 38.76 -20.84 -45.64
CA PRO C 459 38.57 -19.41 -45.53
C PRO C 459 39.87 -18.68 -45.19
N ALA C 460 39.98 -17.45 -45.67
CA ALA C 460 41.21 -16.68 -45.49
C ALA C 460 41.34 -16.18 -44.06
N ASN C 461 40.40 -15.36 -43.61
CA ASN C 461 40.46 -14.78 -42.27
C ASN C 461 39.86 -15.77 -41.26
N PHE C 462 39.64 -15.28 -40.04
CA PHE C 462 39.20 -16.13 -38.94
C PHE C 462 37.69 -16.15 -38.77
N ASP C 463 37.04 -15.00 -38.91
CA ASP C 463 35.58 -14.95 -38.75
C ASP C 463 34.87 -15.72 -39.84
N GLN C 464 35.45 -15.81 -41.04
CA GLN C 464 34.88 -16.67 -42.07
C GLN C 464 34.91 -18.13 -41.65
N GLN C 465 36.02 -18.56 -41.03
CA GLN C 465 36.08 -19.92 -40.49
C GLN C 465 35.05 -20.11 -39.39
N LEU C 466 34.85 -19.09 -38.55
CA LEU C 466 33.82 -19.19 -37.52
C LEU C 466 32.44 -19.34 -38.13
N GLY C 467 32.15 -18.60 -39.19
CA GLY C 467 30.86 -18.73 -39.87
C GLY C 467 30.68 -20.08 -40.53
N VAL C 468 31.76 -20.62 -41.10
CA VAL C 468 31.69 -21.96 -41.68
C VAL C 468 31.38 -22.99 -40.61
N ASN C 469 32.04 -22.88 -39.45
CA ASN C 469 31.74 -23.78 -38.33
C ASN C 469 30.29 -23.59 -37.86
N ILE C 470 29.80 -22.35 -37.88
CA ILE C 470 28.42 -22.07 -37.48
C ILE C 470 27.45 -22.80 -38.41
N ILE C 471 27.68 -22.70 -39.71
CA ILE C 471 26.78 -23.36 -40.65
C ILE C 471 26.90 -24.88 -40.54
N LYS C 472 28.10 -25.39 -40.26
CA LYS C 472 28.27 -26.83 -40.09
C LYS C 472 27.50 -27.34 -38.87
N ASN C 473 27.52 -26.57 -37.78
CA ASN C 473 26.77 -26.97 -36.60
C ASN C 473 25.27 -26.79 -36.79
N ALA C 474 24.85 -25.82 -37.60
CA ALA C 474 23.44 -25.52 -37.77
C ALA C 474 22.76 -26.41 -38.81
N ILE C 475 23.52 -26.99 -39.74
CA ILE C 475 22.90 -27.82 -40.78
C ILE C 475 22.28 -29.07 -40.18
N THR C 476 22.89 -29.62 -39.14
CA THR C 476 22.42 -30.87 -38.54
C THR C 476 21.18 -30.70 -37.66
N ARG C 477 20.69 -29.47 -37.47
CA ARG C 477 19.55 -29.27 -36.58
C ARG C 477 18.28 -29.97 -37.05
N PRO C 478 17.85 -29.89 -38.32
CA PRO C 478 16.63 -30.61 -38.71
C PRO C 478 16.70 -32.10 -38.47
N ALA C 479 17.85 -32.74 -38.74
CA ALA C 479 17.99 -34.17 -38.47
C ALA C 479 17.88 -34.46 -36.98
N ARG C 480 18.49 -33.61 -36.16
CA ARG C 480 18.39 -33.78 -34.71
C ARG C 480 16.94 -33.68 -34.25
N MET C 481 16.20 -32.71 -34.77
CA MET C 481 14.80 -32.57 -34.40
C MET C 481 13.99 -33.78 -34.86
N ILE C 482 14.25 -34.27 -36.08
CA ILE C 482 13.53 -35.42 -36.59
C ILE C 482 13.77 -36.64 -35.71
N VAL C 483 15.02 -36.87 -35.34
CA VAL C 483 15.34 -38.04 -34.52
C VAL C 483 14.75 -37.88 -33.11
N GLU C 484 14.84 -36.68 -32.54
CA GLU C 484 14.34 -36.48 -31.18
C GLU C 484 12.82 -36.54 -31.11
N ASN C 485 12.13 -36.24 -32.23
CA ASN C 485 10.67 -36.30 -32.22
C ASN C 485 10.19 -37.73 -31.98
N ALA C 486 10.84 -38.71 -32.59
CA ALA C 486 10.45 -40.10 -32.38
C ALA C 486 10.70 -40.53 -30.94
N GLY C 487 11.82 -40.11 -30.36
CA GLY C 487 12.12 -40.44 -28.98
C GLY C 487 13.57 -40.83 -28.76
N LEU C 488 14.20 -41.40 -29.78
CA LEU C 488 15.60 -41.80 -29.66
C LEU C 488 16.51 -40.59 -29.56
N GLU C 489 17.67 -40.78 -28.95
CA GLU C 489 18.62 -39.70 -28.77
C GLU C 489 19.21 -39.31 -30.13
N GLY C 490 19.21 -38.00 -30.41
CA GLY C 490 19.69 -37.53 -31.70
C GLY C 490 21.19 -37.54 -31.82
N SER C 491 21.91 -37.36 -30.71
CA SER C 491 23.36 -37.25 -30.77
C SER C 491 24.00 -38.53 -31.29
N VAL C 492 23.58 -39.68 -30.74
CA VAL C 492 24.16 -40.95 -31.14
C VAL C 492 23.81 -41.26 -32.59
N VAL C 493 22.57 -40.97 -33.01
CA VAL C 493 22.16 -41.23 -34.39
C VAL C 493 22.97 -40.38 -35.35
N ILE C 494 23.14 -39.09 -35.04
CA ILE C 494 23.92 -38.21 -35.90
C ILE C 494 25.37 -38.65 -35.95
N GLY C 495 25.93 -39.07 -34.82
CA GLY C 495 27.30 -39.55 -34.82
C GLY C 495 27.47 -40.80 -35.66
N LYS C 496 26.51 -41.73 -35.59
CA LYS C 496 26.58 -42.92 -36.42
C LYS C 496 26.44 -42.59 -37.90
N ILE C 497 25.55 -41.66 -38.24
CA ILE C 497 25.33 -41.33 -39.64
C ILE C 497 26.56 -40.62 -40.22
N SER C 498 27.09 -39.64 -39.49
CA SER C 498 28.15 -38.79 -40.03
C SER C 498 29.47 -39.53 -40.13
N ASP C 499 29.77 -40.40 -39.17
CA ASP C 499 31.08 -41.05 -39.10
C ASP C 499 31.08 -42.45 -39.69
N GLU C 500 30.21 -43.34 -39.20
CA GLU C 500 30.22 -44.72 -39.65
C GLU C 500 29.82 -44.84 -41.12
N TYR C 501 28.85 -44.05 -41.56
CA TYR C 501 28.30 -44.13 -42.91
C TYR C 501 28.58 -42.85 -43.70
N ALA C 502 29.80 -42.32 -43.55
CA ALA C 502 30.16 -41.11 -44.29
C ALA C 502 30.23 -41.37 -45.80
N ALA C 503 30.79 -42.52 -46.19
CA ALA C 503 30.95 -42.82 -47.60
C ALA C 503 29.62 -43.02 -48.29
N ASP C 504 28.69 -43.72 -47.64
CA ASP C 504 27.40 -44.03 -48.24
C ASP C 504 26.46 -42.83 -48.06
N PHE C 505 26.18 -42.13 -49.16
CA PHE C 505 25.28 -40.98 -49.11
C PHE C 505 23.87 -41.40 -48.74
N ASN C 506 23.38 -42.52 -49.31
CA ASN C 506 22.00 -42.94 -49.09
C ASN C 506 21.78 -43.51 -47.69
N LYS C 507 22.84 -43.92 -47.01
CA LYS C 507 22.69 -44.51 -45.68
C LYS C 507 22.35 -43.42 -44.66
N GLY C 508 21.33 -43.67 -43.87
CA GLY C 508 20.92 -42.73 -42.84
C GLY C 508 20.12 -43.44 -41.76
N PHE C 509 19.20 -42.71 -41.16
CA PHE C 509 18.34 -43.24 -40.10
C PHE C 509 16.88 -43.17 -40.54
N ASN C 510 16.18 -44.29 -40.42
CA ASN C 510 14.75 -44.36 -40.72
C ASN C 510 13.99 -44.22 -39.40
N SER C 511 13.44 -43.02 -39.17
CA SER C 511 12.74 -42.76 -37.92
C SER C 511 11.44 -43.56 -37.80
N ALA C 512 10.90 -44.05 -38.92
CA ALA C 512 9.65 -44.81 -38.87
C ALA C 512 9.84 -46.12 -38.11
N THR C 513 10.96 -46.81 -38.34
CA THR C 513 11.21 -48.09 -37.70
C THR C 513 12.43 -48.10 -36.78
N GLY C 514 13.35 -47.15 -36.93
CA GLY C 514 14.53 -47.10 -36.10
C GLY C 514 15.72 -47.89 -36.60
N GLU C 515 15.71 -48.33 -37.86
CA GLU C 515 16.80 -49.09 -38.43
C GLU C 515 17.51 -48.26 -39.49
N TYR C 516 18.82 -48.37 -39.54
CA TYR C 516 19.64 -47.61 -40.50
C TYR C 516 19.51 -48.26 -41.86
N VAL C 517 18.58 -47.75 -42.68
CA VAL C 517 18.34 -48.27 -44.02
C VAL C 517 18.40 -47.11 -45.01
N ASP C 518 18.59 -47.45 -46.27
CA ASP C 518 18.67 -46.45 -47.33
C ASP C 518 17.28 -45.92 -47.65
N MET C 519 17.15 -44.60 -47.71
CA MET C 519 15.87 -43.99 -48.05
C MET C 519 15.46 -44.26 -49.48
N ILE C 520 16.41 -44.52 -50.38
CA ILE C 520 16.07 -44.81 -51.77
C ILE C 520 15.23 -46.09 -51.85
N GLN C 521 15.66 -47.13 -51.16
CA GLN C 521 14.89 -48.36 -51.13
C GLN C 521 13.69 -48.25 -50.18
N ALA C 522 13.84 -47.52 -49.08
CA ALA C 522 12.75 -47.38 -48.12
C ALA C 522 11.63 -46.48 -48.64
N GLY C 523 11.91 -45.64 -49.64
CA GLY C 523 10.92 -44.77 -50.22
C GLY C 523 10.98 -43.34 -49.74
N ILE C 524 11.67 -43.08 -48.63
CA ILE C 524 11.78 -41.71 -48.13
C ILE C 524 12.61 -40.89 -49.11
N LEU C 525 12.17 -39.65 -49.35
CA LEU C 525 12.88 -38.78 -50.28
C LEU C 525 12.64 -37.32 -49.89
N ASP C 526 13.48 -36.46 -50.45
CA ASP C 526 13.31 -35.02 -50.35
C ASP C 526 13.82 -34.44 -51.66
N PRO C 527 12.98 -33.75 -52.42
CA PRO C 527 13.44 -33.16 -53.69
C PRO C 527 14.52 -32.13 -53.44
N LEU C 528 15.41 -31.99 -54.43
CA LEU C 528 16.51 -31.04 -54.29
C LEU C 528 15.99 -29.61 -54.24
N LYS C 529 14.94 -29.31 -55.01
CA LYS C 529 14.46 -27.94 -55.11
C LYS C 529 13.99 -27.40 -53.76
N VAL C 530 13.16 -28.18 -53.06
CA VAL C 530 12.58 -27.70 -51.81
C VAL C 530 13.65 -27.49 -50.75
N VAL C 531 14.54 -28.47 -50.58
CA VAL C 531 15.57 -28.35 -49.55
C VAL C 531 16.56 -27.24 -49.90
N ARG C 532 16.91 -27.11 -51.18
CA ARG C 532 17.85 -26.08 -51.59
C ARG C 532 17.27 -24.69 -51.36
N THR C 533 16.03 -24.47 -51.79
CA THR C 533 15.43 -23.15 -51.60
C THR C 533 15.17 -22.86 -50.12
N GLY C 534 14.82 -23.88 -49.34
CA GLY C 534 14.66 -23.66 -47.91
C GLY C 534 15.96 -23.27 -47.24
N LEU C 535 17.04 -23.97 -47.58
CA LEU C 535 18.34 -23.63 -47.01
C LEU C 535 18.78 -22.22 -47.43
N ILE C 536 18.58 -21.88 -48.70
CA ILE C 536 19.00 -20.57 -49.19
C ILE C 536 18.21 -19.46 -48.48
N ASP C 537 16.89 -19.62 -48.41
CA ASP C 537 16.07 -18.60 -47.75
C ASP C 537 16.38 -18.50 -46.27
N ALA C 538 16.60 -19.64 -45.60
CA ALA C 538 16.94 -19.61 -44.18
C ALA C 538 18.26 -18.91 -43.95
N SER C 539 19.28 -19.23 -44.75
CA SER C 539 20.57 -18.59 -44.59
C SER C 539 20.48 -17.09 -44.85
N GLY C 540 19.76 -16.69 -45.91
CA GLY C 540 19.62 -15.28 -46.20
C GLY C 540 18.89 -14.53 -45.10
N VAL C 541 17.80 -15.11 -44.60
CA VAL C 541 17.02 -14.45 -43.56
C VAL C 541 17.83 -14.34 -42.27
N ALA C 542 18.54 -15.41 -41.91
CA ALA C 542 19.36 -15.35 -40.69
C ALA C 542 20.49 -14.34 -40.83
N SER C 543 21.15 -14.30 -41.98
CA SER C 543 22.22 -13.33 -42.20
C SER C 543 21.68 -11.91 -42.15
N LEU C 544 20.52 -11.67 -42.75
CA LEU C 544 19.92 -10.33 -42.69
C LEU C 544 19.53 -9.96 -41.27
N LEU C 545 18.94 -10.90 -40.52
CA LEU C 545 18.48 -10.60 -39.18
C LEU C 545 19.64 -10.42 -38.21
N GLY C 546 20.80 -11.02 -38.51
CA GLY C 546 21.95 -10.87 -37.64
C GLY C 546 22.68 -9.56 -37.79
N THR C 547 22.24 -8.68 -38.69
CA THR C 547 22.89 -7.40 -38.90
C THR C 547 21.90 -6.25 -38.84
N THR C 548 21.03 -6.26 -37.83
CA THR C 548 20.05 -5.18 -37.61
C THR C 548 20.16 -4.74 -36.16
N GLU C 549 20.96 -3.69 -35.92
CA GLU C 549 21.07 -3.16 -34.57
C GLU C 549 19.78 -2.46 -34.14
N VAL C 550 19.14 -1.75 -35.06
CA VAL C 550 17.97 -0.93 -34.77
C VAL C 550 16.74 -1.62 -35.32
N ALA C 551 15.65 -1.57 -34.55
CA ALA C 551 14.37 -2.12 -34.95
C ALA C 551 13.28 -1.39 -34.17
N ILE C 552 12.29 -0.87 -34.88
CA ILE C 552 11.24 -0.07 -34.27
C ILE C 552 9.91 -0.79 -34.43
N VAL C 553 9.01 -0.54 -33.46
CA VAL C 553 7.65 -1.08 -33.48
C VAL C 553 6.68 0.04 -33.17
N GLU C 554 5.41 -0.21 -33.50
CA GLU C 554 4.36 0.77 -33.27
C GLU C 554 3.93 0.74 -31.80
N ALA C 555 2.92 1.52 -31.46
CA ALA C 555 2.42 1.59 -30.09
C ALA C 555 1.70 0.29 -29.69
N ALA D 28 -5.44 -11.67 -33.61
CA ALA D 28 -4.01 -11.45 -33.80
C ALA D 28 -3.31 -11.30 -32.45
N HIS D 29 -3.63 -12.21 -31.52
CA HIS D 29 -3.02 -12.17 -30.19
C HIS D 29 -3.13 -13.57 -29.60
N LYS D 30 -1.99 -14.23 -29.41
CA LYS D 30 -1.95 -15.60 -28.92
C LYS D 30 -0.91 -15.73 -27.81
N GLU D 31 -1.12 -16.71 -26.94
CA GLU D 31 -0.16 -17.09 -25.92
C GLU D 31 0.14 -18.58 -26.05
N LEU D 32 1.40 -18.94 -25.82
CA LEU D 32 1.89 -20.28 -26.08
C LEU D 32 2.22 -21.00 -24.78
N LYS D 33 1.89 -22.28 -24.73
CA LYS D 33 2.27 -23.15 -23.62
C LYS D 33 2.94 -24.40 -24.21
N PHE D 34 4.10 -24.76 -23.67
CA PHE D 34 4.96 -25.76 -24.27
C PHE D 34 5.04 -27.01 -23.39
N GLY D 35 4.78 -28.16 -24.00
CA GLY D 35 5.10 -29.43 -23.36
C GLY D 35 4.31 -29.68 -22.10
N VAL D 36 5.03 -29.77 -20.98
CA VAL D 36 4.45 -30.23 -19.73
C VAL D 36 3.37 -29.28 -19.24
N GLU D 37 3.57 -27.98 -19.42
CA GLU D 37 2.59 -27.00 -18.94
C GLU D 37 1.26 -27.15 -19.69
N GLY D 38 1.32 -27.19 -21.02
CA GLY D 38 0.10 -27.37 -21.79
C GLY D 38 -0.56 -28.71 -21.54
N ARG D 39 0.25 -29.76 -21.40
CA ARG D 39 -0.31 -31.08 -21.11
C ARG D 39 -1.00 -31.09 -19.75
N ALA D 40 -0.42 -30.43 -18.75
CA ALA D 40 -1.05 -30.35 -17.44
C ALA D 40 -2.34 -29.55 -17.49
N ALA D 41 -2.37 -28.46 -18.25
CA ALA D 41 -3.59 -27.67 -18.38
C ALA D 41 -4.70 -28.51 -19.04
N LEU D 42 -4.35 -29.23 -20.11
CA LEU D 42 -5.34 -30.09 -20.75
C LEU D 42 -5.80 -31.20 -19.81
N LEU D 43 -4.87 -31.76 -19.03
CA LEU D 43 -5.23 -32.75 -18.03
C LEU D 43 -6.24 -32.20 -17.05
N ASN D 44 -5.99 -30.99 -16.54
CA ASN D 44 -6.89 -30.39 -15.56
C ASN D 44 -8.27 -30.17 -16.17
N GLY D 45 -8.33 -29.62 -17.38
CA GLY D 45 -9.62 -29.37 -18.00
C GLY D 45 -10.40 -30.66 -18.26
N VAL D 46 -9.73 -31.66 -18.84
CA VAL D 46 -10.39 -32.91 -19.16
C VAL D 46 -10.84 -33.62 -17.89
N GLU D 47 -9.99 -33.62 -16.86
CA GLU D 47 -10.35 -34.28 -15.61
C GLU D 47 -11.53 -33.60 -14.94
N THR D 48 -11.56 -32.26 -14.95
CA THR D 48 -12.70 -31.55 -14.37
C THR D 48 -13.99 -31.87 -15.11
N LEU D 49 -13.95 -31.83 -16.44
CA LEU D 49 -15.16 -32.10 -17.21
C LEU D 49 -15.62 -33.54 -17.00
N ALA D 50 -14.69 -34.49 -16.99
CA ALA D 50 -15.06 -35.89 -16.82
C ALA D 50 -15.58 -36.16 -15.42
N LYS D 51 -15.01 -35.52 -14.40
CA LYS D 51 -15.53 -35.68 -13.05
C LYS D 51 -16.93 -35.11 -12.93
N ALA D 52 -17.19 -33.98 -13.59
CA ALA D 52 -18.54 -33.44 -13.60
C ALA D 52 -19.52 -34.38 -14.31
N VAL D 53 -19.09 -34.96 -15.44
CA VAL D 53 -19.99 -35.79 -16.24
C VAL D 53 -20.28 -37.12 -15.55
N ALA D 54 -19.25 -37.73 -14.96
CA ALA D 54 -19.39 -39.08 -14.43
C ALA D 54 -20.33 -39.16 -13.23
N THR D 55 -20.72 -38.02 -12.66
CA THR D 55 -21.63 -38.02 -11.53
C THR D 55 -23.00 -38.59 -11.88
N THR D 56 -23.35 -38.64 -13.15
CA THR D 56 -24.63 -39.19 -13.59
C THR D 56 -24.49 -40.59 -14.18
N LEU D 57 -23.31 -41.20 -14.10
CA LEU D 57 -23.06 -42.50 -14.67
C LEU D 57 -23.79 -43.59 -13.90
N GLY D 58 -24.29 -44.59 -14.62
CA GLY D 58 -24.93 -45.73 -14.02
C GLY D 58 -26.39 -45.50 -13.73
N PRO D 59 -27.14 -46.58 -13.50
CA PRO D 59 -28.56 -46.42 -13.13
C PRO D 59 -28.75 -45.61 -11.86
N LYS D 60 -27.83 -45.71 -10.92
CA LYS D 60 -27.91 -44.95 -9.67
C LYS D 60 -27.15 -43.63 -9.80
N GLY D 61 -27.52 -42.87 -10.82
CA GLY D 61 -26.88 -41.60 -11.08
C GLY D 61 -27.37 -40.52 -10.13
N ARG D 62 -26.77 -39.34 -10.27
CA ARG D 62 -27.09 -38.21 -9.42
C ARG D 62 -27.29 -36.97 -10.28
N ASN D 63 -28.19 -36.10 -9.85
CA ASN D 63 -28.70 -35.04 -10.72
C ASN D 63 -27.71 -33.89 -10.86
N VAL D 64 -27.98 -33.03 -11.83
CA VAL D 64 -27.20 -31.82 -12.10
C VAL D 64 -28.15 -30.64 -12.11
N LEU D 65 -27.65 -29.46 -11.73
CA LEU D 65 -28.46 -28.25 -11.69
C LEU D 65 -28.05 -27.34 -12.84
N ILE D 66 -28.97 -27.12 -13.78
CA ILE D 66 -28.73 -26.30 -14.96
C ILE D 66 -29.76 -25.18 -14.99
N GLU D 67 -29.30 -23.96 -15.27
CA GLU D 67 -30.18 -22.81 -15.39
C GLU D 67 -30.14 -22.25 -16.81
N SER D 68 -31.33 -21.97 -17.33
CA SER D 68 -31.50 -21.38 -18.64
C SER D 68 -31.19 -19.89 -18.58
N THR D 69 -30.98 -19.30 -19.76
CA THR D 69 -30.71 -17.86 -19.82
C THR D 69 -31.91 -17.05 -19.32
N PHE D 70 -33.11 -17.46 -19.70
CA PHE D 70 -34.34 -16.80 -19.27
C PHE D 70 -35.18 -17.76 -18.45
N GLY D 71 -35.95 -17.21 -17.51
CA GLY D 71 -36.84 -18.03 -16.71
C GLY D 71 -36.22 -18.52 -15.42
N SER D 72 -36.31 -19.81 -15.17
CA SER D 72 -35.84 -20.43 -13.94
C SER D 72 -35.11 -21.74 -14.25
N PRO D 73 -34.22 -22.17 -13.36
CA PRO D 73 -33.37 -23.33 -13.67
C PRO D 73 -34.15 -24.62 -13.80
N LYS D 74 -33.59 -25.53 -14.60
CA LYS D 74 -34.13 -26.86 -14.82
C LYS D 74 -33.28 -27.89 -14.11
N ILE D 75 -33.58 -29.16 -14.33
CA ILE D 75 -32.86 -30.29 -13.76
C ILE D 75 -32.27 -31.11 -14.89
N THR D 76 -31.19 -31.83 -14.61
CA THR D 76 -30.51 -32.66 -15.59
C THR D 76 -29.98 -33.91 -14.92
N LYS D 77 -30.26 -35.07 -15.53
CA LYS D 77 -29.75 -36.34 -15.05
C LYS D 77 -28.94 -37.11 -16.08
N ASP D 78 -28.83 -36.61 -17.31
CA ASP D 78 -28.06 -37.28 -18.35
C ASP D 78 -26.64 -36.70 -18.40
N GLY D 79 -25.89 -37.06 -19.43
CA GLY D 79 -24.52 -36.63 -19.54
C GLY D 79 -24.22 -35.72 -20.72
N VAL D 80 -25.00 -35.85 -21.80
CA VAL D 80 -24.72 -35.10 -23.02
C VAL D 80 -24.90 -33.61 -22.79
N THR D 81 -25.99 -33.21 -22.13
CA THR D 81 -26.26 -31.78 -21.95
C THR D 81 -25.25 -31.14 -21.00
N VAL D 82 -24.94 -31.80 -19.89
CA VAL D 82 -23.96 -31.24 -18.96
C VAL D 82 -22.58 -31.20 -19.60
N ALA D 83 -22.25 -32.21 -20.42
CA ALA D 83 -20.98 -32.20 -21.13
C ALA D 83 -20.90 -31.03 -22.11
N LYS D 84 -22.00 -30.76 -22.83
CA LYS D 84 -22.01 -29.68 -23.80
C LYS D 84 -22.12 -28.31 -23.15
N ALA D 85 -22.57 -28.23 -21.90
CA ALA D 85 -22.79 -26.96 -21.21
C ALA D 85 -21.71 -26.67 -20.17
N ILE D 86 -20.46 -27.03 -20.46
CA ILE D 86 -19.35 -26.81 -19.54
C ILE D 86 -18.29 -25.97 -20.25
N SER D 87 -17.86 -24.90 -19.60
CA SER D 87 -16.76 -24.07 -20.12
C SER D 87 -15.94 -23.61 -18.92
N LEU D 88 -14.67 -24.01 -18.88
CA LEU D 88 -13.84 -23.79 -17.70
C LEU D 88 -13.31 -22.36 -17.69
N LYS D 89 -12.57 -22.04 -16.61
CA LYS D 89 -12.01 -20.71 -16.45
C LYS D 89 -10.85 -20.47 -17.42
N ASP D 90 -9.82 -21.30 -17.32
CA ASP D 90 -8.65 -21.12 -18.17
C ASP D 90 -8.96 -21.46 -19.61
N LYS D 91 -8.26 -20.79 -20.53
CA LYS D 91 -8.50 -21.01 -21.95
C LYS D 91 -8.07 -22.40 -22.39
N PHE D 92 -6.97 -22.91 -21.85
CA PHE D 92 -6.50 -24.25 -22.22
C PHE D 92 -7.43 -25.33 -21.66
N GLU D 93 -7.91 -25.14 -20.44
CA GLU D 93 -8.90 -26.06 -19.90
C GLU D 93 -10.17 -26.06 -20.72
N ASN D 94 -10.60 -24.87 -21.17
CA ASN D 94 -11.75 -24.79 -22.05
C ASN D 94 -11.50 -25.48 -23.38
N LEU D 95 -10.27 -25.37 -23.90
CA LEU D 95 -9.91 -26.04 -25.15
C LEU D 95 -10.01 -27.55 -25.00
N GLY D 96 -9.44 -28.09 -23.91
CA GLY D 96 -9.55 -29.52 -23.67
C GLY D 96 -10.98 -29.98 -23.48
N ALA D 97 -11.76 -29.20 -22.75
CA ALA D 97 -13.16 -29.52 -22.54
C ALA D 97 -13.93 -29.50 -23.86
N LYS D 98 -13.60 -28.56 -24.75
CA LYS D 98 -14.29 -28.47 -26.03
C LYS D 98 -13.92 -29.65 -26.93
N LEU D 99 -12.66 -30.09 -26.91
CA LEU D 99 -12.29 -31.28 -27.66
C LEU D 99 -13.01 -32.51 -27.13
N LEU D 100 -13.08 -32.64 -25.80
CA LEU D 100 -13.84 -33.74 -25.20
C LEU D 100 -15.31 -33.65 -25.57
N ALA D 101 -15.85 -32.44 -25.65
CA ALA D 101 -17.23 -32.27 -26.10
C ALA D 101 -17.41 -32.69 -27.55
N GLU D 102 -16.42 -32.38 -28.41
CA GLU D 102 -16.47 -32.84 -29.78
C GLU D 102 -16.56 -34.37 -29.85
N VAL D 103 -15.65 -35.06 -29.16
CA VAL D 103 -15.67 -36.52 -29.27
C VAL D 103 -16.91 -37.10 -28.64
N ALA D 104 -17.39 -36.51 -27.54
CA ALA D 104 -18.62 -36.99 -26.90
C ALA D 104 -19.82 -36.81 -27.81
N SER D 105 -19.91 -35.66 -28.48
CA SER D 105 -21.02 -35.40 -29.39
C SER D 105 -20.96 -36.34 -30.60
N LYS D 106 -19.76 -36.60 -31.11
CA LYS D 106 -19.63 -37.55 -32.21
C LYS D 106 -20.08 -38.94 -31.78
N THR D 107 -19.69 -39.37 -30.58
CA THR D 107 -20.11 -40.67 -30.08
C THR D 107 -21.64 -40.72 -29.90
N ASN D 108 -22.23 -39.65 -29.37
CA ASN D 108 -23.67 -39.61 -29.18
C ASN D 108 -24.41 -39.66 -30.51
N GLU D 109 -23.92 -38.93 -31.51
CA GLU D 109 -24.55 -38.95 -32.82
C GLU D 109 -24.41 -40.31 -33.48
N VAL D 110 -23.26 -40.97 -33.31
CA VAL D 110 -23.05 -42.28 -33.92
C VAL D 110 -23.93 -43.33 -33.27
N ALA D 111 -23.94 -43.36 -31.93
CA ALA D 111 -24.62 -44.43 -31.19
C ALA D 111 -25.92 -43.96 -30.55
N GLY D 112 -25.87 -42.92 -29.71
CA GLY D 112 -27.02 -42.44 -28.97
C GLY D 112 -26.87 -42.51 -27.47
N ASP D 113 -25.86 -43.21 -26.96
CA ASP D 113 -25.63 -43.32 -25.52
C ASP D 113 -24.15 -43.59 -25.29
N GLY D 114 -23.80 -43.99 -24.07
CA GLY D 114 -22.44 -44.31 -23.74
C GLY D 114 -21.48 -43.13 -23.73
N THR D 115 -21.99 -41.90 -23.73
CA THR D 115 -21.12 -40.74 -23.73
C THR D 115 -20.30 -40.65 -22.45
N THR D 116 -20.95 -40.88 -21.30
CA THR D 116 -20.24 -40.77 -20.02
C THR D 116 -19.13 -41.80 -19.90
N THR D 117 -19.40 -43.04 -20.33
CA THR D 117 -18.37 -44.08 -20.25
C THR D 117 -17.19 -43.73 -21.15
N ALA D 118 -17.46 -43.24 -22.36
CA ALA D 118 -16.38 -42.86 -23.26
C ALA D 118 -15.57 -41.71 -22.68
N THR D 119 -16.24 -40.72 -22.08
CA THR D 119 -15.52 -39.61 -21.47
C THR D 119 -14.64 -40.07 -20.32
N VAL D 120 -15.17 -40.96 -19.47
CA VAL D 120 -14.39 -41.46 -18.34
C VAL D 120 -13.18 -42.25 -18.82
N LEU D 121 -13.39 -43.11 -19.82
CA LEU D 121 -12.28 -43.89 -20.36
C LEU D 121 -11.22 -42.98 -20.97
N ALA D 122 -11.64 -41.97 -21.73
CA ALA D 122 -10.68 -41.03 -22.31
C ALA D 122 -9.89 -40.29 -21.25
N ARG D 123 -10.58 -39.84 -20.18
CA ARG D 123 -9.88 -39.16 -19.11
C ARG D 123 -8.85 -40.07 -18.45
N ALA D 124 -9.25 -41.32 -18.16
CA ALA D 124 -8.34 -42.24 -17.50
C ALA D 124 -7.11 -42.52 -18.36
N ILE D 125 -7.33 -42.81 -19.65
CA ILE D 125 -6.23 -43.13 -20.54
C ILE D 125 -5.30 -41.92 -20.69
N PHE D 126 -5.87 -40.72 -20.86
CA PHE D 126 -5.05 -39.53 -20.99
C PHE D 126 -4.23 -39.26 -19.73
N SER D 127 -4.84 -39.42 -18.56
CA SER D 127 -4.13 -39.19 -17.31
C SER D 127 -2.99 -40.16 -17.14
N GLU D 128 -3.24 -41.45 -17.39
CA GLU D 128 -2.16 -42.43 -17.28
C GLU D 128 -1.06 -42.17 -18.30
N MET D 129 -1.44 -41.77 -19.52
CA MET D 129 -0.45 -41.51 -20.56
C MET D 129 0.45 -40.33 -20.19
N VAL D 130 -0.14 -39.24 -19.69
CA VAL D 130 0.67 -38.09 -19.34
C VAL D 130 1.51 -38.38 -18.10
N LYS D 131 0.99 -39.18 -17.17
CA LYS D 131 1.78 -39.56 -16.01
C LYS D 131 2.99 -40.39 -16.43
N ASN D 132 2.81 -41.32 -17.37
CA ASN D 132 3.94 -42.09 -17.86
C ASN D 132 4.91 -41.24 -18.67
N VAL D 133 4.39 -40.28 -19.42
CA VAL D 133 5.26 -39.39 -20.20
C VAL D 133 6.13 -38.55 -19.29
N ALA D 134 5.56 -38.08 -18.17
CA ALA D 134 6.34 -37.33 -17.20
C ALA D 134 7.47 -38.15 -16.60
N ALA D 135 7.39 -39.47 -16.68
CA ALA D 135 8.45 -40.35 -16.19
C ALA D 135 9.55 -40.60 -17.22
N GLY D 136 9.41 -40.07 -18.44
CA GLY D 136 10.42 -40.22 -19.46
C GLY D 136 10.14 -41.30 -20.49
N CYS D 137 8.99 -41.95 -20.44
CA CYS D 137 8.68 -42.99 -21.40
C CYS D 137 8.40 -42.40 -22.78
N ASN D 138 8.57 -43.22 -23.80
CA ASN D 138 8.38 -42.77 -25.18
C ASN D 138 6.89 -42.71 -25.50
N PRO D 139 6.35 -41.55 -25.84
CA PRO D 139 4.91 -41.46 -26.15
C PRO D 139 4.49 -42.31 -27.34
N MET D 140 5.35 -42.45 -28.35
CA MET D 140 4.97 -43.20 -29.54
C MET D 140 4.78 -44.68 -29.25
N ASP D 141 5.71 -45.27 -28.49
CA ASP D 141 5.58 -46.67 -28.12
C ASP D 141 4.36 -46.89 -27.22
N LEU D 142 4.09 -45.94 -26.32
CA LEU D 142 2.88 -46.03 -25.50
C LEU D 142 1.64 -46.01 -26.37
N ARG D 143 1.59 -45.12 -27.36
CA ARG D 143 0.43 -45.04 -28.25
C ARG D 143 0.26 -46.33 -29.03
N ARG D 144 1.36 -46.89 -29.56
CA ARG D 144 1.27 -48.14 -30.30
C ARG D 144 0.78 -49.27 -29.40
N GLY D 145 1.29 -49.32 -28.17
CA GLY D 145 0.86 -50.36 -27.25
C GLY D 145 -0.61 -50.26 -26.90
N ILE D 146 -1.08 -49.05 -26.61
CA ILE D 146 -2.50 -48.90 -26.27
C ILE D 146 -3.37 -49.18 -27.49
N GLN D 147 -2.91 -48.84 -28.70
CA GLN D 147 -3.68 -49.16 -29.89
C GLN D 147 -3.81 -50.67 -30.08
N ALA D 148 -2.70 -51.39 -29.93
CA ALA D 148 -2.74 -52.84 -30.06
C ALA D 148 -3.62 -53.46 -28.98
N ALA D 149 -3.53 -52.96 -27.75
CA ALA D 149 -4.35 -53.50 -26.67
C ALA D 149 -5.83 -53.22 -26.89
N VAL D 150 -6.16 -52.03 -27.40
CA VAL D 150 -7.56 -51.71 -27.70
C VAL D 150 -8.08 -52.61 -28.80
N ASP D 151 -7.25 -52.87 -29.82
CA ASP D 151 -7.66 -53.78 -30.89
C ASP D 151 -7.92 -55.18 -30.33
N ALA D 152 -7.04 -55.66 -29.44
CA ALA D 152 -7.26 -56.96 -28.83
C ALA D 152 -8.54 -56.97 -28.00
N VAL D 153 -8.79 -55.90 -27.26
CA VAL D 153 -9.99 -55.83 -26.42
C VAL D 153 -11.26 -55.88 -27.26
N VAL D 154 -11.30 -55.09 -28.34
CA VAL D 154 -12.51 -55.09 -29.16
C VAL D 154 -12.68 -56.41 -29.89
N GLU D 155 -11.58 -57.04 -30.29
CA GLU D 155 -11.67 -58.35 -30.91
C GLU D 155 -12.23 -59.39 -29.93
N TYR D 156 -11.77 -59.34 -28.68
CA TYR D 156 -12.30 -60.26 -27.68
C TYR D 156 -13.78 -59.99 -27.41
N LEU D 157 -14.16 -58.72 -27.35
CA LEU D 157 -15.57 -58.38 -27.13
C LEU D 157 -16.44 -58.89 -28.28
N GLN D 158 -15.97 -58.74 -29.51
CA GLN D 158 -16.72 -59.24 -30.66
C GLN D 158 -16.79 -60.76 -30.65
N GLN D 159 -15.73 -61.42 -30.21
CA GLN D 159 -15.72 -62.89 -30.18
C GLN D 159 -16.75 -63.42 -29.18
N ASN D 160 -16.85 -62.80 -28.01
CA ASN D 160 -17.68 -63.33 -26.93
C ASN D 160 -19.14 -62.91 -27.04
N LYS D 161 -19.46 -61.94 -27.89
CA LYS D 161 -20.81 -61.37 -27.94
C LYS D 161 -21.83 -62.40 -28.39
N ARG D 162 -23.10 -62.02 -28.28
CA ARG D 162 -24.23 -62.84 -28.70
C ARG D 162 -25.04 -62.09 -29.76
N ASP D 163 -25.64 -62.84 -30.68
CA ASP D 163 -26.42 -62.25 -31.76
C ASP D 163 -27.89 -62.16 -31.36
N ILE D 164 -28.60 -61.26 -32.01
CA ILE D 164 -30.02 -61.02 -31.75
C ILE D 164 -30.75 -61.37 -33.04
N THR D 165 -31.31 -62.58 -33.10
CA THR D 165 -31.96 -63.06 -34.31
C THR D 165 -33.42 -63.44 -34.11
N THR D 166 -33.73 -64.25 -33.09
CA THR D 166 -35.07 -64.80 -32.95
C THR D 166 -36.06 -63.71 -32.55
N SER D 167 -37.27 -63.77 -33.11
CA SER D 167 -38.27 -62.75 -32.85
C SER D 167 -38.64 -62.65 -31.38
N ALA D 168 -38.62 -63.78 -30.66
CA ALA D 168 -38.93 -63.73 -29.23
C ALA D 168 -37.89 -62.92 -28.46
N GLU D 169 -36.61 -63.21 -28.67
CA GLU D 169 -35.57 -62.43 -28.02
C GLU D 169 -35.48 -61.03 -28.62
N ILE D 170 -35.96 -60.86 -29.86
CA ILE D 170 -36.12 -59.52 -30.41
C ILE D 170 -37.09 -58.71 -29.56
N ALA D 171 -38.25 -59.29 -29.26
CA ALA D 171 -39.21 -58.60 -28.40
C ALA D 171 -38.65 -58.40 -27.00
N GLN D 172 -37.88 -59.38 -26.50
CA GLN D 172 -37.27 -59.25 -25.18
C GLN D 172 -36.32 -58.06 -25.11
N VAL D 173 -35.41 -57.95 -26.09
CA VAL D 173 -34.44 -56.88 -26.08
C VAL D 173 -35.13 -55.53 -26.32
N ALA D 174 -36.18 -55.52 -27.15
CA ALA D 174 -36.96 -54.29 -27.32
C ALA D 174 -37.62 -53.89 -26.01
N THR D 175 -38.10 -54.87 -25.24
CA THR D 175 -38.74 -54.56 -23.97
C THR D 175 -37.76 -53.97 -22.97
N ILE D 176 -36.61 -54.64 -22.79
CA ILE D 176 -35.68 -54.16 -21.76
C ILE D 176 -35.03 -52.84 -22.21
N SER D 177 -34.83 -52.65 -23.52
CA SER D 177 -34.34 -51.38 -24.01
C SER D 177 -35.36 -50.26 -23.83
N ALA D 178 -36.64 -50.58 -23.68
CA ALA D 178 -37.69 -49.60 -23.47
C ALA D 178 -38.21 -49.60 -22.04
N ASN D 179 -37.32 -49.83 -21.08
CA ASN D 179 -37.61 -49.83 -19.64
C ASN D 179 -38.62 -50.90 -19.23
N GLY D 180 -38.94 -51.83 -20.12
CA GLY D 180 -39.82 -52.94 -19.75
C GLY D 180 -41.31 -52.68 -19.70
N ASP D 181 -41.71 -51.53 -19.14
CA ASP D 181 -43.13 -51.24 -19.01
C ASP D 181 -43.79 -51.00 -20.36
N GLN D 182 -43.01 -50.67 -21.39
CA GLN D 182 -43.53 -50.37 -22.72
C GLN D 182 -43.76 -51.69 -23.47
N HIS D 183 -44.77 -52.43 -23.02
CA HIS D 183 -45.08 -53.71 -23.65
C HIS D 183 -45.68 -53.52 -25.04
N ILE D 184 -46.61 -52.57 -25.18
CA ILE D 184 -47.15 -52.28 -26.51
C ILE D 184 -46.04 -51.78 -27.42
N GLY D 185 -45.11 -50.99 -26.87
CA GLY D 185 -43.99 -50.52 -27.66
C GLY D 185 -43.08 -51.64 -28.13
N LYS D 186 -42.80 -52.61 -27.25
CA LYS D 186 -41.94 -53.71 -27.65
C LYS D 186 -42.62 -54.62 -28.67
N LEU D 187 -43.94 -54.83 -28.53
CA LEU D 187 -44.65 -55.58 -29.55
C LEU D 187 -44.62 -54.86 -30.89
N ILE D 188 -44.81 -53.53 -30.88
CA ILE D 188 -44.76 -52.75 -32.11
C ILE D 188 -43.37 -52.84 -32.73
N ALA D 189 -42.33 -52.74 -31.91
CA ALA D 189 -40.97 -52.81 -32.42
C ALA D 189 -40.67 -54.18 -33.02
N SER D 190 -41.13 -55.25 -32.36
CA SER D 190 -40.89 -56.59 -32.89
C SER D 190 -41.62 -56.78 -34.22
N ALA D 191 -42.87 -56.31 -34.32
CA ALA D 191 -43.59 -56.42 -35.58
C ALA D 191 -42.92 -55.61 -36.68
N MET D 192 -42.47 -54.39 -36.34
CA MET D 192 -41.84 -53.53 -37.32
C MET D 192 -40.49 -54.09 -37.77
N GLU D 193 -39.80 -54.81 -36.90
CA GLU D 193 -38.54 -55.45 -37.29
C GLU D 193 -38.78 -56.70 -38.12
N LYS D 194 -39.83 -57.48 -37.81
CA LYS D 194 -40.15 -58.66 -38.59
C LYS D 194 -40.79 -58.31 -39.93
N VAL D 195 -41.29 -57.09 -40.09
CA VAL D 195 -41.90 -56.67 -41.35
C VAL D 195 -40.90 -55.94 -42.24
N GLY D 196 -40.22 -54.94 -41.70
CA GLY D 196 -39.28 -54.14 -42.46
C GLY D 196 -37.95 -54.01 -41.75
N LYS D 197 -37.01 -53.33 -42.43
CA LYS D 197 -35.68 -53.12 -41.90
C LYS D 197 -35.27 -51.65 -41.85
N GLU D 198 -35.93 -50.77 -42.60
CA GLU D 198 -35.58 -49.35 -42.57
C GLU D 198 -36.20 -48.66 -41.35
N GLY D 199 -37.53 -48.63 -41.28
CA GLY D 199 -38.21 -48.10 -40.11
C GLY D 199 -38.21 -46.59 -40.00
N VAL D 200 -39.28 -46.04 -39.43
CA VAL D 200 -39.40 -44.60 -39.20
C VAL D 200 -40.49 -44.37 -38.17
N ILE D 201 -40.44 -43.20 -37.53
CA ILE D 201 -41.44 -42.80 -36.54
C ILE D 201 -41.95 -41.41 -36.91
N THR D 202 -43.27 -41.25 -36.86
CA THR D 202 -43.90 -39.98 -37.20
C THR D 202 -45.06 -39.72 -36.25
N VAL D 203 -45.42 -38.44 -36.12
CA VAL D 203 -46.52 -38.01 -35.27
C VAL D 203 -47.40 -37.05 -36.05
N LYS D 204 -48.71 -37.23 -35.92
CA LYS D 204 -49.70 -36.37 -36.58
C LYS D 204 -50.74 -35.98 -35.55
N GLU D 205 -50.86 -34.67 -35.28
CA GLU D 205 -51.80 -34.08 -34.33
C GLU D 205 -51.96 -34.91 -33.06
N GLY D 206 -53.19 -35.03 -32.57
CA GLY D 206 -53.42 -35.76 -31.34
C GLY D 206 -53.13 -37.24 -31.43
N LYS D 207 -53.58 -37.88 -32.52
CA LYS D 207 -53.38 -39.31 -32.76
C LYS D 207 -53.96 -40.13 -31.60
N THR D 208 -55.28 -40.05 -31.47
CA THR D 208 -55.98 -40.76 -30.41
C THR D 208 -56.04 -42.27 -30.62
N LEU D 209 -55.37 -42.78 -31.65
CA LEU D 209 -55.39 -44.22 -31.91
C LEU D 209 -54.56 -44.95 -30.86
N GLN D 210 -54.50 -46.28 -31.01
CA GLN D 210 -53.82 -47.16 -30.06
C GLN D 210 -52.48 -47.66 -30.59
N ASP D 211 -51.74 -46.79 -31.28
CA ASP D 211 -50.42 -47.10 -31.81
C ASP D 211 -50.47 -48.30 -32.76
N GLU D 212 -51.18 -48.10 -33.86
CA GLU D 212 -51.31 -49.13 -34.89
C GLU D 212 -50.22 -48.96 -35.94
N LEU D 213 -49.65 -50.08 -36.38
CA LEU D 213 -48.58 -50.08 -37.36
C LEU D 213 -49.15 -50.33 -38.76
N GLU D 214 -48.33 -50.04 -39.77
CA GLU D 214 -48.72 -50.21 -41.15
C GLU D 214 -47.48 -50.36 -42.02
N VAL D 215 -47.68 -50.87 -43.23
CA VAL D 215 -46.62 -51.04 -44.22
C VAL D 215 -46.96 -50.19 -45.42
N THR D 216 -46.03 -49.31 -45.81
CA THR D 216 -46.25 -48.39 -46.92
C THR D 216 -44.98 -48.25 -47.74
N GLU D 217 -45.14 -48.28 -49.06
CA GLU D 217 -44.01 -48.08 -49.96
C GLU D 217 -43.50 -46.65 -49.85
N GLY D 218 -42.18 -46.48 -49.88
CA GLY D 218 -41.61 -45.17 -49.78
C GLY D 218 -40.12 -45.18 -50.08
N MET D 219 -39.50 -44.02 -49.87
CA MET D 219 -38.08 -43.83 -50.13
C MET D 219 -37.44 -43.09 -48.96
N ARG D 220 -36.13 -43.28 -48.80
CA ARG D 220 -35.40 -42.66 -47.71
C ARG D 220 -34.01 -42.25 -48.19
N PHE D 221 -33.56 -41.09 -47.73
CA PHE D 221 -32.19 -40.64 -47.97
C PHE D 221 -31.79 -39.71 -46.84
N ASP D 222 -30.48 -39.56 -46.66
CA ASP D 222 -29.90 -38.78 -45.56
C ASP D 222 -29.32 -37.48 -46.12
N ARG D 223 -30.15 -36.44 -46.21
CA ARG D 223 -29.69 -35.12 -46.63
C ARG D 223 -30.67 -34.09 -46.08
N GLY D 224 -30.27 -33.41 -45.01
CA GLY D 224 -31.11 -32.44 -44.36
C GLY D 224 -31.08 -31.09 -45.06
N PHE D 225 -31.80 -30.13 -44.47
CA PHE D 225 -31.86 -28.79 -45.02
C PHE D 225 -30.51 -28.10 -44.90
N VAL D 226 -30.20 -27.24 -45.88
CA VAL D 226 -28.96 -26.48 -45.84
C VAL D 226 -29.00 -25.44 -44.72
N SER D 227 -30.16 -24.83 -44.49
CA SER D 227 -30.30 -23.78 -43.50
C SER D 227 -31.19 -24.23 -42.35
N PRO D 228 -30.90 -23.80 -41.11
CA PRO D 228 -31.71 -24.21 -39.97
C PRO D 228 -32.98 -23.41 -39.76
N TYR D 229 -33.33 -22.50 -40.68
CA TYR D 229 -34.50 -21.65 -40.54
C TYR D 229 -35.71 -22.17 -41.30
N PHE D 230 -35.59 -23.32 -41.96
CA PHE D 230 -36.69 -23.83 -42.78
C PHE D 230 -37.75 -24.57 -41.97
N ILE D 231 -37.48 -24.94 -40.72
CA ILE D 231 -38.42 -25.66 -39.88
C ILE D 231 -38.65 -24.84 -38.62
N THR D 232 -39.91 -24.47 -38.37
CA THR D 232 -40.24 -23.72 -37.17
C THR D 232 -40.09 -24.58 -35.92
N ASP D 233 -40.57 -25.81 -35.97
CA ASP D 233 -40.47 -26.74 -34.84
C ASP D 233 -39.22 -27.61 -34.94
N ALA D 234 -38.05 -26.97 -35.03
CA ALA D 234 -36.80 -27.70 -35.14
C ALA D 234 -36.44 -28.44 -33.86
N LYS D 235 -37.07 -28.08 -32.73
CA LYS D 235 -36.77 -28.75 -31.47
C LYS D 235 -37.19 -30.21 -31.52
N ALA D 236 -38.34 -30.51 -32.12
CA ALA D 236 -38.87 -31.86 -32.18
C ALA D 236 -39.10 -32.37 -33.59
N GLN D 237 -38.89 -31.54 -34.62
CA GLN D 237 -39.10 -31.92 -36.02
C GLN D 237 -40.53 -32.42 -36.24
N LYS D 238 -41.48 -31.51 -36.00
CA LYS D 238 -42.89 -31.84 -36.15
C LYS D 238 -43.23 -32.09 -37.62
N VAL D 239 -44.24 -32.93 -37.85
CA VAL D 239 -44.69 -33.28 -39.18
C VAL D 239 -45.89 -32.39 -39.51
N GLU D 240 -45.75 -31.56 -40.55
CA GLU D 240 -46.80 -30.65 -40.98
C GLU D 240 -46.95 -30.66 -42.50
N PHE D 241 -46.57 -31.77 -43.13
CA PHE D 241 -46.63 -31.91 -44.59
C PHE D 241 -47.63 -33.01 -44.91
N GLU D 242 -48.89 -32.64 -45.11
CA GLU D 242 -49.96 -33.56 -45.46
C GLU D 242 -50.21 -33.43 -46.97
N LYS D 243 -50.01 -34.52 -47.69
CA LYS D 243 -50.08 -34.54 -49.14
C LYS D 243 -49.27 -33.41 -49.77
N PRO D 244 -47.95 -33.42 -49.60
CA PRO D 244 -47.14 -32.30 -50.11
C PRO D 244 -46.61 -32.54 -51.51
N LEU D 245 -46.63 -31.47 -52.31
CA LEU D 245 -46.01 -31.50 -53.63
C LEU D 245 -44.50 -31.46 -53.50
N ILE D 246 -43.83 -32.06 -54.49
CA ILE D 246 -42.38 -32.13 -54.51
C ILE D 246 -41.86 -31.68 -55.86
N LEU D 247 -40.61 -31.24 -55.87
CA LEU D 247 -39.94 -30.75 -57.08
C LEU D 247 -38.69 -31.57 -57.32
N LEU D 248 -38.48 -31.96 -58.58
CA LEU D 248 -37.31 -32.75 -58.98
C LEU D 248 -36.46 -31.92 -59.94
N SER D 249 -35.17 -31.81 -59.62
CA SER D 249 -34.25 -31.06 -60.45
C SER D 249 -32.85 -31.63 -60.28
N GLU D 250 -32.00 -31.41 -61.28
CA GLU D 250 -30.63 -31.89 -61.28
C GLU D 250 -29.61 -30.78 -61.49
N GLN D 251 -29.90 -29.82 -62.37
CA GLN D 251 -28.96 -28.75 -62.65
C GLN D 251 -28.94 -27.75 -61.51
N LYS D 252 -27.93 -26.88 -61.54
CA LYS D 252 -27.78 -25.87 -60.49
C LYS D 252 -28.91 -24.86 -60.54
N ILE D 253 -29.36 -24.43 -59.37
CA ILE D 253 -30.39 -23.39 -59.24
C ILE D 253 -29.77 -22.23 -58.49
N SER D 254 -29.65 -21.09 -59.16
CA SER D 254 -29.08 -19.89 -58.55
C SER D 254 -29.84 -18.61 -58.86
N ALA D 255 -30.91 -18.66 -59.65
CA ALA D 255 -31.67 -17.48 -60.02
C ALA D 255 -33.16 -17.71 -59.79
N ALA D 256 -33.89 -16.61 -59.65
CA ALA D 256 -35.33 -16.66 -59.42
C ALA D 256 -36.15 -16.63 -60.71
N THR D 257 -35.49 -16.67 -61.86
CA THR D 257 -36.21 -16.58 -63.13
C THR D 257 -37.12 -17.79 -63.35
N ASP D 258 -36.65 -18.99 -63.00
CA ASP D 258 -37.38 -20.22 -63.30
C ASP D 258 -37.86 -20.95 -62.05
N ILE D 259 -37.89 -20.28 -60.90
CA ILE D 259 -38.37 -20.90 -59.67
C ILE D 259 -39.46 -20.08 -59.00
N ILE D 260 -39.60 -18.80 -59.36
CA ILE D 260 -40.62 -17.96 -58.74
C ILE D 260 -42.03 -18.49 -58.99
N PRO D 261 -42.44 -18.85 -60.21
CA PRO D 261 -43.84 -19.29 -60.40
C PRO D 261 -44.24 -20.47 -59.53
N ALA D 262 -43.31 -21.40 -59.28
CA ALA D 262 -43.66 -22.59 -58.48
C ALA D 262 -44.04 -22.20 -57.06
N LEU D 263 -43.19 -21.43 -56.38
CA LEU D 263 -43.48 -21.04 -55.01
C LEU D 263 -44.71 -20.13 -54.94
N GLU D 264 -44.85 -19.23 -55.92
CA GLU D 264 -46.01 -18.35 -55.92
C GLU D 264 -47.31 -19.13 -56.06
N ILE D 265 -47.36 -20.09 -56.98
CA ILE D 265 -48.57 -20.87 -57.15
C ILE D 265 -48.81 -21.77 -55.93
N SER D 266 -47.74 -22.30 -55.34
CA SER D 266 -47.89 -23.11 -54.14
C SER D 266 -48.49 -22.31 -53.00
N HIS D 267 -48.04 -21.06 -52.82
CA HIS D 267 -48.65 -20.19 -51.83
C HIS D 267 -50.08 -19.83 -52.22
N LYS D 268 -50.35 -19.71 -53.52
CA LYS D 268 -51.71 -19.38 -53.98
C LYS D 268 -52.70 -20.47 -53.60
N MET D 269 -52.36 -21.74 -53.84
CA MET D 269 -53.25 -22.82 -53.46
C MET D 269 -53.00 -23.33 -52.04
N ARG D 270 -52.02 -22.75 -51.34
CA ARG D 270 -51.71 -23.13 -49.95
C ARG D 270 -51.37 -24.62 -49.85
N ARG D 271 -50.36 -25.03 -50.62
CA ARG D 271 -49.88 -26.40 -50.61
C ARG D 271 -48.39 -26.45 -50.32
N PRO D 272 -47.92 -27.46 -49.60
CA PRO D 272 -46.49 -27.58 -49.32
C PRO D 272 -45.69 -27.90 -50.58
N LEU D 273 -44.43 -27.47 -50.56
CA LEU D 273 -43.53 -27.72 -51.68
C LEU D 273 -42.10 -27.81 -51.15
N VAL D 274 -41.24 -28.45 -51.94
CA VAL D 274 -39.83 -28.60 -51.61
C VAL D 274 -38.99 -28.12 -52.79
N ILE D 275 -37.73 -27.82 -52.49
CA ILE D 275 -36.78 -27.33 -53.48
C ILE D 275 -35.53 -28.20 -53.40
N ILE D 276 -35.08 -28.71 -54.54
CA ILE D 276 -33.87 -29.51 -54.63
C ILE D 276 -32.88 -28.73 -55.48
N ALA D 277 -31.92 -28.07 -54.83
CA ALA D 277 -30.92 -27.26 -55.50
C ALA D 277 -29.53 -27.67 -55.03
N GLU D 278 -28.58 -27.68 -55.97
CA GLU D 278 -27.21 -28.03 -55.63
C GLU D 278 -26.60 -27.00 -54.67
N ASP D 279 -26.83 -25.72 -54.93
CA ASP D 279 -26.32 -24.66 -54.06
C ASP D 279 -27.21 -23.43 -54.22
N ILE D 280 -27.97 -23.10 -53.18
CA ILE D 280 -28.86 -21.95 -53.20
C ILE D 280 -28.57 -21.09 -51.97
N ASP D 281 -28.45 -19.79 -52.17
CA ASP D 281 -28.19 -18.85 -51.09
C ASP D 281 -29.46 -18.29 -50.46
N GLY D 282 -30.63 -18.66 -50.96
CA GLY D 282 -31.88 -18.19 -50.40
C GLY D 282 -32.23 -16.75 -50.73
N GLU D 283 -31.82 -16.26 -51.91
CA GLU D 283 -32.18 -14.90 -52.28
C GLU D 283 -33.69 -14.76 -52.46
N ALA D 284 -34.33 -15.76 -53.07
CA ALA D 284 -35.79 -15.73 -53.21
C ALA D 284 -36.47 -15.78 -51.85
N LEU D 285 -35.95 -16.60 -50.93
CA LEU D 285 -36.51 -16.64 -49.58
C LEU D 285 -36.38 -15.29 -48.88
N ALA D 286 -35.22 -14.64 -49.00
CA ALA D 286 -35.04 -13.33 -48.38
C ALA D 286 -35.96 -12.30 -48.99
N VAL D 287 -36.13 -12.33 -50.31
CA VAL D 287 -37.03 -11.39 -50.97
C VAL D 287 -38.46 -11.60 -50.50
N CYS D 288 -38.90 -12.85 -50.42
CA CYS D 288 -40.25 -13.15 -49.96
C CYS D 288 -40.44 -12.71 -48.51
N ILE D 289 -39.43 -12.94 -47.66
CA ILE D 289 -39.55 -12.56 -46.25
C ILE D 289 -39.64 -11.04 -46.11
N LEU D 290 -38.80 -10.31 -46.84
CA LEU D 290 -38.85 -8.84 -46.74
C LEU D 290 -40.14 -8.28 -47.33
N ASN D 291 -40.67 -8.91 -48.37
CA ASN D 291 -41.99 -8.51 -48.87
C ASN D 291 -43.06 -8.77 -47.82
N LYS D 292 -43.00 -9.92 -47.15
CA LYS D 292 -43.88 -10.25 -46.05
C LYS D 292 -43.21 -11.33 -45.21
N LEU D 293 -42.98 -11.02 -43.93
CA LEU D 293 -42.32 -11.94 -42.99
C LEU D 293 -42.98 -13.32 -42.95
N ARG D 294 -42.28 -14.28 -42.35
CA ARG D 294 -42.69 -15.68 -42.39
C ARG D 294 -44.14 -15.85 -41.96
N GLY D 295 -44.82 -16.78 -42.63
CA GLY D 295 -46.23 -17.03 -42.39
C GLY D 295 -47.04 -17.09 -43.67
N GLN D 296 -46.36 -17.15 -44.81
CA GLN D 296 -47.02 -17.21 -46.10
C GLN D 296 -46.60 -18.39 -46.97
N LEU D 297 -45.47 -19.04 -46.70
CA LEU D 297 -45.02 -20.18 -47.49
C LEU D 297 -44.12 -21.05 -46.65
N GLU D 298 -43.96 -22.30 -47.09
CA GLU D 298 -43.11 -23.28 -46.42
C GLU D 298 -41.92 -23.57 -47.32
N VAL D 299 -40.75 -23.05 -46.94
CA VAL D 299 -39.54 -23.26 -47.71
C VAL D 299 -38.86 -24.54 -47.26
N ALA D 300 -38.56 -25.41 -48.23
CA ALA D 300 -37.89 -26.69 -47.96
C ALA D 300 -36.81 -26.89 -49.02
N ALA D 301 -35.57 -26.58 -48.68
CA ALA D 301 -34.44 -26.71 -49.58
C ALA D 301 -33.54 -27.84 -49.11
N VAL D 302 -33.29 -28.81 -49.98
CA VAL D 302 -32.43 -29.95 -49.69
C VAL D 302 -31.41 -30.09 -50.81
N LYS D 303 -30.14 -30.18 -50.45
CA LYS D 303 -29.08 -30.32 -51.44
C LYS D 303 -29.19 -31.67 -52.16
N ALA D 304 -28.91 -31.65 -53.46
CA ALA D 304 -28.95 -32.87 -54.24
C ALA D 304 -27.80 -33.81 -53.83
N PRO D 305 -28.02 -35.11 -53.88
CA PRO D 305 -26.97 -36.06 -53.50
C PRO D 305 -25.89 -36.14 -54.56
N GLY D 306 -24.87 -36.94 -54.25
CA GLY D 306 -23.79 -37.22 -55.19
C GLY D 306 -24.08 -38.45 -56.02
N PHE D 307 -23.02 -39.17 -56.39
CA PHE D 307 -23.11 -40.42 -57.15
C PHE D 307 -23.85 -40.19 -58.47
N GLY D 308 -23.19 -39.43 -59.35
CA GLY D 308 -23.79 -38.94 -60.58
C GLY D 308 -24.71 -39.89 -61.33
N ASP D 309 -24.18 -41.04 -61.78
CA ASP D 309 -25.04 -42.02 -62.44
C ASP D 309 -26.08 -42.57 -61.48
N ASN D 310 -25.67 -42.88 -60.25
CA ASN D 310 -26.64 -43.29 -59.23
C ASN D 310 -27.60 -42.17 -58.88
N ARG D 311 -27.14 -40.91 -59.00
CA ARG D 311 -28.05 -39.79 -58.80
C ARG D 311 -29.14 -39.75 -59.88
N LYS D 312 -28.75 -39.98 -61.13
CA LYS D 312 -29.75 -40.08 -62.20
C LYS D 312 -30.70 -41.25 -61.96
N SER D 313 -30.17 -42.39 -61.51
CA SER D 313 -31.01 -43.54 -61.23
C SER D 313 -32.00 -43.24 -60.12
N ILE D 314 -31.54 -42.59 -59.04
CA ILE D 314 -32.41 -42.28 -57.91
C ILE D 314 -33.45 -41.22 -58.31
N LEU D 315 -33.06 -40.28 -59.18
CA LEU D 315 -34.03 -39.31 -59.67
C LEU D 315 -35.11 -39.99 -60.50
N GLY D 316 -34.72 -40.91 -61.37
CA GLY D 316 -35.70 -41.68 -62.11
C GLY D 316 -36.60 -42.48 -61.19
N ASP D 317 -36.04 -43.07 -60.14
CA ASP D 317 -36.83 -43.86 -59.21
C ASP D 317 -37.84 -43.00 -58.46
N ILE D 318 -37.43 -41.84 -57.95
CA ILE D 318 -38.37 -41.00 -57.22
C ILE D 318 -39.42 -40.43 -58.16
N ALA D 319 -39.04 -40.11 -59.41
CA ALA D 319 -40.03 -39.68 -60.38
C ALA D 319 -41.04 -40.79 -60.66
N VAL D 320 -40.56 -42.03 -60.82
CA VAL D 320 -41.46 -43.16 -61.07
C VAL D 320 -42.41 -43.33 -59.90
N LEU D 321 -41.90 -43.22 -58.67
CA LEU D 321 -42.75 -43.40 -57.50
C LEU D 321 -43.79 -42.29 -57.38
N THR D 322 -43.36 -41.03 -57.53
CA THR D 322 -44.24 -39.89 -57.29
C THR D 322 -44.42 -39.01 -58.51
N ASN D 323 -43.34 -38.55 -59.15
CA ASN D 323 -43.45 -37.45 -60.10
C ASN D 323 -43.70 -37.94 -61.53
N GLY D 324 -42.78 -38.72 -62.08
CA GLY D 324 -42.83 -39.13 -63.46
C GLY D 324 -42.15 -38.19 -64.43
N THR D 325 -41.65 -37.05 -63.96
CA THR D 325 -40.96 -36.09 -64.82
C THR D 325 -39.88 -35.39 -64.01
N VAL D 326 -38.67 -35.31 -64.57
CA VAL D 326 -37.55 -34.64 -63.94
C VAL D 326 -37.20 -33.40 -64.75
N PHE D 327 -36.41 -32.53 -64.14
CA PHE D 327 -35.99 -31.27 -64.76
C PHE D 327 -34.49 -31.34 -65.05
N THR D 328 -34.13 -31.14 -66.32
CA THR D 328 -32.74 -31.14 -66.74
C THR D 328 -32.65 -30.50 -68.11
N ASN D 329 -31.74 -29.53 -68.24
CA ASN D 329 -31.58 -28.84 -69.53
C ASN D 329 -31.07 -29.80 -70.62
N GLU D 330 -30.25 -30.77 -70.24
CA GLU D 330 -29.80 -31.76 -71.23
C GLU D 330 -30.96 -32.58 -71.76
N LEU D 331 -31.90 -32.94 -70.89
CA LEU D 331 -33.10 -33.64 -71.32
C LEU D 331 -34.03 -32.68 -72.07
N ASP D 332 -34.92 -33.26 -72.88
CA ASP D 332 -35.80 -32.46 -73.72
C ASP D 332 -36.80 -31.62 -72.93
N VAL D 333 -36.96 -31.88 -71.64
CA VAL D 333 -37.88 -31.08 -70.82
C VAL D 333 -37.34 -29.67 -70.68
N LYS D 334 -38.20 -28.69 -70.92
CA LYS D 334 -37.81 -27.29 -70.84
C LYS D 334 -37.62 -26.88 -69.38
N LEU D 335 -36.62 -26.03 -69.12
CA LEU D 335 -36.31 -25.64 -67.75
C LEU D 335 -37.35 -24.66 -67.19
N GLU D 336 -38.00 -23.89 -68.05
CA GLU D 336 -38.99 -22.91 -67.62
C GLU D 336 -40.42 -23.41 -67.70
N LYS D 337 -40.63 -24.70 -67.46
CA LYS D 337 -41.96 -25.31 -67.50
C LYS D 337 -42.49 -25.60 -66.10
N VAL D 338 -42.25 -24.69 -65.15
CA VAL D 338 -42.64 -24.90 -63.77
C VAL D 338 -44.14 -24.63 -63.59
N THR D 339 -44.94 -25.68 -63.78
CA THR D 339 -46.37 -25.65 -63.59
C THR D 339 -46.79 -26.83 -62.71
N PRO D 340 -47.90 -26.70 -61.98
CA PRO D 340 -48.36 -27.83 -61.14
C PRO D 340 -48.91 -29.01 -61.92
N ASP D 341 -48.81 -29.00 -63.26
CA ASP D 341 -49.37 -30.10 -64.05
C ASP D 341 -48.60 -31.39 -63.83
N MET D 342 -47.27 -31.34 -63.93
CA MET D 342 -46.43 -32.53 -63.81
C MET D 342 -45.70 -32.62 -62.48
N LEU D 343 -45.98 -31.71 -61.55
CA LEU D 343 -45.34 -31.76 -60.24
C LEU D 343 -45.76 -33.03 -59.49
N GLY D 344 -44.79 -33.67 -58.84
CA GLY D 344 -45.07 -34.89 -58.13
C GLY D 344 -45.76 -34.66 -56.81
N SER D 345 -46.33 -35.73 -56.27
CA SER D 345 -47.06 -35.67 -55.02
C SER D 345 -46.92 -36.99 -54.29
N THR D 346 -47.18 -36.96 -52.98
CA THR D 346 -47.11 -38.16 -52.16
C THR D 346 -48.13 -38.03 -51.03
N GLY D 347 -48.44 -39.17 -50.41
CA GLY D 347 -49.38 -39.16 -49.31
C GLY D 347 -48.90 -38.36 -48.12
N SER D 348 -47.64 -38.55 -47.74
CA SER D 348 -47.05 -37.80 -46.64
C SER D 348 -45.54 -37.86 -46.76
N ILE D 349 -44.88 -36.79 -46.30
CA ILE D 349 -43.42 -36.70 -46.33
C ILE D 349 -42.93 -36.25 -44.96
N THR D 350 -41.67 -36.56 -44.67
CA THR D 350 -41.05 -36.17 -43.41
C THR D 350 -39.58 -35.88 -43.69
N ILE D 351 -39.20 -34.61 -43.64
CA ILE D 351 -37.83 -34.20 -43.88
C ILE D 351 -37.32 -33.47 -42.64
N THR D 352 -36.19 -33.92 -42.10
CA THR D 352 -35.59 -33.27 -40.94
C THR D 352 -34.15 -32.90 -41.22
N LYS D 353 -33.41 -32.48 -40.19
CA LYS D 353 -32.10 -31.87 -40.40
C LYS D 353 -31.03 -32.86 -40.80
N GLU D 354 -31.29 -34.17 -40.71
CA GLU D 354 -30.29 -35.16 -41.07
C GLU D 354 -30.71 -36.12 -42.17
N ASP D 355 -32.00 -36.39 -42.34
CA ASP D 355 -32.45 -37.30 -43.38
C ASP D 355 -33.87 -36.95 -43.80
N THR D 356 -34.26 -37.47 -44.97
CA THR D 356 -35.58 -37.26 -45.53
C THR D 356 -36.34 -38.58 -45.56
N ILE D 357 -37.63 -38.53 -45.25
CA ILE D 357 -38.49 -39.70 -45.27
C ILE D 357 -39.59 -39.46 -46.29
N ILE D 358 -39.69 -40.34 -47.28
CA ILE D 358 -40.72 -40.28 -48.31
C ILE D 358 -41.54 -41.55 -48.24
N LEU D 359 -42.86 -41.40 -48.37
CA LEU D 359 -43.75 -42.54 -48.24
C LEU D 359 -45.05 -42.23 -49.00
N ASN D 360 -45.76 -43.31 -49.35
CA ASN D 360 -47.03 -43.24 -50.08
C ASN D 360 -46.86 -42.52 -51.43
N GLY D 361 -46.08 -43.15 -52.29
CA GLY D 361 -45.91 -42.64 -53.63
C GLY D 361 -47.23 -42.61 -54.39
N ASP D 362 -47.45 -41.54 -55.14
CA ASP D 362 -48.70 -41.33 -55.85
C ASP D 362 -48.66 -41.80 -57.30
N GLY D 363 -47.56 -42.41 -57.74
CA GLY D 363 -47.47 -42.86 -59.11
C GLY D 363 -48.34 -44.07 -59.38
N SER D 364 -48.58 -44.31 -60.67
CA SER D 364 -49.41 -45.44 -61.08
C SER D 364 -48.69 -46.75 -60.77
N LYS D 365 -49.39 -47.68 -60.13
CA LYS D 365 -48.77 -48.93 -59.73
C LYS D 365 -48.55 -49.86 -60.92
N ASP D 366 -49.37 -49.74 -61.96
CA ASP D 366 -49.21 -50.60 -63.13
C ASP D 366 -47.88 -50.33 -63.83
N ALA D 367 -47.57 -49.05 -64.08
CA ALA D 367 -46.30 -48.72 -64.70
C ALA D 367 -45.12 -49.03 -63.79
N ILE D 368 -45.30 -48.90 -62.48
CA ILE D 368 -44.24 -49.26 -61.54
C ILE D 368 -43.95 -50.75 -61.64
N ALA D 369 -45.00 -51.57 -61.69
CA ALA D 369 -44.81 -53.01 -61.84
C ALA D 369 -44.17 -53.36 -63.18
N GLN D 370 -44.57 -52.66 -64.24
CA GLN D 370 -43.98 -52.90 -65.56
C GLN D 370 -42.49 -52.60 -65.55
N ARG D 371 -42.10 -51.47 -64.96
CA ARG D 371 -40.68 -51.13 -64.88
C ARG D 371 -39.93 -52.09 -63.97
N CYS D 372 -40.55 -52.55 -62.89
CA CYS D 372 -39.91 -53.52 -62.02
C CYS D 372 -39.66 -54.83 -62.76
N GLU D 373 -40.62 -55.30 -63.54
CA GLU D 373 -40.42 -56.53 -64.30
C GLU D 373 -39.40 -56.32 -65.41
N GLN D 374 -39.34 -55.12 -65.99
CA GLN D 374 -38.28 -54.82 -66.96
C GLN D 374 -36.90 -54.90 -66.31
N ILE D 375 -36.77 -54.36 -65.11
CA ILE D 375 -35.50 -54.44 -64.39
C ILE D 375 -35.17 -55.90 -64.06
N ARG D 376 -36.17 -56.67 -63.65
CA ARG D 376 -35.95 -58.09 -63.34
C ARG D 376 -35.46 -58.84 -64.57
N GLY D 377 -36.07 -58.57 -65.74
CA GLY D 377 -35.58 -59.16 -66.97
C GLY D 377 -34.19 -58.70 -67.33
N ALA D 378 -33.85 -57.44 -67.04
CA ALA D 378 -32.50 -56.95 -67.26
C ALA D 378 -31.49 -57.65 -66.35
N MET D 379 -31.94 -58.13 -65.19
CA MET D 379 -31.05 -58.89 -64.30
C MET D 379 -30.58 -60.20 -64.92
N ASN D 380 -31.26 -60.69 -65.95
CA ASN D 380 -30.91 -61.96 -66.55
C ASN D 380 -29.77 -61.86 -67.56
N ASP D 381 -29.35 -60.66 -67.93
CA ASP D 381 -28.28 -60.48 -68.89
C ASP D 381 -26.93 -60.62 -68.19
N PRO D 382 -26.10 -61.61 -68.57
CA PRO D 382 -24.77 -61.72 -67.94
C PRO D 382 -23.84 -60.58 -68.28
N SER D 383 -24.12 -59.81 -69.33
CA SER D 383 -23.24 -58.74 -69.79
C SER D 383 -23.51 -57.41 -69.10
N THR D 384 -24.43 -57.37 -68.14
CA THR D 384 -24.72 -56.12 -67.43
C THR D 384 -23.51 -55.69 -66.62
N SER D 385 -23.30 -54.37 -66.54
CA SER D 385 -22.18 -53.83 -65.79
C SER D 385 -22.31 -54.15 -64.30
N GLU D 386 -21.17 -54.43 -63.66
CA GLU D 386 -21.18 -54.82 -62.26
C GLU D 386 -21.68 -53.68 -61.37
N TYR D 387 -21.21 -52.45 -61.62
CA TYR D 387 -21.65 -51.32 -60.83
C TYR D 387 -23.14 -51.06 -61.00
N GLU D 388 -23.62 -51.10 -62.25
CA GLU D 388 -25.05 -50.95 -62.49
C GLU D 388 -25.84 -52.08 -61.85
N LYS D 389 -25.31 -53.30 -61.92
CA LYS D 389 -25.99 -54.45 -61.33
C LYS D 389 -26.15 -54.28 -59.82
N GLU D 390 -25.07 -53.88 -59.13
CA GLU D 390 -25.17 -53.73 -57.69
C GLU D 390 -26.01 -52.52 -57.30
N LYS D 391 -25.95 -51.44 -58.08
CA LYS D 391 -26.80 -50.29 -57.80
C LYS D 391 -28.28 -50.65 -57.94
N LEU D 392 -28.64 -51.38 -58.99
CA LEU D 392 -30.03 -51.78 -59.15
C LEU D 392 -30.42 -52.83 -58.11
N GLN D 393 -29.49 -53.67 -57.68
CA GLN D 393 -29.79 -54.65 -56.64
C GLN D 393 -30.09 -53.96 -55.31
N GLU D 394 -29.28 -52.97 -54.93
CA GLU D 394 -29.58 -52.24 -53.70
C GLU D 394 -30.83 -51.39 -53.85
N ARG D 395 -31.12 -50.90 -55.06
CA ARG D 395 -32.40 -50.24 -55.30
C ARG D 395 -33.56 -51.18 -55.05
N LEU D 396 -33.46 -52.41 -55.55
CA LEU D 396 -34.49 -53.42 -55.29
C LEU D 396 -34.61 -53.69 -53.80
N ALA D 397 -33.48 -53.80 -53.10
CA ALA D 397 -33.50 -54.10 -51.67
C ALA D 397 -34.19 -53.00 -50.89
N LYS D 398 -33.92 -51.74 -51.24
CA LYS D 398 -34.47 -50.61 -50.50
C LYS D 398 -35.83 -50.14 -51.03
N LEU D 399 -36.31 -50.72 -52.13
CA LEU D 399 -37.62 -50.35 -52.67
C LEU D 399 -38.68 -51.42 -52.49
N SER D 400 -38.35 -52.69 -52.72
CA SER D 400 -39.33 -53.75 -52.60
C SER D 400 -39.83 -53.92 -51.17
N GLY D 401 -38.92 -53.78 -50.20
CA GLY D 401 -39.27 -53.95 -48.80
C GLY D 401 -40.28 -52.94 -48.30
N GLY D 402 -40.11 -51.69 -48.67
CA GLY D 402 -41.02 -50.65 -48.24
C GLY D 402 -40.55 -50.00 -46.96
N VAL D 403 -41.07 -48.79 -46.71
CA VAL D 403 -40.71 -48.04 -45.51
C VAL D 403 -41.63 -48.45 -44.37
N ALA D 404 -41.06 -48.91 -43.27
CA ALA D 404 -41.84 -49.31 -42.10
C ALA D 404 -42.23 -48.06 -41.33
N VAL D 405 -43.53 -47.76 -41.30
CA VAL D 405 -44.06 -46.57 -40.64
C VAL D 405 -44.98 -47.02 -39.51
N ILE D 406 -44.81 -46.41 -38.34
CA ILE D 406 -45.65 -46.68 -37.19
C ILE D 406 -46.33 -45.38 -36.77
N LYS D 407 -47.65 -45.43 -36.64
CA LYS D 407 -48.43 -44.29 -36.19
C LYS D 407 -48.52 -44.33 -34.67
N VAL D 408 -47.76 -43.45 -34.01
CA VAL D 408 -47.74 -43.42 -32.56
C VAL D 408 -49.09 -42.94 -32.04
N GLY D 409 -49.41 -43.30 -30.80
CA GLY D 409 -50.65 -42.92 -30.17
C GLY D 409 -50.43 -42.01 -28.97
N GLY D 410 -51.54 -41.64 -28.34
CA GLY D 410 -51.49 -40.78 -27.17
C GLY D 410 -52.79 -40.03 -27.00
N SER D 411 -52.90 -39.37 -25.85
CA SER D 411 -54.08 -38.58 -25.51
C SER D 411 -53.89 -37.10 -25.77
N SER D 412 -52.90 -36.47 -25.14
CA SER D 412 -52.64 -35.05 -25.29
C SER D 412 -51.40 -34.83 -26.15
N GLU D 413 -51.14 -33.56 -26.44
CA GLU D 413 -49.96 -33.21 -27.25
C GLU D 413 -48.67 -33.56 -26.51
N VAL D 414 -48.59 -33.25 -25.22
CA VAL D 414 -47.40 -33.58 -24.45
C VAL D 414 -47.26 -35.10 -24.30
N GLU D 415 -48.39 -35.79 -24.12
CA GLU D 415 -48.35 -37.25 -23.99
C GLU D 415 -47.88 -37.90 -25.28
N VAL D 416 -48.42 -37.47 -26.43
CA VAL D 416 -47.98 -38.05 -27.68
C VAL D 416 -46.53 -37.68 -27.97
N GLY D 417 -46.10 -36.49 -27.56
CA GLY D 417 -44.71 -36.12 -27.75
C GLY D 417 -43.76 -36.99 -26.93
N GLU D 418 -44.06 -37.19 -25.65
CA GLU D 418 -43.20 -38.03 -24.83
C GLU D 418 -43.22 -39.47 -25.32
N LYS D 419 -44.38 -39.93 -25.81
CA LYS D 419 -44.44 -41.27 -26.40
C LYS D 419 -43.57 -41.36 -27.64
N LYS D 420 -43.57 -40.32 -28.47
CA LYS D 420 -42.74 -40.32 -29.67
C LYS D 420 -41.26 -40.37 -29.32
N ASP D 421 -40.83 -39.55 -28.36
CA ASP D 421 -39.42 -39.60 -27.95
C ASP D 421 -39.05 -40.95 -27.34
N ARG D 422 -39.92 -41.50 -26.50
CA ARG D 422 -39.64 -42.82 -25.93
C ARG D 422 -39.50 -43.86 -27.03
N PHE D 423 -40.41 -43.84 -28.01
CA PHE D 423 -40.34 -44.76 -29.13
C PHE D 423 -39.06 -44.57 -29.93
N VAL D 424 -38.63 -43.32 -30.12
CA VAL D 424 -37.46 -43.11 -30.97
C VAL D 424 -36.20 -43.62 -30.29
N ASP D 425 -36.06 -43.41 -28.97
CA ASP D 425 -34.86 -43.96 -28.33
C ASP D 425 -34.93 -45.49 -28.28
N ALA D 426 -36.12 -46.04 -28.04
CA ALA D 426 -36.25 -47.50 -28.00
C ALA D 426 -35.87 -48.12 -29.35
N LEU D 427 -36.36 -47.54 -30.45
CA LEU D 427 -36.04 -48.07 -31.77
C LEU D 427 -34.57 -47.84 -32.12
N ASN D 428 -33.99 -46.72 -31.70
CA ASN D 428 -32.57 -46.51 -31.96
C ASN D 428 -31.73 -47.56 -31.25
N ALA D 429 -32.04 -47.83 -29.98
CA ALA D 429 -31.32 -48.87 -29.25
C ALA D 429 -31.53 -50.24 -29.89
N THR D 430 -32.75 -50.52 -30.34
CA THR D 430 -33.03 -51.81 -30.97
C THR D 430 -32.24 -51.97 -32.26
N ARG D 431 -32.17 -50.91 -33.09
CA ARG D 431 -31.39 -50.98 -34.31
C ARG D 431 -29.91 -51.19 -34.02
N ALA D 432 -29.38 -50.48 -33.03
CA ALA D 432 -27.98 -50.68 -32.66
C ALA D 432 -27.74 -52.13 -32.23
N ALA D 433 -28.65 -52.66 -31.39
CA ALA D 433 -28.48 -54.02 -30.90
C ALA D 433 -28.54 -55.05 -32.03
N VAL D 434 -29.49 -54.89 -32.96
CA VAL D 434 -29.59 -55.88 -34.03
C VAL D 434 -28.43 -55.78 -34.99
N GLU D 435 -27.95 -54.56 -35.29
CA GLU D 435 -26.89 -54.43 -36.28
C GLU D 435 -25.53 -54.84 -35.71
N GLU D 436 -25.35 -54.71 -34.39
CA GLU D 436 -24.07 -55.09 -33.78
C GLU D 436 -24.21 -56.26 -32.81
N GLY D 437 -25.05 -56.15 -31.80
CA GLY D 437 -25.15 -57.17 -30.78
C GLY D 437 -25.14 -56.58 -29.38
N ILE D 438 -25.67 -57.32 -28.40
CA ILE D 438 -25.80 -56.82 -27.04
C ILE D 438 -24.71 -57.45 -26.18
N LEU D 439 -24.36 -56.74 -25.10
CA LEU D 439 -23.39 -57.19 -24.12
C LEU D 439 -23.90 -56.84 -22.73
N PRO D 440 -23.45 -57.58 -21.70
CA PRO D 440 -23.86 -57.24 -20.32
C PRO D 440 -23.45 -55.84 -19.93
N GLY D 441 -24.43 -55.01 -19.57
CA GLY D 441 -24.17 -53.62 -19.24
C GLY D 441 -23.62 -53.46 -17.84
N GLY D 442 -23.43 -52.19 -17.46
CA GLY D 442 -22.88 -51.87 -16.17
C GLY D 442 -21.38 -51.99 -16.07
N GLY D 443 -20.69 -52.12 -17.19
CA GLY D 443 -19.25 -52.24 -17.19
C GLY D 443 -18.73 -53.65 -16.95
N THR D 444 -19.62 -54.63 -16.78
CA THR D 444 -19.15 -56.00 -16.55
C THR D 444 -18.39 -56.54 -17.76
N ALA D 445 -18.88 -56.25 -18.97
CA ALA D 445 -18.21 -56.72 -20.17
C ALA D 445 -16.81 -56.15 -20.28
N LEU D 446 -16.63 -54.87 -19.91
CA LEU D 446 -15.31 -54.27 -19.94
C LEU D 446 -14.37 -54.96 -18.97
N ILE D 447 -14.85 -55.29 -17.76
CA ILE D 447 -14.01 -55.98 -16.79
C ILE D 447 -13.61 -57.35 -17.31
N LYS D 448 -14.57 -58.09 -17.86
CA LYS D 448 -14.27 -59.43 -18.37
C LYS D 448 -13.28 -59.36 -19.52
N ALA D 449 -13.43 -58.38 -20.42
CA ALA D 449 -12.49 -58.23 -21.52
C ALA D 449 -11.10 -57.87 -21.02
N SER D 450 -11.01 -56.93 -20.08
CA SER D 450 -9.71 -56.54 -19.55
C SER D 450 -9.03 -57.67 -18.78
N VAL D 451 -9.80 -58.61 -18.24
CA VAL D 451 -9.19 -59.70 -17.50
C VAL D 451 -8.81 -60.88 -18.40
N ASN D 452 -9.67 -61.24 -19.35
CA ASN D 452 -9.45 -62.42 -20.19
C ASN D 452 -8.84 -62.10 -21.55
N ALA D 453 -8.49 -60.85 -21.82
CA ALA D 453 -8.01 -60.48 -23.14
C ALA D 453 -6.55 -60.02 -23.14
N LEU D 454 -6.20 -59.04 -22.31
CA LEU D 454 -4.88 -58.44 -22.33
C LEU D 454 -3.81 -59.34 -21.73
N ASN D 455 -4.19 -60.44 -21.06
CA ASN D 455 -3.20 -61.34 -20.50
C ASN D 455 -2.46 -62.14 -21.57
N ASN D 456 -3.02 -62.23 -22.77
CA ASN D 456 -2.40 -63.00 -23.85
C ASN D 456 -1.40 -62.17 -24.66
N LEU D 457 -1.58 -60.85 -24.71
CA LEU D 457 -0.70 -60.00 -25.50
C LEU D 457 0.72 -60.04 -24.95
N LYS D 458 1.70 -60.08 -25.86
CA LYS D 458 3.11 -60.14 -25.51
C LYS D 458 3.84 -59.04 -26.28
N PRO D 459 3.80 -57.81 -25.77
CA PRO D 459 4.50 -56.72 -26.46
C PRO D 459 6.01 -56.95 -26.49
N ALA D 460 6.64 -56.44 -27.55
CA ALA D 460 8.07 -56.66 -27.74
C ALA D 460 8.90 -55.82 -26.79
N ASN D 461 8.78 -54.50 -26.88
CA ASN D 461 9.56 -53.59 -26.06
C ASN D 461 8.87 -53.39 -24.71
N PHE D 462 9.35 -52.41 -23.95
CA PHE D 462 8.88 -52.19 -22.59
C PHE D 462 7.76 -51.17 -22.50
N ASP D 463 7.87 -50.08 -23.26
CA ASP D 463 6.83 -49.04 -23.22
C ASP D 463 5.51 -49.55 -23.76
N GLN D 464 5.53 -50.49 -24.70
CA GLN D 464 4.29 -51.12 -25.15
C GLN D 464 3.63 -51.90 -24.02
N GLN D 465 4.42 -52.60 -23.21
CA GLN D 465 3.87 -53.27 -22.04
C GLN D 465 3.31 -52.26 -21.04
N LEU D 466 3.99 -51.12 -20.88
CA LEU D 466 3.48 -50.07 -20.01
C LEU D 466 2.14 -49.55 -20.51
N GLY D 467 2.01 -49.35 -21.82
CA GLY D 467 0.74 -48.90 -22.38
C GLY D 467 -0.37 -49.93 -22.22
N VAL D 468 -0.02 -51.21 -22.38
CA VAL D 468 -1.01 -52.27 -22.16
C VAL D 468 -1.49 -52.26 -20.72
N ASN D 469 -0.56 -52.10 -19.76
CA ASN D 469 -0.95 -52.00 -18.36
C ASN D 469 -1.82 -50.76 -18.13
N ILE D 470 -1.50 -49.66 -18.82
CA ILE D 470 -2.27 -48.44 -18.69
C ILE D 470 -3.71 -48.67 -19.14
N ILE D 471 -3.89 -49.32 -20.29
CA ILE D 471 -5.24 -49.56 -20.78
C ILE D 471 -5.96 -50.56 -19.87
N LYS D 472 -5.25 -51.53 -19.31
CA LYS D 472 -5.87 -52.48 -18.39
C LYS D 472 -6.37 -51.78 -17.13
N ASN D 473 -5.59 -50.83 -16.61
CA ASN D 473 -6.02 -50.10 -15.43
C ASN D 473 -7.13 -49.10 -15.76
N ALA D 474 -7.14 -48.56 -16.98
CA ALA D 474 -8.12 -47.55 -17.34
C ALA D 474 -9.46 -48.12 -17.79
N ILE D 475 -9.50 -49.39 -18.23
CA ILE D 475 -10.76 -49.96 -18.70
C ILE D 475 -11.75 -50.09 -17.55
N THR D 476 -11.28 -50.38 -16.35
CA THR D 476 -12.15 -50.62 -15.21
C THR D 476 -12.74 -49.33 -14.61
N ARG D 477 -12.36 -48.16 -15.12
CA ARG D 477 -12.84 -46.92 -14.54
C ARG D 477 -14.35 -46.74 -14.62
N PRO D 478 -15.02 -46.98 -15.76
CA PRO D 478 -16.49 -46.82 -15.76
C PRO D 478 -17.21 -47.71 -14.76
N ALA D 479 -16.76 -48.95 -14.60
CA ALA D 479 -17.37 -49.84 -13.61
C ALA D 479 -17.16 -49.31 -12.20
N ARG D 480 -15.96 -48.80 -11.92
CA ARG D 480 -15.68 -48.22 -10.61
C ARG D 480 -16.59 -47.03 -10.34
N MET D 481 -16.78 -46.16 -11.33
CA MET D 481 -17.66 -45.02 -11.15
C MET D 481 -19.10 -45.46 -10.94
N ILE D 482 -19.56 -46.48 -11.70
CA ILE D 482 -20.92 -46.97 -11.56
C ILE D 482 -21.15 -47.51 -10.16
N VAL D 483 -20.20 -48.29 -9.66
CA VAL D 483 -20.36 -48.89 -8.33
C VAL D 483 -20.29 -47.81 -7.25
N GLU D 484 -19.36 -46.85 -7.40
CA GLU D 484 -19.21 -45.81 -6.38
C GLU D 484 -20.38 -44.85 -6.36
N ASN D 485 -21.09 -44.69 -7.49
CA ASN D 485 -22.24 -43.80 -7.53
C ASN D 485 -23.34 -44.29 -6.59
N ALA D 486 -23.58 -45.60 -6.55
CA ALA D 486 -24.60 -46.14 -5.65
C ALA D 486 -24.20 -45.93 -4.20
N GLY D 487 -22.92 -46.14 -3.87
CA GLY D 487 -22.46 -45.96 -2.52
C GLY D 487 -21.50 -47.04 -2.05
N LEU D 488 -21.65 -48.24 -2.59
CA LEU D 488 -20.77 -49.34 -2.21
C LEU D 488 -19.36 -49.11 -2.73
N GLU D 489 -18.39 -49.71 -2.05
CA GLU D 489 -16.99 -49.56 -2.43
C GLU D 489 -16.74 -50.26 -3.76
N GLY D 490 -16.10 -49.56 -4.69
CA GLY D 490 -15.87 -50.13 -6.01
C GLY D 490 -14.75 -51.16 -6.05
N SER D 491 -13.75 -51.01 -5.16
CA SER D 491 -12.60 -51.91 -5.20
C SER D 491 -13.00 -53.35 -4.92
N VAL D 492 -13.79 -53.56 -3.87
CA VAL D 492 -14.19 -54.92 -3.51
C VAL D 492 -15.08 -55.53 -4.60
N VAL D 493 -15.99 -54.73 -5.16
CA VAL D 493 -16.88 -55.23 -6.21
C VAL D 493 -16.08 -55.62 -7.44
N ILE D 494 -15.13 -54.78 -7.85
CA ILE D 494 -14.31 -55.09 -9.01
C ILE D 494 -13.46 -56.32 -8.76
N GLY D 495 -12.92 -56.45 -7.54
CA GLY D 495 -12.14 -57.64 -7.22
C GLY D 495 -12.97 -58.91 -7.27
N LYS D 496 -14.21 -58.85 -6.76
CA LYS D 496 -15.09 -60.01 -6.82
C LYS D 496 -15.47 -60.35 -8.26
N ILE D 497 -15.73 -59.34 -9.08
CA ILE D 497 -16.14 -59.60 -10.46
C ILE D 497 -14.98 -60.17 -11.27
N SER D 498 -13.80 -59.58 -11.14
CA SER D 498 -12.67 -59.95 -12.00
C SER D 498 -12.11 -61.31 -11.63
N ASP D 499 -12.07 -61.65 -10.35
CA ASP D 499 -11.42 -62.86 -9.88
C ASP D 499 -12.39 -64.01 -9.64
N GLU D 500 -13.40 -63.80 -8.79
CA GLU D 500 -14.30 -64.89 -8.44
C GLU D 500 -15.14 -65.34 -9.63
N TYR D 501 -15.57 -64.39 -10.47
CA TYR D 501 -16.46 -64.69 -11.60
C TYR D 501 -15.77 -64.40 -12.93
N ALA D 502 -14.49 -64.77 -13.04
CA ALA D 502 -13.76 -64.55 -14.28
C ALA D 502 -14.33 -65.42 -15.41
N ALA D 503 -14.66 -66.68 -15.11
CA ALA D 503 -15.15 -67.59 -16.14
C ALA D 503 -16.50 -67.15 -16.68
N ASP D 504 -17.40 -66.72 -15.80
CA ASP D 504 -18.75 -66.35 -16.21
C ASP D 504 -18.74 -64.91 -16.73
N PHE D 505 -18.90 -64.77 -18.05
CA PHE D 505 -18.93 -63.43 -18.65
C PHE D 505 -20.13 -62.64 -18.18
N ASN D 506 -21.30 -63.28 -18.11
CA ASN D 506 -22.53 -62.56 -17.76
C ASN D 506 -22.58 -62.18 -16.28
N LYS D 507 -21.80 -62.83 -15.43
CA LYS D 507 -21.83 -62.52 -14.01
C LYS D 507 -21.16 -61.18 -13.73
N GLY D 508 -21.84 -60.34 -12.98
CA GLY D 508 -21.31 -59.04 -12.62
C GLY D 508 -21.98 -58.52 -11.38
N PHE D 509 -22.09 -57.19 -11.29
CA PHE D 509 -22.71 -56.53 -10.16
C PHE D 509 -23.93 -55.73 -10.63
N ASN D 510 -25.06 -55.94 -9.97
CA ASN D 510 -26.29 -55.20 -10.25
C ASN D 510 -26.38 -54.05 -9.25
N SER D 511 -26.06 -52.85 -9.71
CA SER D 511 -26.07 -51.68 -8.82
C SER D 511 -27.47 -51.31 -8.36
N ALA D 512 -28.50 -51.75 -9.07
CA ALA D 512 -29.87 -51.42 -8.68
C ALA D 512 -30.23 -52.04 -7.34
N THR D 513 -29.83 -53.30 -7.11
CA THR D 513 -30.16 -54.00 -5.89
C THR D 513 -28.95 -54.38 -5.05
N GLY D 514 -27.76 -54.44 -5.63
CA GLY D 514 -26.57 -54.80 -4.90
C GLY D 514 -26.26 -56.28 -4.84
N GLU D 515 -26.90 -57.09 -5.68
CA GLU D 515 -26.67 -58.53 -5.71
C GLU D 515 -25.98 -58.91 -7.02
N TYR D 516 -25.05 -59.85 -6.95
CA TYR D 516 -24.31 -60.30 -8.11
C TYR D 516 -25.19 -61.22 -8.93
N VAL D 517 -25.87 -60.65 -9.93
CA VAL D 517 -26.76 -61.40 -10.80
C VAL D 517 -26.37 -61.13 -12.25
N ASP D 518 -26.81 -62.03 -13.14
CA ASP D 518 -26.52 -61.90 -14.55
C ASP D 518 -27.38 -60.81 -15.17
N MET D 519 -26.75 -59.91 -15.93
CA MET D 519 -27.50 -58.85 -16.61
C MET D 519 -28.41 -59.38 -17.69
N ILE D 520 -28.11 -60.54 -18.27
CA ILE D 520 -28.97 -61.11 -19.30
C ILE D 520 -30.35 -61.42 -18.74
N GLN D 521 -30.40 -62.06 -17.58
CA GLN D 521 -31.67 -62.33 -16.93
C GLN D 521 -32.23 -61.09 -16.25
N ALA D 522 -31.36 -60.24 -15.69
CA ALA D 522 -31.82 -59.03 -15.01
C ALA D 522 -32.33 -57.98 -15.98
N GLY D 523 -31.96 -58.06 -17.25
CA GLY D 523 -32.40 -57.12 -18.26
C GLY D 523 -31.40 -56.04 -18.61
N ILE D 524 -30.38 -55.83 -17.77
CA ILE D 524 -29.37 -54.82 -18.07
C ILE D 524 -28.58 -55.25 -19.30
N LEU D 525 -28.30 -54.30 -20.18
CA LEU D 525 -27.55 -54.60 -21.39
C LEU D 525 -26.80 -53.36 -21.85
N ASP D 526 -25.84 -53.58 -22.75
CA ASP D 526 -25.13 -52.51 -23.43
C ASP D 526 -24.82 -53.04 -24.82
N PRO D 527 -25.32 -52.39 -25.86
CA PRO D 527 -25.02 -52.86 -27.23
C PRO D 527 -23.53 -52.80 -27.52
N LEU D 528 -23.08 -53.72 -28.38
CA LEU D 528 -21.66 -53.75 -28.73
C LEU D 528 -21.24 -52.48 -29.46
N LYS D 529 -22.11 -51.96 -30.32
CA LYS D 529 -21.74 -50.82 -31.16
C LYS D 529 -21.39 -49.60 -30.32
N VAL D 530 -22.24 -49.26 -29.35
CA VAL D 530 -22.02 -48.03 -28.58
C VAL D 530 -20.76 -48.14 -27.75
N VAL D 531 -20.57 -49.26 -27.04
CA VAL D 531 -19.40 -49.39 -26.18
C VAL D 531 -18.12 -49.47 -27.02
N ARG D 532 -18.18 -50.16 -28.15
CA ARG D 532 -17.00 -50.30 -29.01
C ARG D 532 -16.59 -48.95 -29.58
N THR D 533 -17.56 -48.19 -30.11
CA THR D 533 -17.22 -46.89 -30.68
C THR D 533 -16.79 -45.90 -29.60
N GLY D 534 -17.39 -45.97 -28.41
CA GLY D 534 -16.95 -45.12 -27.33
C GLY D 534 -15.53 -45.41 -26.90
N LEU D 535 -15.19 -46.70 -26.77
CA LEU D 535 -13.82 -47.07 -26.41
C LEU D 535 -12.84 -46.65 -27.48
N ILE D 536 -13.19 -46.85 -28.75
CA ILE D 536 -12.28 -46.49 -29.84
C ILE D 536 -12.05 -44.99 -29.87
N ASP D 537 -13.12 -44.20 -29.78
CA ASP D 537 -12.98 -42.75 -29.80
C ASP D 537 -12.21 -42.25 -28.59
N ALA D 538 -12.48 -42.82 -27.41
CA ALA D 538 -11.77 -42.40 -26.21
C ALA D 538 -10.29 -42.71 -26.32
N SER D 539 -9.94 -43.91 -26.79
CA SER D 539 -8.53 -44.27 -26.94
C SER D 539 -7.84 -43.37 -27.95
N GLY D 540 -8.50 -43.12 -29.09
CA GLY D 540 -7.91 -42.25 -30.09
C GLY D 540 -7.70 -40.84 -29.59
N VAL D 541 -8.71 -40.28 -28.91
CA VAL D 541 -8.61 -38.91 -28.41
C VAL D 541 -7.53 -38.80 -27.35
N ALA D 542 -7.46 -39.79 -26.44
CA ALA D 542 -6.43 -39.75 -25.40
C ALA D 542 -5.04 -39.88 -26.00
N SER D 543 -4.87 -40.79 -26.97
CA SER D 543 -3.57 -40.95 -27.62
C SER D 543 -3.16 -39.67 -28.36
N LEU D 544 -4.11 -39.03 -29.04
CA LEU D 544 -3.80 -37.79 -29.73
C LEU D 544 -3.44 -36.69 -28.75
N LEU D 545 -4.20 -36.57 -27.64
CA LEU D 545 -3.97 -35.51 -26.68
C LEU D 545 -2.67 -35.73 -25.91
N GLY D 546 -2.22 -36.98 -25.79
CA GLY D 546 -0.98 -37.24 -25.07
C GLY D 546 0.27 -36.94 -25.87
N THR D 547 0.14 -36.48 -27.10
CA THR D 547 1.30 -36.20 -27.94
C THR D 547 1.21 -34.80 -28.55
N THR D 548 0.86 -33.81 -27.72
CA THR D 548 0.77 -32.41 -28.16
C THR D 548 1.56 -31.56 -27.16
N GLU D 549 2.83 -31.31 -27.47
CA GLU D 549 3.64 -30.46 -26.61
C GLU D 549 3.18 -29.01 -26.67
N VAL D 550 2.80 -28.54 -27.86
CA VAL D 550 2.46 -27.15 -28.11
C VAL D 550 0.95 -27.03 -28.26
N ALA D 551 0.39 -25.98 -27.69
CA ALA D 551 -1.04 -25.66 -27.79
C ALA D 551 -1.22 -24.18 -27.57
N ILE D 552 -1.90 -23.52 -28.50
CA ILE D 552 -2.07 -22.08 -28.45
C ILE D 552 -3.53 -21.74 -28.27
N VAL D 553 -3.79 -20.59 -27.62
CA VAL D 553 -5.14 -20.08 -27.41
C VAL D 553 -5.16 -18.60 -27.79
N GLU D 554 -6.37 -18.09 -27.99
CA GLU D 554 -6.55 -16.69 -28.37
C GLU D 554 -6.44 -15.81 -27.12
N ALA D 555 -6.68 -14.51 -27.29
CA ALA D 555 -6.59 -13.56 -26.20
C ALA D 555 -7.74 -13.75 -25.21
N ALA E 28 -21.17 -18.45 -22.51
CA ALA E 28 -20.01 -19.31 -22.72
C ALA E 28 -18.96 -19.09 -21.63
N HIS E 29 -19.43 -19.06 -20.38
CA HIS E 29 -18.53 -18.85 -19.24
C HIS E 29 -19.23 -19.41 -18.01
N LYS E 30 -18.65 -20.47 -17.44
CA LYS E 30 -19.25 -21.16 -16.29
C LYS E 30 -18.18 -21.43 -15.24
N GLU E 31 -18.63 -21.53 -13.99
CA GLU E 31 -17.79 -21.95 -12.88
C GLU E 31 -18.43 -23.14 -12.19
N LEU E 32 -17.60 -24.08 -11.74
CA LEU E 32 -18.06 -25.36 -11.23
C LEU E 32 -17.80 -25.46 -9.74
N LYS E 33 -18.76 -26.04 -9.02
CA LYS E 33 -18.62 -26.36 -7.60
C LYS E 33 -18.99 -27.82 -7.41
N PHE E 34 -18.13 -28.57 -6.71
CA PHE E 34 -18.23 -30.02 -6.65
C PHE E 34 -18.59 -30.48 -5.25
N GLY E 35 -19.63 -31.30 -5.15
CA GLY E 35 -19.90 -32.04 -3.93
C GLY E 35 -20.26 -31.15 -2.76
N VAL E 36 -19.40 -31.19 -1.74
CA VAL E 36 -19.72 -30.56 -0.46
C VAL E 36 -19.86 -29.05 -0.60
N GLU E 37 -19.02 -28.43 -1.43
CA GLU E 37 -19.08 -26.98 -1.59
C GLU E 37 -20.41 -26.54 -2.21
N GLY E 38 -20.81 -27.18 -3.31
CA GLY E 38 -22.08 -26.85 -3.93
C GLY E 38 -23.26 -27.17 -3.03
N ARG E 39 -23.20 -28.29 -2.31
CA ARG E 39 -24.27 -28.64 -1.40
C ARG E 39 -24.39 -27.62 -0.27
N ALA E 40 -23.25 -27.14 0.25
CA ALA E 40 -23.29 -26.12 1.29
C ALA E 40 -23.85 -24.81 0.77
N ALA E 41 -23.48 -24.43 -0.47
CA ALA E 41 -24.03 -23.20 -1.04
C ALA E 41 -25.54 -23.31 -1.21
N LEU E 42 -26.02 -24.45 -1.72
CA LEU E 42 -27.46 -24.64 -1.86
C LEU E 42 -28.14 -24.65 -0.49
N LEU E 43 -27.50 -25.26 0.51
CA LEU E 43 -28.03 -25.23 1.87
C LEU E 43 -28.19 -23.80 2.36
N ASN E 44 -27.15 -22.97 2.16
CA ASN E 44 -27.21 -21.59 2.63
C ASN E 44 -28.33 -20.83 1.94
N GLY E 45 -28.43 -20.96 0.61
CA GLY E 45 -29.49 -20.25 -0.10
C GLY E 45 -30.88 -20.67 0.32
N VAL E 46 -31.11 -21.99 0.40
CA VAL E 46 -32.42 -22.50 0.75
C VAL E 46 -32.77 -22.12 2.18
N GLU E 47 -31.81 -22.22 3.10
CA GLU E 47 -32.06 -21.87 4.49
C GLU E 47 -32.38 -20.38 4.64
N THR E 48 -31.64 -19.52 3.92
CA THR E 48 -31.94 -18.09 3.98
C THR E 48 -33.34 -17.79 3.47
N LEU E 49 -33.69 -18.36 2.32
CA LEU E 49 -35.02 -18.09 1.76
C LEU E 49 -36.12 -18.62 2.68
N ALA E 50 -35.93 -19.81 3.23
CA ALA E 50 -36.94 -20.39 4.09
C ALA E 50 -37.07 -19.62 5.41
N LYS E 51 -35.95 -19.14 5.95
CA LYS E 51 -36.02 -18.33 7.16
C LYS E 51 -36.73 -17.01 6.89
N ALA E 52 -36.51 -16.42 5.72
CA ALA E 52 -37.25 -15.21 5.37
C ALA E 52 -38.73 -15.49 5.21
N VAL E 53 -39.08 -16.61 4.58
CA VAL E 53 -40.49 -16.91 4.30
C VAL E 53 -41.24 -17.27 5.58
N ALA E 54 -40.63 -18.06 6.46
CA ALA E 54 -41.32 -18.60 7.62
C ALA E 54 -41.71 -17.54 8.63
N THR E 55 -41.19 -16.31 8.49
CA THR E 55 -41.54 -15.24 9.41
C THR E 55 -43.02 -14.87 9.35
N THR E 56 -43.72 -15.23 8.28
CA THR E 56 -45.14 -14.96 8.14
C THR E 56 -46.00 -16.18 8.40
N LEU E 57 -45.41 -17.29 8.84
CA LEU E 57 -46.14 -18.53 9.05
C LEU E 57 -47.07 -18.41 10.25
N GLY E 58 -48.23 -19.04 10.14
CA GLY E 58 -49.18 -19.10 11.23
C GLY E 58 -50.08 -17.89 11.28
N PRO E 59 -51.19 -17.99 12.02
CA PRO E 59 -52.07 -16.83 12.17
C PRO E 59 -51.37 -15.63 12.81
N LYS E 60 -50.43 -15.88 13.71
CA LYS E 60 -49.68 -14.80 14.37
C LYS E 60 -48.39 -14.52 13.59
N GLY E 61 -48.56 -14.24 12.30
CA GLY E 61 -47.44 -13.96 11.43
C GLY E 61 -46.91 -12.54 11.65
N ARG E 62 -45.83 -12.25 10.92
CA ARG E 62 -45.18 -10.95 11.04
C ARG E 62 -44.90 -10.41 9.64
N ASN E 63 -44.97 -9.10 9.50
CA ASN E 63 -45.03 -8.48 8.18
C ASN E 63 -43.67 -8.44 7.50
N VAL E 64 -43.69 -8.15 6.20
CA VAL E 64 -42.50 -7.99 5.37
C VAL E 64 -42.57 -6.63 4.70
N LEU E 65 -41.41 -6.04 4.42
CA LEU E 65 -41.32 -4.73 3.77
C LEU E 65 -40.86 -4.92 2.33
N ILE E 66 -41.74 -4.60 1.38
CA ILE E 66 -41.44 -4.74 -0.05
C ILE E 66 -41.62 -3.38 -0.71
N GLU E 67 -40.67 -3.03 -1.58
CA GLU E 67 -40.73 -1.79 -2.34
C GLU E 67 -40.83 -2.07 -3.82
N SER E 68 -41.75 -1.36 -4.46
CA SER E 68 -41.96 -1.44 -5.91
C SER E 68 -40.85 -0.66 -6.63
N THR E 69 -40.72 -0.93 -7.93
CA THR E 69 -39.73 -0.22 -8.73
C THR E 69 -40.04 1.27 -8.79
N PHE E 70 -41.31 1.63 -8.95
CA PHE E 70 -41.75 3.01 -8.99
C PHE E 70 -42.68 3.29 -7.83
N GLY E 71 -42.67 4.54 -7.36
CA GLY E 71 -43.57 4.94 -6.30
C GLY E 71 -42.96 4.79 -4.91
N SER E 72 -43.68 4.13 -4.02
CA SER E 72 -43.28 3.98 -2.63
C SER E 72 -43.55 2.55 -2.17
N PRO E 73 -42.84 2.08 -1.14
CA PRO E 73 -42.94 0.67 -0.74
C PRO E 73 -44.31 0.29 -0.21
N LYS E 74 -44.63 -0.98 -0.38
CA LYS E 74 -45.86 -1.58 0.12
C LYS E 74 -45.57 -2.46 1.31
N ILE E 75 -46.59 -3.18 1.78
CA ILE E 75 -46.48 -4.10 2.89
C ILE E 75 -46.85 -5.49 2.40
N THR E 76 -46.34 -6.52 3.07
CA THR E 76 -46.58 -7.91 2.71
C THR E 76 -46.68 -8.76 3.96
N LYS E 77 -47.74 -9.57 4.05
CA LYS E 77 -47.92 -10.49 5.16
C LYS E 77 -48.05 -11.94 4.74
N ASP E 78 -48.05 -12.23 3.43
CA ASP E 78 -48.17 -13.59 2.94
C ASP E 78 -46.78 -14.16 2.66
N GLY E 79 -46.72 -15.32 2.01
CA GLY E 79 -45.45 -15.97 1.75
C GLY E 79 -45.08 -16.10 0.28
N VAL E 80 -46.10 -16.15 -0.59
CA VAL E 80 -45.83 -16.38 -2.01
C VAL E 80 -45.06 -15.22 -2.62
N THR E 81 -45.47 -13.97 -2.32
CA THR E 81 -44.82 -12.82 -2.94
C THR E 81 -43.39 -12.65 -2.43
N VAL E 82 -43.17 -12.79 -1.13
CA VAL E 82 -41.82 -12.65 -0.60
C VAL E 82 -40.94 -13.80 -1.09
N ALA E 83 -41.51 -15.00 -1.23
CA ALA E 83 -40.74 -16.12 -1.78
C ALA E 83 -40.34 -15.85 -3.23
N LYS E 84 -41.25 -15.28 -4.02
CA LYS E 84 -40.95 -15.02 -5.43
C LYS E 84 -40.06 -13.79 -5.61
N ALA E 85 -39.98 -12.92 -4.61
CA ALA E 85 -39.21 -11.68 -4.72
C ALA E 85 -37.90 -11.73 -3.94
N ILE E 86 -37.23 -12.88 -3.93
CA ILE E 86 -35.97 -13.05 -3.22
C ILE E 86 -34.91 -13.52 -4.21
N SER E 87 -33.77 -12.83 -4.22
CA SER E 87 -32.62 -13.22 -5.04
C SER E 87 -31.37 -12.94 -4.23
N LEU E 88 -30.61 -14.00 -3.92
CA LEU E 88 -29.49 -13.89 -3.01
C LEU E 88 -28.27 -13.30 -3.73
N LYS E 89 -27.19 -13.12 -2.95
CA LYS E 89 -25.96 -12.55 -3.50
C LYS E 89 -25.24 -13.56 -4.39
N ASP E 90 -24.88 -14.71 -3.82
CA ASP E 90 -24.14 -15.72 -4.58
C ASP E 90 -25.03 -16.35 -5.64
N LYS E 91 -24.40 -16.77 -6.74
CA LYS E 91 -25.14 -17.37 -7.84
C LYS E 91 -25.74 -18.72 -7.44
N PHE E 92 -25.01 -19.51 -6.67
CA PHE E 92 -25.52 -20.82 -6.25
C PHE E 92 -26.66 -20.68 -5.25
N GLU E 93 -26.55 -19.71 -4.33
CA GLU E 93 -27.65 -19.43 -3.43
C GLU E 93 -28.88 -18.98 -4.19
N ASN E 94 -28.68 -18.14 -5.22
CA ASN E 94 -29.79 -17.72 -6.06
C ASN E 94 -30.40 -18.90 -6.80
N LEU E 95 -29.56 -19.85 -7.24
CA LEU E 95 -30.05 -21.04 -7.93
C LEU E 95 -30.93 -21.88 -7.01
N GLY E 96 -30.46 -22.11 -5.77
CA GLY E 96 -31.27 -22.85 -4.82
C GLY E 96 -32.56 -22.14 -4.49
N ALA E 97 -32.49 -20.81 -4.32
CA ALA E 97 -33.69 -20.04 -4.03
C ALA E 97 -34.68 -20.10 -5.19
N LYS E 98 -34.17 -20.11 -6.44
CA LYS E 98 -35.05 -20.16 -7.59
C LYS E 98 -35.70 -21.54 -7.72
N LEU E 99 -34.97 -22.61 -7.41
CA LEU E 99 -35.59 -23.93 -7.40
C LEU E 99 -36.68 -24.02 -6.32
N LEU E 100 -36.39 -23.47 -5.13
CA LEU E 100 -37.41 -23.44 -4.08
C LEU E 100 -38.60 -22.60 -4.51
N ALA E 101 -38.36 -21.52 -5.25
CA ALA E 101 -39.46 -20.71 -5.78
C ALA E 101 -40.27 -21.49 -6.79
N GLU E 102 -39.62 -22.30 -7.63
CA GLU E 102 -40.35 -23.17 -8.55
C GLU E 102 -41.29 -24.09 -7.81
N VAL E 103 -40.76 -24.82 -6.81
CA VAL E 103 -41.63 -25.79 -6.14
C VAL E 103 -42.72 -25.08 -5.34
N ALA E 104 -42.42 -23.92 -4.75
CA ALA E 104 -43.43 -23.17 -4.01
C ALA E 104 -44.52 -22.68 -4.93
N SER E 105 -44.16 -22.17 -6.12
CA SER E 105 -45.15 -21.70 -7.08
C SER E 105 -46.00 -22.85 -7.60
N LYS E 106 -45.38 -24.01 -7.84
CA LYS E 106 -46.17 -25.17 -8.26
C LYS E 106 -47.16 -25.58 -7.18
N THR E 107 -46.72 -25.57 -5.91
CA THR E 107 -47.63 -25.92 -4.82
C THR E 107 -48.77 -24.90 -4.71
N ASN E 108 -48.45 -23.61 -4.87
CA ASN E 108 -49.48 -22.58 -4.78
C ASN E 108 -50.49 -22.70 -5.92
N GLU E 109 -50.01 -22.99 -7.14
CA GLU E 109 -50.91 -23.16 -8.26
C GLU E 109 -51.77 -24.41 -8.09
N VAL E 110 -51.21 -25.49 -7.55
CA VAL E 110 -51.97 -26.72 -7.36
C VAL E 110 -53.03 -26.53 -6.29
N ALA E 111 -52.65 -25.97 -5.14
CA ALA E 111 -53.54 -25.89 -3.98
C ALA E 111 -54.07 -24.48 -3.75
N GLY E 112 -53.19 -23.50 -3.59
CA GLY E 112 -53.57 -22.14 -3.26
C GLY E 112 -53.03 -21.62 -1.95
N ASP E 113 -52.49 -22.50 -1.11
CA ASP E 113 -51.92 -22.09 0.18
C ASP E 113 -50.88 -23.12 0.59
N GLY E 114 -50.45 -23.06 1.85
CA GLY E 114 -49.48 -24.00 2.36
C GLY E 114 -48.09 -23.86 1.79
N THR E 115 -47.79 -22.75 1.12
CA THR E 115 -46.46 -22.57 0.54
C THR E 115 -45.39 -22.47 1.61
N THR E 116 -45.66 -21.73 2.68
CA THR E 116 -44.66 -21.55 3.74
C THR E 116 -44.35 -22.87 4.43
N THR E 117 -45.38 -23.66 4.73
CA THR E 117 -45.17 -24.95 5.39
C THR E 117 -44.34 -25.87 4.49
N ALA E 118 -44.64 -25.91 3.20
CA ALA E 118 -43.88 -26.75 2.28
C ALA E 118 -42.43 -26.29 2.20
N THR E 119 -42.21 -24.97 2.16
CA THR E 119 -40.84 -24.46 2.11
C THR E 119 -40.07 -24.83 3.37
N VAL E 120 -40.70 -24.68 4.53
CA VAL E 120 -40.03 -25.00 5.79
C VAL E 120 -39.71 -26.48 5.87
N LEU E 121 -40.66 -27.34 5.46
CA LEU E 121 -40.41 -28.78 5.47
C LEU E 121 -39.28 -29.14 4.52
N ALA E 122 -39.26 -28.55 3.33
CA ALA E 122 -38.20 -28.83 2.39
C ALA E 122 -36.85 -28.41 2.93
N ARG E 123 -36.79 -27.23 3.56
CA ARG E 123 -35.53 -26.77 4.14
C ARG E 123 -35.06 -27.73 5.22
N ALA E 124 -35.96 -28.14 6.11
CA ALA E 124 -35.58 -29.02 7.20
C ALA E 124 -35.07 -30.36 6.68
N ILE E 125 -35.80 -30.95 5.74
CA ILE E 125 -35.40 -32.25 5.20
C ILE E 125 -34.07 -32.14 4.48
N PHE E 126 -33.88 -31.08 3.68
CA PHE E 126 -32.62 -30.92 2.96
C PHE E 126 -31.45 -30.73 3.93
N SER E 127 -31.65 -29.92 4.97
CA SER E 127 -30.58 -29.69 5.94
C SER E 127 -30.20 -30.97 6.65
N GLU E 128 -31.20 -31.74 7.12
CA GLU E 128 -30.89 -33.00 7.78
C GLU E 128 -30.21 -33.98 6.82
N MET E 129 -30.66 -34.02 5.56
CA MET E 129 -30.07 -34.94 4.59
C MET E 129 -28.61 -34.60 4.32
N VAL E 130 -28.30 -33.32 4.14
CA VAL E 130 -26.91 -32.95 3.86
C VAL E 130 -26.05 -33.15 5.10
N LYS E 131 -26.61 -32.90 6.29
CA LYS E 131 -25.86 -33.16 7.52
C LYS E 131 -25.53 -34.64 7.66
N ASN E 132 -26.48 -35.51 7.34
CA ASN E 132 -26.21 -36.95 7.40
C ASN E 132 -25.24 -37.39 6.31
N VAL E 133 -25.32 -36.76 5.13
CA VAL E 133 -24.40 -37.10 4.04
C VAL E 133 -22.98 -36.73 4.41
N ALA E 134 -22.80 -35.58 5.07
CA ALA E 134 -21.47 -35.18 5.53
C ALA E 134 -20.89 -36.17 6.53
N ALA E 135 -21.72 -36.99 7.16
CA ALA E 135 -21.24 -38.02 8.09
C ALA E 135 -20.87 -39.31 7.40
N GLY E 136 -21.06 -39.42 6.08
CA GLY E 136 -20.68 -40.60 5.35
C GLY E 136 -21.82 -41.56 5.03
N CYS E 137 -23.06 -41.21 5.37
CA CYS E 137 -24.18 -42.08 5.09
C CYS E 137 -24.48 -42.12 3.60
N ASN E 138 -25.13 -43.20 3.18
CA ASN E 138 -25.45 -43.39 1.77
C ASN E 138 -26.66 -42.53 1.39
N PRO E 139 -26.52 -41.59 0.46
CA PRO E 139 -27.68 -40.76 0.08
C PRO E 139 -28.85 -41.55 -0.49
N MET E 140 -28.58 -42.62 -1.23
CA MET E 140 -29.66 -43.36 -1.86
C MET E 140 -30.55 -44.06 -0.84
N ASP E 141 -29.93 -44.70 0.17
CA ASP E 141 -30.71 -45.35 1.22
C ASP E 141 -31.48 -44.31 2.02
N LEU E 142 -30.88 -43.15 2.27
CA LEU E 142 -31.60 -42.07 2.96
C LEU E 142 -32.81 -41.64 2.16
N ARG E 143 -32.65 -41.47 0.84
CA ARG E 143 -33.77 -41.07 0.00
C ARG E 143 -34.87 -42.11 0.01
N ARG E 144 -34.51 -43.39 -0.10
CA ARG E 144 -35.52 -44.45 -0.05
C ARG E 144 -36.24 -44.47 1.28
N GLY E 145 -35.51 -44.29 2.38
CA GLY E 145 -36.14 -44.28 3.69
C GLY E 145 -37.09 -43.13 3.87
N ILE E 146 -36.68 -41.92 3.45
CA ILE E 146 -37.58 -40.78 3.59
C ILE E 146 -38.79 -40.92 2.66
N GLN E 147 -38.61 -41.53 1.48
CA GLN E 147 -39.76 -41.75 0.61
C GLN E 147 -40.76 -42.70 1.24
N ALA E 148 -40.27 -43.81 1.80
CA ALA E 148 -41.16 -44.76 2.46
C ALA E 148 -41.85 -44.12 3.66
N ALA E 149 -41.11 -43.33 4.43
CA ALA E 149 -41.70 -42.68 5.60
C ALA E 149 -42.75 -41.65 5.19
N VAL E 150 -42.50 -40.90 4.12
CA VAL E 150 -43.48 -39.94 3.63
C VAL E 150 -44.73 -40.65 3.15
N ASP E 151 -44.56 -41.78 2.47
CA ASP E 151 -45.71 -42.56 2.03
C ASP E 151 -46.52 -43.04 3.23
N ALA E 152 -45.84 -43.52 4.27
CA ALA E 152 -46.55 -43.95 5.47
C ALA E 152 -47.29 -42.78 6.12
N VAL E 153 -46.65 -41.61 6.16
CA VAL E 153 -47.26 -40.44 6.79
C VAL E 153 -48.53 -40.02 6.04
N VAL E 154 -48.45 -39.96 4.71
CA VAL E 154 -49.63 -39.53 3.95
C VAL E 154 -50.73 -40.59 4.03
N GLU E 155 -50.36 -41.86 4.08
CA GLU E 155 -51.36 -42.91 4.25
C GLU E 155 -52.06 -42.78 5.59
N TYR E 156 -51.30 -42.51 6.65
CA TYR E 156 -51.91 -42.31 7.97
C TYR E 156 -52.81 -41.08 7.98
N LEU E 157 -52.37 -40.00 7.33
CA LEU E 157 -53.19 -38.79 7.28
C LEU E 157 -54.50 -39.05 6.54
N GLN E 158 -54.44 -39.79 5.43
CA GLN E 158 -55.65 -40.12 4.69
C GLN E 158 -56.56 -41.03 5.51
N GLN E 159 -55.99 -41.94 6.28
CA GLN E 159 -56.79 -42.86 7.08
C GLN E 159 -57.57 -42.12 8.16
N ASN E 160 -56.93 -41.15 8.82
CA ASN E 160 -57.53 -40.48 9.97
C ASN E 160 -58.46 -39.33 9.59
N LYS E 161 -58.41 -38.87 8.34
CA LYS E 161 -59.14 -37.67 7.95
C LYS E 161 -60.65 -37.87 8.05
N ARG E 162 -61.37 -36.76 7.89
CA ARG E 162 -62.83 -36.75 7.91
C ARG E 162 -63.35 -36.21 6.58
N ASP E 163 -64.52 -36.70 6.17
CA ASP E 163 -65.12 -36.29 4.91
C ASP E 163 -66.08 -35.12 5.13
N ILE E 164 -66.31 -34.37 4.06
CA ILE E 164 -67.18 -33.20 4.09
C ILE E 164 -68.34 -33.51 3.16
N THR E 165 -69.47 -33.94 3.72
CA THR E 165 -70.61 -34.36 2.92
C THR E 165 -71.89 -33.57 3.23
N THR E 166 -72.26 -33.46 4.50
CA THR E 166 -73.55 -32.88 4.85
C THR E 166 -73.57 -31.38 4.56
N SER E 167 -74.72 -30.88 4.07
CA SER E 167 -74.82 -29.48 3.70
C SER E 167 -74.60 -28.54 4.88
N ALA E 168 -74.98 -28.96 6.08
CA ALA E 168 -74.76 -28.12 7.26
C ALA E 168 -73.26 -27.94 7.53
N GLU E 169 -72.51 -29.04 7.56
CA GLU E 169 -71.07 -28.93 7.74
C GLU E 169 -70.40 -28.36 6.50
N ILE E 170 -71.06 -28.47 5.34
CA ILE E 170 -70.60 -27.76 4.15
C ILE E 170 -70.62 -26.25 4.39
N ALA E 171 -71.75 -25.75 4.90
CA ALA E 171 -71.84 -24.33 5.23
C ALA E 171 -70.85 -23.96 6.33
N GLN E 172 -70.65 -24.86 7.30
CA GLN E 172 -69.71 -24.58 8.39
C GLN E 172 -68.29 -24.42 7.86
N VAL E 173 -67.84 -25.35 7.02
CA VAL E 173 -66.48 -25.28 6.49
C VAL E 173 -66.32 -24.10 5.55
N ALA E 174 -67.38 -23.77 4.78
CA ALA E 174 -67.34 -22.57 3.96
C ALA E 174 -67.21 -21.33 4.81
N THR E 175 -67.89 -21.30 5.97
CA THR E 175 -67.82 -20.15 6.86
C THR E 175 -66.42 -19.97 7.43
N ILE E 176 -65.86 -21.04 7.99
CA ILE E 176 -64.56 -20.90 8.64
C ILE E 176 -63.46 -20.67 7.61
N SER E 177 -63.61 -21.24 6.40
CA SER E 177 -62.66 -20.96 5.33
C SER E 177 -62.76 -19.52 4.84
N ALA E 178 -63.88 -18.85 5.08
CA ALA E 178 -64.07 -17.46 4.69
C ALA E 178 -64.02 -16.50 5.87
N ASN E 179 -63.17 -16.81 6.86
CA ASN E 179 -62.95 -15.99 8.06
C ASN E 179 -64.19 -15.86 8.92
N GLY E 180 -65.24 -16.62 8.66
CA GLY E 180 -66.43 -16.60 9.51
C GLY E 180 -67.40 -15.46 9.34
N ASP E 181 -66.90 -14.24 9.20
CA ASP E 181 -67.77 -13.08 9.09
C ASP E 181 -68.57 -13.09 7.78
N GLN E 182 -68.10 -13.83 6.77
CA GLN E 182 -68.75 -13.88 5.47
C GLN E 182 -69.89 -14.89 5.51
N HIS E 183 -70.94 -14.52 6.25
CA HIS E 183 -72.11 -15.40 6.38
C HIS E 183 -72.88 -15.50 5.06
N ILE E 184 -73.11 -14.37 4.40
CA ILE E 184 -73.76 -14.40 3.10
C ILE E 184 -72.92 -15.20 2.12
N GLY E 185 -71.59 -15.06 2.21
CA GLY E 185 -70.71 -15.81 1.34
C GLY E 185 -70.79 -17.31 1.58
N LYS E 186 -70.85 -17.72 2.85
CA LYS E 186 -70.94 -19.15 3.14
C LYS E 186 -72.28 -19.73 2.73
N LEU E 187 -73.37 -18.97 2.89
CA LEU E 187 -74.66 -19.42 2.39
C LEU E 187 -74.64 -19.57 0.88
N ILE E 188 -74.04 -18.59 0.18
CA ILE E 188 -73.94 -18.66 -1.28
C ILE E 188 -73.12 -19.88 -1.69
N ALA E 189 -72.01 -20.12 -1.00
CA ALA E 189 -71.16 -21.27 -1.34
C ALA E 189 -71.89 -22.58 -1.10
N SER E 190 -72.64 -22.69 0.01
CA SER E 190 -73.38 -23.91 0.28
C SER E 190 -74.45 -24.15 -0.78
N ALA E 191 -75.18 -23.10 -1.17
CA ALA E 191 -76.19 -23.24 -2.21
C ALA E 191 -75.56 -23.62 -3.54
N MET E 192 -74.43 -22.99 -3.88
CA MET E 192 -73.76 -23.29 -5.14
C MET E 192 -73.18 -24.70 -5.16
N GLU E 193 -72.78 -25.23 -4.01
CA GLU E 193 -72.31 -26.60 -3.94
C GLU E 193 -73.45 -27.60 -4.00
N LYS E 194 -74.58 -27.29 -3.37
CA LYS E 194 -75.74 -28.17 -3.42
C LYS E 194 -76.46 -28.12 -4.77
N VAL E 195 -76.20 -27.09 -5.57
CA VAL E 195 -76.82 -26.98 -6.89
C VAL E 195 -75.92 -27.54 -7.98
N GLY E 196 -74.66 -27.10 -8.02
CA GLY E 196 -73.74 -27.54 -9.05
C GLY E 196 -72.42 -27.99 -8.45
N LYS E 197 -71.54 -28.46 -9.34
CA LYS E 197 -70.22 -28.95 -8.95
C LYS E 197 -69.07 -28.26 -9.67
N GLU E 198 -69.32 -27.60 -10.79
CA GLU E 198 -68.24 -26.91 -11.51
C GLU E 198 -67.95 -25.56 -10.87
N GLY E 199 -68.92 -24.65 -10.90
CA GLY E 199 -68.78 -23.38 -10.22
C GLY E 199 -67.91 -22.37 -10.92
N VAL E 200 -68.24 -21.09 -10.78
CA VAL E 200 -67.45 -20.01 -11.35
C VAL E 200 -67.83 -18.71 -10.66
N ILE E 201 -66.94 -17.72 -10.73
CA ILE E 201 -67.17 -16.40 -10.15
C ILE E 201 -66.91 -15.36 -11.22
N THR E 202 -67.80 -14.38 -11.33
CA THR E 202 -67.67 -13.32 -12.32
C THR E 202 -68.12 -12.00 -11.71
N VAL E 203 -67.64 -10.90 -12.30
CA VAL E 203 -67.98 -9.55 -11.85
C VAL E 203 -68.35 -8.72 -13.06
N LYS E 204 -69.42 -7.93 -12.93
CA LYS E 204 -69.90 -7.04 -13.98
C LYS E 204 -70.16 -5.68 -13.36
N GLU E 205 -69.43 -4.67 -13.84
CA GLU E 205 -69.52 -3.28 -13.39
C GLU E 205 -69.71 -3.14 -11.88
N GLY E 206 -70.58 -2.22 -11.46
CA GLY E 206 -70.78 -1.99 -10.04
C GLY E 206 -71.41 -3.17 -9.32
N LYS E 207 -72.46 -3.75 -9.92
CA LYS E 207 -73.19 -4.89 -9.36
C LYS E 207 -73.73 -4.55 -7.97
N THR E 208 -74.66 -3.59 -7.96
CA THR E 208 -75.26 -3.12 -6.72
C THR E 208 -76.22 -4.14 -6.10
N LEU E 209 -76.33 -5.34 -6.67
CA LEU E 209 -77.22 -6.35 -6.13
C LEU E 209 -76.68 -6.90 -4.81
N GLN E 210 -77.43 -7.84 -4.23
CA GLN E 210 -77.11 -8.42 -2.93
C GLN E 210 -76.52 -9.82 -3.05
N ASP E 211 -75.68 -10.05 -4.06
CA ASP E 211 -75.00 -11.33 -4.29
C ASP E 211 -76.01 -12.47 -4.46
N GLU E 212 -76.79 -12.36 -5.53
CA GLU E 212 -77.79 -13.38 -5.86
C GLU E 212 -77.18 -14.42 -6.78
N LEU E 213 -77.51 -15.69 -6.54
CA LEU E 213 -77.00 -16.80 -7.32
C LEU E 213 -78.00 -17.20 -8.40
N GLU E 214 -77.53 -17.98 -9.37
CA GLU E 214 -78.36 -18.43 -10.46
C GLU E 214 -77.76 -19.69 -11.05
N VAL E 215 -78.57 -20.40 -11.83
CA VAL E 215 -78.16 -21.63 -12.52
C VAL E 215 -78.31 -21.39 -14.01
N THR E 216 -77.23 -21.59 -14.76
CA THR E 216 -77.23 -21.34 -16.19
C THR E 216 -76.43 -22.43 -16.90
N GLU E 217 -76.97 -22.92 -18.01
CA GLU E 217 -76.28 -23.90 -18.83
C GLU E 217 -75.05 -23.28 -19.48
N GLY E 218 -73.96 -24.03 -19.53
CA GLY E 218 -72.74 -23.52 -20.11
C GLY E 218 -71.71 -24.61 -20.29
N MET E 219 -70.51 -24.18 -20.69
CA MET E 219 -69.39 -25.08 -20.96
C MET E 219 -68.13 -24.52 -20.32
N ARG E 220 -67.18 -25.40 -20.03
CA ARG E 220 -65.93 -25.01 -19.40
C ARG E 220 -64.79 -25.84 -19.96
N PHE E 221 -63.64 -25.19 -20.17
CA PHE E 221 -62.42 -25.90 -20.54
C PHE E 221 -61.24 -25.07 -20.06
N ASP E 222 -60.09 -25.75 -19.93
CA ASP E 222 -58.87 -25.13 -19.38
C ASP E 222 -57.87 -24.94 -20.52
N ARG E 223 -57.96 -23.78 -21.18
CA ARG E 223 -56.99 -23.42 -22.22
C ARG E 223 -56.98 -21.90 -22.36
N GLY E 224 -55.96 -21.27 -21.78
CA GLY E 224 -55.85 -19.82 -21.79
C GLY E 224 -55.30 -19.29 -23.09
N PHE E 225 -55.12 -17.97 -23.14
CA PHE E 225 -54.58 -17.32 -24.32
C PHE E 225 -53.12 -17.69 -24.52
N VAL E 226 -52.71 -17.77 -25.79
CA VAL E 226 -51.32 -18.07 -26.10
C VAL E 226 -50.42 -16.90 -25.71
N SER E 227 -50.89 -15.67 -25.89
CA SER E 227 -50.09 -14.48 -25.62
C SER E 227 -50.68 -13.70 -24.44
N PRO E 228 -49.83 -13.09 -23.61
CA PRO E 228 -50.33 -12.32 -22.46
C PRO E 228 -50.78 -10.91 -22.77
N TYR E 229 -50.82 -10.51 -24.05
CA TYR E 229 -51.20 -9.16 -24.43
C TYR E 229 -52.65 -9.04 -24.86
N PHE E 230 -53.42 -10.13 -24.79
CA PHE E 230 -54.80 -10.12 -25.27
C PHE E 230 -55.78 -9.55 -24.25
N ILE E 231 -55.39 -9.42 -22.99
CA ILE E 231 -56.26 -8.90 -21.93
C ILE E 231 -55.58 -7.69 -21.31
N THR E 232 -56.26 -6.55 -21.35
CA THR E 232 -55.72 -5.34 -20.75
C THR E 232 -55.69 -5.44 -19.23
N ASP E 233 -56.77 -5.93 -18.64
CA ASP E 233 -56.86 -6.10 -17.19
C ASP E 233 -56.43 -7.48 -16.75
N ALA E 234 -55.20 -7.87 -17.12
CA ALA E 234 -54.69 -9.19 -16.76
C ALA E 234 -54.43 -9.33 -15.27
N LYS E 235 -54.36 -8.22 -14.54
CA LYS E 235 -54.12 -8.29 -13.10
C LYS E 235 -55.28 -8.96 -12.38
N ALA E 236 -56.51 -8.67 -12.79
CA ALA E 236 -57.69 -9.22 -12.15
C ALA E 236 -58.60 -10.01 -13.08
N GLN E 237 -58.29 -10.06 -14.38
CA GLN E 237 -59.10 -10.77 -15.37
C GLN E 237 -60.54 -10.26 -15.37
N LYS E 238 -60.69 -8.98 -15.68
CA LYS E 238 -62.00 -8.36 -15.71
C LYS E 238 -62.86 -8.93 -16.83
N VAL E 239 -64.17 -8.91 -16.62
CA VAL E 239 -65.14 -9.41 -17.59
C VAL E 239 -65.65 -8.23 -18.40
N GLU E 240 -65.39 -8.25 -19.71
CA GLU E 240 -65.82 -7.18 -20.60
C GLU E 240 -66.41 -7.75 -21.89
N PHE E 241 -66.95 -8.97 -21.82
CA PHE E 241 -67.52 -9.65 -22.98
C PHE E 241 -69.01 -9.85 -22.71
N GLU E 242 -69.82 -8.88 -23.14
CA GLU E 242 -71.27 -8.94 -23.01
C GLU E 242 -71.86 -9.35 -24.36
N LYS E 243 -72.55 -10.48 -24.38
CA LYS E 243 -73.07 -11.07 -25.60
C LYS E 243 -72.01 -11.15 -26.70
N PRO E 244 -70.94 -11.93 -26.49
CA PRO E 244 -69.85 -11.96 -27.47
C PRO E 244 -70.00 -13.05 -28.51
N LEU E 245 -69.67 -12.70 -29.75
CA LEU E 245 -69.63 -13.69 -30.82
C LEU E 245 -68.41 -14.58 -30.67
N ILE E 246 -68.54 -15.81 -31.16
CA ILE E 246 -67.47 -16.80 -31.06
C ILE E 246 -67.23 -17.43 -32.43
N LEU E 247 -66.03 -17.96 -32.61
CA LEU E 247 -65.63 -18.60 -33.85
C LEU E 247 -65.20 -20.03 -33.58
N LEU E 248 -65.65 -20.95 -34.42
CA LEU E 248 -65.33 -22.37 -34.28
C LEU E 248 -64.50 -22.81 -35.50
N SER E 249 -63.35 -23.43 -35.23
CA SER E 249 -62.48 -23.91 -36.29
C SER E 249 -61.68 -25.10 -35.77
N GLU E 250 -61.22 -25.92 -36.70
CA GLU E 250 -60.44 -27.11 -36.38
C GLU E 250 -59.09 -27.15 -37.10
N GLN E 251 -59.06 -26.74 -38.37
CA GLN E 251 -57.82 -26.79 -39.13
C GLN E 251 -56.88 -25.66 -38.69
N LYS E 252 -55.62 -25.76 -39.13
CA LYS E 252 -54.62 -24.78 -38.77
C LYS E 252 -54.93 -23.43 -39.41
N ILE E 253 -54.66 -22.36 -38.66
CA ILE E 253 -54.84 -20.99 -39.14
C ILE E 253 -53.47 -20.32 -39.10
N SER E 254 -52.95 -19.97 -40.27
CA SER E 254 -51.65 -19.30 -40.36
C SER E 254 -51.61 -18.15 -41.33
N ALA E 255 -52.70 -17.83 -42.03
CA ALA E 255 -52.74 -16.76 -43.00
C ALA E 255 -53.93 -15.85 -42.75
N ALA E 256 -53.83 -14.63 -43.25
CA ALA E 256 -54.89 -13.63 -43.10
C ALA E 256 -55.90 -13.65 -44.24
N THR E 257 -55.78 -14.60 -45.17
CA THR E 257 -56.67 -14.62 -46.32
C THR E 257 -58.12 -14.90 -45.91
N ASP E 258 -58.33 -15.80 -44.95
CA ASP E 258 -59.67 -16.26 -44.60
C ASP E 258 -60.05 -15.87 -43.17
N ILE E 259 -59.35 -14.92 -42.55
CA ILE E 259 -59.68 -14.48 -41.20
C ILE E 259 -59.85 -12.97 -41.12
N ILE E 260 -59.35 -12.23 -42.11
CA ILE E 260 -59.46 -10.77 -42.08
C ILE E 260 -60.91 -10.30 -42.08
N PRO E 261 -61.82 -10.82 -42.94
CA PRO E 261 -63.19 -10.27 -42.93
C PRO E 261 -63.90 -10.39 -41.59
N ALA E 262 -63.64 -11.46 -40.83
CA ALA E 262 -64.31 -11.65 -39.55
C ALA E 262 -63.96 -10.55 -38.57
N LEU E 263 -62.65 -10.31 -38.37
CA LEU E 263 -62.24 -9.28 -37.42
C LEU E 263 -62.63 -7.89 -37.90
N GLU E 264 -62.55 -7.64 -39.21
CA GLU E 264 -62.94 -6.35 -39.74
C GLU E 264 -64.42 -6.06 -39.51
N ILE E 265 -65.28 -7.05 -39.77
CA ILE E 265 -66.71 -6.83 -39.56
C ILE E 265 -67.02 -6.73 -38.07
N SER E 266 -66.30 -7.49 -37.23
CA SER E 266 -66.51 -7.39 -35.79
C SER E 266 -66.16 -6.00 -35.28
N HIS E 267 -65.06 -5.43 -35.77
CA HIS E 267 -64.73 -4.05 -35.42
C HIS E 267 -65.75 -3.08 -36.00
N LYS E 268 -66.29 -3.39 -37.19
CA LYS E 268 -67.28 -2.51 -37.81
C LYS E 268 -68.54 -2.41 -36.96
N MET E 269 -69.06 -3.53 -36.48
CA MET E 269 -70.24 -3.47 -35.62
C MET E 269 -69.89 -3.35 -34.14
N ARG E 270 -68.60 -3.31 -33.80
CA ARG E 270 -68.15 -3.15 -32.41
C ARG E 270 -68.69 -4.26 -31.52
N ARG E 271 -68.38 -5.50 -31.91
CA ARG E 271 -68.79 -6.68 -31.15
C ARG E 271 -67.58 -7.53 -30.81
N PRO E 272 -67.57 -8.16 -29.64
CA PRO E 272 -66.44 -9.03 -29.28
C PRO E 272 -66.40 -10.30 -30.14
N LEU E 273 -65.19 -10.83 -30.29
CA LEU E 273 -64.99 -12.04 -31.07
C LEU E 273 -63.78 -12.78 -30.50
N VAL E 274 -63.73 -14.08 -30.79
CA VAL E 274 -62.63 -14.94 -30.37
C VAL E 274 -62.09 -15.68 -31.57
N ILE E 275 -60.86 -16.18 -31.42
CA ILE E 275 -60.16 -16.91 -32.47
C ILE E 275 -59.66 -18.22 -31.90
N ILE E 276 -59.96 -19.32 -32.57
CA ILE E 276 -59.52 -20.66 -32.16
C ILE E 276 -58.57 -21.15 -33.25
N ALA E 277 -57.27 -21.07 -33.00
CA ALA E 277 -56.26 -21.48 -33.96
C ALA E 277 -55.27 -22.44 -33.28
N GLU E 278 -54.85 -23.46 -34.02
CA GLU E 278 -53.89 -24.41 -33.48
C GLU E 278 -52.54 -23.73 -33.18
N ASP E 279 -52.09 -22.88 -34.09
CA ASP E 279 -50.82 -22.16 -33.90
C ASP E 279 -50.86 -20.88 -34.74
N ILE E 280 -50.93 -19.74 -34.07
CA ILE E 280 -50.98 -18.43 -34.73
C ILE E 280 -49.90 -17.55 -34.12
N ASP E 281 -49.13 -16.89 -34.99
CA ASP E 281 -48.07 -15.99 -34.55
C ASP E 281 -48.52 -14.55 -34.39
N GLY E 282 -49.79 -14.25 -34.66
CA GLY E 282 -50.31 -12.91 -34.50
C GLY E 282 -49.87 -11.92 -35.55
N GLU E 283 -49.64 -12.37 -36.79
CA GLU E 283 -49.28 -11.44 -37.85
C GLU E 283 -50.40 -10.46 -38.14
N ALA E 284 -51.65 -10.95 -38.15
CA ALA E 284 -52.78 -10.06 -38.36
C ALA E 284 -52.91 -9.07 -37.22
N LEU E 285 -52.69 -9.52 -35.98
CA LEU E 285 -52.73 -8.61 -34.84
C LEU E 285 -51.66 -7.53 -34.95
N ALA E 286 -50.45 -7.92 -35.34
CA ALA E 286 -49.37 -6.94 -35.51
C ALA E 286 -49.68 -5.95 -36.61
N VAL E 287 -50.24 -6.43 -37.73
CA VAL E 287 -50.60 -5.54 -38.83
C VAL E 287 -51.67 -4.55 -38.38
N CYS E 288 -52.69 -5.05 -37.67
CA CYS E 288 -53.74 -4.16 -37.18
C CYS E 288 -53.20 -3.14 -36.20
N ILE E 289 -52.29 -3.55 -35.31
CA ILE E 289 -51.73 -2.63 -34.33
C ILE E 289 -50.90 -1.55 -35.01
N LEU E 290 -50.07 -1.93 -35.98
CA LEU E 290 -49.25 -0.94 -36.68
C LEU E 290 -50.10 -0.01 -37.54
N ASN E 291 -51.20 -0.51 -38.11
CA ASN E 291 -52.14 0.37 -38.80
C ASN E 291 -52.78 1.35 -37.82
N LYS E 292 -53.17 0.86 -36.64
CA LYS E 292 -53.69 1.70 -35.58
C LYS E 292 -53.52 0.94 -34.27
N LEU E 293 -52.77 1.54 -33.33
CA LEU E 293 -52.49 0.95 -32.02
C LEU E 293 -53.75 0.52 -31.29
N ARG E 294 -53.58 -0.29 -30.24
CA ARG E 294 -54.69 -0.93 -29.54
C ARG E 294 -55.77 0.08 -29.16
N GLY E 295 -57.02 -0.36 -29.27
CA GLY E 295 -58.16 0.48 -29.00
C GLY E 295 -59.21 0.42 -30.08
N GLN E 296 -59.09 -0.56 -30.98
CA GLN E 296 -60.02 -0.73 -32.08
C GLN E 296 -60.64 -2.12 -32.16
N LEU E 297 -60.05 -3.14 -31.55
CA LEU E 297 -60.59 -4.49 -31.59
C LEU E 297 -60.13 -5.26 -30.37
N GLU E 298 -60.85 -6.34 -30.08
CA GLU E 298 -60.54 -7.21 -28.94
C GLU E 298 -60.07 -8.56 -29.49
N VAL E 299 -58.78 -8.81 -29.39
CA VAL E 299 -58.19 -10.06 -29.89
C VAL E 299 -58.25 -11.11 -28.80
N ALA E 300 -58.82 -12.27 -29.13
CA ALA E 300 -58.93 -13.39 -28.21
C ALA E 300 -58.55 -14.67 -28.95
N ALA E 301 -57.32 -15.12 -28.76
CA ALA E 301 -56.81 -16.32 -29.41
C ALA E 301 -56.61 -17.40 -28.36
N VAL E 302 -57.23 -18.56 -28.57
CA VAL E 302 -57.12 -19.71 -27.69
C VAL E 302 -56.77 -20.93 -28.51
N LYS E 303 -55.74 -21.65 -28.09
CA LYS E 303 -55.31 -22.84 -28.81
C LYS E 303 -56.38 -23.94 -28.70
N ALA E 304 -56.55 -24.67 -29.80
CA ALA E 304 -57.52 -25.76 -29.82
C ALA E 304 -57.03 -26.91 -28.93
N PRO E 305 -57.95 -27.61 -28.28
CA PRO E 305 -57.56 -28.73 -27.41
C PRO E 305 -57.10 -29.94 -28.22
N GLY E 306 -56.68 -30.96 -27.48
CA GLY E 306 -56.30 -32.23 -28.08
C GLY E 306 -57.48 -33.19 -28.14
N PHE E 307 -57.18 -34.49 -28.03
CA PHE E 307 -58.19 -35.55 -28.01
C PHE E 307 -59.04 -35.50 -29.28
N GLY E 308 -58.38 -35.81 -30.40
CA GLY E 308 -58.95 -35.66 -31.73
C GLY E 308 -60.42 -36.00 -31.90
N ASP E 309 -60.80 -37.25 -31.65
CA ASP E 309 -62.21 -37.62 -31.73
C ASP E 309 -63.02 -36.88 -30.67
N ASN E 310 -62.50 -36.80 -29.45
CA ASN E 310 -63.16 -36.02 -28.41
C ASN E 310 -63.14 -34.53 -28.76
N ARG E 311 -62.13 -34.07 -29.50
CA ARG E 311 -62.13 -32.70 -29.97
C ARG E 311 -63.28 -32.45 -30.95
N LYS E 312 -63.50 -33.39 -31.88
CA LYS E 312 -64.65 -33.27 -32.77
C LYS E 312 -65.96 -33.29 -31.99
N SER E 313 -66.05 -34.16 -30.99
CA SER E 313 -67.27 -34.23 -30.17
C SER E 313 -67.51 -32.92 -29.43
N ILE E 314 -66.46 -32.34 -28.85
CA ILE E 314 -66.60 -31.10 -28.10
C ILE E 314 -66.92 -29.93 -29.04
N LEU E 315 -66.36 -29.96 -30.26
CA LEU E 315 -66.71 -28.94 -31.24
C LEU E 315 -68.17 -29.03 -31.64
N GLY E 316 -68.67 -30.25 -31.86
CA GLY E 316 -70.09 -30.43 -32.13
C GLY E 316 -70.95 -29.97 -30.96
N ASP E 317 -70.50 -30.24 -29.74
CA ASP E 317 -71.28 -29.83 -28.56
C ASP E 317 -71.33 -28.31 -28.43
N ILE E 318 -70.20 -27.63 -28.60
CA ILE E 318 -70.23 -26.17 -28.47
C ILE E 318 -71.00 -25.54 -29.62
N ALA E 319 -70.92 -26.12 -30.82
CA ALA E 319 -71.75 -25.64 -31.92
C ALA E 319 -73.23 -25.81 -31.62
N VAL E 320 -73.60 -26.98 -31.08
CA VAL E 320 -75.00 -27.22 -30.73
C VAL E 320 -75.47 -26.21 -29.68
N LEU E 321 -74.64 -25.94 -28.68
CA LEU E 321 -75.03 -25.01 -27.63
C LEU E 321 -75.16 -23.59 -28.18
N THR E 322 -74.17 -23.13 -28.95
CA THR E 322 -74.12 -21.73 -29.39
C THR E 322 -74.15 -21.59 -30.90
N ASN E 323 -73.26 -22.27 -31.63
CA ASN E 323 -73.02 -21.91 -33.03
C ASN E 323 -73.93 -22.67 -33.99
N GLY E 324 -73.83 -24.00 -33.99
CA GLY E 324 -74.54 -24.82 -34.95
C GLY E 324 -73.78 -25.09 -36.23
N THR E 325 -72.61 -24.48 -36.43
CA THR E 325 -71.81 -24.68 -37.62
C THR E 325 -70.34 -24.58 -37.26
N VAL E 326 -69.55 -25.54 -37.72
CA VAL E 326 -68.11 -25.56 -37.49
C VAL E 326 -67.39 -25.36 -38.82
N PHE E 327 -66.11 -25.05 -38.73
CA PHE E 327 -65.27 -24.79 -39.90
C PHE E 327 -64.25 -25.91 -40.04
N THR E 328 -64.26 -26.56 -41.20
CA THR E 328 -63.33 -27.65 -41.50
C THR E 328 -63.31 -27.89 -42.99
N ASN E 329 -62.11 -27.91 -43.58
CA ASN E 329 -62.01 -28.13 -45.03
C ASN E 329 -62.49 -29.53 -45.41
N GLU E 330 -62.30 -30.53 -44.54
CA GLU E 330 -62.81 -31.86 -44.82
C GLU E 330 -64.33 -31.86 -44.90
N LEU E 331 -64.98 -31.12 -44.02
CA LEU E 331 -66.43 -30.97 -44.06
C LEU E 331 -66.83 -30.10 -45.25
N ASP E 332 -68.09 -30.24 -45.66
CA ASP E 332 -68.58 -29.54 -46.84
C ASP E 332 -68.62 -28.03 -46.67
N VAL E 333 -68.49 -27.52 -45.45
CA VAL E 333 -68.49 -26.08 -45.22
C VAL E 333 -67.24 -25.47 -45.83
N LYS E 334 -67.42 -24.39 -46.59
CA LYS E 334 -66.31 -23.72 -47.24
C LYS E 334 -65.49 -22.96 -46.21
N LEU E 335 -64.16 -22.95 -46.40
CA LEU E 335 -63.28 -22.30 -45.43
C LEU E 335 -63.35 -20.78 -45.52
N GLU E 336 -63.69 -20.24 -46.70
CA GLU E 336 -63.75 -18.79 -46.90
C GLU E 336 -65.16 -18.24 -46.77
N LYS E 337 -65.97 -18.82 -45.89
CA LYS E 337 -67.35 -18.37 -45.65
C LYS E 337 -67.47 -17.60 -44.35
N VAL E 338 -66.49 -16.77 -44.02
CA VAL E 338 -66.48 -16.05 -42.75
C VAL E 338 -67.42 -14.86 -42.81
N THR E 339 -68.68 -15.08 -42.45
CA THR E 339 -69.70 -14.06 -42.37
C THR E 339 -70.42 -14.16 -41.03
N PRO E 340 -70.97 -13.05 -40.53
CA PRO E 340 -71.69 -13.11 -39.24
C PRO E 340 -73.02 -13.84 -39.30
N ASP E 341 -73.36 -14.49 -40.42
CA ASP E 341 -74.64 -15.15 -40.54
C ASP E 341 -74.71 -16.39 -39.64
N MET E 342 -73.70 -17.24 -39.69
CA MET E 342 -73.69 -18.48 -38.92
C MET E 342 -72.77 -18.43 -37.70
N LEU E 343 -72.18 -17.27 -37.42
CA LEU E 343 -71.31 -17.15 -36.25
C LEU E 343 -72.11 -17.36 -34.97
N GLY E 344 -71.53 -18.11 -34.03
CA GLY E 344 -72.21 -18.39 -32.79
C GLY E 344 -72.20 -17.23 -31.83
N SER E 345 -73.08 -17.31 -30.83
CA SER E 345 -73.21 -16.26 -29.83
C SER E 345 -73.62 -16.88 -28.51
N THR E 346 -73.39 -16.13 -27.43
CA THR E 346 -73.75 -16.57 -26.10
C THR E 346 -74.11 -15.36 -25.26
N GLY E 347 -74.80 -15.61 -24.14
CA GLY E 347 -75.18 -14.53 -23.26
C GLY E 347 -73.99 -13.81 -22.66
N SER E 348 -73.00 -14.57 -22.18
CA SER E 348 -71.79 -14.00 -21.62
C SER E 348 -70.71 -15.06 -21.61
N ILE E 349 -69.47 -14.61 -21.76
CA ILE E 349 -68.30 -15.49 -21.76
C ILE E 349 -67.25 -14.93 -20.82
N THR E 350 -66.37 -15.80 -20.35
CA THR E 350 -65.28 -15.42 -19.47
C THR E 350 -64.08 -16.29 -19.78
N ILE E 351 -63.06 -15.71 -20.40
CA ILE E 351 -61.84 -16.42 -20.76
C ILE E 351 -60.66 -15.75 -20.08
N THR E 352 -59.88 -16.53 -19.32
CA THR E 352 -58.70 -16.01 -18.66
C THR E 352 -57.47 -16.81 -19.03
N LYS E 353 -56.35 -16.57 -18.34
CA LYS E 353 -55.07 -17.11 -18.78
C LYS E 353 -54.93 -18.61 -18.55
N GLU E 354 -55.83 -19.23 -17.79
CA GLU E 354 -55.74 -20.65 -17.52
C GLU E 354 -56.95 -21.47 -17.96
N ASP E 355 -58.14 -20.88 -18.02
CA ASP E 355 -59.32 -21.63 -18.44
C ASP E 355 -60.34 -20.68 -19.05
N THR E 356 -61.29 -21.26 -19.78
CA THR E 356 -62.37 -20.52 -20.42
C THR E 356 -63.69 -20.89 -19.79
N ILE E 357 -64.55 -19.90 -19.61
CA ILE E 357 -65.89 -20.10 -19.04
C ILE E 357 -66.91 -19.67 -20.08
N ILE E 358 -67.78 -20.60 -20.47
CA ILE E 358 -68.85 -20.34 -21.41
C ILE E 358 -70.18 -20.60 -20.72
N LEU E 359 -71.15 -19.72 -20.98
CA LEU E 359 -72.43 -19.82 -20.30
C LEU E 359 -73.49 -19.12 -21.16
N ASN E 360 -74.75 -19.49 -20.93
CA ASN E 360 -75.91 -18.95 -21.63
C ASN E 360 -75.80 -19.18 -23.15
N GLY E 361 -75.82 -20.46 -23.51
CA GLY E 361 -75.81 -20.82 -24.92
C GLY E 361 -77.05 -20.28 -25.63
N ASP E 362 -76.85 -19.79 -26.84
CA ASP E 362 -77.92 -19.17 -27.61
C ASP E 362 -78.59 -20.12 -28.60
N GLY E 363 -78.23 -21.40 -28.59
CA GLY E 363 -78.83 -22.33 -29.51
C GLY E 363 -80.27 -22.66 -29.14
N SER E 364 -80.99 -23.21 -30.11
CA SER E 364 -82.38 -23.58 -29.89
C SER E 364 -82.47 -24.74 -28.91
N LYS E 365 -83.33 -24.59 -27.90
CA LYS E 365 -83.44 -25.62 -26.87
C LYS E 365 -84.16 -26.87 -27.37
N ASP E 366 -85.04 -26.71 -28.36
CA ASP E 366 -85.76 -27.86 -28.89
C ASP E 366 -84.82 -28.85 -29.56
N ALA E 367 -83.94 -28.35 -30.43
CA ALA E 367 -82.97 -29.22 -31.08
C ALA E 367 -81.96 -29.78 -30.09
N ILE E 368 -81.61 -29.01 -29.05
CA ILE E 368 -80.71 -29.51 -28.02
C ILE E 368 -81.36 -30.70 -27.30
N ALA E 369 -82.64 -30.56 -26.96
CA ALA E 369 -83.35 -31.66 -26.31
C ALA E 369 -83.47 -32.87 -27.23
N GLN E 370 -83.72 -32.63 -28.52
CA GLN E 370 -83.81 -33.73 -29.47
C GLN E 370 -82.49 -34.49 -29.56
N ARG E 371 -81.38 -33.77 -29.65
CA ARG E 371 -80.07 -34.43 -29.69
C ARG E 371 -79.75 -35.12 -28.37
N CYS E 372 -80.16 -34.54 -27.24
CA CYS E 372 -79.94 -35.19 -25.96
C CYS E 372 -80.71 -36.51 -25.88
N GLU E 373 -81.96 -36.52 -26.34
CA GLU E 373 -82.73 -37.76 -26.32
C GLU E 373 -82.17 -38.77 -27.32
N GLN E 374 -81.63 -38.30 -28.45
CA GLN E 374 -80.96 -39.20 -29.37
C GLN E 374 -79.75 -39.85 -28.72
N ILE E 375 -78.96 -39.08 -27.99
CA ILE E 375 -77.81 -39.63 -27.28
C ILE E 375 -78.27 -40.63 -26.21
N ARG E 376 -79.36 -40.29 -25.49
CA ARG E 376 -79.89 -41.20 -24.48
C ARG E 376 -80.33 -42.52 -25.09
N GLY E 377 -80.99 -42.46 -26.25
CA GLY E 377 -81.33 -43.69 -26.96
C GLY E 377 -80.12 -44.45 -27.45
N ALA E 378 -79.06 -43.73 -27.85
CA ALA E 378 -77.82 -44.38 -28.23
C ALA E 378 -77.15 -45.08 -27.05
N MET E 379 -77.40 -44.60 -25.83
CA MET E 379 -76.88 -45.27 -24.63
C MET E 379 -77.45 -46.66 -24.44
N ASN E 380 -78.56 -46.98 -25.09
CA ASN E 380 -79.20 -48.29 -24.90
C ASN E 380 -78.58 -49.39 -25.76
N ASP E 381 -77.70 -49.04 -26.69
CA ASP E 381 -77.08 -50.05 -27.55
C ASP E 381 -75.91 -50.70 -26.82
N PRO E 382 -75.94 -52.00 -26.57
CA PRO E 382 -74.79 -52.67 -25.92
C PRO E 382 -73.54 -52.69 -26.77
N SER E 383 -73.65 -52.47 -28.08
CA SER E 383 -72.52 -52.56 -28.99
C SER E 383 -71.76 -51.24 -29.13
N THR E 384 -72.14 -50.21 -28.39
CA THR E 384 -71.44 -48.93 -28.46
C THR E 384 -70.01 -49.07 -27.95
N SER E 385 -69.10 -48.33 -28.57
CA SER E 385 -67.69 -48.38 -28.17
C SER E 385 -67.52 -47.86 -26.74
N GLU E 386 -66.61 -48.51 -26.00
CA GLU E 386 -66.40 -48.13 -24.60
C GLU E 386 -65.86 -46.70 -24.48
N TYR E 387 -64.89 -46.33 -25.32
CA TYR E 387 -64.34 -44.99 -25.28
C TYR E 387 -65.38 -43.95 -25.63
N GLU E 388 -66.17 -44.21 -26.68
CA GLU E 388 -67.25 -43.29 -27.03
C GLU E 388 -68.29 -43.23 -25.93
N LYS E 389 -68.60 -44.37 -25.32
CA LYS E 389 -69.59 -44.41 -24.24
C LYS E 389 -69.15 -43.55 -23.06
N GLU E 390 -67.88 -43.68 -22.64
CA GLU E 390 -67.41 -42.90 -21.50
C GLU E 390 -67.27 -41.43 -21.85
N LYS E 391 -66.84 -41.12 -23.08
CA LYS E 391 -66.77 -39.71 -23.50
C LYS E 391 -68.14 -39.06 -23.49
N LEU E 392 -69.15 -39.75 -24.02
CA LEU E 392 -70.50 -39.18 -24.00
C LEU E 392 -71.08 -39.15 -22.58
N GLN E 393 -70.70 -40.10 -21.73
CA GLN E 393 -71.15 -40.07 -20.34
C GLN E 393 -70.59 -38.87 -19.60
N GLU E 394 -69.29 -38.59 -19.76
CA GLU E 394 -68.72 -37.40 -19.12
C GLU E 394 -69.25 -36.12 -19.75
N ARG E 395 -69.56 -36.16 -21.05
CA ARG E 395 -70.25 -35.03 -21.67
C ARG E 395 -71.60 -34.78 -21.01
N LEU E 396 -72.37 -35.83 -20.78
CA LEU E 396 -73.64 -35.69 -20.07
C LEU E 396 -73.42 -35.15 -18.67
N ALA E 397 -72.40 -35.64 -17.97
CA ALA E 397 -72.14 -35.20 -16.60
C ALA E 397 -71.81 -33.71 -16.55
N LYS E 398 -71.00 -33.24 -17.51
CA LYS E 398 -70.56 -31.85 -17.51
C LYS E 398 -71.50 -30.92 -18.26
N LEU E 399 -72.54 -31.44 -18.91
CA LEU E 399 -73.50 -30.61 -19.62
C LEU E 399 -74.86 -30.53 -18.95
N SER E 400 -75.39 -31.66 -18.46
CA SER E 400 -76.71 -31.64 -17.84
C SER E 400 -76.73 -30.80 -16.56
N GLY E 401 -75.66 -30.88 -15.77
CA GLY E 401 -75.59 -30.16 -14.51
C GLY E 401 -75.64 -28.65 -14.67
N GLY E 402 -74.92 -28.14 -15.65
CA GLY E 402 -74.90 -26.71 -15.88
C GLY E 402 -73.78 -26.03 -15.11
N VAL E 403 -73.42 -24.84 -15.56
CA VAL E 403 -72.35 -24.07 -14.93
C VAL E 403 -72.93 -23.24 -13.80
N ALA E 404 -72.41 -23.43 -12.59
CA ALA E 404 -72.87 -22.68 -11.42
C ALA E 404 -72.23 -21.29 -11.45
N VAL E 405 -73.04 -20.26 -11.65
CA VAL E 405 -72.58 -18.89 -11.75
C VAL E 405 -73.18 -18.09 -10.59
N ILE E 406 -72.34 -17.31 -9.92
CA ILE E 406 -72.78 -16.44 -8.84
C ILE E 406 -72.45 -15.00 -9.20
N LYS E 407 -73.44 -14.13 -9.13
CA LYS E 407 -73.26 -12.70 -9.39
C LYS E 407 -72.88 -12.02 -8.09
N VAL E 408 -71.59 -11.66 -7.96
CA VAL E 408 -71.12 -11.02 -6.75
C VAL E 408 -71.71 -9.63 -6.63
N GLY E 409 -71.78 -9.12 -5.40
CA GLY E 409 -72.32 -7.81 -5.12
C GLY E 409 -71.27 -6.86 -4.58
N GLY E 410 -71.72 -5.64 -4.29
CA GLY E 410 -70.84 -4.63 -3.76
C GLY E 410 -71.36 -3.24 -4.07
N SER E 411 -70.71 -2.26 -3.46
CA SER E 411 -71.06 -0.85 -3.64
C SER E 411 -70.17 -0.14 -4.64
N SER E 412 -68.86 -0.11 -4.39
CA SER E 412 -67.92 0.56 -5.26
C SER E 412 -67.10 -0.46 -6.05
N GLU E 413 -66.27 0.05 -6.96
CA GLU E 413 -65.43 -0.83 -7.76
C GLU E 413 -64.41 -1.57 -6.90
N VAL E 414 -63.76 -0.86 -5.97
CA VAL E 414 -62.80 -1.51 -5.09
C VAL E 414 -63.50 -2.48 -4.15
N GLU E 415 -64.70 -2.12 -3.68
CA GLU E 415 -65.45 -3.01 -2.79
C GLU E 415 -65.85 -4.29 -3.52
N VAL E 416 -66.39 -4.17 -4.74
CA VAL E 416 -66.77 -5.37 -5.48
C VAL E 416 -65.53 -6.19 -5.85
N GLY E 417 -64.41 -5.53 -6.12
CA GLY E 417 -63.19 -6.27 -6.41
C GLY E 417 -62.70 -7.08 -5.21
N GLU E 418 -62.65 -6.45 -4.04
CA GLU E 418 -62.20 -7.19 -2.86
C GLU E 418 -63.18 -8.28 -2.50
N LYS E 419 -64.48 -8.05 -2.72
CA LYS E 419 -65.47 -9.11 -2.52
C LYS E 419 -65.23 -10.27 -3.48
N LYS E 420 -64.90 -9.97 -4.74
CA LYS E 420 -64.65 -11.02 -5.71
C LYS E 420 -63.43 -11.85 -5.32
N ASP E 421 -62.33 -11.19 -4.92
CA ASP E 421 -61.16 -11.94 -4.48
C ASP E 421 -61.45 -12.78 -3.24
N ARG E 422 -62.17 -12.21 -2.27
CA ARG E 422 -62.52 -12.97 -1.07
C ARG E 422 -63.33 -14.20 -1.45
N PHE E 423 -64.32 -14.03 -2.34
CA PHE E 423 -65.13 -15.14 -2.78
C PHE E 423 -64.29 -16.19 -3.50
N VAL E 424 -63.33 -15.76 -4.31
CA VAL E 424 -62.57 -16.74 -5.09
C VAL E 424 -61.68 -17.57 -4.18
N ASP E 425 -61.05 -16.96 -3.16
CA ASP E 425 -60.24 -17.80 -2.28
C ASP E 425 -61.13 -18.70 -1.43
N ALA E 426 -62.29 -18.19 -0.99
CA ALA E 426 -63.20 -19.01 -0.19
C ALA E 426 -63.66 -20.23 -0.99
N LEU E 427 -64.06 -20.02 -2.24
CA LEU E 427 -64.52 -21.13 -3.07
C LEU E 427 -63.37 -22.08 -3.41
N ASN E 428 -62.16 -21.56 -3.63
CA ASN E 428 -61.04 -22.44 -3.90
C ASN E 428 -60.77 -23.36 -2.70
N ALA E 429 -60.77 -22.78 -1.50
CA ALA E 429 -60.58 -23.58 -0.29
C ALA E 429 -61.70 -24.58 -0.12
N THR E 430 -62.94 -24.17 -0.40
CA THR E 430 -64.07 -25.09 -0.27
C THR E 430 -63.96 -26.26 -1.24
N ARG E 431 -63.56 -25.99 -2.50
CA ARG E 431 -63.38 -27.06 -3.47
C ARG E 431 -62.28 -28.01 -3.03
N ALA E 432 -61.16 -27.47 -2.55
CA ALA E 432 -60.09 -28.34 -2.06
C ALA E 432 -60.59 -29.22 -0.92
N ALA E 433 -61.32 -28.64 0.03
CA ALA E 433 -61.81 -29.38 1.18
C ALA E 433 -62.78 -30.48 0.76
N VAL E 434 -63.71 -30.17 -0.16
CA VAL E 434 -64.68 -31.20 -0.54
C VAL E 434 -64.02 -32.30 -1.36
N GLU E 435 -63.06 -31.96 -2.24
CA GLU E 435 -62.48 -32.99 -3.09
C GLU E 435 -61.50 -33.86 -2.32
N GLU E 436 -60.88 -33.34 -1.27
CA GLU E 436 -59.93 -34.12 -0.48
C GLU E 436 -60.38 -34.36 0.95
N GLY E 437 -60.66 -33.31 1.71
CA GLY E 437 -60.99 -33.46 3.11
C GLY E 437 -60.22 -32.48 3.98
N ILE E 438 -60.72 -32.19 5.16
CA ILE E 438 -60.12 -31.21 6.05
C ILE E 438 -59.38 -31.92 7.16
N LEU E 439 -58.38 -31.24 7.72
CA LEU E 439 -57.58 -31.71 8.83
C LEU E 439 -57.34 -30.57 9.80
N PRO E 440 -57.10 -30.88 11.09
CA PRO E 440 -56.79 -29.81 12.05
C PRO E 440 -55.56 -29.01 11.66
N GLY E 441 -55.73 -27.70 11.47
CA GLY E 441 -54.65 -26.85 11.03
C GLY E 441 -53.70 -26.49 12.15
N GLY E 442 -52.73 -25.64 11.81
CA GLY E 442 -51.73 -25.23 12.76
C GLY E 442 -50.63 -26.22 12.99
N GLY E 443 -50.50 -27.23 12.13
CA GLY E 443 -49.47 -28.24 12.27
C GLY E 443 -49.79 -29.35 13.24
N THR E 444 -50.97 -29.34 13.86
CA THR E 444 -51.32 -30.41 14.81
C THR E 444 -51.41 -31.76 14.10
N ALA E 445 -52.00 -31.78 12.91
CA ALA E 445 -52.12 -33.03 12.16
C ALA E 445 -50.76 -33.61 11.84
N LEU E 446 -49.79 -32.76 11.48
CA LEU E 446 -48.45 -33.23 11.20
C LEU E 446 -47.82 -33.87 12.43
N ILE E 447 -47.99 -33.24 13.60
CA ILE E 447 -47.44 -33.79 14.83
C ILE E 447 -48.06 -35.15 15.13
N LYS E 448 -49.39 -35.23 15.02
CA LYS E 448 -50.07 -36.50 15.31
C LYS E 448 -49.63 -37.59 14.35
N ALA E 449 -49.47 -37.25 13.06
CA ALA E 449 -49.00 -38.23 12.09
C ALA E 449 -47.59 -38.68 12.39
N SER E 450 -46.69 -37.74 12.69
CA SER E 450 -45.31 -38.09 12.99
C SER E 450 -45.19 -38.92 14.27
N VAL E 451 -46.14 -38.78 15.19
CA VAL E 451 -46.06 -39.54 16.42
C VAL E 451 -46.71 -40.92 16.31
N ASN E 452 -47.86 -41.02 15.65
CA ASN E 452 -48.62 -42.27 15.58
C ASN E 452 -48.40 -43.04 14.29
N ALA E 453 -47.51 -42.59 13.41
CA ALA E 453 -47.33 -43.24 12.11
C ALA E 453 -45.97 -43.87 11.95
N LEU E 454 -44.89 -43.12 12.15
CA LEU E 454 -43.54 -43.59 11.87
C LEU E 454 -43.05 -44.60 12.91
N ASN E 455 -43.74 -44.76 14.03
CA ASN E 455 -43.32 -45.72 15.03
C ASN E 455 -43.53 -47.17 14.59
N ASN E 456 -44.40 -47.39 13.59
CA ASN E 456 -44.68 -48.74 13.12
C ASN E 456 -43.70 -49.19 12.04
N LEU E 457 -43.12 -48.27 11.29
CA LEU E 457 -42.21 -48.64 10.21
C LEU E 457 -40.97 -49.33 10.76
N LYS E 458 -40.52 -50.38 10.06
CA LYS E 458 -39.36 -51.17 10.45
C LYS E 458 -38.43 -51.27 9.25
N PRO E 459 -37.60 -50.26 9.02
CA PRO E 459 -36.66 -50.30 7.89
C PRO E 459 -35.65 -51.43 8.06
N ALA E 460 -35.21 -51.97 6.93
CA ALA E 460 -34.30 -53.11 6.95
C ALA E 460 -32.89 -52.69 7.35
N ASN E 461 -32.27 -51.82 6.56
CA ASN E 461 -30.91 -51.39 6.81
C ASN E 461 -30.91 -50.23 7.82
N PHE E 462 -29.75 -49.59 7.97
CA PHE E 462 -29.57 -48.56 8.98
C PHE E 462 -29.82 -47.15 8.46
N ASP E 463 -29.36 -46.86 7.24
CA ASP E 463 -29.56 -45.52 6.68
C ASP E 463 -31.03 -45.23 6.42
N GLN E 464 -31.84 -46.26 6.13
CA GLN E 464 -33.27 -46.05 6.03
C GLN E 464 -33.86 -45.63 7.36
N GLN E 465 -33.41 -46.24 8.46
CA GLN E 465 -33.84 -45.80 9.78
C GLN E 465 -33.39 -44.36 10.06
N LEU E 466 -32.18 -44.02 9.62
CA LEU E 466 -31.71 -42.64 9.78
C LEU E 466 -32.60 -41.66 9.02
N GLY E 467 -32.99 -42.02 7.80
CA GLY E 467 -33.89 -41.17 7.03
C GLY E 467 -35.26 -41.04 7.65
N VAL E 468 -35.77 -42.14 8.22
CA VAL E 468 -37.05 -42.09 8.92
C VAL E 468 -36.97 -41.15 10.11
N ASN E 469 -35.88 -41.24 10.88
CA ASN E 469 -35.68 -40.31 11.99
C ASN E 469 -35.56 -38.87 11.49
N ILE E 470 -34.92 -38.68 10.34
CA ILE E 470 -34.79 -37.35 9.76
C ILE E 470 -36.16 -36.76 9.44
N ILE E 471 -37.02 -37.57 8.81
CA ILE E 471 -38.35 -37.07 8.46
C ILE E 471 -39.17 -36.83 9.72
N LYS E 472 -39.00 -37.67 10.75
CA LYS E 472 -39.73 -37.48 11.99
C LYS E 472 -39.32 -36.17 12.67
N ASN E 473 -38.03 -35.84 12.64
CA ASN E 473 -37.57 -34.59 13.23
C ASN E 473 -37.98 -33.39 12.37
N ALA E 474 -38.07 -33.57 11.06
CA ALA E 474 -38.35 -32.45 10.17
C ALA E 474 -39.84 -32.15 10.03
N ILE E 475 -40.71 -33.13 10.32
CA ILE E 475 -42.15 -32.89 10.18
C ILE E 475 -42.63 -31.83 11.17
N THR E 476 -42.05 -31.80 12.36
CA THR E 476 -42.50 -30.89 13.41
C THR E 476 -42.05 -29.45 13.21
N ARG E 477 -41.26 -29.17 12.17
CA ARG E 477 -40.74 -27.82 11.99
C ARG E 477 -41.83 -26.78 11.75
N PRO E 478 -42.83 -26.98 10.88
CA PRO E 478 -43.86 -25.94 10.73
C PRO E 478 -44.60 -25.62 12.01
N ALA E 479 -44.91 -26.63 12.83
CA ALA E 479 -45.57 -26.36 14.11
C ALA E 479 -44.68 -25.56 15.03
N ARG E 480 -43.38 -25.89 15.05
CA ARG E 480 -42.44 -25.13 15.87
C ARG E 480 -42.39 -23.67 15.42
N MET E 481 -42.34 -23.43 14.12
CA MET E 481 -42.32 -22.05 13.62
C MET E 481 -43.61 -21.33 13.96
N ILE E 482 -44.76 -22.01 13.84
CA ILE E 482 -46.04 -21.38 14.15
C ILE E 482 -46.08 -20.98 15.62
N VAL E 483 -45.64 -21.86 16.50
CA VAL E 483 -45.68 -21.56 17.93
C VAL E 483 -44.68 -20.46 18.28
N GLU E 484 -43.49 -20.50 17.69
CA GLU E 484 -42.47 -19.50 18.01
C GLU E 484 -42.82 -18.13 17.46
N ASN E 485 -43.63 -18.08 16.39
CA ASN E 485 -44.03 -16.78 15.83
C ASN E 485 -44.84 -15.97 16.83
N ALA E 486 -45.76 -16.64 17.55
CA ALA E 486 -46.56 -15.94 18.55
C ALA E 486 -45.69 -15.44 19.69
N GLY E 487 -44.72 -16.25 20.13
CA GLY E 487 -43.84 -15.84 21.20
C GLY E 487 -43.57 -16.94 22.21
N LEU E 488 -44.53 -17.84 22.39
CA LEU E 488 -44.36 -18.94 23.34
C LEU E 488 -43.30 -19.92 22.84
N GLU E 489 -42.69 -20.63 23.78
CA GLU E 489 -41.66 -21.60 23.44
C GLU E 489 -42.27 -22.78 22.70
N GLY E 490 -41.67 -23.15 21.56
CA GLY E 490 -42.22 -24.23 20.77
C GLY E 490 -41.95 -25.60 21.33
N SER E 491 -40.84 -25.77 22.05
CA SER E 491 -40.46 -27.10 22.54
C SER E 491 -41.50 -27.63 23.53
N VAL E 492 -41.90 -26.81 24.50
CA VAL E 492 -42.86 -27.26 25.50
C VAL E 492 -44.22 -27.55 24.86
N VAL E 493 -44.64 -26.69 23.92
CA VAL E 493 -45.93 -26.89 23.25
C VAL E 493 -45.93 -28.19 22.46
N ILE E 494 -44.84 -28.44 21.71
CA ILE E 494 -44.75 -29.67 20.93
C ILE E 494 -44.72 -30.89 21.84
N GLY E 495 -43.99 -30.79 22.96
CA GLY E 495 -43.97 -31.90 23.90
C GLY E 495 -45.33 -32.19 24.49
N LYS E 496 -46.09 -31.15 24.83
CA LYS E 496 -47.43 -31.35 25.35
C LYS E 496 -48.37 -31.94 24.31
N ILE E 497 -48.26 -31.48 23.06
CA ILE E 497 -49.14 -31.98 22.01
C ILE E 497 -48.83 -33.43 21.69
N SER E 498 -47.55 -33.77 21.53
CA SER E 498 -47.16 -35.08 21.06
C SER E 498 -47.38 -36.16 22.11
N ASP E 499 -47.14 -35.84 23.38
CA ASP E 499 -47.17 -36.83 24.45
C ASP E 499 -48.49 -36.82 25.22
N GLU E 500 -48.88 -35.68 25.77
CA GLU E 500 -50.08 -35.64 26.61
C GLU E 500 -51.35 -35.90 25.80
N TYR E 501 -51.41 -35.39 24.57
CA TYR E 501 -52.60 -35.49 23.73
C TYR E 501 -52.33 -36.33 22.48
N ALA E 502 -51.58 -37.43 22.65
CA ALA E 502 -51.30 -38.30 21.51
C ALA E 502 -52.57 -38.98 20.99
N ALA E 503 -53.43 -39.43 21.90
CA ALA E 503 -54.64 -40.14 21.48
C ALA E 503 -55.59 -39.23 20.73
N ASP E 504 -55.76 -38.00 21.21
CA ASP E 504 -56.72 -37.08 20.60
C ASP E 504 -56.07 -36.40 19.39
N PHE E 505 -56.52 -36.77 18.20
CA PHE E 505 -55.98 -36.17 16.98
C PHE E 505 -56.31 -34.69 16.90
N ASN E 506 -57.54 -34.31 17.25
CA ASN E 506 -57.97 -32.93 17.11
C ASN E 506 -57.34 -32.01 18.15
N LYS E 507 -56.83 -32.55 19.25
CA LYS E 507 -56.24 -31.72 20.29
C LYS E 507 -54.89 -31.19 19.84
N GLY E 508 -54.70 -29.89 20.00
CA GLY E 508 -53.45 -29.25 19.64
C GLY E 508 -53.29 -27.95 20.39
N PHE E 509 -52.60 -27.00 19.75
CA PHE E 509 -52.36 -25.69 20.34
C PHE E 509 -52.99 -24.61 19.45
N ASN E 510 -53.77 -23.73 20.07
CA ASN E 510 -54.38 -22.60 19.38
C ASN E 510 -53.50 -21.39 19.62
N SER E 511 -52.71 -21.01 18.60
CA SER E 511 -51.79 -19.89 18.73
C SER E 511 -52.51 -18.56 18.86
N ALA E 512 -53.77 -18.48 18.45
CA ALA E 512 -54.51 -17.22 18.54
C ALA E 512 -54.71 -16.80 19.99
N THR E 513 -55.04 -17.77 20.86
CA THR E 513 -55.32 -17.46 22.26
C THR E 513 -54.33 -18.12 23.23
N GLY E 514 -53.64 -19.17 22.82
CA GLY E 514 -52.70 -19.85 23.69
C GLY E 514 -53.28 -20.96 24.53
N GLU E 515 -54.50 -21.43 24.23
CA GLU E 515 -55.14 -22.50 24.97
C GLU E 515 -55.23 -23.75 24.10
N TYR E 516 -55.02 -24.91 24.70
CA TYR E 516 -55.06 -26.18 23.99
C TYR E 516 -56.52 -26.55 23.75
N VAL E 517 -57.03 -26.19 22.56
CA VAL E 517 -58.40 -26.47 22.18
C VAL E 517 -58.41 -27.18 20.83
N ASP E 518 -59.52 -27.84 20.54
CA ASP E 518 -59.66 -28.56 19.28
C ASP E 518 -59.90 -27.59 18.14
N MET E 519 -59.15 -27.74 17.05
CA MET E 519 -59.33 -26.88 15.88
C MET E 519 -60.66 -27.11 15.20
N ILE E 520 -61.27 -28.29 15.34
CA ILE E 520 -62.57 -28.55 14.73
C ILE E 520 -63.61 -27.61 15.30
N GLN E 521 -63.66 -27.48 16.63
CA GLN E 521 -64.59 -26.56 17.26
C GLN E 521 -64.10 -25.12 17.15
N ALA E 522 -62.79 -24.90 17.21
CA ALA E 522 -62.25 -23.55 17.13
C ALA E 522 -62.35 -22.97 15.73
N GLY E 523 -62.51 -23.81 14.71
CA GLY E 523 -62.63 -23.36 13.34
C GLY E 523 -61.36 -23.46 12.52
N ILE E 524 -60.21 -23.63 13.16
CA ILE E 524 -58.96 -23.76 12.42
C ILE E 524 -58.97 -25.08 11.65
N LEU E 525 -58.49 -25.03 10.41
CA LEU E 525 -58.46 -26.23 9.57
C LEU E 525 -57.33 -26.12 8.56
N ASP E 526 -57.00 -27.26 7.97
CA ASP E 526 -56.07 -27.34 6.85
C ASP E 526 -56.56 -28.48 5.97
N PRO E 527 -56.90 -28.20 4.72
CA PRO E 527 -57.36 -29.27 3.83
C PRO E 527 -56.28 -30.32 3.61
N LEU E 528 -56.71 -31.55 3.39
CA LEU E 528 -55.75 -32.64 3.19
C LEU E 528 -54.94 -32.42 1.92
N LYS E 529 -55.58 -31.90 0.87
CA LYS E 529 -54.92 -31.78 -0.43
C LYS E 529 -53.71 -30.88 -0.35
N VAL E 530 -53.86 -29.69 0.25
CA VAL E 530 -52.77 -28.72 0.26
C VAL E 530 -51.60 -29.23 1.08
N VAL E 531 -51.86 -29.75 2.28
CA VAL E 531 -50.78 -30.22 3.13
C VAL E 531 -50.10 -31.45 2.53
N ARG E 532 -50.89 -32.35 1.94
CA ARG E 532 -50.32 -33.55 1.34
C ARG E 532 -49.43 -33.21 0.16
N THR E 533 -49.91 -32.34 -0.74
CA THR E 533 -49.09 -31.98 -1.90
C THR E 533 -47.88 -31.16 -1.49
N GLY E 534 -48.01 -30.31 -0.46
CA GLY E 534 -46.85 -29.58 0.02
C GLY E 534 -45.80 -30.49 0.59
N LEU E 535 -46.22 -31.46 1.41
CA LEU E 535 -45.27 -32.42 1.97
C LEU E 535 -44.61 -33.25 0.88
N ILE E 536 -45.39 -33.70 -0.10
CA ILE E 536 -44.83 -34.52 -1.17
C ILE E 536 -43.81 -33.74 -1.98
N ASP E 537 -44.17 -32.51 -2.37
CA ASP E 537 -43.24 -31.69 -3.15
C ASP E 537 -42.00 -31.34 -2.35
N ALA E 538 -42.16 -31.01 -1.06
CA ALA E 538 -41.01 -30.69 -0.24
C ALA E 538 -40.07 -31.88 -0.11
N SER E 539 -40.63 -33.07 0.15
CA SER E 539 -39.80 -34.26 0.28
C SER E 539 -39.08 -34.57 -1.02
N GLY E 540 -39.80 -34.48 -2.14
CA GLY E 540 -39.17 -34.75 -3.42
C GLY E 540 -38.06 -33.76 -3.74
N VAL E 541 -38.30 -32.47 -3.51
CA VAL E 541 -37.30 -31.45 -3.81
C VAL E 541 -36.09 -31.61 -2.91
N ALA E 542 -36.31 -31.88 -1.63
CA ALA E 542 -35.17 -32.07 -0.72
C ALA E 542 -34.37 -33.32 -1.09
N SER E 543 -35.05 -34.42 -1.42
CA SER E 543 -34.34 -35.62 -1.82
C SER E 543 -33.55 -35.40 -3.10
N LEU E 544 -34.12 -34.69 -4.07
CA LEU E 544 -33.40 -34.39 -5.30
C LEU E 544 -32.20 -33.50 -5.03
N LEU E 545 -32.37 -32.47 -4.19
CA LEU E 545 -31.30 -31.53 -3.93
C LEU E 545 -30.19 -32.15 -3.10
N GLY E 546 -30.51 -33.19 -2.32
CA GLY E 546 -29.48 -33.85 -1.51
C GLY E 546 -28.60 -34.79 -2.29
N THR E 547 -28.83 -34.96 -3.58
CA THR E 547 -28.04 -35.88 -4.39
C THR E 547 -27.51 -35.19 -5.65
N THR E 548 -26.97 -33.99 -5.50
CA THR E 548 -26.38 -33.23 -6.61
C THR E 548 -24.99 -32.76 -6.17
N GLU E 549 -23.97 -33.56 -6.51
CA GLU E 549 -22.60 -33.16 -6.20
C GLU E 549 -22.16 -31.97 -7.04
N VAL E 550 -22.57 -31.95 -8.31
CA VAL E 550 -22.11 -30.95 -9.28
C VAL E 550 -23.25 -29.98 -9.54
N ALA E 551 -22.91 -28.70 -9.64
CA ALA E 551 -23.86 -27.63 -9.95
C ALA E 551 -23.09 -26.48 -10.57
N ILE E 552 -23.53 -26.02 -11.73
CA ILE E 552 -22.83 -24.98 -12.47
C ILE E 552 -23.72 -23.75 -12.56
N VAL E 553 -23.06 -22.58 -12.63
CA VAL E 553 -23.74 -21.30 -12.79
C VAL E 553 -23.04 -20.51 -13.90
N GLU E 554 -23.74 -19.50 -14.40
CA GLU E 554 -23.22 -18.66 -15.46
C GLU E 554 -22.25 -17.63 -14.87
N ALA E 555 -21.76 -16.73 -15.72
CA ALA E 555 -20.82 -15.71 -15.28
C ALA E 555 -21.49 -14.66 -14.41
N ALA F 28 -33.60 -7.88 -10.25
CA ALA F 28 -33.25 -9.26 -9.92
C ALA F 28 -31.99 -9.30 -9.06
N HIS F 29 -31.94 -8.45 -8.04
CA HIS F 29 -30.78 -8.40 -7.15
C HIS F 29 -31.24 -7.78 -5.84
N LYS F 30 -31.22 -8.57 -4.77
CA LYS F 30 -31.70 -8.14 -3.47
C LYS F 30 -30.72 -8.53 -2.38
N GLU F 31 -30.73 -7.78 -1.28
CA GLU F 31 -29.97 -8.10 -0.09
C GLU F 31 -30.92 -8.14 1.10
N LEU F 32 -30.67 -9.08 2.01
CA LEU F 32 -31.58 -9.37 3.11
C LEU F 32 -30.98 -8.95 4.43
N LYS F 33 -31.83 -8.39 5.31
CA LYS F 33 -31.46 -8.07 6.68
C LYS F 33 -32.50 -8.69 7.60
N PHE F 34 -32.05 -9.40 8.63
CA PHE F 34 -32.92 -10.23 9.45
C PHE F 34 -33.02 -9.68 10.86
N GLY F 35 -34.25 -9.51 11.33
CA GLY F 35 -34.49 -9.27 12.74
C GLY F 35 -33.90 -7.97 13.25
N VAL F 36 -32.94 -8.09 14.16
CA VAL F 36 -32.45 -6.94 14.90
C VAL F 36 -31.74 -5.95 13.98
N GLU F 37 -31.01 -6.46 12.98
CA GLU F 37 -30.29 -5.57 12.08
C GLU F 37 -31.26 -4.71 11.26
N GLY F 38 -32.26 -5.33 10.65
CA GLY F 38 -33.24 -4.58 9.89
C GLY F 38 -34.04 -3.63 10.76
N ARG F 39 -34.40 -4.08 11.97
CA ARG F 39 -35.14 -3.22 12.88
C ARG F 39 -34.31 -2.01 13.28
N ALA F 40 -33.01 -2.20 13.52
CA ALA F 40 -32.14 -1.09 13.87
C ALA F 40 -31.99 -0.12 12.70
N ALA F 41 -31.89 -0.65 11.47
CA ALA F 41 -31.79 0.23 10.31
C ALA F 41 -33.06 1.07 10.15
N LEU F 42 -34.22 0.43 10.31
CA LEU F 42 -35.48 1.17 10.23
C LEU F 42 -35.58 2.19 11.35
N LEU F 43 -35.12 1.83 12.55
CA LEU F 43 -35.09 2.77 13.66
C LEU F 43 -34.26 3.99 13.31
N ASN F 44 -33.06 3.76 12.75
CA ASN F 44 -32.18 4.87 12.41
C ASN F 44 -32.82 5.79 11.37
N GLY F 45 -33.39 5.19 10.32
CA GLY F 45 -34.02 6.01 9.28
C GLY F 45 -35.20 6.82 9.81
N VAL F 46 -36.08 6.16 10.55
CA VAL F 46 -37.27 6.83 11.07
C VAL F 46 -36.88 7.92 12.06
N GLU F 47 -35.90 7.64 12.93
CA GLU F 47 -35.47 8.62 13.91
C GLU F 47 -34.83 9.83 13.23
N THR F 48 -34.01 9.59 12.20
CA THR F 48 -33.41 10.71 11.48
C THR F 48 -34.47 11.59 10.82
N LEU F 49 -35.43 10.95 10.13
CA LEU F 49 -36.46 11.73 9.46
C LEU F 49 -37.31 12.50 10.46
N ALA F 50 -37.68 11.86 11.58
CA ALA F 50 -38.51 12.51 12.57
C ALA F 50 -37.76 13.65 13.26
N LYS F 51 -36.47 13.47 13.52
CA LYS F 51 -35.69 14.55 14.11
C LYS F 51 -35.58 15.74 13.15
N ALA F 52 -35.43 15.46 11.85
CA ALA F 52 -35.43 16.54 10.88
C ALA F 52 -36.78 17.25 10.83
N VAL F 53 -37.88 16.49 10.88
CA VAL F 53 -39.20 17.08 10.73
C VAL F 53 -39.59 17.89 11.97
N ALA F 54 -39.28 17.37 13.16
CA ALA F 54 -39.77 17.98 14.39
C ALA F 54 -39.15 19.34 14.66
N THR F 55 -38.11 19.72 13.93
CA THR F 55 -37.49 21.02 14.12
C THR F 55 -38.43 22.17 13.80
N THR F 56 -39.49 21.93 13.05
CA THR F 56 -40.48 22.96 12.73
C THR F 56 -41.75 22.85 13.56
N LEU F 57 -41.78 21.96 14.54
CA LEU F 57 -42.97 21.73 15.35
C LEU F 57 -43.24 22.92 16.26
N GLY F 58 -44.52 23.22 16.45
CA GLY F 58 -44.94 24.26 17.35
C GLY F 58 -44.93 25.63 16.71
N PRO F 59 -45.62 26.59 17.34
CA PRO F 59 -45.59 27.96 16.81
C PRO F 59 -44.19 28.54 16.75
N LYS F 60 -43.32 28.18 17.68
CA LYS F 60 -41.93 28.66 17.70
C LYS F 60 -41.03 27.68 16.96
N GLY F 61 -41.40 27.41 15.70
CA GLY F 61 -40.65 26.50 14.88
C GLY F 61 -39.39 27.14 14.33
N ARG F 62 -38.62 26.33 13.62
CA ARG F 62 -37.35 26.78 13.05
C ARG F 62 -37.27 26.34 11.60
N ASN F 63 -36.62 27.15 10.77
CA ASN F 63 -36.74 27.02 9.33
C ASN F 63 -35.87 25.88 8.79
N VAL F 64 -36.13 25.51 7.54
CA VAL F 64 -35.39 24.50 6.81
C VAL F 64 -34.89 25.11 5.52
N LEU F 65 -33.75 24.62 5.02
CA LEU F 65 -33.16 25.11 3.78
C LEU F 65 -33.35 24.07 2.68
N ILE F 66 -34.14 24.42 1.67
CA ILE F 66 -34.44 23.53 0.55
C ILE F 66 -34.02 24.22 -0.74
N GLU F 67 -33.37 23.45 -1.61
CA GLU F 67 -32.94 23.95 -2.92
C GLU F 67 -33.65 23.20 -4.03
N SER F 68 -34.14 23.96 -5.00
CA SER F 68 -34.79 23.41 -6.18
C SER F 68 -33.74 22.89 -7.15
N THR F 69 -34.20 22.07 -8.11
CA THR F 69 -33.28 21.55 -9.11
C THR F 69 -32.70 22.66 -9.98
N PHE F 70 -33.52 23.64 -10.35
CA PHE F 70 -33.08 24.76 -11.15
C PHE F 70 -33.28 26.05 -10.36
N GLY F 71 -32.43 27.04 -10.62
CA GLY F 71 -32.56 28.33 -9.97
C GLY F 71 -31.74 28.45 -8.70
N SER F 72 -32.39 28.87 -7.62
CA SER F 72 -31.75 29.12 -6.34
C SER F 72 -32.61 28.59 -5.21
N PRO F 73 -32.01 28.28 -4.06
CA PRO F 73 -32.75 27.62 -2.98
C PRO F 73 -33.85 28.49 -2.39
N LYS F 74 -34.87 27.81 -1.87
CA LYS F 74 -36.00 28.44 -1.20
C LYS F 74 -35.90 28.20 0.30
N ILE F 75 -36.94 28.61 1.02
CA ILE F 75 -37.04 28.44 2.47
C ILE F 75 -38.25 27.58 2.77
N THR F 76 -38.23 26.89 3.90
CA THR F 76 -39.30 26.01 4.32
C THR F 76 -39.47 26.08 5.83
N LYS F 77 -40.71 26.28 6.28
CA LYS F 77 -41.01 26.28 7.70
C LYS F 77 -42.07 25.26 8.11
N ASP F 78 -42.64 24.53 7.17
CA ASP F 78 -43.65 23.51 7.46
C ASP F 78 -42.98 22.14 7.59
N GLY F 79 -43.79 21.09 7.66
CA GLY F 79 -43.27 19.75 7.84
C GLY F 79 -43.52 18.80 6.69
N VAL F 80 -44.59 19.04 5.92
CA VAL F 80 -44.96 18.11 4.86
C VAL F 80 -43.90 18.09 3.76
N THR F 81 -43.42 19.27 3.34
CA THR F 81 -42.47 19.32 2.23
C THR F 81 -41.12 18.72 2.63
N VAL F 82 -40.63 19.06 3.82
CA VAL F 82 -39.35 18.51 4.26
C VAL F 82 -39.47 17.01 4.50
N ALA F 83 -40.63 16.55 4.99
CA ALA F 83 -40.84 15.11 5.15
C ALA F 83 -40.84 14.40 3.81
N LYS F 84 -41.46 14.99 2.79
CA LYS F 84 -41.51 14.38 1.47
C LYS F 84 -40.20 14.50 0.71
N ALA F 85 -39.33 15.43 1.09
CA ALA F 85 -38.08 15.68 0.37
C ALA F 85 -36.86 15.14 1.13
N ILE F 86 -37.00 13.98 1.78
CA ILE F 86 -35.91 13.38 2.52
C ILE F 86 -35.66 11.98 1.98
N SER F 87 -34.40 11.68 1.66
CA SER F 87 -34.00 10.34 1.23
C SER F 87 -32.63 10.06 1.83
N LEU F 88 -32.56 9.04 2.69
CA LEU F 88 -31.34 8.79 3.45
C LEU F 88 -30.30 8.06 2.59
N LYS F 89 -29.12 7.83 3.19
CA LYS F 89 -28.04 7.16 2.49
C LYS F 89 -28.33 5.68 2.31
N ASP F 90 -28.53 4.96 3.41
CA ASP F 90 -28.76 3.52 3.34
C ASP F 90 -30.12 3.23 2.74
N LYS F 91 -30.22 2.08 2.06
CA LYS F 91 -31.47 1.70 1.42
C LYS F 91 -32.56 1.40 2.43
N PHE F 92 -32.22 0.76 3.55
CA PHE F 92 -33.21 0.44 4.57
C PHE F 92 -33.69 1.70 5.28
N GLU F 93 -32.78 2.63 5.55
CA GLU F 93 -33.19 3.91 6.12
C GLU F 93 -34.11 4.66 5.18
N ASN F 94 -33.81 4.61 3.87
CA ASN F 94 -34.68 5.23 2.89
C ASN F 94 -36.04 4.55 2.85
N LEU F 95 -36.06 3.22 3.02
CA LEU F 95 -37.32 2.49 3.05
C LEU F 95 -38.18 2.91 4.23
N GLY F 96 -37.57 2.99 5.42
CA GLY F 96 -38.31 3.46 6.59
C GLY F 96 -38.80 4.89 6.43
N ALA F 97 -37.95 5.76 5.88
CA ALA F 97 -38.34 7.14 5.65
C ALA F 97 -39.49 7.22 4.65
N LYS F 98 -39.49 6.37 3.64
CA LYS F 98 -40.56 6.38 2.65
C LYS F 98 -41.87 5.87 3.23
N LEU F 99 -41.81 4.87 4.10
CA LEU F 99 -43.03 4.44 4.78
C LEU F 99 -43.58 5.53 5.68
N LEU F 100 -42.69 6.21 6.42
CA LEU F 100 -43.12 7.33 7.24
C LEU F 100 -43.69 8.46 6.38
N ALA F 101 -43.13 8.67 5.19
CA ALA F 101 -43.68 9.65 4.26
C ALA F 101 -45.06 9.24 3.79
N GLU F 102 -45.27 7.94 3.52
CA GLU F 102 -46.60 7.46 3.17
C GLU F 102 -47.62 7.80 4.25
N VAL F 103 -47.31 7.43 5.50
CA VAL F 103 -48.31 7.66 6.55
C VAL F 103 -48.51 9.16 6.80
N ALA F 104 -47.44 9.95 6.70
CA ALA F 104 -47.55 11.40 6.88
C ALA F 104 -48.41 12.02 5.78
N SER F 105 -48.21 11.58 4.53
CA SER F 105 -49.00 12.10 3.42
C SER F 105 -50.46 11.70 3.55
N LYS F 106 -50.72 10.46 3.99
CA LYS F 106 -52.10 10.04 4.22
C LYS F 106 -52.75 10.89 5.30
N THR F 107 -52.03 11.16 6.39
CA THR F 107 -52.58 12.00 7.45
C THR F 107 -52.84 13.42 6.95
N ASN F 108 -51.92 13.97 6.15
CA ASN F 108 -52.10 15.31 5.63
C ASN F 108 -53.30 15.39 4.69
N GLU F 109 -53.47 14.38 3.83
CA GLU F 109 -54.61 14.36 2.93
C GLU F 109 -55.92 14.19 3.70
N VAL F 110 -55.92 13.39 4.76
CA VAL F 110 -57.14 13.17 5.53
C VAL F 110 -57.52 14.43 6.29
N ALA F 111 -56.55 15.05 6.98
CA ALA F 111 -56.83 16.16 7.87
C ALA F 111 -56.37 17.50 7.31
N GLY F 112 -55.09 17.63 6.96
CA GLY F 112 -54.52 18.88 6.49
C GLY F 112 -53.41 19.43 7.36
N ASP F 113 -53.22 18.89 8.56
CA ASP F 113 -52.16 19.34 9.46
C ASP F 113 -51.81 18.20 10.40
N GLY F 114 -51.06 18.51 11.45
CA GLY F 114 -50.68 17.52 12.42
C GLY F 114 -49.71 16.46 11.94
N THR F 115 -49.07 16.68 10.79
CA THR F 115 -48.13 15.70 10.27
C THR F 115 -46.93 15.53 11.18
N THR F 116 -46.38 16.64 11.67
CA THR F 116 -45.19 16.57 12.52
C THR F 116 -45.47 15.83 13.83
N THR F 117 -46.63 16.12 14.45
CA THR F 117 -46.97 15.44 15.69
C THR F 117 -47.14 13.95 15.47
N ALA F 118 -47.80 13.56 14.38
CA ALA F 118 -47.96 12.15 14.08
C ALA F 118 -46.62 11.47 13.84
N THR F 119 -45.73 12.13 13.11
CA THR F 119 -44.40 11.56 12.86
C THR F 119 -43.62 11.39 14.16
N VAL F 120 -43.67 12.39 15.04
CA VAL F 120 -42.94 12.31 16.30
C VAL F 120 -43.51 11.19 17.17
N LEU F 121 -44.84 11.08 17.24
CA LEU F 121 -45.46 10.02 18.02
C LEU F 121 -45.10 8.64 17.47
N ALA F 122 -45.12 8.49 16.14
CA ALA F 122 -44.75 7.22 15.54
C ALA F 122 -43.31 6.86 15.84
N ARG F 123 -42.40 7.84 15.74
CA ARG F 123 -41.00 7.58 16.05
C ARG F 123 -40.83 7.14 17.50
N ALA F 124 -41.49 7.85 18.42
CA ALA F 124 -41.36 7.51 19.84
C ALA F 124 -41.87 6.11 20.13
N ILE F 125 -43.06 5.80 19.61
CA ILE F 125 -43.65 4.48 19.86
C ILE F 125 -42.80 3.38 19.26
N PHE F 126 -42.31 3.58 18.03
CA PHE F 126 -41.47 2.58 17.40
C PHE F 126 -40.17 2.36 18.17
N SER F 127 -39.54 3.46 18.61
CA SER F 127 -38.29 3.34 19.36
C SER F 127 -38.51 2.58 20.66
N GLU F 128 -39.55 2.93 21.41
CA GLU F 128 -39.82 2.22 22.65
C GLU F 128 -40.14 0.76 22.39
N MET F 129 -40.91 0.48 21.33
CA MET F 129 -41.27 -0.90 21.02
C MET F 129 -40.05 -1.74 20.69
N VAL F 130 -39.14 -1.21 19.86
CA VAL F 130 -37.96 -1.97 19.50
C VAL F 130 -37.03 -2.12 20.69
N LYS F 131 -36.94 -1.09 21.54
CA LYS F 131 -36.13 -1.22 22.75
C LYS F 131 -36.66 -2.30 23.67
N ASN F 132 -37.99 -2.38 23.83
CA ASN F 132 -38.57 -3.44 24.64
C ASN F 132 -38.41 -4.81 23.99
N VAL F 133 -38.49 -4.88 22.66
CA VAL F 133 -38.31 -6.14 21.96
C VAL F 133 -36.90 -6.66 22.14
N ALA F 134 -35.91 -5.76 22.11
CA ALA F 134 -34.53 -6.16 22.35
C ALA F 134 -34.32 -6.73 23.75
N ALA F 135 -35.23 -6.44 24.67
CA ALA F 135 -35.14 -6.99 26.02
C ALA F 135 -35.81 -8.36 26.15
N GLY F 136 -36.42 -8.88 25.08
CA GLY F 136 -37.03 -10.18 25.10
C GLY F 136 -38.53 -10.20 25.29
N CYS F 137 -39.18 -9.04 25.33
CA CYS F 137 -40.62 -8.99 25.51
C CYS F 137 -41.34 -9.48 24.25
N ASN F 138 -42.57 -9.93 24.44
CA ASN F 138 -43.36 -10.44 23.33
C ASN F 138 -43.93 -9.29 22.50
N PRO F 139 -43.58 -9.19 21.22
CA PRO F 139 -44.11 -8.08 20.40
C PRO F 139 -45.63 -8.07 20.28
N MET F 140 -46.25 -9.24 20.24
CA MET F 140 -47.70 -9.30 20.05
C MET F 140 -48.45 -8.73 21.24
N ASP F 141 -48.02 -9.10 22.45
CA ASP F 141 -48.66 -8.56 23.66
C ASP F 141 -48.42 -7.06 23.76
N LEU F 142 -47.23 -6.59 23.38
CA LEU F 142 -46.96 -5.16 23.35
C LEU F 142 -47.90 -4.45 22.39
N ARG F 143 -48.08 -5.01 21.19
CA ARG F 143 -48.98 -4.40 20.21
C ARG F 143 -50.41 -4.36 20.73
N ARG F 144 -50.88 -5.44 21.33
CA ARG F 144 -52.24 -5.45 21.88
C ARG F 144 -52.39 -4.43 22.98
N GLY F 145 -51.39 -4.31 23.86
CA GLY F 145 -51.46 -3.34 24.93
C GLY F 145 -51.48 -1.90 24.42
N ILE F 146 -50.62 -1.59 23.45
CA ILE F 146 -50.63 -0.23 22.92
C ILE F 146 -51.92 0.05 22.16
N GLN F 147 -52.49 -0.95 21.49
CA GLN F 147 -53.76 -0.74 20.81
C GLN F 147 -54.87 -0.43 21.80
N ALA F 148 -54.94 -1.20 22.89
CA ALA F 148 -55.96 -0.95 23.91
C ALA F 148 -55.76 0.42 24.56
N ALA F 149 -54.50 0.78 24.83
CA ALA F 149 -54.23 2.07 25.44
C ALA F 149 -54.58 3.22 24.50
N VAL F 150 -54.29 3.07 23.20
CA VAL F 150 -54.65 4.10 22.24
C VAL F 150 -56.16 4.25 22.15
N ASP F 151 -56.88 3.12 22.18
CA ASP F 151 -58.34 3.18 22.17
C ASP F 151 -58.86 3.92 23.40
N ALA F 152 -58.29 3.62 24.57
CA ALA F 152 -58.70 4.33 25.78
C ALA F 152 -58.40 5.82 25.68
N VAL F 153 -57.23 6.16 25.12
CA VAL F 153 -56.86 7.57 25.00
C VAL F 153 -57.82 8.32 24.09
N VAL F 154 -58.15 7.74 22.93
CA VAL F 154 -59.04 8.44 22.01
C VAL F 154 -60.45 8.51 22.58
N GLU F 155 -60.87 7.48 23.31
CA GLU F 155 -62.17 7.53 23.96
C GLU F 155 -62.22 8.65 25.00
N TYR F 156 -61.16 8.80 25.80
CA TYR F 156 -61.11 9.88 26.78
C TYR F 156 -61.10 11.24 26.09
N LEU F 157 -60.36 11.36 24.99
CA LEU F 157 -60.32 12.63 24.27
C LEU F 157 -61.70 12.98 23.72
N GLN F 158 -62.41 12.00 23.17
CA GLN F 158 -63.76 12.25 22.67
C GLN F 158 -64.71 12.61 23.80
N GLN F 159 -64.55 11.98 24.96
CA GLN F 159 -65.43 12.27 26.09
C GLN F 159 -65.27 13.71 26.58
N ASN F 160 -64.03 14.21 26.65
CA ASN F 160 -63.76 15.51 27.25
C ASN F 160 -63.94 16.67 26.26
N LYS F 161 -64.03 16.38 24.97
CA LYS F 161 -64.04 17.44 23.96
C LYS F 161 -65.28 18.33 24.09
N ARG F 162 -65.26 19.42 23.33
CA ARG F 162 -66.36 20.37 23.27
C ARG F 162 -66.87 20.47 21.83
N ASP F 163 -68.17 20.74 21.69
CA ASP F 163 -68.79 20.84 20.38
C ASP F 163 -68.80 22.29 19.90
N ILE F 164 -68.88 22.46 18.59
CA ILE F 164 -68.88 23.76 17.95
C ILE F 164 -70.23 23.91 17.27
N THR F 165 -71.17 24.60 17.92
CA THR F 165 -72.53 24.73 17.42
C THR F 165 -72.97 26.17 17.20
N THR F 166 -72.79 27.04 18.20
CA THR F 166 -73.35 28.38 18.13
C THR F 166 -72.61 29.22 17.09
N SER F 167 -73.36 30.05 16.36
CA SER F 167 -72.77 30.85 15.29
C SER F 167 -71.71 31.81 15.81
N ALA F 168 -71.86 32.32 17.02
CA ALA F 168 -70.85 33.20 17.58
C ALA F 168 -69.52 32.49 17.79
N GLU F 169 -69.55 31.32 18.43
CA GLU F 169 -68.33 30.54 18.59
C GLU F 169 -67.88 29.94 17.27
N ILE F 170 -68.81 29.79 16.32
CA ILE F 170 -68.42 29.43 14.95
C ILE F 170 -67.52 30.51 14.37
N ALA F 171 -67.94 31.77 14.47
CA ALA F 171 -67.11 32.86 13.99
C ALA F 171 -65.81 32.95 14.78
N GLN F 172 -65.85 32.67 16.08
CA GLN F 172 -64.65 32.70 16.90
C GLN F 172 -63.63 31.68 16.43
N VAL F 173 -64.07 30.42 16.24
CA VAL F 173 -63.15 29.37 15.82
C VAL F 173 -62.66 29.62 14.40
N ALA F 174 -63.52 30.18 13.53
CA ALA F 174 -63.08 30.54 12.20
C ALA F 174 -62.00 31.63 12.26
N THR F 175 -62.15 32.58 13.20
CA THR F 175 -61.17 33.65 13.34
C THR F 175 -59.83 33.11 13.80
N ILE F 176 -59.83 32.31 14.87
CA ILE F 176 -58.54 31.86 15.40
C ILE F 176 -57.90 30.85 14.46
N SER F 177 -58.71 30.06 13.74
CA SER F 177 -58.16 29.17 12.73
C SER F 177 -57.57 29.93 11.54
N ALA F 178 -57.97 31.18 11.33
CA ALA F 178 -57.46 32.01 10.26
C ALA F 178 -56.52 33.09 10.76
N ASN F 179 -55.74 32.79 11.79
CA ASN F 179 -54.73 33.68 12.38
C ASN F 179 -55.34 34.94 12.98
N GLY F 180 -56.66 35.01 13.12
CA GLY F 180 -57.30 36.15 13.78
C GLY F 180 -57.45 37.42 12.98
N ASP F 181 -56.42 37.82 12.23
CA ASP F 181 -56.47 39.06 11.48
C ASP F 181 -57.49 39.00 10.34
N GLN F 182 -57.86 37.80 9.91
CA GLN F 182 -58.79 37.62 8.80
C GLN F 182 -60.23 37.73 9.32
N HIS F 183 -60.59 38.95 9.70
CA HIS F 183 -61.94 39.19 10.22
C HIS F 183 -63.00 39.06 9.12
N ILE F 184 -62.74 39.64 7.95
CA ILE F 184 -63.67 39.47 6.84
C ILE F 184 -63.76 38.00 6.47
N GLY F 185 -62.64 37.28 6.53
CA GLY F 185 -62.66 35.86 6.23
C GLY F 185 -63.49 35.06 7.23
N LYS F 186 -63.38 35.40 8.53
CA LYS F 186 -64.16 34.66 9.52
C LYS F 186 -65.64 34.98 9.41
N LEU F 187 -65.99 36.24 9.10
CA LEU F 187 -67.39 36.56 8.86
C LEU F 187 -67.93 35.80 7.65
N ILE F 188 -67.14 35.73 6.58
CA ILE F 188 -67.56 35.00 5.38
C ILE F 188 -67.74 33.52 5.71
N ALA F 189 -66.81 32.94 6.48
CA ALA F 189 -66.91 31.53 6.84
C ALA F 189 -68.13 31.27 7.71
N SER F 190 -68.42 32.16 8.67
CA SER F 190 -69.59 31.98 9.51
C SER F 190 -70.88 32.06 8.68
N ALA F 191 -70.97 33.03 7.77
CA ALA F 191 -72.14 33.12 6.92
C ALA F 191 -72.29 31.90 6.03
N MET F 192 -71.18 31.43 5.46
CA MET F 192 -71.21 30.27 4.57
C MET F 192 -71.57 29.00 5.33
N GLU F 193 -71.21 28.90 6.61
CA GLU F 193 -71.59 27.76 7.42
C GLU F 193 -73.05 27.83 7.84
N LYS F 194 -73.55 29.03 8.16
CA LYS F 194 -74.94 29.19 8.53
C LYS F 194 -75.88 29.10 7.32
N VAL F 195 -75.35 29.24 6.11
CA VAL F 195 -76.18 29.14 4.91
C VAL F 195 -76.15 27.74 4.33
N GLY F 196 -74.95 27.18 4.12
CA GLY F 196 -74.81 25.87 3.52
C GLY F 196 -73.86 25.00 4.33
N LYS F 197 -73.72 23.75 3.87
CA LYS F 197 -72.87 22.78 4.52
C LYS F 197 -71.83 22.16 3.60
N GLU F 198 -71.99 22.24 2.28
CA GLU F 198 -71.00 21.68 1.36
C GLU F 198 -69.82 22.62 1.20
N GLY F 199 -70.07 23.82 0.65
CA GLY F 199 -69.03 24.83 0.56
C GLY F 199 -68.00 24.60 -0.54
N VAL F 200 -67.50 25.69 -1.11
CA VAL F 200 -66.46 25.62 -2.14
C VAL F 200 -65.81 26.99 -2.25
N ILE F 201 -64.60 27.02 -2.79
CA ILE F 201 -63.85 28.26 -3.01
C ILE F 201 -63.39 28.28 -4.46
N THR F 202 -63.56 29.43 -5.12
CA THR F 202 -63.18 29.60 -6.50
C THR F 202 -62.59 30.98 -6.71
N VAL F 203 -61.79 31.11 -7.76
CA VAL F 203 -61.14 32.36 -8.12
C VAL F 203 -61.34 32.62 -9.61
N LYS F 204 -61.67 33.86 -9.95
CA LYS F 204 -61.86 34.28 -11.35
C LYS F 204 -61.10 35.57 -11.56
N GLU F 205 -60.12 35.55 -12.46
CA GLU F 205 -59.27 36.68 -12.83
C GLU F 205 -58.88 37.54 -11.63
N GLY F 206 -58.89 38.86 -11.80
CA GLY F 206 -58.48 39.75 -10.73
C GLY F 206 -59.40 39.72 -9.52
N LYS F 207 -60.72 39.76 -9.78
CA LYS F 207 -61.74 39.75 -8.72
C LYS F 207 -61.53 40.92 -7.75
N THR F 208 -61.70 42.12 -8.31
CA THR F 208 -61.52 43.34 -7.53
C THR F 208 -62.63 43.57 -6.51
N LEU F 209 -63.57 42.64 -6.36
CA LEU F 209 -64.65 42.80 -5.40
C LEU F 209 -64.13 42.67 -3.97
N GLN F 210 -65.05 42.81 -3.03
CA GLN F 210 -64.73 42.80 -1.59
C GLN F 210 -65.11 41.48 -0.93
N ASP F 211 -64.90 40.37 -1.63
CA ASP F 211 -65.17 39.02 -1.11
C ASP F 211 -66.64 38.87 -0.70
N GLU F 212 -67.52 38.98 -1.69
CA GLU F 212 -68.95 38.83 -1.48
C GLU F 212 -69.36 37.38 -1.68
N LEU F 213 -70.25 36.89 -0.82
CA LEU F 213 -70.73 35.53 -0.86
C LEU F 213 -72.06 35.45 -1.61
N GLU F 214 -72.43 34.22 -2.00
CA GLU F 214 -73.66 34.00 -2.73
C GLU F 214 -74.09 32.56 -2.52
N VAL F 215 -75.36 32.29 -2.84
CA VAL F 215 -75.94 30.96 -2.76
C VAL F 215 -76.39 30.56 -4.15
N THR F 216 -75.91 29.41 -4.63
CA THR F 216 -76.21 28.94 -5.97
C THR F 216 -76.43 27.44 -5.96
N GLU F 217 -77.47 26.99 -6.67
CA GLU F 217 -77.74 25.57 -6.80
C GLU F 217 -76.65 24.90 -7.63
N GLY F 218 -76.26 23.71 -7.21
CA GLY F 218 -75.22 23.00 -7.93
C GLY F 218 -75.09 21.56 -7.45
N MET F 219 -74.07 20.89 -7.96
CA MET F 219 -73.79 19.50 -7.66
C MET F 219 -72.31 19.32 -7.36
N ARG F 220 -71.99 18.27 -6.60
CA ARG F 220 -70.61 17.99 -6.22
C ARG F 220 -70.38 16.49 -6.20
N PHE F 221 -69.20 16.08 -6.66
CA PHE F 221 -68.77 14.69 -6.56
C PHE F 221 -67.26 14.66 -6.53
N ASP F 222 -66.72 13.56 -6.00
CA ASP F 222 -65.27 13.40 -5.81
C ASP F 222 -64.74 12.39 -6.83
N ARG F 223 -64.36 12.89 -8.01
CA ARG F 223 -63.74 12.05 -9.03
C ARG F 223 -62.93 12.96 -9.95
N GLY F 224 -61.61 12.95 -9.76
CA GLY F 224 -60.71 13.79 -10.52
C GLY F 224 -60.39 13.21 -11.89
N PHE F 225 -59.53 13.92 -12.61
CA PHE F 225 -59.12 13.47 -13.94
C PHE F 225 -58.27 12.21 -13.84
N VAL F 226 -58.39 11.35 -14.86
CA VAL F 226 -57.59 10.13 -14.90
C VAL F 226 -56.12 10.47 -15.14
N SER F 227 -55.85 11.47 -15.96
CA SER F 227 -54.49 11.84 -16.32
C SER F 227 -54.13 13.21 -15.78
N PRO F 228 -52.88 13.42 -15.36
CA PRO F 228 -52.47 14.72 -14.82
C PRO F 228 -52.12 15.77 -15.85
N TYR F 229 -52.32 15.49 -17.14
CA TYR F 229 -51.97 16.43 -18.21
C TYR F 229 -53.15 17.25 -18.69
N PHE F 230 -54.34 17.08 -18.09
CA PHE F 230 -55.53 17.77 -18.57
C PHE F 230 -55.65 19.20 -18.05
N ILE F 231 -54.88 19.57 -17.03
CA ILE F 231 -54.92 20.92 -16.45
C ILE F 231 -53.53 21.52 -16.54
N THR F 232 -53.43 22.66 -17.22
CA THR F 232 -52.14 23.34 -17.32
C THR F 232 -51.70 23.92 -15.98
N ASP F 233 -52.63 24.56 -15.27
CA ASP F 233 -52.34 25.14 -13.96
C ASP F 233 -52.66 24.16 -12.82
N ALA F 234 -52.04 22.98 -12.88
CA ALA F 234 -52.29 21.97 -11.85
C ALA F 234 -51.70 22.36 -10.51
N LYS F 235 -50.79 23.33 -10.48
CA LYS F 235 -50.20 23.76 -9.20
C LYS F 235 -51.25 24.38 -8.29
N ALA F 236 -52.15 25.18 -8.85
CA ALA F 236 -53.17 25.87 -8.07
C ALA F 236 -54.59 25.55 -8.49
N GLN F 237 -54.79 24.76 -9.55
CA GLN F 237 -56.12 24.39 -10.05
C GLN F 237 -56.94 25.63 -10.38
N LYS F 238 -56.43 26.41 -11.33
CA LYS F 238 -57.09 27.64 -11.74
C LYS F 238 -58.42 27.33 -12.44
N VAL F 239 -59.35 28.28 -12.32
CA VAL F 239 -60.67 28.16 -12.92
C VAL F 239 -60.64 28.89 -14.26
N GLU F 240 -60.87 28.15 -15.35
CA GLU F 240 -60.88 28.71 -16.68
C GLU F 240 -62.05 28.17 -17.50
N PHE F 241 -63.12 27.77 -16.82
CA PHE F 241 -64.30 27.21 -17.47
C PHE F 241 -65.47 28.15 -17.21
N GLU F 242 -65.68 29.10 -18.12
CA GLU F 242 -66.78 30.06 -18.04
C GLU F 242 -67.88 29.59 -19.00
N LYS F 243 -69.06 29.29 -18.44
CA LYS F 243 -70.17 28.72 -19.19
C LYS F 243 -69.74 27.52 -20.03
N PRO F 244 -69.29 26.44 -19.39
CA PRO F 244 -68.78 25.30 -20.15
C PRO F 244 -69.84 24.25 -20.46
N LEU F 245 -69.78 23.72 -21.68
CA LEU F 245 -70.62 22.60 -22.06
C LEU F 245 -70.14 21.32 -21.41
N ILE F 246 -71.09 20.41 -21.17
CA ILE F 246 -70.79 19.14 -20.52
C ILE F 246 -71.40 18.00 -21.32
N LEU F 247 -70.83 16.82 -21.14
CA LEU F 247 -71.27 15.61 -21.84
C LEU F 247 -71.65 14.55 -20.83
N LEU F 248 -72.78 13.89 -21.06
CA LEU F 248 -73.29 12.84 -20.19
C LEU F 248 -73.28 11.51 -20.94
N SER F 249 -72.66 10.50 -20.33
CA SER F 249 -72.60 9.18 -20.94
C SER F 249 -72.49 8.14 -19.84
N GLU F 250 -72.88 6.92 -20.16
CA GLU F 250 -72.85 5.80 -19.23
C GLU F 250 -72.08 4.60 -19.74
N GLN F 251 -72.20 4.29 -21.04
CA GLN F 251 -71.52 3.14 -21.60
C GLN F 251 -70.03 3.44 -21.78
N LYS F 252 -69.26 2.38 -22.04
CA LYS F 252 -67.83 2.51 -22.21
C LYS F 252 -67.51 3.29 -23.48
N ILE F 253 -66.47 4.12 -23.40
CA ILE F 253 -65.98 4.89 -24.54
C ILE F 253 -64.55 4.46 -24.80
N SER F 254 -64.30 3.85 -25.96
CA SER F 254 -62.97 3.40 -26.32
C SER F 254 -62.59 3.68 -27.76
N ALA F 255 -63.46 4.28 -28.56
CA ALA F 255 -63.18 4.56 -29.96
C ALA F 255 -63.51 6.02 -30.29
N ALA F 256 -62.91 6.51 -31.35
CA ALA F 256 -63.11 7.88 -31.80
C ALA F 256 -64.25 8.02 -32.81
N THR F 257 -64.98 6.94 -33.08
CA THR F 257 -66.04 7.01 -34.08
C THR F 257 -67.16 7.94 -33.66
N ASP F 258 -67.54 7.90 -32.38
CA ASP F 258 -68.71 8.64 -31.90
C ASP F 258 -68.35 9.75 -30.92
N ILE F 259 -67.08 10.15 -30.87
CA ILE F 259 -66.68 11.24 -29.96
C ILE F 259 -65.92 12.34 -30.70
N ILE F 260 -65.43 12.06 -31.91
CA ILE F 260 -64.69 13.07 -32.67
C ILE F 260 -65.54 14.30 -32.98
N PRO F 261 -66.79 14.18 -33.48
CA PRO F 261 -67.53 15.41 -33.82
C PRO F 261 -67.72 16.37 -32.66
N ALA F 262 -67.89 15.84 -31.44
CA ALA F 262 -68.11 16.71 -30.29
C ALA F 262 -66.91 17.61 -30.03
N LEU F 263 -65.72 17.01 -29.92
CA LEU F 263 -64.52 17.81 -29.65
C LEU F 263 -64.20 18.73 -30.81
N GLU F 264 -64.41 18.27 -32.04
CA GLU F 264 -64.13 19.11 -33.20
C GLU F 264 -65.04 20.34 -33.21
N ILE F 265 -66.33 20.16 -32.96
CA ILE F 265 -67.24 21.30 -32.96
C ILE F 265 -66.96 22.21 -31.76
N SER F 266 -66.57 21.63 -30.62
CA SER F 266 -66.24 22.44 -29.47
C SER F 266 -65.03 23.33 -29.75
N HIS F 267 -64.01 22.77 -30.42
CA HIS F 267 -62.88 23.59 -30.84
C HIS F 267 -63.29 24.60 -31.90
N LYS F 268 -64.25 24.25 -32.76
CA LYS F 268 -64.70 25.17 -33.80
C LYS F 268 -65.34 26.41 -33.20
N MET F 269 -66.23 26.23 -32.22
CA MET F 269 -66.84 27.39 -31.57
C MET F 269 -66.04 27.89 -30.37
N ARG F 270 -64.92 27.24 -30.04
CA ARG F 270 -64.05 27.65 -28.94
C ARG F 270 -64.81 27.67 -27.62
N ARG F 271 -65.40 26.52 -27.27
CA ARG F 271 -66.14 26.37 -26.02
C ARG F 271 -65.59 25.20 -25.23
N PRO F 272 -65.58 25.29 -23.90
CA PRO F 272 -65.09 24.18 -23.08
C PRO F 272 -66.03 22.99 -23.13
N LEU F 273 -65.45 21.80 -22.92
CA LEU F 273 -66.23 20.57 -22.92
C LEU F 273 -65.54 19.56 -22.00
N VAL F 274 -66.32 18.58 -21.55
CA VAL F 274 -65.83 17.52 -20.68
C VAL F 274 -66.20 16.18 -21.30
N ILE F 275 -65.49 15.15 -20.84
CA ILE F 275 -65.69 13.78 -21.32
C ILE F 275 -65.87 12.88 -20.10
N ILE F 276 -66.93 12.08 -20.10
CA ILE F 276 -67.21 11.13 -19.04
C ILE F 276 -67.11 9.74 -19.64
N ALA F 277 -65.99 9.07 -19.41
CA ALA F 277 -65.74 7.73 -19.96
C ALA F 277 -65.30 6.79 -18.84
N GLU F 278 -65.79 5.55 -18.90
CA GLU F 278 -65.41 4.56 -17.90
C GLU F 278 -63.91 4.27 -17.94
N ASP F 279 -63.36 4.12 -19.14
CA ASP F 279 -61.94 3.85 -19.30
C ASP F 279 -61.51 4.32 -20.69
N ILE F 280 -60.70 5.38 -20.73
CA ILE F 280 -60.22 5.95 -21.99
C ILE F 280 -58.70 6.09 -21.90
N ASP F 281 -58.01 5.63 -22.94
CA ASP F 281 -56.55 5.71 -22.99
C ASP F 281 -56.05 6.99 -23.64
N GLY F 282 -56.93 7.87 -24.09
CA GLY F 282 -56.52 9.12 -24.69
C GLY F 282 -55.95 9.02 -26.09
N GLU F 283 -56.42 8.05 -26.89
CA GLU F 283 -55.95 7.94 -28.25
C GLU F 283 -56.35 9.16 -29.08
N ALA F 284 -57.58 9.64 -28.89
CA ALA F 284 -58.02 10.85 -29.58
C ALA F 284 -57.20 12.06 -29.15
N LEU F 285 -56.90 12.16 -27.85
CA LEU F 285 -56.06 13.26 -27.37
C LEU F 285 -54.67 13.21 -27.99
N ALA F 286 -54.08 12.01 -28.07
CA ALA F 286 -52.76 11.88 -28.67
C ALA F 286 -52.78 12.23 -30.15
N VAL F 287 -53.83 11.80 -30.86
CA VAL F 287 -53.95 12.12 -32.28
C VAL F 287 -54.07 13.62 -32.47
N CYS F 288 -54.91 14.27 -31.66
CA CYS F 288 -55.07 15.72 -31.76
C CYS F 288 -53.76 16.44 -31.45
N ILE F 289 -53.03 15.97 -30.44
CA ILE F 289 -51.78 16.63 -30.06
C ILE F 289 -50.75 16.49 -31.17
N LEU F 290 -50.62 15.29 -31.76
CA LEU F 290 -49.66 15.11 -32.83
C LEU F 290 -50.05 15.87 -34.10
N ASN F 291 -51.35 15.99 -34.36
CA ASN F 291 -51.79 16.86 -35.46
C ASN F 291 -51.43 18.32 -35.18
N LYS F 292 -51.63 18.76 -33.95
CA LYS F 292 -51.23 20.09 -33.51
C LYS F 292 -51.12 20.07 -31.99
N LEU F 293 -49.92 20.37 -31.48
CA LEU F 293 -49.63 20.39 -30.05
C LEU F 293 -50.61 21.25 -29.26
N ARG F 294 -50.60 21.07 -27.93
CA ARG F 294 -51.60 21.67 -27.06
C ARG F 294 -51.75 23.17 -27.31
N GLY F 295 -52.99 23.65 -27.23
CA GLY F 295 -53.30 25.04 -27.51
C GLY F 295 -54.48 25.19 -28.44
N GLN F 296 -55.21 24.10 -28.68
CA GLN F 296 -56.37 24.12 -29.55
C GLN F 296 -57.65 23.60 -28.92
N LEU F 297 -57.57 22.85 -27.83
CA LEU F 297 -58.76 22.32 -27.17
C LEU F 297 -58.47 22.05 -25.71
N GLU F 298 -59.53 21.95 -24.92
CA GLU F 298 -59.44 21.70 -23.48
C GLU F 298 -60.00 20.31 -23.22
N VAL F 299 -59.12 19.36 -22.94
CA VAL F 299 -59.52 17.97 -22.67
C VAL F 299 -59.82 17.83 -21.19
N ALA F 300 -61.01 17.30 -20.89
CA ALA F 300 -61.45 17.07 -19.51
C ALA F 300 -62.11 15.69 -19.44
N ALA F 301 -61.36 14.70 -18.98
CA ALA F 301 -61.84 13.33 -18.87
C ALA F 301 -61.98 12.96 -17.40
N VAL F 302 -63.17 12.54 -17.00
CA VAL F 302 -63.46 12.13 -15.63
C VAL F 302 -64.13 10.78 -15.67
N LYS F 303 -63.61 9.83 -14.89
CA LYS F 303 -64.19 8.49 -14.84
C LYS F 303 -65.57 8.53 -14.22
N ALA F 304 -66.47 7.70 -14.77
CA ALA F 304 -67.82 7.62 -14.25
C ALA F 304 -67.82 6.96 -12.86
N PRO F 305 -68.72 7.38 -11.98
CA PRO F 305 -68.78 6.80 -10.63
C PRO F 305 -69.36 5.40 -10.66
N GLY F 306 -69.38 4.79 -9.47
CA GLY F 306 -69.99 3.49 -9.29
C GLY F 306 -71.45 3.61 -8.89
N PHE F 307 -71.92 2.64 -8.09
CA PHE F 307 -73.28 2.63 -7.56
C PHE F 307 -74.30 2.64 -8.70
N GLY F 308 -74.31 1.55 -9.45
CA GLY F 308 -75.08 1.43 -10.68
C GLY F 308 -76.45 2.08 -10.71
N ASP F 309 -77.37 1.64 -9.85
CA ASP F 309 -78.68 2.28 -9.79
C ASP F 309 -78.56 3.73 -9.33
N ASN F 310 -77.74 3.97 -8.31
CA ASN F 310 -77.47 5.34 -7.88
C ASN F 310 -76.74 6.12 -8.96
N ARG F 311 -75.93 5.44 -9.78
CA ARG F 311 -75.30 6.12 -10.92
C ARG F 311 -76.35 6.58 -11.93
N LYS F 312 -77.34 5.73 -12.22
CA LYS F 312 -78.43 6.15 -13.10
C LYS F 312 -79.20 7.32 -12.48
N SER F 313 -79.46 7.25 -11.17
CA SER F 313 -80.16 8.34 -10.51
C SER F 313 -79.39 9.64 -10.59
N ILE F 314 -78.07 9.59 -10.36
CA ILE F 314 -77.25 10.80 -10.39
C ILE F 314 -77.13 11.33 -11.81
N LEU F 315 -77.10 10.44 -12.80
CA LEU F 315 -77.09 10.88 -14.20
C LEU F 315 -78.39 11.59 -14.54
N GLY F 316 -79.53 11.03 -14.11
CA GLY F 316 -80.79 11.71 -14.31
C GLY F 316 -80.83 13.06 -13.61
N ASP F 317 -80.27 13.14 -12.41
CA ASP F 317 -80.26 14.40 -11.66
C ASP F 317 -79.42 15.46 -12.36
N ILE F 318 -78.21 15.10 -12.82
CA ILE F 318 -77.37 16.09 -13.48
C ILE F 318 -77.97 16.49 -14.82
N ALA F 319 -78.61 15.54 -15.53
CA ALA F 319 -79.31 15.90 -16.75
C ALA F 319 -80.45 16.88 -16.47
N VAL F 320 -81.22 16.62 -15.41
CA VAL F 320 -82.32 17.50 -15.05
C VAL F 320 -81.80 18.89 -14.73
N LEU F 321 -80.69 18.97 -13.99
CA LEU F 321 -80.14 20.26 -13.61
C LEU F 321 -79.61 21.01 -14.83
N THR F 322 -78.83 20.33 -15.68
CA THR F 322 -78.15 21.00 -16.79
C THR F 322 -78.55 20.46 -18.15
N ASN F 323 -78.48 19.14 -18.37
CA ASN F 323 -78.53 18.60 -19.73
C ASN F 323 -79.96 18.30 -20.17
N GLY F 324 -80.63 17.39 -19.48
CA GLY F 324 -81.93 16.91 -19.88
C GLY F 324 -81.90 15.70 -20.79
N THR F 325 -80.72 15.25 -21.22
CA THR F 325 -80.59 14.08 -22.09
C THR F 325 -79.29 13.37 -21.77
N VAL F 326 -79.38 12.04 -21.61
CA VAL F 326 -78.21 11.21 -21.33
C VAL F 326 -77.96 10.31 -22.54
N PHE F 327 -76.77 9.72 -22.57
CA PHE F 327 -76.35 8.85 -23.66
C PHE F 327 -76.24 7.41 -23.14
N THR F 328 -76.98 6.51 -23.77
CA THR F 328 -76.97 5.10 -23.40
C THR F 328 -77.55 4.29 -24.54
N ASN F 329 -76.83 3.25 -24.97
CA ASN F 329 -77.33 2.41 -26.07
C ASN F 329 -78.60 1.67 -25.68
N GLU F 330 -78.73 1.29 -24.41
CA GLU F 330 -79.97 0.65 -23.96
C GLU F 330 -81.15 1.59 -24.09
N LEU F 331 -80.96 2.86 -23.77
CA LEU F 331 -82.01 3.86 -23.95
C LEU F 331 -82.19 4.16 -25.44
N ASP F 332 -83.36 4.69 -25.78
CA ASP F 332 -83.71 4.95 -27.17
C ASP F 332 -82.84 6.02 -27.83
N VAL F 333 -82.08 6.78 -27.05
CA VAL F 333 -81.20 7.79 -27.62
C VAL F 333 -80.08 7.11 -28.41
N LYS F 334 -79.85 7.58 -29.63
CA LYS F 334 -78.82 7.01 -30.49
C LYS F 334 -77.44 7.41 -29.98
N LEU F 335 -76.48 6.49 -30.08
CA LEU F 335 -75.14 6.75 -29.57
C LEU F 335 -74.37 7.73 -30.45
N GLU F 336 -74.68 7.78 -31.75
CA GLU F 336 -73.99 8.64 -32.69
C GLU F 336 -74.71 9.96 -32.94
N LYS F 337 -75.39 10.49 -31.93
CA LYS F 337 -76.11 11.76 -32.03
C LYS F 337 -75.37 12.89 -31.34
N VAL F 338 -74.04 12.93 -31.45
CA VAL F 338 -73.25 13.93 -30.76
C VAL F 338 -73.31 15.26 -31.49
N THR F 339 -74.30 16.09 -31.12
CA THR F 339 -74.48 17.42 -31.64
C THR F 339 -74.66 18.39 -30.49
N PRO F 340 -74.30 19.67 -30.68
CA PRO F 340 -74.50 20.65 -29.59
C PRO F 340 -75.94 21.01 -29.32
N ASP F 341 -76.91 20.33 -29.94
CA ASP F 341 -78.31 20.68 -29.75
C ASP F 341 -78.77 20.34 -28.33
N MET F 342 -78.49 19.12 -27.87
CA MET F 342 -78.94 18.66 -26.56
C MET F 342 -77.83 18.63 -25.52
N LEU F 343 -76.64 19.11 -25.86
CA LEU F 343 -75.56 19.13 -24.89
C LEU F 343 -75.88 20.07 -23.74
N GLY F 344 -75.57 19.62 -22.52
CA GLY F 344 -75.86 20.42 -21.35
C GLY F 344 -74.89 21.57 -21.16
N SER F 345 -75.31 22.51 -20.31
CA SER F 345 -74.51 23.69 -20.03
C SER F 345 -74.76 24.13 -18.60
N THR F 346 -73.83 24.94 -18.08
CA THR F 346 -73.94 25.47 -16.73
C THR F 346 -73.27 26.83 -16.68
N GLY F 347 -73.60 27.59 -15.63
CA GLY F 347 -73.00 28.90 -15.48
C GLY F 347 -71.49 28.86 -15.29
N SER F 348 -71.02 27.94 -14.44
CA SER F 348 -69.60 27.77 -14.21
C SER F 348 -69.36 26.41 -13.60
N ILE F 349 -68.21 25.83 -13.89
CA ILE F 349 -67.81 24.53 -13.38
C ILE F 349 -66.39 24.62 -12.83
N THR F 350 -66.07 23.69 -11.93
CA THR F 350 -64.73 23.63 -11.33
C THR F 350 -64.41 22.17 -11.08
N ILE F 351 -63.49 21.62 -11.87
CA ILE F 351 -63.08 20.23 -11.73
C ILE F 351 -61.58 20.20 -11.45
N THR F 352 -61.18 19.52 -10.37
CA THR F 352 -59.78 19.40 -10.03
C THR F 352 -59.41 17.94 -9.86
N LYS F 353 -58.19 17.67 -9.35
CA LYS F 353 -57.65 16.31 -9.38
C LYS F 353 -58.32 15.37 -8.38
N GLU F 354 -59.12 15.89 -7.46
CA GLU F 354 -59.77 15.03 -6.46
C GLU F 354 -61.29 15.10 -6.46
N ASP F 355 -61.89 16.21 -6.88
CA ASP F 355 -63.35 16.31 -6.89
C ASP F 355 -63.78 17.30 -7.96
N THR F 356 -65.07 17.24 -8.31
CA THR F 356 -65.67 18.11 -9.30
C THR F 356 -66.70 19.00 -8.63
N ILE F 357 -66.75 20.26 -9.04
CA ILE F 357 -67.70 21.24 -8.52
C ILE F 357 -68.57 21.71 -9.67
N ILE F 358 -69.89 21.51 -9.55
CA ILE F 358 -70.85 21.95 -10.54
C ILE F 358 -71.80 22.95 -9.87
N LEU F 359 -72.13 24.01 -10.60
CA LEU F 359 -72.95 25.07 -10.04
C LEU F 359 -73.64 25.82 -11.19
N ASN F 360 -74.74 26.48 -10.85
CA ASN F 360 -75.54 27.26 -11.79
C ASN F 360 -76.06 26.39 -12.95
N GLY F 361 -76.91 25.43 -12.57
CA GLY F 361 -77.54 24.59 -13.57
C GLY F 361 -78.41 25.42 -14.51
N ASP F 362 -78.35 25.08 -15.79
CA ASP F 362 -79.06 25.83 -16.83
C ASP F 362 -80.41 25.23 -17.19
N GLY F 363 -80.86 24.18 -16.49
CA GLY F 363 -82.14 23.59 -16.79
C GLY F 363 -83.30 24.46 -16.37
N SER F 364 -84.47 24.15 -16.93
CA SER F 364 -85.68 24.90 -16.62
C SER F 364 -86.09 24.65 -15.17
N LYS F 365 -86.35 25.73 -14.44
CA LYS F 365 -86.69 25.60 -13.03
C LYS F 365 -88.10 25.05 -12.83
N ASP F 366 -89.00 25.29 -13.79
CA ASP F 366 -90.37 24.79 -13.66
C ASP F 366 -90.40 23.26 -13.65
N ALA F 367 -89.71 22.64 -14.63
CA ALA F 367 -89.66 21.18 -14.66
C ALA F 367 -88.90 20.62 -13.47
N ILE F 368 -87.87 21.33 -13.00
CA ILE F 368 -87.15 20.89 -11.82
C ILE F 368 -88.08 20.86 -10.61
N ALA F 369 -88.89 21.91 -10.44
CA ALA F 369 -89.85 21.95 -9.34
C ALA F 369 -90.90 20.87 -9.49
N GLN F 370 -91.36 20.62 -10.72
CA GLN F 370 -92.35 19.56 -10.94
C GLN F 370 -91.79 18.20 -10.56
N ARG F 371 -90.55 17.91 -10.97
CA ARG F 371 -89.94 16.64 -10.59
C ARG F 371 -89.68 16.55 -9.09
N CYS F 372 -89.31 17.68 -8.46
CA CYS F 372 -89.11 17.68 -7.02
C CYS F 372 -90.42 17.37 -6.29
N GLU F 373 -91.53 17.97 -6.73
CA GLU F 373 -92.81 17.67 -6.09
C GLU F 373 -93.26 16.24 -6.38
N GLN F 374 -92.93 15.72 -7.56
CA GLN F 374 -93.22 14.31 -7.83
C GLN F 374 -92.45 13.40 -6.88
N ILE F 375 -91.17 13.71 -6.63
CA ILE F 375 -90.39 12.93 -5.67
C ILE F 375 -90.97 13.06 -4.27
N ARG F 376 -91.40 14.26 -3.89
CA ARG F 376 -91.99 14.47 -2.58
C ARG F 376 -93.26 13.64 -2.42
N GLY F 377 -94.10 13.60 -3.46
CA GLY F 377 -95.27 12.74 -3.43
C GLY F 377 -94.91 11.27 -3.38
N ALA F 378 -93.83 10.89 -4.05
CA ALA F 378 -93.36 9.51 -3.97
C ALA F 378 -92.88 9.15 -2.56
N MET F 379 -92.42 10.14 -1.80
CA MET F 379 -92.02 9.90 -0.41
C MET F 379 -93.18 9.46 0.46
N ASN F 380 -94.43 9.69 0.04
CA ASN F 380 -95.58 9.36 0.85
C ASN F 380 -95.99 7.90 0.74
N ASP F 381 -95.41 7.14 -0.19
CA ASP F 381 -95.77 5.74 -0.35
C ASP F 381 -95.01 4.89 0.66
N PRO F 382 -95.70 4.18 1.57
CA PRO F 382 -94.98 3.32 2.52
C PRO F 382 -94.30 2.12 1.87
N SER F 383 -94.67 1.77 0.64
CA SER F 383 -94.13 0.59 -0.04
C SER F 383 -92.85 0.89 -0.81
N THR F 384 -92.34 2.10 -0.75
CA THR F 384 -91.10 2.43 -1.46
C THR F 384 -89.93 1.66 -0.88
N SER F 385 -89.00 1.27 -1.75
CA SER F 385 -87.84 0.51 -1.32
C SER F 385 -86.96 1.34 -0.38
N GLU F 386 -86.40 0.67 0.63
CA GLU F 386 -85.58 1.38 1.61
C GLU F 386 -84.34 2.00 0.99
N TYR F 387 -83.65 1.24 0.13
CA TYR F 387 -82.45 1.76 -0.52
C TYR F 387 -82.78 2.94 -1.42
N GLU F 388 -83.85 2.82 -2.21
CA GLU F 388 -84.27 3.94 -3.04
C GLU F 388 -84.70 5.13 -2.19
N LYS F 389 -85.39 4.87 -1.08
CA LYS F 389 -85.82 5.94 -0.20
C LYS F 389 -84.64 6.71 0.36
N GLU F 390 -83.61 6.00 0.86
CA GLU F 390 -82.47 6.69 1.43
C GLU F 390 -81.63 7.38 0.35
N LYS F 391 -81.52 6.77 -0.83
CA LYS F 391 -80.80 7.43 -1.93
C LYS F 391 -81.48 8.73 -2.33
N LEU F 392 -82.81 8.72 -2.46
CA LEU F 392 -83.51 9.95 -2.81
C LEU F 392 -83.49 10.95 -1.65
N GLN F 393 -83.47 10.47 -0.41
CA GLN F 393 -83.38 11.38 0.73
C GLN F 393 -82.04 12.10 0.75
N GLU F 394 -80.93 11.37 0.52
CA GLU F 394 -79.64 12.04 0.47
C GLU F 394 -79.52 12.92 -0.77
N ARG F 395 -80.18 12.54 -1.87
CA ARG F 395 -80.26 13.42 -3.03
C ARG F 395 -80.94 14.73 -2.67
N LEU F 396 -82.06 14.66 -1.94
CA LEU F 396 -82.74 15.86 -1.48
C LEU F 396 -81.83 16.68 -0.57
N ALA F 397 -81.11 16.02 0.33
CA ALA F 397 -80.24 16.73 1.27
C ALA F 397 -79.13 17.47 0.54
N LYS F 398 -78.54 16.84 -0.49
CA LYS F 398 -77.42 17.44 -1.20
C LYS F 398 -77.86 18.31 -2.38
N LEU F 399 -79.14 18.36 -2.70
CA LEU F 399 -79.63 19.19 -3.79
C LEU F 399 -80.42 20.41 -3.32
N SER F 400 -81.31 20.25 -2.33
CA SER F 400 -82.12 21.37 -1.88
C SER F 400 -81.27 22.46 -1.24
N GLY F 401 -80.25 22.07 -0.48
CA GLY F 401 -79.40 23.04 0.20
C GLY F 401 -78.64 23.95 -0.73
N GLY F 402 -78.10 23.39 -1.79
CA GLY F 402 -77.35 24.19 -2.75
C GLY F 402 -75.87 24.23 -2.41
N VAL F 403 -75.06 24.57 -3.41
CA VAL F 403 -73.61 24.63 -3.23
C VAL F 403 -73.25 26.03 -2.74
N ALA F 404 -72.58 26.09 -1.59
CA ALA F 404 -72.14 27.36 -1.03
C ALA F 404 -70.88 27.82 -1.75
N VAL F 405 -70.99 28.91 -2.51
CA VAL F 405 -69.89 29.45 -3.30
C VAL F 405 -69.54 30.83 -2.77
N ILE F 406 -68.25 31.09 -2.58
CA ILE F 406 -67.76 32.39 -2.15
C ILE F 406 -66.81 32.93 -3.20
N LYS F 407 -67.06 34.15 -3.64
CA LYS F 407 -66.20 34.83 -4.61
C LYS F 407 -65.12 35.57 -3.86
N VAL F 408 -63.90 35.04 -3.87
CA VAL F 408 -62.79 35.66 -3.17
C VAL F 408 -62.43 36.98 -3.83
N GLY F 409 -61.81 37.88 -3.06
CA GLY F 409 -61.40 39.17 -3.55
C GLY F 409 -59.89 39.33 -3.56
N GLY F 410 -59.46 40.52 -3.97
CA GLY F 410 -58.05 40.83 -4.02
C GLY F 410 -57.77 41.91 -5.04
N SER F 411 -56.53 42.38 -5.02
CA SER F 411 -56.07 43.42 -5.92
C SER F 411 -55.29 42.86 -7.11
N SER F 412 -54.19 42.16 -6.86
CA SER F 412 -53.36 41.60 -7.91
C SER F 412 -53.55 40.09 -7.99
N GLU F 413 -52.92 39.49 -8.99
CA GLU F 413 -53.01 38.04 -9.17
C GLU F 413 -52.38 37.29 -8.00
N VAL F 414 -51.20 37.73 -7.56
CA VAL F 414 -50.55 37.09 -6.43
C VAL F 414 -51.35 37.33 -5.14
N GLU F 415 -51.92 38.52 -4.99
CA GLU F 415 -52.71 38.82 -3.81
C GLU F 415 -53.97 37.96 -3.76
N VAL F 416 -54.69 37.85 -4.89
CA VAL F 416 -55.88 37.01 -4.89
C VAL F 416 -55.51 35.54 -4.72
N GLY F 417 -54.36 35.12 -5.24
CA GLY F 417 -53.93 33.75 -5.04
C GLY F 417 -53.64 33.43 -3.57
N GLU F 418 -52.89 34.31 -2.90
CA GLU F 418 -52.59 34.07 -1.49
C GLU F 418 -53.85 34.15 -0.66
N LYS F 419 -54.79 35.04 -1.03
CA LYS F 419 -56.07 35.08 -0.34
C LYS F 419 -56.85 33.78 -0.53
N LYS F 420 -56.81 33.22 -1.74
CA LYS F 420 -57.51 31.96 -2.00
C LYS F 420 -56.92 30.82 -1.17
N ASP F 421 -55.60 30.71 -1.12
CA ASP F 421 -54.97 29.68 -0.30
C ASP F 421 -55.29 29.87 1.18
N ARG F 422 -55.21 31.11 1.67
CA ARG F 422 -55.54 31.37 3.07
C ARG F 422 -56.97 30.95 3.37
N PHE F 423 -57.90 31.31 2.48
CA PHE F 423 -59.29 30.92 2.64
C PHE F 423 -59.46 29.42 2.63
N VAL F 424 -58.73 28.72 1.76
CA VAL F 424 -58.95 27.27 1.66
C VAL F 424 -58.45 26.58 2.92
N ASP F 425 -57.30 26.99 3.48
CA ASP F 425 -56.88 26.32 4.71
C ASP F 425 -57.80 26.70 5.87
N ALA F 426 -58.27 27.95 5.92
CA ALA F 426 -59.18 28.35 6.98
C ALA F 426 -60.47 27.54 6.94
N LEU F 427 -61.04 27.38 5.74
CA LEU F 427 -62.28 26.61 5.61
C LEU F 427 -62.04 25.13 5.88
N ASN F 428 -60.89 24.59 5.47
CA ASN F 428 -60.61 23.19 5.77
C ASN F 428 -60.54 22.96 7.28
N ALA F 429 -59.84 23.85 7.99
CA ALA F 429 -59.77 23.74 9.45
C ALA F 429 -61.15 23.89 10.07
N THR F 430 -61.95 24.82 9.56
CA THR F 430 -63.29 25.02 10.10
C THR F 430 -64.17 23.79 9.91
N ARG F 431 -64.10 23.18 8.72
CA ARG F 431 -64.86 21.95 8.48
C ARG F 431 -64.42 20.83 9.40
N ALA F 432 -63.11 20.66 9.57
CA ALA F 432 -62.63 19.64 10.49
C ALA F 432 -63.15 19.89 11.90
N ALA F 433 -63.09 21.15 12.36
CA ALA F 433 -63.53 21.48 13.71
C ALA F 433 -65.02 21.23 13.90
N VAL F 434 -65.84 21.62 12.92
CA VAL F 434 -67.28 21.42 13.09
C VAL F 434 -67.64 19.95 13.01
N GLU F 435 -67.00 19.17 12.13
CA GLU F 435 -67.40 17.78 11.98
C GLU F 435 -66.90 16.93 13.14
N GLU F 436 -65.79 17.32 13.78
CA GLU F 436 -65.27 16.55 14.91
C GLU F 436 -65.31 17.31 16.22
N GLY F 437 -64.70 18.48 16.30
CA GLY F 437 -64.59 19.20 17.55
C GLY F 437 -63.18 19.70 17.80
N ILE F 438 -63.04 20.73 18.63
CA ILE F 438 -61.74 21.35 18.88
C ILE F 438 -61.24 20.90 20.24
N LEU F 439 -59.91 20.94 20.39
CA LEU F 439 -59.22 20.60 21.62
C LEU F 439 -58.10 21.60 21.85
N PRO F 440 -57.67 21.80 23.10
CA PRO F 440 -56.55 22.70 23.38
C PRO F 440 -55.28 22.25 22.68
N GLY F 441 -54.73 23.10 21.81
CA GLY F 441 -53.56 22.77 21.04
C GLY F 441 -52.28 22.87 21.84
N GLY F 442 -51.16 22.64 21.15
CA GLY F 442 -49.87 22.67 21.78
C GLY F 442 -49.51 21.42 22.54
N GLY F 443 -50.25 20.34 22.37
CA GLY F 443 -49.99 19.10 23.07
C GLY F 443 -50.56 19.02 24.47
N THR F 444 -51.26 20.05 24.93
CA THR F 444 -51.83 20.01 26.28
C THR F 444 -52.88 18.90 26.39
N ALA F 445 -53.71 18.75 25.36
CA ALA F 445 -54.75 17.71 25.40
C ALA F 445 -54.13 16.33 25.49
N LEU F 446 -53.02 16.10 24.78
CA LEU F 446 -52.35 14.81 24.86
C LEU F 446 -51.83 14.54 26.26
N ILE F 447 -51.25 15.55 26.91
CA ILE F 447 -50.76 15.38 28.27
C ILE F 447 -51.90 15.06 29.22
N LYS F 448 -53.00 15.80 29.11
CA LYS F 448 -54.14 15.56 29.99
C LYS F 448 -54.72 14.17 29.77
N ALA F 449 -54.81 13.73 28.51
CA ALA F 449 -55.31 12.38 28.24
C ALA F 449 -54.38 11.32 28.80
N SER F 450 -53.07 11.47 28.59
CA SER F 450 -52.12 10.49 29.10
C SER F 450 -52.09 10.45 30.62
N VAL F 451 -52.45 11.54 31.28
CA VAL F 451 -52.44 11.55 32.74
C VAL F 451 -53.75 11.03 33.34
N ASN F 452 -54.89 11.43 32.78
CA ASN F 452 -56.20 11.09 33.35
C ASN F 452 -56.87 9.90 32.67
N ALA F 453 -56.20 9.23 31.73
CA ALA F 453 -56.84 8.15 30.99
C ALA F 453 -56.19 6.80 31.25
N LEU F 454 -54.88 6.67 31.06
CA LEU F 454 -54.20 5.39 31.15
C LEU F 454 -54.07 4.89 32.58
N ASN F 455 -54.34 5.71 33.59
CA ASN F 455 -54.25 5.26 34.97
C ASN F 455 -55.36 4.29 35.34
N ASN F 456 -56.46 4.27 34.58
CA ASN F 456 -57.57 3.39 34.88
C ASN F 456 -57.42 2.01 34.26
N LEU F 457 -56.69 1.90 33.16
CA LEU F 457 -56.53 0.62 32.48
C LEU F 457 -55.80 -0.38 33.37
N LYS F 458 -56.27 -1.63 33.36
CA LYS F 458 -55.70 -2.71 34.16
C LYS F 458 -55.41 -3.89 33.24
N PRO F 459 -54.28 -3.88 32.54
CA PRO F 459 -53.93 -4.99 31.66
C PRO F 459 -53.75 -6.29 32.45
N ALA F 460 -54.06 -7.41 31.79
CA ALA F 460 -54.01 -8.70 32.46
C ALA F 460 -52.57 -9.17 32.64
N ASN F 461 -51.84 -9.34 31.54
CA ASN F 461 -50.48 -9.84 31.59
C ASN F 461 -49.52 -8.68 31.83
N PHE F 462 -48.22 -8.94 31.66
CA PHE F 462 -47.18 -7.97 31.99
C PHE F 462 -46.75 -7.14 30.78
N ASP F 463 -46.61 -7.77 29.62
CA ASP F 463 -46.18 -7.04 28.43
C ASP F 463 -47.23 -6.03 27.99
N GLN F 464 -48.51 -6.29 28.24
CA GLN F 464 -49.53 -5.28 27.99
C GLN F 464 -49.33 -4.05 28.86
N GLN F 465 -48.98 -4.26 30.13
CA GLN F 465 -48.65 -3.13 31.00
C GLN F 465 -47.42 -2.40 30.50
N LEU F 466 -46.43 -3.13 30.00
CA LEU F 466 -45.25 -2.49 29.43
C LEU F 466 -45.62 -1.63 28.22
N GLY F 467 -46.50 -2.14 27.36
CA GLY F 467 -46.94 -1.36 26.21
C GLY F 467 -47.74 -0.13 26.61
N VAL F 468 -48.56 -0.25 27.65
CA VAL F 468 -49.30 0.90 28.16
C VAL F 468 -48.34 1.96 28.67
N ASN F 469 -47.31 1.55 29.42
CA ASN F 469 -46.29 2.48 29.88
C ASN F 469 -45.55 3.10 28.69
N ILE F 470 -45.31 2.31 27.64
CA ILE F 470 -44.64 2.83 26.46
C ILE F 470 -45.47 3.94 25.82
N ILE F 471 -46.77 3.71 25.66
CA ILE F 471 -47.61 4.72 25.04
C ILE F 471 -47.72 5.94 25.94
N LYS F 472 -47.74 5.75 27.26
CA LYS F 472 -47.79 6.88 28.18
C LYS F 472 -46.55 7.74 28.09
N ASN F 473 -45.38 7.10 27.95
CA ASN F 473 -44.14 7.86 27.80
C ASN F 473 -44.04 8.51 26.42
N ALA F 474 -44.62 7.88 25.39
CA ALA F 474 -44.49 8.39 24.03
C ALA F 474 -45.50 9.48 23.69
N ILE F 475 -46.63 9.54 24.42
CA ILE F 475 -47.64 10.55 24.09
C ILE F 475 -47.11 11.96 24.35
N THR F 476 -46.27 12.13 25.37
CA THR F 476 -45.78 13.44 25.76
C THR F 476 -44.69 13.98 24.85
N ARG F 477 -44.25 13.20 23.86
CA ARG F 477 -43.15 13.64 23.01
C ARG F 477 -43.47 14.90 22.20
N PRO F 478 -44.62 15.04 21.53
CA PRO F 478 -44.88 16.30 20.80
C PRO F 478 -44.86 17.53 21.69
N ALA F 479 -45.41 17.44 22.90
CA ALA F 479 -45.37 18.59 23.80
C ALA F 479 -43.94 18.93 24.21
N ARG F 480 -43.13 17.89 24.46
CA ARG F 480 -41.73 18.12 24.79
C ARG F 480 -41.01 18.82 23.64
N MET F 481 -41.25 18.38 22.41
CA MET F 481 -40.61 19.02 21.26
C MET F 481 -41.08 20.46 21.11
N ILE F 482 -42.38 20.71 21.31
CA ILE F 482 -42.91 22.06 21.18
C ILE F 482 -42.27 22.98 22.21
N VAL F 483 -42.15 22.52 23.45
CA VAL F 483 -41.56 23.36 24.50
C VAL F 483 -40.08 23.57 24.25
N GLU F 484 -39.36 22.52 23.83
CA GLU F 484 -37.93 22.64 23.62
C GLU F 484 -37.59 23.50 22.40
N ASN F 485 -38.52 23.59 21.43
CA ASN F 485 -38.26 24.42 20.26
C ASN F 485 -38.13 25.88 20.64
N ALA F 486 -38.98 26.35 21.55
CA ALA F 486 -38.89 27.75 21.99
C ALA F 486 -37.59 28.01 22.74
N GLY F 487 -37.16 27.07 23.58
CA GLY F 487 -35.93 27.22 24.32
C GLY F 487 -36.02 26.78 25.76
N LEU F 488 -37.21 26.90 26.35
CA LEU F 488 -37.40 26.51 27.74
C LEU F 488 -37.30 25.00 27.89
N GLU F 489 -36.94 24.56 29.09
CA GLU F 489 -36.79 23.14 29.36
C GLU F 489 -38.16 22.46 29.33
N GLY F 490 -38.26 21.35 28.60
CA GLY F 490 -39.54 20.68 28.47
C GLY F 490 -39.94 19.87 29.69
N SER F 491 -38.94 19.37 30.44
CA SER F 491 -39.25 18.50 31.57
C SER F 491 -40.04 19.24 32.64
N VAL F 492 -39.58 20.44 33.01
CA VAL F 492 -40.26 21.21 34.06
C VAL F 492 -41.66 21.62 33.60
N VAL F 493 -41.80 22.03 32.34
CA VAL F 493 -43.11 22.43 31.82
C VAL F 493 -44.07 21.27 31.83
N ILE F 494 -43.62 20.09 31.38
CA ILE F 494 -44.49 18.92 31.37
C ILE F 494 -44.86 18.51 32.79
N GLY F 495 -43.91 18.60 33.72
CA GLY F 495 -44.21 18.28 35.11
C GLY F 495 -45.24 19.23 35.70
N LYS F 496 -45.13 20.52 35.40
CA LYS F 496 -46.11 21.48 35.88
C LYS F 496 -47.48 21.25 35.27
N ILE F 497 -47.53 20.93 33.97
CA ILE F 497 -48.81 20.73 33.31
C ILE F 497 -49.49 19.46 33.82
N SER F 498 -48.74 18.37 33.93
CA SER F 498 -49.34 17.08 34.24
C SER F 498 -49.79 17.00 35.70
N ASP F 499 -49.02 17.59 36.61
CA ASP F 499 -49.28 17.45 38.04
C ASP F 499 -50.05 18.63 38.63
N GLU F 500 -49.53 19.85 38.47
CA GLU F 500 -50.16 21.01 39.10
C GLU F 500 -51.53 21.30 38.49
N TYR F 501 -51.68 21.12 37.18
CA TYR F 501 -52.91 21.46 36.47
C TYR F 501 -53.55 20.21 35.87
N ALA F 502 -53.55 19.11 36.63
CA ALA F 502 -54.18 17.88 36.14
C ALA F 502 -55.69 18.04 36.00
N ALA F 503 -56.33 18.71 36.97
CA ALA F 503 -57.78 18.84 36.94
C ALA F 503 -58.23 19.71 35.78
N ASP F 504 -57.52 20.80 35.51
CA ASP F 504 -57.92 21.74 34.47
C ASP F 504 -57.42 21.23 33.12
N PHE F 505 -58.35 20.77 32.28
CA PHE F 505 -57.97 20.27 30.96
C PHE F 505 -57.42 21.39 30.09
N ASN F 506 -58.04 22.58 30.13
CA ASN F 506 -57.64 23.66 29.25
C ASN F 506 -56.31 24.29 29.68
N LYS F 507 -55.89 24.10 30.93
CA LYS F 507 -54.65 24.70 31.39
C LYS F 507 -53.44 23.98 30.79
N GLY F 508 -52.52 24.75 30.24
CA GLY F 508 -51.32 24.20 29.65
C GLY F 508 -50.23 25.24 29.61
N PHE F 509 -49.37 25.13 28.60
CA PHE F 509 -48.25 26.05 28.40
C PHE F 509 -48.41 26.76 27.06
N ASN F 510 -48.32 28.09 27.08
CA ASN F 510 -48.37 28.90 25.87
C ASN F 510 -46.93 29.21 25.46
N SER F 511 -46.44 28.49 24.45
CA SER F 511 -45.06 28.67 24.00
C SER F 511 -44.82 30.04 23.37
N ALA F 512 -45.87 30.71 22.92
CA ALA F 512 -45.71 32.02 22.29
C ALA F 512 -45.18 33.05 23.29
N THR F 513 -45.70 33.03 24.52
CA THR F 513 -45.30 33.99 25.53
C THR F 513 -44.62 33.38 26.75
N GLY F 514 -44.81 32.09 27.00
CA GLY F 514 -44.20 31.43 28.13
C GLY F 514 -45.01 31.46 29.41
N GLU F 515 -46.29 31.81 29.34
CA GLU F 515 -47.16 31.86 30.51
C GLU F 515 -48.19 30.76 30.42
N TYR F 516 -48.50 30.15 31.57
CA TYR F 516 -49.47 29.06 31.64
C TYR F 516 -50.86 29.65 31.55
N VAL F 517 -51.43 29.70 30.34
CA VAL F 517 -52.76 30.23 30.10
C VAL F 517 -53.58 29.20 29.34
N ASP F 518 -54.89 29.37 29.39
CA ASP F 518 -55.80 28.46 28.70
C ASP F 518 -55.79 28.73 27.21
N MET F 519 -55.64 27.68 26.41
CA MET F 519 -55.66 27.84 24.95
C MET F 519 -57.02 28.26 24.43
N ILE F 520 -58.10 27.96 25.14
CA ILE F 520 -59.43 28.36 24.70
C ILE F 520 -59.53 29.88 24.64
N GLN F 521 -59.08 30.55 25.69
CA GLN F 521 -59.08 32.01 25.70
C GLN F 521 -57.92 32.57 24.86
N ALA F 522 -56.78 31.89 24.86
CA ALA F 522 -55.63 32.37 24.10
C ALA F 522 -55.81 32.20 22.60
N GLY F 523 -56.72 31.32 22.17
CA GLY F 523 -56.99 31.09 20.77
C GLY F 523 -56.34 29.86 20.19
N ILE F 524 -55.34 29.28 20.88
CA ILE F 524 -54.69 28.08 20.38
C ILE F 524 -55.68 26.92 20.43
N LEU F 525 -55.67 26.10 19.37
CA LEU F 525 -56.58 24.97 19.30
C LEU F 525 -55.96 23.88 18.44
N ASP F 526 -56.54 22.69 18.56
CA ASP F 526 -56.22 21.56 17.70
C ASP F 526 -57.50 20.76 17.53
N PRO F 527 -58.00 20.62 16.31
CA PRO F 527 -59.24 19.85 16.11
C PRO F 527 -59.05 18.40 16.52
N LEU F 528 -60.16 17.80 16.98
CA LEU F 528 -60.09 16.40 17.42
C LEU F 528 -59.75 15.47 16.27
N LYS F 529 -60.27 15.76 15.07
CA LYS F 529 -60.10 14.85 13.94
C LYS F 529 -58.63 14.68 13.59
N VAL F 530 -57.90 15.79 13.46
CA VAL F 530 -56.51 15.71 13.00
C VAL F 530 -55.65 14.99 14.02
N VAL F 531 -55.77 15.35 15.31
CA VAL F 531 -54.94 14.72 16.33
C VAL F 531 -55.30 13.25 16.49
N ARG F 532 -56.59 12.94 16.44
CA ARG F 532 -57.03 11.55 16.59
C ARG F 532 -56.52 10.68 15.45
N THR F 533 -56.67 11.15 14.21
CA THR F 533 -56.20 10.36 13.07
C THR F 533 -54.68 10.28 13.05
N GLY F 534 -53.98 11.34 13.45
CA GLY F 534 -52.53 11.27 13.52
C GLY F 534 -52.07 10.26 14.55
N LEU F 535 -52.68 10.27 15.73
CA LEU F 535 -52.32 9.30 16.76
C LEU F 535 -52.61 7.88 16.31
N ILE F 536 -53.77 7.66 15.68
CA ILE F 536 -54.14 6.32 15.24
C ILE F 536 -53.16 5.82 14.18
N ASP F 537 -52.87 6.65 13.18
CA ASP F 537 -51.94 6.24 12.13
C ASP F 537 -50.54 6.02 12.68
N ALA F 538 -50.08 6.88 13.59
CA ALA F 538 -48.76 6.71 14.17
C ALA F 538 -48.67 5.42 14.96
N SER F 539 -49.68 5.13 15.78
CA SER F 539 -49.68 3.90 16.56
C SER F 539 -49.71 2.67 15.65
N GLY F 540 -50.56 2.70 14.63
CA GLY F 540 -50.62 1.57 13.71
C GLY F 540 -49.32 1.35 12.97
N VAL F 541 -48.71 2.43 12.48
CA VAL F 541 -47.46 2.31 11.72
C VAL F 541 -46.34 1.82 12.63
N ALA F 542 -46.26 2.34 13.85
CA ALA F 542 -45.22 1.88 14.77
C ALA F 542 -45.42 0.42 15.15
N SER F 543 -46.66 0.01 15.42
CA SER F 543 -46.92 -1.37 15.76
C SER F 543 -46.59 -2.30 14.60
N LEU F 544 -46.92 -1.90 13.37
CA LEU F 544 -46.59 -2.70 12.21
C LEU F 544 -45.08 -2.79 12.01
N LEU F 545 -44.38 -1.66 12.18
CA LEU F 545 -42.93 -1.64 11.94
C LEU F 545 -42.18 -2.38 13.02
N GLY F 546 -42.77 -2.51 14.22
CA GLY F 546 -42.09 -3.22 15.30
C GLY F 546 -42.20 -4.73 15.19
N THR F 547 -42.87 -5.25 14.17
CA THR F 547 -43.03 -6.68 14.01
C THR F 547 -42.63 -7.13 12.61
N THR F 548 -41.49 -6.65 12.12
CA THR F 548 -40.96 -7.03 10.81
C THR F 548 -39.50 -7.44 11.00
N GLU F 549 -39.27 -8.73 11.17
CA GLU F 549 -37.89 -9.23 11.29
C GLU F 549 -37.15 -9.13 9.97
N VAL F 550 -37.84 -9.40 8.86
CA VAL F 550 -37.23 -9.48 7.54
C VAL F 550 -37.64 -8.24 6.75
N ALA F 551 -36.68 -7.69 6.00
CA ALA F 551 -36.92 -6.54 5.13
C ALA F 551 -35.87 -6.56 4.03
N ILE F 552 -36.31 -6.50 2.78
CA ILE F 552 -35.41 -6.61 1.63
C ILE F 552 -35.43 -5.30 0.87
N VAL F 553 -34.30 -5.01 0.22
CA VAL F 553 -34.15 -3.83 -0.63
C VAL F 553 -33.51 -4.25 -1.95
N GLU F 554 -33.63 -3.38 -2.95
CA GLU F 554 -33.09 -3.64 -4.27
C GLU F 554 -31.59 -3.36 -4.27
N ALA F 555 -30.96 -3.47 -5.44
CA ALA F 555 -29.53 -3.24 -5.57
C ALA F 555 -29.20 -1.76 -5.41
N ALA G 28 -33.36 12.09 -6.06
CA ALA G 28 -33.77 11.14 -5.03
C ALA G 28 -32.55 10.68 -4.22
N HIS G 29 -31.72 11.63 -3.81
CA HIS G 29 -30.53 11.30 -3.03
C HIS G 29 -30.13 12.56 -2.27
N LYS G 30 -30.22 12.51 -0.94
CA LYS G 30 -29.95 13.65 -0.09
C LYS G 30 -29.08 13.24 1.09
N GLU G 31 -28.32 14.20 1.61
CA GLU G 31 -27.55 14.03 2.83
C GLU G 31 -27.93 15.13 3.81
N LEU G 32 -27.99 14.77 5.09
CA LEU G 32 -28.51 15.65 6.14
C LEU G 32 -27.41 16.10 7.07
N LYS G 33 -27.46 17.37 7.47
CA LYS G 33 -26.58 17.92 8.48
C LYS G 33 -27.43 18.61 9.53
N PHE G 34 -27.17 18.31 10.80
CA PHE G 34 -28.04 18.69 11.90
C PHE G 34 -27.38 19.71 12.80
N GLY G 35 -28.07 20.82 13.04
CA GLY G 35 -27.69 21.73 14.10
C GLY G 35 -26.35 22.40 13.86
N VAL G 36 -25.40 22.10 14.76
CA VAL G 36 -24.14 22.84 14.79
C VAL G 36 -23.34 22.62 13.52
N GLU G 37 -23.37 21.40 12.98
CA GLU G 37 -22.60 21.10 11.77
C GLU G 37 -23.10 21.92 10.58
N GLY G 38 -24.42 21.90 10.35
CA GLY G 38 -24.98 22.67 9.25
C GLY G 38 -24.78 24.17 9.45
N ARG G 39 -24.95 24.63 10.70
CA ARG G 39 -24.74 26.06 10.98
C ARG G 39 -23.30 26.46 10.72
N ALA G 40 -22.34 25.60 11.08
CA ALA G 40 -20.93 25.91 10.82
C ALA G 40 -20.64 25.91 9.33
N ALA G 41 -21.24 24.99 8.57
CA ALA G 41 -21.03 24.97 7.13
C ALA G 41 -21.58 26.25 6.49
N LEU G 42 -22.79 26.66 6.91
CA LEU G 42 -23.36 27.90 6.39
C LEU G 42 -22.51 29.11 6.79
N LEU G 43 -22.00 29.09 8.03
CA LEU G 43 -21.09 30.15 8.46
C LEU G 43 -19.88 30.24 7.56
N ASN G 44 -19.25 29.09 7.26
CA ASN G 44 -18.07 29.08 6.43
C ASN G 44 -18.37 29.62 5.03
N GLY G 45 -19.46 29.15 4.43
CA GLY G 45 -19.81 29.62 3.09
C GLY G 45 -20.09 31.12 3.05
N VAL G 46 -20.92 31.59 4.00
CA VAL G 46 -21.29 33.01 4.02
C VAL G 46 -20.06 33.87 4.29
N GLU G 47 -19.20 33.45 5.23
CA GLU G 47 -18.01 34.22 5.55
C GLU G 47 -17.06 34.28 4.37
N THR G 48 -16.88 33.16 3.66
CA THR G 48 -16.02 33.17 2.49
C THR G 48 -16.54 34.12 1.41
N LEU G 49 -17.84 34.03 1.12
CA LEU G 49 -18.41 34.89 0.09
C LEU G 49 -18.32 36.37 0.49
N ALA G 50 -18.61 36.67 1.76
CA ALA G 50 -18.57 38.05 2.21
C ALA G 50 -17.14 38.60 2.23
N LYS G 51 -16.17 37.77 2.60
CA LYS G 51 -14.78 38.20 2.56
C LYS G 51 -14.33 38.47 1.13
N ALA G 52 -14.78 37.64 0.19
CA ALA G 52 -14.46 37.90 -1.21
C ALA G 52 -15.12 39.19 -1.69
N VAL G 53 -16.37 39.43 -1.30
CA VAL G 53 -17.10 40.59 -1.80
C VAL G 53 -16.56 41.89 -1.19
N ALA G 54 -16.25 41.89 0.10
CA ALA G 54 -15.90 43.11 0.80
C ALA G 54 -14.56 43.70 0.33
N THR G 55 -13.79 42.94 -0.44
CA THR G 55 -12.52 43.46 -0.94
C THR G 55 -12.69 44.65 -1.87
N THR G 56 -13.87 44.87 -2.42
CA THR G 56 -14.15 46.00 -3.29
C THR G 56 -14.94 47.10 -2.58
N LEU G 57 -15.15 46.99 -1.28
CA LEU G 57 -15.94 47.96 -0.53
C LEU G 57 -15.20 49.28 -0.40
N GLY G 58 -15.95 50.37 -0.46
CA GLY G 58 -15.40 51.69 -0.27
C GLY G 58 -14.83 52.28 -1.54
N PRO G 59 -14.62 53.59 -1.55
CA PRO G 59 -13.99 54.23 -2.72
C PRO G 59 -12.60 53.67 -3.01
N LYS G 60 -11.85 53.28 -1.99
CA LYS G 60 -10.52 52.70 -2.16
C LYS G 60 -10.60 51.18 -2.24
N GLY G 61 -11.43 50.71 -3.17
CA GLY G 61 -11.63 49.29 -3.35
C GLY G 61 -10.46 48.66 -4.10
N ARG G 62 -10.56 47.33 -4.23
CA ARG G 62 -9.50 46.57 -4.89
C ARG G 62 -10.15 45.61 -5.89
N ASN G 63 -9.44 45.36 -6.99
CA ASN G 63 -10.06 44.71 -8.14
C ASN G 63 -10.21 43.21 -7.95
N VAL G 64 -11.00 42.60 -8.83
CA VAL G 64 -11.23 41.16 -8.87
C VAL G 64 -10.90 40.66 -10.27
N LEU G 65 -10.46 39.41 -10.37
CA LEU G 65 -10.11 38.81 -11.65
C LEU G 65 -11.19 37.80 -12.04
N ILE G 66 -11.91 38.08 -13.13
CA ILE G 66 -12.98 37.23 -13.62
C ILE G 66 -12.67 36.84 -15.05
N GLU G 67 -12.87 35.56 -15.36
CA GLU G 67 -12.67 35.04 -16.71
C GLU G 67 -13.99 34.53 -17.28
N SER G 68 -14.24 34.91 -18.53
CA SER G 68 -15.41 34.47 -19.27
C SER G 68 -15.20 33.05 -19.76
N THR G 69 -16.30 32.40 -20.17
CA THR G 69 -16.21 31.05 -20.69
C THR G 69 -15.40 31.01 -21.99
N PHE G 70 -15.61 31.99 -22.85
CA PHE G 70 -14.88 32.09 -24.11
C PHE G 70 -14.07 33.37 -24.14
N GLY G 71 -12.94 33.34 -24.84
CA GLY G 71 -12.11 34.51 -24.98
C GLY G 71 -11.03 34.62 -23.92
N SER G 72 -10.95 35.78 -23.27
CA SER G 72 -9.92 36.07 -22.29
C SER G 72 -10.53 36.78 -21.09
N PRO G 73 -9.88 36.69 -19.92
CA PRO G 73 -10.49 37.22 -18.69
C PRO G 73 -10.66 38.73 -18.71
N LYS G 74 -11.65 39.18 -17.96
CA LYS G 74 -11.96 40.59 -17.77
C LYS G 74 -11.55 41.03 -16.37
N ILE G 75 -11.89 42.26 -16.02
CA ILE G 75 -11.62 42.83 -14.71
C ILE G 75 -12.94 43.19 -14.06
N THR G 76 -12.96 43.24 -12.73
CA THR G 76 -14.15 43.55 -11.96
C THR G 76 -13.76 44.35 -10.73
N LYS G 77 -14.46 45.47 -10.51
CA LYS G 77 -14.26 46.29 -9.32
C LYS G 77 -15.50 46.49 -8.49
N ASP G 78 -16.66 45.98 -8.93
CA ASP G 78 -17.90 46.11 -8.18
C ASP G 78 -18.13 44.87 -7.32
N GLY G 79 -19.32 44.76 -6.74
CA GLY G 79 -19.62 43.65 -5.85
C GLY G 79 -20.69 42.70 -6.34
N VAL G 80 -21.62 43.21 -7.16
CA VAL G 80 -22.76 42.39 -7.59
C VAL G 80 -22.30 41.23 -8.46
N THR G 81 -21.41 41.49 -9.41
CA THR G 81 -20.98 40.43 -10.33
C THR G 81 -20.16 39.37 -9.61
N VAL G 82 -19.22 39.78 -8.77
CA VAL G 82 -18.42 38.80 -8.04
C VAL G 82 -19.29 38.03 -7.05
N ALA G 83 -20.27 38.68 -6.45
CA ALA G 83 -21.19 37.98 -5.56
C ALA G 83 -22.01 36.94 -6.32
N LYS G 84 -22.47 37.28 -7.52
CA LYS G 84 -23.27 36.35 -8.31
C LYS G 84 -22.43 35.26 -8.96
N ALA G 85 -21.12 35.46 -9.09
CA ALA G 85 -20.24 34.50 -9.77
C ALA G 85 -19.38 33.72 -8.79
N ILE G 86 -19.93 33.35 -7.64
CA ILE G 86 -19.21 32.59 -6.63
C ILE G 86 -19.98 31.31 -6.33
N SER G 87 -19.28 30.17 -6.39
CA SER G 87 -19.86 28.88 -6.02
C SER G 87 -18.78 28.08 -5.31
N LEU G 88 -19.03 27.76 -4.03
CA LEU G 88 -18.00 27.14 -3.20
C LEU G 88 -17.88 25.65 -3.50
N LYS G 89 -16.93 25.02 -2.80
CA LYS G 89 -16.69 23.58 -2.99
C LYS G 89 -17.81 22.75 -2.37
N ASP G 90 -18.01 22.90 -1.07
CA ASP G 90 -19.02 22.11 -0.38
C ASP G 90 -20.42 22.54 -0.79
N LYS G 91 -21.35 21.58 -0.76
CA LYS G 91 -22.72 21.86 -1.17
C LYS G 91 -23.41 22.81 -0.20
N PHE G 92 -23.15 22.66 1.10
CA PHE G 92 -23.78 23.54 2.09
C PHE G 92 -23.22 24.95 2.01
N GLU G 93 -21.92 25.08 1.78
CA GLU G 93 -21.33 26.40 1.56
C GLU G 93 -21.91 27.05 0.32
N ASN G 94 -22.11 26.27 -0.74
CA ASN G 94 -22.74 26.79 -1.94
C ASN G 94 -24.18 27.22 -1.67
N LEU G 95 -24.88 26.46 -0.83
CA LEU G 95 -26.26 26.81 -0.47
C LEU G 95 -26.31 28.15 0.26
N GLY G 96 -25.43 28.32 1.26
CA GLY G 96 -25.37 29.59 1.96
C GLY G 96 -24.99 30.75 1.05
N ALA G 97 -24.02 30.51 0.16
CA ALA G 97 -23.61 31.54 -0.79
C ALA G 97 -24.75 31.90 -1.73
N LYS G 98 -25.55 30.91 -2.14
CA LYS G 98 -26.66 31.18 -3.03
C LYS G 98 -27.77 31.95 -2.33
N LEU G 99 -28.03 31.66 -1.05
CA LEU G 99 -29.00 32.45 -0.30
C LEU G 99 -28.52 33.90 -0.15
N LEU G 100 -27.22 34.06 0.15
CA LEU G 100 -26.67 35.41 0.23
C LEU G 100 -26.75 36.12 -1.11
N ALA G 101 -26.56 35.38 -2.21
CA ALA G 101 -26.72 35.95 -3.54
C ALA G 101 -28.16 36.38 -3.79
N GLU G 102 -29.13 35.57 -3.33
CA GLU G 102 -30.53 35.96 -3.44
C GLU G 102 -30.78 37.30 -2.75
N VAL G 103 -30.36 37.41 -1.49
CA VAL G 103 -30.68 38.65 -0.77
C VAL G 103 -29.91 39.82 -1.36
N ALA G 104 -28.67 39.61 -1.81
CA ALA G 104 -27.90 40.68 -2.43
C ALA G 104 -28.54 41.15 -3.73
N SER G 105 -29.02 40.20 -4.55
CA SER G 105 -29.68 40.56 -5.80
C SER G 105 -30.99 41.29 -5.54
N LYS G 106 -31.74 40.86 -4.53
CA LYS G 106 -32.97 41.58 -4.18
C LYS G 106 -32.65 43.01 -3.74
N THR G 107 -31.61 43.18 -2.93
CA THR G 107 -31.22 44.52 -2.50
C THR G 107 -30.79 45.38 -3.69
N ASN G 108 -30.02 44.80 -4.61
CA ASN G 108 -29.56 45.53 -5.78
C ASN G 108 -30.73 45.94 -6.67
N GLU G 109 -31.69 45.04 -6.87
CA GLU G 109 -32.86 45.37 -7.67
C GLU G 109 -33.72 46.44 -6.99
N VAL G 110 -33.85 46.37 -5.67
CA VAL G 110 -34.66 47.36 -4.96
C VAL G 110 -34.00 48.74 -5.00
N ALA G 111 -32.71 48.80 -4.70
CA ALA G 111 -32.01 50.08 -4.55
C ALA G 111 -31.08 50.38 -5.72
N GLY G 112 -30.14 49.50 -6.02
CA GLY G 112 -29.14 49.71 -7.06
C GLY G 112 -27.71 49.72 -6.56
N ASP G 113 -27.50 49.79 -5.25
CA ASP G 113 -26.15 49.79 -4.68
C ASP G 113 -26.24 49.24 -3.26
N GLY G 114 -25.16 49.41 -2.50
CA GLY G 114 -25.13 48.96 -1.13
C GLY G 114 -25.13 47.46 -0.94
N THR G 115 -24.86 46.69 -1.99
CA THR G 115 -24.86 45.24 -1.87
C THR G 115 -23.76 44.76 -0.95
N THR G 116 -22.55 45.32 -1.10
CA THR G 116 -21.42 44.88 -0.29
C THR G 116 -21.64 45.16 1.19
N THR G 117 -22.17 46.35 1.51
CA THR G 117 -22.43 46.69 2.91
C THR G 117 -23.47 45.74 3.51
N ALA G 118 -24.54 45.45 2.76
CA ALA G 118 -25.55 44.53 3.25
C ALA G 118 -24.98 43.13 3.46
N THR G 119 -24.14 42.67 2.54
CA THR G 119 -23.52 41.35 2.69
C THR G 119 -22.62 41.30 3.92
N VAL G 120 -21.83 42.34 4.13
CA VAL G 120 -20.92 42.38 5.28
C VAL G 120 -21.72 42.40 6.58
N LEU G 121 -22.78 43.21 6.63
CA LEU G 121 -23.61 43.27 7.83
C LEU G 121 -24.27 41.93 8.11
N ALA G 122 -24.79 41.28 7.06
CA ALA G 122 -25.41 39.97 7.24
C ALA G 122 -24.41 38.95 7.75
N ARG G 123 -23.19 38.95 7.20
CA ARG G 123 -22.17 38.03 7.66
C ARG G 123 -21.84 38.27 9.12
N ALA G 124 -21.66 39.54 9.50
CA ALA G 124 -21.31 39.85 10.89
C ALA G 124 -22.41 39.42 11.86
N ILE G 125 -23.65 39.75 11.52
CA ILE G 125 -24.77 39.41 12.41
C ILE G 125 -24.91 37.90 12.51
N PHE G 126 -24.81 37.18 11.39
CA PHE G 126 -24.93 35.74 11.43
C PHE G 126 -23.81 35.09 12.26
N SER G 127 -22.58 35.58 12.09
CA SER G 127 -21.46 35.03 12.84
C SER G 127 -21.64 35.25 14.33
N GLU G 128 -22.01 36.47 14.73
CA GLU G 128 -22.24 36.73 16.15
C GLU G 128 -23.39 35.89 16.69
N MET G 129 -24.46 35.74 15.90
CA MET G 129 -25.61 34.97 16.35
C MET G 129 -25.25 33.50 16.57
N VAL G 130 -24.51 32.91 15.63
CA VAL G 130 -24.15 31.50 15.79
C VAL G 130 -23.14 31.33 16.92
N LYS G 131 -22.24 32.29 17.10
CA LYS G 131 -21.31 32.23 18.22
C LYS G 131 -22.05 32.28 19.56
N ASN G 132 -23.06 33.14 19.67
CA ASN G 132 -23.85 33.19 20.90
C ASN G 132 -24.69 31.94 21.07
N VAL G 133 -25.20 31.38 19.98
CA VAL G 133 -26.00 30.15 20.07
C VAL G 133 -25.15 29.00 20.56
N ALA G 134 -23.90 28.92 20.10
CA ALA G 134 -22.99 27.88 20.58
C ALA G 134 -22.72 28.00 22.07
N ALA G 135 -22.96 29.16 22.67
CA ALA G 135 -22.79 29.35 24.11
C ALA G 135 -24.03 28.96 24.91
N GLY G 136 -25.11 28.56 24.24
CA GLY G 136 -26.31 28.13 24.93
C GLY G 136 -27.41 29.17 25.02
N CYS G 137 -27.24 30.33 24.42
CA CYS G 137 -28.27 31.36 24.48
C CYS G 137 -29.48 30.97 23.63
N ASN G 138 -30.62 31.56 23.97
CA ASN G 138 -31.86 31.26 23.27
C ASN G 138 -31.90 31.99 21.93
N PRO G 139 -31.98 31.28 20.81
CA PRO G 139 -32.01 31.97 19.51
C PRO G 139 -33.21 32.89 19.33
N MET G 140 -34.36 32.53 19.89
CA MET G 140 -35.56 33.34 19.69
C MET G 140 -35.44 34.70 20.36
N ASP G 141 -34.95 34.71 21.61
CA ASP G 141 -34.75 35.99 22.30
C ASP G 141 -33.70 36.83 21.60
N LEU G 142 -32.64 36.19 21.09
CA LEU G 142 -31.64 36.93 20.32
C LEU G 142 -32.26 37.56 19.08
N ARG G 143 -33.09 36.81 18.37
CA ARG G 143 -33.74 37.34 17.17
C ARG G 143 -34.65 38.51 17.52
N ARG G 144 -35.43 38.38 18.58
CA ARG G 144 -36.31 39.48 18.99
C ARG G 144 -35.50 40.71 19.37
N GLY G 145 -34.39 40.51 20.09
CA GLY G 145 -33.56 41.64 20.48
C GLY G 145 -32.94 42.35 19.29
N ILE G 146 -32.40 41.58 18.34
CA ILE G 146 -31.80 42.20 17.17
C ILE G 146 -32.87 42.89 16.32
N GLN G 147 -34.09 42.32 16.25
CA GLN G 147 -35.15 42.97 15.51
C GLN G 147 -35.52 44.32 16.13
N ALA G 148 -35.68 44.35 17.47
CA ALA G 148 -35.99 45.59 18.14
C ALA G 148 -34.87 46.61 17.98
N ALA G 149 -33.62 46.17 18.07
CA ALA G 149 -32.49 47.07 17.92
C ALA G 149 -32.40 47.62 16.50
N VAL G 150 -32.68 46.78 15.49
CA VAL G 150 -32.67 47.24 14.10
C VAL G 150 -33.78 48.26 13.89
N ASP G 151 -34.95 48.01 14.47
CA ASP G 151 -36.04 48.99 14.37
C ASP G 151 -35.63 50.32 15.00
N ALA G 152 -35.00 50.28 16.17
CA ALA G 152 -34.54 51.51 16.80
C ALA G 152 -33.51 52.22 15.93
N VAL G 153 -32.59 51.45 15.33
CA VAL G 153 -31.55 52.04 14.50
C VAL G 153 -32.15 52.74 13.29
N VAL G 154 -33.08 52.09 12.60
CA VAL G 154 -33.67 52.71 11.41
C VAL G 154 -34.52 53.90 11.79
N GLU G 155 -35.20 53.84 12.94
CA GLU G 155 -35.97 54.99 13.40
C GLU G 155 -35.06 56.18 13.69
N TYR G 156 -33.91 55.93 14.33
CA TYR G 156 -32.96 57.01 14.58
C TYR G 156 -32.40 57.57 13.28
N LEU G 157 -32.10 56.69 12.32
CA LEU G 157 -31.59 57.16 11.04
C LEU G 157 -32.61 58.03 10.32
N GLN G 158 -33.89 57.62 10.35
CA GLN G 158 -34.93 58.43 9.73
C GLN G 158 -35.11 59.76 10.45
N GLN G 159 -34.98 59.76 11.77
CA GLN G 159 -35.14 60.99 12.54
C GLN G 159 -34.05 62.02 12.19
N ASN G 160 -32.81 61.56 12.05
CA ASN G 160 -31.68 62.48 11.88
C ASN G 160 -31.47 62.91 10.43
N LYS G 161 -32.10 62.23 9.47
CA LYS G 161 -31.83 62.46 8.05
C LYS G 161 -32.24 63.87 7.64
N ARG G 162 -31.84 64.23 6.41
CA ARG G 162 -32.17 65.51 5.81
C ARG G 162 -32.95 65.28 4.51
N ASP G 163 -33.83 66.22 4.19
CA ASP G 163 -34.67 66.12 3.01
C ASP G 163 -34.00 66.83 1.83
N ILE G 164 -34.38 66.42 0.62
CA ILE G 164 -33.84 66.98 -0.61
C ILE G 164 -35.01 67.64 -1.32
N THR G 165 -35.13 68.97 -1.18
CA THR G 165 -36.26 69.70 -1.74
C THR G 165 -35.86 70.79 -2.71
N THR G 166 -34.93 71.66 -2.31
CA THR G 166 -34.62 72.84 -3.12
C THR G 166 -33.90 72.46 -4.41
N SER G 167 -34.24 73.15 -5.50
CA SER G 167 -33.67 72.82 -6.80
C SER G 167 -32.15 72.96 -6.83
N ALA G 168 -31.60 73.91 -6.07
CA ALA G 168 -30.15 74.07 -6.02
C ALA G 168 -29.48 72.84 -5.40
N GLU G 169 -29.97 72.40 -4.24
CA GLU G 169 -29.41 71.20 -3.63
C GLU G 169 -29.82 69.95 -4.41
N ILE G 170 -30.91 70.05 -5.18
CA ILE G 170 -31.24 68.98 -6.13
C ILE G 170 -30.13 68.83 -7.15
N ALA G 171 -29.70 69.94 -7.76
CA ALA G 171 -28.60 69.90 -8.71
C ALA G 171 -27.31 69.45 -8.03
N GLN G 172 -27.10 69.87 -6.78
CA GLN G 172 -25.89 69.48 -6.05
C GLN G 172 -25.84 67.97 -5.85
N VAL G 173 -26.94 67.37 -5.37
CA VAL G 173 -26.96 65.93 -5.13
C VAL G 173 -26.89 65.16 -6.43
N ALA G 174 -27.50 65.69 -7.50
CA ALA G 174 -27.37 65.07 -8.81
C ALA G 174 -25.91 65.10 -9.28
N THR G 175 -25.21 66.19 -8.99
CA THR G 175 -23.81 66.31 -9.40
C THR G 175 -22.94 65.31 -8.66
N ILE G 176 -23.05 65.26 -7.33
CA ILE G 176 -22.16 64.38 -6.58
C ILE G 176 -22.53 62.92 -6.81
N SER G 177 -23.81 62.63 -7.04
CA SER G 177 -24.21 61.27 -7.40
C SER G 177 -23.70 60.86 -8.78
N ALA G 178 -23.37 61.82 -9.64
CA ALA G 178 -22.84 61.56 -10.96
C ALA G 178 -21.36 61.86 -11.07
N ASN G 179 -20.60 61.60 -10.01
CA ASN G 179 -19.15 61.79 -9.93
C ASN G 179 -18.72 63.24 -10.11
N GLY G 180 -19.65 64.18 -10.10
CA GLY G 180 -19.30 65.60 -10.18
C GLY G 180 -18.95 66.16 -11.53
N ASP G 181 -18.17 65.42 -12.33
CA ASP G 181 -17.73 65.93 -13.63
C ASP G 181 -18.90 66.05 -14.61
N GLN G 182 -20.00 65.34 -14.35
CA GLN G 182 -21.16 65.34 -15.24
C GLN G 182 -22.04 66.56 -14.92
N HIS G 183 -21.51 67.73 -15.27
CA HIS G 183 -22.24 68.97 -15.02
C HIS G 183 -23.47 69.09 -15.92
N ILE G 184 -23.31 68.78 -17.21
CA ILE G 184 -24.46 68.79 -18.11
C ILE G 184 -25.48 67.76 -17.64
N GLY G 185 -25.01 66.61 -17.16
CA GLY G 185 -25.91 65.60 -16.65
C GLY G 185 -26.69 66.05 -15.43
N LYS G 186 -26.01 66.75 -14.50
CA LYS G 186 -26.71 67.21 -13.31
C LYS G 186 -27.70 68.33 -13.64
N LEU G 187 -27.37 69.21 -14.58
CA LEU G 187 -28.33 70.20 -15.02
C LEU G 187 -29.54 69.55 -15.67
N ILE G 188 -29.32 68.53 -16.50
CA ILE G 188 -30.41 67.82 -17.14
C ILE G 188 -31.28 67.14 -16.09
N ALA G 189 -30.65 66.51 -15.09
CA ALA G 189 -31.41 65.84 -14.05
C ALA G 189 -32.23 66.83 -13.23
N SER G 190 -31.65 67.99 -12.90
CA SER G 190 -32.39 68.99 -12.15
C SER G 190 -33.59 69.50 -12.94
N ALA G 191 -33.39 69.78 -14.23
CA ALA G 191 -34.50 70.23 -15.07
C ALA G 191 -35.58 69.17 -15.18
N MET G 192 -35.17 67.90 -15.35
CA MET G 192 -36.13 66.81 -15.49
C MET G 192 -36.88 66.56 -14.19
N GLU G 193 -36.25 66.82 -13.05
CA GLU G 193 -36.95 66.69 -11.77
C GLU G 193 -37.89 67.85 -11.52
N LYS G 194 -37.50 69.07 -11.91
CA LYS G 194 -38.36 70.23 -11.75
C LYS G 194 -39.51 70.25 -12.76
N VAL G 195 -39.40 69.48 -13.83
CA VAL G 195 -40.46 69.43 -14.84
C VAL G 195 -41.41 68.26 -14.59
N GLY G 196 -40.87 67.05 -14.41
CA GLY G 196 -41.68 65.87 -14.22
C GLY G 196 -41.20 65.06 -13.03
N LYS G 197 -41.94 63.98 -12.75
CA LYS G 197 -41.63 63.09 -11.64
C LYS G 197 -41.47 61.64 -12.04
N GLU G 198 -41.95 61.23 -13.21
CA GLU G 198 -41.79 59.84 -13.65
C GLU G 198 -40.41 59.60 -14.23
N GLY G 199 -40.09 60.29 -15.33
CA GLY G 199 -38.76 60.22 -15.91
C GLY G 199 -38.44 58.96 -16.66
N VAL G 200 -37.61 59.07 -17.70
CA VAL G 200 -37.18 57.91 -18.49
C VAL G 200 -35.95 58.32 -19.28
N ILE G 201 -35.17 57.32 -19.69
CA ILE G 201 -33.97 57.53 -20.50
C ILE G 201 -34.05 56.62 -21.73
N THR G 202 -33.74 57.18 -22.89
CA THR G 202 -33.79 56.43 -24.14
C THR G 202 -32.62 56.85 -25.02
N VAL G 203 -32.26 55.97 -25.94
CA VAL G 203 -31.16 56.20 -26.89
C VAL G 203 -31.64 55.84 -28.28
N LYS G 204 -31.30 56.69 -29.26
CA LYS G 204 -31.65 56.48 -30.65
C LYS G 204 -30.40 56.72 -31.49
N GLU G 205 -29.95 55.68 -32.19
CA GLU G 205 -28.77 55.69 -33.07
C GLU G 205 -27.61 56.51 -32.49
N GLY G 206 -26.93 57.28 -33.33
CA GLY G 206 -25.78 58.04 -32.88
C GLY G 206 -26.14 59.13 -31.89
N LYS G 207 -27.20 59.89 -32.18
CA LYS G 207 -27.66 61.00 -31.34
C LYS G 207 -26.55 62.02 -31.12
N THR G 208 -26.17 62.66 -32.23
CA THR G 208 -25.10 63.66 -32.22
C THR G 208 -25.51 64.96 -31.53
N LEU G 209 -26.70 65.02 -30.95
CA LEU G 209 -27.14 66.24 -30.28
C LEU G 209 -26.37 66.44 -28.98
N GLN G 210 -26.71 67.54 -28.29
CA GLN G 210 -26.03 67.93 -27.06
C GLN G 210 -26.85 67.62 -25.82
N ASP G 211 -27.54 66.49 -25.80
CA ASP G 211 -28.34 66.04 -24.66
C ASP G 211 -29.42 67.05 -24.30
N GLU G 212 -30.34 67.25 -25.24
CA GLU G 212 -31.46 68.17 -25.05
C GLU G 212 -32.65 67.43 -24.47
N LEU G 213 -33.33 68.06 -23.52
CA LEU G 213 -34.48 67.47 -22.86
C LEU G 213 -35.78 67.96 -23.51
N GLU G 214 -36.87 67.25 -23.21
CA GLU G 214 -38.17 67.59 -23.76
C GLU G 214 -39.25 67.03 -22.84
N VAL G 215 -40.47 67.54 -23.03
CA VAL G 215 -41.64 67.11 -22.28
C VAL G 215 -42.63 66.53 -23.27
N THR G 216 -43.07 65.30 -23.04
CA THR G 216 -43.97 64.61 -23.95
C THR G 216 -44.98 63.80 -23.15
N GLU G 217 -46.25 63.87 -23.56
CA GLU G 217 -47.30 63.09 -22.93
C GLU G 217 -47.10 61.61 -23.23
N GLY G 218 -47.33 60.78 -22.23
CA GLY G 218 -47.17 59.35 -22.40
C GLY G 218 -47.72 58.57 -21.23
N MET G 219 -47.47 57.27 -21.26
CA MET G 219 -47.95 56.34 -20.25
C MET G 219 -46.83 55.40 -19.84
N ARG G 220 -46.93 54.86 -18.62
CA ARG G 220 -45.92 53.97 -18.09
C ARG G 220 -46.59 52.88 -17.26
N PHE G 221 -46.06 51.66 -17.38
CA PHE G 221 -46.47 50.55 -16.53
C PHE G 221 -45.32 49.57 -16.42
N ASP G 222 -45.37 48.75 -15.37
CA ASP G 222 -44.28 47.81 -15.06
C ASP G 222 -44.76 46.39 -15.36
N ARG G 223 -44.56 45.96 -16.61
CA ARG G 223 -44.88 44.58 -16.99
C ARG G 223 -44.02 44.23 -18.22
N GLY G 224 -42.95 43.47 -17.99
CA GLY G 224 -42.03 43.10 -19.04
C GLY G 224 -42.53 41.93 -19.88
N PHE G 225 -41.70 41.52 -20.83
CA PHE G 225 -42.05 40.40 -21.69
C PHE G 225 -42.08 39.10 -20.90
N VAL G 226 -42.97 38.20 -21.31
CA VAL G 226 -43.05 36.89 -20.66
C VAL G 226 -41.82 36.05 -20.97
N SER G 227 -41.30 36.17 -22.19
CA SER G 227 -40.16 35.36 -22.63
C SER G 227 -38.95 36.24 -22.88
N PRO G 228 -37.74 35.75 -22.58
CA PRO G 228 -36.53 36.54 -22.79
C PRO G 228 -35.98 36.54 -24.21
N TYR G 229 -36.70 35.94 -25.16
CA TYR G 229 -36.24 35.85 -26.54
C TYR G 229 -36.83 36.92 -27.44
N PHE G 230 -37.64 37.82 -26.90
CA PHE G 230 -38.32 38.82 -27.72
C PHE G 230 -37.45 40.03 -28.04
N ILE G 231 -36.33 40.21 -27.35
CA ILE G 231 -35.44 41.34 -27.57
C ILE G 231 -34.05 40.80 -27.90
N THR G 232 -33.54 41.16 -29.08
CA THR G 232 -32.20 40.72 -29.46
C THR G 232 -31.13 41.40 -28.61
N ASP G 233 -31.26 42.70 -28.40
CA ASP G 233 -30.30 43.44 -27.58
C ASP G 233 -30.74 43.52 -26.12
N ALA G 234 -30.95 42.35 -25.51
CA ALA G 234 -31.39 42.30 -24.12
C ALA G 234 -30.31 42.76 -23.15
N LYS G 235 -29.05 42.81 -23.60
CA LYS G 235 -27.97 43.25 -22.72
C LYS G 235 -28.13 44.71 -22.34
N ALA G 236 -28.55 45.57 -23.27
CA ALA G 236 -28.70 46.98 -23.02
C ALA G 236 -30.10 47.52 -23.27
N GLN G 237 -31.02 46.68 -23.76
CA GLN G 237 -32.40 47.09 -24.05
C GLN G 237 -32.43 48.26 -25.03
N LYS G 238 -31.90 48.00 -26.22
CA LYS G 238 -31.84 49.03 -27.25
C LYS G 238 -33.25 49.39 -27.74
N VAL G 239 -33.40 50.64 -28.19
CA VAL G 239 -34.66 51.15 -28.69
C VAL G 239 -34.64 51.02 -30.21
N GLU G 240 -35.57 50.22 -30.75
CA GLU G 240 -35.68 50.00 -32.18
C GLU G 240 -37.13 50.06 -32.64
N PHE G 241 -37.97 50.78 -31.90
CA PHE G 241 -39.40 50.90 -32.20
C PHE G 241 -39.68 52.36 -32.54
N GLU G 242 -39.59 52.71 -33.82
CA GLU G 242 -39.88 54.05 -34.31
C GLU G 242 -41.27 54.05 -34.93
N LYS G 243 -42.17 54.85 -34.36
CA LYS G 243 -43.57 54.88 -34.74
C LYS G 243 -44.18 53.47 -34.79
N PRO G 244 -44.25 52.78 -33.65
CA PRO G 244 -44.74 51.39 -33.67
C PRO G 244 -46.22 51.28 -33.43
N LEU G 245 -46.86 50.37 -34.17
CA LEU G 245 -48.25 50.05 -33.95
C LEU G 245 -48.40 49.21 -32.68
N ILE G 246 -49.57 49.34 -32.05
CA ILE G 246 -49.85 48.63 -30.81
C ILE G 246 -51.21 47.94 -30.92
N LEU G 247 -51.38 46.91 -30.10
CA LEU G 247 -52.61 46.12 -30.07
C LEU G 247 -53.19 46.13 -28.67
N LEU G 248 -54.50 46.33 -28.58
CA LEU G 248 -55.21 46.37 -27.30
C LEU G 248 -56.18 45.20 -27.24
N SER G 249 -56.08 44.42 -26.16
CA SER G 249 -56.96 43.28 -25.96
C SER G 249 -57.13 43.03 -24.47
N GLU G 250 -58.22 42.37 -24.12
CA GLU G 250 -58.54 42.04 -22.73
C GLU G 250 -58.78 40.56 -22.50
N GLN G 251 -59.45 39.89 -23.43
CA GLN G 251 -59.75 38.47 -23.27
C GLN G 251 -58.49 37.64 -23.51
N LYS G 252 -58.59 36.36 -23.13
CA LYS G 252 -57.46 35.44 -23.28
C LYS G 252 -57.17 35.19 -24.76
N ILE G 253 -55.88 35.08 -25.08
CA ILE G 253 -55.43 34.77 -26.44
C ILE G 253 -54.65 33.47 -26.36
N SER G 254 -55.17 32.42 -27.00
CA SER G 254 -54.51 31.12 -27.01
C SER G 254 -54.50 30.44 -28.36
N ALA G 255 -55.09 31.02 -29.40
CA ALA G 255 -55.16 30.42 -30.71
C ALA G 255 -54.69 31.41 -31.78
N ALA G 256 -54.28 30.87 -32.92
CA ALA G 256 -53.80 31.68 -34.03
C ALA G 256 -54.90 32.06 -35.01
N THR G 257 -56.16 31.73 -34.70
CA THR G 257 -57.24 32.01 -35.63
C THR G 257 -57.46 33.51 -35.82
N ASP G 258 -57.36 34.28 -34.74
CA ASP G 258 -57.69 35.71 -34.77
C ASP G 258 -56.49 36.60 -34.51
N ILE G 259 -55.27 36.08 -34.63
CA ILE G 259 -54.07 36.89 -34.43
C ILE G 259 -53.11 36.78 -35.59
N ILE G 260 -53.26 35.77 -36.45
CA ILE G 260 -52.36 35.61 -37.59
C ILE G 260 -52.42 36.80 -38.55
N PRO G 261 -53.59 37.30 -38.97
CA PRO G 261 -53.58 38.41 -39.94
C PRO G 261 -52.83 39.64 -39.47
N ALA G 262 -52.87 39.95 -38.17
CA ALA G 262 -52.20 41.14 -37.67
C ALA G 262 -50.69 41.06 -37.86
N LEU G 263 -50.08 39.96 -37.40
CA LEU G 263 -48.63 39.81 -37.54
C LEU G 263 -48.22 39.69 -39.00
N GLU G 264 -49.02 39.00 -39.81
CA GLU G 264 -48.70 38.85 -41.21
C GLU G 264 -48.71 40.20 -41.93
N ILE G 265 -49.73 41.03 -41.67
CA ILE G 265 -49.77 42.34 -42.32
C ILE G 265 -48.68 43.25 -41.78
N SER G 266 -48.36 43.13 -40.49
CA SER G 266 -47.28 43.93 -39.93
C SER G 266 -45.95 43.59 -40.57
N HIS G 267 -45.69 42.30 -40.80
CA HIS G 267 -44.49 41.91 -41.54
C HIS G 267 -44.56 42.36 -42.99
N LYS G 268 -45.77 42.38 -43.57
CA LYS G 268 -45.92 42.80 -44.96
C LYS G 268 -45.53 44.26 -45.14
N MET G 269 -46.00 45.15 -44.26
CA MET G 269 -45.61 46.54 -44.36
C MET G 269 -44.34 46.87 -43.57
N ARG G 270 -43.75 45.89 -42.89
CA ARG G 270 -42.51 46.06 -42.13
C ARG G 270 -42.67 47.14 -41.06
N ARG G 271 -43.66 46.94 -40.19
CA ARG G 271 -43.92 47.85 -39.09
C ARG G 271 -43.92 47.10 -37.76
N PRO G 272 -43.44 47.73 -36.70
CA PRO G 272 -43.44 47.06 -35.39
C PRO G 272 -44.85 46.89 -34.84
N LEU G 273 -45.00 45.86 -34.01
CA LEU G 273 -46.29 45.56 -33.40
C LEU G 273 -46.05 44.88 -32.05
N VAL G 274 -47.06 44.96 -31.19
CA VAL G 274 -47.01 44.35 -29.86
C VAL G 274 -48.24 43.47 -29.68
N ILE G 275 -48.13 42.55 -28.72
CA ILE G 275 -49.21 41.61 -28.41
C ILE G 275 -49.47 41.68 -26.91
N ILE G 276 -50.73 41.86 -26.53
CA ILE G 276 -51.16 41.89 -25.13
C ILE G 276 -52.05 40.68 -24.91
N ALA G 277 -51.50 39.63 -24.31
CA ALA G 277 -52.22 38.39 -24.05
C ALA G 277 -52.07 38.00 -22.58
N GLU G 278 -53.16 37.50 -22.00
CA GLU G 278 -53.12 37.07 -20.61
C GLU G 278 -52.15 35.90 -20.42
N ASP G 279 -52.18 34.93 -21.33
CA ASP G 279 -51.28 33.78 -21.26
C ASP G 279 -51.13 33.21 -22.66
N ILE G 280 -49.93 33.35 -23.22
CA ILE G 280 -49.62 32.85 -24.56
C ILE G 280 -48.36 32.00 -24.49
N ASP G 281 -48.40 30.82 -25.10
CA ASP G 281 -47.26 29.92 -25.12
C ASP G 281 -46.36 30.12 -26.32
N GLY G 282 -46.68 31.06 -27.21
CA GLY G 282 -45.84 31.33 -28.37
C GLY G 282 -45.91 30.29 -29.46
N GLU G 283 -47.05 29.63 -29.65
CA GLU G 283 -47.17 28.66 -30.73
C GLU G 283 -47.06 29.34 -32.09
N ALA G 284 -47.66 30.52 -32.24
CA ALA G 284 -47.54 31.27 -33.49
C ALA G 284 -46.10 31.69 -33.73
N LEU G 285 -45.41 32.12 -32.67
CA LEU G 285 -44.00 32.50 -32.81
C LEU G 285 -43.15 31.30 -33.24
N ALA G 286 -43.40 30.13 -32.63
CA ALA G 286 -42.65 28.94 -33.02
C ALA G 286 -42.92 28.54 -34.46
N VAL G 287 -44.19 28.62 -34.88
CA VAL G 287 -44.55 28.29 -36.25
C VAL G 287 -43.85 29.24 -37.23
N CYS G 288 -43.88 30.54 -36.92
CA CYS G 288 -43.22 31.52 -37.78
C CYS G 288 -41.71 31.28 -37.84
N ILE G 289 -41.09 30.95 -36.70
CA ILE G 289 -39.66 30.71 -36.67
C ILE G 289 -39.29 29.49 -37.49
N LEU G 290 -40.05 28.40 -37.35
CA LEU G 290 -39.74 27.19 -38.12
C LEU G 290 -40.01 27.39 -39.60
N ASN G 291 -41.02 28.19 -39.96
CA ASN G 291 -41.21 28.54 -41.36
C ASN G 291 -40.03 29.35 -41.89
N LYS G 292 -39.55 30.30 -41.08
CA LYS G 292 -38.36 31.08 -41.40
C LYS G 292 -37.81 31.65 -40.10
N LEU G 293 -36.56 31.29 -39.77
CA LEU G 293 -35.88 31.73 -38.56
C LEU G 293 -35.92 33.24 -38.38
N ARG G 294 -35.59 33.71 -37.18
CA ARG G 294 -35.75 35.11 -36.80
C ARG G 294 -35.10 36.03 -37.81
N GLY G 295 -35.75 37.18 -38.05
CA GLY G 295 -35.30 38.13 -39.04
C GLY G 295 -36.40 38.58 -39.97
N GLN G 296 -37.66 38.25 -39.62
CA GLN G 296 -38.80 38.63 -40.43
C GLN G 296 -39.87 39.40 -39.67
N LEU G 297 -39.91 39.34 -38.35
CA LEU G 297 -40.91 40.05 -37.57
C LEU G 297 -40.38 40.33 -36.18
N GLU G 298 -41.01 41.29 -35.51
CA GLU G 298 -40.63 41.69 -34.15
C GLU G 298 -41.76 41.29 -33.21
N VAL G 299 -41.53 40.24 -32.43
CA VAL G 299 -42.53 39.74 -31.49
C VAL G 299 -42.40 40.47 -30.17
N ALA G 300 -43.51 41.03 -29.69
CA ALA G 300 -43.55 41.76 -28.42
C ALA G 300 -44.80 41.34 -27.67
N ALA G 301 -44.64 40.42 -26.72
CA ALA G 301 -45.75 39.92 -25.92
C ALA G 301 -45.60 40.41 -24.49
N VAL G 302 -46.63 41.07 -23.97
CA VAL G 302 -46.65 41.60 -22.62
C VAL G 302 -47.94 41.15 -21.96
N LYS G 303 -47.84 40.56 -20.77
CA LYS G 303 -49.01 40.10 -20.05
C LYS G 303 -49.87 41.28 -19.61
N ALA G 304 -51.19 41.09 -19.67
CA ALA G 304 -52.11 42.13 -19.25
C ALA G 304 -52.04 42.31 -17.73
N PRO G 305 -52.23 43.54 -17.25
CA PRO G 305 -52.17 43.78 -15.81
C PRO G 305 -53.42 43.26 -15.11
N GLY G 306 -53.41 43.40 -13.78
CA GLY G 306 -54.55 43.05 -12.96
C GLY G 306 -55.48 44.23 -12.75
N PHE G 307 -56.13 44.26 -11.59
CA PHE G 307 -57.02 45.35 -11.19
C PHE G 307 -58.15 45.53 -12.22
N GLY G 308 -59.01 44.52 -12.27
CA GLY G 308 -60.04 44.40 -13.29
C GLY G 308 -60.74 45.67 -13.73
N ASP G 309 -61.43 46.36 -12.80
CA ASP G 309 -62.05 47.63 -13.15
C ASP G 309 -61.00 48.67 -13.52
N ASN G 310 -59.92 48.73 -12.75
CA ASN G 310 -58.82 49.62 -13.10
C ASN G 310 -58.14 49.18 -14.40
N ARG G 311 -58.16 47.87 -14.69
CA ARG G 311 -57.66 47.41 -15.98
C ARG G 311 -58.51 47.94 -17.13
N LYS G 312 -59.83 47.91 -16.98
CA LYS G 312 -60.71 48.49 -17.99
C LYS G 312 -60.45 49.99 -18.13
N SER G 313 -60.28 50.69 -17.00
CA SER G 313 -60.00 52.11 -17.05
C SER G 313 -58.69 52.40 -17.77
N ILE G 314 -57.65 51.63 -17.48
CA ILE G 314 -56.35 51.86 -18.10
C ILE G 314 -56.40 51.50 -19.59
N LEU G 315 -57.19 50.49 -19.95
CA LEU G 315 -57.36 50.16 -21.37
C LEU G 315 -58.07 51.30 -22.10
N GLY G 316 -59.11 51.86 -21.49
CA GLY G 316 -59.77 53.02 -22.08
C GLY G 316 -58.82 54.19 -22.20
N ASP G 317 -57.97 54.40 -21.20
CA ASP G 317 -57.03 55.52 -21.24
C ASP G 317 -55.99 55.35 -22.35
N ILE G 318 -55.42 54.14 -22.49
CA ILE G 318 -54.42 53.96 -23.54
C ILE G 318 -55.08 54.01 -24.91
N ALA G 319 -56.31 53.51 -25.04
CA ALA G 319 -57.03 53.66 -26.30
C ALA G 319 -57.27 55.12 -26.63
N VAL G 320 -57.68 55.92 -25.63
CA VAL G 320 -57.91 57.34 -25.85
C VAL G 320 -56.62 58.02 -26.29
N LEU G 321 -55.51 57.69 -25.64
CA LEU G 321 -54.24 58.32 -25.99
C LEU G 321 -53.79 57.93 -27.40
N THR G 322 -53.84 56.63 -27.72
CA THR G 322 -53.29 56.13 -28.98
C THR G 322 -54.32 55.45 -29.86
N ASN G 323 -55.07 54.48 -29.35
CA ASN G 323 -55.84 53.59 -30.21
C ASN G 323 -57.25 54.12 -30.50
N GLY G 324 -58.05 54.27 -29.45
CA GLY G 324 -59.44 54.62 -29.60
C GLY G 324 -60.38 53.43 -29.73
N THR G 325 -59.87 52.22 -29.80
CA THR G 325 -60.69 51.02 -29.92
C THR G 325 -60.00 49.87 -29.19
N VAL G 326 -60.76 49.15 -28.37
CA VAL G 326 -60.25 48.00 -27.64
C VAL G 326 -60.94 46.75 -28.17
N PHE G 327 -60.37 45.60 -27.82
CA PHE G 327 -60.87 44.30 -28.27
C PHE G 327 -61.44 43.55 -27.06
N THR G 328 -62.71 43.17 -27.14
CA THR G 328 -63.38 42.43 -26.08
C THR G 328 -64.64 41.79 -26.65
N ASN G 329 -64.80 40.49 -26.43
CA ASN G 329 -65.99 39.81 -26.94
C ASN G 329 -67.26 40.32 -26.27
N GLU G 330 -67.18 40.72 -25.00
CA GLU G 330 -68.35 41.29 -24.35
C GLU G 330 -68.77 42.58 -25.01
N LEU G 331 -67.81 43.42 -25.40
CA LEU G 331 -68.10 44.64 -26.14
C LEU G 331 -68.54 44.31 -27.56
N ASP G 332 -69.24 45.24 -28.18
CA ASP G 332 -69.80 45.04 -29.51
C ASP G 332 -68.74 44.86 -30.59
N VAL G 333 -67.48 45.19 -30.31
CA VAL G 333 -66.42 45.02 -31.29
C VAL G 333 -66.18 43.54 -31.54
N LYS G 334 -66.12 43.15 -32.81
CA LYS G 334 -65.93 41.76 -33.18
C LYS G 334 -64.48 41.35 -32.91
N LEU G 335 -64.29 40.11 -32.46
CA LEU G 335 -62.96 39.64 -32.10
C LEU G 335 -62.10 39.38 -33.33
N GLU G 336 -62.71 39.05 -34.47
CA GLU G 336 -61.98 38.75 -35.70
C GLU G 336 -61.88 39.94 -36.63
N LYS G 337 -61.78 41.15 -36.09
CA LYS G 337 -61.66 42.38 -36.88
C LYS G 337 -60.23 42.92 -36.86
N VAL G 338 -59.24 42.04 -36.92
CA VAL G 338 -57.84 42.47 -36.82
C VAL G 338 -57.37 43.04 -38.15
N THR G 339 -57.54 44.34 -38.33
CA THR G 339 -57.09 45.09 -39.49
C THR G 339 -56.33 46.32 -39.03
N PRO G 340 -55.40 46.82 -39.85
CA PRO G 340 -54.65 48.03 -39.47
C PRO G 340 -55.48 49.30 -39.49
N ASP G 341 -56.79 49.23 -39.70
CA ASP G 341 -57.61 50.43 -39.79
C ASP G 341 -57.72 51.12 -38.43
N MET G 342 -58.05 50.37 -37.38
CA MET G 342 -58.24 50.93 -36.05
C MET G 342 -57.09 50.65 -35.10
N LEU G 343 -56.01 50.04 -35.59
CA LEU G 343 -54.86 49.77 -34.73
C LEU G 343 -54.22 51.08 -34.27
N GLY G 344 -53.85 51.13 -32.98
CA GLY G 344 -53.27 52.33 -32.43
C GLY G 344 -51.83 52.52 -32.83
N SER G 345 -51.35 53.75 -32.63
CA SER G 345 -49.99 54.10 -32.98
C SER G 345 -49.48 55.17 -32.02
N THR G 346 -48.16 55.30 -31.95
CA THR G 346 -47.53 56.29 -31.10
C THR G 346 -46.24 56.75 -31.75
N GLY G 347 -45.73 57.90 -31.28
CA GLY G 347 -44.49 58.41 -31.82
C GLY G 347 -43.31 57.50 -31.57
N SER G 348 -43.18 57.00 -30.34
CA SER G 348 -42.12 56.07 -29.99
C SER G 348 -42.52 55.31 -28.74
N ILE G 349 -42.05 54.08 -28.64
CA ILE G 349 -42.32 53.23 -27.48
C ILE G 349 -41.01 52.61 -27.00
N THR G 350 -41.00 52.20 -25.73
CA THR G 350 -39.83 51.57 -25.14
C THR G 350 -40.33 50.55 -24.13
N ILE G 351 -40.17 49.26 -24.46
CA ILE G 351 -40.60 48.18 -23.59
C ILE G 351 -39.39 47.31 -23.27
N THR G 352 -39.12 47.11 -21.98
CA THR G 352 -38.01 46.27 -21.56
C THR G 352 -38.50 45.17 -20.61
N LYS G 353 -37.57 44.44 -19.99
CA LYS G 353 -37.92 43.23 -19.27
C LYS G 353 -38.64 43.49 -17.96
N GLU G 354 -38.69 44.73 -17.48
CA GLU G 354 -39.35 45.05 -16.22
C GLU G 354 -40.48 46.06 -16.33
N ASP G 355 -40.45 46.97 -17.30
CA ASP G 355 -41.51 47.96 -17.43
C ASP G 355 -41.61 48.40 -18.88
N THR G 356 -42.75 49.04 -19.20
CA THR G 356 -43.02 49.55 -20.53
C THR G 356 -43.10 51.06 -20.48
N ILE G 357 -42.56 51.71 -21.50
CA ILE G 357 -42.58 53.17 -21.62
C ILE G 357 -43.34 53.53 -22.88
N ILE G 358 -44.42 54.29 -22.74
CA ILE G 358 -45.21 54.77 -23.85
C ILE G 358 -45.18 56.29 -23.86
N LEU G 359 -45.05 56.86 -25.06
CA LEU G 359 -44.92 58.31 -25.18
C LEU G 359 -45.38 58.72 -26.58
N ASN G 360 -45.75 60.00 -26.70
CA ASN G 360 -46.21 60.60 -27.95
C ASN G 360 -47.46 59.88 -28.49
N GLY G 361 -48.53 59.98 -27.70
CA GLY G 361 -49.80 59.42 -28.13
C GLY G 361 -50.29 60.09 -29.41
N ASP G 362 -50.84 59.28 -30.31
CA ASP G 362 -51.28 59.76 -31.61
C ASP G 362 -52.76 60.10 -31.67
N GLY G 363 -53.47 60.01 -30.54
CA GLY G 363 -54.89 60.32 -30.54
C GLY G 363 -55.16 61.81 -30.70
N SER G 364 -56.40 62.12 -31.06
CA SER G 364 -56.81 63.50 -31.25
C SER G 364 -56.82 64.24 -29.92
N LYS G 365 -56.18 65.40 -29.88
CA LYS G 365 -56.08 66.15 -28.63
C LYS G 365 -57.40 66.79 -28.24
N ASP G 366 -58.26 67.10 -29.21
CA ASP G 366 -59.55 67.72 -28.91
C ASP G 366 -60.42 66.77 -28.10
N ALA G 367 -60.55 65.53 -28.56
CA ALA G 367 -61.34 64.54 -27.81
C ALA G 367 -60.71 64.21 -26.47
N ILE G 368 -59.37 64.22 -26.39
CA ILE G 368 -58.70 63.98 -25.13
C ILE G 368 -59.06 65.08 -24.13
N ALA G 369 -59.03 66.34 -24.59
CA ALA G 369 -59.40 67.45 -23.73
C ALA G 369 -60.87 67.38 -23.32
N GLN G 370 -61.74 66.99 -24.26
CA GLN G 370 -63.15 66.85 -23.94
C GLN G 370 -63.38 65.80 -22.85
N ARG G 371 -62.72 64.64 -22.99
CA ARG G 371 -62.85 63.61 -21.97
C ARG G 371 -62.23 64.03 -20.64
N CYS G 372 -61.13 64.78 -20.68
CA CYS G 372 -60.53 65.28 -19.45
C CYS G 372 -61.47 66.24 -18.74
N GLU G 373 -62.12 67.13 -19.48
CA GLU G 373 -63.07 68.05 -18.84
C GLU G 373 -64.31 67.30 -18.35
N GLN G 374 -64.72 66.24 -19.05
CA GLN G 374 -65.81 65.41 -18.55
C GLN G 374 -65.44 64.76 -17.22
N ILE G 375 -64.22 64.25 -17.12
CA ILE G 375 -63.76 63.67 -15.86
C ILE G 375 -63.70 64.73 -14.77
N ARG G 376 -63.22 65.93 -15.11
CA ARG G 376 -63.15 67.01 -14.13
C ARG G 376 -64.54 67.37 -13.62
N GLY G 377 -65.53 67.43 -14.51
CA GLY G 377 -66.89 67.65 -14.09
C GLY G 377 -67.45 66.51 -13.25
N ALA G 378 -67.04 65.28 -13.56
CA ALA G 378 -67.43 64.14 -12.74
C ALA G 378 -66.83 64.22 -11.33
N MET G 379 -65.68 64.88 -11.20
CA MET G 379 -65.07 65.07 -9.87
C MET G 379 -65.94 65.92 -8.95
N ASN G 380 -66.89 66.67 -9.50
CA ASN G 380 -67.71 67.55 -8.68
C ASN G 380 -68.89 66.84 -8.02
N ASP G 381 -69.16 65.58 -8.37
CA ASP G 381 -70.27 64.85 -7.79
C ASP G 381 -69.85 64.26 -6.45
N PRO G 382 -70.50 64.65 -5.34
CA PRO G 382 -70.14 64.06 -4.04
C PRO G 382 -70.49 62.59 -3.92
N SER G 383 -71.35 62.06 -4.79
CA SER G 383 -71.81 60.68 -4.72
C SER G 383 -70.91 59.71 -5.47
N THR G 384 -69.80 60.18 -6.04
CA THR G 384 -68.89 59.30 -6.76
C THR G 384 -68.25 58.30 -5.80
N SER G 385 -68.04 57.08 -6.29
CA SER G 385 -67.43 56.03 -5.47
C SER G 385 -66.01 56.41 -5.07
N GLU G 386 -65.63 56.06 -3.84
CA GLU G 386 -64.31 56.42 -3.34
C GLU G 386 -63.20 55.73 -4.14
N TYR G 387 -63.37 54.44 -4.44
CA TYR G 387 -62.35 53.73 -5.21
C TYR G 387 -62.22 54.30 -6.60
N GLU G 388 -63.35 54.56 -7.26
CA GLU G 388 -63.31 55.19 -8.58
C GLU G 388 -62.71 56.59 -8.51
N LYS G 389 -63.03 57.33 -7.46
CA LYS G 389 -62.49 58.68 -7.30
C LYS G 389 -60.97 58.65 -7.19
N GLU G 390 -60.43 57.76 -6.34
CA GLU G 390 -58.99 57.70 -6.17
C GLU G 390 -58.30 57.13 -7.41
N LYS G 391 -58.91 56.17 -8.09
CA LYS G 391 -58.34 55.66 -9.32
C LYS G 391 -58.25 56.75 -10.39
N LEU G 392 -59.31 57.53 -10.55
CA LEU G 392 -59.27 58.62 -11.53
C LEU G 392 -58.34 59.74 -11.08
N GLN G 393 -58.20 59.96 -9.77
CA GLN G 393 -57.27 60.96 -9.29
C GLN G 393 -55.82 60.57 -9.60
N GLU G 394 -55.46 59.31 -9.35
CA GLU G 394 -54.11 58.87 -9.69
C GLU G 394 -53.91 58.82 -11.20
N ARG G 395 -54.97 58.52 -11.96
CA ARG G 395 -54.90 58.63 -13.41
C ARG G 395 -54.56 60.06 -13.83
N LEU G 396 -55.25 61.05 -13.23
CA LEU G 396 -54.93 62.44 -13.51
C LEU G 396 -53.50 62.77 -13.13
N ALA G 397 -53.04 62.28 -11.98
CA ALA G 397 -51.68 62.57 -11.52
C ALA G 397 -50.65 62.01 -12.49
N LYS G 398 -50.86 60.80 -13.00
CA LYS G 398 -49.89 60.15 -13.86
C LYS G 398 -50.10 60.48 -15.34
N LEU G 399 -51.16 61.19 -15.70
CA LEU G 399 -51.40 61.56 -17.09
C LEU G 399 -51.18 63.04 -17.37
N SER G 400 -51.64 63.94 -16.49
CA SER G 400 -51.49 65.36 -16.74
C SER G 400 -50.03 65.78 -16.74
N GLY G 401 -49.22 65.22 -15.84
CA GLY G 401 -47.83 65.57 -15.73
C GLY G 401 -47.01 65.26 -16.98
N GLY G 402 -47.24 64.10 -17.56
CA GLY G 402 -46.53 63.71 -18.75
C GLY G 402 -45.26 62.94 -18.42
N VAL G 403 -44.76 62.21 -19.40
CA VAL G 403 -43.55 61.39 -19.22
C VAL G 403 -42.33 62.26 -19.53
N ALA G 404 -41.43 62.37 -18.56
CA ALA G 404 -40.20 63.13 -18.74
C ALA G 404 -39.21 62.30 -19.54
N VAL G 405 -38.91 62.74 -20.76
CA VAL G 405 -38.01 62.04 -21.66
C VAL G 405 -36.80 62.92 -21.94
N ILE G 406 -35.62 62.34 -21.85
CA ILE G 406 -34.37 63.03 -22.14
C ILE G 406 -33.67 62.31 -23.28
N LYS G 407 -33.30 63.06 -24.32
CA LYS G 407 -32.57 62.52 -25.45
C LYS G 407 -31.09 62.62 -25.16
N VAL G 408 -30.46 61.49 -24.83
CA VAL G 408 -29.05 61.49 -24.51
C VAL G 408 -28.23 61.80 -25.76
N GLY G 409 -27.01 62.31 -25.56
CA GLY G 409 -26.12 62.65 -26.63
C GLY G 409 -24.87 61.79 -26.65
N GLY G 410 -24.01 62.08 -27.62
CA GLY G 410 -22.76 61.36 -27.76
C GLY G 410 -22.26 61.42 -29.18
N SER G 411 -21.04 60.93 -29.35
CA SER G 411 -20.38 60.90 -30.65
C SER G 411 -20.46 59.53 -31.32
N SER G 412 -19.94 58.50 -30.68
CA SER G 412 -19.95 57.15 -31.23
C SER G 412 -20.97 56.29 -30.51
N GLU G 413 -21.13 55.06 -31.02
CA GLU G 413 -22.08 54.13 -30.40
C GLU G 413 -21.65 53.76 -28.98
N VAL G 414 -20.36 53.47 -28.79
CA VAL G 414 -19.87 53.13 -27.46
C VAL G 414 -19.94 54.35 -26.54
N GLU G 415 -19.66 55.54 -27.07
CA GLU G 415 -19.74 56.75 -26.26
C GLU G 415 -21.18 57.03 -25.82
N VAL G 416 -22.14 56.93 -26.75
CA VAL G 416 -23.52 57.17 -26.37
C VAL G 416 -24.01 56.07 -25.43
N GLY G 417 -23.53 54.84 -25.59
CA GLY G 417 -23.91 53.79 -24.67
C GLY G 417 -23.40 54.03 -23.25
N GLU G 418 -22.13 54.39 -23.11
CA GLU G 418 -21.60 54.66 -21.78
C GLU G 418 -22.26 55.88 -21.17
N LYS G 419 -22.60 56.89 -22.00
CA LYS G 419 -23.34 58.04 -21.50
C LYS G 419 -24.73 57.62 -21.00
N LYS G 420 -25.39 56.73 -21.74
CA LYS G 420 -26.71 56.26 -21.31
C LYS G 420 -26.64 55.52 -19.98
N ASP G 421 -25.67 54.62 -19.83
CA ASP G 421 -25.53 53.92 -18.55
C ASP G 421 -25.19 54.88 -17.41
N ARG G 422 -24.29 55.83 -17.65
CA ARG G 422 -23.96 56.82 -16.62
C ARG G 422 -25.20 57.59 -16.21
N PHE G 423 -25.98 58.03 -17.20
CA PHE G 423 -27.22 58.75 -16.92
C PHE G 423 -28.20 57.89 -16.14
N VAL G 424 -28.30 56.60 -16.47
CA VAL G 424 -29.31 55.79 -15.80
C VAL G 424 -28.94 55.57 -14.34
N ASP G 425 -27.65 55.34 -14.03
CA ASP G 425 -27.32 55.19 -12.62
C ASP G 425 -27.46 56.51 -11.88
N ALA G 426 -27.09 57.62 -12.53
CA ALA G 426 -27.24 58.92 -11.88
C ALA G 426 -28.69 59.22 -11.54
N LEU G 427 -29.60 58.97 -12.50
CA LEU G 427 -31.01 59.22 -12.25
C LEU G 427 -31.58 58.24 -11.24
N ASN G 428 -31.13 56.98 -11.24
CA ASN G 428 -31.61 56.04 -10.23
C ASN G 428 -31.22 56.51 -8.83
N ALA G 429 -29.96 56.92 -8.66
CA ALA G 429 -29.52 57.45 -7.37
C ALA G 429 -30.29 58.70 -6.98
N THR G 430 -30.54 59.58 -7.95
CA THR G 430 -31.29 60.80 -7.66
C THR G 430 -32.71 60.49 -7.21
N ARG G 431 -33.39 59.54 -7.88
CA ARG G 431 -34.73 59.15 -7.48
C ARG G 431 -34.74 58.56 -6.08
N ALA G 432 -33.77 57.68 -5.79
CA ALA G 432 -33.69 57.13 -4.44
C ALA G 432 -33.51 58.24 -3.40
N ALA G 433 -32.61 59.18 -3.69
CA ALA G 433 -32.34 60.26 -2.74
C ALA G 433 -33.57 61.14 -2.52
N VAL G 434 -34.28 61.49 -3.59
CA VAL G 434 -35.44 62.36 -3.41
C VAL G 434 -36.58 61.63 -2.71
N GLU G 435 -36.78 60.34 -3.01
CA GLU G 435 -37.93 59.65 -2.42
C GLU G 435 -37.67 59.29 -0.97
N GLU G 436 -36.40 59.10 -0.58
CA GLU G 436 -36.08 58.77 0.81
C GLU G 436 -35.27 59.85 1.52
N GLY G 437 -34.12 60.23 0.99
CA GLY G 437 -33.24 61.16 1.66
C GLY G 437 -31.81 60.68 1.68
N ILE G 438 -30.86 61.60 1.84
CA ILE G 438 -29.45 61.28 1.79
C ILE G 438 -28.89 61.25 3.20
N LEU G 439 -27.80 60.49 3.37
CA LEU G 439 -27.08 60.36 4.63
C LEU G 439 -25.59 60.37 4.34
N PRO G 440 -24.76 60.78 5.32
CA PRO G 440 -23.30 60.75 5.12
C PRO G 440 -22.80 59.35 4.83
N GLY G 441 -22.17 59.17 3.67
CA GLY G 441 -21.71 57.87 3.24
C GLY G 441 -20.42 57.46 3.93
N GLY G 442 -19.91 56.30 3.52
CA GLY G 442 -18.70 55.76 4.10
C GLY G 442 -18.89 55.07 5.42
N GLY G 443 -20.13 54.78 5.81
CA GLY G 443 -20.40 54.13 7.07
C GLY G 443 -20.45 55.04 8.28
N THR G 444 -20.26 56.35 8.09
CA THR G 444 -20.31 57.27 9.23
C THR G 444 -21.70 57.29 9.86
N ALA G 445 -22.74 57.28 9.03
CA ALA G 445 -24.10 57.30 9.56
C ALA G 445 -24.39 56.06 10.40
N LEU G 446 -23.88 54.91 9.97
CA LEU G 446 -24.06 53.69 10.75
C LEU G 446 -23.39 53.80 12.11
N ILE G 447 -22.17 54.35 12.15
CA ILE G 447 -21.47 54.51 13.42
C ILE G 447 -22.23 55.45 14.34
N LYS G 448 -22.69 56.58 13.80
CA LYS G 448 -23.43 57.53 14.62
C LYS G 448 -24.72 56.93 15.15
N ALA G 449 -25.43 56.17 14.31
CA ALA G 449 -26.65 55.51 14.76
C ALA G 449 -26.36 54.48 15.84
N SER G 450 -25.34 53.65 15.65
CA SER G 450 -25.00 52.64 16.64
C SER G 450 -24.53 53.25 17.95
N VAL G 451 -23.99 54.46 17.92
CA VAL G 451 -23.53 55.08 19.15
C VAL G 451 -24.63 55.86 19.87
N ASN G 452 -25.46 56.60 19.14
CA ASN G 452 -26.47 57.47 19.73
C ASN G 452 -27.87 56.85 19.76
N ALA G 453 -28.02 55.60 19.35
CA ALA G 453 -29.34 54.99 19.27
C ALA G 453 -29.54 53.84 20.23
N LEU G 454 -28.66 52.84 20.21
CA LEU G 454 -28.83 51.63 20.99
C LEU G 454 -28.57 51.83 22.48
N ASN G 455 -28.00 52.98 22.88
CA ASN G 455 -27.76 53.23 24.29
C ASN G 455 -29.03 53.49 25.06
N ASN G 456 -30.12 53.84 24.38
CA ASN G 456 -31.39 54.14 25.05
C ASN G 456 -32.23 52.89 25.26
N LEU G 457 -32.08 51.87 24.42
CA LEU G 457 -32.90 50.67 24.54
C LEU G 457 -32.61 49.95 25.86
N LYS G 458 -33.68 49.46 26.49
CA LYS G 458 -33.60 48.75 27.76
C LYS G 458 -34.33 47.42 27.63
N PRO G 459 -33.67 46.41 27.08
CA PRO G 459 -34.31 45.10 26.95
C PRO G 459 -34.65 44.49 28.30
N ALA G 460 -35.72 43.70 28.32
CA ALA G 460 -36.20 43.13 29.58
C ALA G 460 -35.30 41.99 30.04
N ASN G 461 -35.19 40.94 29.25
CA ASN G 461 -34.41 39.78 29.61
C ASN G 461 -32.94 39.99 29.24
N PHE G 462 -32.15 38.92 29.30
CA PHE G 462 -30.71 39.02 29.11
C PHE G 462 -30.28 38.75 27.67
N ASP G 463 -30.90 37.75 27.03
CA ASP G 463 -30.53 37.42 25.65
C ASP G 463 -30.89 38.56 24.70
N GLN G 464 -31.94 39.32 24.99
CA GLN G 464 -32.24 40.50 24.18
C GLN G 464 -31.12 41.53 24.28
N GLN G 465 -30.58 41.73 25.49
CA GLN G 465 -29.42 42.61 25.64
C GLN G 465 -28.21 42.06 24.88
N LEU G 466 -28.03 40.75 24.90
CA LEU G 466 -26.94 40.15 24.13
C LEU G 466 -27.12 40.40 22.64
N GLY G 467 -28.34 40.28 22.14
CA GLY G 467 -28.59 40.56 20.72
C GLY G 467 -28.39 42.02 20.38
N VAL G 468 -28.77 42.92 21.28
CA VAL G 468 -28.53 44.35 21.06
C VAL G 468 -27.04 44.63 20.98
N ASN G 469 -26.25 44.03 21.89
CA ASN G 469 -24.80 44.17 21.82
C ASN G 469 -24.25 43.58 20.52
N ILE G 470 -24.83 42.46 20.07
CA ILE G 470 -24.40 41.85 18.82
C ILE G 470 -24.61 42.80 17.65
N ILE G 471 -25.79 43.42 17.58
CA ILE G 471 -26.05 44.34 16.48
C ILE G 471 -25.17 45.58 16.59
N LYS G 472 -24.89 46.03 17.81
CA LYS G 472 -24.01 47.19 17.99
C LYS G 472 -22.59 46.88 17.50
N ASN G 473 -22.10 45.67 17.78
CA ASN G 473 -20.77 45.30 17.31
C ASN G 473 -20.76 45.05 15.81
N ALA G 474 -21.88 44.58 15.24
CA ALA G 474 -21.91 44.23 13.83
C ALA G 474 -22.18 45.42 12.92
N ILE G 475 -22.78 46.49 13.44
CA ILE G 475 -23.09 47.64 12.58
C ILE G 475 -21.81 48.31 12.09
N THR G 476 -20.76 48.33 12.90
CA THR G 476 -19.53 49.01 12.55
C THR G 476 -18.66 48.25 11.54
N ARG G 477 -19.07 47.05 11.13
CA ARG G 477 -18.24 46.26 10.23
C ARG G 477 -18.03 46.91 8.87
N PRO G 478 -19.05 47.45 8.18
CA PRO G 478 -18.76 48.09 6.88
C PRO G 478 -17.78 49.24 6.97
N ALA G 479 -17.88 50.07 8.02
CA ALA G 479 -16.93 51.16 8.19
C ALA G 479 -15.52 50.63 8.41
N ARG G 480 -15.39 49.57 9.21
CA ARG G 480 -14.08 48.96 9.43
C ARG G 480 -13.50 48.44 8.12
N MET G 481 -14.31 47.78 7.30
CA MET G 481 -13.82 47.28 6.02
C MET G 481 -13.42 48.43 5.11
N ILE G 482 -14.21 49.51 5.08
CA ILE G 482 -13.90 50.65 4.23
C ILE G 482 -12.56 51.26 4.64
N VAL G 483 -12.35 51.44 5.94
CA VAL G 483 -11.11 52.05 6.42
C VAL G 483 -9.93 51.12 6.16
N GLU G 484 -10.11 49.81 6.40
CA GLU G 484 -9.00 48.88 6.22
C GLU G 484 -8.64 48.69 4.75
N ASN G 485 -9.59 48.90 3.84
CA ASN G 485 -9.30 48.77 2.42
C ASN G 485 -8.25 49.78 1.97
N ALA G 486 -8.35 51.01 2.45
CA ALA G 486 -7.37 52.03 2.09
C ALA G 486 -5.99 51.69 2.65
N GLY G 487 -5.94 51.18 3.88
CA GLY G 487 -4.67 50.80 4.48
C GLY G 487 -4.54 51.21 5.93
N LEU G 488 -5.20 52.30 6.31
CA LEU G 488 -5.14 52.78 7.68
C LEU G 488 -5.86 51.82 8.61
N GLU G 489 -5.47 51.83 9.88
CA GLU G 489 -6.07 50.95 10.87
C GLU G 489 -7.50 51.39 11.15
N GLY G 490 -8.43 50.43 11.11
CA GLY G 490 -9.83 50.76 11.30
C GLY G 490 -10.21 51.03 12.74
N SER G 491 -9.50 50.41 13.69
CA SER G 491 -9.87 50.54 15.09
C SER G 491 -9.72 51.99 15.56
N VAL G 492 -8.59 52.61 15.26
CA VAL G 492 -8.35 53.98 15.71
C VAL G 492 -9.33 54.94 15.04
N VAL G 493 -9.60 54.74 13.74
CA VAL G 493 -10.53 55.62 13.03
C VAL G 493 -11.93 55.50 13.62
N ILE G 494 -12.38 54.27 13.87
CA ILE G 494 -13.71 54.07 14.45
C ILE G 494 -13.78 54.68 15.85
N GLY G 495 -12.71 54.52 16.64
CA GLY G 495 -12.70 55.11 17.97
C GLY G 495 -12.78 56.63 17.92
N LYS G 496 -12.05 57.25 16.98
CA LYS G 496 -12.11 58.70 16.84
C LYS G 496 -13.49 59.16 16.38
N ILE G 497 -14.10 58.43 15.45
CA ILE G 497 -15.40 58.83 14.93
C ILE G 497 -16.48 58.69 16.00
N SER G 498 -16.49 57.56 16.71
CA SER G 498 -17.58 57.26 17.64
C SER G 498 -17.51 58.12 18.89
N ASP G 499 -16.30 58.41 19.38
CA ASP G 499 -16.13 59.10 20.65
C ASP G 499 -15.88 60.59 20.49
N GLU G 500 -14.85 60.97 19.73
CA GLU G 500 -14.49 62.37 19.63
C GLU G 500 -15.56 63.18 18.90
N TYR G 501 -16.18 62.59 17.87
CA TYR G 501 -17.15 63.29 17.03
C TYR G 501 -18.53 62.66 17.16
N ALA G 502 -18.92 62.29 18.38
CA ALA G 502 -20.23 61.70 18.59
C ALA G 502 -21.35 62.70 18.32
N ALA G 503 -21.17 63.94 18.75
CA ALA G 503 -22.21 64.95 18.59
C ALA G 503 -22.43 65.30 17.13
N ASP G 504 -21.35 65.42 16.36
CA ASP G 504 -21.46 65.81 14.95
C ASP G 504 -21.78 64.59 14.11
N PHE G 505 -23.01 64.52 13.60
CA PHE G 505 -23.41 63.40 12.76
C PHE G 505 -22.63 63.38 11.46
N ASN G 506 -22.43 64.54 10.84
CA ASN G 506 -21.77 64.60 9.53
C ASN G 506 -20.27 64.33 9.62
N LYS G 507 -19.67 64.47 10.80
CA LYS G 507 -18.24 64.27 10.93
C LYS G 507 -17.91 62.78 10.86
N GLY G 508 -16.94 62.44 10.04
CA GLY G 508 -16.51 61.05 9.88
C GLY G 508 -15.10 61.00 9.34
N PHE G 509 -14.82 59.94 8.58
CA PHE G 509 -13.51 59.73 7.98
C PHE G 509 -13.64 59.70 6.46
N ASN G 510 -12.82 60.49 5.78
CA ASN G 510 -12.78 60.51 4.32
C ASN G 510 -11.63 59.61 3.88
N SER G 511 -11.97 58.41 3.42
CA SER G 511 -10.95 57.44 3.02
C SER G 511 -10.19 57.89 1.77
N ALA G 512 -10.76 58.79 0.98
CA ALA G 512 -10.09 59.25 -0.24
C ALA G 512 -8.80 59.99 0.09
N THR G 513 -8.82 60.84 1.11
CA THR G 513 -7.66 61.64 1.48
C THR G 513 -7.12 61.33 2.87
N GLY G 514 -7.91 60.74 3.75
CA GLY G 514 -7.46 60.43 5.09
C GLY G 514 -7.66 61.52 6.11
N GLU G 515 -8.47 62.53 5.81
CA GLU G 515 -8.74 63.63 6.74
C GLU G 515 -10.19 63.55 7.20
N TYR G 516 -10.41 63.86 8.47
CA TYR G 516 -11.74 63.81 9.06
C TYR G 516 -12.51 65.05 8.62
N VAL G 517 -13.28 64.91 7.54
CA VAL G 517 -14.07 66.01 6.99
C VAL G 517 -15.52 65.54 6.85
N ASP G 518 -16.43 66.51 6.75
CA ASP G 518 -17.84 66.22 6.61
C ASP G 518 -18.14 65.74 5.20
N MET G 519 -18.87 64.63 5.09
CA MET G 519 -19.24 64.11 3.76
C MET G 519 -20.22 65.02 3.04
N ILE G 520 -20.99 65.84 3.76
CA ILE G 520 -21.92 66.75 3.11
C ILE G 520 -21.16 67.76 2.25
N GLN G 521 -20.11 68.35 2.80
CA GLN G 521 -19.29 69.28 2.03
C GLN G 521 -18.35 68.53 1.08
N ALA G 522 -17.85 67.36 1.49
CA ALA G 522 -16.94 66.60 0.65
C ALA G 522 -17.65 65.96 -0.54
N GLY G 523 -18.97 65.80 -0.48
CA GLY G 523 -19.74 65.22 -1.55
C GLY G 523 -20.11 63.77 -1.37
N ILE G 524 -19.45 63.07 -0.43
CA ILE G 524 -19.79 61.67 -0.18
C ILE G 524 -21.18 61.59 0.42
N LEU G 525 -21.97 60.61 -0.04
CA LEU G 525 -23.32 60.44 0.46
C LEU G 525 -23.73 58.99 0.34
N ASP G 526 -24.81 58.64 1.05
CA ASP G 526 -25.45 57.35 0.93
C ASP G 526 -26.94 57.60 1.15
N PRO G 527 -27.79 57.30 0.18
CA PRO G 527 -29.22 57.52 0.35
C PRO G 527 -29.77 56.66 1.48
N LEU G 528 -30.82 57.18 2.14
CA LEU G 528 -31.41 56.45 3.25
C LEU G 528 -32.03 55.13 2.78
N LYS G 529 -32.64 55.14 1.60
CA LYS G 529 -33.37 53.96 1.13
C LYS G 529 -32.45 52.75 0.99
N VAL G 530 -31.31 52.94 0.32
CA VAL G 530 -30.43 51.81 0.05
C VAL G 530 -29.85 51.23 1.33
N VAL G 531 -29.35 52.09 2.23
CA VAL G 531 -28.74 51.61 3.45
C VAL G 531 -29.80 50.98 4.36
N ARG G 532 -30.99 51.57 4.42
CA ARG G 532 -32.05 51.04 5.27
C ARG G 532 -32.50 49.67 4.78
N THR G 533 -32.75 49.53 3.48
CA THR G 533 -33.18 48.24 2.96
C THR G 533 -32.07 47.20 3.05
N GLY G 534 -30.81 47.60 2.86
CA GLY G 534 -29.72 46.66 3.03
C GLY G 534 -29.61 46.17 4.45
N LEU G 535 -29.71 47.08 5.42
CA LEU G 535 -29.65 46.68 6.82
C LEU G 535 -30.82 45.76 7.19
N ILE G 536 -32.02 46.10 6.71
CA ILE G 536 -33.20 45.30 7.03
C ILE G 536 -33.06 43.89 6.45
N ASP G 537 -32.68 43.80 5.17
CA ASP G 537 -32.52 42.50 4.54
C ASP G 537 -31.41 41.69 5.19
N ALA G 538 -30.29 42.34 5.53
CA ALA G 538 -29.19 41.63 6.17
C ALA G 538 -29.61 41.10 7.53
N SER G 539 -30.29 41.92 8.33
CA SER G 539 -30.73 41.47 9.64
C SER G 539 -31.73 40.33 9.52
N GLY G 540 -32.69 40.44 8.60
CA GLY G 540 -33.65 39.37 8.42
C GLY G 540 -33.00 38.07 7.97
N VAL G 541 -32.09 38.15 7.01
CA VAL G 541 -31.43 36.95 6.50
C VAL G 541 -30.58 36.31 7.58
N ALA G 542 -29.84 37.12 8.33
CA ALA G 542 -29.01 36.56 9.41
C ALA G 542 -29.86 35.92 10.49
N SER G 543 -30.95 36.58 10.88
CA SER G 543 -31.84 36.01 11.89
C SER G 543 -32.46 34.71 11.41
N LEU G 544 -32.87 34.65 10.14
CA LEU G 544 -33.43 33.42 9.60
C LEU G 544 -32.38 32.32 9.55
N LEU G 545 -31.16 32.65 9.12
CA LEU G 545 -30.11 31.64 8.98
C LEU G 545 -29.62 31.15 10.33
N GLY G 546 -29.77 31.97 11.38
CA GLY G 546 -29.32 31.55 12.70
C GLY G 546 -30.28 30.61 13.40
N THR G 547 -31.40 30.27 12.79
CA THR G 547 -32.38 29.40 13.41
C THR G 547 -32.77 28.24 12.47
N THR G 548 -31.77 27.61 11.86
CA THR G 548 -31.98 26.46 10.97
C THR G 548 -31.04 25.36 11.42
N GLU G 549 -31.54 24.45 12.27
CA GLU G 549 -30.73 23.31 12.70
C GLU G 549 -30.50 22.34 11.55
N VAL G 550 -31.54 22.12 10.73
CA VAL G 550 -31.52 21.11 9.68
C VAL G 550 -31.39 21.82 8.34
N ALA G 551 -30.58 21.23 7.46
CA ALA G 551 -30.38 21.72 6.09
C ALA G 551 -29.93 20.56 5.23
N ILE G 552 -30.62 20.35 4.11
CA ILE G 552 -30.35 19.22 3.25
C ILE G 552 -29.86 19.71 1.89
N VAL G 553 -29.03 18.89 1.25
CA VAL G 553 -28.52 19.17 -0.09
C VAL G 553 -28.68 17.93 -0.95
N GLU G 554 -28.59 18.13 -2.26
CA GLU G 554 -28.73 17.04 -3.22
C GLU G 554 -27.42 16.26 -3.30
N ALA G 555 -27.37 15.29 -4.20
CA ALA G 555 -26.18 14.45 -4.37
C ALA G 555 -25.04 15.24 -5.01
N ALA H 28 -0.56 -15.61 32.43
CA ALA H 28 -1.77 -14.83 32.66
C ALA H 28 -2.32 -14.29 31.34
N HIS H 29 -2.40 -15.16 30.34
CA HIS H 29 -2.90 -14.77 29.02
C HIS H 29 -3.38 -16.03 28.32
N LYS H 30 -4.69 -16.13 28.09
CA LYS H 30 -5.29 -17.31 27.49
C LYS H 30 -6.27 -16.90 26.40
N GLU H 31 -6.47 -17.82 25.44
CA GLU H 31 -7.48 -17.67 24.41
C GLU H 31 -8.38 -18.89 24.42
N LEU H 32 -9.67 -18.67 24.19
CA LEU H 32 -10.69 -19.70 24.34
C LEU H 32 -11.26 -20.10 23.00
N LYS H 33 -11.50 -21.40 22.83
CA LYS H 33 -12.19 -21.94 21.67
C LYS H 33 -13.32 -22.84 22.16
N PHE H 34 -14.52 -22.63 21.61
CA PHE H 34 -15.73 -23.23 22.15
C PHE H 34 -16.31 -24.24 21.17
N GLY H 35 -16.57 -25.45 21.67
CA GLY H 35 -17.38 -26.41 20.94
C GLY H 35 -16.75 -26.87 19.65
N VAL H 36 -17.42 -26.55 18.54
CA VAL H 36 -17.05 -27.11 17.24
C VAL H 36 -15.67 -26.66 16.81
N GLU H 37 -15.31 -25.41 17.11
CA GLU H 37 -14.01 -24.90 16.69
C GLU H 37 -12.87 -25.65 17.39
N GLY H 38 -12.97 -25.77 18.72
CA GLY H 38 -11.95 -26.51 19.46
C GLY H 38 -11.90 -27.97 19.07
N ARG H 39 -13.08 -28.58 18.87
CA ARG H 39 -13.11 -29.98 18.46
C ARG H 39 -12.47 -30.17 17.10
N ALA H 40 -12.70 -29.25 16.17
CA ALA H 40 -12.08 -29.33 14.85
C ALA H 40 -10.56 -29.15 14.94
N ALA H 41 -10.10 -28.23 15.80
CA ALA H 41 -8.66 -28.06 15.97
C ALA H 41 -8.02 -29.31 16.53
N LEU H 42 -8.65 -29.92 17.54
CA LEU H 42 -8.13 -31.16 18.10
C LEU H 42 -8.17 -32.28 17.06
N LEU H 43 -9.23 -32.34 16.25
CA LEU H 43 -9.30 -33.30 15.17
C LEU H 43 -8.12 -33.14 14.21
N ASN H 44 -7.84 -31.90 13.81
CA ASN H 44 -6.75 -31.66 12.87
C ASN H 44 -5.42 -32.08 13.46
N GLY H 45 -5.16 -31.71 14.71
CA GLY H 45 -3.89 -32.08 15.33
C GLY H 45 -3.73 -33.58 15.47
N VAL H 46 -4.77 -34.25 15.98
CA VAL H 46 -4.69 -35.70 16.18
C VAL H 46 -4.56 -36.42 14.85
N GLU H 47 -5.32 -35.99 13.84
CA GLU H 47 -5.24 -36.63 12.53
C GLU H 47 -3.87 -36.44 11.90
N THR H 48 -3.28 -35.25 12.03
CA THR H 48 -1.95 -35.03 11.48
C THR H 48 -0.92 -35.93 12.17
N LEU H 49 -0.96 -35.98 13.50
CA LEU H 49 0.01 -36.80 14.22
C LEU H 49 -0.17 -38.28 13.88
N ALA H 50 -1.42 -38.74 13.82
CA ALA H 50 -1.67 -40.15 13.52
C ALA H 50 -1.27 -40.51 12.09
N LYS H 51 -1.51 -39.60 11.14
CA LYS H 51 -1.09 -39.85 9.77
C LYS H 51 0.44 -39.91 9.67
N ALA H 52 1.13 -39.05 10.42
CA ALA H 52 2.59 -39.13 10.45
C ALA H 52 3.06 -40.44 11.07
N VAL H 53 2.41 -40.89 12.14
CA VAL H 53 2.87 -42.07 12.86
C VAL H 53 2.59 -43.34 12.06
N ALA H 54 1.41 -43.42 11.43
CA ALA H 54 0.98 -44.66 10.80
C ALA H 54 1.81 -45.02 9.58
N THR H 55 2.65 -44.10 9.10
CA THR H 55 3.51 -44.39 7.95
C THR H 55 4.51 -45.50 8.23
N THR H 56 4.78 -45.81 9.49
CA THR H 56 5.70 -46.89 9.86
C THR H 56 4.98 -48.14 10.33
N LEU H 57 3.65 -48.18 10.22
CA LEU H 57 2.87 -49.31 10.69
C LEU H 57 3.09 -50.54 9.80
N GLY H 58 3.11 -51.70 10.44
CA GLY H 58 3.22 -52.95 9.74
C GLY H 58 4.65 -53.34 9.45
N PRO H 59 4.88 -54.61 9.10
CA PRO H 59 6.25 -55.02 8.73
C PRO H 59 6.79 -54.27 7.54
N LYS H 60 5.93 -53.90 6.60
CA LYS H 60 6.34 -53.14 5.41
C LYS H 60 6.19 -51.63 5.66
N GLY H 61 6.83 -51.19 6.75
CA GLY H 61 6.78 -49.79 7.12
C GLY H 61 7.70 -48.94 6.25
N ARG H 62 7.64 -47.64 6.50
CA ARG H 62 8.42 -46.68 5.73
C ARG H 62 9.10 -45.72 6.70
N ASN H 63 10.30 -45.27 6.32
CA ASN H 63 11.19 -44.60 7.27
C ASN H 63 10.77 -43.15 7.51
N VAL H 64 11.35 -42.56 8.56
CA VAL H 64 11.15 -41.16 8.93
C VAL H 64 12.51 -40.49 9.02
N LEU H 65 12.56 -39.20 8.74
CA LEU H 65 13.79 -38.43 8.80
C LEU H 65 13.78 -37.53 10.03
N ILE H 66 14.69 -37.80 10.97
CA ILE H 66 14.80 -37.05 12.20
C ILE H 66 16.20 -36.47 12.31
N GLU H 67 16.29 -35.20 12.71
CA GLU H 67 17.56 -34.53 12.91
C GLU H 67 17.75 -34.14 14.37
N SER H 68 18.93 -34.43 14.88
CA SER H 68 19.31 -34.07 16.24
C SER H 68 19.66 -32.58 16.30
N THR H 69 19.69 -32.05 17.53
CA THR H 69 20.04 -30.64 17.72
C THR H 69 21.47 -30.38 17.27
N PHE H 70 22.39 -31.29 17.58
CA PHE H 70 23.79 -31.16 17.19
C PHE H 70 24.17 -32.32 16.28
N GLY H 71 25.10 -32.07 15.38
CA GLY H 71 25.60 -33.11 14.50
C GLY H 71 24.85 -33.19 13.18
N SER H 72 24.39 -34.37 12.82
CA SER H 72 23.73 -34.64 11.55
C SER H 72 22.52 -35.54 11.76
N PRO H 73 21.53 -35.48 10.86
CA PRO H 73 20.28 -36.20 11.08
C PRO H 73 20.45 -37.71 11.10
N LYS H 74 19.54 -38.36 11.83
CA LYS H 74 19.46 -39.81 11.93
C LYS H 74 18.28 -40.33 11.14
N ILE H 75 18.02 -41.62 11.26
CA ILE H 75 16.90 -42.29 10.61
C ILE H 75 16.00 -42.88 11.68
N THR H 76 14.73 -43.05 11.36
CA THR H 76 13.74 -43.60 12.28
C THR H 76 12.74 -44.46 11.52
N LYS H 77 12.51 -45.67 12.03
CA LYS H 77 11.52 -46.57 11.44
C LYS H 77 10.45 -47.01 12.42
N ASP H 78 10.53 -46.61 13.69
CA ASP H 78 9.54 -46.98 14.69
C ASP H 78 8.48 -45.87 14.82
N GLY H 79 7.63 -45.96 15.83
CA GLY H 79 6.56 -45.00 16.00
C GLY H 79 6.66 -44.16 17.25
N VAL H 80 7.29 -44.69 18.30
CA VAL H 80 7.33 -43.99 19.58
C VAL H 80 8.12 -42.70 19.48
N THR H 81 9.29 -42.74 18.83
CA THR H 81 10.13 -41.56 18.77
C THR H 81 9.51 -40.47 17.90
N VAL H 82 8.97 -40.84 16.74
CA VAL H 82 8.33 -39.85 15.88
C VAL H 82 7.08 -39.29 16.54
N ALA H 83 6.34 -40.13 17.28
CA ALA H 83 5.19 -39.65 18.01
C ALA H 83 5.58 -38.65 19.09
N LYS H 84 6.67 -38.92 19.80
CA LYS H 84 7.12 -38.02 20.86
C LYS H 84 7.81 -36.78 20.33
N ALA H 85 8.27 -36.79 19.08
CA ALA H 85 9.02 -35.67 18.50
C ALA H 85 8.17 -34.87 17.50
N ILE H 86 6.88 -34.70 17.78
CA ILE H 86 5.99 -33.96 16.90
C ILE H 86 5.35 -32.82 17.69
N SER H 87 5.43 -31.60 17.16
CA SER H 87 4.77 -30.44 17.75
C SER H 87 4.24 -29.59 16.61
N LEU H 88 2.92 -29.42 16.56
CA LEU H 88 2.28 -28.77 15.42
C LEU H 88 2.40 -27.26 15.53
N LYS H 89 1.87 -26.58 14.50
CA LYS H 89 1.93 -25.12 14.47
C LYS H 89 0.97 -24.50 15.46
N ASP H 90 -0.32 -24.80 15.32
CA ASP H 90 -1.32 -24.22 16.20
C ASP H 90 -1.21 -24.78 17.61
N LYS H 91 -1.58 -23.95 18.59
CA LYS H 91 -1.48 -24.37 19.98
C LYS H 91 -2.45 -25.49 20.31
N PHE H 92 -3.67 -25.44 19.76
CA PHE H 92 -4.65 -26.49 20.02
C PHE H 92 -4.26 -27.80 19.36
N GLU H 93 -3.72 -27.74 18.15
CA GLU H 93 -3.20 -28.95 17.51
C GLU H 93 -2.06 -29.53 18.32
N ASN H 94 -1.18 -28.68 18.85
CA ASN H 94 -0.11 -29.16 19.71
C ASN H 94 -0.66 -29.78 20.98
N LEU H 95 -1.73 -29.22 21.53
CA LEU H 95 -2.36 -29.78 22.72
C LEU H 95 -2.91 -31.18 22.45
N GLY H 96 -3.63 -31.33 21.33
CA GLY H 96 -4.13 -32.65 20.98
C GLY H 96 -3.02 -33.65 20.73
N ALA H 97 -1.96 -33.20 20.04
CA ALA H 97 -0.82 -34.08 19.78
C ALA H 97 -0.14 -34.48 21.08
N LYS H 98 -0.06 -33.57 22.05
CA LYS H 98 0.57 -33.89 23.32
C LYS H 98 -0.27 -34.86 24.13
N LEU H 99 -1.60 -34.73 24.09
CA LEU H 99 -2.44 -35.71 24.75
C LEU H 99 -2.30 -37.09 24.11
N LEU H 100 -2.26 -37.12 22.77
CA LEU H 100 -2.03 -38.39 22.08
C LEU H 100 -0.65 -38.96 22.42
N ALA H 101 0.34 -38.10 22.60
CA ALA H 101 1.66 -38.55 23.03
C ALA H 101 1.61 -39.13 24.43
N GLU H 102 0.84 -38.51 25.33
CA GLU H 102 0.65 -39.07 26.67
C GLU H 102 0.10 -40.48 26.60
N VAL H 103 -1.00 -40.67 25.87
CA VAL H 103 -1.60 -42.00 25.87
C VAL H 103 -0.70 -43.00 25.16
N ALA H 104 0.00 -42.58 24.10
CA ALA H 104 0.92 -43.48 23.41
C ALA H 104 2.07 -43.88 24.31
N SER H 105 2.63 -42.93 25.07
CA SER H 105 3.72 -43.25 25.98
C SER H 105 3.26 -44.16 27.10
N LYS H 106 2.05 -43.94 27.61
CA LYS H 106 1.51 -44.84 28.64
C LYS H 106 1.35 -46.25 28.09
N THR H 107 0.84 -46.37 26.85
CA THR H 107 0.68 -47.69 26.25
C THR H 107 2.05 -48.36 26.04
N ASN H 108 3.04 -47.59 25.59
CA ASN H 108 4.37 -48.14 25.37
C ASN H 108 5.01 -48.61 26.68
N GLU H 109 4.85 -47.82 27.75
CA GLU H 109 5.38 -48.23 29.03
C GLU H 109 4.67 -49.45 29.58
N VAL H 110 3.35 -49.54 29.38
CA VAL H 110 2.60 -50.68 29.89
C VAL H 110 2.98 -51.95 29.13
N ALA H 111 3.00 -51.88 27.80
CA ALA H 111 3.19 -53.06 26.97
C ALA H 111 4.57 -53.13 26.34
N GLY H 112 4.97 -52.11 25.59
CA GLY H 112 6.23 -52.09 24.87
C GLY H 112 6.10 -51.96 23.36
N ASP H 113 4.90 -52.13 22.82
CA ASP H 113 4.66 -52.01 21.39
C ASP H 113 3.21 -51.63 21.16
N GLY H 114 2.76 -51.73 19.92
CA GLY H 114 1.39 -51.42 19.59
C GLY H 114 1.01 -49.96 19.69
N THR H 115 1.99 -49.06 19.78
CA THR H 115 1.69 -47.64 19.89
C THR H 115 1.01 -47.12 18.64
N THR H 116 1.51 -47.51 17.47
CA THR H 116 0.94 -47.00 16.21
C THR H 116 -0.50 -47.46 16.03
N THR H 117 -0.78 -48.73 16.34
CA THR H 117 -2.15 -49.23 16.21
C THR H 117 -3.09 -48.50 17.15
N ALA H 118 -2.67 -48.27 18.39
CA ALA H 118 -3.50 -47.54 19.34
C ALA H 118 -3.75 -46.11 18.87
N THR H 119 -2.71 -45.45 18.34
CA THR H 119 -2.88 -44.09 17.85
C THR H 119 -3.86 -44.04 16.67
N VAL H 120 -3.74 -45.00 15.74
CA VAL H 120 -4.63 -45.03 14.59
C VAL H 120 -6.07 -45.28 15.03
N LEU H 121 -6.26 -46.23 15.95
CA LEU H 121 -7.60 -46.51 16.44
C LEU H 121 -8.20 -45.30 17.14
N ALA H 122 -7.40 -44.62 17.97
CA ALA H 122 -7.89 -43.43 18.65
C ALA H 122 -8.27 -42.34 17.66
N ARG H 123 -7.45 -42.13 16.63
CA ARG H 123 -7.77 -41.13 15.62
C ARG H 123 -9.07 -41.47 14.91
N ALA H 124 -9.24 -42.73 14.52
CA ALA H 124 -10.44 -43.13 13.79
C ALA H 124 -11.68 -42.95 14.66
N ILE H 125 -11.62 -43.40 15.91
CA ILE H 125 -12.78 -43.30 16.79
C ILE H 125 -13.12 -41.84 17.06
N PHE H 126 -12.10 -41.01 17.31
CA PHE H 126 -12.36 -39.60 17.56
C PHE H 126 -12.96 -38.91 16.34
N SER H 127 -12.44 -39.22 15.14
CA SER H 127 -12.97 -38.60 13.93
C SER H 127 -14.42 -38.99 13.71
N GLU H 128 -14.74 -40.27 13.85
CA GLU H 128 -16.12 -40.71 13.68
C GLU H 128 -17.03 -40.08 14.74
N MET H 129 -16.54 -39.99 15.98
CA MET H 129 -17.35 -39.43 17.05
C MET H 129 -17.66 -37.96 16.79
N VAL H 130 -16.66 -37.18 16.38
CA VAL H 130 -16.91 -35.76 16.13
C VAL H 130 -17.78 -35.58 14.90
N LYS H 131 -17.62 -36.43 13.89
CA LYS H 131 -18.48 -36.35 12.71
C LYS H 131 -19.93 -36.63 13.09
N ASN H 132 -20.17 -37.62 13.95
CA ASN H 132 -21.53 -37.90 14.39
C ASN H 132 -22.07 -36.79 15.28
N VAL H 133 -21.21 -36.19 16.12
CA VAL H 133 -21.63 -35.09 16.97
C VAL H 133 -22.06 -33.89 16.15
N ALA H 134 -21.33 -33.61 15.06
CA ALA H 134 -21.70 -32.52 14.17
C ALA H 134 -23.06 -32.74 13.52
N ALA H 135 -23.54 -33.98 13.49
CA ALA H 135 -24.86 -34.29 12.95
C ALA H 135 -25.98 -34.14 13.98
N GLY H 136 -25.66 -33.83 15.23
CA GLY H 136 -26.65 -33.62 16.26
C GLY H 136 -26.88 -34.79 17.18
N CYS H 137 -26.10 -35.86 17.06
CA CYS H 137 -26.27 -37.02 17.93
C CYS H 137 -25.79 -36.70 19.35
N ASN H 138 -26.32 -37.47 20.30
CA ASN H 138 -25.98 -37.25 21.70
C ASN H 138 -24.60 -37.84 22.01
N PRO H 139 -23.63 -37.05 22.44
CA PRO H 139 -22.30 -37.60 22.72
C PRO H 139 -22.30 -38.65 23.83
N MET H 140 -23.16 -38.50 24.83
CA MET H 140 -23.14 -39.43 25.96
C MET H 140 -23.60 -40.82 25.54
N ASP H 141 -24.67 -40.90 24.75
CA ASP H 141 -25.13 -42.20 24.26
C ASP H 141 -24.09 -42.82 23.34
N LEU H 142 -23.43 -42.01 22.51
CA LEU H 142 -22.36 -42.52 21.66
C LEU H 142 -21.23 -43.11 22.50
N ARG H 143 -20.83 -42.39 23.56
CA ARG H 143 -19.77 -42.89 24.44
C ARG H 143 -20.17 -44.19 25.11
N ARG H 144 -21.40 -44.27 25.61
CA ARG H 144 -21.86 -45.50 26.24
C ARG H 144 -21.87 -46.66 25.24
N GLY H 145 -22.33 -46.39 24.02
CA GLY H 145 -22.37 -47.44 23.01
C GLY H 145 -20.98 -47.93 22.63
N ILE H 146 -20.04 -47.02 22.44
CA ILE H 146 -18.69 -47.44 22.09
C ILE H 146 -18.03 -48.16 23.27
N GLN H 147 -18.33 -47.76 24.50
CA GLN H 147 -17.79 -48.47 25.65
C GLN H 147 -18.30 -49.90 25.71
N ALA H 148 -19.62 -50.08 25.53
CA ALA H 148 -20.18 -51.42 25.53
C ALA H 148 -19.63 -52.26 24.40
N ALA H 149 -19.47 -51.66 23.21
CA ALA H 149 -18.94 -52.40 22.07
C ALA H 149 -17.48 -52.78 22.29
N VAL H 150 -16.69 -51.89 22.89
CA VAL H 150 -15.30 -52.22 23.18
C VAL H 150 -15.22 -53.34 24.20
N ASP H 151 -16.08 -53.31 25.22
CA ASP H 151 -16.12 -54.40 26.19
C ASP H 151 -16.47 -55.72 25.51
N ALA H 152 -17.45 -55.72 24.61
CA ALA H 152 -17.79 -56.93 23.89
C ALA H 152 -16.62 -57.42 23.04
N VAL H 153 -15.92 -56.48 22.39
CA VAL H 153 -14.79 -56.85 21.53
C VAL H 153 -13.68 -57.50 22.35
N VAL H 154 -13.33 -56.91 23.48
CA VAL H 154 -12.23 -57.46 24.28
C VAL H 154 -12.66 -58.80 24.89
N GLU H 155 -13.93 -58.93 25.26
CA GLU H 155 -14.41 -60.21 25.77
C GLU H 155 -14.31 -61.29 24.70
N TYR H 156 -14.69 -60.96 23.46
CA TYR H 156 -14.57 -61.94 22.38
C TYR H 156 -13.12 -62.29 22.11
N LEU H 157 -12.23 -61.29 22.15
CA LEU H 157 -10.81 -61.55 21.93
C LEU H 157 -10.25 -62.48 23.01
N GLN H 158 -10.64 -62.25 24.26
CA GLN H 158 -10.18 -63.11 25.35
C GLN H 158 -10.75 -64.51 25.21
N GLN H 159 -12.00 -64.63 24.74
CA GLN H 159 -12.61 -65.95 24.59
C GLN H 159 -11.88 -66.78 23.53
N ASN H 160 -11.50 -66.16 22.41
CA ASN H 160 -10.96 -66.90 21.28
C ASN H 160 -9.45 -67.14 21.40
N LYS H 161 -8.78 -66.46 22.32
CA LYS H 161 -7.31 -66.52 22.38
C LYS H 161 -6.83 -67.92 22.74
N ARG H 162 -5.52 -68.10 22.64
CA ARG H 162 -4.85 -69.34 22.97
C ARG H 162 -3.81 -69.09 24.07
N ASP H 163 -3.59 -70.10 24.91
CA ASP H 163 -2.66 -69.98 26.02
C ASP H 163 -1.28 -70.48 25.60
N ILE H 164 -0.26 -70.01 26.31
CA ILE H 164 1.13 -70.37 26.05
C ILE H 164 1.62 -71.10 27.29
N THR H 165 1.62 -72.44 27.24
CA THR H 165 1.99 -73.25 28.40
C THR H 165 3.16 -74.18 28.14
N THR H 166 3.11 -74.96 27.05
CA THR H 166 4.11 -76.01 26.84
C THR H 166 5.47 -75.40 26.51
N SER H 167 6.53 -76.01 27.05
CA SER H 167 7.87 -75.49 26.86
C SER H 167 8.28 -75.43 25.39
N ALA H 168 7.80 -76.38 24.58
CA ALA H 168 8.13 -76.35 23.15
C ALA H 168 7.53 -75.12 22.47
N GLU H 169 6.24 -74.87 22.69
CA GLU H 169 5.64 -73.66 22.12
C GLU H 169 6.13 -72.42 22.83
N ILE H 170 6.62 -72.56 24.07
CA ILE H 170 7.32 -71.46 24.73
C ILE H 170 8.55 -71.06 23.93
N ALA H 171 9.37 -72.05 23.56
CA ALA H 171 10.54 -71.77 22.74
C ALA H 171 10.14 -71.23 21.38
N GLN H 172 9.04 -71.75 20.81
CA GLN H 172 8.57 -71.27 19.51
C GLN H 172 8.20 -69.80 19.56
N VAL H 173 7.41 -69.40 20.56
CA VAL H 173 6.98 -68.01 20.66
C VAL H 173 8.16 -67.11 20.99
N ALA H 174 9.10 -67.60 21.81
CA ALA H 174 10.32 -66.83 22.07
C ALA H 174 11.12 -66.64 20.78
N THR H 175 11.15 -67.66 19.92
CA THR H 175 11.89 -67.54 18.67
C THR H 175 11.26 -66.52 17.75
N ILE H 176 9.95 -66.62 17.53
CA ILE H 176 9.32 -65.71 16.57
C ILE H 176 9.27 -64.29 17.12
N SER H 177 9.15 -64.15 18.44
CA SER H 177 9.23 -62.82 19.05
C SER H 177 10.62 -62.22 18.95
N ALA H 178 11.65 -63.05 18.76
CA ALA H 178 13.02 -62.57 18.60
C ALA H 178 13.52 -62.67 17.17
N ASN H 179 12.64 -62.44 16.20
CA ASN H 179 12.93 -62.43 14.77
C ASN H 179 13.39 -63.79 14.25
N GLY H 180 13.28 -64.85 15.05
CA GLY H 180 13.62 -66.19 14.58
C GLY H 180 15.09 -66.56 14.54
N ASP H 181 15.94 -65.66 14.06
CA ASP H 181 17.36 -65.97 13.92
C ASP H 181 18.04 -66.14 15.28
N GLN H 182 17.44 -65.60 16.34
CA GLN H 182 18.02 -65.66 17.68
C GLN H 182 17.66 -67.01 18.32
N HIS H 183 18.27 -68.07 17.79
CA HIS H 183 18.02 -69.40 18.31
C HIS H 183 18.61 -69.59 19.70
N ILE H 184 19.85 -69.15 19.90
CA ILE H 184 20.44 -69.21 21.23
C ILE H 184 19.62 -68.36 22.20
N GLY H 185 19.11 -67.22 21.74
CA GLY H 185 18.28 -66.39 22.59
C GLY H 185 16.98 -67.07 22.98
N LYS H 186 16.34 -67.75 22.03
CA LYS H 186 15.08 -68.42 22.35
C LYS H 186 15.30 -69.61 23.28
N LEU H 187 16.41 -70.34 23.10
CA LEU H 187 16.73 -71.41 24.04
C LEU H 187 16.97 -70.85 25.44
N ILE H 188 17.70 -69.72 25.53
CA ILE H 188 17.97 -69.11 26.82
C ILE H 188 16.66 -68.65 27.46
N ALA H 189 15.76 -68.05 26.67
CA ALA H 189 14.49 -67.59 27.20
C ALA H 189 13.64 -68.76 27.68
N SER H 190 13.61 -69.86 26.93
CA SER H 190 12.84 -71.02 27.34
C SER H 190 13.39 -71.60 28.65
N ALA H 191 14.71 -71.72 28.76
CA ALA H 191 15.30 -72.23 29.99
C ALA H 191 15.02 -71.30 31.17
N MET H 192 15.13 -69.99 30.94
CA MET H 192 14.89 -69.01 32.01
C MET H 192 13.42 -68.99 32.43
N GLU H 193 12.51 -69.29 31.51
CA GLU H 193 11.10 -69.37 31.87
C GLU H 193 10.77 -70.66 32.60
N LYS H 194 11.40 -71.78 32.20
CA LYS H 194 11.18 -73.05 32.88
C LYS H 194 11.89 -73.11 34.23
N VAL H 195 12.85 -72.23 34.47
CA VAL H 195 13.57 -72.21 35.75
C VAL H 195 12.95 -71.21 36.72
N GLY H 196 12.76 -69.96 36.27
CA GLY H 196 12.22 -68.93 37.12
C GLY H 196 11.08 -68.18 36.45
N LYS H 197 10.50 -67.24 37.19
CA LYS H 197 9.39 -66.44 36.71
C LYS H 197 9.64 -64.93 36.79
N GLU H 198 10.59 -64.48 37.60
CA GLU H 198 10.87 -63.05 37.69
C GLU H 198 11.74 -62.58 36.52
N GLY H 199 12.96 -63.10 36.43
CA GLY H 199 13.81 -62.81 35.30
C GLY H 199 14.46 -61.43 35.31
N VAL H 200 15.67 -61.34 34.77
CA VAL H 200 16.38 -60.07 34.66
C VAL H 200 17.48 -60.23 33.63
N ILE H 201 17.94 -59.11 33.09
CA ILE H 201 19.03 -59.08 32.12
C ILE H 201 20.07 -58.07 32.60
N THR H 202 21.34 -58.47 32.53
CA THR H 202 22.43 -57.61 32.96
C THR H 202 23.62 -57.79 32.02
N VAL H 203 24.48 -56.77 31.99
CA VAL H 203 25.67 -56.77 31.16
C VAL H 203 26.87 -56.33 32.00
N LYS H 204 27.99 -57.03 31.83
CA LYS H 204 29.23 -56.73 32.54
C LYS H 204 30.36 -56.72 31.52
N GLU H 205 31.01 -55.57 31.37
CA GLU H 205 32.13 -55.35 30.45
C GLU H 205 31.96 -56.05 29.12
N GLY H 206 33.04 -56.65 28.59
CA GLY H 206 32.96 -57.29 27.30
C GLY H 206 32.07 -58.52 27.27
N LYS H 207 32.19 -59.38 28.30
CA LYS H 207 31.41 -60.61 28.42
C LYS H 207 31.60 -61.50 27.19
N THR H 208 32.85 -61.97 27.04
CA THR H 208 33.21 -62.82 25.91
C THR H 208 32.62 -64.22 26.00
N LEU H 209 31.79 -64.49 26.99
CA LEU H 209 31.19 -65.82 27.14
C LEU H 209 30.14 -66.05 26.05
N GLN H 210 29.55 -67.24 26.08
CA GLN H 210 28.58 -67.68 25.07
C GLN H 210 27.14 -67.60 25.59
N ASP H 211 26.82 -66.56 26.36
CA ASP H 211 25.47 -66.34 26.89
C ASP H 211 25.00 -67.51 27.74
N GLU H 212 25.71 -67.74 28.84
CA GLU H 212 25.38 -68.79 29.78
C GLU H 212 24.43 -68.28 30.86
N LEU H 213 23.45 -69.10 31.21
CA LEU H 213 22.46 -68.72 32.21
C LEU H 213 22.84 -69.30 33.57
N GLU H 214 22.20 -68.77 34.62
CA GLU H 214 22.46 -69.21 35.97
C GLU H 214 21.25 -68.90 36.84
N VAL H 215 21.21 -69.54 38.01
CA VAL H 215 20.15 -69.34 38.99
C VAL H 215 20.79 -68.80 40.26
N THR H 216 20.32 -67.65 40.73
CA THR H 216 20.88 -67.00 41.91
C THR H 216 19.76 -66.42 42.76
N GLU H 217 19.87 -66.61 44.07
CA GLU H 217 18.92 -66.03 45.00
C GLU H 217 19.05 -64.52 45.03
N GLY H 218 17.93 -63.82 45.09
CA GLY H 218 17.96 -62.38 45.12
C GLY H 218 16.60 -61.80 45.43
N MET H 219 16.51 -60.47 45.33
CA MET H 219 15.30 -59.72 45.64
C MET H 219 15.06 -58.70 44.54
N ARG H 220 13.79 -58.30 44.39
CA ARG H 220 13.40 -57.34 43.37
C ARG H 220 12.32 -56.43 43.91
N PHE H 221 12.40 -55.15 43.55
CA PHE H 221 11.34 -54.19 43.85
C PHE H 221 11.39 -53.09 42.81
N ASP H 222 10.26 -52.39 42.67
CA ASP H 222 10.09 -51.36 41.65
C ASP H 222 10.08 -49.99 42.32
N ARG H 223 11.28 -49.41 42.48
CA ARG H 223 11.41 -48.05 43.03
C ARG H 223 12.74 -47.48 42.54
N GLY H 224 12.68 -46.62 41.54
CA GLY H 224 13.86 -46.03 40.95
C GLY H 224 14.39 -44.85 41.76
N PHE H 225 15.44 -44.24 41.24
CA PHE H 225 16.05 -43.10 41.91
C PHE H 225 15.12 -41.89 41.86
N VAL H 226 15.18 -41.07 42.91
CA VAL H 226 14.37 -39.87 42.96
C VAL H 226 14.86 -38.84 41.93
N SER H 227 16.18 -38.77 41.73
CA SER H 227 16.76 -37.79 40.83
C SER H 227 17.40 -38.48 39.63
N PRO H 228 17.34 -37.86 38.44
CA PRO H 228 17.93 -38.47 37.25
C PRO H 228 19.42 -38.26 37.09
N TYR H 229 20.10 -37.66 38.07
CA TYR H 229 21.52 -37.37 37.98
C TYR H 229 22.38 -38.41 38.67
N PHE H 230 21.79 -39.46 39.23
CA PHE H 230 22.55 -40.45 39.99
C PHE H 230 23.22 -41.50 39.10
N ILE H 231 22.84 -41.61 37.84
CA ILE H 231 23.41 -42.59 36.92
C ILE H 231 23.99 -41.84 35.73
N THR H 232 25.29 -42.01 35.49
CA THR H 232 25.92 -41.37 34.35
C THR H 232 25.44 -41.98 33.04
N ASP H 233 25.37 -43.30 32.97
CA ASP H 233 24.91 -44.01 31.77
C ASP H 233 23.42 -44.28 31.82
N ALA H 234 22.62 -43.21 31.98
CA ALA H 234 21.17 -43.36 32.06
C ALA H 234 20.56 -43.78 30.73
N LYS H 235 21.30 -43.61 29.63
CA LYS H 235 20.77 -44.00 28.32
C LYS H 235 20.55 -45.50 28.23
N ALA H 236 21.45 -46.30 28.78
CA ALA H 236 21.36 -47.75 28.73
C ALA H 236 21.33 -48.42 30.09
N GLN H 237 21.47 -47.67 31.18
CA GLN H 237 21.48 -48.21 32.54
C GLN H 237 22.56 -49.28 32.70
N LYS H 238 23.81 -48.85 32.52
CA LYS H 238 24.95 -49.74 32.62
C LYS H 238 25.13 -50.23 34.05
N VAL H 239 25.69 -51.44 34.19
CA VAL H 239 25.93 -52.06 35.48
C VAL H 239 27.38 -51.77 35.86
N GLU H 240 27.57 -51.05 36.96
CA GLU H 240 28.91 -50.71 37.45
C GLU H 240 29.01 -50.90 38.96
N PHE H 241 28.19 -51.80 39.51
CA PHE H 241 28.16 -52.07 40.94
C PHE H 241 28.60 -53.52 41.16
N GLU H 242 29.90 -53.71 41.36
CA GLU H 242 30.48 -55.03 41.62
C GLU H 242 30.73 -55.14 43.12
N LYS H 243 30.07 -56.10 43.75
CA LYS H 243 30.11 -56.28 45.20
C LYS H 243 29.84 -54.96 45.94
N PRO H 244 28.64 -54.40 45.79
CA PRO H 244 28.36 -53.09 46.40
C PRO H 244 27.75 -53.20 47.79
N LEU H 245 28.20 -52.31 48.68
CA LEU H 245 27.62 -52.19 49.99
C LEU H 245 26.26 -51.51 49.90
N ILE H 246 25.38 -51.85 50.86
CA ILE H 246 24.03 -51.30 50.88
C ILE H 246 23.73 -50.80 52.28
N LEU H 247 22.77 -49.87 52.36
CA LEU H 247 22.35 -49.26 53.60
C LEU H 247 20.86 -49.48 53.81
N LEU H 248 20.49 -49.86 55.02
CA LEU H 248 19.10 -50.11 55.38
C LEU H 248 18.65 -49.09 56.42
N SER H 249 17.53 -48.42 56.14
CA SER H 249 16.99 -47.42 57.05
C SER H 249 15.48 -47.35 56.85
N GLU H 250 14.79 -46.87 57.89
CA GLU H 250 13.34 -46.73 57.87
C GLU H 250 12.87 -45.32 58.20
N GLN H 251 13.52 -44.65 59.14
CA GLN H 251 13.11 -43.31 59.53
C GLN H 251 13.53 -42.29 58.47
N LYS H 252 12.98 -41.09 58.59
CA LYS H 252 13.28 -40.02 57.64
C LYS H 252 14.74 -39.59 57.75
N ILE H 253 15.34 -39.29 56.60
CA ILE H 253 16.71 -38.78 56.54
C ILE H 253 16.65 -37.40 55.90
N SER H 254 17.02 -36.37 56.67
CA SER H 254 17.02 -35.00 56.16
C SER H 254 18.23 -34.20 56.57
N ALA H 255 19.17 -34.75 57.33
CA ALA H 255 20.35 -34.03 57.78
C ALA H 255 21.60 -34.85 57.50
N ALA H 256 22.73 -34.14 57.44
CA ALA H 256 24.02 -34.77 57.19
C ALA H 256 24.74 -35.19 58.45
N THR H 257 24.11 -35.06 59.62
CA THR H 257 24.78 -35.37 60.87
C THR H 257 25.11 -36.87 60.97
N ASP H 258 24.19 -37.73 60.54
CA ASP H 258 24.32 -39.16 60.72
C ASP H 258 24.47 -39.92 59.41
N ILE H 259 24.81 -39.24 58.32
CA ILE H 259 25.00 -39.90 57.03
C ILE H 259 26.34 -39.55 56.41
N ILE H 260 26.99 -38.49 56.87
CA ILE H 260 28.29 -38.11 56.31
C ILE H 260 29.35 -39.19 56.49
N PRO H 261 29.54 -39.80 57.67
CA PRO H 261 30.62 -40.79 57.79
C PRO H 261 30.51 -41.96 56.82
N ALA H 262 29.29 -42.39 56.51
CA ALA H 262 29.11 -43.54 55.62
C ALA H 262 29.65 -43.24 54.23
N LEU H 263 29.21 -42.12 53.63
CA LEU H 263 29.66 -41.78 52.29
C LEU H 263 31.16 -41.46 52.27
N GLU H 264 31.65 -40.80 53.31
CA GLU H 264 33.08 -40.48 53.36
C GLU H 264 33.93 -41.75 53.42
N ILE H 265 33.54 -42.71 54.25
CA ILE H 265 34.32 -43.94 54.33
C ILE H 265 34.19 -44.76 53.06
N SER H 266 33.00 -44.72 52.43
CA SER H 266 32.82 -45.43 51.17
C SER H 266 33.72 -44.86 50.08
N HIS H 267 33.83 -43.53 50.02
CA HIS H 267 34.77 -42.92 49.09
C HIS H 267 36.22 -43.22 49.48
N LYS H 268 36.49 -43.33 50.79
CA LYS H 268 37.84 -43.65 51.24
C LYS H 268 38.30 -45.01 50.76
N MET H 269 37.45 -46.03 50.91
CA MET H 269 37.82 -47.35 50.41
C MET H 269 37.40 -47.59 48.97
N ARG H 270 36.77 -46.61 48.32
CA ARG H 270 36.35 -46.70 46.92
C ARG H 270 35.42 -47.89 46.71
N ARG H 271 34.32 -47.90 47.44
CA ARG H 271 33.31 -48.95 47.34
C ARG H 271 31.94 -48.34 47.08
N PRO H 272 31.10 -49.00 46.28
CA PRO H 272 29.76 -48.48 46.02
C PRO H 272 28.89 -48.54 47.25
N LEU H 273 27.92 -47.63 47.30
CA LEU H 273 26.97 -47.56 48.42
C LEU H 273 25.65 -47.00 47.91
N VAL H 274 24.59 -47.29 48.66
CA VAL H 274 23.25 -46.81 48.34
C VAL H 274 22.67 -46.12 49.56
N ILE H 275 21.65 -45.30 49.32
CA ILE H 275 20.97 -44.54 50.36
C ILE H 275 19.47 -44.79 50.23
N ILE H 276 18.83 -45.16 51.34
CA ILE H 276 17.40 -45.39 51.39
C ILE H 276 16.81 -44.33 52.31
N ALA H 277 16.22 -43.29 51.73
CA ALA H 277 15.65 -42.19 52.48
C ALA H 277 14.22 -41.92 52.01
N GLU H 278 13.34 -41.63 52.97
CA GLU H 278 11.95 -41.34 52.62
C GLU H 278 11.85 -40.08 51.75
N ASP H 279 12.60 -39.03 52.11
CA ASP H 279 12.59 -37.80 51.35
C ASP H 279 13.90 -37.07 51.60
N ILE H 280 14.75 -37.00 50.58
CA ILE H 280 16.04 -36.33 50.67
C ILE H 280 16.17 -35.34 49.52
N ASP H 281 16.60 -34.12 49.83
CA ASP H 281 16.78 -33.07 48.83
C ASP H 281 18.18 -33.04 48.23
N GLY H 282 19.07 -33.92 48.68
CA GLY H 282 20.41 -33.96 48.14
C GLY H 282 21.32 -32.84 48.58
N GLU H 283 21.14 -32.32 49.80
CA GLU H 283 22.03 -31.27 50.28
C GLU H 283 23.46 -31.79 50.44
N ALA H 284 23.60 -33.02 50.95
CA ALA H 284 24.94 -33.61 51.07
C ALA H 284 25.57 -33.82 49.70
N LEU H 285 24.76 -34.27 48.72
CA LEU H 285 25.28 -34.43 47.36
C LEU H 285 25.74 -33.11 46.78
N ALA H 286 24.96 -32.04 46.98
CA ALA H 286 25.35 -30.74 46.47
C ALA H 286 26.62 -30.23 47.15
N VAL H 287 26.73 -30.43 48.46
CA VAL H 287 27.93 -30.01 49.18
C VAL H 287 29.15 -30.77 48.66
N CYS H 288 29.01 -32.08 48.48
CA CYS H 288 30.13 -32.87 47.96
C CYS H 288 30.52 -32.43 46.55
N ILE H 289 29.52 -32.15 45.71
CA ILE H 289 29.80 -31.74 44.33
C ILE H 289 30.52 -30.40 44.31
N LEU H 290 30.06 -29.44 45.12
CA LEU H 290 30.71 -28.13 45.14
C LEU H 290 32.11 -28.20 45.74
N ASN H 291 32.32 -29.09 46.72
CA ASN H 291 33.67 -29.32 47.22
C ASN H 291 34.56 -29.92 46.14
N LYS H 292 34.02 -30.87 45.38
CA LYS H 292 34.71 -31.45 44.24
C LYS H 292 33.67 -32.07 43.33
N LEU H 293 33.60 -31.60 42.08
CA LEU H 293 32.64 -32.07 41.08
C LEU H 293 32.67 -33.59 40.91
N ARG H 294 31.64 -34.12 40.25
CA ARG H 294 31.42 -35.56 40.16
C ARG H 294 32.68 -36.29 39.71
N GLY H 295 32.89 -37.47 40.28
CA GLY H 295 34.07 -38.26 39.99
C GLY H 295 34.76 -38.76 41.24
N GLN H 296 34.09 -38.63 42.39
CA GLN H 296 34.64 -39.06 43.66
C GLN H 296 33.75 -40.03 44.43
N LEU H 297 32.47 -40.12 44.13
CA LEU H 297 31.57 -41.02 44.83
C LEU H 297 30.40 -41.36 43.94
N GLU H 298 29.72 -42.46 44.29
CA GLU H 298 28.55 -42.94 43.54
C GLU H 298 27.33 -42.79 44.44
N VAL H 299 26.50 -41.79 44.13
CA VAL H 299 25.29 -41.53 44.90
C VAL H 299 24.15 -42.37 44.36
N ALA H 300 23.49 -43.11 45.25
CA ALA H 300 22.36 -43.97 44.89
C ALA H 300 21.28 -43.78 45.95
N ALA H 301 20.28 -42.95 45.66
CA ALA H 301 19.18 -42.68 46.58
C ALA H 301 17.91 -43.28 46.02
N VAL H 302 17.25 -44.12 46.82
CA VAL H 302 16.00 -44.77 46.45
C VAL H 302 15.00 -44.57 47.57
N LYS H 303 13.81 -44.08 47.23
CA LYS H 303 12.78 -43.85 48.22
C LYS H 303 12.29 -45.17 48.82
N ALA H 304 12.03 -45.15 50.12
CA ALA H 304 11.54 -46.33 50.80
C ALA H 304 10.11 -46.66 50.34
N PRO H 305 9.76 -47.94 50.27
CA PRO H 305 8.41 -48.32 49.84
C PRO H 305 7.38 -48.04 50.91
N GLY H 306 6.12 -48.31 50.55
CA GLY H 306 5.01 -48.18 51.48
C GLY H 306 4.75 -49.49 52.20
N PHE H 307 3.47 -49.72 52.53
CA PHE H 307 3.02 -50.95 53.18
C PHE H 307 3.76 -51.17 54.51
N GLY H 308 3.47 -50.27 55.45
CA GLY H 308 4.19 -50.19 56.72
C GLY H 308 4.61 -51.49 57.37
N ASP H 309 3.65 -52.34 57.73
CA ASP H 309 4.00 -53.64 58.30
C ASP H 309 4.74 -54.50 57.27
N ASN H 310 4.27 -54.50 56.02
CA ASN H 310 4.98 -55.20 54.97
C ASN H 310 6.33 -54.55 54.68
N ARG H 311 6.44 -53.24 54.91
CA ARG H 311 7.74 -52.58 54.79
C ARG H 311 8.71 -53.10 55.85
N LYS H 312 8.25 -53.25 57.09
CA LYS H 312 9.09 -53.85 58.13
C LYS H 312 9.47 -55.27 57.77
N SER H 313 8.52 -56.05 57.24
CA SER H 313 8.81 -57.42 56.85
C SER H 313 9.85 -57.47 55.74
N ILE H 314 9.73 -56.60 54.74
CA ILE H 314 10.67 -56.60 53.62
C ILE H 314 12.04 -56.10 54.09
N LEU H 315 12.08 -55.16 55.03
CA LEU H 315 13.36 -54.73 55.59
C LEU H 315 14.03 -55.86 56.34
N GLY H 316 13.27 -56.61 57.14
CA GLY H 316 13.83 -57.78 57.80
C GLY H 316 14.32 -58.80 56.80
N ASP H 317 13.59 -59.00 55.71
CA ASP H 317 13.99 -59.98 54.70
C ASP H 317 15.29 -59.56 54.00
N ILE H 318 15.41 -58.30 53.60
CA ILE H 318 16.63 -57.87 52.93
C ILE H 318 17.80 -57.88 53.90
N ALA H 319 17.57 -57.54 55.17
CA ALA H 319 18.63 -57.64 56.16
C ALA H 319 19.08 -59.09 56.32
N VAL H 320 18.12 -60.02 56.39
CA VAL H 320 18.46 -61.43 56.53
C VAL H 320 19.27 -61.90 55.33
N LEU H 321 18.88 -61.49 54.13
CA LEU H 321 19.59 -61.90 52.93
C LEU H 321 21.00 -61.32 52.89
N THR H 322 21.13 -60.02 53.15
CA THR H 322 22.42 -59.33 52.99
C THR H 322 22.93 -58.71 54.28
N ASN H 323 22.13 -57.90 54.96
CA ASN H 323 22.67 -57.03 56.00
C ASN H 323 22.68 -57.70 57.38
N GLY H 324 21.50 -58.06 57.88
CA GLY H 324 21.35 -58.57 59.22
C GLY H 324 21.10 -57.51 60.28
N THR H 325 21.14 -56.23 59.92
CA THR H 325 20.90 -55.14 60.85
C THR H 325 20.22 -54.00 60.13
N VAL H 326 19.16 -53.46 60.72
CA VAL H 326 18.43 -52.33 60.16
C VAL H 326 18.61 -51.13 61.08
N PHE H 327 18.27 -49.96 60.56
CA PHE H 327 18.40 -48.70 61.29
C PHE H 327 17.01 -48.16 61.60
N THR H 328 16.74 -47.93 62.89
CA THR H 328 15.47 -47.39 63.34
C THR H 328 15.63 -46.88 64.75
N ASN H 329 15.21 -45.63 64.98
CA ASN H 329 15.33 -45.05 66.33
C ASN H 329 14.46 -45.79 67.33
N GLU H 330 13.30 -46.30 66.90
CA GLU H 330 12.46 -47.08 67.80
C GLU H 330 13.17 -48.36 68.24
N LEU H 331 13.88 -49.01 67.34
CA LEU H 331 14.67 -50.18 67.68
C LEU H 331 15.90 -49.77 68.49
N ASP H 332 16.45 -50.72 69.23
CA ASP H 332 17.57 -50.45 70.12
C ASP H 332 18.84 -50.03 69.39
N VAL H 333 18.91 -50.22 68.07
CA VAL H 333 20.09 -49.82 67.31
C VAL H 333 20.19 -48.30 67.30
N LYS H 334 21.39 -47.79 67.60
CA LYS H 334 21.61 -46.36 67.64
C LYS H 334 21.63 -45.79 66.23
N LEU H 335 21.09 -44.59 66.06
CA LEU H 335 21.00 -43.99 64.72
C LEU H 335 22.35 -43.50 64.23
N GLU H 336 23.27 -43.14 65.14
CA GLU H 336 24.57 -42.63 64.78
C GLU H 336 25.66 -43.69 64.79
N LYS H 337 25.32 -44.94 64.44
CA LYS H 337 26.27 -46.04 64.40
C LYS H 337 26.66 -46.40 62.97
N VAL H 338 26.83 -45.40 62.11
CA VAL H 338 27.13 -45.64 60.71
C VAL H 338 28.60 -46.02 60.53
N THR H 339 28.89 -47.31 60.61
CA THR H 339 30.20 -47.88 60.39
C THR H 339 30.11 -49.04 59.42
N PRO H 340 31.18 -49.33 58.68
CA PRO H 340 31.14 -50.46 57.75
C PRO H 340 31.13 -51.83 58.42
N ASP H 341 31.02 -51.90 59.74
CA ASP H 341 31.06 -53.19 60.43
C ASP H 341 29.81 -54.01 60.13
N MET H 342 28.63 -53.42 60.24
CA MET H 342 27.38 -54.13 60.05
C MET H 342 26.70 -53.80 58.73
N LEU H 343 27.35 -53.02 57.87
CA LEU H 343 26.77 -52.69 56.58
C LEU H 343 26.64 -53.94 55.72
N GLY H 344 25.49 -54.06 55.04
CA GLY H 344 25.25 -55.23 54.22
C GLY H 344 26.01 -55.19 52.91
N SER H 345 26.09 -56.37 52.27
CA SER H 345 26.79 -56.51 51.02
C SER H 345 26.12 -57.59 50.19
N THR H 346 26.39 -57.56 48.88
CA THR H 346 25.85 -58.54 47.96
C THR H 346 26.84 -58.77 46.83
N GLY H 347 26.66 -59.88 46.11
CA GLY H 347 27.54 -60.18 45.00
C GLY H 347 27.46 -59.15 43.89
N SER H 348 26.24 -58.75 43.52
CA SER H 348 26.05 -57.74 42.50
C SER H 348 24.64 -57.17 42.64
N ILE H 349 24.50 -55.90 42.28
CA ILE H 349 23.22 -55.20 42.34
C ILE H 349 22.98 -54.48 41.02
N THR H 350 21.71 -54.21 40.73
CA THR H 350 21.33 -53.49 39.52
C THR H 350 20.11 -52.64 39.85
N ILE H 351 20.30 -51.33 39.91
CA ILE H 351 19.23 -50.39 40.21
C ILE H 351 19.10 -49.42 39.04
N THR H 352 17.89 -49.31 38.49
CA THR H 352 17.64 -48.38 37.39
C THR H 352 16.48 -47.45 37.74
N LYS H 353 16.01 -46.68 36.76
CA LYS H 353 15.07 -45.60 37.03
C LYS H 353 13.67 -46.08 37.38
N GLU H 354 13.36 -47.36 37.17
CA GLU H 354 12.03 -47.87 37.47
C GLU H 354 11.99 -49.01 38.48
N ASP H 355 13.05 -49.81 38.60
CA ASP H 355 13.05 -50.91 39.56
C ASP H 355 14.48 -51.21 39.98
N THR H 356 14.60 -51.95 41.09
CA THR H 356 15.88 -52.36 41.63
C THR H 356 16.01 -53.87 41.55
N ILE H 357 17.21 -54.35 41.22
CA ILE H 357 17.50 -55.77 41.13
C ILE H 357 18.58 -56.09 42.14
N ILE H 358 18.28 -57.01 43.06
CA ILE H 358 19.23 -57.46 44.06
C ILE H 358 19.44 -58.96 43.88
N LEU H 359 20.69 -59.38 44.00
CA LEU H 359 21.03 -60.78 43.76
C LEU H 359 22.33 -61.11 44.51
N ASN H 360 22.51 -62.41 44.77
CA ASN H 360 23.68 -62.94 45.47
C ASN H 360 23.81 -62.33 46.88
N GLY H 361 22.82 -62.65 47.69
CA GLY H 361 22.85 -62.22 49.08
C GLY H 361 24.05 -62.81 49.81
N ASP H 362 24.68 -61.99 50.64
CA ASP H 362 25.89 -62.39 51.35
C ASP H 362 25.64 -62.91 52.76
N GLY H 363 24.37 -63.03 53.17
CA GLY H 363 24.08 -63.52 54.50
C GLY H 363 24.36 -65.01 54.65
N SER H 364 24.45 -65.43 55.91
CA SER H 364 24.72 -66.83 56.21
C SER H 364 23.51 -67.68 55.81
N LYS H 365 23.79 -68.77 55.07
CA LYS H 365 22.70 -69.61 54.59
C LYS H 365 22.09 -70.45 55.70
N ASP H 366 22.87 -70.77 56.73
CA ASP H 366 22.34 -71.58 57.83
C ASP H 366 21.23 -70.83 58.58
N ALA H 367 21.49 -69.58 58.93
CA ALA H 367 20.45 -68.78 59.61
C ALA H 367 19.27 -68.51 58.69
N ILE H 368 19.52 -68.35 57.39
CA ILE H 368 18.43 -68.16 56.44
C ILE H 368 17.53 -69.39 56.42
N ALA H 369 18.13 -70.58 56.39
CA ALA H 369 17.34 -71.81 56.42
C ALA H 369 16.60 -71.97 57.74
N GLN H 370 17.25 -71.59 58.85
CA GLN H 370 16.58 -71.68 60.15
C GLN H 370 15.36 -70.78 60.19
N ARG H 371 15.49 -69.54 59.71
CA ARG H 371 14.34 -68.63 59.69
C ARG H 371 13.27 -69.11 58.71
N CYS H 372 13.67 -69.70 57.58
CA CYS H 372 12.70 -70.24 56.64
C CYS H 372 11.90 -71.37 57.28
N GLU H 373 12.58 -72.27 58.00
CA GLU H 373 11.86 -73.36 58.66
C GLU H 373 10.99 -72.83 59.81
N GLN H 374 11.43 -71.76 60.48
CA GLN H 374 10.58 -71.14 61.49
C GLN H 374 9.31 -70.58 60.87
N ILE H 375 9.44 -69.93 59.71
CA ILE H 375 8.26 -69.42 59.01
C ILE H 375 7.36 -70.57 58.57
N ARG H 376 7.95 -71.65 58.08
CA ARG H 376 7.16 -72.82 57.66
C ARG H 376 6.38 -73.40 58.83
N GLY H 377 7.03 -73.50 60.00
CA GLY H 377 6.31 -73.93 61.19
C GLY H 377 5.23 -72.96 61.62
N ALA H 378 5.47 -71.66 61.43
CA ALA H 378 4.44 -70.67 61.72
C ALA H 378 3.24 -70.81 60.77
N MET H 379 3.46 -71.33 59.56
CA MET H 379 2.36 -71.57 58.63
C MET H 379 1.38 -72.61 59.15
N ASN H 380 1.77 -73.42 60.13
CA ASN H 380 0.91 -74.48 60.63
C ASN H 380 -0.10 -73.99 61.66
N ASP H 381 0.03 -72.76 62.14
CA ASP H 381 -0.91 -72.23 63.14
C ASP H 381 -2.18 -71.73 62.45
N PRO H 382 -3.35 -72.30 62.76
CA PRO H 382 -4.59 -71.81 62.15
C PRO H 382 -4.97 -70.41 62.60
N SER H 383 -4.41 -69.92 63.70
CA SER H 383 -4.77 -68.62 64.26
C SER H 383 -3.96 -67.47 63.68
N THR H 384 -3.08 -67.74 62.72
CA THR H 384 -2.29 -66.67 62.10
C THR H 384 -3.19 -65.70 61.35
N SER H 385 -2.82 -64.42 61.39
CA SER H 385 -3.60 -63.40 60.70
C SER H 385 -3.59 -63.63 59.20
N GLU H 386 -4.73 -63.35 58.55
CA GLU H 386 -4.85 -63.59 57.12
C GLU H 386 -3.91 -62.69 56.32
N TYR H 387 -3.83 -61.41 56.69
CA TYR H 387 -2.94 -60.50 55.98
C TYR H 387 -1.49 -60.91 56.14
N GLU H 388 -1.09 -61.25 57.37
CA GLU H 388 0.27 -61.73 57.60
C GLU H 388 0.53 -63.03 56.86
N LYS H 389 -0.47 -63.92 56.83
CA LYS H 389 -0.31 -65.19 56.13
C LYS H 389 -0.07 -64.99 54.65
N GLU H 390 -0.87 -64.12 54.01
CA GLU H 390 -0.70 -63.89 52.58
C GLU H 390 0.59 -63.12 52.28
N LYS H 391 0.96 -62.18 53.15
CA LYS H 391 2.23 -61.47 52.95
C LYS H 391 3.42 -62.43 53.03
N LEU H 392 3.41 -63.32 54.02
CA LEU H 392 4.50 -64.29 54.12
C LEU H 392 4.45 -65.32 52.98
N GLN H 393 3.25 -65.66 52.51
CA GLN H 393 3.14 -66.57 51.38
C GLN H 393 3.72 -65.97 50.11
N GLU H 394 3.41 -64.70 49.82
CA GLU H 394 4.00 -64.06 48.65
C GLU H 394 5.49 -63.84 48.85
N ARG H 395 5.93 -63.61 50.09
CA ARG H 395 7.37 -63.56 50.37
C ARG H 395 8.04 -64.89 50.01
N LEU H 396 7.41 -66.00 50.41
CA LEU H 396 7.93 -67.32 50.06
C LEU H 396 7.96 -67.49 48.54
N ALA H 397 6.90 -67.07 47.86
CA ALA H 397 6.82 -67.23 46.41
C ALA H 397 7.93 -66.44 45.70
N LYS H 398 8.20 -65.22 46.17
CA LYS H 398 9.19 -64.37 45.51
C LYS H 398 10.60 -64.57 46.05
N LEU H 399 10.79 -65.38 47.09
CA LEU H 399 12.11 -65.63 47.64
C LEU H 399 12.63 -67.03 47.34
N SER H 400 11.79 -68.06 47.48
CA SER H 400 12.24 -69.43 47.26
C SER H 400 12.65 -69.65 45.80
N GLY H 401 11.90 -69.09 44.87
CA GLY H 401 12.18 -69.27 43.45
C GLY H 401 13.52 -68.74 43.01
N GLY H 402 13.89 -67.57 43.50
CA GLY H 402 15.16 -66.96 43.14
C GLY H 402 15.03 -66.08 41.92
N VAL H 403 16.01 -65.18 41.76
CA VAL H 403 16.02 -64.25 40.63
C VAL H 403 16.71 -64.92 39.45
N ALA H 404 16.01 -65.00 38.33
CA ALA H 404 16.57 -65.59 37.12
C ALA H 404 17.47 -64.56 36.44
N VAL H 405 18.77 -64.83 36.42
CA VAL H 405 19.76 -63.92 35.85
C VAL H 405 20.43 -64.62 34.67
N ILE H 406 20.56 -63.90 33.57
CA ILE H 406 21.22 -64.39 32.37
C ILE H 406 22.40 -63.48 32.05
N LYS H 407 23.58 -64.07 31.88
CA LYS H 407 24.77 -63.32 31.52
C LYS H 407 24.86 -63.28 30.00
N VAL H 408 24.54 -62.10 29.43
CA VAL H 408 24.57 -61.96 27.99
C VAL H 408 26.01 -62.04 27.48
N GLY H 409 26.17 -62.39 26.21
CA GLY H 409 27.47 -62.51 25.59
C GLY H 409 27.67 -61.50 24.48
N GLY H 410 28.84 -61.58 23.86
CA GLY H 410 29.18 -60.69 22.77
C GLY H 410 30.67 -60.54 22.64
N SER H 411 31.07 -59.90 21.55
CA SER H 411 32.48 -59.65 21.25
C SER H 411 32.93 -58.24 21.64
N SER H 412 32.30 -57.21 21.07
CA SER H 412 32.66 -55.83 21.35
C SER H 412 31.61 -55.18 22.24
N GLU H 413 31.90 -53.94 22.65
CA GLU H 413 30.96 -53.21 23.50
C GLU H 413 29.65 -52.93 22.76
N VAL H 414 29.73 -52.49 21.50
CA VAL H 414 28.53 -52.23 20.73
C VAL H 414 27.77 -53.54 20.45
N GLU H 415 28.51 -54.62 20.19
CA GLU H 415 27.87 -55.91 19.94
C GLU H 415 27.14 -56.41 21.18
N VAL H 416 27.79 -56.35 22.35
CA VAL H 416 27.13 -56.79 23.57
C VAL H 416 25.96 -55.87 23.91
N GLY H 417 26.08 -54.58 23.61
CA GLY H 417 24.96 -53.68 23.84
C GLY H 417 23.75 -53.99 22.99
N GLU H 418 23.97 -54.20 21.69
CA GLU H 418 22.84 -54.53 20.82
C GLU H 418 22.25 -55.89 21.18
N LYS H 419 23.10 -56.83 21.61
CA LYS H 419 22.59 -58.12 22.08
C LYS H 419 21.73 -57.93 23.33
N LYS H 420 22.16 -57.06 24.25
CA LYS H 420 21.38 -56.81 25.46
C LYS H 420 20.02 -56.20 25.14
N ASP H 421 19.98 -55.21 24.25
CA ASP H 421 18.70 -54.63 23.86
C ASP H 421 17.81 -55.64 23.16
N ARG H 422 18.38 -56.44 22.25
CA ARG H 422 17.59 -57.47 21.58
C ARG H 422 17.00 -58.45 22.59
N PHE H 423 17.82 -58.87 23.55
CA PHE H 423 17.35 -59.77 24.59
C PHE H 423 16.25 -59.14 25.42
N VAL H 424 16.38 -57.84 25.74
CA VAL H 424 15.40 -57.23 26.62
C VAL H 424 14.05 -57.11 25.92
N ASP H 425 14.03 -56.76 24.62
CA ASP H 425 12.73 -56.69 23.96
C ASP H 425 12.15 -58.10 23.78
N ALA H 426 13.00 -59.09 23.48
CA ALA H 426 12.51 -60.45 23.32
C ALA H 426 11.89 -60.96 24.62
N LEU H 427 12.55 -60.74 25.75
CA LEU H 427 12.02 -61.19 27.03
C LEU H 427 10.77 -60.40 27.42
N ASN H 428 10.72 -59.10 27.11
CA ASN H 428 9.52 -58.34 27.41
C ASN H 428 8.32 -58.87 26.63
N ALA H 429 8.52 -59.15 25.34
CA ALA H 429 7.44 -59.73 24.54
C ALA H 429 7.05 -61.11 25.06
N THR H 430 8.03 -61.91 25.46
CA THR H 430 7.73 -63.25 25.98
C THR H 430 6.92 -63.16 27.27
N ARG H 431 7.29 -62.25 28.18
CA ARG H 431 6.52 -62.08 29.41
C ARG H 431 5.11 -61.63 29.12
N ALA H 432 4.94 -60.67 28.21
CA ALA H 432 3.59 -60.25 27.85
C ALA H 432 2.78 -61.43 27.30
N ALA H 433 3.38 -62.21 26.41
CA ALA H 433 2.67 -63.34 25.81
C ALA H 433 2.28 -64.38 26.85
N VAL H 434 3.18 -64.71 27.77
CA VAL H 434 2.85 -65.74 28.76
C VAL H 434 1.81 -65.23 29.75
N GLU H 435 1.89 -63.96 30.15
CA GLU H 435 0.96 -63.48 31.16
C GLU H 435 -0.43 -63.24 30.59
N GLU H 436 -0.52 -62.93 29.28
CA GLU H 436 -1.82 -62.70 28.66
C GLU H 436 -2.18 -63.73 27.61
N GLY H 437 -1.34 -63.90 26.59
CA GLY H 437 -1.67 -64.78 25.49
C GLY H 437 -1.40 -64.12 24.14
N ILE H 438 -1.21 -64.93 23.11
CA ILE H 438 -0.87 -64.42 21.78
C ILE H 438 -2.10 -64.46 20.89
N LEU H 439 -2.10 -63.59 19.88
CA LEU H 439 -3.15 -63.50 18.88
C LEU H 439 -2.52 -63.28 17.52
N PRO H 440 -3.22 -63.68 16.44
CA PRO H 440 -2.68 -63.44 15.09
C PRO H 440 -2.46 -61.96 14.82
N GLY H 441 -1.22 -61.58 14.52
CA GLY H 441 -0.86 -60.20 14.30
C GLY H 441 -1.27 -59.70 12.94
N GLY H 442 -0.90 -58.45 12.66
CA GLY H 442 -1.24 -57.83 11.41
C GLY H 442 -2.65 -57.30 11.32
N GLY H 443 -3.36 -57.22 12.45
CA GLY H 443 -4.72 -56.73 12.46
C GLY H 443 -5.77 -57.76 12.12
N THR H 444 -5.38 -59.00 11.84
CA THR H 444 -6.36 -60.04 11.53
C THR H 444 -7.30 -60.30 12.69
N ALA H 445 -6.76 -60.34 13.91
CA ALA H 445 -7.59 -60.59 15.08
C ALA H 445 -8.62 -59.49 15.26
N LEU H 446 -8.24 -58.24 15.01
CA LEU H 446 -9.19 -57.14 15.11
C LEU H 446 -10.32 -57.29 14.10
N ILE H 447 -10.00 -57.68 12.86
CA ILE H 447 -11.03 -57.88 11.85
C ILE H 447 -11.98 -59.00 12.27
N LYS H 448 -11.42 -60.12 12.73
CA LYS H 448 -12.26 -61.24 13.13
C LYS H 448 -13.16 -60.85 14.31
N ALA H 449 -12.62 -60.11 15.28
CA ALA H 449 -13.44 -59.66 16.40
C ALA H 449 -14.54 -58.73 15.96
N SER H 450 -14.21 -57.75 15.10
CA SER H 450 -15.22 -56.81 14.63
C SER H 450 -16.29 -57.49 13.78
N VAL H 451 -15.97 -58.61 13.16
CA VAL H 451 -16.97 -59.28 12.33
C VAL H 451 -17.83 -60.26 13.15
N ASN H 452 -17.22 -61.03 14.05
CA ASN H 452 -17.92 -62.07 14.79
C ASN H 452 -18.37 -61.64 16.18
N ALA H 453 -18.16 -60.39 16.56
CA ALA H 453 -18.48 -59.95 17.92
C ALA H 453 -19.60 -58.94 17.98
N LEU H 454 -19.49 -57.84 17.24
CA LEU H 454 -20.45 -56.74 17.33
C LEU H 454 -21.79 -57.06 16.68
N ASN H 455 -21.88 -58.15 15.92
CA ASN H 455 -23.15 -58.50 15.30
C ASN H 455 -24.18 -59.00 16.31
N ASN H 456 -23.73 -59.43 17.50
CA ASN H 456 -24.64 -59.94 18.51
C ASN H 456 -25.21 -58.85 19.40
N LEU H 457 -24.49 -57.73 19.57
CA LEU H 457 -24.96 -56.67 20.45
C LEU H 457 -26.25 -56.05 19.91
N LYS H 458 -27.16 -55.76 20.84
CA LYS H 458 -28.47 -55.18 20.50
C LYS H 458 -28.69 -53.96 21.37
N PRO H 459 -28.13 -52.81 20.97
CA PRO H 459 -28.33 -51.59 21.76
C PRO H 459 -29.79 -51.18 21.80
N ALA H 460 -30.17 -50.53 22.91
CA ALA H 460 -31.56 -50.15 23.11
C ALA H 460 -31.94 -48.96 22.24
N ASN H 461 -31.27 -47.82 22.45
CA ASN H 461 -31.59 -46.62 21.71
C ASN H 461 -30.86 -46.61 20.37
N PHE H 462 -30.87 -45.45 19.70
CA PHE H 462 -30.34 -45.34 18.35
C PHE H 462 -28.87 -44.88 18.33
N ASP H 463 -28.53 -43.92 19.18
CA ASP H 463 -27.16 -43.41 19.21
C ASP H 463 -26.18 -44.47 19.68
N GLN H 464 -26.62 -45.39 20.55
CA GLN H 464 -25.76 -46.51 20.91
C GLN H 464 -25.45 -47.39 19.71
N GLN H 465 -26.46 -47.64 18.86
CA GLN H 465 -26.22 -48.37 17.62
C GLN H 465 -25.27 -47.61 16.72
N LEU H 466 -25.41 -46.28 16.66
CA LEU H 466 -24.49 -45.48 15.86
C LEU H 466 -23.07 -45.61 16.38
N GLY H 467 -22.89 -45.59 17.70
CA GLY H 467 -21.55 -45.76 18.27
C GLY H 467 -20.98 -47.14 18.02
N VAL H 468 -21.83 -48.17 18.06
CA VAL H 468 -21.38 -49.52 17.74
C VAL H 468 -20.90 -49.59 16.30
N ASN H 469 -21.67 -49.00 15.38
CA ASN H 469 -21.24 -48.94 13.98
C ASN H 469 -19.94 -48.16 13.84
N ILE H 470 -19.78 -47.08 14.62
CA ILE H 470 -18.56 -46.30 14.59
C ILE H 470 -17.36 -47.15 14.98
N ILE H 471 -17.49 -47.91 16.07
CA ILE H 471 -16.37 -48.73 16.51
C ILE H 471 -16.12 -49.86 15.51
N LYS H 472 -17.16 -50.39 14.88
CA LYS H 472 -16.98 -51.43 13.88
C LYS H 472 -16.22 -50.90 12.67
N ASN H 473 -16.52 -49.68 12.25
CA ASN H 473 -15.80 -49.09 11.12
C ASN H 473 -14.38 -48.69 11.52
N ALA H 474 -14.16 -48.32 12.78
CA ALA H 474 -12.85 -47.83 13.20
C ALA H 474 -11.88 -48.95 13.57
N ILE H 475 -12.39 -50.14 13.92
CA ILE H 475 -11.50 -51.24 14.31
C ILE H 475 -10.63 -51.67 13.14
N THR H 476 -11.16 -51.64 11.92
CA THR H 476 -10.44 -52.12 10.75
C THR H 476 -9.37 -51.15 10.26
N ARG H 477 -9.22 -49.98 10.87
CA ARG H 477 -8.26 -49.00 10.37
C ARG H 477 -6.81 -49.49 10.45
N PRO H 478 -6.32 -50.07 11.55
CA PRO H 478 -4.92 -50.55 11.54
C PRO H 478 -4.62 -51.57 10.45
N ALA H 479 -5.56 -52.49 10.20
CA ALA H 479 -5.34 -53.47 9.13
C ALA H 479 -5.29 -52.79 7.77
N ARG H 480 -6.17 -51.80 7.56
CA ARG H 480 -6.15 -51.06 6.30
C ARG H 480 -4.82 -50.34 6.11
N MET H 481 -4.31 -49.71 7.17
CA MET H 481 -3.02 -49.03 7.07
C MET H 481 -1.89 -50.02 6.79
N ILE H 482 -1.92 -51.18 7.46
CA ILE H 482 -0.88 -52.18 7.26
C ILE H 482 -0.88 -52.66 5.81
N VAL H 483 -2.06 -52.93 5.27
CA VAL H 483 -2.14 -53.42 3.89
C VAL H 483 -1.74 -52.33 2.91
N GLU H 484 -2.16 -51.08 3.16
CA GLU H 484 -1.86 -50.01 2.22
C GLU H 484 -0.38 -49.62 2.26
N ASN H 485 0.30 -49.87 3.39
CA ASN H 485 1.72 -49.55 3.48
C ASN H 485 2.53 -50.37 2.48
N ALA H 486 2.20 -51.65 2.33
CA ALA H 486 2.91 -52.49 1.37
C ALA H 486 2.66 -52.02 -0.05
N GLY H 487 1.42 -51.65 -0.37
CA GLY H 487 1.10 -51.17 -1.70
C GLY H 487 -0.22 -51.71 -2.23
N LEU H 488 -0.60 -52.91 -1.80
CA LEU H 488 -1.84 -53.50 -2.26
C LEU H 488 -3.04 -52.74 -1.69
N GLU H 489 -4.16 -52.83 -2.40
CA GLU H 489 -5.38 -52.14 -1.98
C GLU H 489 -5.92 -52.78 -0.71
N GLY H 490 -6.23 -51.94 0.29
CA GLY H 490 -6.69 -52.47 1.55
C GLY H 490 -8.14 -52.94 1.53
N SER H 491 -8.96 -52.32 0.68
CA SER H 491 -10.40 -52.65 0.67
C SER H 491 -10.62 -54.10 0.26
N VAL H 492 -9.98 -54.53 -0.82
CA VAL H 492 -10.19 -55.90 -1.29
C VAL H 492 -9.65 -56.91 -0.28
N VAL H 493 -8.49 -56.62 0.33
CA VAL H 493 -7.91 -57.53 1.31
C VAL H 493 -8.83 -57.65 2.52
N ILE H 494 -9.35 -56.52 3.02
CA ILE H 494 -10.24 -56.55 4.17
C ILE H 494 -11.52 -57.29 3.82
N GLY H 495 -12.05 -57.09 2.62
CA GLY H 495 -13.24 -57.81 2.21
C GLY H 495 -13.03 -59.30 2.14
N LYS H 496 -11.87 -59.73 1.62
CA LYS H 496 -11.57 -61.15 1.56
C LYS H 496 -11.38 -61.74 2.96
N ILE H 497 -10.73 -61.00 3.86
CA ILE H 497 -10.49 -61.52 5.21
C ILE H 497 -11.80 -61.63 5.98
N SER H 498 -12.63 -60.58 5.92
CA SER H 498 -13.81 -60.52 6.77
C SER H 498 -14.89 -61.48 6.31
N ASP H 499 -15.04 -61.65 4.99
CA ASP H 499 -16.14 -62.44 4.45
C ASP H 499 -15.73 -63.87 4.09
N GLU H 500 -14.71 -64.03 3.25
CA GLU H 500 -14.33 -65.37 2.78
C GLU H 500 -13.78 -66.22 3.93
N TYR H 501 -13.02 -65.63 4.83
CA TYR H 501 -12.36 -66.35 5.91
C TYR H 501 -12.89 -65.92 7.28
N ALA H 502 -14.20 -65.71 7.37
CA ALA H 502 -14.79 -65.32 8.65
C ALA H 502 -14.67 -66.43 9.69
N ALA H 503 -14.88 -67.68 9.28
CA ALA H 503 -14.85 -68.80 10.23
C ALA H 503 -13.45 -69.01 10.77
N ASP H 504 -12.43 -68.92 9.92
CA ASP H 504 -11.05 -69.18 10.33
C ASP H 504 -10.48 -67.94 10.97
N PHE H 505 -10.29 -67.98 12.29
CA PHE H 505 -9.72 -66.83 13.00
C PHE H 505 -8.28 -66.58 12.58
N ASN H 506 -7.48 -67.64 12.42
CA ASN H 506 -6.06 -67.48 12.11
C ASN H 506 -5.83 -67.04 10.67
N LYS H 507 -6.80 -67.22 9.79
CA LYS H 507 -6.61 -66.84 8.39
C LYS H 507 -6.65 -65.33 8.25
N GLY H 508 -5.68 -64.78 7.55
CA GLY H 508 -5.61 -63.35 7.32
C GLY H 508 -4.76 -63.06 6.10
N PHE H 509 -4.10 -61.91 6.12
CA PHE H 509 -3.23 -61.47 5.03
C PHE H 509 -1.81 -61.30 5.55
N ASN H 510 -0.85 -61.91 4.85
CA ASN H 510 0.56 -61.77 5.18
C ASN H 510 1.14 -60.69 4.28
N SER H 511 1.35 -59.50 4.84
CA SER H 511 1.87 -58.39 4.05
C SER H 511 3.30 -58.60 3.60
N ALA H 512 4.04 -59.49 4.24
CA ALA H 512 5.43 -59.73 3.86
C ALA H 512 5.52 -60.33 2.46
N THR H 513 4.64 -61.28 2.14
CA THR H 513 4.67 -61.95 0.85
C THR H 513 3.42 -61.72 0.00
N GLY H 514 2.31 -61.32 0.61
CA GLY H 514 1.09 -61.09 -0.13
C GLY H 514 0.19 -62.29 -0.30
N GLU H 515 0.41 -63.37 0.45
CA GLU H 515 -0.40 -64.57 0.37
C GLU H 515 -1.20 -64.73 1.65
N TYR H 516 -2.44 -65.19 1.52
CA TYR H 516 -3.33 -65.38 2.66
C TYR H 516 -2.93 -66.65 3.38
N VAL H 517 -2.09 -66.51 4.42
CA VAL H 517 -1.62 -67.63 5.21
C VAL H 517 -1.88 -67.35 6.68
N ASP H 518 -1.87 -68.41 7.48
CA ASP H 518 -2.11 -68.29 8.90
C ASP H 518 -0.88 -67.71 9.59
N MET H 519 -1.09 -66.70 10.44
CA MET H 519 0.02 -66.11 11.18
C MET H 519 0.61 -67.05 12.21
N ILE H 520 -0.16 -68.03 12.69
CA ILE H 520 0.36 -68.98 13.66
C ILE H 520 1.50 -69.79 13.05
N GLN H 521 1.28 -70.30 11.83
CA GLN H 521 2.34 -71.03 11.13
C GLN H 521 3.39 -70.08 10.56
N ALA H 522 2.96 -68.90 10.09
CA ALA H 522 3.89 -67.96 9.50
C ALA H 522 4.78 -67.29 10.54
N GLY H 523 4.39 -67.31 11.82
CA GLY H 523 5.17 -66.73 12.88
C GLY H 523 4.71 -65.36 13.34
N ILE H 524 3.87 -64.68 12.55
CA ILE H 524 3.38 -63.37 12.94
C ILE H 524 2.46 -63.53 14.14
N LEU H 525 2.59 -62.62 15.10
CA LEU H 525 1.76 -62.68 16.30
C LEU H 525 1.59 -61.27 16.87
N ASP H 526 0.61 -61.15 17.76
CA ASP H 526 0.40 -59.95 18.55
C ASP H 526 -0.13 -60.41 19.90
N PRO H 527 0.57 -60.12 20.98
CA PRO H 527 0.08 -60.54 22.31
C PRO H 527 -1.25 -59.87 22.64
N LEU H 528 -2.05 -60.58 23.42
CA LEU H 528 -3.37 -60.05 23.79
C LEU H 528 -3.23 -58.79 24.63
N LYS H 529 -2.23 -58.75 25.51
CA LYS H 529 -2.11 -57.64 26.45
C LYS H 529 -1.91 -56.32 25.73
N VAL H 530 -0.97 -56.28 24.78
CA VAL H 530 -0.64 -55.03 24.11
C VAL H 530 -1.82 -54.52 23.30
N VAL H 531 -2.44 -55.40 22.50
CA VAL H 531 -3.55 -54.95 21.65
C VAL H 531 -4.75 -54.56 22.50
N ARG H 532 -5.02 -55.31 23.58
CA ARG H 532 -6.15 -55.00 24.43
C ARG H 532 -5.97 -53.66 25.13
N THR H 533 -4.79 -53.42 25.70
CA THR H 533 -4.56 -52.15 26.39
C THR H 533 -4.51 -50.99 25.39
N GLY H 534 -3.98 -51.21 24.19
CA GLY H 534 -4.00 -50.16 23.19
C GLY H 534 -5.41 -49.79 22.77
N LEU H 535 -6.25 -50.81 22.53
CA LEU H 535 -7.64 -50.54 22.17
C LEU H 535 -8.38 -49.83 23.30
N ILE H 536 -8.17 -50.27 24.54
CA ILE H 536 -8.86 -49.66 25.67
C ILE H 536 -8.45 -48.20 25.83
N ASP H 537 -7.14 -47.93 25.79
CA ASP H 537 -6.66 -46.55 25.93
C ASP H 537 -7.12 -45.69 24.77
N ALA H 538 -7.10 -46.22 23.54
CA ALA H 538 -7.54 -45.45 22.40
C ALA H 538 -9.02 -45.10 22.51
N SER H 539 -9.86 -46.09 22.88
CA SER H 539 -11.28 -45.82 23.01
C SER H 539 -11.54 -44.81 24.12
N GLY H 540 -10.87 -44.95 25.27
CA GLY H 540 -11.06 -44.01 26.34
C GLY H 540 -10.65 -42.60 25.97
N VAL H 541 -9.49 -42.46 25.32
CA VAL H 541 -9.00 -41.14 24.94
C VAL H 541 -9.91 -40.51 23.90
N ALA H 542 -10.36 -41.29 22.93
CA ALA H 542 -11.27 -40.73 21.91
C ALA H 542 -12.60 -40.33 22.52
N SER H 543 -13.15 -41.16 23.42
CA SER H 543 -14.40 -40.81 24.07
C SER H 543 -14.26 -39.55 24.92
N LEU H 544 -13.14 -39.43 25.64
CA LEU H 544 -12.92 -38.22 26.44
C LEU H 544 -12.76 -37.00 25.55
N LEU H 545 -12.01 -37.12 24.45
CA LEU H 545 -11.76 -35.98 23.58
C LEU H 545 -13.01 -35.56 22.80
N GLY H 546 -13.94 -36.50 22.60
CA GLY H 546 -15.16 -36.16 21.89
C GLY H 546 -16.19 -35.43 22.73
N THR H 547 -15.90 -35.18 24.00
CA THR H 547 -16.84 -34.50 24.87
C THR H 547 -16.19 -33.32 25.59
N THR H 548 -15.44 -32.51 24.85
CA THR H 548 -14.79 -31.31 25.39
C THR H 548 -15.13 -30.13 24.48
N GLU H 549 -16.18 -29.40 24.84
CA GLU H 549 -16.55 -28.22 24.06
C GLU H 549 -15.52 -27.11 24.24
N VAL H 550 -15.00 -26.95 25.46
CA VAL H 550 -14.11 -25.84 25.80
C VAL H 550 -12.69 -26.39 25.94
N ALA H 551 -11.73 -25.61 25.44
CA ALA H 551 -10.31 -25.94 25.55
C ALA H 551 -9.52 -24.65 25.45
N ILE H 552 -8.64 -24.41 26.42
CA ILE H 552 -7.88 -23.17 26.49
C ILE H 552 -6.40 -23.48 26.30
N VAL H 553 -5.69 -22.49 25.75
CA VAL H 553 -4.24 -22.58 25.56
C VAL H 553 -3.62 -21.28 26.06
N GLU H 554 -2.30 -21.34 26.28
CA GLU H 554 -1.55 -20.18 26.77
C GLU H 554 -1.27 -19.23 25.60
N ALA H 555 -0.51 -18.17 25.88
CA ALA H 555 -0.17 -17.19 24.86
C ALA H 555 0.81 -17.77 23.85
N ALA I 28 11.08 -27.42 20.52
CA ALA I 28 9.67 -27.72 20.68
C ALA I 28 8.84 -26.99 19.62
N HIS I 29 9.29 -27.06 18.37
CA HIS I 29 8.59 -26.39 17.28
C HIS I 29 9.00 -27.09 15.99
N LYS I 30 8.05 -27.76 15.34
CA LYS I 30 8.32 -28.53 14.14
C LYS I 30 7.26 -28.26 13.09
N GLU I 31 7.64 -28.43 11.82
CA GLU I 31 6.72 -28.36 10.70
C GLU I 31 6.82 -29.65 9.90
N LEU I 32 5.67 -30.12 9.40
CA LEU I 32 5.57 -31.43 8.76
C LEU I 32 5.33 -31.28 7.27
N LYS I 33 5.97 -32.15 6.49
CA LYS I 33 5.73 -32.27 5.06
C LYS I 33 5.45 -33.73 4.74
N PHE I 34 4.38 -33.98 4.00
CA PHE I 34 3.87 -35.33 3.81
C PHE I 34 4.02 -35.78 2.37
N GLY I 35 4.61 -36.96 2.19
CA GLY I 35 4.57 -37.63 0.91
C GLY I 35 5.30 -36.88 -0.19
N VAL I 36 4.52 -36.46 -1.20
CA VAL I 36 5.10 -35.93 -2.43
C VAL I 36 5.86 -34.64 -2.16
N GLU I 37 5.35 -33.80 -1.26
CA GLU I 37 5.99 -32.52 -0.99
C GLU I 37 7.38 -32.73 -0.37
N GLY I 38 7.44 -33.57 0.67
CA GLY I 38 8.74 -33.85 1.29
C GLY I 38 9.68 -34.56 0.35
N ARG I 39 9.17 -35.49 -0.45
CA ARG I 39 10.02 -36.18 -1.42
C ARG I 39 10.58 -35.22 -2.45
N ALA I 40 9.76 -34.27 -2.90
CA ALA I 40 10.23 -33.27 -3.87
C ALA I 40 11.27 -32.35 -3.24
N ALA I 41 11.08 -31.96 -1.98
CA ALA I 41 12.08 -31.14 -1.31
C ALA I 41 13.41 -31.87 -1.18
N LEU I 42 13.36 -33.15 -0.78
CA LEU I 42 14.58 -33.94 -0.69
C LEU I 42 15.22 -34.11 -2.06
N LEU I 43 14.40 -34.31 -3.10
CA LEU I 43 14.93 -34.40 -4.46
C LEU I 43 15.67 -33.12 -4.83
N ASN I 44 15.07 -31.97 -4.55
CA ASN I 44 15.70 -30.70 -4.89
C ASN I 44 17.03 -30.54 -4.16
N GLY I 45 17.05 -30.81 -2.86
CA GLY I 45 18.29 -30.67 -2.11
C GLY I 45 19.38 -31.60 -2.59
N VAL I 46 19.04 -32.88 -2.78
CA VAL I 46 20.03 -33.87 -3.20
C VAL I 46 20.54 -33.54 -4.60
N GLU I 47 19.63 -33.15 -5.51
CA GLU I 47 20.04 -32.83 -6.87
C GLU I 47 20.94 -31.60 -6.89
N THR I 48 20.64 -30.58 -6.08
CA THR I 48 21.49 -29.40 -6.04
C THR I 48 22.88 -29.76 -5.53
N LEU I 49 22.95 -30.52 -4.44
CA LEU I 49 24.25 -30.87 -3.88
C LEU I 49 25.04 -31.74 -4.86
N ALA I 50 24.38 -32.70 -5.51
CA ALA I 50 25.08 -33.58 -6.44
C ALA I 50 25.54 -32.81 -7.68
N LYS I 51 24.73 -31.87 -8.17
CA LYS I 51 25.16 -31.07 -9.31
C LYS I 51 26.36 -30.19 -8.94
N ALA I 52 26.37 -29.66 -7.72
CA ALA I 52 27.55 -28.90 -7.28
C ALA I 52 28.78 -29.80 -7.18
N VAL I 53 28.61 -31.01 -6.66
CA VAL I 53 29.76 -31.89 -6.42
C VAL I 53 30.31 -32.43 -7.73
N ALA I 54 29.44 -32.82 -8.67
CA ALA I 54 29.87 -33.50 -9.88
C ALA I 54 30.69 -32.61 -10.81
N THR I 55 30.72 -31.30 -10.55
CA THR I 55 31.50 -30.40 -11.39
C THR I 55 32.99 -30.69 -11.32
N THR I 56 33.46 -31.40 -10.30
CA THR I 56 34.86 -31.75 -10.16
C THR I 56 35.14 -33.21 -10.54
N LEU I 57 34.15 -33.92 -11.05
CA LEU I 57 34.29 -35.33 -11.39
C LEU I 57 35.21 -35.51 -12.60
N GLY I 58 36.00 -36.58 -12.56
CA GLY I 58 36.85 -36.94 -13.66
C GLY I 58 38.19 -36.21 -13.63
N PRO I 59 39.15 -36.72 -14.40
CA PRO I 59 40.46 -36.02 -14.47
C PRO I 59 40.33 -34.59 -15.00
N LYS I 60 39.39 -34.34 -15.89
CA LYS I 60 39.16 -33.01 -16.44
C LYS I 60 38.10 -32.27 -15.62
N GLY I 61 38.35 -32.19 -14.31
CA GLY I 61 37.44 -31.54 -13.41
C GLY I 61 37.54 -30.02 -13.49
N ARG I 62 36.68 -29.37 -12.73
CA ARG I 62 36.63 -27.91 -12.72
C ARG I 62 36.58 -27.43 -11.28
N ASN I 63 37.19 -26.27 -11.03
CA ASN I 63 37.49 -25.85 -9.67
C ASN I 63 36.25 -25.29 -8.96
N VAL I 64 36.37 -25.14 -7.64
CA VAL I 64 35.34 -24.57 -6.79
C VAL I 64 35.96 -23.43 -6.01
N LEU I 65 35.14 -22.43 -5.65
CA LEU I 65 35.60 -21.28 -4.89
C LEU I 65 35.08 -21.36 -3.47
N ILE I 66 35.99 -21.52 -2.51
CA ILE I 66 35.65 -21.64 -1.10
C ILE I 66 36.36 -20.55 -0.33
N GLU I 67 35.62 -19.91 0.58
CA GLU I 67 36.18 -18.87 1.44
C GLU I 67 36.14 -19.29 2.90
N SER I 68 37.26 -19.08 3.58
CA SER I 68 37.38 -19.36 5.01
C SER I 68 36.70 -18.26 5.80
N THR I 69 36.44 -18.56 7.09
CA THR I 69 35.82 -17.56 7.96
C THR I 69 36.73 -16.34 8.14
N PHE I 70 38.03 -16.56 8.29
CA PHE I 70 38.99 -15.50 8.46
C PHE I 70 39.99 -15.53 7.30
N GLY I 71 40.51 -14.37 6.93
CA GLY I 71 41.51 -14.29 5.89
C GLY I 71 40.92 -14.06 4.52
N SER I 72 41.32 -14.88 3.55
CA SER I 72 40.91 -14.75 2.16
C SER I 72 40.58 -16.11 1.57
N PRO I 73 39.74 -16.15 0.53
CA PRO I 73 39.25 -17.43 0.02
C PRO I 73 40.35 -18.30 -0.57
N LYS I 74 40.11 -19.61 -0.52
CA LYS I 74 40.98 -20.63 -1.08
C LYS I 74 40.37 -21.21 -2.34
N ILE I 75 41.01 -22.24 -2.88
CA ILE I 75 40.54 -22.94 -4.07
C ILE I 75 40.28 -24.39 -3.70
N THR I 76 39.40 -25.05 -4.44
CA THR I 76 39.03 -26.43 -4.20
C THR I 76 38.79 -27.14 -5.52
N LYS I 77 39.41 -28.31 -5.69
CA LYS I 77 39.20 -29.12 -6.88
C LYS I 77 38.70 -30.53 -6.58
N ASP I 78 38.57 -30.90 -5.31
CA ASP I 78 38.10 -32.23 -4.93
C ASP I 78 36.58 -32.17 -4.67
N GLY I 79 36.04 -33.26 -4.12
CA GLY I 79 34.61 -33.33 -3.89
C GLY I 79 34.20 -33.42 -2.43
N VAL I 80 35.08 -33.96 -1.58
CA VAL I 80 34.71 -34.17 -0.18
C VAL I 80 34.49 -32.84 0.54
N THR I 81 35.38 -31.87 0.34
CA THR I 81 35.27 -30.61 1.06
C THR I 81 34.05 -29.81 0.59
N VAL I 82 33.82 -29.74 -0.71
CA VAL I 82 32.66 -29.01 -1.21
C VAL I 82 31.37 -29.71 -0.80
N ALA I 83 31.38 -31.05 -0.77
CA ALA I 83 30.21 -31.79 -0.29
C ALA I 83 29.93 -31.50 1.17
N LYS I 84 30.97 -31.44 2.00
CA LYS I 84 30.80 -31.18 3.42
C LYS I 84 30.49 -29.70 3.72
N ALA I 85 30.81 -28.80 2.80
CA ALA I 85 30.63 -27.37 3.02
C ALA I 85 29.42 -26.80 2.27
N ILE I 86 28.34 -27.56 2.18
CA ILE I 86 27.13 -27.13 1.48
C ILE I 86 25.95 -27.19 2.44
N SER I 87 25.21 -26.09 2.53
CA SER I 87 23.99 -26.04 3.34
C SER I 87 22.98 -25.19 2.58
N LEU I 88 21.86 -25.80 2.20
CA LEU I 88 20.90 -25.15 1.31
C LEU I 88 20.03 -24.17 2.10
N LYS I 89 19.14 -23.50 1.36
CA LYS I 89 18.25 -22.51 1.98
C LYS I 89 17.15 -23.20 2.79
N ASP I 90 16.35 -24.04 2.15
CA ASP I 90 15.26 -24.70 2.82
C ASP I 90 15.77 -25.74 3.81
N LYS I 91 15.00 -25.94 4.89
CA LYS I 91 15.41 -26.89 5.91
C LYS I 91 15.40 -28.32 5.40
N PHE I 92 14.41 -28.67 4.58
CA PHE I 92 14.33 -30.03 4.04
C PHE I 92 15.45 -30.30 3.04
N GLU I 93 15.77 -29.31 2.21
CA GLU I 93 16.91 -29.44 1.31
C GLU I 93 18.20 -29.61 2.08
N ASN I 94 18.35 -28.85 3.18
CA ASN I 94 19.52 -29.00 4.03
C ASN I 94 19.56 -30.39 4.67
N LEU I 95 18.39 -30.92 5.04
CA LEU I 95 18.33 -32.26 5.62
C LEU I 95 18.79 -33.32 4.62
N GLY I 96 18.29 -33.23 3.38
CA GLY I 96 18.74 -34.15 2.34
C GLY I 96 20.21 -34.02 2.05
N ALA I 97 20.71 -32.79 1.99
CA ALA I 97 22.13 -32.57 1.75
C ALA I 97 22.97 -33.13 2.89
N LYS I 98 22.49 -33.02 4.13
CA LYS I 98 23.24 -33.54 5.26
C LYS I 98 23.25 -35.07 5.26
N LEU I 99 22.15 -35.70 4.87
CA LEU I 99 22.16 -37.15 4.74
C LEU I 99 23.13 -37.61 3.65
N LEU I 100 23.12 -36.89 2.51
CA LEU I 100 24.07 -37.20 1.45
C LEU I 100 25.50 -36.98 1.92
N ALA I 101 25.72 -35.96 2.75
CA ALA I 101 27.05 -35.73 3.33
C ALA I 101 27.44 -36.87 4.26
N GLU I 102 26.50 -37.38 5.04
CA GLU I 102 26.78 -38.55 5.88
C GLU I 102 27.25 -39.72 5.04
N VAL I 103 26.49 -40.08 4.00
CA VAL I 103 26.89 -41.26 3.23
C VAL I 103 28.19 -41.01 2.48
N ALA I 104 28.40 -39.79 1.98
CA ALA I 104 29.65 -39.47 1.30
C ALA I 104 30.84 -39.56 2.24
N SER I 105 30.69 -39.05 3.46
CA SER I 105 31.77 -39.11 4.44
C SER I 105 32.06 -40.56 4.85
N LYS I 106 31.01 -41.37 5.00
CA LYS I 106 31.22 -42.78 5.31
C LYS I 106 31.97 -43.47 4.18
N THR I 107 31.60 -43.19 2.93
CA THR I 107 32.30 -43.78 1.80
C THR I 107 33.77 -43.33 1.75
N ASN I 108 34.01 -42.05 2.02
CA ASN I 108 35.38 -41.54 2.00
C ASN I 108 36.22 -42.16 3.11
N GLU I 109 35.65 -42.32 4.30
CA GLU I 109 36.38 -42.95 5.39
C GLU I 109 36.64 -44.43 5.10
N VAL I 110 35.68 -45.11 4.48
CA VAL I 110 35.86 -46.53 4.19
C VAL I 110 36.92 -46.73 3.11
N ALA I 111 36.84 -45.96 2.02
CA ALA I 111 37.70 -46.16 0.86
C ALA I 111 38.77 -45.09 0.73
N GLY I 112 38.39 -43.82 0.67
CA GLY I 112 39.31 -42.72 0.45
C GLY I 112 39.06 -41.92 -0.81
N ASP I 113 38.22 -42.41 -1.71
CA ASP I 113 37.90 -41.71 -2.95
C ASP I 113 36.52 -42.16 -3.42
N GLY I 114 36.19 -41.82 -4.66
CA GLY I 114 34.92 -42.22 -5.23
C GLY I 114 33.70 -41.57 -4.63
N THR I 115 33.88 -40.49 -3.86
CA THR I 115 32.75 -39.81 -3.25
C THR I 115 31.83 -39.20 -4.29
N THR I 116 32.41 -38.55 -5.30
CA THR I 116 31.59 -37.88 -6.32
C THR I 116 30.77 -38.88 -7.11
N THR I 117 31.38 -40.01 -7.49
CA THR I 117 30.65 -41.03 -8.24
C THR I 117 29.50 -41.60 -7.42
N ALA I 118 29.74 -41.87 -6.14
CA ALA I 118 28.68 -42.37 -5.28
C ALA I 118 27.56 -41.36 -5.14
N THR I 119 27.90 -40.08 -4.97
CA THR I 119 26.87 -39.05 -4.87
C THR I 119 26.04 -38.95 -6.14
N VAL I 120 26.70 -38.99 -7.30
CA VAL I 120 25.99 -38.90 -8.57
C VAL I 120 25.06 -40.10 -8.75
N LEU I 121 25.56 -41.30 -8.44
CA LEU I 121 24.74 -42.49 -8.56
C LEU I 121 23.54 -42.43 -7.63
N ALA I 122 23.75 -41.99 -6.39
CA ALA I 122 22.64 -41.88 -5.45
C ALA I 122 21.61 -40.88 -5.94
N ARG I 123 22.06 -39.73 -6.46
CA ARG I 123 21.13 -38.74 -6.98
C ARG I 123 20.32 -39.31 -8.13
N ALA I 124 20.98 -40.00 -9.06
CA ALA I 124 20.28 -40.55 -10.22
C ALA I 124 19.26 -41.59 -9.80
N ILE I 125 19.65 -42.51 -8.92
CA ILE I 125 18.73 -43.56 -8.48
C ILE I 125 17.55 -42.96 -7.73
N PHE I 126 17.81 -42.00 -6.84
CA PHE I 126 16.72 -41.38 -6.10
C PHE I 126 15.76 -40.64 -7.03
N SER I 127 16.29 -39.91 -8.01
CA SER I 127 15.44 -39.17 -8.93
C SER I 127 14.57 -40.11 -9.74
N GLU I 128 15.16 -41.18 -10.28
CA GLU I 128 14.36 -42.14 -11.03
C GLU I 128 13.32 -42.81 -10.15
N MET I 129 13.69 -43.14 -8.91
CA MET I 129 12.76 -43.80 -8.01
C MET I 129 11.56 -42.92 -7.69
N VAL I 130 11.81 -41.64 -7.39
CA VAL I 130 10.71 -40.75 -7.06
C VAL I 130 9.86 -40.46 -8.30
N LYS I 131 10.49 -40.38 -9.47
CA LYS I 131 9.73 -40.19 -10.70
C LYS I 131 8.80 -41.38 -10.95
N ASN I 132 9.30 -42.60 -10.73
CA ASN I 132 8.46 -43.78 -10.90
C ASN I 132 7.37 -43.85 -9.83
N VAL I 133 7.69 -43.43 -8.60
CA VAL I 133 6.70 -43.44 -7.53
C VAL I 133 5.56 -42.47 -7.84
N ALA I 134 5.90 -41.30 -8.41
CA ALA I 134 4.86 -40.36 -8.81
C ALA I 134 3.93 -40.92 -9.88
N ALA I 135 4.36 -41.95 -10.59
CA ALA I 135 3.52 -42.61 -11.59
C ALA I 135 2.61 -43.68 -11.00
N GLY I 136 2.72 -43.96 -9.71
CA GLY I 136 1.88 -44.94 -9.06
C GLY I 136 2.50 -46.30 -8.85
N CYS I 137 3.78 -46.48 -9.18
CA CYS I 137 4.43 -47.76 -8.99
C CYS I 137 4.65 -48.05 -7.51
N ASN I 138 4.78 -49.33 -7.19
CA ASN I 138 4.97 -49.75 -5.81
C ASN I 138 6.42 -49.52 -5.39
N PRO I 139 6.67 -48.69 -4.37
CA PRO I 139 8.07 -48.44 -3.96
C PRO I 139 8.79 -49.69 -3.47
N MET I 140 8.07 -50.61 -2.82
CA MET I 140 8.74 -51.79 -2.27
C MET I 140 9.27 -52.71 -3.37
N ASP I 141 8.45 -52.94 -4.40
CA ASP I 141 8.91 -53.76 -5.52
C ASP I 141 10.07 -53.09 -6.26
N LEU I 142 10.01 -51.77 -6.40
CA LEU I 142 11.12 -51.04 -7.00
C LEU I 142 12.40 -51.22 -6.19
N ARG I 143 12.30 -51.10 -4.86
CA ARG I 143 13.46 -51.28 -4.00
C ARG I 143 14.03 -52.69 -4.12
N ARG I 144 13.16 -53.70 -4.12
CA ARG I 144 13.63 -55.08 -4.27
C ARG I 144 14.31 -55.28 -5.61
N GLY I 145 13.73 -54.72 -6.67
CA GLY I 145 14.33 -54.87 -7.99
C GLY I 145 15.69 -54.21 -8.09
N ILE I 146 15.81 -52.98 -7.57
CA ILE I 146 17.11 -52.32 -7.63
C ILE I 146 18.13 -53.03 -6.74
N GLN I 147 17.70 -53.60 -5.61
CA GLN I 147 18.62 -54.35 -4.77
C GLN I 147 19.15 -55.58 -5.50
N ALA I 148 18.25 -56.34 -6.15
CA ALA I 148 18.67 -57.51 -6.90
C ALA I 148 19.59 -57.12 -8.06
N ALA I 149 19.26 -56.04 -8.74
CA ALA I 149 20.09 -55.60 -9.86
C ALA I 149 21.47 -55.14 -9.39
N VAL I 150 21.53 -54.45 -8.25
CA VAL I 150 22.81 -54.02 -7.72
C VAL I 150 23.65 -55.23 -7.31
N ASP I 151 23.01 -56.24 -6.71
CA ASP I 151 23.72 -57.47 -6.37
C ASP I 151 24.27 -58.14 -7.62
N ALA I 152 23.47 -58.21 -8.68
CA ALA I 152 23.96 -58.78 -9.93
C ALA I 152 25.13 -57.98 -10.49
N VAL I 153 25.03 -56.65 -10.42
CA VAL I 153 26.10 -55.80 -10.96
C VAL I 153 27.40 -56.02 -10.21
N VAL I 154 27.34 -56.03 -8.87
CA VAL I 154 28.57 -56.21 -8.11
C VAL I 154 29.13 -57.61 -8.30
N GLU I 155 28.26 -58.61 -8.44
CA GLU I 155 28.74 -59.96 -8.71
C GLU I 155 29.46 -60.02 -10.05
N TYR I 156 28.91 -59.37 -11.08
CA TYR I 156 29.56 -59.35 -12.38
C TYR I 156 30.89 -58.61 -12.31
N LEU I 157 30.94 -57.50 -11.57
CA LEU I 157 32.17 -56.75 -11.42
C LEU I 157 33.24 -57.60 -10.73
N GLN I 158 32.86 -58.34 -9.69
CA GLN I 158 33.81 -59.19 -9.00
C GLN I 158 34.27 -60.34 -9.91
N GLN I 159 33.37 -60.86 -10.74
CA GLN I 159 33.74 -61.95 -11.63
C GLN I 159 34.77 -61.52 -12.66
N ASN I 160 34.62 -60.31 -13.22
CA ASN I 160 35.46 -59.88 -14.33
C ASN I 160 36.78 -59.25 -13.87
N LYS I 161 36.90 -58.92 -12.59
CA LYS I 161 38.06 -58.17 -12.10
C LYS I 161 39.35 -58.98 -12.25
N ARG I 162 40.46 -58.30 -12.01
CA ARG I 162 41.79 -58.89 -12.06
C ARG I 162 42.47 -58.73 -10.70
N ASP I 163 43.32 -59.69 -10.35
CA ASP I 163 44.02 -59.68 -9.08
C ASP I 163 45.37 -59.01 -9.22
N ILE I 164 45.88 -58.51 -8.09
CA ILE I 164 47.17 -57.81 -8.04
C ILE I 164 48.08 -58.66 -7.16
N THR I 165 48.93 -59.48 -7.78
CA THR I 165 49.78 -60.40 -7.03
C THR I 165 51.26 -60.20 -7.30
N THR I 166 51.67 -60.13 -8.56
CA THR I 166 53.10 -60.13 -8.88
C THR I 166 53.74 -58.80 -8.48
N SER I 167 54.97 -58.88 -7.96
CA SER I 167 55.66 -57.69 -7.48
C SER I 167 55.87 -56.65 -8.58
N ALA I 168 56.06 -57.09 -9.82
CA ALA I 168 56.23 -56.13 -10.91
C ALA I 168 54.96 -55.32 -11.14
N GLU I 169 53.81 -56.00 -11.24
CA GLU I 169 52.55 -55.27 -11.39
C GLU I 169 52.16 -54.59 -10.10
N ILE I 170 52.69 -55.07 -8.96
CA ILE I 170 52.55 -54.33 -7.71
C ILE I 170 53.21 -52.96 -7.83
N ALA I 171 54.44 -52.92 -8.32
CA ALA I 171 55.12 -51.65 -8.52
C ALA I 171 54.41 -50.81 -9.57
N GLN I 172 53.87 -51.46 -10.61
CA GLN I 172 53.15 -50.73 -11.65
C GLN I 172 51.92 -50.03 -11.09
N VAL I 173 51.10 -50.76 -10.32
CA VAL I 173 49.89 -50.17 -9.76
C VAL I 173 50.23 -49.11 -8.73
N ALA I 174 51.30 -49.32 -7.96
CA ALA I 174 51.75 -48.29 -7.03
C ALA I 174 52.19 -47.03 -7.78
N THR I 175 52.82 -47.20 -8.94
CA THR I 175 53.26 -46.05 -9.73
C THR I 175 52.08 -45.27 -10.26
N ILE I 176 51.13 -45.96 -10.90
CA ILE I 176 50.02 -45.22 -11.51
C ILE I 176 49.10 -44.65 -10.44
N SER I 177 48.97 -45.32 -9.29
CA SER I 177 48.21 -44.77 -8.19
C SER I 177 48.89 -43.54 -7.57
N ALA I 178 50.20 -43.38 -7.78
CA ALA I 178 50.94 -42.23 -7.28
C ALA I 178 51.32 -41.25 -8.38
N ASN I 179 50.44 -41.08 -9.37
CA ASN I 179 50.60 -40.16 -10.49
C ASN I 179 51.80 -40.48 -11.38
N GLY I 180 52.43 -41.64 -11.19
CA GLY I 180 53.53 -42.05 -12.06
C GLY I 180 54.89 -41.44 -11.80
N ASP I 181 54.94 -40.13 -11.55
CA ASP I 181 56.22 -39.46 -11.37
C ASP I 181 56.91 -39.91 -10.08
N GLN I 182 56.16 -40.46 -9.13
CA GLN I 182 56.71 -40.89 -7.84
C GLN I 182 57.32 -42.28 -7.99
N HIS I 183 58.44 -42.33 -8.72
CA HIS I 183 59.13 -43.59 -8.94
C HIS I 183 59.77 -44.12 -7.65
N ILE I 184 60.44 -43.25 -6.91
CA ILE I 184 60.99 -43.66 -5.62
C ILE I 184 59.87 -44.11 -4.69
N GLY I 185 58.73 -43.42 -4.75
CA GLY I 185 57.60 -43.81 -3.93
C GLY I 185 57.05 -45.16 -4.29
N LYS I 186 56.96 -45.47 -5.59
CA LYS I 186 56.44 -46.76 -6.00
C LYS I 186 57.42 -47.89 -5.66
N LEU I 187 58.72 -47.63 -5.78
CA LEU I 187 59.70 -48.63 -5.35
C LEU I 187 59.59 -48.88 -3.85
N ILE I 188 59.44 -47.80 -3.06
CA ILE I 188 59.30 -47.95 -1.61
C ILE I 188 58.03 -48.74 -1.29
N ALA I 189 56.93 -48.44 -1.97
CA ALA I 189 55.68 -49.15 -1.72
C ALA I 189 55.80 -50.62 -2.08
N SER I 190 56.44 -50.94 -3.20
CA SER I 190 56.62 -52.33 -3.59
C SER I 190 57.47 -53.08 -2.57
N ALA I 191 58.56 -52.46 -2.11
CA ALA I 191 59.40 -53.11 -1.10
C ALA I 191 58.64 -53.30 0.20
N MET I 192 57.88 -52.29 0.61
CA MET I 192 57.12 -52.37 1.86
C MET I 192 56.00 -53.40 1.77
N GLU I 193 55.44 -53.62 0.59
CA GLU I 193 54.43 -54.66 0.41
C GLU I 193 55.06 -56.05 0.36
N LYS I 194 56.23 -56.19 -0.26
CA LYS I 194 56.91 -57.47 -0.30
C LYS I 194 57.55 -57.84 1.04
N VAL I 195 57.73 -56.86 1.93
CA VAL I 195 58.33 -57.13 3.24
C VAL I 195 57.25 -57.36 4.30
N GLY I 196 56.29 -56.44 4.40
CA GLY I 196 55.26 -56.53 5.40
C GLY I 196 53.87 -56.34 4.79
N LYS I 197 52.86 -56.46 5.66
CA LYS I 197 51.47 -56.33 5.25
C LYS I 197 50.70 -55.28 6.04
N GLU I 198 51.18 -54.88 7.22
CA GLU I 198 50.48 -53.87 8.00
C GLU I 198 50.79 -52.47 7.49
N GLY I 199 52.06 -52.06 7.56
CA GLY I 199 52.48 -50.79 7.00
C GLY I 199 52.09 -49.56 7.80
N VAL I 200 52.93 -48.54 7.75
CA VAL I 200 52.65 -47.27 8.44
C VAL I 200 53.56 -46.21 7.84
N ILE I 201 53.16 -44.94 8.01
CA ILE I 201 53.93 -43.80 7.54
C ILE I 201 54.11 -42.83 8.70
N THR I 202 55.34 -42.33 8.87
CA THR I 202 55.64 -41.40 9.94
C THR I 202 56.62 -40.35 9.43
N VAL I 203 56.63 -39.20 10.12
CA VAL I 203 57.50 -38.09 9.78
C VAL I 203 58.17 -37.59 11.06
N LYS I 204 59.47 -37.31 10.96
CA LYS I 204 60.26 -36.80 12.08
C LYS I 204 61.07 -35.62 11.57
N GLU I 205 60.83 -34.44 12.14
CA GLU I 205 61.50 -33.17 11.80
C GLU I 205 61.76 -33.02 10.31
N GLY I 206 62.94 -32.51 9.95
CA GLY I 206 63.25 -32.27 8.55
C GLY I 206 63.34 -33.54 7.73
N LYS I 207 64.03 -34.56 8.27
CA LYS I 207 64.23 -35.84 7.59
C LYS I 207 64.89 -35.64 6.22
N THR I 208 66.13 -35.17 6.28
CA THR I 208 66.90 -34.90 5.07
C THR I 208 67.35 -36.16 4.36
N LEU I 209 66.94 -37.34 4.82
CA LEU I 209 67.34 -38.59 4.17
C LEU I 209 66.64 -38.75 2.83
N GLN I 210 66.94 -39.86 2.16
CA GLN I 210 66.43 -40.14 0.82
C GLN I 210 65.31 -41.18 0.84
N ASP I 211 64.43 -41.12 1.84
CA ASP I 211 63.27 -42.01 1.98
C ASP I 211 63.71 -43.47 2.03
N GLU I 212 64.44 -43.80 3.09
CA GLU I 212 64.92 -45.15 3.32
C GLU I 212 63.91 -45.93 4.17
N LEU I 213 63.69 -47.18 3.81
CA LEU I 213 62.74 -48.04 4.51
C LEU I 213 63.47 -48.91 5.53
N GLU I 214 62.69 -49.49 6.44
CA GLU I 214 63.23 -50.34 7.48
C GLU I 214 62.15 -51.29 7.98
N VAL I 215 62.58 -52.33 8.67
CA VAL I 215 61.68 -53.32 9.27
C VAL I 215 61.89 -53.29 10.77
N THR I 216 60.81 -53.09 11.52
CA THR I 216 60.88 -52.98 12.97
C THR I 216 59.69 -53.68 13.60
N GLU I 217 59.96 -54.45 14.66
CA GLU I 217 58.90 -55.12 15.40
C GLU I 217 58.04 -54.09 16.12
N GLY I 218 56.73 -54.31 16.12
CA GLY I 218 55.83 -53.39 16.78
C GLY I 218 54.43 -53.96 16.88
N MET I 219 53.51 -53.11 17.33
CA MET I 219 52.12 -53.48 17.54
C MET I 219 51.22 -52.38 16.99
N ARG I 220 49.99 -52.76 16.64
CA ARG I 220 49.04 -51.83 16.06
C ARG I 220 47.64 -52.15 16.58
N PHE I 221 46.86 -51.10 16.86
CA PHE I 221 45.46 -51.25 17.19
C PHE I 221 44.73 -49.97 16.81
N ASP I 222 43.42 -50.09 16.64
CA ASP I 222 42.57 -48.99 16.18
C ASP I 222 41.72 -48.48 17.33
N ARG I 223 42.27 -47.53 18.09
CA ARG I 223 41.53 -46.89 19.18
C ARG I 223 42.16 -45.51 19.43
N GLY I 224 41.51 -44.46 18.93
CA GLY I 224 42.01 -43.11 19.06
C GLY I 224 41.71 -42.50 20.41
N PHE I 225 42.10 -41.25 20.57
CA PHE I 225 41.87 -40.52 21.81
C PHE I 225 40.38 -40.27 22.00
N VAL I 226 39.95 -40.27 23.27
CA VAL I 226 38.55 -39.98 23.58
C VAL I 226 38.23 -38.52 23.30
N SER I 227 39.17 -37.62 23.58
CA SER I 227 38.96 -36.19 23.41
C SER I 227 39.83 -35.63 22.30
N PRO I 228 39.34 -34.65 21.54
CA PRO I 228 40.13 -34.07 20.45
C PRO I 228 41.12 -33.01 20.87
N TYR I 229 41.30 -32.77 22.17
CA TYR I 229 42.21 -31.74 22.66
C TYR I 229 43.57 -32.29 23.06
N PHE I 230 43.81 -33.59 22.90
CA PHE I 230 45.07 -34.19 23.34
C PHE I 230 46.20 -34.00 22.36
N ILE I 231 45.92 -33.61 21.12
CA ILE I 231 46.95 -33.42 20.10
C ILE I 231 46.85 -31.99 19.59
N THR I 232 47.95 -31.24 19.72
CA THR I 232 47.97 -29.87 19.23
C THR I 232 47.93 -29.83 17.70
N ASP I 233 48.72 -30.68 17.05
CA ASP I 233 48.76 -30.74 15.59
C ASP I 233 47.79 -31.79 15.05
N ALA I 234 46.51 -31.65 15.40
CA ALA I 234 45.50 -32.60 14.95
C ALA I 234 45.23 -32.49 13.46
N LYS I 235 45.65 -31.39 12.82
CA LYS I 235 45.42 -31.24 11.38
C LYS I 235 46.21 -32.28 10.59
N ALA I 236 47.44 -32.57 11.00
CA ALA I 236 48.29 -33.50 10.29
C ALA I 236 48.78 -34.67 11.14
N GLN I 237 48.46 -34.69 12.44
CA GLN I 237 48.86 -35.76 13.36
C GLN I 237 50.39 -35.91 13.36
N LYS I 238 51.06 -34.83 13.78
CA LYS I 238 52.50 -34.81 13.84
C LYS I 238 53.03 -35.79 14.89
N VAL I 239 54.23 -36.30 14.66
CA VAL I 239 54.88 -37.25 15.56
C VAL I 239 55.82 -36.45 16.46
N GLU I 240 55.56 -36.47 17.76
CA GLU I 240 56.38 -35.76 18.74
C GLU I 240 56.66 -36.63 19.96
N PHE I 241 56.63 -37.94 19.79
CA PHE I 241 56.85 -38.90 20.87
C PHE I 241 58.12 -39.69 20.56
N GLU I 242 59.25 -39.18 21.06
CA GLU I 242 60.55 -39.83 20.89
C GLU I 242 60.88 -40.56 22.19
N LYS I 243 61.03 -41.87 22.10
CA LYS I 243 61.24 -42.72 23.26
C LYS I 243 60.22 -42.45 24.37
N PRO I 244 58.93 -42.68 24.12
CA PRO I 244 57.91 -42.33 25.11
C PRO I 244 57.58 -43.48 26.05
N LEU I 245 57.39 -43.12 27.33
CA LEU I 245 56.93 -44.09 28.31
C LEU I 245 55.44 -44.37 28.11
N ILE I 246 55.03 -45.58 28.50
CA ILE I 246 53.66 -46.01 28.34
C ILE I 246 53.16 -46.60 29.64
N LEU I 247 51.84 -46.59 29.81
CA LEU I 247 51.18 -47.10 31.00
C LEU I 247 50.20 -48.19 30.62
N LEU I 248 50.21 -49.28 31.37
CA LEU I 248 49.31 -50.42 31.13
C LEU I 248 48.37 -50.57 32.31
N SER I 249 47.07 -50.63 32.01
CA SER I 249 46.06 -50.79 33.05
C SER I 249 44.84 -51.47 32.45
N GLU I 250 44.06 -52.11 33.31
CA GLU I 250 42.86 -52.82 32.91
C GLU I 250 41.62 -52.37 33.65
N GLN I 251 41.72 -52.08 34.95
CA GLN I 251 40.57 -51.66 35.72
C GLN I 251 40.19 -50.22 35.40
N LYS I 252 39.00 -49.83 35.85
CA LYS I 252 38.50 -48.48 35.59
C LYS I 252 39.34 -47.45 36.33
N ILE I 253 39.56 -46.31 35.68
CA ILE I 253 40.28 -45.18 36.27
C ILE I 253 39.33 -44.01 36.31
N SER I 254 38.98 -43.56 37.52
CA SER I 254 38.08 -42.42 37.68
C SER I 254 38.51 -41.44 38.75
N ALA I 255 39.62 -41.66 39.44
CA ALA I 255 40.08 -40.79 40.50
C ALA I 255 41.55 -40.45 40.31
N ALA I 256 41.97 -39.34 40.91
CA ALA I 256 43.34 -38.87 40.82
C ALA I 256 44.22 -39.40 41.94
N THR I 257 43.71 -40.29 42.79
CA THR I 257 44.49 -40.78 43.92
C THR I 257 45.69 -41.60 43.46
N ASP I 258 45.52 -42.44 42.43
CA ASP I 258 46.55 -43.37 42.01
C ASP I 258 47.10 -43.07 40.61
N ILE I 259 46.86 -41.86 40.09
CA ILE I 259 47.37 -41.50 38.78
C ILE I 259 48.16 -40.19 38.81
N ILE I 260 47.99 -39.40 39.87
CA ILE I 260 48.72 -38.12 39.96
C ILE I 260 50.23 -38.30 39.97
N PRO I 261 50.82 -39.21 40.77
CA PRO I 261 52.30 -39.30 40.77
C PRO I 261 52.91 -39.58 39.42
N ALA I 262 52.23 -40.39 38.58
CA ALA I 262 52.79 -40.73 37.28
C ALA I 262 52.95 -39.50 36.40
N LEU I 263 51.87 -38.73 36.24
CA LEU I 263 51.94 -37.55 35.39
C LEU I 263 52.88 -36.49 35.97
N GLU I 264 52.88 -36.35 37.30
CA GLU I 264 53.76 -35.38 37.93
C GLU I 264 55.23 -35.73 37.69
N ILE I 265 55.59 -37.00 37.86
CA ILE I 265 56.98 -37.38 37.64
C ILE I 265 57.34 -37.29 36.16
N SER I 266 56.38 -37.62 35.27
CA SER I 266 56.64 -37.49 33.85
C SER I 266 56.91 -36.05 33.45
N HIS I 267 56.15 -35.11 34.01
CA HIS I 267 56.43 -33.70 33.78
C HIS I 267 57.75 -33.29 34.43
N LYS I 268 58.09 -33.89 35.57
CA LYS I 268 59.35 -33.57 36.24
C LYS I 268 60.55 -33.93 35.39
N MET I 269 60.56 -35.12 34.80
CA MET I 269 61.67 -35.50 33.92
C MET I 269 61.43 -35.11 32.47
N ARG I 270 60.29 -34.51 32.15
CA ARG I 270 59.96 -34.05 30.80
C ARG I 270 60.00 -35.22 29.81
N ARG I 271 59.19 -36.25 30.09
CA ARG I 271 59.09 -37.42 29.24
C ARG I 271 57.64 -37.66 28.85
N PRO I 272 57.39 -38.13 27.63
CA PRO I 272 56.01 -38.42 27.22
C PRO I 272 55.43 -39.60 27.97
N LEU I 273 54.11 -39.59 28.10
CA LEU I 273 53.40 -40.67 28.78
C LEU I 273 52.00 -40.79 28.18
N VAL I 274 51.40 -41.97 28.36
CA VAL I 274 50.06 -42.26 27.88
C VAL I 274 49.23 -42.79 29.04
N ILE I 275 47.91 -42.71 28.87
CA ILE I 275 46.95 -43.17 29.87
C ILE I 275 45.95 -44.09 29.19
N ILE I 276 45.76 -45.27 29.77
CA ILE I 276 44.81 -46.26 29.26
C ILE I 276 43.72 -46.41 30.32
N ALA I 277 42.57 -45.77 30.10
CA ALA I 277 41.46 -45.79 31.04
C ALA I 277 40.18 -46.19 30.30
N GLU I 278 39.36 -46.99 30.96
CA GLU I 278 38.09 -47.41 30.37
C GLU I 278 37.17 -46.20 30.15
N ASP I 279 37.09 -45.31 31.13
CA ASP I 279 36.25 -44.12 31.02
C ASP I 279 36.81 -43.06 31.96
N ILE I 280 37.35 -41.99 31.39
CA ILE I 280 37.94 -40.89 32.15
C ILE I 280 37.33 -39.58 31.65
N ASP I 281 36.90 -38.73 32.57
CA ASP I 281 36.32 -37.45 32.23
C ASP I 281 37.34 -36.32 32.18
N GLY I 282 38.61 -36.60 32.45
CA GLY I 282 39.64 -35.59 32.39
C GLY I 282 39.64 -34.60 33.53
N GLU I 283 39.22 -35.02 34.74
CA GLU I 283 39.26 -34.12 35.87
C GLU I 283 40.69 -33.73 36.22
N ALA I 284 41.62 -34.68 36.17
CA ALA I 284 43.02 -34.37 36.43
C ALA I 284 43.57 -33.43 35.38
N LEU I 285 43.20 -33.64 34.11
CA LEU I 285 43.64 -32.75 33.04
C LEU I 285 43.11 -31.33 33.26
N ALA I 286 41.84 -31.20 33.65
CA ALA I 286 41.28 -29.88 33.91
C ALA I 286 41.96 -29.21 35.09
N VAL I 287 42.23 -29.97 36.15
CA VAL I 287 42.92 -29.41 37.31
C VAL I 287 44.31 -28.93 36.92
N CYS I 288 45.04 -29.73 36.16
CA CYS I 288 46.38 -29.34 35.73
C CYS I 288 46.32 -28.10 34.85
N ILE I 289 45.35 -28.03 33.94
CA ILE I 289 45.23 -26.88 33.05
C ILE I 289 44.93 -25.61 33.83
N LEU I 290 44.00 -25.68 34.78
CA LEU I 290 43.66 -24.50 35.57
C LEU I 290 44.80 -24.09 36.49
N ASN I 291 45.58 -25.05 37.00
CA ASN I 291 46.78 -24.70 37.75
C ASN I 291 47.80 -24.01 36.84
N LYS I 292 47.96 -24.52 35.62
CA LYS I 292 48.81 -23.89 34.61
C LYS I 292 48.37 -24.39 33.25
N LEU I 293 47.95 -23.46 32.38
CA LEU I 293 47.47 -23.76 31.03
C LEU I 293 48.45 -24.62 30.24
N ARG I 294 47.98 -25.20 29.13
CA ARG I 294 48.73 -26.18 28.37
C ARG I 294 50.14 -25.69 28.06
N GLY I 295 51.09 -26.63 28.10
CA GLY I 295 52.48 -26.31 27.88
C GLY I 295 53.39 -26.91 28.94
N GLN I 296 52.84 -27.81 29.76
CA GLN I 296 53.60 -28.45 30.81
C GLN I 296 53.58 -29.97 30.77
N LEU I 297 52.63 -30.59 30.09
CA LEU I 297 52.56 -32.04 30.01
C LEU I 297 51.84 -32.45 28.74
N GLU I 298 52.04 -33.70 28.34
CA GLU I 298 51.42 -34.27 27.14
C GLU I 298 50.42 -35.33 27.59
N VAL I 299 49.14 -35.01 27.49
CA VAL I 299 48.08 -35.93 27.89
C VAL I 299 47.71 -36.82 26.72
N ALA I 300 47.73 -38.13 26.95
CA ALA I 300 47.39 -39.12 25.92
C ALA I 300 46.49 -40.18 26.56
N ALA I 301 45.19 -40.05 26.36
CA ALA I 301 44.21 -40.98 26.92
C ALA I 301 43.59 -41.79 25.79
N VAL I 302 43.67 -43.11 25.90
CA VAL I 302 43.11 -44.03 24.92
C VAL I 302 42.26 -45.06 25.65
N LYS I 303 41.02 -45.24 25.19
CA LYS I 303 40.13 -46.21 25.81
C LYS I 303 40.64 -47.63 25.60
N ALA I 304 40.48 -48.46 26.63
CA ALA I 304 40.89 -49.84 26.54
C ALA I 304 39.98 -50.61 25.56
N PRO I 305 40.54 -51.58 24.84
CA PRO I 305 39.73 -52.35 23.89
C PRO I 305 38.80 -53.32 24.60
N GLY I 306 38.00 -54.01 23.79
CA GLY I 306 37.11 -55.04 24.29
C GLY I 306 37.77 -56.41 24.25
N PHE I 307 36.96 -57.44 24.04
CA PHE I 307 37.44 -58.83 23.91
C PHE I 307 38.20 -59.24 25.17
N GLY I 308 37.45 -59.35 26.27
CA GLY I 308 38.01 -59.55 27.59
C GLY I 308 39.19 -60.49 27.72
N ASP I 309 39.02 -61.76 27.35
CA ASP I 309 40.15 -62.69 27.38
C ASP I 309 41.22 -62.28 26.37
N ASN I 310 40.80 -61.88 25.17
CA ASN I 310 41.75 -61.37 24.19
C ASN I 310 42.34 -60.04 24.66
N ARG I 311 41.60 -59.27 25.45
CA ARG I 311 42.17 -58.06 26.04
C ARG I 311 43.30 -58.40 27.01
N LYS I 312 43.10 -59.42 27.84
CA LYS I 312 44.17 -59.87 28.73
C LYS I 312 45.36 -60.37 27.93
N SER I 313 45.10 -61.12 26.85
CA SER I 313 46.19 -61.62 26.01
C SER I 313 46.96 -60.47 25.38
N ILE I 314 46.27 -59.46 24.87
CA ILE I 314 46.94 -58.34 24.22
C ILE I 314 47.70 -57.49 25.25
N LEU I 315 47.16 -57.39 26.47
CA LEU I 315 47.89 -56.68 27.52
C LEU I 315 49.17 -57.42 27.88
N GLY I 316 49.09 -58.74 28.00
CA GLY I 316 50.31 -59.52 28.22
C GLY I 316 51.30 -59.37 27.09
N ASP I 317 50.81 -59.33 25.85
CA ASP I 317 51.70 -59.18 24.70
C ASP I 317 52.39 -57.82 24.69
N ILE I 318 51.65 -56.74 24.94
CA ILE I 318 52.28 -55.42 24.93
C ILE I 318 53.23 -55.28 26.11
N ALA I 319 52.90 -55.87 27.26
CA ALA I 319 53.82 -55.86 28.38
C ALA I 319 55.10 -56.62 28.04
N VAL I 320 54.97 -57.78 27.40
CA VAL I 320 56.13 -58.56 27.01
C VAL I 320 57.01 -57.76 26.04
N LEU I 321 56.38 -57.09 25.08
CA LEU I 321 57.14 -56.31 24.11
C LEU I 321 57.85 -55.13 24.76
N THR I 322 57.12 -54.37 25.59
CA THR I 322 57.66 -53.13 26.15
C THR I 322 57.72 -53.12 27.66
N ASN I 323 56.61 -53.43 28.35
CA ASN I 323 56.52 -53.12 29.78
C ASN I 323 57.01 -54.28 30.65
N GLY I 324 56.36 -55.43 30.55
CA GLY I 324 56.64 -56.55 31.42
C GLY I 324 55.83 -56.57 32.69
N THR I 325 55.01 -55.55 32.96
CA THR I 325 54.17 -55.50 34.15
C THR I 325 52.89 -54.77 33.82
N VAL I 326 51.76 -55.34 34.22
CA VAL I 326 50.45 -54.74 34.00
C VAL I 326 49.87 -54.37 35.36
N PHE I 327 48.83 -53.53 35.32
CA PHE I 327 48.16 -53.05 36.52
C PHE I 327 46.75 -53.65 36.59
N THR I 328 46.47 -54.34 37.69
CA THR I 328 45.17 -54.95 37.91
C THR I 328 45.03 -55.29 39.38
N ASN I 329 43.92 -54.85 39.99
CA ASN I 329 43.70 -55.13 41.41
C ASN I 329 43.55 -56.63 41.67
N GLU I 330 42.96 -57.37 40.73
CA GLU I 330 42.87 -58.82 40.89
C GLU I 330 44.24 -59.46 40.94
N LEU I 331 45.17 -58.99 40.11
CA LEU I 331 46.54 -59.47 40.13
C LEU I 331 47.25 -58.95 41.38
N ASP I 332 48.33 -59.63 41.77
CA ASP I 332 49.04 -59.30 42.99
C ASP I 332 49.73 -57.94 42.94
N VAL I 333 49.83 -57.33 41.77
CA VAL I 333 50.44 -56.00 41.66
C VAL I 333 49.55 -54.97 42.34
N LYS I 334 50.15 -54.14 43.19
CA LYS I 334 49.41 -53.13 43.91
C LYS I 334 49.00 -52.00 42.96
N LEU I 335 47.81 -51.45 43.17
CA LEU I 335 47.29 -50.41 42.28
C LEU I 335 47.99 -49.08 42.49
N GLU I 336 48.50 -48.83 43.70
CA GLU I 336 49.16 -47.57 44.02
C GLU I 336 50.67 -47.65 43.90
N LYS I 337 51.19 -48.44 42.97
CA LYS I 337 52.63 -48.59 42.75
C LYS I 337 53.08 -47.84 41.51
N VAL I 338 52.54 -46.64 41.27
CA VAL I 338 52.86 -45.89 40.06
C VAL I 338 54.22 -45.21 40.20
N THR I 339 55.27 -45.91 39.80
CA THR I 339 56.63 -45.40 39.79
C THR I 339 57.26 -45.68 38.43
N PRO I 340 58.23 -44.88 38.01
CA PRO I 340 58.89 -45.12 36.72
C PRO I 340 59.79 -46.35 36.69
N ASP I 341 59.80 -47.16 37.75
CA ASP I 341 60.69 -48.31 37.79
C ASP I 341 60.25 -49.38 36.78
N MET I 342 58.96 -49.73 36.78
CA MET I 342 58.46 -50.78 35.91
C MET I 342 57.67 -50.25 34.72
N LEU I 343 57.62 -48.94 34.54
CA LEU I 343 56.90 -48.38 33.41
C LEU I 343 57.57 -48.78 32.10
N GLY I 344 56.73 -49.14 31.11
CA GLY I 344 57.26 -49.58 29.84
C GLY I 344 57.76 -48.44 28.98
N SER I 345 58.54 -48.81 27.96
CA SER I 345 59.11 -47.83 27.06
C SER I 345 59.26 -48.45 25.67
N THR I 346 59.38 -47.59 24.67
CA THR I 346 59.55 -48.02 23.30
C THR I 346 60.40 -47.01 22.55
N GLY I 347 60.94 -47.43 21.40
CA GLY I 347 61.76 -46.54 20.61
C GLY I 347 60.98 -45.34 20.09
N SER I 348 59.78 -45.58 19.57
CA SER I 348 58.94 -44.51 19.08
C SER I 348 57.50 -45.01 19.01
N ILE I 349 56.55 -44.10 19.22
CA ILE I 349 55.13 -44.41 19.17
C ILE I 349 54.43 -43.38 18.29
N THR I 350 53.26 -43.77 17.77
CA THR I 350 52.46 -42.89 16.94
C THR I 350 51.00 -43.20 17.21
N ILE I 351 50.30 -42.30 17.88
CA ILE I 351 48.89 -42.47 18.20
C ILE I 351 48.12 -41.30 17.60
N THR I 352 47.09 -41.62 16.80
CA THR I 352 46.26 -40.59 16.20
C THR I 352 44.79 -40.85 16.53
N LYS I 353 43.89 -40.10 15.89
CA LYS I 353 42.49 -40.08 16.30
C LYS I 353 41.74 -41.36 15.94
N GLU I 354 42.32 -42.23 15.12
CA GLU I 354 41.63 -43.47 14.74
C GLU I 354 42.39 -44.74 15.09
N ASP I 355 43.71 -44.72 15.18
CA ASP I 355 44.46 -45.93 15.51
C ASP I 355 45.77 -45.55 16.18
N THR I 356 46.39 -46.53 16.84
CA THR I 356 47.65 -46.36 17.53
C THR I 356 48.72 -47.21 16.84
N ILE I 357 49.93 -46.65 16.73
CA ILE I 357 51.06 -47.34 16.12
C ILE I 357 52.14 -47.48 17.17
N ILE I 358 52.54 -48.72 17.46
CA ILE I 358 53.60 -49.00 18.41
C ILE I 358 54.71 -49.73 17.67
N LEU I 359 55.96 -49.37 17.98
CA LEU I 359 57.10 -49.93 17.27
C LEU I 359 58.34 -49.81 18.17
N ASN I 360 59.32 -50.66 17.88
CA ASN I 360 60.59 -50.71 18.62
C ASN I 360 60.36 -51.00 20.11
N GLY I 361 59.84 -52.19 20.36
CA GLY I 361 59.66 -52.63 21.73
C GLY I 361 60.99 -52.73 22.46
N ASP I 362 61.00 -52.29 23.71
CA ASP I 362 62.21 -52.24 24.52
C ASP I 362 62.41 -53.47 25.40
N GLY I 363 61.54 -54.47 25.30
CA GLY I 363 61.69 -55.66 26.12
C GLY I 363 62.86 -56.51 25.70
N SER I 364 63.26 -57.40 26.61
CA SER I 364 64.37 -58.30 26.34
C SER I 364 63.99 -59.30 25.26
N LYS I 365 64.85 -59.44 24.25
CA LYS I 365 64.54 -60.33 23.14
C LYS I 365 64.66 -61.80 23.53
N ASP I 366 65.51 -62.12 24.51
CA ASP I 366 65.67 -63.51 24.93
C ASP I 366 64.38 -64.05 25.53
N ALA I 367 63.79 -63.30 26.45
CA ALA I 367 62.52 -63.73 27.05
C ALA I 367 61.39 -63.74 26.03
N ILE I 368 61.42 -62.81 25.07
CA ILE I 368 60.42 -62.80 24.01
C ILE I 368 60.52 -64.08 23.18
N ALA I 369 61.74 -64.47 22.83
CA ALA I 369 61.93 -65.71 22.07
C ALA I 369 61.53 -66.93 22.90
N GLN I 370 61.83 -66.92 24.20
CA GLN I 370 61.43 -68.03 25.06
C GLN I 370 59.92 -68.18 25.10
N ARG I 371 59.21 -67.06 25.27
CA ARG I 371 57.74 -67.12 25.28
C ARG I 371 57.18 -67.51 23.92
N CYS I 372 57.82 -67.05 22.83
CA CYS I 372 57.37 -67.45 21.50
C CYS I 372 57.52 -68.95 21.30
N GLU I 373 58.64 -69.53 21.74
CA GLU I 373 58.82 -70.97 21.60
C GLU I 373 57.88 -71.73 22.53
N GLN I 374 57.56 -71.17 23.70
CA GLN I 374 56.56 -71.79 24.56
C GLN I 374 55.19 -71.81 23.88
N ILE I 375 54.81 -70.72 23.22
CA ILE I 375 53.55 -70.68 22.49
C ILE I 375 53.58 -71.69 21.34
N ARG I 376 54.71 -71.79 20.63
CA ARG I 376 54.83 -72.74 19.53
C ARG I 376 54.67 -74.17 20.03
N GLY I 377 55.27 -74.49 21.17
CA GLY I 377 55.06 -75.79 21.77
C GLY I 377 53.63 -76.01 22.22
N ALA I 378 52.96 -74.96 22.70
CA ALA I 378 51.56 -75.06 23.05
C ALA I 378 50.68 -75.32 21.82
N MET I 379 51.13 -74.88 20.64
CA MET I 379 50.39 -75.17 19.41
C MET I 379 50.33 -76.65 19.09
N ASN I 380 51.20 -77.47 19.69
CA ASN I 380 51.23 -78.89 19.38
C ASN I 380 50.20 -79.70 20.16
N ASP I 381 49.53 -79.10 21.13
CA ASP I 381 48.53 -79.81 21.91
C ASP I 381 47.20 -79.85 21.16
N PRO I 382 46.68 -81.03 20.80
CA PRO I 382 45.39 -81.08 20.11
C PRO I 382 44.22 -80.66 20.99
N SER I 383 44.39 -80.61 22.30
CA SER I 383 43.30 -80.29 23.23
C SER I 383 43.17 -78.79 23.49
N THR I 384 43.96 -77.95 22.83
CA THR I 384 43.86 -76.51 23.02
C THR I 384 42.51 -76.00 22.52
N SER I 385 41.98 -75.00 23.22
CA SER I 385 40.69 -74.44 22.84
C SER I 385 40.78 -73.77 21.47
N GLU I 386 39.69 -73.90 20.69
CA GLU I 386 39.68 -73.35 19.33
C GLU I 386 39.80 -71.83 19.34
N TYR I 387 39.05 -71.17 20.23
CA TYR I 387 39.12 -69.71 20.30
C TYR I 387 40.50 -69.25 20.71
N GLU I 388 41.07 -69.89 21.73
CA GLU I 388 42.44 -69.55 22.13
C GLU I 388 43.43 -69.84 21.02
N LYS I 389 43.24 -70.95 20.30
CA LYS I 389 44.14 -71.29 19.22
C LYS I 389 44.12 -70.24 18.12
N GLU I 390 42.92 -69.81 17.71
CA GLU I 390 42.85 -68.81 16.65
C GLU I 390 43.32 -67.44 17.13
N LYS I 391 43.06 -67.08 18.39
CA LYS I 391 43.56 -65.82 18.92
C LYS I 391 45.08 -65.80 18.94
N LEU I 392 45.70 -66.89 19.39
CA LEU I 392 47.17 -66.94 19.39
C LEU I 392 47.72 -67.03 17.97
N GLN I 393 47.00 -67.66 17.05
CA GLN I 393 47.44 -67.71 15.67
C GLN I 393 47.45 -66.33 15.03
N GLU I 394 46.38 -65.54 15.24
CA GLU I 394 46.38 -64.19 14.71
C GLU I 394 47.39 -63.30 15.44
N ARG I 395 47.64 -63.57 16.72
CA ARG I 395 48.72 -62.89 17.42
C ARG I 395 50.06 -63.16 16.76
N LEU I 396 50.32 -64.42 16.42
CA LEU I 396 51.54 -64.78 15.71
C LEU I 396 51.61 -64.07 14.36
N ALA I 397 50.48 -64.04 13.64
CA ALA I 397 50.46 -63.42 12.32
C ALA I 397 50.77 -61.93 12.40
N LYS I 398 50.23 -61.24 13.40
CA LYS I 398 50.40 -59.80 13.53
C LYS I 398 51.64 -59.41 14.34
N LEU I 399 52.34 -60.37 14.93
CA LEU I 399 53.55 -60.08 15.69
C LEU I 399 54.84 -60.52 14.99
N SER I 400 54.86 -61.73 14.40
CA SER I 400 56.07 -62.21 13.77
C SER I 400 56.46 -61.36 12.56
N GLY I 401 55.47 -60.92 11.79
CA GLY I 401 55.74 -60.13 10.59
C GLY I 401 56.41 -58.80 10.87
N GLY I 402 55.95 -58.11 11.90
CA GLY I 402 56.52 -56.83 12.26
C GLY I 402 55.81 -55.69 11.56
N VAL I 403 55.97 -54.49 12.12
CA VAL I 403 55.33 -53.30 11.57
C VAL I 403 56.23 -52.70 10.50
N ALA I 404 55.70 -52.55 9.29
CA ALA I 404 56.45 -51.97 8.19
C ALA I 404 56.45 -50.45 8.34
N VAL I 405 57.61 -49.88 8.61
CA VAL I 405 57.77 -48.44 8.82
C VAL I 405 58.67 -47.89 7.74
N ILE I 406 58.26 -46.76 7.15
CA ILE I 406 59.03 -46.07 6.13
C ILE I 406 59.33 -44.66 6.62
N LYS I 407 60.60 -44.28 6.59
CA LYS I 407 61.03 -42.95 6.97
C LYS I 407 60.99 -42.06 5.74
N VAL I 408 59.97 -41.19 5.67
CA VAL I 408 59.83 -40.31 4.52
C VAL I 408 60.96 -39.29 4.50
N GLY I 409 61.25 -38.76 3.32
CA GLY I 409 62.29 -37.77 3.15
C GLY I 409 61.75 -36.42 2.70
N GLY I 410 62.67 -35.50 2.51
CA GLY I 410 62.31 -34.16 2.08
C GLY I 410 63.35 -33.15 2.49
N SER I 411 63.19 -31.93 1.98
CA SER I 411 64.10 -30.83 2.26
C SER I 411 63.56 -29.89 3.34
N SER I 412 62.39 -29.30 3.12
CA SER I 412 61.80 -28.36 4.05
C SER I 412 60.62 -29.02 4.77
N GLU I 413 60.06 -28.29 5.74
CA GLU I 413 58.92 -28.79 6.48
C GLU I 413 57.70 -28.97 5.57
N VAL I 414 57.43 -27.97 4.72
CA VAL I 414 56.29 -28.09 3.81
C VAL I 414 56.54 -29.18 2.77
N GLU I 415 57.79 -29.32 2.31
CA GLU I 415 58.11 -30.36 1.35
C GLU I 415 57.93 -31.75 1.96
N VAL I 416 58.44 -31.96 3.17
CA VAL I 416 58.27 -33.27 3.80
C VAL I 416 56.81 -33.52 4.13
N GLY I 417 56.05 -32.47 4.47
CA GLY I 417 54.63 -32.65 4.71
C GLY I 417 53.86 -33.08 3.47
N GLU I 418 54.11 -32.40 2.35
CA GLU I 418 53.41 -32.78 1.12
C GLU I 418 53.85 -34.16 0.66
N LYS I 419 55.13 -34.51 0.87
CA LYS I 419 55.58 -35.86 0.57
C LYS I 419 54.86 -36.89 1.44
N LYS I 420 54.67 -36.59 2.72
CA LYS I 420 53.98 -37.51 3.61
C LYS I 420 52.52 -37.72 3.18
N ASP I 421 51.82 -36.63 2.85
CA ASP I 421 50.44 -36.78 2.37
C ASP I 421 50.38 -37.55 1.05
N ARG I 422 51.29 -37.26 0.12
CA ARG I 422 51.31 -38.00 -1.14
C ARG I 422 51.52 -39.48 -0.88
N PHE I 423 52.48 -39.81 0.00
CA PHE I 423 52.74 -41.19 0.34
C PHE I 423 51.53 -41.84 0.99
N VAL I 424 50.81 -41.12 1.85
CA VAL I 424 49.71 -41.76 2.56
C VAL I 424 48.57 -42.06 1.59
N ASP I 425 48.27 -41.16 0.64
CA ASP I 425 47.20 -41.51 -0.29
C ASP I 425 47.64 -42.63 -1.23
N ALA I 426 48.91 -42.61 -1.65
CA ALA I 426 49.41 -43.67 -2.52
C ALA I 426 49.31 -45.03 -1.84
N LEU I 427 49.74 -45.11 -0.58
CA LEU I 427 49.67 -46.38 0.14
C LEU I 427 48.23 -46.79 0.42
N ASN I 428 47.35 -45.83 0.71
CA ASN I 428 45.94 -46.19 0.92
C ASN I 428 45.34 -46.80 -0.35
N ALA I 429 45.60 -46.17 -1.49
CA ALA I 429 45.12 -46.72 -2.76
C ALA I 429 45.72 -48.08 -3.04
N THR I 430 47.01 -48.25 -2.74
CA THR I 430 47.66 -49.54 -2.97
C THR I 430 47.05 -50.63 -2.09
N ARG I 431 46.79 -50.33 -0.82
CA ARG I 431 46.14 -51.30 0.07
C ARG I 431 44.76 -51.67 -0.42
N ALA I 432 43.98 -50.67 -0.84
CA ALA I 432 42.65 -50.96 -1.38
C ALA I 432 42.75 -51.88 -2.60
N ALA I 433 43.69 -51.57 -3.51
CA ALA I 433 43.84 -52.36 -4.73
C ALA I 433 44.25 -53.79 -4.42
N VAL I 434 45.20 -53.98 -3.50
CA VAL I 434 45.64 -55.35 -3.21
C VAL I 434 44.57 -56.13 -2.48
N GLU I 435 43.83 -55.50 -1.56
CA GLU I 435 42.86 -56.25 -0.78
C GLU I 435 41.62 -56.57 -1.60
N GLU I 436 41.29 -55.74 -2.60
CA GLU I 436 40.11 -55.99 -3.43
C GLU I 436 40.45 -56.29 -4.88
N GLY I 437 41.15 -55.39 -5.56
CA GLY I 437 41.41 -55.54 -6.97
C GLY I 437 41.14 -54.26 -7.74
N ILE I 438 41.76 -54.11 -8.91
CA ILE I 438 41.63 -52.90 -9.70
C ILE I 438 40.68 -53.14 -10.86
N LEU I 439 40.07 -52.06 -11.34
CA LEU I 439 39.15 -52.06 -12.47
C LEU I 439 39.44 -50.85 -13.34
N PRO I 440 39.11 -50.91 -14.63
CA PRO I 440 39.30 -49.74 -15.50
C PRO I 440 38.51 -48.54 -15.03
N GLY I 441 39.21 -47.44 -14.73
CA GLY I 441 38.58 -46.26 -14.20
C GLY I 441 37.89 -45.44 -15.27
N GLY I 442 37.36 -44.30 -14.85
CA GLY I 442 36.64 -43.42 -15.74
C GLY I 442 35.21 -43.84 -16.03
N GLY I 443 34.67 -44.78 -15.26
CA GLY I 443 33.32 -45.25 -15.46
C GLY I 443 33.15 -46.30 -16.52
N THR I 444 34.24 -46.73 -17.17
CA THR I 444 34.14 -47.77 -18.19
C THR I 444 33.64 -49.08 -17.61
N ALA I 445 34.14 -49.45 -16.43
CA ALA I 445 33.71 -50.69 -15.80
C ALA I 445 32.22 -50.68 -15.49
N LEU I 446 31.71 -49.53 -15.05
CA LEU I 446 30.27 -49.42 -14.78
C LEU I 446 29.46 -49.63 -16.05
N ILE I 447 29.90 -49.04 -17.17
CA ILE I 447 29.19 -49.20 -18.43
C ILE I 447 29.19 -50.66 -18.86
N LYS I 448 30.36 -51.31 -18.78
CA LYS I 448 30.45 -52.70 -19.18
C LYS I 448 29.58 -53.59 -18.30
N ALA I 449 29.55 -53.32 -16.99
CA ALA I 449 28.70 -54.10 -16.10
C ALA I 449 27.23 -53.89 -16.41
N SER I 450 26.82 -52.63 -16.61
CA SER I 450 25.43 -52.35 -16.92
C SER I 450 24.99 -52.93 -18.26
N VAL I 451 25.93 -53.14 -19.18
CA VAL I 451 25.55 -53.69 -20.48
C VAL I 451 25.57 -55.21 -20.48
N ASN I 452 26.57 -55.84 -19.85
CA ASN I 452 26.73 -57.29 -19.90
C ASN I 452 26.17 -58.01 -18.68
N ALA I 453 25.55 -57.30 -17.75
CA ALA I 453 25.09 -57.92 -16.50
C ALA I 453 23.58 -57.94 -16.37
N LEU I 454 22.93 -56.79 -16.48
CA LEU I 454 21.49 -56.68 -16.22
C LEU I 454 20.64 -57.29 -17.33
N ASN I 455 21.23 -57.64 -18.47
CA ASN I 455 20.46 -58.24 -19.55
C ASN I 455 20.03 -59.67 -19.22
N ASN I 456 20.71 -60.32 -18.27
CA ASN I 456 20.39 -61.70 -17.91
C ASN I 456 19.29 -61.79 -16.86
N LEU I 457 19.14 -60.77 -16.02
CA LEU I 457 18.14 -60.82 -14.95
C LEU I 457 16.73 -60.88 -15.54
N LYS I 458 15.89 -61.69 -14.92
CA LYS I 458 14.50 -61.89 -15.36
C LYS I 458 13.59 -61.69 -14.16
N PRO I 459 13.26 -60.44 -13.82
CA PRO I 459 12.36 -60.19 -12.69
C PRO I 459 10.98 -60.78 -12.93
N ALA I 460 10.33 -61.17 -11.84
CA ALA I 460 9.02 -61.82 -11.94
C ALA I 460 7.93 -60.81 -12.27
N ASN I 461 7.73 -59.83 -11.40
CA ASN I 461 6.67 -58.85 -11.60
C ASN I 461 7.16 -57.73 -12.50
N PHE I 462 6.39 -56.64 -12.58
CA PHE I 462 6.67 -55.55 -13.51
C PHE I 462 7.48 -54.43 -12.86
N ASP I 463 7.16 -54.07 -11.62
CA ASP I 463 7.90 -52.99 -10.96
C ASP I 463 9.35 -53.37 -10.71
N GLN I 464 9.64 -54.66 -10.51
CA GLN I 464 11.03 -55.08 -10.41
C GLN I 464 11.77 -54.83 -11.72
N GLN I 465 11.12 -55.10 -12.85
CA GLN I 465 11.72 -54.78 -14.14
C GLN I 465 11.92 -53.27 -14.29
N LEU I 466 10.96 -52.49 -13.81
CA LEU I 466 11.11 -51.04 -13.85
C LEU I 466 12.31 -50.59 -13.03
N GLY I 467 12.50 -51.18 -11.85
CA GLY I 467 13.66 -50.84 -11.02
C GLY I 467 14.97 -51.26 -11.66
N VAL I 468 14.98 -52.41 -12.32
CA VAL I 468 16.18 -52.84 -13.04
C VAL I 468 16.52 -51.86 -14.15
N ASN I 469 15.50 -51.42 -14.90
CA ASN I 469 15.74 -50.40 -15.93
C ASN I 469 16.23 -49.10 -15.31
N ILE I 470 15.70 -48.75 -14.14
CA ILE I 470 16.12 -47.54 -13.44
C ILE I 470 17.61 -47.61 -13.10
N ILE I 471 18.04 -48.75 -12.55
CA ILE I 471 19.45 -48.88 -12.19
C ILE I 471 20.32 -48.92 -13.44
N LYS I 472 19.83 -49.51 -14.53
CA LYS I 472 20.59 -49.53 -15.77
C LYS I 472 20.78 -48.13 -16.33
N ASN I 473 19.74 -47.30 -16.25
CA ASN I 473 19.87 -45.93 -16.72
C ASN I 473 20.72 -45.07 -15.78
N ALA I 474 20.70 -45.38 -14.48
CA ALA I 474 21.41 -44.57 -13.51
C ALA I 474 22.89 -44.93 -13.38
N ILE I 475 23.28 -46.15 -13.76
CA ILE I 475 24.68 -46.55 -13.62
C ILE I 475 25.58 -45.72 -14.53
N THR I 476 25.09 -45.35 -15.71
CA THR I 476 25.90 -44.63 -16.69
C THR I 476 26.09 -43.15 -16.36
N ARG I 477 25.47 -42.66 -15.29
CA ARG I 477 25.55 -41.22 -14.98
C ARG I 477 26.98 -40.75 -14.68
N PRO I 478 27.78 -41.44 -13.84
CA PRO I 478 29.15 -40.95 -13.63
C PRO I 478 29.98 -40.85 -14.90
N ALA I 479 29.86 -41.83 -15.80
CA ALA I 479 30.59 -41.76 -17.06
C ALA I 479 30.13 -40.58 -17.90
N ARG I 480 28.82 -40.33 -17.93
CA ARG I 480 28.30 -39.18 -18.66
C ARG I 480 28.85 -37.88 -18.10
N MET I 481 28.89 -37.76 -16.77
CA MET I 481 29.43 -36.55 -16.16
C MET I 481 30.92 -36.40 -16.47
N ILE I 482 31.67 -37.50 -16.42
CA ILE I 482 33.10 -37.44 -16.70
C ILE I 482 33.34 -36.98 -18.14
N VAL I 483 32.58 -37.52 -19.08
CA VAL I 483 32.77 -37.15 -20.48
C VAL I 483 32.33 -35.70 -20.72
N GLU I 484 31.23 -35.29 -20.10
CA GLU I 484 30.72 -33.93 -20.32
C GLU I 484 31.60 -32.89 -19.67
N ASN I 485 32.34 -33.26 -18.61
CA ASN I 485 33.23 -32.30 -17.96
C ASN I 485 34.33 -31.84 -18.90
N ALA I 486 34.89 -32.76 -19.69
CA ALA I 486 35.93 -32.38 -20.64
C ALA I 486 35.37 -31.46 -21.72
N GLY I 487 34.17 -31.76 -22.21
CA GLY I 487 33.56 -30.94 -23.23
C GLY I 487 32.87 -31.73 -24.32
N LEU I 488 33.36 -32.93 -24.60
CA LEU I 488 32.76 -33.77 -25.62
C LEU I 488 31.39 -34.26 -25.19
N GLU I 489 30.55 -34.57 -26.17
CA GLU I 489 29.20 -35.03 -25.89
C GLU I 489 29.25 -36.42 -25.27
N GLY I 490 28.53 -36.60 -24.16
CA GLY I 490 28.56 -37.88 -23.46
C GLY I 490 27.76 -38.97 -24.13
N SER I 491 26.70 -38.59 -24.84
CA SER I 491 25.80 -39.59 -25.44
C SER I 491 26.53 -40.43 -26.48
N VAL I 492 27.26 -39.77 -27.38
CA VAL I 492 27.96 -40.50 -28.44
C VAL I 492 29.06 -41.37 -27.85
N VAL I 493 29.79 -40.86 -26.85
CA VAL I 493 30.86 -41.63 -26.23
C VAL I 493 30.30 -42.87 -25.54
N ILE I 494 29.20 -42.71 -24.80
CA ILE I 494 28.59 -43.84 -24.11
C ILE I 494 28.06 -44.85 -25.12
N GLY I 495 27.47 -44.37 -26.22
CA GLY I 495 27.00 -45.29 -27.25
C GLY I 495 28.12 -46.08 -27.89
N LYS I 496 29.25 -45.42 -28.15
CA LYS I 496 30.39 -46.11 -28.72
C LYS I 496 30.98 -47.13 -27.74
N ILE I 497 31.04 -46.77 -26.45
CA ILE I 497 31.62 -47.67 -25.46
C ILE I 497 30.72 -48.89 -25.26
N SER I 498 29.41 -48.66 -25.11
CA SER I 498 28.51 -49.74 -24.74
C SER I 498 28.28 -50.72 -25.88
N ASP I 499 28.22 -50.22 -27.12
CA ASP I 499 27.85 -51.04 -28.26
C ASP I 499 29.06 -51.52 -29.05
N GLU I 500 29.91 -50.61 -29.52
CA GLU I 500 31.03 -51.00 -30.37
C GLU I 500 32.05 -51.83 -29.60
N TYR I 501 32.30 -51.51 -28.34
CA TYR I 501 33.32 -52.17 -27.53
C TYR I 501 32.70 -52.91 -26.36
N ALA I 502 31.57 -53.58 -26.59
CA ALA I 502 30.92 -54.34 -25.53
C ALA I 502 31.78 -55.53 -25.09
N ALA I 503 32.39 -56.23 -26.05
CA ALA I 503 33.18 -57.40 -25.71
C ALA I 503 34.42 -57.05 -24.91
N ASP I 504 35.10 -55.96 -25.28
CA ASP I 504 36.34 -55.57 -24.62
C ASP I 504 36.01 -54.80 -23.35
N PHE I 505 36.25 -55.42 -22.19
CA PHE I 505 35.98 -54.75 -20.93
C PHE I 505 36.90 -53.55 -20.73
N ASN I 506 38.19 -53.70 -21.07
CA ASN I 506 39.15 -52.64 -20.82
C ASN I 506 38.98 -51.46 -21.77
N LYS I 507 38.31 -51.65 -22.91
CA LYS I 507 38.16 -50.56 -23.86
C LYS I 507 37.14 -49.55 -23.34
N GLY I 508 37.52 -48.28 -23.40
CA GLY I 508 36.64 -47.21 -22.96
C GLY I 508 37.05 -45.91 -23.59
N PHE I 509 36.81 -44.82 -22.87
CA PHE I 509 37.15 -43.47 -23.34
C PHE I 509 38.16 -42.84 -22.38
N ASN I 510 39.24 -42.31 -22.94
CA ASN I 510 40.26 -41.61 -22.17
C ASN I 510 39.97 -40.12 -22.28
N SER I 511 39.40 -39.54 -21.23
CA SER I 511 39.03 -38.13 -21.25
C SER I 511 40.25 -37.21 -21.28
N ALA I 512 41.41 -37.71 -20.88
CA ALA I 512 42.61 -36.87 -20.88
C ALA I 512 43.00 -36.46 -22.30
N THR I 513 42.92 -37.39 -23.25
CA THR I 513 43.32 -37.12 -24.63
C THR I 513 42.17 -37.21 -25.63
N GLY I 514 41.09 -37.92 -25.30
CA GLY I 514 39.97 -38.07 -26.20
C GLY I 514 40.04 -39.24 -27.14
N GLU I 515 40.95 -40.20 -26.90
CA GLU I 515 41.08 -41.38 -27.74
C GLU I 515 40.63 -42.61 -26.98
N TYR I 516 39.97 -43.52 -27.67
CA TYR I 516 39.46 -44.74 -27.07
C TYR I 516 40.62 -45.71 -26.88
N VAL I 517 41.22 -45.70 -25.68
CA VAL I 517 42.34 -46.56 -25.35
C VAL I 517 42.02 -47.31 -24.06
N ASP I 518 42.75 -48.40 -23.84
CA ASP I 518 42.55 -49.23 -22.66
C ASP I 518 43.16 -48.53 -21.45
N MET I 519 42.39 -48.45 -20.36
CA MET I 519 42.90 -47.84 -19.12
C MET I 519 44.00 -48.66 -18.49
N ILE I 520 44.06 -49.97 -18.74
CA ILE I 520 45.11 -50.80 -18.17
C ILE I 520 46.48 -50.34 -18.68
N GLN I 521 46.58 -50.13 -20.00
CA GLN I 521 47.82 -49.64 -20.57
C GLN I 521 47.99 -48.14 -20.33
N ALA I 522 46.89 -47.39 -20.35
CA ALA I 522 46.97 -45.94 -20.15
C ALA I 522 47.27 -45.58 -18.70
N GLY I 523 47.05 -46.49 -17.76
CA GLY I 523 47.32 -46.25 -16.36
C GLY I 523 46.11 -45.88 -15.52
N ILE I 524 45.01 -45.49 -16.16
CA ILE I 524 43.80 -45.16 -15.41
C ILE I 524 43.25 -46.41 -14.75
N LEU I 525 42.81 -46.27 -13.50
CA LEU I 525 42.27 -47.41 -12.77
C LEU I 525 41.27 -46.92 -11.73
N ASP I 526 40.47 -47.86 -11.22
CA ASP I 526 39.58 -47.64 -10.11
C ASP I 526 39.54 -48.94 -9.33
N PRO I 527 39.94 -48.94 -8.07
CA PRO I 527 39.90 -50.17 -7.28
C PRO I 527 38.47 -50.68 -7.13
N LEU I 528 38.34 -52.00 -7.02
CA LEU I 528 37.01 -52.60 -6.89
C LEU I 528 36.34 -52.17 -5.59
N LYS I 529 37.12 -52.06 -4.51
CA LYS I 529 36.55 -51.77 -3.19
C LYS I 529 35.82 -50.44 -3.18
N VAL I 530 36.47 -49.38 -3.68
CA VAL I 530 35.89 -48.05 -3.59
C VAL I 530 34.62 -47.96 -4.43
N VAL I 531 34.67 -48.44 -5.68
CA VAL I 531 33.49 -48.33 -6.55
C VAL I 531 32.36 -49.21 -6.03
N ARG I 532 32.69 -50.40 -5.53
CA ARG I 532 31.66 -51.30 -5.02
C ARG I 532 30.97 -50.71 -3.79
N THR I 533 31.75 -50.21 -2.84
CA THR I 533 31.15 -49.64 -1.64
C THR I 533 30.39 -48.35 -1.96
N GLY I 534 30.89 -47.55 -2.91
CA GLY I 534 30.16 -46.36 -3.31
C GLY I 534 28.82 -46.71 -3.95
N LEU I 535 28.80 -47.69 -4.85
CA LEU I 535 27.56 -48.11 -5.47
C LEU I 535 26.59 -48.68 -4.44
N ILE I 536 27.09 -49.49 -3.51
CA ILE I 536 26.22 -50.10 -2.50
C ILE I 536 25.61 -49.02 -1.61
N ASP I 537 26.44 -48.09 -1.12
CA ASP I 537 25.93 -47.03 -0.26
C ASP I 537 24.97 -46.12 -1.00
N ALA I 538 25.27 -45.79 -2.27
CA ALA I 538 24.38 -44.94 -3.04
C ALA I 538 23.03 -45.62 -3.26
N SER I 539 23.04 -46.91 -3.63
CA SER I 539 21.79 -47.62 -3.84
C SER I 539 20.98 -47.71 -2.55
N GLY I 540 21.65 -48.03 -1.43
CA GLY I 540 20.94 -48.11 -0.17
C GLY I 540 20.34 -46.78 0.25
N VAL I 541 21.12 -45.70 0.12
CA VAL I 541 20.62 -44.38 0.53
C VAL I 541 19.47 -43.94 -0.37
N ALA I 542 19.58 -44.17 -1.67
CA ALA I 542 18.49 -43.79 -2.57
C ALA I 542 17.23 -44.60 -2.29
N SER I 543 17.38 -45.92 -2.06
CA SER I 543 16.23 -46.75 -1.75
C SER I 543 15.57 -46.32 -0.44
N LEU I 544 16.38 -46.00 0.57
CA LEU I 544 15.82 -45.53 1.83
C LEU I 544 15.12 -44.19 1.66
N LEU I 545 15.72 -43.27 0.90
CA LEU I 545 15.14 -41.94 0.75
C LEU I 545 13.88 -41.97 -0.13
N GLY I 546 13.76 -42.98 -0.99
CA GLY I 546 12.57 -43.07 -1.82
C GLY I 546 11.35 -43.63 -1.12
N THR I 547 11.47 -43.98 0.16
CA THR I 547 10.35 -44.55 0.90
C THR I 547 10.14 -43.82 2.22
N THR I 548 10.15 -42.48 2.18
CA THR I 548 9.91 -41.64 3.36
C THR I 548 8.86 -40.61 2.99
N GLU I 549 7.59 -40.92 3.28
CA GLU I 549 6.52 -39.96 3.03
C GLU I 549 6.61 -38.77 3.97
N VAL I 550 6.95 -39.03 5.24
CA VAL I 550 6.95 -38.02 6.28
C VAL I 550 8.38 -37.63 6.61
N ALA I 551 8.61 -36.34 6.81
CA ALA I 551 9.91 -35.81 7.20
C ALA I 551 9.68 -34.49 7.92
N ILE I 552 10.26 -34.36 9.11
CA ILE I 552 10.04 -33.19 9.95
C ILE I 552 11.35 -32.45 10.12
N VAL I 553 11.25 -31.12 10.30
CA VAL I 553 12.40 -30.26 10.56
C VAL I 553 12.07 -29.35 11.73
N GLU I 554 13.13 -28.76 12.30
CA GLU I 554 12.99 -27.88 13.44
C GLU I 554 12.54 -26.49 12.96
N ALA I 555 12.46 -25.53 13.89
CA ALA I 555 12.04 -24.18 13.56
C ALA I 555 13.11 -23.45 12.76
N ALA J 28 27.01 -22.04 8.96
CA ALA J 28 26.14 -23.11 8.51
C ALA J 28 24.98 -22.55 7.68
N HIS J 29 25.31 -21.68 6.73
CA HIS J 29 24.30 -21.07 5.87
C HIS J 29 25.00 -20.60 4.61
N LYS J 30 24.67 -21.22 3.47
CA LYS J 30 25.32 -20.92 2.20
C LYS J 30 24.27 -20.78 1.11
N GLU J 31 24.62 -20.01 0.08
CA GLU J 31 23.82 -19.88 -1.13
C GLU J 31 24.69 -20.22 -2.34
N LEU J 32 24.09 -20.89 -3.32
CA LEU J 32 24.81 -21.45 -4.45
C LEU J 32 24.47 -20.71 -5.73
N LYS J 33 25.48 -20.48 -6.56
CA LYS J 33 25.30 -19.93 -7.90
C LYS J 33 26.01 -20.84 -8.88
N PHE J 34 25.32 -21.21 -9.96
CA PHE J 34 25.77 -22.25 -10.85
C PHE J 34 26.12 -21.68 -12.22
N GLY J 35 27.32 -22.00 -12.69
CA GLY J 35 27.66 -21.77 -14.09
C GLY J 35 27.68 -20.31 -14.47
N VAL J 36 26.78 -19.94 -15.39
CA VAL J 36 26.83 -18.63 -16.02
C VAL J 36 26.59 -17.53 -15.00
N GLU J 37 25.70 -17.76 -14.03
CA GLU J 37 25.39 -16.73 -13.05
C GLU J 37 26.61 -16.42 -12.18
N GLY J 38 27.24 -17.45 -11.64
CA GLY J 38 28.45 -17.24 -10.84
C GLY J 38 29.58 -16.66 -11.65
N ARG J 39 29.75 -17.11 -12.89
CA ARG J 39 30.80 -16.57 -13.74
C ARG J 39 30.55 -15.09 -14.03
N ALA J 40 29.30 -14.71 -14.25
CA ALA J 40 28.98 -13.30 -14.49
C ALA J 40 29.22 -12.45 -13.24
N ALA J 41 28.89 -12.99 -12.06
CA ALA J 41 29.15 -12.26 -10.83
C ALA J 41 30.64 -12.05 -10.62
N LEU J 42 31.43 -13.09 -10.85
CA LEU J 42 32.89 -12.96 -10.74
C LEU J 42 33.43 -11.98 -11.77
N LEU J 43 32.89 -12.02 -13.00
CA LEU J 43 33.27 -11.06 -14.02
C LEU J 43 33.02 -9.64 -13.55
N ASN J 44 31.82 -9.39 -13.00
CA ASN J 44 31.48 -8.04 -12.55
C ASN J 44 32.43 -7.58 -11.45
N GLY J 45 32.68 -8.43 -10.46
CA GLY J 45 33.57 -8.05 -9.38
C GLY J 45 34.98 -7.77 -9.84
N VAL J 46 35.53 -8.67 -10.67
CA VAL J 46 36.90 -8.51 -11.14
C VAL J 46 37.01 -7.28 -12.03
N GLU J 47 36.03 -7.07 -12.91
CA GLU J 47 36.07 -5.90 -13.79
C GLU J 47 35.98 -4.61 -13.00
N THR J 48 35.13 -4.56 -11.97
CA THR J 48 35.03 -3.36 -11.16
C THR J 48 36.35 -3.07 -10.45
N LEU J 49 36.94 -4.09 -9.84
CA LEU J 49 38.19 -3.89 -9.12
C LEU J 49 39.30 -3.46 -10.07
N ALA J 50 39.39 -4.10 -11.24
CA ALA J 50 40.43 -3.77 -12.19
C ALA J 50 40.25 -2.37 -12.77
N LYS J 51 39.00 -1.97 -13.02
CA LYS J 51 38.75 -0.61 -13.50
C LYS J 51 39.13 0.41 -12.45
N ALA J 52 38.86 0.12 -11.18
CA ALA J 52 39.29 1.02 -10.12
C ALA J 52 40.81 1.10 -10.03
N VAL J 53 41.49 -0.04 -10.17
CA VAL J 53 42.95 -0.08 -10.00
C VAL J 53 43.65 0.59 -11.17
N ALA J 54 43.18 0.34 -12.40
CA ALA J 54 43.90 0.79 -13.58
C ALA J 54 43.91 2.31 -13.73
N THR J 55 43.10 3.02 -12.94
CA THR J 55 43.09 4.48 -13.01
C THR J 55 44.42 5.10 -12.61
N THR J 56 45.28 4.37 -11.91
CA THR J 56 46.59 4.86 -11.52
C THR J 56 47.72 4.30 -12.38
N LEU J 57 47.40 3.56 -13.43
CA LEU J 57 48.39 2.92 -14.28
C LEU J 57 49.15 3.97 -15.10
N GLY J 58 50.44 3.71 -15.28
CA GLY J 58 51.28 4.56 -16.10
C GLY J 58 51.83 5.74 -15.35
N PRO J 59 52.86 6.38 -15.92
CA PRO J 59 53.40 7.59 -15.27
C PRO J 59 52.38 8.70 -15.14
N LYS J 60 51.45 8.80 -16.07
CA LYS J 60 50.40 9.82 -16.04
C LYS J 60 49.15 9.25 -15.36
N GLY J 61 49.35 8.75 -14.14
CA GLY J 61 48.27 8.17 -13.37
C GLY J 61 47.38 9.24 -12.75
N ARG J 62 46.34 8.76 -12.10
CA ARG J 62 45.36 9.65 -11.47
C ARG J 62 45.08 9.17 -10.05
N ASN J 63 44.82 10.11 -9.15
CA ASN J 63 44.84 9.82 -7.73
C ASN J 63 43.57 9.10 -7.27
N VAL J 64 43.63 8.57 -6.06
CA VAL J 64 42.52 7.89 -5.41
C VAL J 64 42.29 8.56 -4.05
N LEU J 65 41.04 8.54 -3.58
CA LEU J 65 40.68 9.13 -2.29
C LEU J 65 40.41 8.02 -1.29
N ILE J 66 41.26 7.92 -0.26
CA ILE J 66 41.14 6.90 0.77
C ILE J 66 41.01 7.59 2.13
N GLU J 67 40.08 7.10 2.94
CA GLU J 67 39.89 7.63 4.29
C GLU J 67 40.19 6.56 5.33
N SER J 68 40.94 6.96 6.34
CA SER J 68 41.28 6.10 7.47
C SER J 68 40.09 5.98 8.41
N THR J 69 40.14 4.97 9.29
CA THR J 69 39.07 4.79 10.26
C THR J 69 38.99 5.98 11.22
N PHE J 70 40.14 6.48 11.66
CA PHE J 70 40.21 7.62 12.56
C PHE J 70 40.94 8.77 11.87
N GLY J 71 40.57 9.99 12.23
CA GLY J 71 41.24 11.16 11.69
C GLY J 71 40.58 11.71 10.44
N SER J 72 41.37 11.92 9.39
CA SER J 72 40.90 12.52 8.15
C SER J 72 41.49 11.77 6.96
N PRO J 73 40.83 11.83 5.80
CA PRO J 73 41.25 11.02 4.66
C PRO J 73 42.63 11.39 4.12
N LYS J 74 43.27 10.40 3.53
CA LYS J 74 44.57 10.55 2.89
C LYS J 74 44.41 10.49 1.38
N ILE J 75 45.54 10.48 0.67
CA ILE J 75 45.58 10.41 -0.78
C ILE J 75 46.32 9.15 -1.18
N THR J 76 46.04 8.63 -2.36
CA THR J 76 46.65 7.41 -2.87
C THR J 76 46.85 7.54 -4.37
N LYS J 77 48.08 7.23 -4.83
CA LYS J 77 48.38 7.24 -6.26
C LYS J 77 48.92 5.90 -6.76
N ASP J 78 49.11 4.91 -5.88
CA ASP J 78 49.61 3.61 -6.29
C ASP J 78 48.44 2.65 -6.52
N GLY J 79 48.73 1.36 -6.68
CA GLY J 79 47.70 0.39 -6.97
C GLY J 79 47.50 -0.67 -5.90
N VAL J 80 48.56 -0.96 -5.13
CA VAL J 80 48.49 -2.06 -4.16
C VAL J 80 47.50 -1.71 -3.04
N THR J 81 47.56 -0.49 -2.52
CA THR J 81 46.69 -0.14 -1.40
C THR J 81 45.23 -0.07 -1.83
N VAL J 82 44.94 0.54 -2.97
CA VAL J 82 43.56 0.61 -3.43
C VAL J 82 43.04 -0.78 -3.79
N ALA J 83 43.90 -1.64 -4.33
CA ALA J 83 43.51 -3.00 -4.62
C ALA J 83 43.17 -3.76 -3.34
N LYS J 84 43.97 -3.57 -2.29
CA LYS J 84 43.74 -4.26 -1.03
C LYS J 84 42.58 -3.67 -0.24
N ALA J 85 42.19 -2.43 -0.52
CA ALA J 85 41.15 -1.73 0.23
C ALA J 85 39.83 -1.66 -0.54
N ILE J 86 39.47 -2.70 -1.28
CA ILE J 86 38.25 -2.73 -2.06
C ILE J 86 37.43 -3.94 -1.64
N SER J 87 36.15 -3.71 -1.31
CA SER J 87 35.22 -4.79 -0.99
C SER J 87 33.87 -4.42 -1.58
N LEU J 88 33.39 -5.23 -2.52
CA LEU J 88 32.19 -4.89 -3.28
C LEU J 88 30.94 -5.18 -2.47
N LYS J 89 29.78 -4.86 -3.07
CA LYS J 89 28.50 -5.06 -2.40
C LYS J 89 28.14 -6.54 -2.35
N ASP J 90 28.04 -7.18 -3.51
CA ASP J 90 27.65 -8.58 -3.56
C ASP J 90 28.76 -9.47 -3.01
N LYS J 91 28.35 -10.60 -2.43
CA LYS J 91 29.31 -11.52 -1.84
C LYS J 91 30.20 -12.16 -2.90
N PHE J 92 29.63 -12.51 -4.05
CA PHE J 92 30.42 -13.13 -5.12
C PHE J 92 31.39 -12.14 -5.74
N GLU J 93 30.97 -10.88 -5.92
CA GLU J 93 31.88 -9.85 -6.38
C GLU J 93 33.01 -9.64 -5.39
N ASN J 94 32.69 -9.67 -4.09
CA ASN J 94 33.73 -9.56 -3.08
C ASN J 94 34.68 -10.74 -3.12
N LEU J 95 34.15 -11.94 -3.40
CA LEU J 95 34.98 -13.13 -3.51
C LEU J 95 35.97 -13.01 -4.67
N GLY J 96 35.46 -12.58 -5.84
CA GLY J 96 36.35 -12.37 -6.97
C GLY J 96 37.39 -11.29 -6.71
N ALA J 97 36.97 -10.20 -6.07
CA ALA J 97 37.90 -9.14 -5.74
C ALA J 97 38.97 -9.62 -4.76
N LYS J 98 38.58 -10.48 -3.81
CA LYS J 98 39.54 -10.99 -2.85
C LYS J 98 40.53 -11.95 -3.50
N LEU J 99 40.08 -12.77 -4.44
CA LEU J 99 41.01 -13.61 -5.18
C LEU J 99 41.99 -12.78 -6.00
N LEU J 100 41.47 -11.72 -6.65
CA LEU J 100 42.35 -10.82 -7.39
C LEU J 100 43.33 -10.13 -6.45
N ALA J 101 42.88 -9.79 -5.24
CA ALA J 101 43.78 -9.21 -4.24
C ALA J 101 44.85 -10.21 -3.83
N GLU J 102 44.50 -11.48 -3.68
CA GLU J 102 45.49 -12.51 -3.39
C GLU J 102 46.57 -12.54 -4.46
N VAL J 103 46.18 -12.63 -5.73
CA VAL J 103 47.19 -12.76 -6.77
C VAL J 103 48.00 -11.46 -6.89
N ALA J 104 47.35 -10.31 -6.72
CA ALA J 104 48.07 -9.04 -6.77
C ALA J 104 49.08 -8.93 -5.65
N SER J 105 48.71 -9.33 -4.43
CA SER J 105 49.62 -9.29 -3.30
C SER J 105 50.78 -10.26 -3.49
N LYS J 106 50.50 -11.45 -4.03
CA LYS J 106 51.59 -12.38 -4.32
C LYS J 106 52.55 -11.80 -5.34
N THR J 107 52.02 -11.17 -6.39
CA THR J 107 52.89 -10.55 -7.39
C THR J 107 53.72 -9.42 -6.77
N ASN J 108 53.10 -8.61 -5.92
CA ASN J 108 53.82 -7.51 -5.29
C ASN J 108 54.92 -8.02 -4.37
N GLU J 109 54.64 -9.07 -3.60
CA GLU J 109 55.65 -9.64 -2.73
C GLU J 109 56.78 -10.28 -3.53
N VAL J 110 56.46 -10.92 -4.65
CA VAL J 110 57.49 -11.56 -5.45
C VAL J 110 58.38 -10.51 -6.12
N ALA J 111 57.78 -9.50 -6.74
CA ALA J 111 58.51 -8.53 -7.54
C ALA J 111 58.64 -7.17 -6.86
N GLY J 112 57.52 -6.55 -6.48
CA GLY J 112 57.52 -5.22 -5.89
C GLY J 112 56.76 -4.19 -6.70
N ASP J 113 56.39 -4.49 -7.93
CA ASP J 113 55.63 -3.57 -8.78
C ASP J 113 54.85 -4.38 -9.80
N GLY J 114 54.32 -3.70 -10.81
CA GLY J 114 53.57 -4.36 -11.85
C GLY J 114 52.25 -4.95 -11.44
N THR J 115 51.73 -4.57 -10.27
CA THR J 115 50.46 -5.11 -9.81
C THR J 115 49.32 -4.69 -10.71
N THR J 116 49.28 -3.41 -11.10
CA THR J 116 48.19 -2.90 -11.93
C THR J 116 48.16 -3.58 -13.29
N THR J 117 49.34 -3.75 -13.90
CA THR J 117 49.40 -4.41 -15.21
C THR J 117 48.91 -5.85 -15.12
N ALA J 118 49.34 -6.56 -14.08
CA ALA J 118 48.88 -7.94 -13.90
C ALA J 118 47.38 -8.01 -13.69
N THR J 119 46.83 -7.09 -12.89
CA THR J 119 45.39 -7.07 -12.67
C THR J 119 44.63 -6.80 -13.96
N VAL J 120 45.11 -5.83 -14.76
CA VAL J 120 44.44 -5.51 -16.01
C VAL J 120 44.49 -6.69 -16.97
N LEU J 121 45.66 -7.33 -17.07
CA LEU J 121 45.79 -8.49 -17.95
C LEU J 121 44.88 -9.62 -17.51
N ALA J 122 44.81 -9.88 -16.20
CA ALA J 122 43.93 -10.93 -15.70
C ALA J 122 42.48 -10.61 -16.00
N ARG J 123 42.06 -9.36 -15.81
CA ARG J 123 40.69 -8.99 -16.11
C ARG J 123 40.38 -9.19 -17.59
N ALA J 124 41.29 -8.76 -18.47
CA ALA J 124 41.05 -8.89 -19.90
C ALA J 124 40.95 -10.35 -20.31
N ILE J 125 41.88 -11.18 -19.84
CA ILE J 125 41.87 -12.59 -20.21
C ILE J 125 40.62 -13.28 -19.69
N PHE J 126 40.24 -12.98 -18.43
CA PHE J 126 39.04 -13.60 -17.87
C PHE J 126 37.79 -13.18 -18.63
N SER J 127 37.69 -11.90 -18.98
CA SER J 127 36.52 -11.42 -19.71
C SER J 127 36.41 -12.08 -21.07
N GLU J 128 37.53 -12.14 -21.81
CA GLU J 128 37.50 -12.79 -23.11
C GLU J 128 37.18 -14.28 -22.98
N MET J 129 37.72 -14.94 -21.95
CA MET J 129 37.48 -16.36 -21.77
C MET J 129 36.01 -16.63 -21.49
N VAL J 130 35.39 -15.85 -20.60
CA VAL J 130 33.99 -16.07 -20.28
C VAL J 130 33.10 -15.72 -21.46
N LYS J 131 33.48 -14.68 -22.23
CA LYS J 131 32.71 -14.35 -23.43
C LYS J 131 32.76 -15.48 -24.44
N ASN J 132 33.93 -16.10 -24.63
CA ASN J 132 34.03 -17.23 -25.54
C ASN J 132 33.29 -18.45 -25.00
N VAL J 133 33.32 -18.66 -23.68
CA VAL J 133 32.61 -19.78 -23.08
C VAL J 133 31.11 -19.64 -23.28
N ALA J 134 30.59 -18.41 -23.16
CA ALA J 134 29.18 -18.18 -23.40
C ALA J 134 28.78 -18.49 -24.84
N ALA J 135 29.73 -18.54 -25.76
CA ALA J 135 29.46 -18.89 -27.15
C ALA J 135 29.48 -20.40 -27.39
N GLY J 136 29.80 -21.20 -26.38
CA GLY J 136 29.81 -22.64 -26.52
C GLY J 136 31.17 -23.27 -26.75
N CYS J 137 32.25 -22.49 -26.70
CA CYS J 137 33.58 -23.04 -26.90
C CYS J 137 34.01 -23.88 -25.70
N ASN J 138 34.94 -24.79 -25.94
CA ASN J 138 35.42 -25.67 -24.90
C ASN J 138 36.40 -24.94 -23.98
N PRO J 139 36.11 -24.81 -22.69
CA PRO J 139 37.04 -24.09 -21.80
C PRO J 139 38.41 -24.72 -21.70
N MET J 140 38.49 -26.06 -21.77
CA MET J 140 39.77 -26.73 -21.61
C MET J 140 40.71 -26.43 -22.78
N ASP J 141 40.20 -26.48 -24.00
CA ASP J 141 41.02 -26.15 -25.16
C ASP J 141 41.44 -24.69 -25.13
N LEU J 142 40.54 -23.81 -24.70
CA LEU J 142 40.90 -22.40 -24.55
C LEU J 142 42.03 -22.23 -23.54
N ARG J 143 41.95 -22.92 -22.41
CA ARG J 143 42.99 -22.82 -21.39
C ARG J 143 44.32 -23.34 -21.93
N ARG J 144 44.30 -24.47 -22.63
CA ARG J 144 45.54 -25.00 -23.20
C ARG J 144 46.13 -24.04 -24.22
N GLY J 145 45.28 -23.44 -25.06
CA GLY J 145 45.78 -22.50 -26.05
C GLY J 145 46.38 -21.27 -25.43
N ILE J 146 45.72 -20.70 -24.42
CA ILE J 146 46.28 -19.51 -23.78
C ILE J 146 47.56 -19.87 -23.02
N GLN J 147 47.64 -21.07 -22.44
CA GLN J 147 48.88 -21.47 -21.77
C GLN J 147 50.04 -21.56 -22.76
N ALA J 148 49.79 -22.21 -23.90
CA ALA J 148 50.84 -22.31 -24.92
C ALA J 148 51.24 -20.94 -25.44
N ALA J 149 50.26 -20.07 -25.67
CA ALA J 149 50.56 -18.73 -26.16
C ALA J 149 51.35 -17.92 -25.14
N VAL J 150 51.01 -18.04 -23.86
CA VAL J 150 51.74 -17.33 -22.82
C VAL J 150 53.17 -17.85 -22.74
N ASP J 151 53.36 -19.17 -22.87
CA ASP J 151 54.71 -19.72 -22.89
C ASP J 151 55.50 -19.18 -24.07
N ALA J 152 54.88 -19.11 -25.24
CA ALA J 152 55.57 -18.54 -26.40
C ALA J 152 55.92 -17.07 -26.16
N VAL J 153 55.01 -16.31 -25.56
CA VAL J 153 55.25 -14.90 -25.31
C VAL J 153 56.42 -14.70 -24.36
N VAL J 154 56.45 -15.45 -23.27
CA VAL J 154 57.54 -15.27 -22.31
C VAL J 154 58.85 -15.74 -22.90
N GLU J 155 58.82 -16.80 -23.72
CA GLU J 155 60.04 -17.24 -24.39
C GLU J 155 60.57 -16.17 -25.33
N TYR J 156 59.68 -15.52 -26.09
CA TYR J 156 60.11 -14.45 -26.97
C TYR J 156 60.65 -13.27 -26.18
N LEU J 157 60.01 -12.94 -25.06
CA LEU J 157 60.50 -11.84 -24.23
C LEU J 157 61.88 -12.13 -23.68
N GLN J 158 62.11 -13.37 -23.23
CA GLN J 158 63.43 -13.75 -22.73
C GLN J 158 64.47 -13.73 -23.85
N GLN J 159 64.07 -14.13 -25.06
CA GLN J 159 65.02 -14.15 -26.17
C GLN J 159 65.48 -12.73 -26.53
N ASN J 160 64.57 -11.76 -26.54
CA ASN J 160 64.88 -10.43 -27.02
C ASN J 160 65.51 -9.53 -25.96
N LYS J 161 65.45 -9.94 -24.69
CA LYS J 161 65.88 -9.07 -23.59
C LYS J 161 67.38 -8.77 -23.67
N ARG J 162 67.81 -7.84 -22.83
CA ARG J 162 69.20 -7.45 -22.71
C ARG J 162 69.68 -7.68 -21.28
N ASP J 163 70.97 -8.00 -21.14
CA ASP J 163 71.56 -8.27 -19.84
C ASP J 163 72.15 -7.01 -19.25
N ILE J 164 72.28 -7.00 -17.92
CA ILE J 164 72.82 -5.87 -17.17
C ILE J 164 74.09 -6.37 -16.51
N THR J 165 75.24 -6.08 -17.12
CA THR J 165 76.53 -6.57 -16.63
C THR J 165 77.52 -5.48 -16.30
N THR J 166 77.74 -4.53 -17.22
CA THR J 166 78.81 -3.56 -17.05
C THR J 166 78.47 -2.57 -15.93
N SER J 167 79.49 -2.20 -15.15
CA SER J 167 79.27 -1.32 -14.01
C SER J 167 78.71 0.04 -14.42
N ALA J 168 79.09 0.54 -15.60
CA ALA J 168 78.55 1.82 -16.06
C ALA J 168 77.04 1.74 -16.30
N GLU J 169 76.60 0.72 -17.04
CA GLU J 169 75.16 0.55 -17.24
C GLU J 169 74.48 0.08 -15.97
N ILE J 170 75.24 -0.53 -15.05
CA ILE J 170 74.72 -0.81 -13.72
C ILE J 170 74.34 0.50 -13.02
N ALA J 171 75.25 1.47 -13.04
CA ALA J 171 74.94 2.77 -12.45
C ALA J 171 73.81 3.46 -13.20
N GLN J 172 73.77 3.30 -14.52
CA GLN J 172 72.70 3.90 -15.31
C GLN J 172 71.33 3.35 -14.91
N VAL J 173 71.20 2.02 -14.83
CA VAL J 173 69.92 1.42 -14.48
C VAL J 173 69.55 1.74 -13.04
N ALA J 174 70.55 1.80 -12.15
CA ALA J 174 70.28 2.22 -10.77
C ALA J 174 69.76 3.65 -10.73
N THR J 175 70.31 4.52 -11.59
CA THR J 175 69.88 5.92 -11.63
C THR J 175 68.44 6.02 -12.10
N ILE J 176 68.12 5.40 -13.23
CA ILE J 176 66.77 5.57 -13.78
C ILE J 176 65.74 4.85 -12.91
N SER J 177 66.14 3.73 -12.27
CA SER J 177 65.24 3.07 -11.32
C SER J 177 65.02 3.91 -10.07
N ALA J 178 65.90 4.85 -9.77
CA ALA J 178 65.76 5.73 -8.62
C ALA J 178 65.37 7.15 -9.01
N ASN J 179 64.55 7.29 -10.05
CA ASN J 179 64.02 8.56 -10.54
C ASN J 179 65.10 9.50 -11.06
N GLY J 180 66.34 9.01 -11.21
CA GLY J 180 67.40 9.84 -11.79
C GLY J 180 68.07 10.86 -10.88
N ASP J 181 67.28 11.59 -10.08
CA ASP J 181 67.84 12.63 -9.24
C ASP J 181 68.72 12.06 -8.13
N GLN J 182 68.54 10.77 -7.80
CA GLN J 182 69.29 10.13 -6.72
C GLN J 182 70.65 9.66 -7.26
N HIS J 183 71.50 10.65 -7.55
CA HIS J 183 72.84 10.35 -8.07
C HIS J 183 73.72 9.70 -7.01
N ILE J 184 73.70 10.23 -5.79
CA ILE J 184 74.46 9.59 -4.71
C ILE J 184 73.93 8.20 -4.46
N GLY J 185 72.61 8.02 -4.56
CA GLY J 185 72.03 6.70 -4.39
C GLY J 185 72.46 5.71 -5.46
N LYS J 186 72.52 6.17 -6.72
CA LYS J 186 72.93 5.27 -7.78
C LYS J 186 74.42 4.93 -7.68
N LEU J 187 75.26 5.89 -7.27
CA LEU J 187 76.65 5.57 -7.03
C LEU J 187 76.80 4.56 -5.90
N ILE J 188 76.04 4.74 -4.82
CA ILE J 188 76.08 3.80 -3.70
C ILE J 188 75.64 2.41 -4.15
N ALA J 189 74.58 2.35 -4.95
CA ALA J 189 74.08 1.07 -5.43
C ALA J 189 75.10 0.38 -6.34
N SER J 190 75.74 1.14 -7.22
CA SER J 190 76.75 0.56 -8.10
C SER J 190 77.94 0.03 -7.30
N ALA J 191 78.40 0.80 -6.30
CA ALA J 191 79.50 0.31 -5.47
C ALA J 191 79.10 -0.92 -4.68
N MET J 192 77.88 -0.93 -4.14
CA MET J 192 77.42 -2.07 -3.35
C MET J 192 77.22 -3.31 -4.22
N GLU J 193 76.88 -3.13 -5.49
CA GLU J 193 76.76 -4.27 -6.40
C GLU J 193 78.11 -4.78 -6.84
N LYS J 194 79.08 -3.87 -7.07
CA LYS J 194 80.42 -4.28 -7.45
C LYS J 194 81.21 -4.86 -6.27
N VAL J 195 80.78 -4.61 -5.05
CA VAL J 195 81.46 -5.14 -3.87
C VAL J 195 80.83 -6.45 -3.40
N GLY J 196 79.50 -6.46 -3.22
CA GLY J 196 78.82 -7.64 -2.73
C GLY J 196 77.61 -7.97 -3.59
N LYS J 197 76.96 -9.08 -3.23
CA LYS J 197 75.78 -9.55 -3.94
C LYS J 197 74.56 -9.75 -3.06
N GLU J 198 74.72 -9.85 -1.74
CA GLU J 198 73.57 -10.01 -0.86
C GLU J 198 72.89 -8.68 -0.59
N GLY J 199 73.60 -7.75 0.04
CA GLY J 199 73.09 -6.40 0.24
C GLY J 199 72.04 -6.28 1.33
N VAL J 200 72.02 -5.12 2.00
CA VAL J 200 71.03 -4.84 3.03
C VAL J 200 71.01 -3.34 3.28
N ILE J 201 69.91 -2.85 3.84
CA ILE J 201 69.74 -1.44 4.18
C ILE J 201 69.31 -1.34 5.63
N THR J 202 69.94 -0.43 6.37
CA THR J 202 69.63 -0.23 7.78
C THR J 202 69.68 1.26 8.11
N VAL J 203 68.98 1.62 9.19
CA VAL J 203 68.92 3.00 9.65
C VAL J 203 69.18 3.02 11.16
N LYS J 204 69.99 3.97 11.60
CA LYS J 204 70.32 4.15 13.01
C LYS J 204 70.16 5.63 13.35
N GLU J 205 69.25 5.94 14.26
CA GLU J 205 68.93 7.29 14.73
C GLU J 205 68.97 8.33 13.62
N GLY J 206 69.53 9.51 13.90
CA GLY J 206 69.54 10.57 12.91
C GLY J 206 70.39 10.25 11.69
N LYS J 207 71.60 9.72 11.92
CA LYS J 207 72.54 9.37 10.86
C LYS J 207 72.86 10.60 9.99
N THR J 208 73.50 11.56 10.63
CA THR J 208 73.87 12.81 9.96
C THR J 208 74.99 12.64 8.95
N LEU J 209 75.45 11.41 8.70
CA LEU J 209 76.52 11.19 7.75
C LEU J 209 76.03 11.40 6.32
N GLN J 210 76.93 11.22 5.37
CA GLN J 210 76.66 11.47 3.95
C GLN J 210 76.47 10.17 3.17
N ASP J 211 75.80 9.19 3.78
CA ASP J 211 75.50 7.91 3.14
C ASP J 211 76.77 7.18 2.69
N GLU J 212 77.59 6.83 3.68
CA GLU J 212 78.83 6.11 3.43
C GLU J 212 78.59 4.61 3.50
N LEU J 213 79.22 3.88 2.58
CA LEU J 213 79.07 2.44 2.51
C LEU J 213 80.23 1.74 3.22
N GLU J 214 80.05 0.46 3.50
CA GLU J 214 81.07 -0.33 4.18
C GLU J 214 80.86 -1.80 3.86
N VAL J 215 81.90 -2.59 4.12
CA VAL J 215 81.86 -4.03 3.93
C VAL J 215 82.08 -4.70 5.27
N THR J 216 81.15 -5.57 5.67
CA THR J 216 81.21 -6.23 6.96
C THR J 216 80.78 -7.68 6.82
N GLU J 217 81.52 -8.58 7.47
CA GLU J 217 81.17 -9.99 7.48
C GLU J 217 79.88 -10.21 8.27
N GLY J 218 79.03 -11.09 7.76
CA GLY J 218 77.77 -11.36 8.44
C GLY J 218 77.07 -12.55 7.84
N MET J 219 75.84 -12.77 8.31
CA MET J 219 75.03 -13.90 7.90
C MET J 219 73.60 -13.42 7.62
N ARG J 220 72.89 -14.17 6.78
CA ARG J 220 71.54 -13.81 6.40
C ARG J 220 70.69 -15.07 6.26
N PHE J 221 69.44 -14.99 6.71
CA PHE J 221 68.48 -16.06 6.49
C PHE J 221 67.08 -15.45 6.49
N ASP J 222 66.14 -16.17 5.89
CA ASP J 222 64.77 -15.70 5.72
C ASP J 222 63.85 -16.47 6.65
N ARG J 223 63.69 -15.96 7.88
CA ARG J 223 62.76 -16.55 8.84
C ARG J 223 62.37 -15.45 9.85
N GLY J 224 61.18 -14.89 9.67
CA GLY J 224 60.70 -13.82 10.53
C GLY J 224 60.14 -14.33 11.84
N PHE J 225 59.65 -13.39 12.63
CA PHE J 225 59.07 -13.72 13.93
C PHE J 225 57.76 -14.50 13.74
N VAL J 226 57.50 -15.41 14.68
CA VAL J 226 56.26 -16.18 14.63
C VAL J 226 55.06 -15.28 14.93
N SER J 227 55.22 -14.33 15.84
CA SER J 227 54.13 -13.46 16.26
C SER J 227 54.39 -12.02 15.83
N PRO J 228 53.35 -11.27 15.45
CA PRO J 228 53.53 -9.89 15.02
C PRO J 228 53.63 -8.87 16.15
N TYR J 229 53.68 -9.31 17.41
CA TYR J 229 53.73 -8.41 18.55
C TYR J 229 55.14 -8.20 19.08
N PHE J 230 56.15 -8.81 18.45
CA PHE J 230 57.52 -8.71 18.96
C PHE J 230 58.23 -7.43 18.56
N ILE J 231 57.71 -6.68 17.59
CA ILE J 231 58.33 -5.45 17.12
C ILE J 231 57.32 -4.33 17.28
N THR J 232 57.68 -3.30 18.06
CA THR J 232 56.79 -2.16 18.24
C THR J 232 56.67 -1.35 16.96
N ASP J 233 57.79 -1.10 16.28
CA ASP J 233 57.79 -0.33 15.03
C ASP J 233 57.69 -1.26 13.82
N ALA J 234 56.63 -2.08 13.79
CA ALA J 234 56.45 -3.01 12.68
C ALA J 234 56.11 -2.30 11.37
N LYS J 235 55.69 -1.04 11.44
CA LYS J 235 55.36 -0.31 10.22
C LYS J 235 56.59 -0.09 9.35
N ALA J 236 57.73 0.20 9.95
CA ALA J 236 58.96 0.46 9.21
C ALA J 236 60.11 -0.46 9.58
N GLN J 237 59.94 -1.35 10.56
CA GLN J 237 60.98 -2.28 11.01
C GLN J 237 62.24 -1.51 11.42
N LYS J 238 62.08 -0.68 12.45
CA LYS J 238 63.19 0.11 12.95
C LYS J 238 64.26 -0.77 13.58
N VAL J 239 65.50 -0.30 13.54
CA VAL J 239 66.64 -1.00 14.10
C VAL J 239 66.90 -0.45 15.49
N GLU J 240 66.77 -1.30 16.50
CA GLU J 240 66.99 -0.91 17.89
C GLU J 240 67.81 -1.95 18.64
N PHE J 241 68.63 -2.71 17.92
CA PHE J 241 69.46 -3.77 18.49
C PHE J 241 70.92 -3.38 18.28
N GLU J 242 71.49 -2.68 19.27
CA GLU J 242 72.89 -2.28 19.25
C GLU J 242 73.67 -3.24 20.14
N LYS J 243 74.62 -3.95 19.54
CA LYS J 243 75.39 -4.99 20.22
C LYS J 243 74.48 -5.97 20.97
N PRO J 244 73.63 -6.71 20.25
CA PRO J 244 72.67 -7.59 20.92
C PRO J 244 73.19 -9.01 21.12
N LEU J 245 72.89 -9.56 22.29
CA LEU J 245 73.19 -10.96 22.57
C LEU J 245 72.23 -11.87 21.81
N ILE J 246 72.71 -13.07 21.49
CA ILE J 246 71.92 -14.03 20.74
C ILE J 246 71.97 -15.38 21.44
N LEU J 247 70.96 -16.21 21.17
CA LEU J 247 70.84 -17.53 21.75
C LEU J 247 70.77 -18.57 20.65
N LEU J 248 71.51 -19.66 20.82
CA LEU J 248 71.55 -20.74 19.85
C LEU J 248 70.97 -22.00 20.49
N SER J 249 70.00 -22.61 19.81
CA SER J 249 69.37 -23.83 20.30
C SER J 249 68.85 -24.64 19.12
N GLU J 250 68.70 -25.93 19.33
CA GLU J 250 68.22 -26.85 18.31
C GLU J 250 67.01 -27.66 18.75
N GLN J 251 66.97 -28.09 20.00
CA GLN J 251 65.85 -28.90 20.48
C GLN J 251 64.62 -28.02 20.72
N LYS J 252 63.48 -28.68 20.90
CA LYS J 252 62.23 -27.97 21.11
C LYS J 252 62.24 -27.23 22.44
N ILE J 253 61.65 -26.04 22.45
CA ILE J 253 61.51 -25.23 23.66
C ILE J 253 60.02 -25.05 23.91
N SER J 254 59.52 -25.60 25.02
CA SER J 254 58.11 -25.47 25.37
C SER J 254 57.86 -25.17 26.83
N ALA J 255 58.90 -25.06 27.66
CA ALA J 255 58.73 -24.81 29.08
C ALA J 255 59.64 -23.66 29.52
N ALA J 256 59.27 -23.04 30.64
CA ALA J 256 60.01 -21.93 31.20
C ALA J 256 61.09 -22.36 32.18
N THR J 257 61.30 -23.67 32.36
CA THR J 257 62.26 -24.14 33.34
C THR J 257 63.70 -23.73 32.97
N ASP J 258 64.05 -23.81 31.69
CA ASP J 258 65.42 -23.60 31.25
C ASP J 258 65.57 -22.37 30.37
N ILE J 259 64.60 -21.46 30.37
CA ILE J 259 64.70 -20.24 29.58
C ILE J 259 64.46 -18.98 30.41
N ILE J 260 63.87 -19.13 31.61
CA ILE J 260 63.62 -17.97 32.46
C ILE J 260 64.89 -17.24 32.86
N PRO J 261 65.96 -17.90 33.32
CA PRO J 261 67.15 -17.14 33.75
C PRO J 261 67.74 -16.26 32.67
N ALA J 262 67.70 -16.70 31.40
CA ALA J 262 68.29 -15.91 30.32
C ALA J 262 67.58 -14.58 30.16
N LEU J 263 66.25 -14.61 30.02
CA LEU J 263 65.50 -13.37 29.84
C LEU J 263 65.58 -12.49 31.08
N GLU J 264 65.54 -13.10 32.27
CA GLU J 264 65.63 -12.31 33.49
C GLU J 264 66.96 -11.59 33.60
N ILE J 265 68.07 -12.27 33.30
CA ILE J 265 69.37 -11.61 33.38
C ILE J 265 69.52 -10.58 32.27
N SER J 266 68.94 -10.85 31.09
CA SER J 266 69.00 -9.88 30.01
C SER J 266 68.27 -8.60 30.39
N HIS J 267 67.11 -8.72 31.03
CA HIS J 267 66.41 -7.54 31.54
C HIS J 267 67.18 -6.89 32.67
N LYS J 268 67.89 -7.69 33.48
CA LYS J 268 68.67 -7.13 34.58
C LYS J 268 69.78 -6.23 34.07
N MET J 269 70.53 -6.67 33.07
CA MET J 269 71.58 -5.83 32.50
C MET J 269 71.08 -4.94 31.37
N ARG J 270 69.81 -5.03 31.00
CA ARG J 270 69.21 -4.21 29.95
C ARG J 270 69.94 -4.40 28.62
N ARG J 271 69.98 -5.65 28.17
CA ARG J 271 70.62 -6.00 26.90
C ARG J 271 69.64 -6.77 26.02
N PRO J 272 69.69 -6.55 24.71
CA PRO J 272 68.80 -7.30 23.81
C PRO J 272 69.16 -8.78 23.75
N LEU J 273 68.13 -9.58 23.46
CA LEU J 273 68.32 -11.02 23.34
C LEU J 273 67.30 -11.57 22.35
N VAL J 274 67.60 -12.75 21.81
CA VAL J 274 66.73 -13.43 20.86
C VAL J 274 66.49 -14.85 21.35
N ILE J 275 65.42 -15.45 20.83
CA ILE J 275 65.03 -16.81 21.19
C ILE J 275 64.83 -17.60 19.90
N ILE J 276 65.46 -18.77 19.81
CA ILE J 276 65.34 -19.66 18.66
C ILE J 276 64.65 -20.92 19.16
N ALA J 277 63.35 -21.04 18.90
CA ALA J 277 62.56 -22.18 19.33
C ALA J 277 61.79 -22.76 18.14
N GLU J 278 61.71 -24.09 18.10
CA GLU J 278 60.97 -24.74 17.03
C GLU J 278 59.49 -24.39 17.07
N ASP J 279 58.90 -24.39 18.27
CA ASP J 279 57.50 -24.05 18.43
C ASP J 279 57.28 -23.56 19.85
N ILE J 280 56.99 -22.27 20.00
CA ILE J 280 56.76 -21.65 21.31
C ILE J 280 55.44 -20.89 21.26
N ASP J 281 54.61 -21.09 22.27
CA ASP J 281 53.32 -20.42 22.36
C ASP J 281 53.38 -19.10 23.12
N GLY J 282 54.55 -18.71 23.62
CA GLY J 282 54.69 -17.46 24.33
C GLY J 282 54.11 -17.43 25.72
N GLU J 283 54.11 -18.57 26.43
CA GLU J 283 53.60 -18.58 27.80
C GLU J 283 54.47 -17.72 28.71
N ALA J 284 55.79 -17.78 28.53
CA ALA J 284 56.68 -16.93 29.32
C ALA J 284 56.46 -15.46 29.00
N LEU J 285 56.25 -15.13 27.72
CA LEU J 285 55.96 -13.75 27.35
C LEU J 285 54.66 -13.27 27.98
N ALA J 286 53.62 -14.10 27.97
CA ALA J 286 52.35 -13.72 28.59
C ALA J 286 52.50 -13.53 30.10
N VAL J 287 53.25 -14.42 30.74
CA VAL J 287 53.47 -14.30 32.18
C VAL J 287 54.21 -13.00 32.50
N CYS J 288 55.26 -12.70 31.73
CA CYS J 288 56.01 -11.47 31.94
C CYS J 288 55.13 -10.25 31.72
N ILE J 289 54.28 -10.28 30.68
CA ILE J 289 53.43 -9.13 30.39
C ILE J 289 52.41 -8.92 31.51
N LEU J 290 51.79 -9.99 31.99
CA LEU J 290 50.81 -9.85 33.06
C LEU J 290 51.47 -9.43 34.37
N ASN J 291 52.70 -9.87 34.62
CA ASN J 291 53.44 -9.37 35.78
C ASN J 291 53.73 -7.88 35.63
N LYS J 292 54.12 -7.46 34.43
CA LYS J 292 54.32 -6.06 34.12
C LYS J 292 54.24 -5.90 32.61
N LEU J 293 53.28 -5.08 32.15
CA LEU J 293 53.05 -4.82 30.72
C LEU J 293 54.31 -4.40 29.99
N ARG J 294 54.26 -4.45 28.65
CA ARG J 294 55.44 -4.24 27.81
C ARG J 294 56.19 -2.98 28.20
N GLY J 295 57.52 -3.05 28.12
CA GLY J 295 58.37 -1.95 28.51
C GLY J 295 59.49 -2.38 29.43
N GLN J 296 59.70 -3.69 29.56
CA GLN J 296 60.74 -4.23 30.42
C GLN J 296 61.69 -5.19 29.72
N LEU J 297 61.33 -5.75 28.57
CA LEU J 297 62.20 -6.68 27.85
C LEU J 297 61.85 -6.66 26.38
N GLU J 298 62.79 -7.14 25.57
CA GLU J 298 62.63 -7.21 24.11
C GLU J 298 62.56 -8.68 23.72
N VAL J 299 61.36 -9.15 23.38
CA VAL J 299 61.16 -10.54 22.99
C VAL J 299 61.40 -10.69 21.50
N ALA J 300 62.26 -11.63 21.13
CA ALA J 300 62.59 -11.90 19.73
C ALA J 300 62.60 -13.42 19.54
N ALA J 301 61.52 -13.97 19.02
CA ALA J 301 61.38 -15.40 18.79
C ALA J 301 61.38 -15.67 17.28
N VAL J 302 62.29 -16.51 16.83
CA VAL J 302 62.41 -16.89 15.43
C VAL J 302 62.45 -18.41 15.34
N LYS J 303 61.60 -18.98 14.49
CA LYS J 303 61.56 -20.42 14.32
C LYS J 303 62.85 -20.93 13.68
N ALA J 304 63.30 -22.09 14.15
CA ALA J 304 64.51 -22.69 13.60
C ALA J 304 64.26 -23.17 12.15
N PRO J 305 65.27 -23.09 11.30
CA PRO J 305 65.10 -23.53 9.91
C PRO J 305 65.04 -25.04 9.81
N GLY J 306 64.83 -25.51 8.57
CA GLY J 306 64.84 -26.93 8.26
C GLY J 306 66.22 -27.39 7.85
N PHE J 307 66.25 -28.40 6.97
CA PHE J 307 67.50 -28.93 6.41
C PHE J 307 68.41 -29.44 7.54
N GLY J 308 67.95 -30.50 8.19
CA GLY J 308 68.57 -31.03 9.40
C GLY J 308 70.09 -31.02 9.46
N ASP J 309 70.75 -31.73 8.55
CA ASP J 309 72.21 -31.70 8.52
C ASP J 309 72.72 -30.30 8.17
N ASN J 310 72.09 -29.65 7.19
CA ASN J 310 72.44 -28.27 6.89
C ASN J 310 72.07 -27.34 8.04
N ARG J 311 71.04 -27.68 8.81
CA ARG J 311 70.73 -26.91 10.02
C ARG J 311 71.86 -27.00 11.04
N LYS J 312 72.39 -28.21 11.25
CA LYS J 312 73.55 -28.36 12.13
C LYS J 312 74.74 -27.58 11.61
N SER J 313 74.98 -27.64 10.29
CA SER J 313 76.08 -26.90 9.71
C SER J 313 75.91 -25.39 9.90
N ILE J 314 74.71 -24.88 9.69
CA ILE J 314 74.47 -23.44 9.83
C ILE J 314 74.56 -23.03 11.31
N LEU J 315 74.14 -23.90 12.22
CA LEU J 315 74.30 -23.61 13.64
C LEU J 315 75.77 -23.55 14.02
N GLY J 316 76.57 -24.49 13.53
CA GLY J 316 78.00 -24.43 13.76
C GLY J 316 78.61 -23.17 13.17
N ASP J 317 78.15 -22.76 11.99
CA ASP J 317 78.69 -21.55 11.35
C ASP J 317 78.35 -20.29 12.15
N ILE J 318 77.09 -20.16 12.60
CA ILE J 318 76.74 -18.97 13.35
C ILE J 318 77.43 -18.97 14.71
N ALA J 319 77.60 -20.15 15.33
CA ALA J 319 78.36 -20.21 16.57
C ALA J 319 79.80 -19.79 16.35
N VAL J 320 80.42 -20.26 15.26
CA VAL J 320 81.79 -19.89 14.95
C VAL J 320 81.91 -18.38 14.75
N LEU J 321 80.95 -17.80 14.03
CA LEU J 321 80.99 -16.36 13.78
C LEU J 321 80.81 -15.56 15.07
N THR J 322 79.81 -15.92 15.87
CA THR J 322 79.44 -15.12 17.05
C THR J 322 79.55 -15.89 18.35
N ASN J 323 78.94 -17.07 18.46
CA ASN J 323 78.73 -17.69 19.77
C ASN J 323 79.89 -18.61 20.16
N GLY J 324 80.14 -19.65 19.37
CA GLY J 324 81.10 -20.67 19.72
C GLY J 324 80.55 -21.82 20.53
N THR J 325 79.28 -21.77 20.94
CA THR J 325 78.66 -22.83 21.71
C THR J 325 77.19 -22.92 21.35
N VAL J 326 76.72 -24.13 21.09
CA VAL J 326 75.32 -24.37 20.76
C VAL J 326 74.69 -25.19 21.89
N PHE J 327 73.36 -25.22 21.90
CA PHE J 327 72.60 -25.92 22.91
C PHE J 327 71.91 -27.13 22.28
N THR J 328 72.18 -28.32 22.83
CA THR J 328 71.58 -29.56 22.34
C THR J 328 71.76 -30.62 23.40
N ASN J 329 70.66 -31.30 23.75
CA ASN J 329 70.74 -32.35 24.77
C ASN J 329 71.59 -33.52 24.30
N GLU J 330 71.58 -33.82 23.00
CA GLU J 330 72.44 -34.88 22.47
C GLU J 330 73.91 -34.54 22.67
N LEU J 331 74.28 -33.28 22.45
CA LEU J 331 75.64 -32.82 22.70
C LEU J 331 75.91 -32.76 24.20
N ASP J 332 77.19 -32.79 24.56
CA ASP J 332 77.58 -32.82 25.96
C ASP J 332 77.22 -31.56 26.72
N VAL J 333 76.86 -30.47 26.03
CA VAL J 333 76.48 -29.24 26.69
C VAL J 333 75.17 -29.45 27.44
N LYS J 334 75.13 -29.03 28.70
CA LYS J 334 73.94 -29.19 29.53
C LYS J 334 72.87 -28.21 29.08
N LEU J 335 71.61 -28.64 29.12
CA LEU J 335 70.51 -27.80 28.65
C LEU J 335 70.20 -26.67 29.63
N GLU J 336 70.48 -26.87 30.92
CA GLU J 336 70.19 -25.86 31.95
C GLU J 336 71.40 -25.01 32.28
N LYS J 337 72.26 -24.72 31.31
CA LYS J 337 73.44 -23.89 31.51
C LYS J 337 73.26 -22.50 30.92
N VAL J 338 72.07 -21.92 31.06
CA VAL J 338 71.78 -20.62 30.46
C VAL J 338 72.38 -19.50 31.31
N THR J 339 73.62 -19.14 30.99
CA THR J 339 74.34 -18.05 31.62
C THR J 339 74.93 -17.15 30.54
N PRO J 340 75.14 -15.87 30.84
CA PRO J 340 75.74 -14.96 29.84
C PRO J 340 77.21 -15.23 29.57
N ASP J 341 77.80 -16.29 30.12
CA ASP J 341 79.22 -16.55 29.92
C ASP J 341 79.52 -16.94 28.48
N MET J 342 78.76 -17.88 27.92
CA MET J 342 79.01 -18.38 26.57
C MET J 342 78.00 -17.86 25.55
N LEU J 343 77.12 -16.94 25.96
CA LEU J 343 76.16 -16.39 25.02
C LEU J 343 76.87 -15.58 23.94
N GLY J 344 76.41 -15.76 22.69
CA GLY J 344 77.04 -15.07 21.58
C GLY J 344 76.64 -13.60 21.51
N SER J 345 77.43 -12.86 20.73
CA SER J 345 77.21 -11.43 20.56
C SER J 345 77.64 -11.02 19.17
N THR J 346 77.15 -9.86 18.73
CA THR J 346 77.49 -9.32 17.43
C THR J 346 77.46 -7.80 17.50
N GLY J 347 78.09 -7.16 16.52
CA GLY J 347 78.10 -5.71 16.48
C GLY J 347 76.72 -5.11 16.32
N SER J 348 75.92 -5.66 15.40
CA SER J 348 74.56 -5.20 15.19
C SER J 348 73.79 -6.29 14.46
N ILE J 349 72.49 -6.34 14.74
CA ILE J 349 71.60 -7.32 14.12
C ILE J 349 70.35 -6.60 13.61
N THR J 350 69.69 -7.23 12.65
CA THR J 350 68.46 -6.67 12.07
C THR J 350 67.56 -7.84 11.70
N ILE J 351 66.48 -8.02 12.45
CA ILE J 351 65.53 -9.09 12.22
C ILE J 351 64.16 -8.46 11.97
N THR J 352 63.54 -8.82 10.84
CA THR J 352 62.22 -8.32 10.51
C THR J 352 61.27 -9.48 10.22
N LYS J 353 60.07 -9.17 9.73
CA LYS J 353 59.00 -10.17 9.65
C LYS J 353 59.23 -11.21 8.56
N GLU J 354 60.19 -11.01 7.67
CA GLU J 354 60.45 -11.96 6.59
C GLU J 354 61.86 -12.54 6.57
N ASP J 355 62.85 -11.82 7.07
CA ASP J 355 64.22 -12.34 7.07
C ASP J 355 65.01 -11.72 8.21
N THR J 356 66.15 -12.35 8.52
CA THR J 356 67.04 -11.89 9.57
C THR J 356 68.37 -11.47 8.95
N ILE J 357 68.93 -10.38 9.48
CA ILE J 357 70.21 -9.85 9.02
C ILE J 357 71.17 -9.89 10.18
N ILE J 358 72.28 -10.60 10.02
CA ILE J 358 73.33 -10.69 11.03
C ILE J 358 74.62 -10.13 10.43
N LEU J 359 75.35 -9.37 11.23
CA LEU J 359 76.55 -8.71 10.75
C LEU J 359 77.47 -8.41 11.94
N ASN J 360 78.75 -8.25 11.64
CA ASN J 360 79.79 -7.95 12.63
C ASN J 360 79.87 -9.06 13.70
N GLY J 361 80.24 -10.24 13.23
CA GLY J 361 80.45 -11.34 14.14
C GLY J 361 81.57 -11.04 15.14
N ASP J 362 81.35 -11.43 16.38
CA ASP J 362 82.28 -11.15 17.47
C ASP J 362 83.26 -12.28 17.75
N GLY J 363 83.24 -13.35 16.96
CA GLY J 363 84.15 -14.45 17.19
C GLY J 363 85.58 -14.11 16.82
N SER J 364 86.50 -14.93 17.33
CA SER J 364 87.91 -14.74 17.06
C SER J 364 88.21 -15.02 15.59
N LYS J 365 88.91 -14.09 14.95
CA LYS J 365 89.19 -14.24 13.52
C LYS J 365 90.25 -15.30 13.25
N ASP J 366 91.14 -15.54 14.21
CA ASP J 366 92.18 -16.55 14.02
C ASP J 366 91.57 -17.94 13.89
N ALA J 367 90.67 -18.30 14.82
CA ALA J 367 90.00 -19.60 14.74
C ALA J 367 89.10 -19.70 13.51
N ILE J 368 88.48 -18.59 13.11
CA ILE J 368 87.66 -18.59 11.91
C ILE J 368 88.51 -18.90 10.69
N ALA J 369 89.69 -18.27 10.60
CA ALA J 369 90.59 -18.54 9.49
C ALA J 369 91.10 -19.98 9.52
N GLN J 370 91.39 -20.50 10.73
CA GLN J 370 91.83 -21.88 10.85
C GLN J 370 90.77 -22.85 10.35
N ARG J 371 89.51 -22.64 10.76
CA ARG J 371 88.43 -23.49 10.29
C ARG J 371 88.19 -23.34 8.79
N CYS J 372 88.33 -22.12 8.27
CA CYS J 372 88.18 -21.91 6.84
C CYS J 372 89.26 -22.67 6.06
N GLU J 373 90.50 -22.63 6.53
CA GLU J 373 91.55 -23.38 5.85
C GLU J 373 91.36 -24.88 6.00
N GLN J 374 90.81 -25.33 7.14
CA GLN J 374 90.48 -26.75 7.29
C GLN J 374 89.42 -27.17 6.28
N ILE J 375 88.40 -26.34 6.09
CA ILE J 375 87.38 -26.63 5.08
C ILE J 375 87.98 -26.65 3.68
N ARG J 376 88.88 -25.69 3.40
CA ARG J 376 89.53 -25.64 2.09
C ARG J 376 90.34 -26.92 1.84
N GLY J 377 91.07 -27.39 2.86
CA GLY J 377 91.77 -28.65 2.74
C GLY J 377 90.83 -29.83 2.58
N ALA J 378 89.67 -29.78 3.23
CA ALA J 378 88.68 -30.83 3.04
C ALA J 378 88.12 -30.83 1.62
N MET J 379 88.12 -29.68 0.95
CA MET J 379 87.68 -29.62 -0.44
C MET J 379 88.57 -30.43 -1.37
N ASN J 380 89.79 -30.78 -0.96
CA ASN J 380 90.71 -31.50 -1.81
C ASN J 380 90.47 -33.00 -1.83
N ASP J 381 89.61 -33.52 -0.95
CA ASP J 381 89.35 -34.95 -0.92
C ASP J 381 88.32 -35.31 -1.98
N PRO J 382 88.67 -36.16 -2.95
CA PRO J 382 87.67 -36.57 -3.96
C PRO J 382 86.55 -37.41 -3.40
N SER J 383 86.70 -37.99 -2.21
CA SER J 383 85.71 -38.88 -1.63
C SER J 383 84.66 -38.15 -0.81
N THR J 384 84.70 -36.82 -0.76
CA THR J 384 83.71 -36.06 0.00
C THR J 384 82.32 -36.23 -0.62
N SER J 385 81.31 -36.27 0.24
CA SER J 385 79.94 -36.43 -0.24
C SER J 385 79.52 -35.24 -1.08
N GLU J 386 78.73 -35.51 -2.14
CA GLU J 386 78.32 -34.45 -3.05
C GLU J 386 77.43 -33.44 -2.35
N TYR J 387 76.47 -33.90 -1.54
CA TYR J 387 75.59 -32.97 -0.83
C TYR J 387 76.37 -32.12 0.15
N GLU J 388 77.27 -32.74 0.91
CA GLU J 388 78.11 -31.98 1.82
C GLU J 388 79.02 -31.01 1.07
N LYS J 389 79.54 -31.45 -0.08
CA LYS J 389 80.41 -30.58 -0.87
C LYS J 389 79.66 -29.34 -1.35
N GLU J 390 78.45 -29.52 -1.88
CA GLU J 390 77.70 -28.37 -2.37
C GLU J 390 77.21 -27.49 -1.22
N LYS J 391 76.84 -28.08 -0.09
CA LYS J 391 76.44 -27.28 1.07
C LYS J 391 77.59 -26.42 1.56
N LEU J 392 78.79 -26.99 1.66
CA LEU J 392 79.93 -26.21 2.10
C LEU J 392 80.36 -25.20 1.03
N GLN J 393 80.17 -25.52 -0.25
CA GLN J 393 80.48 -24.56 -1.30
C GLN J 393 79.56 -23.35 -1.24
N GLU J 394 78.25 -23.56 -1.05
CA GLU J 394 77.35 -22.42 -0.92
C GLU J 394 77.59 -21.68 0.39
N ARG J 395 78.01 -22.40 1.44
CA ARG J 395 78.44 -21.72 2.67
C ARG J 395 79.62 -20.79 2.40
N LEU J 396 80.60 -21.26 1.65
CA LEU J 396 81.73 -20.42 1.28
C LEU J 396 81.27 -19.22 0.46
N ALA J 397 80.36 -19.45 -0.49
CA ALA J 397 79.87 -18.37 -1.34
C ALA J 397 79.17 -17.29 -0.53
N LYS J 398 78.36 -17.70 0.45
CA LYS J 398 77.57 -16.75 1.23
C LYS J 398 78.31 -16.24 2.47
N LEU J 399 79.49 -16.77 2.77
CA LEU J 399 80.27 -16.31 3.92
C LEU J 399 81.50 -15.50 3.53
N SER J 400 82.26 -15.93 2.52
CA SER J 400 83.47 -15.22 2.15
C SER J 400 83.17 -13.83 1.62
N GLY J 401 82.09 -13.67 0.85
CA GLY J 401 81.74 -12.41 0.26
C GLY J 401 81.41 -11.33 1.27
N GLY J 402 80.67 -11.69 2.30
CA GLY J 402 80.30 -10.75 3.34
C GLY J 402 78.98 -10.05 3.03
N VAL J 403 78.37 -9.50 4.06
CA VAL J 403 77.09 -8.81 3.92
C VAL J 403 77.35 -7.36 3.55
N ALA J 404 76.79 -6.93 2.43
CA ALA J 404 76.94 -5.55 1.97
C ALA J 404 75.97 -4.66 2.76
N VAL J 405 76.51 -3.79 3.60
CA VAL J 405 75.72 -2.91 4.45
C VAL J 405 76.00 -1.47 4.05
N ILE J 406 74.94 -0.68 3.91
CA ILE J 406 75.05 0.74 3.58
C ILE J 406 74.39 1.53 4.70
N LYS J 407 75.12 2.51 5.23
CA LYS J 407 74.61 3.39 6.27
C LYS J 407 73.95 4.58 5.60
N VAL J 408 72.62 4.61 5.59
CA VAL J 408 71.89 5.70 4.96
C VAL J 408 72.10 6.99 5.74
N GLY J 409 71.93 8.12 5.06
CA GLY J 409 72.08 9.42 5.66
C GLY J 409 70.78 10.20 5.70
N GLY J 410 70.88 11.41 6.23
CA GLY J 410 69.73 12.29 6.33
C GLY J 410 69.90 13.29 7.43
N SER J 411 68.98 14.24 7.47
CA SER J 411 68.98 15.31 8.48
C SER J 411 68.02 15.02 9.62
N SER J 412 66.73 14.87 9.33
CA SER J 412 65.72 14.62 10.35
C SER J 412 65.26 13.16 10.30
N GLU J 413 64.41 12.80 11.27
CA GLU J 413 63.90 11.44 11.32
C GLU J 413 63.03 11.13 10.10
N VAL J 414 62.15 12.05 9.72
CA VAL J 414 61.31 11.83 8.55
C VAL J 414 62.15 11.83 7.27
N GLU J 415 63.18 12.68 7.22
CA GLU J 415 64.05 12.72 6.04
C GLU J 415 64.83 11.41 5.90
N VAL J 416 65.41 10.93 7.00
CA VAL J 416 66.15 9.67 6.92
C VAL J 416 65.20 8.51 6.63
N GLY J 417 63.97 8.57 7.13
CA GLY J 417 63.00 7.52 6.82
C GLY J 417 62.63 7.47 5.35
N GLU J 418 62.34 8.64 4.77
CA GLU J 418 61.99 8.66 3.35
C GLU J 418 63.19 8.27 2.50
N LYS J 419 64.40 8.66 2.93
CA LYS J 419 65.60 8.22 2.22
C LYS J 419 65.75 6.70 2.28
N LYS J 420 65.47 6.10 3.45
CA LYS J 420 65.56 4.66 3.58
C LYS J 420 64.57 3.93 2.68
N ASP J 421 63.32 4.40 2.65
CA ASP J 421 62.33 3.78 1.75
C ASP J 421 62.72 3.96 0.29
N ARG J 422 63.18 5.16 -0.09
CA ARG J 422 63.62 5.37 -1.48
C ARG J 422 64.75 4.41 -1.83
N PHE J 423 65.73 4.27 -0.93
CA PHE J 423 66.83 3.36 -1.15
C PHE J 423 66.35 1.92 -1.27
N VAL J 424 65.37 1.52 -0.45
CA VAL J 424 64.97 0.12 -0.47
C VAL J 424 64.25 -0.20 -1.77
N ASP J 425 63.39 0.70 -2.28
CA ASP J 425 62.75 0.38 -3.55
C ASP J 425 63.76 0.42 -4.69
N ALA J 426 64.71 1.37 -4.64
CA ALA J 426 65.73 1.44 -5.69
C ALA J 426 66.56 0.16 -5.73
N LEU J 427 67.00 -0.32 -4.57
CA LEU J 427 67.80 -1.55 -4.53
C LEU J 427 66.97 -2.77 -4.91
N ASN J 428 65.69 -2.81 -4.53
CA ASN J 428 64.85 -3.93 -4.94
C ASN J 428 64.71 -3.99 -6.45
N ALA J 429 64.46 -2.84 -7.08
CA ALA J 429 64.38 -2.79 -8.54
C ALA J 429 65.71 -3.16 -9.18
N THR J 430 66.82 -2.71 -8.60
CA THR J 430 68.13 -3.04 -9.15
C THR J 430 68.40 -4.54 -9.07
N ARG J 431 68.06 -5.17 -7.94
CA ARG J 431 68.23 -6.62 -7.81
C ARG J 431 67.38 -7.37 -8.82
N ALA J 432 66.12 -6.95 -8.97
CA ALA J 432 65.28 -7.60 -9.98
C ALA J 432 65.88 -7.47 -11.37
N ALA J 433 66.35 -6.27 -11.71
CA ALA J 433 66.92 -6.04 -13.04
C ALA J 433 68.17 -6.88 -13.28
N VAL J 434 69.06 -6.96 -12.28
CA VAL J 434 70.29 -7.72 -12.49
C VAL J 434 70.01 -9.21 -12.54
N GLU J 435 69.07 -9.71 -11.72
CA GLU J 435 68.85 -11.15 -11.69
C GLU J 435 68.06 -11.62 -12.90
N GLU J 436 67.24 -10.75 -13.49
CA GLU J 436 66.46 -11.13 -14.67
C GLU J 436 66.84 -10.36 -15.92
N GLY J 437 66.77 -9.04 -15.89
CA GLY J 437 67.00 -8.23 -17.06
C GLY J 437 65.93 -7.17 -17.25
N ILE J 438 66.26 -6.11 -17.98
CA ILE J 438 65.34 -4.98 -18.17
C ILE J 438 64.72 -5.07 -19.55
N LEU J 439 63.54 -4.46 -19.68
CA LEU J 439 62.79 -4.38 -20.92
C LEU J 439 62.18 -2.99 -21.04
N PRO J 440 61.92 -2.53 -22.27
CA PRO J 440 61.27 -1.22 -22.44
C PRO J 440 59.92 -1.15 -21.76
N GLY J 441 59.77 -0.23 -20.83
CA GLY J 441 58.55 -0.10 -20.06
C GLY J 441 57.44 0.59 -20.82
N GLY J 442 56.32 0.80 -20.13
CA GLY J 442 55.17 1.42 -20.73
C GLY J 442 54.33 0.51 -21.60
N GLY J 443 54.55 -0.80 -21.52
CA GLY J 443 53.81 -1.76 -22.32
C GLY J 443 54.31 -1.95 -23.72
N THR J 444 55.38 -1.27 -24.12
CA THR J 444 55.92 -1.45 -25.46
C THR J 444 56.41 -2.87 -25.70
N ALA J 445 57.09 -3.45 -24.70
CA ALA J 445 57.58 -4.81 -24.84
C ALA J 445 56.44 -5.80 -25.03
N LEU J 446 55.33 -5.60 -24.32
CA LEU J 446 54.18 -6.47 -24.49
C LEU J 446 53.63 -6.39 -25.90
N ILE J 447 53.53 -5.17 -26.46
CA ILE J 447 53.04 -5.01 -27.82
C ILE J 447 53.96 -5.71 -28.82
N LYS J 448 55.27 -5.50 -28.66
CA LYS J 448 56.22 -6.12 -29.58
C LYS J 448 56.15 -7.64 -29.49
N ALA J 449 56.03 -8.19 -28.27
CA ALA J 449 55.91 -9.62 -28.12
C ALA J 449 54.64 -10.15 -28.75
N SER J 450 53.51 -9.49 -28.50
CA SER J 450 52.24 -9.92 -29.07
C SER J 450 52.22 -9.83 -30.59
N VAL J 451 53.03 -8.94 -31.17
CA VAL J 451 53.03 -8.81 -32.62
C VAL J 451 54.02 -9.78 -33.28
N ASN J 452 55.22 -9.94 -32.71
CA ASN J 452 56.27 -10.75 -33.33
C ASN J 452 56.37 -12.16 -32.78
N ALA J 453 55.47 -12.56 -31.88
CA ALA J 453 55.58 -13.86 -31.24
C ALA J 453 54.44 -14.80 -31.60
N LEU J 454 53.19 -14.38 -31.39
CA LEU J 454 52.04 -15.25 -31.58
C LEU J 454 51.73 -15.54 -33.05
N ASN J 455 52.34 -14.81 -33.98
CA ASN J 455 52.09 -15.07 -35.39
C ASN J 455 52.70 -16.37 -35.87
N ASN J 456 53.67 -16.92 -35.12
CA ASN J 456 54.32 -18.16 -35.52
C ASN J 456 53.59 -19.40 -35.01
N LEU J 457 52.87 -19.28 -33.91
CA LEU J 457 52.18 -20.43 -33.34
C LEU J 457 51.11 -20.96 -34.30
N LYS J 458 51.02 -22.28 -34.39
CA LYS J 458 50.06 -22.95 -35.27
C LYS J 458 49.28 -23.97 -34.45
N PRO J 459 48.25 -23.54 -33.73
CA PRO J 459 47.46 -24.48 -32.94
C PRO J 459 46.75 -25.51 -33.83
N ALA J 460 46.56 -26.71 -33.27
CA ALA J 460 45.98 -27.80 -34.05
C ALA J 460 44.48 -27.60 -34.23
N ASN J 461 43.73 -27.56 -33.13
CA ASN J 461 42.28 -27.43 -33.20
C ASN J 461 41.90 -25.95 -33.33
N PHE J 462 40.61 -25.66 -33.17
CA PHE J 462 40.08 -24.32 -33.40
C PHE J 462 40.02 -23.49 -32.11
N ASP J 463 39.60 -24.10 -31.00
CA ASP J 463 39.51 -23.36 -29.75
C ASP J 463 40.86 -22.91 -29.24
N GLN J 464 41.92 -23.67 -29.54
CA GLN J 464 43.27 -23.20 -29.22
C GLN J 464 43.62 -21.93 -29.99
N GLN J 465 43.24 -21.87 -31.27
CA GLN J 465 43.42 -20.64 -32.03
C GLN J 465 42.61 -19.50 -31.44
N LEU J 466 41.39 -19.80 -30.99
CA LEU J 466 40.57 -18.77 -30.35
C LEU J 466 41.24 -18.25 -29.08
N GLY J 467 41.82 -19.14 -28.29
CA GLY J 467 42.53 -18.71 -27.08
C GLY J 467 43.77 -17.90 -27.39
N VAL J 468 44.49 -18.28 -28.46
CA VAL J 468 45.65 -17.50 -28.87
C VAL J 468 45.23 -16.10 -29.28
N ASN J 469 44.14 -15.98 -30.05
CA ASN J 469 43.62 -14.67 -30.41
C ASN J 469 43.18 -13.89 -29.16
N ILE J 470 42.61 -14.59 -28.18
CA ILE J 470 42.19 -13.95 -26.93
C ILE J 470 43.39 -13.35 -26.22
N ILE J 471 44.47 -14.11 -26.11
CA ILE J 471 45.66 -13.59 -25.42
C ILE J 471 46.29 -12.46 -26.23
N LYS J 472 46.24 -12.54 -27.56
CA LYS J 472 46.79 -11.47 -28.38
C LYS J 472 46.01 -10.17 -28.19
N ASN J 473 44.68 -10.26 -28.08
CA ASN J 473 43.88 -9.08 -27.85
C ASN J 473 44.03 -8.56 -26.42
N ALA J 474 44.28 -9.45 -25.46
CA ALA J 474 44.34 -9.05 -24.06
C ALA J 474 45.71 -8.53 -23.65
N ILE J 475 46.77 -8.87 -24.38
CA ILE J 475 48.11 -8.41 -24.00
C ILE J 475 48.22 -6.90 -24.14
N THR J 476 47.56 -6.31 -25.13
CA THR J 476 47.67 -4.88 -25.39
C THR J 476 46.88 -4.02 -24.41
N ARG J 477 46.13 -4.62 -23.48
CA ARG J 477 45.31 -3.82 -22.58
C ARG J 477 46.11 -2.88 -21.68
N PRO J 478 47.20 -3.30 -21.02
CA PRO J 478 47.95 -2.34 -20.20
C PRO J 478 48.46 -1.14 -20.97
N ALA J 479 48.95 -1.35 -22.20
CA ALA J 479 49.41 -0.23 -23.01
C ALA J 479 48.26 0.71 -23.35
N ARG J 480 47.10 0.14 -23.68
CA ARG J 480 45.92 0.96 -23.96
C ARG J 480 45.54 1.81 -22.75
N MET J 481 45.55 1.21 -21.56
CA MET J 481 45.22 1.95 -20.35
C MET J 481 46.25 3.05 -20.09
N ILE J 482 47.54 2.75 -20.29
CA ILE J 482 48.58 3.73 -20.06
C ILE J 482 48.40 4.92 -20.99
N VAL J 483 48.13 4.66 -22.27
CA VAL J 483 47.97 5.74 -23.24
C VAL J 483 46.69 6.53 -22.94
N GLU J 484 45.61 5.84 -22.59
CA GLU J 484 44.34 6.54 -22.35
C GLU J 484 44.38 7.36 -21.07
N ASN J 485 45.23 6.97 -20.10
CA ASN J 485 45.33 7.73 -18.86
C ASN J 485 45.84 9.15 -19.12
N ALA J 486 46.82 9.30 -20.00
CA ALA J 486 47.32 10.62 -20.33
C ALA J 486 46.27 11.47 -21.02
N GLY J 487 45.51 10.86 -21.94
CA GLY J 487 44.46 11.58 -22.63
C GLY J 487 44.39 11.26 -24.11
N LEU J 488 45.52 10.92 -24.71
CA LEU J 488 45.56 10.60 -26.13
C LEU J 488 44.84 9.29 -26.40
N GLU J 489 44.34 9.14 -27.62
CA GLU J 489 43.62 7.94 -28.01
C GLU J 489 44.59 6.76 -28.07
N GLY J 490 44.20 5.65 -27.43
CA GLY J 490 45.07 4.49 -27.38
C GLY J 490 45.11 3.70 -28.67
N SER J 491 44.03 3.72 -29.43
CA SER J 491 43.96 2.90 -30.64
C SER J 491 45.01 3.33 -31.67
N VAL J 492 45.11 4.64 -31.92
CA VAL J 492 46.05 5.13 -32.91
C VAL J 492 47.49 4.88 -32.45
N VAL J 493 47.76 5.09 -31.15
CA VAL J 493 49.11 4.87 -30.63
C VAL J 493 49.50 3.40 -30.76
N ILE J 494 48.59 2.49 -30.40
CA ILE J 494 48.88 1.07 -30.50
C ILE J 494 49.07 0.67 -31.95
N GLY J 495 48.26 1.22 -32.86
CA GLY J 495 48.44 0.91 -34.28
C GLY J 495 49.78 1.39 -34.80
N LYS J 496 50.21 2.58 -34.39
CA LYS J 496 51.50 3.08 -34.83
C LYS J 496 52.65 2.24 -34.25
N ILE J 497 52.53 1.83 -32.98
CA ILE J 497 53.60 1.06 -32.36
C ILE J 497 53.71 -0.33 -32.99
N SER J 498 52.56 -1.00 -33.18
CA SER J 498 52.57 -2.39 -33.61
C SER J 498 52.96 -2.53 -35.07
N ASP J 499 52.54 -1.59 -35.91
CA ASP J 499 52.74 -1.71 -37.36
C ASP J 499 53.94 -0.92 -37.86
N GLU J 500 53.98 0.38 -37.59
CA GLU J 500 55.05 1.22 -38.13
C GLU J 500 56.41 0.86 -37.53
N TYR J 501 56.44 0.53 -36.25
CA TYR J 501 57.68 0.26 -35.53
C TYR J 501 57.74 -1.18 -35.04
N ALA J 502 57.29 -2.12 -35.89
CA ALA J 502 57.33 -3.53 -35.52
C ALA J 502 58.77 -4.04 -35.39
N ALA J 503 59.65 -3.62 -36.31
CA ALA J 503 61.02 -4.10 -36.30
C ALA J 503 61.78 -3.61 -35.08
N ASP J 504 61.59 -2.34 -34.71
CA ASP J 504 62.32 -1.75 -33.60
C ASP J 504 61.62 -2.11 -32.29
N PHE J 505 62.25 -2.99 -31.51
CA PHE J 505 61.68 -3.39 -30.23
C PHE J 505 61.63 -2.22 -29.26
N ASN J 506 62.70 -1.40 -29.21
CA ASN J 506 62.77 -0.31 -28.24
C ASN J 506 61.84 0.85 -28.59
N LYS J 507 61.40 0.95 -29.84
CA LYS J 507 60.53 2.05 -30.23
C LYS J 507 59.13 1.85 -29.66
N GLY J 508 58.60 2.89 -29.05
CA GLY J 508 57.27 2.84 -28.48
C GLY J 508 56.71 4.24 -28.33
N PHE J 509 55.87 4.42 -27.32
CA PHE J 509 55.24 5.69 -27.03
C PHE J 509 55.65 6.17 -25.63
N ASN J 510 56.13 7.40 -25.54
CA ASN J 510 56.48 8.02 -24.26
C ASN J 510 55.30 8.86 -23.81
N SER J 511 54.54 8.34 -22.85
CA SER J 511 53.35 9.04 -22.37
C SER J 511 53.70 10.33 -21.62
N ALA J 512 54.93 10.46 -21.13
CA ALA J 512 55.32 11.67 -20.40
C ALA J 512 55.28 12.90 -21.30
N THR J 513 55.76 12.76 -22.53
CA THR J 513 55.83 13.88 -23.45
C THR J 513 54.98 13.71 -24.71
N GLY J 514 54.61 12.48 -25.06
CA GLY J 514 53.80 12.24 -26.23
C GLY J 514 54.57 12.03 -27.52
N GLU J 515 55.88 11.80 -27.45
CA GLU J 515 56.71 11.59 -28.63
C GLU J 515 57.19 10.15 -28.65
N TYR J 516 57.23 9.57 -29.84
CA TYR J 516 57.66 8.17 -30.02
C TYR J 516 59.17 8.12 -29.92
N VAL J 517 59.68 7.83 -28.71
CA VAL J 517 61.11 7.74 -28.46
C VAL J 517 61.40 6.39 -27.79
N ASP J 518 62.67 6.00 -27.85
CA ASP J 518 63.09 4.73 -27.26
C ASP J 518 63.17 4.88 -25.75
N MET J 519 62.58 3.92 -25.03
CA MET J 519 62.65 3.93 -23.57
C MET J 519 64.05 3.70 -23.04
N ILE J 520 64.92 3.03 -23.80
CA ILE J 520 66.28 2.80 -23.35
C ILE J 520 67.01 4.13 -23.16
N GLN J 521 66.89 5.01 -24.16
CA GLN J 521 67.50 6.33 -24.04
C GLN J 521 66.68 7.24 -23.13
N ALA J 522 65.35 7.11 -23.17
CA ALA J 522 64.50 7.97 -22.35
C ALA J 522 64.56 7.60 -20.87
N GLY J 523 65.02 6.40 -20.53
CA GLY J 523 65.14 5.97 -19.16
C GLY J 523 64.02 5.08 -18.67
N ILE J 524 62.89 5.04 -19.39
CA ILE J 524 61.79 4.18 -18.98
C ILE J 524 62.20 2.72 -19.14
N LEU J 525 61.83 1.89 -18.15
CA LEU J 525 62.18 0.48 -18.20
C LEU J 525 61.14 -0.31 -17.41
N ASP J 526 61.17 -1.63 -17.65
CA ASP J 526 60.39 -2.58 -16.88
C ASP J 526 61.23 -3.85 -16.80
N PRO J 527 61.59 -4.29 -15.60
CA PRO J 527 62.39 -5.52 -15.48
C PRO J 527 61.62 -6.72 -16.02
N LEU J 528 62.37 -7.69 -16.53
CA LEU J 528 61.74 -8.89 -17.10
C LEU J 528 61.02 -9.68 -16.02
N LYS J 529 61.60 -9.74 -14.81
CA LYS J 529 61.04 -10.58 -13.76
C LYS J 529 59.62 -10.15 -13.39
N VAL J 530 59.43 -8.85 -13.16
CA VAL J 530 58.13 -8.38 -12.69
C VAL J 530 57.06 -8.59 -13.75
N VAL J 531 57.34 -8.21 -14.99
CA VAL J 531 56.34 -8.34 -16.05
C VAL J 531 56.06 -9.81 -16.35
N ARG J 532 57.10 -10.65 -16.34
CA ARG J 532 56.91 -12.06 -16.61
C ARG J 532 56.06 -12.73 -15.53
N THR J 533 56.38 -12.47 -14.27
CA THR J 533 55.60 -13.09 -13.19
C THR J 533 54.18 -12.52 -13.14
N GLY J 534 54.01 -11.23 -13.45
CA GLY J 534 52.66 -10.69 -13.50
C GLY J 534 51.83 -11.32 -14.60
N LEU J 535 52.41 -11.47 -15.80
CA LEU J 535 51.70 -12.12 -16.89
C LEU J 535 51.36 -13.56 -16.56
N ILE J 536 52.31 -14.29 -15.97
CA ILE J 536 52.08 -15.69 -15.65
C ILE J 536 50.96 -15.83 -14.62
N ASP J 537 51.03 -15.03 -13.55
CA ASP J 537 49.99 -15.10 -12.51
C ASP J 537 48.64 -14.67 -13.05
N ALA J 538 48.60 -13.63 -13.88
CA ALA J 538 47.34 -13.18 -14.45
C ALA J 538 46.74 -14.25 -15.34
N SER J 539 47.55 -14.86 -16.21
CA SER J 539 47.03 -15.91 -17.09
C SER J 539 46.54 -17.10 -16.28
N GLY J 540 47.29 -17.52 -15.26
CA GLY J 540 46.87 -18.64 -14.45
C GLY J 540 45.58 -18.36 -13.71
N VAL J 541 45.47 -17.17 -13.11
CA VAL J 541 44.27 -16.82 -12.35
C VAL J 541 43.06 -16.73 -13.27
N ALA J 542 43.23 -16.11 -14.45
CA ALA J 542 42.11 -16.01 -15.38
C ALA J 542 41.69 -17.38 -15.89
N SER J 543 42.65 -18.25 -16.21
CA SER J 543 42.31 -19.59 -16.67
C SER J 543 41.60 -20.38 -15.58
N LEU J 544 42.06 -20.26 -14.34
CA LEU J 544 41.38 -20.95 -13.23
C LEU J 544 39.98 -20.40 -13.02
N LEU J 545 39.81 -19.08 -13.07
CA LEU J 545 38.51 -18.48 -12.81
C LEU J 545 37.53 -18.74 -13.95
N GLY J 546 38.03 -19.00 -15.15
CA GLY J 546 37.15 -19.28 -16.28
C GLY J 546 36.61 -20.69 -16.29
N THR J 547 36.98 -21.53 -15.33
CA THR J 547 36.52 -22.91 -15.29
C THR J 547 35.95 -23.27 -13.93
N THR J 548 35.10 -22.38 -13.38
CA THR J 548 34.44 -22.62 -12.09
C THR J 548 32.95 -22.35 -12.29
N GLU J 549 32.19 -23.42 -12.57
CA GLU J 549 30.75 -23.28 -12.71
C GLU J 549 30.09 -22.98 -11.36
N VAL J 550 30.58 -23.62 -10.29
CA VAL J 550 29.98 -23.53 -8.97
C VAL J 550 30.85 -22.66 -8.09
N ALA J 551 30.20 -21.82 -7.28
CA ALA J 551 30.87 -20.96 -6.32
C ALA J 551 29.89 -20.63 -5.21
N ILE J 552 30.30 -20.86 -3.96
CA ILE J 552 29.42 -20.68 -2.82
C ILE J 552 29.97 -19.56 -1.95
N VAL J 553 29.04 -18.87 -1.25
CA VAL J 553 29.39 -17.81 -0.31
C VAL J 553 28.61 -18.04 0.98
N GLU J 554 29.07 -17.38 2.04
CA GLU J 554 28.44 -17.50 3.35
C GLU J 554 27.19 -16.62 3.40
N ALA J 555 26.56 -16.56 4.57
CA ALA J 555 25.35 -15.76 4.75
C ALA J 555 25.67 -14.26 4.72
N ALA K 28 35.24 -3.53 6.43
CA ALA K 28 35.23 -4.48 5.32
C ALA K 28 33.95 -4.33 4.50
N HIS K 29 33.60 -3.08 4.18
CA HIS K 29 32.39 -2.81 3.40
C HIS K 29 32.57 -1.45 2.75
N LYS K 30 32.67 -1.42 1.42
CA LYS K 30 32.91 -0.19 0.68
C LYS K 30 31.97 -0.11 -0.51
N GLU K 31 31.69 1.12 -0.95
CA GLU K 31 30.94 1.39 -2.16
C GLU K 31 31.77 2.30 -3.06
N LEU K 32 31.69 2.06 -4.36
CA LEU K 32 32.55 2.71 -5.34
C LEU K 32 31.75 3.67 -6.21
N LYS K 33 32.34 4.82 -6.50
CA LYS K 33 31.79 5.78 -7.45
C LYS K 33 32.87 6.13 -8.46
N PHE K 34 32.53 6.07 -9.74
CA PHE K 34 33.51 6.14 -10.81
C PHE K 34 33.34 7.42 -11.62
N GLY K 35 34.45 8.15 -11.78
CA GLY K 35 34.50 9.23 -12.76
C GLY K 35 33.56 10.36 -12.44
N VAL K 36 32.59 10.58 -13.34
CA VAL K 36 31.75 11.76 -13.29
C VAL K 36 30.91 11.79 -12.02
N GLU K 37 30.42 10.64 -11.58
CA GLU K 37 29.57 10.60 -10.40
C GLU K 37 30.35 11.02 -9.15
N GLY K 38 31.53 10.43 -8.95
CA GLY K 38 32.34 10.82 -7.80
C GLY K 38 32.80 12.26 -7.88
N ARG K 39 33.16 12.72 -9.08
CA ARG K 39 33.58 14.11 -9.24
C ARG K 39 32.43 15.06 -8.91
N ALA K 40 31.21 14.72 -9.33
CA ALA K 40 30.05 15.55 -9.02
C ALA K 40 29.76 15.56 -7.52
N ALA K 41 29.90 14.41 -6.86
CA ALA K 41 29.68 14.36 -5.41
C ALA K 41 30.71 15.24 -4.69
N LEU K 42 31.98 15.14 -5.09
CA LEU K 42 33.01 15.98 -4.48
C LEU K 42 32.75 17.46 -4.77
N LEU K 43 32.30 17.77 -5.99
CA LEU K 43 31.93 19.13 -6.32
C LEU K 43 30.84 19.65 -5.39
N ASN K 44 29.79 18.84 -5.18
CA ASN K 44 28.69 19.27 -4.33
C ASN K 44 29.17 19.51 -2.90
N GLY K 45 29.96 18.58 -2.36
CA GLY K 45 30.44 18.75 -0.99
C GLY K 45 31.33 19.98 -0.84
N VAL K 46 32.29 20.15 -1.75
CA VAL K 46 33.22 21.26 -1.66
C VAL K 46 32.48 22.58 -1.84
N GLU K 47 31.54 22.63 -2.79
CA GLU K 47 30.78 23.85 -3.03
C GLU K 47 29.92 24.22 -1.83
N THR K 48 29.29 23.22 -1.21
CA THR K 48 28.47 23.50 -0.02
C THR K 48 29.33 24.04 1.11
N LEU K 49 30.47 23.40 1.37
CA LEU K 49 31.33 23.86 2.46
C LEU K 49 31.87 25.26 2.18
N ALA K 50 32.28 25.51 0.94
CA ALA K 50 32.84 26.82 0.60
C ALA K 50 31.77 27.90 0.65
N LYS K 51 30.54 27.60 0.23
CA LYS K 51 29.46 28.57 0.33
C LYS K 51 29.14 28.88 1.79
N ALA K 52 29.18 27.87 2.65
CA ALA K 52 28.98 28.12 4.08
C ALA K 52 30.11 28.98 4.65
N VAL K 53 31.35 28.71 4.25
CA VAL K 53 32.49 29.40 4.84
C VAL K 53 32.56 30.85 4.35
N ALA K 54 32.29 31.08 3.06
CA ALA K 54 32.50 32.40 2.47
C ALA K 54 31.53 33.44 3.01
N THR K 55 30.49 33.03 3.74
CA THR K 55 29.55 33.98 4.30
C THR K 55 30.19 34.92 5.32
N THR K 56 31.34 34.57 5.86
CA THR K 56 32.05 35.40 6.82
C THR K 56 33.24 36.13 6.20
N LEU K 57 33.41 36.03 4.88
CA LEU K 57 34.54 36.65 4.20
C LEU K 57 34.42 38.16 4.19
N GLY K 58 35.57 38.84 4.33
CA GLY K 58 35.63 40.27 4.26
C GLY K 58 35.33 40.94 5.58
N PRO K 59 35.68 42.22 5.70
CA PRO K 59 35.35 42.96 6.94
C PRO K 59 33.86 43.01 7.21
N LYS K 60 33.04 43.05 6.17
CA LYS K 60 31.59 43.08 6.31
C LYS K 60 31.02 41.66 6.26
N GLY K 61 31.56 40.81 7.14
CA GLY K 61 31.14 39.43 7.20
C GLY K 61 29.80 39.28 7.91
N ARG K 62 29.32 38.04 7.94
CA ARG K 62 28.04 37.73 8.55
C ARG K 62 28.20 36.51 9.45
N ASN K 63 27.44 36.48 10.54
CA ASN K 63 27.70 35.55 11.63
C ASN K 63 27.21 34.14 11.31
N VAL K 64 27.66 33.19 12.12
CA VAL K 64 27.27 31.79 12.04
C VAL K 64 26.74 31.36 13.39
N LEU K 65 25.81 30.40 13.40
CA LEU K 65 25.22 29.89 14.64
C LEU K 65 25.77 28.50 14.92
N ILE K 66 26.52 28.37 16.02
CA ILE K 66 27.14 27.11 16.41
C ILE K 66 26.66 26.76 17.81
N GLU K 67 26.30 25.49 18.01
CA GLU K 67 25.88 25.00 19.32
C GLU K 67 26.85 23.94 19.83
N SER K 68 27.21 24.07 21.09
CA SER K 68 28.07 23.13 21.77
C SER K 68 27.28 21.88 22.15
N THR K 69 28.01 20.81 22.47
CA THR K 69 27.35 19.57 22.89
C THR K 69 26.57 19.77 24.19
N PHE K 70 27.15 20.50 25.13
CA PHE K 70 26.51 20.79 26.41
C PHE K 70 26.31 22.29 26.55
N GLY K 71 25.25 22.67 27.27
CA GLY K 71 25.00 24.08 27.52
C GLY K 71 24.08 24.71 26.50
N SER K 72 24.49 25.85 25.95
CA SER K 72 23.70 26.63 25.01
C SER K 72 24.58 27.11 23.86
N PRO K 73 23.97 27.40 22.70
CA PRO K 73 24.77 27.72 21.51
C PRO K 73 25.55 29.01 21.65
N LYS K 74 26.66 29.06 20.92
CA LYS K 74 27.53 30.23 20.84
C LYS K 74 27.37 30.91 19.49
N ILE K 75 28.21 31.92 19.24
CA ILE K 75 28.21 32.66 17.99
C ILE K 75 29.58 32.48 17.34
N THR K 76 29.64 32.62 16.03
CA THR K 76 30.87 32.48 15.26
C THR K 76 30.87 33.45 14.10
N LYS K 77 31.98 34.19 13.97
CA LYS K 77 32.15 35.12 12.85
C LYS K 77 33.39 34.84 12.01
N ASP K 78 34.22 33.86 12.39
CA ASP K 78 35.42 33.53 11.64
C ASP K 78 35.12 32.38 10.67
N GLY K 79 36.16 31.82 10.06
CA GLY K 79 35.98 30.78 9.08
C GLY K 79 36.55 29.43 9.47
N VAL K 80 37.60 29.43 10.31
CA VAL K 80 38.28 28.18 10.65
C VAL K 80 37.36 27.25 11.43
N THR K 81 36.64 27.78 12.42
CA THR K 81 35.80 26.92 13.25
C THR K 81 34.61 26.36 12.47
N VAL K 82 33.95 27.20 11.67
CA VAL K 82 32.83 26.72 10.88
C VAL K 82 33.30 25.73 9.81
N ALA K 83 34.49 25.96 9.25
CA ALA K 83 35.06 25.02 8.29
C ALA K 83 35.34 23.67 8.94
N LYS K 84 35.88 23.68 10.16
CA LYS K 84 36.20 22.44 10.86
C LYS K 84 34.96 21.75 11.43
N ALA K 85 33.86 22.47 11.61
CA ALA K 85 32.65 21.93 12.22
C ALA K 85 31.55 21.65 11.19
N ILE K 86 31.92 21.18 10.00
CA ILE K 86 30.97 20.88 8.95
C ILE K 86 31.12 19.42 8.53
N SER K 87 30.02 18.69 8.51
CA SER K 87 30.02 17.30 8.02
C SER K 87 28.71 17.09 7.27
N LEU K 88 28.82 16.80 5.97
CA LEU K 88 27.65 16.75 5.10
C LEU K 88 26.91 15.42 5.27
N LYS K 89 25.79 15.30 4.55
CA LYS K 89 24.97 14.09 4.62
C LYS K 89 25.65 12.92 3.92
N ASP K 90 25.92 13.08 2.63
CA ASP K 90 26.52 12.00 1.86
C ASP K 90 27.96 11.77 2.28
N LYS K 91 28.41 10.51 2.16
CA LYS K 91 29.76 10.16 2.55
C LYS K 91 30.80 10.81 1.65
N PHE K 92 30.53 10.89 0.36
CA PHE K 92 31.49 11.50 -0.57
C PHE K 92 31.57 13.01 -0.36
N GLU K 93 30.43 13.65 -0.10
CA GLU K 93 30.45 15.07 0.23
C GLU K 93 31.22 15.31 1.51
N ASN K 94 31.06 14.43 2.51
CA ASN K 94 31.83 14.55 3.73
C ASN K 94 33.32 14.35 3.47
N LEU K 95 33.66 13.44 2.56
CA LEU K 95 35.06 13.21 2.20
C LEU K 95 35.67 14.46 1.59
N GLY K 96 34.96 15.07 0.63
CA GLY K 96 35.46 16.30 0.03
C GLY K 96 35.58 17.43 1.04
N ALA K 97 34.59 17.55 1.92
CA ALA K 97 34.63 18.57 2.96
C ALA K 97 35.81 18.34 3.91
N LYS K 98 36.11 17.08 4.22
CA LYS K 98 37.21 16.78 5.11
C LYS K 98 38.55 17.08 4.46
N LEU K 99 38.69 16.80 3.16
CA LEU K 99 39.91 17.18 2.46
C LEU K 99 40.08 18.70 2.43
N LEU K 100 38.99 19.42 2.16
CA LEU K 100 39.04 20.88 2.21
C LEU K 100 39.39 21.37 3.61
N ALA K 101 38.89 20.69 4.64
CA ALA K 101 39.25 21.03 6.01
C ALA K 101 40.73 20.79 6.27
N GLU K 102 41.29 19.70 5.73
CA GLU K 102 42.71 19.46 5.85
C GLU K 102 43.52 20.61 5.26
N VAL K 103 43.21 21.00 4.02
CA VAL K 103 44.02 22.05 3.40
C VAL K 103 43.81 23.38 4.10
N ALA K 104 42.58 23.66 4.55
CA ALA K 104 42.32 24.90 5.28
C ALA K 104 43.07 24.94 6.59
N SER K 105 43.10 23.83 7.33
CA SER K 105 43.82 23.77 8.60
C SER K 105 45.32 23.91 8.37
N LYS K 106 45.85 23.28 7.31
CA LYS K 106 47.27 23.45 7.00
C LYS K 106 47.59 24.90 6.69
N THR K 107 46.73 25.57 5.91
CA THR K 107 46.95 26.98 5.60
C THR K 107 46.88 27.84 6.87
N ASN K 108 45.93 27.56 7.75
CA ASN K 108 45.80 28.32 8.98
C ASN K 108 47.02 28.13 9.89
N GLU K 109 47.51 26.89 9.99
CA GLU K 109 48.69 26.64 10.80
C GLU K 109 49.93 27.29 10.20
N VAL K 110 50.05 27.30 8.87
CA VAL K 110 51.21 27.91 8.23
C VAL K 110 51.19 29.42 8.39
N ALA K 111 50.05 30.05 8.12
CA ALA K 111 49.95 31.50 8.09
C ALA K 111 49.22 32.07 9.30
N GLY K 112 47.98 31.64 9.54
CA GLY K 112 47.15 32.17 10.61
C GLY K 112 45.87 32.82 10.14
N ASP K 113 45.72 33.08 8.85
CA ASP K 113 44.51 33.69 8.29
C ASP K 113 44.38 33.27 6.84
N GLY K 114 43.49 33.94 6.11
CA GLY K 114 43.30 33.66 4.71
C GLY K 114 42.68 32.32 4.40
N THR K 115 42.09 31.64 5.39
CA THR K 115 41.48 30.34 5.15
C THR K 115 40.30 30.45 4.21
N THR K 116 39.43 31.45 4.44
CA THR K 116 38.23 31.59 3.61
C THR K 116 38.58 31.88 2.16
N THR K 117 39.57 32.75 1.92
CA THR K 117 39.97 33.06 0.55
C THR K 117 40.53 31.83 -0.14
N ALA K 118 41.35 31.05 0.56
CA ALA K 118 41.90 29.84 -0.03
C ALA K 118 40.80 28.83 -0.34
N THR K 119 39.83 28.69 0.56
CA THR K 119 38.72 27.77 0.31
C THR K 119 37.91 28.20 -0.90
N VAL K 120 37.62 29.50 -1.01
CA VAL K 120 36.85 30.00 -2.14
C VAL K 120 37.60 29.79 -3.45
N LEU K 121 38.89 30.09 -3.45
CA LEU K 121 39.70 29.90 -4.65
C LEU K 121 39.74 28.43 -5.05
N ALA K 122 39.92 27.54 -4.08
CA ALA K 122 39.94 26.11 -4.38
C ALA K 122 38.61 25.64 -4.95
N ARG K 123 37.50 26.11 -4.37
CA ARG K 123 36.19 25.73 -4.89
C ARG K 123 36.03 26.22 -6.33
N ALA K 124 36.39 27.47 -6.60
CA ALA K 124 36.22 28.01 -7.94
C ALA K 124 37.07 27.24 -8.95
N ILE K 125 38.33 27.00 -8.63
CA ILE K 125 39.21 26.29 -9.55
C ILE K 125 38.72 24.87 -9.79
N PHE K 126 38.30 24.17 -8.73
CA PHE K 126 37.80 22.82 -8.89
C PHE K 126 36.54 22.78 -9.74
N SER K 127 35.62 23.72 -9.52
CA SER K 127 34.38 23.75 -10.29
C SER K 127 34.66 24.00 -11.75
N GLU K 128 35.52 24.98 -12.06
CA GLU K 128 35.86 25.24 -13.45
C GLU K 128 36.57 24.05 -14.09
N MET K 129 37.46 23.40 -13.33
CA MET K 129 38.19 22.25 -13.87
C MET K 129 37.25 21.10 -14.20
N VAL K 130 36.31 20.79 -13.30
CA VAL K 130 35.40 19.68 -13.57
C VAL K 130 34.43 20.04 -14.69
N LYS K 131 34.03 21.31 -14.78
CA LYS K 131 33.17 21.73 -15.88
C LYS K 131 33.88 21.57 -17.21
N ASN K 132 35.17 21.94 -17.28
CA ASN K 132 35.92 21.76 -18.51
C ASN K 132 36.17 20.29 -18.81
N VAL K 133 36.39 19.47 -17.77
CA VAL K 133 36.59 18.04 -17.97
C VAL K 133 35.35 17.39 -18.55
N ALA K 134 34.17 17.81 -18.07
CA ALA K 134 32.92 17.30 -18.62
C ALA K 134 32.75 17.63 -20.09
N ALA K 135 33.47 18.63 -20.59
CA ALA K 135 33.42 18.99 -22.01
C ALA K 135 34.39 18.18 -22.86
N GLY K 136 35.20 17.31 -22.25
CA GLY K 136 36.12 16.48 -22.99
C GLY K 136 37.55 16.97 -23.03
N CYS K 137 37.88 18.04 -22.32
CA CYS K 137 39.24 18.54 -22.31
C CYS K 137 40.17 17.62 -21.53
N ASN K 138 41.45 17.70 -21.83
CA ASN K 138 42.44 16.84 -21.19
C ASN K 138 42.76 17.38 -19.79
N PRO K 139 42.52 16.61 -18.72
CA PRO K 139 42.80 17.12 -17.38
C PRO K 139 44.27 17.43 -17.14
N MET K 140 45.18 16.67 -17.75
CA MET K 140 46.60 16.89 -17.50
C MET K 140 47.07 18.23 -18.07
N ASP K 141 46.66 18.55 -19.29
CA ASP K 141 47.03 19.83 -19.88
C ASP K 141 46.41 20.98 -19.09
N LEU K 142 45.17 20.81 -18.62
CA LEU K 142 44.55 21.83 -17.77
C LEU K 142 45.36 22.04 -16.50
N ARG K 143 45.79 20.95 -15.86
CA ARG K 143 46.58 21.06 -14.63
C ARG K 143 47.90 21.77 -14.90
N ARG K 144 48.58 21.41 -15.99
CA ARG K 144 49.84 22.06 -16.32
C ARG K 144 49.63 23.55 -16.58
N GLY K 145 48.56 23.89 -17.30
CA GLY K 145 48.28 25.29 -17.58
C GLY K 145 47.99 26.09 -16.32
N ILE K 146 47.16 25.54 -15.43
CA ILE K 146 46.86 26.26 -14.20
C ILE K 146 48.10 26.36 -13.31
N GLN K 147 48.97 25.35 -13.32
CA GLN K 147 50.19 25.43 -12.54
C GLN K 147 51.11 26.54 -13.07
N ALA K 148 51.28 26.60 -14.39
CA ALA K 148 52.10 27.66 -14.97
C ALA K 148 51.50 29.03 -14.69
N ALA K 149 50.18 29.16 -14.80
CA ALA K 149 49.53 30.44 -14.55
C ALA K 149 49.66 30.86 -13.09
N VAL K 150 49.54 29.90 -12.16
CA VAL K 150 49.69 30.21 -10.75
C VAL K 150 51.12 30.65 -10.46
N ASP K 151 52.11 29.98 -11.09
CA ASP K 151 53.50 30.40 -10.92
C ASP K 151 53.70 31.82 -11.43
N ALA K 152 53.13 32.15 -12.59
CA ALA K 152 53.23 33.50 -13.11
C ALA K 152 52.58 34.51 -12.17
N VAL K 153 51.42 34.15 -11.62
CA VAL K 153 50.70 35.05 -10.72
C VAL K 153 51.52 35.33 -9.46
N VAL K 154 52.08 34.29 -8.85
CA VAL K 154 52.85 34.51 -7.63
C VAL K 154 54.13 35.27 -7.93
N GLU K 155 54.74 35.01 -9.08
CA GLU K 155 55.92 35.77 -9.46
C GLU K 155 55.60 37.26 -9.63
N TYR K 156 54.47 37.57 -10.27
CA TYR K 156 54.07 38.95 -10.42
C TYR K 156 53.76 39.59 -9.07
N LEU K 157 53.11 38.85 -8.18
CA LEU K 157 52.81 39.38 -6.85
C LEU K 157 54.10 39.68 -6.08
N GLN K 158 55.08 38.78 -6.17
CA GLN K 158 56.36 39.02 -5.50
C GLN K 158 57.10 40.20 -6.12
N GLN K 159 56.98 40.37 -7.43
CA GLN K 159 57.67 41.49 -8.09
C GLN K 159 57.11 42.83 -7.64
N ASN K 160 55.79 42.93 -7.51
CA ASN K 160 55.15 44.21 -7.25
C ASN K 160 55.11 44.57 -5.76
N LYS K 161 55.38 43.61 -4.88
CA LYS K 161 55.20 43.82 -3.44
C LYS K 161 56.15 44.89 -2.91
N ARG K 162 55.92 45.28 -1.66
CA ARG K 162 56.74 46.25 -0.96
C ARG K 162 57.34 45.62 0.30
N ASP K 163 58.53 46.06 0.68
CA ASP K 163 59.22 45.52 1.84
C ASP K 163 58.89 46.35 3.08
N ILE K 164 59.05 45.72 4.24
CA ILE K 164 58.76 46.35 5.53
C ILE K 164 60.09 46.40 6.27
N THR K 165 60.76 47.55 6.23
CA THR K 165 62.08 47.70 6.84
C THR K 165 62.15 48.78 7.90
N THR K 166 61.67 49.99 7.60
CA THR K 166 61.88 51.12 8.50
C THR K 166 61.04 50.96 9.76
N SER K 167 61.62 51.35 10.90
CA SER K 167 60.93 51.18 12.18
C SER K 167 59.62 51.95 12.25
N ALA K 168 59.54 53.10 11.57
CA ALA K 168 58.29 53.86 11.57
C ALA K 168 57.17 53.08 10.86
N GLU K 169 57.44 52.58 9.67
CA GLU K 169 56.45 51.77 8.98
C GLU K 169 56.28 50.41 9.64
N ILE K 170 57.30 49.97 10.39
CA ILE K 170 57.14 48.79 11.24
C ILE K 170 56.04 49.04 12.27
N ALA K 171 56.11 50.17 12.96
CA ALA K 171 55.07 50.51 13.93
C ALA K 171 53.73 50.70 13.24
N GLN K 172 53.74 51.29 12.04
CA GLN K 172 52.50 51.49 11.29
C GLN K 172 51.82 50.16 10.97
N VAL K 173 52.57 49.20 10.43
CA VAL K 173 51.99 47.91 10.07
C VAL K 173 51.58 47.14 11.31
N ALA K 174 52.34 47.27 12.40
CA ALA K 174 51.93 46.65 13.66
C ALA K 174 50.62 47.26 14.15
N THR K 175 50.44 48.57 13.97
CA THR K 175 49.22 49.22 14.41
C THR K 175 48.02 48.73 13.61
N ILE K 176 48.13 48.76 12.28
CA ILE K 176 46.96 48.40 11.47
C ILE K 176 46.68 46.90 11.58
N SER K 177 47.72 46.08 11.76
CA SER K 177 47.50 44.66 12.00
C SER K 177 46.85 44.39 13.35
N ALA K 178 46.94 45.33 14.29
CA ALA K 178 46.32 45.19 15.60
C ALA K 178 45.09 46.08 15.76
N ASN K 179 44.33 46.26 14.68
CA ASN K 179 43.09 47.03 14.65
C ASN K 179 43.29 48.52 14.96
N GLY K 180 44.54 48.98 15.01
CA GLY K 180 44.79 50.40 15.21
C GLY K 180 44.70 50.95 16.62
N ASP K 181 43.66 50.54 17.36
CA ASP K 181 43.47 51.07 18.70
C ASP K 181 44.56 50.61 19.67
N GLN K 182 45.26 49.52 19.33
CA GLN K 182 46.30 48.96 20.20
C GLN K 182 47.61 49.73 19.97
N HIS K 183 47.61 50.98 20.42
CA HIS K 183 48.81 51.82 20.26
C HIS K 183 49.95 51.34 21.15
N ILE K 184 49.65 51.02 22.41
CA ILE K 184 50.69 50.46 23.28
C ILE K 184 51.19 49.15 22.71
N GLY K 185 50.28 48.35 22.15
CA GLY K 185 50.70 47.10 21.54
C GLY K 185 51.61 47.29 20.35
N LYS K 186 51.31 48.27 19.49
CA LYS K 186 52.15 48.50 18.33
C LYS K 186 53.51 49.06 18.73
N LEU K 187 53.56 49.92 19.76
CA LEU K 187 54.84 50.38 20.26
C LEU K 187 55.66 49.23 20.82
N ILE K 188 55.01 48.33 21.57
CA ILE K 188 55.70 47.17 22.13
C ILE K 188 56.22 46.28 21.01
N ALA K 189 55.41 46.07 19.98
CA ALA K 189 55.84 45.23 18.87
C ALA K 189 57.01 45.85 18.11
N SER K 190 56.97 47.17 17.90
CA SER K 190 58.08 47.82 17.21
C SER K 190 59.37 47.73 18.03
N ALA K 191 59.28 47.94 19.34
CA ALA K 191 60.46 47.82 20.19
C ALA K 191 60.99 46.39 20.19
N MET K 192 60.09 45.42 20.27
CA MET K 192 60.49 44.02 20.30
C MET K 192 61.10 43.58 18.97
N GLU K 193 60.66 44.17 17.87
CA GLU K 193 61.26 43.86 16.57
C GLU K 193 62.60 44.55 16.39
N LYS K 194 62.75 45.78 16.89
CA LYS K 194 64.03 46.48 16.81
C LYS K 194 65.06 45.93 17.80
N VAL K 195 64.61 45.18 18.81
CA VAL K 195 65.54 44.61 19.78
C VAL K 195 65.91 43.18 19.42
N GLY K 196 64.92 42.33 19.16
CA GLY K 196 65.16 40.94 18.85
C GLY K 196 64.41 40.50 17.61
N LYS K 197 64.64 39.24 17.23
CA LYS K 197 64.01 38.66 16.05
C LYS K 197 63.24 37.38 16.34
N GLU K 198 63.49 36.71 17.46
CA GLU K 198 62.75 35.49 17.78
C GLU K 198 61.39 35.81 18.37
N GLY K 199 61.37 36.47 19.54
CA GLY K 199 60.12 36.92 20.12
C GLY K 199 59.28 35.84 20.78
N VAL K 200 58.57 36.21 21.83
CA VAL K 200 57.67 35.28 22.53
C VAL K 200 56.71 36.09 23.38
N ILE K 201 55.58 35.48 23.72
CA ILE K 201 54.56 36.11 24.57
C ILE K 201 54.23 35.15 25.71
N THR K 202 54.16 35.69 26.92
CA THR K 202 53.87 34.90 28.10
C THR K 202 52.97 35.68 29.03
N VAL K 203 52.25 34.95 29.89
CA VAL K 203 51.34 35.55 30.86
C VAL K 203 51.60 34.91 32.22
N LYS K 204 51.63 35.74 33.26
CA LYS K 204 51.83 35.29 34.64
C LYS K 204 50.78 35.96 35.51
N GLU K 205 49.92 35.15 36.14
CA GLU K 205 48.84 35.59 37.02
C GLU K 205 48.14 36.85 36.54
N GLY K 206 47.83 37.77 37.46
CA GLY K 206 47.12 38.97 37.09
C GLY K 206 47.91 39.90 36.19
N LYS K 207 49.20 40.11 36.52
CA LYS K 207 50.09 40.99 35.76
C LYS K 207 49.50 42.40 35.66
N THR K 208 49.41 43.04 36.82
CA THR K 208 48.86 44.39 36.91
C THR K 208 49.79 45.46 36.32
N LEU K 209 50.91 45.06 35.73
CA LEU K 209 51.83 46.03 35.15
C LEU K 209 51.24 46.65 33.89
N GLN K 210 52.01 47.55 33.28
CA GLN K 210 51.58 48.30 32.10
C GLN K 210 52.23 47.78 30.82
N ASP K 211 52.38 46.46 30.70
CA ASP K 211 52.93 45.81 29.52
C ASP K 211 54.35 46.32 29.22
N GLU K 212 55.25 46.03 30.16
CA GLU K 212 56.65 46.41 30.03
C GLU K 212 57.43 45.28 29.36
N LEU K 213 58.34 45.65 28.46
CA LEU K 213 59.15 44.69 27.73
C LEU K 213 60.51 44.53 28.39
N GLU K 214 61.21 43.47 28.01
CA GLU K 214 62.52 43.17 28.57
C GLU K 214 63.29 42.29 27.59
N VAL K 215 64.61 42.23 27.80
CA VAL K 215 65.50 41.41 26.99
C VAL K 215 66.15 40.39 27.91
N THR K 216 66.02 39.11 27.57
CA THR K 216 66.55 38.04 28.40
C THR K 216 67.14 36.95 27.52
N GLU K 217 68.31 36.46 27.92
CA GLU K 217 68.95 35.35 27.20
C GLU K 217 68.14 34.08 27.38
N GLY K 218 68.02 33.30 26.30
CA GLY K 218 67.27 32.07 26.37
C GLY K 218 67.47 31.23 25.13
N MET K 219 66.69 30.15 25.05
CA MET K 219 66.77 29.19 23.96
C MET K 219 65.36 28.85 23.49
N ARG K 220 65.25 28.42 22.24
CA ARG K 220 63.96 28.08 21.65
C ARG K 220 64.13 26.89 20.72
N PHE K 221 63.13 26.00 20.75
CA PHE K 221 63.07 24.89 19.81
C PHE K 221 61.61 24.49 19.64
N ASP K 222 61.32 23.83 18.52
CA ASP K 222 59.96 23.44 18.15
C ASP K 222 59.79 21.94 18.32
N ARG K 223 59.40 21.52 19.54
CA ARG K 223 59.10 20.12 19.81
C ARG K 223 58.16 20.06 21.01
N GLY K 224 56.88 19.84 20.74
CA GLY K 224 55.87 19.80 21.77
C GLY K 224 55.82 18.47 22.49
N PHE K 225 54.87 18.36 23.42
CA PHE K 225 54.70 17.13 24.19
C PHE K 225 54.20 16.02 23.29
N VAL K 226 54.62 14.78 23.61
CA VAL K 226 54.16 13.62 22.85
C VAL K 226 52.68 13.36 23.12
N SER K 227 52.24 13.57 24.35
CA SER K 227 50.86 13.29 24.74
C SER K 227 50.12 14.57 25.08
N PRO K 228 48.82 14.66 24.77
CA PRO K 228 48.06 15.87 25.06
C PRO K 228 47.54 15.98 26.48
N TYR K 229 47.91 15.05 27.37
CA TYR K 229 47.43 15.06 28.75
C TYR K 229 48.40 15.70 29.72
N PHE K 230 49.53 16.21 29.24
CA PHE K 230 50.54 16.77 30.14
C PHE K 230 50.25 18.19 30.57
N ILE K 231 49.33 18.89 29.92
CA ILE K 231 48.98 20.27 30.24
C ILE K 231 47.50 20.33 30.55
N THR K 232 47.16 20.78 31.77
CA THR K 232 45.75 20.91 32.14
C THR K 232 45.08 22.03 31.37
N ASP K 233 45.74 23.17 31.25
CA ASP K 233 45.20 24.32 30.52
C ASP K 233 45.66 24.32 29.06
N ALA K 234 45.38 23.23 28.35
CA ALA K 234 45.77 23.12 26.95
C ALA K 234 45.00 24.07 26.05
N LYS K 235 43.87 24.60 26.53
CA LYS K 235 43.09 25.52 25.71
C LYS K 235 43.86 26.81 25.44
N ALA K 236 44.58 27.33 26.43
CA ALA K 236 45.31 28.57 26.30
C ALA K 236 46.80 28.44 26.57
N GLN K 237 47.29 27.26 26.96
CA GLN K 237 48.70 27.02 27.26
C GLN K 237 49.20 27.99 28.33
N LYS K 238 48.59 27.89 29.52
CA LYS K 238 48.95 28.75 30.63
C LYS K 238 50.36 28.45 31.12
N VAL K 239 51.01 29.47 31.67
CA VAL K 239 52.37 29.36 32.18
C VAL K 239 52.28 29.13 33.69
N GLU K 240 52.76 27.98 34.14
CA GLU K 240 52.74 27.62 35.55
C GLU K 240 54.08 27.02 35.99
N PHE K 241 55.16 27.39 35.30
CA PHE K 241 56.50 26.88 35.58
C PHE K 241 57.37 28.06 36.03
N GLU K 242 57.41 28.29 37.34
CA GLU K 242 58.22 29.35 37.93
C GLU K 242 59.47 28.70 38.52
N LYS K 243 60.62 29.11 38.00
CA LYS K 243 61.91 28.51 38.36
C LYS K 243 61.87 26.99 38.28
N PRO K 244 61.66 26.42 37.09
CA PRO K 244 61.52 24.97 36.99
C PRO K 244 62.84 24.25 36.70
N LEU K 245 63.02 23.11 37.36
CA LEU K 245 64.15 22.25 37.08
C LEU K 245 63.96 21.53 35.76
N ILE K 246 65.08 21.21 35.11
CA ILE K 246 65.07 20.56 33.81
C ILE K 246 66.00 19.36 33.84
N LEU K 247 65.74 18.41 32.94
CA LEU K 247 66.53 17.19 32.82
C LEU K 247 67.08 17.08 31.42
N LEU K 248 68.36 16.72 31.32
CA LEU K 248 69.04 16.56 30.03
C LEU K 248 69.44 15.09 29.86
N SER K 249 69.05 14.53 28.72
CA SER K 249 69.37 13.14 28.42
C SER K 249 69.44 12.97 26.91
N GLU K 250 70.16 11.94 26.47
CA GLU K 250 70.34 11.63 25.06
C GLU K 250 69.94 10.21 24.71
N GLN K 251 70.25 9.24 25.57
CA GLN K 251 69.93 7.85 25.28
C GLN K 251 68.44 7.59 25.47
N LYS K 252 68.00 6.43 24.99
CA LYS K 252 66.59 6.07 25.09
C LYS K 252 66.19 5.84 26.54
N ILE K 253 64.97 6.26 26.88
CA ILE K 253 64.40 6.04 28.21
C ILE K 253 63.16 5.20 28.03
N SER K 254 63.18 3.98 28.58
CA SER K 254 62.03 3.08 28.49
C SER K 254 61.71 2.35 29.78
N ALA K 255 62.48 2.56 30.86
CA ALA K 255 62.25 1.87 32.12
C ALA K 255 62.23 2.88 33.26
N ALA K 256 61.61 2.47 34.36
CA ALA K 256 61.49 3.31 35.55
C ALA K 256 62.63 3.11 36.53
N THR K 257 63.64 2.31 36.18
CA THR K 257 64.73 2.03 37.11
C THR K 257 65.55 3.28 37.42
N ASP K 258 65.81 4.11 36.40
CA ASP K 258 66.70 5.26 36.55
C ASP K 258 65.99 6.59 36.39
N ILE K 259 64.66 6.62 36.48
CA ILE K 259 63.92 7.87 36.36
C ILE K 259 62.97 8.08 37.54
N ILE K 260 62.67 7.03 38.31
CA ILE K 260 61.77 7.17 39.45
C ILE K 260 62.30 8.15 40.50
N PRO K 261 63.57 8.08 40.94
CA PRO K 261 64.01 9.00 42.00
C PRO K 261 63.84 10.46 41.65
N ALA K 262 64.04 10.83 40.37
CA ALA K 262 63.94 12.24 39.98
C ALA K 262 62.53 12.77 40.20
N LEU K 263 61.52 12.08 39.66
CA LEU K 263 60.15 12.54 39.81
C LEU K 263 59.69 12.48 41.26
N GLU K 264 60.12 11.44 42.00
CA GLU K 264 59.74 11.34 43.40
C GLU K 264 60.30 12.50 44.22
N ILE K 265 61.57 12.84 44.01
CA ILE K 265 62.15 13.94 44.76
C ILE K 265 61.55 15.27 44.33
N SER K 266 61.23 15.40 43.03
CA SER K 266 60.60 16.63 42.55
C SER K 266 59.23 16.83 43.20
N HIS K 267 58.45 15.75 43.33
CA HIS K 267 57.19 15.84 44.05
C HIS K 267 57.41 16.09 45.53
N LYS K 268 58.51 15.55 46.08
CA LYS K 268 58.80 15.76 47.51
C LYS K 268 59.05 17.23 47.81
N MET K 269 59.86 17.91 47.00
CA MET K 269 60.09 19.33 47.21
C MET K 269 59.10 20.22 46.48
N ARG K 270 58.16 19.62 45.74
CA ARG K 270 57.12 20.37 45.02
C ARG K 270 57.74 21.37 44.03
N ARG K 271 58.56 20.84 43.12
CA ARG K 271 59.21 21.64 42.10
C ARG K 271 58.91 21.08 40.72
N PRO K 272 58.76 21.93 39.71
CA PRO K 272 58.50 21.45 38.36
C PRO K 272 59.72 20.74 37.77
N LEU K 273 59.44 19.81 36.86
CA LEU K 273 60.50 19.06 36.20
C LEU K 273 60.02 18.66 34.81
N VAL K 274 60.99 18.38 33.93
CA VAL K 274 60.71 17.95 32.57
C VAL K 274 61.46 16.66 32.29
N ILE K 275 61.00 15.95 31.26
CA ILE K 275 61.59 14.69 30.85
C ILE K 275 61.88 14.75 29.36
N ILE K 276 63.11 14.41 28.98
CA ILE K 276 63.53 14.38 27.58
C ILE K 276 63.83 12.94 27.24
N ALA K 277 62.90 12.27 26.56
CA ALA K 277 63.05 10.87 26.19
C ALA K 277 62.78 10.70 24.70
N GLU K 278 63.56 9.83 24.06
CA GLU K 278 63.37 9.58 22.63
C GLU K 278 62.01 8.94 22.36
N ASP K 279 61.62 7.97 23.19
CA ASP K 279 60.32 7.31 23.04
C ASP K 279 59.91 6.75 24.40
N ILE K 280 58.87 7.33 24.99
CA ILE K 280 58.37 6.90 26.29
C ILE K 280 56.86 6.66 26.16
N ASP K 281 56.40 5.53 26.68
CA ASP K 281 54.98 5.18 26.64
C ASP K 281 54.22 5.65 27.88
N GLY K 282 54.89 6.29 28.83
CA GLY K 282 54.22 6.79 30.02
C GLY K 282 53.83 5.74 31.03
N GLU K 283 54.59 4.64 31.14
CA GLU K 283 54.28 3.63 32.13
C GLU K 283 54.43 4.18 33.54
N ALA K 284 55.47 4.98 33.78
CA ALA K 284 55.64 5.60 35.09
C ALA K 284 54.51 6.57 35.39
N LEU K 285 54.09 7.34 34.38
CA LEU K 285 52.96 8.25 34.57
C LEU K 285 51.69 7.48 34.92
N ALA K 286 51.42 6.37 34.22
CA ALA K 286 50.24 5.59 34.52
C ALA K 286 50.31 4.99 35.92
N VAL K 287 51.48 4.50 36.31
CA VAL K 287 51.63 3.94 37.65
C VAL K 287 51.39 5.00 38.71
N CYS K 288 51.95 6.19 38.52
CA CYS K 288 51.75 7.28 39.46
C CYS K 288 50.28 7.68 39.53
N ILE K 289 49.61 7.75 38.38
CA ILE K 289 48.20 8.14 38.36
C ILE K 289 47.34 7.12 39.08
N LEU K 290 47.58 5.83 38.83
CA LEU K 290 46.78 4.79 39.50
C LEU K 290 47.08 4.74 40.99
N ASN K 291 48.32 5.01 41.40
CA ASN K 291 48.61 5.13 42.83
C ASN K 291 47.88 6.32 43.43
N LYS K 292 47.85 7.45 42.72
CA LYS K 292 47.09 8.62 43.12
C LYS K 292 46.85 9.47 41.89
N LEU K 293 45.57 9.70 41.56
CA LEU K 293 45.17 10.48 40.39
C LEU K 293 45.84 11.86 40.34
N ARG K 294 45.76 12.50 39.18
CA ARG K 294 46.49 13.74 38.92
C ARG K 294 46.27 14.76 40.03
N GLY K 295 47.34 15.50 40.34
CA GLY K 295 47.31 16.48 41.41
C GLY K 295 48.49 16.34 42.35
N GLN K 296 49.48 15.56 41.96
CA GLN K 296 50.67 15.34 42.77
C GLN K 296 51.98 15.65 42.06
N LEU K 297 52.01 15.70 40.74
CA LEU K 297 53.24 15.99 40.00
C LEU K 297 52.89 16.58 38.65
N GLU K 298 53.88 17.24 38.05
CA GLU K 298 53.73 17.86 36.73
C GLU K 298 54.61 17.11 35.74
N VAL K 299 53.98 16.32 34.88
CA VAL K 299 54.69 15.53 33.89
C VAL K 299 54.90 16.36 32.63
N ALA K 300 56.15 16.44 32.18
CA ALA K 300 56.50 17.19 30.98
C ALA K 300 57.48 16.34 30.17
N ALA K 301 56.97 15.66 29.15
CA ALA K 301 57.78 14.80 28.29
C ALA K 301 57.88 15.42 26.91
N VAL K 302 59.10 15.64 26.43
CA VAL K 302 59.36 16.20 25.12
C VAL K 302 60.37 15.32 24.40
N LYS K 303 60.04 14.93 23.18
CA LYS K 303 60.93 14.08 22.40
C LYS K 303 62.21 14.83 22.04
N ALA K 304 63.32 14.09 22.07
CA ALA K 304 64.60 14.68 21.71
C ALA K 304 64.65 15.01 20.22
N PRO K 305 65.34 16.07 19.84
CA PRO K 305 65.42 16.44 18.42
C PRO K 305 66.34 15.50 17.66
N GLY K 306 66.42 15.74 16.35
CA GLY K 306 67.32 15.01 15.48
C GLY K 306 68.66 15.71 15.36
N PHE K 307 69.28 15.56 14.19
CA PHE K 307 70.56 16.21 13.86
C PHE K 307 71.64 15.82 14.88
N GLY K 308 72.00 14.53 14.83
CA GLY K 308 72.86 13.90 15.82
C GLY K 308 74.02 14.73 16.34
N ASP K 309 74.95 15.14 15.47
CA ASP K 309 76.04 16.00 15.92
C ASP K 309 75.52 17.35 16.38
N ASN K 310 74.58 17.93 15.64
CA ASN K 310 73.94 19.16 16.09
C ASN K 310 73.12 18.94 17.35
N ARG K 311 72.59 17.72 17.54
CA ARG K 311 71.91 17.41 18.79
C ARG K 311 72.88 17.44 19.97
N LYS K 312 74.07 16.86 19.79
CA LYS K 312 75.10 16.95 20.83
C LYS K 312 75.49 18.39 21.09
N SER K 313 75.64 19.19 20.03
CA SER K 313 75.99 20.59 20.20
C SER K 313 74.91 21.35 20.96
N ILE K 314 73.64 21.11 20.64
CA ILE K 314 72.55 21.80 21.30
C ILE K 314 72.42 21.34 22.75
N LEU K 315 72.70 20.06 23.02
CA LEU K 315 72.70 19.58 24.39
C LEU K 315 73.80 20.25 25.21
N GLY K 316 74.99 20.36 24.63
CA GLY K 316 76.06 21.09 25.30
C GLY K 316 75.69 22.55 25.53
N ASP K 317 75.03 23.17 24.57
CA ASP K 317 74.64 24.56 24.71
C ASP K 317 73.61 24.75 25.83
N ILE K 318 72.58 23.90 25.88
CA ILE K 318 71.58 24.05 26.92
C ILE K 318 72.17 23.72 28.28
N ALA K 319 73.08 22.74 28.35
CA ALA K 319 73.77 22.47 29.61
C ALA K 319 74.59 23.67 30.05
N VAL K 320 75.32 24.30 29.11
CA VAL K 320 76.12 25.47 29.45
C VAL K 320 75.23 26.59 29.96
N LEU K 321 74.09 26.80 29.31
CA LEU K 321 73.19 27.87 29.73
C LEU K 321 72.59 27.59 31.11
N THR K 322 72.09 26.38 31.32
CA THR K 322 71.36 26.05 32.55
C THR K 322 72.00 24.93 33.35
N ASN K 323 72.29 23.78 32.74
CA ASN K 323 72.59 22.59 33.53
C ASN K 323 74.08 22.44 33.82
N GLY K 324 74.90 22.33 32.78
CA GLY K 324 76.31 22.05 32.93
C GLY K 324 76.66 20.58 32.94
N THR K 325 75.68 19.69 32.92
CA THR K 325 75.92 18.25 32.92
C THR K 325 74.83 17.56 32.12
N VAL K 326 75.23 16.67 31.23
CA VAL K 326 74.30 15.90 30.41
C VAL K 326 74.39 14.43 30.82
N PHE K 327 73.39 13.66 30.40
CA PHE K 327 73.31 12.24 30.72
C PHE K 327 73.52 11.43 29.44
N THR K 328 74.52 10.53 29.48
CA THR K 328 74.83 9.67 28.35
C THR K 328 75.70 8.53 28.83
N ASN K 329 75.31 7.30 28.50
CA ASN K 329 76.09 6.13 28.93
C ASN K 329 77.48 6.12 28.29
N GLU K 330 77.59 6.62 27.06
CA GLU K 330 78.91 6.70 26.43
C GLU K 330 79.82 7.65 27.19
N LEU K 331 79.28 8.77 27.67
CA LEU K 331 80.05 9.68 28.49
C LEU K 331 80.28 9.08 29.88
N ASP K 332 81.30 9.59 30.56
CA ASP K 332 81.69 9.05 31.86
C ASP K 332 80.64 9.26 32.94
N VAL K 333 79.64 10.10 32.70
CA VAL K 333 78.58 10.31 33.69
C VAL K 333 77.75 9.05 33.82
N LYS K 334 77.51 8.63 35.06
CA LYS K 334 76.74 7.42 35.32
C LYS K 334 75.26 7.67 35.04
N LEU K 335 74.58 6.66 34.49
CA LEU K 335 73.18 6.83 34.12
C LEU K 335 72.26 6.86 35.34
N GLU K 336 72.67 6.21 36.43
CA GLU K 336 71.85 6.14 37.64
C GLU K 336 72.23 7.18 38.68
N LYS K 337 72.67 8.36 38.24
CA LYS K 337 73.05 9.45 39.13
C LYS K 337 71.99 10.54 39.18
N VAL K 338 70.72 10.17 39.18
CA VAL K 338 69.63 11.14 39.15
C VAL K 338 69.41 11.74 40.54
N THR K 339 70.12 12.84 40.81
CA THR K 339 70.00 13.60 42.03
C THR K 339 69.83 15.07 41.70
N PRO K 340 69.18 15.85 42.57
CA PRO K 340 69.02 17.29 42.30
C PRO K 340 70.30 18.10 42.41
N ASP K 341 71.45 17.45 42.60
CA ASP K 341 72.70 18.19 42.76
C ASP K 341 73.11 18.88 41.47
N MET K 342 73.11 18.16 40.35
CA MET K 342 73.56 18.69 39.07
C MET K 342 72.40 19.00 38.12
N LEU K 343 71.16 18.87 38.58
CA LEU K 343 70.02 19.17 37.73
C LEU K 343 70.00 20.66 37.38
N GLY K 344 69.70 20.96 36.11
CA GLY K 344 69.69 22.33 35.67
C GLY K 344 68.45 23.08 36.11
N SER K 345 68.54 24.40 36.02
CA SER K 345 67.44 25.27 36.42
C SER K 345 67.45 26.52 35.56
N THR K 346 66.30 27.20 35.54
CA THR K 346 66.17 28.44 34.78
C THR K 346 65.16 29.34 35.49
N GLY K 347 65.19 30.62 35.12
CA GLY K 347 64.28 31.57 35.73
C GLY K 347 62.82 31.26 35.42
N SER K 348 62.53 30.95 34.16
CA SER K 348 61.18 30.59 33.75
C SER K 348 61.24 29.84 32.43
N ILE K 349 60.30 28.93 32.24
CA ILE K 349 60.21 28.14 31.02
C ILE K 349 58.78 28.17 30.51
N THR K 350 58.62 27.92 29.21
CA THR K 350 57.31 27.88 28.58
C THR K 350 57.34 26.82 27.49
N ILE K 351 56.66 25.71 27.71
CA ILE K 351 56.61 24.62 26.75
C ILE K 351 55.15 24.37 26.38
N THR K 352 54.84 24.40 25.08
CA THR K 352 53.50 24.14 24.61
C THR K 352 53.49 23.03 23.58
N LYS K 353 52.36 22.81 22.91
CA LYS K 353 52.18 21.62 22.08
C LYS K 353 52.97 21.67 20.78
N GLU K 354 53.54 22.82 20.41
CA GLU K 354 54.29 22.92 19.17
C GLU K 354 55.74 23.35 19.34
N ASP K 355 56.08 24.11 20.38
CA ASP K 355 57.45 24.54 20.58
C ASP K 355 57.71 24.78 22.06
N THR K 356 58.99 24.85 22.41
CA THR K 356 59.43 25.09 23.77
C THR K 356 60.15 26.43 23.84
N ILE K 357 59.91 27.16 24.94
CA ILE K 357 60.53 28.46 25.16
C ILE K 357 61.35 28.36 26.43
N ILE K 358 62.65 28.62 26.33
CA ILE K 358 63.56 28.62 27.47
C ILE K 358 64.16 30.01 27.60
N LEU K 359 64.26 30.48 28.85
CA LEU K 359 64.74 31.83 29.10
C LEU K 359 65.31 31.90 30.52
N ASN K 360 66.17 32.89 30.73
CA ASN K 360 66.83 33.14 32.02
C ASN K 360 67.64 31.91 32.47
N GLY K 361 68.67 31.62 31.68
CA GLY K 361 69.58 30.56 32.04
C GLY K 361 70.29 30.85 33.35
N ASP K 362 70.43 29.82 34.17
CA ASP K 362 71.01 29.95 35.51
C ASP K 362 72.50 29.64 35.56
N GLY K 363 73.13 29.36 34.42
CA GLY K 363 74.54 29.04 34.42
C GLY K 363 75.40 30.26 34.70
N SER K 364 76.65 29.99 35.07
CA SER K 364 77.60 31.05 35.36
C SER K 364 77.94 31.83 34.09
N LYS K 365 77.86 33.15 34.16
CA LYS K 365 78.09 33.97 32.98
C LYS K 365 79.57 34.03 32.61
N ASP K 366 80.46 33.88 33.60
CA ASP K 366 81.90 33.92 33.32
C ASP K 366 82.32 32.76 32.41
N ALA K 367 81.90 31.54 32.77
CA ALA K 367 82.21 30.38 31.94
C ALA K 367 81.53 30.46 30.58
N ILE K 368 80.32 31.03 30.53
CA ILE K 368 79.64 31.20 29.25
C ILE K 368 80.43 32.13 28.35
N ALA K 369 80.93 33.24 28.91
CA ALA K 369 81.74 34.17 28.13
C ALA K 369 83.06 33.52 27.70
N GLN K 370 83.66 32.71 28.59
CA GLN K 370 84.90 32.02 28.22
C GLN K 370 84.68 31.07 27.06
N ARG K 371 83.60 30.29 27.10
CA ARG K 371 83.30 29.38 26.00
C ARG K 371 82.94 30.14 24.73
N CYS K 372 82.25 31.27 24.85
CA CYS K 372 81.94 32.08 23.68
C CYS K 372 83.21 32.61 23.03
N GLU K 373 84.16 33.09 23.82
CA GLU K 373 85.41 33.57 23.25
C GLU K 373 86.24 32.42 22.68
N GLN K 374 86.15 31.23 23.28
CA GLN K 374 86.81 30.06 22.69
C GLN K 374 86.22 29.74 21.32
N ILE K 375 84.90 29.80 21.20
CA ILE K 375 84.26 29.56 19.90
C ILE K 375 84.67 30.65 18.91
N ARG K 376 84.73 31.90 19.35
CA ARG K 376 85.14 32.99 18.47
C ARG K 376 86.57 32.77 17.96
N GLY K 377 87.47 32.35 18.84
CA GLY K 377 88.81 32.00 18.41
C GLY K 377 88.84 30.82 17.47
N ALA K 378 87.96 29.84 17.68
CA ALA K 378 87.85 28.71 16.77
C ALA K 378 87.35 29.15 15.39
N MET K 379 86.59 30.25 15.32
CA MET K 379 86.15 30.78 14.03
C MET K 379 87.31 31.26 13.17
N ASN K 380 88.48 31.50 13.76
CA ASN K 380 89.61 32.01 13.00
C ASN K 380 90.38 30.93 12.26
N ASP K 381 90.11 29.66 12.52
CA ASP K 381 90.81 28.58 11.85
C ASP K 381 90.21 28.34 10.47
N PRO K 382 90.98 28.50 9.38
CA PRO K 382 90.43 28.22 8.04
C PRO K 382 90.13 26.76 7.81
N SER K 383 90.68 25.85 8.61
CA SER K 383 90.52 24.41 8.41
C SER K 383 89.28 23.85 9.10
N THR K 384 88.47 24.69 9.72
CA THR K 384 87.26 24.22 10.38
C THR K 384 86.28 23.66 9.35
N SER K 385 85.56 22.61 9.75
CA SER K 385 84.59 21.99 8.85
C SER K 385 83.47 22.95 8.52
N GLU K 386 82.99 22.89 7.27
CA GLU K 386 81.95 23.81 6.82
C GLU K 386 80.65 23.60 7.58
N TYR K 387 80.25 22.33 7.77
CA TYR K 387 79.02 22.05 8.50
C TYR K 387 79.11 22.51 9.94
N GLU K 388 80.24 22.21 10.60
CA GLU K 388 80.43 22.68 11.96
C GLU K 388 80.47 24.21 12.02
N LYS K 389 81.09 24.84 11.02
CA LYS K 389 81.17 26.29 10.99
C LYS K 389 79.79 26.92 10.90
N GLU K 390 78.94 26.41 9.99
CA GLU K 390 77.61 26.97 9.85
C GLU K 390 76.73 26.65 11.04
N LYS K 391 76.87 25.46 11.63
CA LYS K 391 76.11 25.13 12.83
C LYS K 391 76.46 26.07 13.98
N LEU K 392 77.75 26.32 14.19
CA LEU K 392 78.15 27.23 15.25
C LEU K 392 77.78 28.67 14.92
N GLN K 393 77.77 29.04 13.64
CA GLN K 393 77.35 30.38 13.25
C GLN K 393 75.87 30.61 13.55
N GLU K 394 75.02 29.64 13.20
CA GLU K 394 73.60 29.78 13.54
C GLU K 394 73.37 29.69 15.04
N ARG K 395 74.20 28.92 15.76
CA ARG K 395 74.15 28.93 17.21
C ARG K 395 74.44 30.32 17.76
N LEU K 396 75.47 30.98 17.22
CA LEU K 396 75.78 32.35 17.62
C LEU K 396 74.62 33.28 17.30
N ALA K 397 74.02 33.12 16.12
CA ALA K 397 72.92 33.99 15.71
C ALA K 397 71.73 33.84 16.65
N LYS K 398 71.41 32.62 17.05
CA LYS K 398 70.24 32.36 17.87
C LYS K 398 70.53 32.45 19.37
N LEU K 399 71.79 32.62 19.77
CA LEU K 399 72.14 32.73 21.18
C LEU K 399 72.55 34.14 21.59
N SER K 400 73.36 34.83 20.78
CA SER K 400 73.82 36.16 21.15
C SER K 400 72.66 37.16 21.21
N GLY K 401 71.71 37.05 20.28
CA GLY K 401 70.59 37.97 20.23
C GLY K 401 69.70 37.94 21.45
N GLY K 402 69.42 36.74 21.93
CA GLY K 402 68.58 36.59 23.11
C GLY K 402 67.11 36.44 22.73
N VAL K 403 66.33 35.90 23.66
CA VAL K 403 64.90 35.69 23.43
C VAL K 403 64.16 36.95 23.83
N ALA K 404 63.39 37.51 22.90
CA ALA K 404 62.60 38.71 23.16
C ALA K 404 61.34 38.31 23.90
N VAL K 405 61.22 38.73 25.16
CA VAL K 405 60.10 38.39 26.01
C VAL K 405 59.37 39.68 26.38
N ILE K 406 58.05 39.65 26.28
CA ILE K 406 57.20 40.78 26.64
C ILE K 406 56.24 40.33 27.73
N LYS K 407 56.21 41.07 28.83
CA LYS K 407 55.29 40.79 29.93
C LYS K 407 53.99 41.54 29.68
N VAL K 408 52.96 40.80 29.27
CA VAL K 408 51.67 41.41 28.98
C VAL K 408 51.04 41.94 30.26
N GLY K 409 50.15 42.92 30.12
CA GLY K 409 49.47 43.51 31.24
C GLY K 409 47.97 43.26 31.21
N GLY K 410 47.29 43.80 32.21
CA GLY K 410 45.85 43.66 32.32
C GLY K 410 45.39 43.81 33.75
N SER K 411 44.08 43.87 33.90
CA SER K 411 43.44 44.01 35.21
C SER K 411 42.94 42.69 35.76
N SER K 412 42.05 42.01 35.04
CA SER K 412 41.47 40.75 35.49
C SER K 412 42.05 39.60 34.68
N GLU K 413 41.68 38.38 35.07
CA GLU K 413 42.16 37.19 34.36
C GLU K 413 41.63 37.16 32.93
N VAL K 414 40.35 37.45 32.74
CA VAL K 414 39.79 37.46 31.39
C VAL K 414 40.39 38.60 30.57
N GLU K 415 40.62 39.75 31.21
CA GLU K 415 41.22 40.89 30.50
C GLU K 415 42.64 40.57 30.06
N VAL K 416 43.46 40.01 30.95
CA VAL K 416 44.81 39.67 30.57
C VAL K 416 44.82 38.55 29.53
N GLY K 417 43.86 37.63 29.60
CA GLY K 417 43.78 36.59 28.58
C GLY K 417 43.45 37.14 27.21
N GLU K 418 42.45 38.01 27.13
CA GLU K 418 42.10 38.59 25.83
C GLU K 418 43.24 39.47 25.31
N LYS K 419 43.94 40.16 26.21
CA LYS K 419 45.11 40.93 25.79
C LYS K 419 46.19 40.02 25.24
N LYS K 420 46.41 38.87 25.89
CA LYS K 420 47.43 37.93 25.40
C LYS K 420 47.08 37.40 24.01
N ASP K 421 45.82 37.01 23.81
CA ASP K 421 45.42 36.53 22.47
C ASP K 421 45.54 37.64 21.43
N ARG K 422 45.11 38.86 21.77
CA ARG K 422 45.24 39.97 20.82
C ARG K 422 46.70 40.19 20.46
N PHE K 423 47.58 40.17 21.46
CA PHE K 423 49.01 40.34 21.22
C PHE K 423 49.55 39.21 20.35
N VAL K 424 49.10 37.98 20.58
CA VAL K 424 49.68 36.87 19.82
C VAL K 424 49.28 36.94 18.36
N ASP K 425 48.02 37.31 18.06
CA ASP K 425 47.68 37.42 16.64
C ASP K 425 48.38 38.62 16.00
N ALA K 426 48.50 39.73 16.75
CA ALA K 426 49.18 40.90 16.21
C ALA K 426 50.64 40.58 15.88
N LEU K 427 51.34 39.90 16.79
CA LEU K 427 52.73 39.56 16.54
C LEU K 427 52.86 38.51 15.43
N ASN K 428 51.92 37.57 15.34
CA ASN K 428 51.98 36.60 14.25
C ASN K 428 51.84 37.30 12.90
N ALA K 429 50.88 38.22 12.79
CA ALA K 429 50.72 38.98 11.56
C ALA K 429 51.95 39.82 11.26
N THR K 430 52.54 40.43 12.29
CA THR K 430 53.73 41.25 12.09
C THR K 430 54.90 40.41 11.59
N ARG K 431 55.10 39.22 12.17
CA ARG K 431 56.16 38.34 11.71
C ARG K 431 55.95 37.91 10.27
N ALA K 432 54.71 37.55 9.92
CA ALA K 432 54.43 37.19 8.53
C ALA K 432 54.75 38.35 7.60
N ALA K 433 54.32 39.56 7.97
CA ALA K 433 54.55 40.73 7.12
C ALA K 433 56.03 41.02 6.95
N VAL K 434 56.81 40.95 8.04
CA VAL K 434 58.23 41.27 7.91
C VAL K 434 58.96 40.19 7.13
N GLU K 435 58.61 38.91 7.32
CA GLU K 435 59.36 37.86 6.65
C GLU K 435 59.01 37.76 5.18
N GLU K 436 57.79 38.16 4.80
CA GLU K 436 57.38 38.10 3.39
C GLU K 436 57.11 39.47 2.79
N GLY K 437 56.22 40.25 3.37
CA GLY K 437 55.83 41.52 2.79
C GLY K 437 54.31 41.69 2.76
N ILE K 438 53.85 42.94 2.70
CA ILE K 438 52.42 43.24 2.75
C ILE K 438 51.94 43.56 1.35
N LEU K 439 50.63 43.34 1.14
CA LEU K 439 49.95 43.64 -0.11
C LEU K 439 48.59 44.24 0.20
N PRO K 440 48.04 45.04 -0.73
CA PRO K 440 46.69 45.60 -0.50
C PRO K 440 45.64 44.52 -0.32
N GLY K 441 44.97 44.53 0.83
CA GLY K 441 43.99 43.51 1.16
C GLY K 441 42.67 43.74 0.46
N GLY K 442 41.71 42.86 0.79
CA GLY K 442 40.40 42.93 0.19
C GLY K 442 40.31 42.34 -1.20
N GLY K 443 41.32 41.60 -1.63
CA GLY K 443 41.31 40.99 -2.94
C GLY K 443 41.76 41.89 -4.07
N THR K 444 42.13 43.14 -3.77
CA THR K 444 42.60 44.05 -4.82
C THR K 444 43.87 43.54 -5.48
N ALA K 445 44.80 43.02 -4.68
CA ALA K 445 46.05 42.52 -5.23
C ALA K 445 45.80 41.35 -6.17
N LEU K 446 44.86 40.48 -5.83
CA LEU K 446 44.52 39.36 -6.71
C LEU K 446 43.98 39.85 -8.04
N ILE K 447 43.11 40.87 -8.02
CA ILE K 447 42.56 41.41 -9.25
C ILE K 447 43.66 42.02 -10.11
N LYS K 448 44.55 42.80 -9.48
CA LYS K 448 45.63 43.43 -10.24
C LYS K 448 46.56 42.38 -10.83
N ALA K 449 46.87 41.33 -10.08
CA ALA K 449 47.71 40.26 -10.61
C ALA K 449 47.04 39.54 -11.76
N SER K 450 45.75 39.20 -11.62
CA SER K 450 45.05 38.51 -12.69
C SER K 450 44.90 39.37 -13.94
N VAL K 451 44.92 40.69 -13.79
CA VAL K 451 44.77 41.54 -14.97
C VAL K 451 46.12 41.84 -15.63
N ASN K 452 47.16 42.11 -14.85
CA ASN K 452 48.46 42.52 -15.39
C ASN K 452 49.46 41.38 -15.51
N ALA K 453 49.07 40.14 -15.20
CA ALA K 453 50.02 39.04 -15.19
C ALA K 453 49.73 37.99 -16.25
N LEU K 454 48.52 37.45 -16.28
CA LEU K 454 48.18 36.35 -17.18
C LEU K 454 48.05 36.77 -18.63
N ASN K 455 48.02 38.07 -18.92
CA ASN K 455 47.93 38.52 -20.30
C ASN K 455 49.22 38.28 -21.09
N ASN K 456 50.34 38.09 -20.39
CA ASN K 456 51.62 37.89 -21.06
C ASN K 456 51.88 36.42 -21.39
N LEU K 457 51.29 35.49 -20.63
CA LEU K 457 51.53 34.07 -20.86
C LEU K 457 51.00 33.65 -22.23
N LYS K 458 51.78 32.80 -22.91
CA LYS K 458 51.43 32.31 -24.25
C LYS K 458 51.53 30.79 -24.24
N PRO K 459 50.49 30.11 -23.76
CA PRO K 459 50.52 28.63 -23.74
C PRO K 459 50.61 28.06 -25.16
N ALA K 460 51.25 26.91 -25.26
CA ALA K 460 51.46 26.29 -26.57
C ALA K 460 50.18 25.68 -27.11
N ASN K 461 49.63 24.70 -26.39
CA ASN K 461 48.44 24.00 -26.85
C ASN K 461 47.19 24.78 -26.43
N PHE K 462 46.02 24.16 -26.57
CA PHE K 462 44.74 24.83 -26.35
C PHE K 462 44.23 24.64 -24.92
N ASP K 463 44.35 23.44 -24.38
CA ASP K 463 43.86 23.18 -23.02
C ASP K 463 44.64 23.97 -21.98
N GLN K 464 45.92 24.25 -22.23
CA GLN K 464 46.67 25.12 -21.34
C GLN K 464 46.09 26.53 -21.33
N GLN K 465 45.70 27.03 -22.51
CA GLN K 465 45.02 28.33 -22.56
C GLN K 465 43.69 28.28 -21.82
N LEU K 466 42.96 27.16 -21.95
CA LEU K 466 41.71 27.02 -21.21
C LEU K 466 41.95 27.05 -19.71
N GLY K 467 43.00 26.39 -19.25
CA GLY K 467 43.33 26.42 -17.82
C GLY K 467 43.74 27.80 -17.34
N VAL K 468 44.49 28.52 -18.18
CA VAL K 468 44.85 29.90 -17.84
C VAL K 468 43.62 30.77 -17.71
N ASN K 469 42.67 30.63 -18.64
CA ASN K 469 41.41 31.36 -18.54
C ASN K 469 40.64 30.95 -17.29
N ILE K 470 40.69 29.66 -16.94
CA ILE K 470 40.02 29.17 -15.74
C ILE K 470 40.59 29.85 -14.50
N ILE K 471 41.91 29.92 -14.40
CA ILE K 471 42.52 30.55 -13.23
C ILE K 471 42.24 32.05 -13.22
N LYS K 472 42.19 32.68 -14.40
CA LYS K 472 41.89 34.10 -14.46
C LYS K 472 40.46 34.38 -13.98
N ASN K 473 39.52 33.52 -14.34
CA ASN K 473 38.14 33.69 -13.88
C ASN K 473 38.00 33.35 -12.40
N ALA K 474 38.81 32.41 -11.90
CA ALA K 474 38.67 31.97 -10.52
C ALA K 474 39.39 32.85 -9.52
N ILE K 475 40.40 33.62 -9.96
CA ILE K 475 41.15 34.46 -9.02
C ILE K 475 40.25 35.55 -8.44
N THR K 476 39.32 36.08 -9.23
CA THR K 476 38.48 37.19 -8.81
C THR K 476 37.36 36.77 -7.85
N ARG K 477 37.22 35.48 -7.55
CA ARG K 477 36.12 35.04 -6.70
C ARG K 477 36.17 35.61 -5.28
N PRO K 478 37.31 35.61 -4.57
CA PRO K 478 37.30 36.20 -3.22
C PRO K 478 36.89 37.67 -3.20
N ALA K 479 37.34 38.45 -4.18
CA ALA K 479 36.94 39.86 -4.24
C ALA K 479 35.44 39.98 -4.48
N ARG K 480 34.90 39.14 -5.36
CA ARG K 480 33.46 39.15 -5.61
C ARG K 480 32.68 38.82 -4.34
N MET K 481 33.13 37.82 -3.59
CA MET K 481 32.46 37.47 -2.34
C MET K 481 32.55 38.60 -1.33
N ILE K 482 33.73 39.25 -1.23
CA ILE K 482 33.90 40.34 -0.29
C ILE K 482 32.96 41.49 -0.62
N VAL K 483 32.86 41.83 -1.89
CA VAL K 483 32.00 42.95 -2.29
C VAL K 483 30.53 42.58 -2.10
N GLU K 484 30.16 41.34 -2.43
CA GLU K 484 28.75 40.94 -2.32
C GLU K 484 28.32 40.80 -0.88
N ASN K 485 29.26 40.52 0.04
CA ASN K 485 28.91 40.40 1.45
C ASN K 485 28.37 41.72 2.00
N ALA K 486 28.99 42.84 1.62
CA ALA K 486 28.51 44.14 2.08
C ALA K 486 27.13 44.44 1.53
N GLY K 487 26.89 44.12 0.25
CA GLY K 487 25.60 44.35 -0.35
C GLY K 487 25.68 44.91 -1.76
N LEU K 488 26.74 45.64 -2.05
CA LEU K 488 26.91 46.21 -3.39
C LEU K 488 27.18 45.12 -4.41
N GLU K 489 26.84 45.40 -5.66
CA GLU K 489 27.04 44.43 -6.73
C GLU K 489 28.53 44.25 -6.99
N GLY K 490 28.97 43.00 -7.05
CA GLY K 490 30.38 42.72 -7.24
C GLY K 490 30.87 42.93 -8.66
N SER K 491 29.99 42.73 -9.64
CA SER K 491 30.41 42.82 -11.04
C SER K 491 30.88 44.23 -11.39
N VAL K 492 30.10 45.24 -11.01
CA VAL K 492 30.48 46.62 -11.34
C VAL K 492 31.75 47.02 -10.61
N VAL K 493 31.89 46.62 -9.35
CA VAL K 493 33.09 46.96 -8.58
C VAL K 493 34.32 46.31 -9.20
N ILE K 494 34.23 45.04 -9.57
CA ILE K 494 35.36 44.36 -10.18
C ILE K 494 35.69 44.98 -11.53
N GLY K 495 34.68 45.35 -12.31
CA GLY K 495 34.94 46.01 -13.58
C GLY K 495 35.64 47.34 -13.41
N LYS K 496 35.22 48.12 -12.41
CA LYS K 496 35.87 49.41 -12.15
C LYS K 496 37.31 49.21 -11.67
N ILE K 497 37.55 48.21 -10.82
CA ILE K 497 38.90 47.99 -10.30
C ILE K 497 39.83 47.50 -11.40
N SER K 498 39.37 46.53 -12.20
CA SER K 498 40.26 45.88 -13.16
C SER K 498 40.58 46.79 -14.34
N ASP K 499 39.62 47.59 -14.78
CA ASP K 499 39.77 48.40 -15.99
C ASP K 499 40.17 49.84 -15.70
N GLU K 500 39.37 50.55 -14.89
CA GLU K 500 39.63 51.97 -14.67
C GLU K 500 40.93 52.18 -13.89
N TYR K 501 41.22 51.31 -12.92
CA TYR K 501 42.38 51.46 -12.05
C TYR K 501 43.38 50.31 -12.25
N ALA K 502 43.59 49.92 -13.51
CA ALA K 502 44.54 48.85 -13.79
C ALA K 502 45.98 49.28 -13.46
N ALA K 503 46.34 50.52 -13.79
CA ALA K 503 47.71 50.98 -13.56
C ALA K 503 48.02 51.07 -12.08
N ASP K 504 47.08 51.57 -11.28
CA ASP K 504 47.31 51.77 -9.85
C ASP K 504 47.07 50.45 -9.11
N PHE K 505 48.16 49.84 -8.64
CA PHE K 505 48.03 48.58 -7.90
C PHE K 505 47.29 48.78 -6.59
N ASN K 506 47.59 49.87 -5.87
CA ASN K 506 46.99 50.08 -4.55
C ASN K 506 45.52 50.48 -4.64
N LYS K 507 45.05 50.96 -5.79
CA LYS K 507 43.67 51.39 -5.91
C LYS K 507 42.75 50.17 -5.95
N GLY K 508 41.70 50.20 -5.15
CA GLY K 508 40.74 49.13 -5.10
C GLY K 508 39.43 49.62 -4.54
N PHE K 509 38.71 48.71 -3.87
CA PHE K 509 37.42 49.02 -3.26
C PHE K 509 37.51 48.81 -1.75
N ASN K 510 37.08 49.82 -0.99
CA ASN K 510 37.02 49.73 0.46
C ASN K 510 35.59 49.36 0.85
N SER K 511 35.39 48.09 1.20
CA SER K 511 34.05 47.61 1.55
C SER K 511 33.53 48.23 2.84
N ALA K 512 34.41 48.74 3.69
CA ALA K 512 33.97 49.33 4.95
C ALA K 512 33.11 50.57 4.71
N THR K 513 33.51 51.42 3.76
CA THR K 513 32.80 52.66 3.48
C THR K 513 32.20 52.72 2.08
N GLY K 514 32.68 51.93 1.14
CA GLY K 514 32.17 51.94 -0.21
C GLY K 514 32.83 52.92 -1.15
N GLU K 515 33.98 53.48 -0.78
CA GLU K 515 34.70 54.43 -1.61
C GLU K 515 35.99 53.80 -2.11
N TYR K 516 36.35 54.08 -3.36
CA TYR K 516 37.55 53.54 -3.97
C TYR K 516 38.75 54.30 -3.44
N VAL K 517 39.38 53.76 -2.39
CA VAL K 517 40.55 54.37 -1.77
C VAL K 517 41.66 53.33 -1.70
N ASP K 518 42.89 53.82 -1.53
CA ASP K 518 44.05 52.96 -1.44
C ASP K 518 44.09 52.28 -0.08
N MET K 519 44.29 50.97 -0.06
CA MET K 519 44.39 50.23 1.19
C MET K 519 45.64 50.59 1.98
N ILE K 520 46.69 51.06 1.32
CA ILE K 520 47.91 51.44 2.02
C ILE K 520 47.63 52.60 2.98
N GLN K 521 46.93 53.63 2.49
CA GLN K 521 46.55 54.74 3.34
C GLN K 521 45.38 54.38 4.25
N ALA K 522 44.44 53.57 3.76
CA ALA K 522 43.28 53.19 4.55
C ALA K 522 43.64 52.21 5.67
N GLY K 523 44.77 51.53 5.57
CA GLY K 523 45.20 50.59 6.58
C GLY K 523 44.94 49.13 6.26
N ILE K 524 44.07 48.85 5.29
CA ILE K 524 43.79 47.48 4.92
C ILE K 524 45.03 46.87 4.29
N LEU K 525 45.32 45.61 4.65
CA LEU K 525 46.49 44.93 4.11
C LEU K 525 46.25 43.43 4.10
N ASP K 526 47.10 42.73 3.35
CA ASP K 526 47.14 41.28 3.35
C ASP K 526 48.60 40.91 3.12
N PRO K 527 49.22 40.20 4.06
CA PRO K 527 50.63 39.81 3.87
C PRO K 527 50.78 38.89 2.66
N LEU K 528 51.96 38.98 2.04
CA LEU K 528 52.22 38.16 0.85
C LEU K 528 52.21 36.68 1.20
N LYS K 529 52.75 36.33 2.37
CA LYS K 529 52.92 34.92 2.72
C LYS K 529 51.57 34.21 2.79
N VAL K 530 50.60 34.79 3.49
CA VAL K 530 49.32 34.11 3.68
C VAL K 530 48.59 33.94 2.36
N VAL K 531 48.51 35.00 1.55
CA VAL K 531 47.77 34.92 0.29
C VAL K 531 48.48 33.98 -0.68
N ARG K 532 49.81 34.03 -0.71
CA ARG K 532 50.57 33.17 -1.62
C ARG K 532 50.40 31.70 -1.26
N THR K 533 50.53 31.37 0.03
CA THR K 533 50.38 29.97 0.43
C THR K 533 48.94 29.50 0.28
N GLY K 534 47.96 30.39 0.52
CA GLY K 534 46.58 30.01 0.30
C GLY K 534 46.29 29.72 -1.16
N LEU K 535 46.78 30.58 -2.06
CA LEU K 535 46.59 30.35 -3.48
C LEU K 535 47.28 29.07 -3.93
N ILE K 536 48.50 28.83 -3.46
CA ILE K 536 49.24 27.65 -3.87
C ILE K 536 48.52 26.38 -3.40
N ASP K 537 48.10 26.36 -2.13
CA ASP K 537 47.41 25.19 -1.60
C ASP K 537 46.07 24.98 -2.30
N ALA K 538 45.33 26.07 -2.56
CA ALA K 538 44.05 25.93 -3.24
C ALA K 538 44.23 25.39 -4.64
N SER K 539 45.21 25.92 -5.39
CA SER K 539 45.44 25.43 -6.75
C SER K 539 45.87 23.97 -6.73
N GLY K 540 46.77 23.59 -5.82
CA GLY K 540 47.19 22.21 -5.75
C GLY K 540 46.05 21.27 -5.40
N VAL K 541 45.24 21.65 -4.41
CA VAL K 541 44.13 20.79 -3.99
C VAL K 541 43.10 20.65 -5.10
N ALA K 542 42.78 21.75 -5.78
CA ALA K 542 41.81 21.70 -6.87
C ALA K 542 42.34 20.85 -8.03
N SER K 543 43.62 21.02 -8.38
CA SER K 543 44.21 20.22 -9.45
C SER K 543 44.21 18.73 -9.09
N LEU K 544 44.54 18.41 -7.84
CA LEU K 544 44.52 17.02 -7.41
C LEU K 544 43.11 16.45 -7.44
N LEU K 545 42.12 17.23 -6.96
CA LEU K 545 40.76 16.74 -6.88
C LEU K 545 40.12 16.62 -8.27
N GLY K 546 40.61 17.38 -9.24
CA GLY K 546 40.07 17.30 -10.58
C GLY K 546 40.56 16.11 -11.38
N THR K 547 41.42 15.28 -10.81
CA THR K 547 41.96 14.13 -11.52
C THR K 547 41.81 12.85 -10.69
N THR K 548 40.62 12.65 -10.11
CA THR K 548 40.32 11.45 -9.33
C THR K 548 39.00 10.87 -9.85
N GLU K 549 39.09 9.92 -10.77
CA GLU K 549 37.89 9.27 -11.28
C GLU K 549 37.26 8.38 -10.22
N VAL K 550 38.09 7.68 -9.43
CA VAL K 550 37.63 6.69 -8.47
C VAL K 550 37.78 7.27 -7.07
N ALA K 551 36.79 7.01 -6.23
CA ALA K 551 36.79 7.42 -4.83
C ALA K 551 35.88 6.49 -4.05
N ILE K 552 36.40 5.92 -2.97
CA ILE K 552 35.66 4.94 -2.20
C ILE K 552 35.40 5.48 -0.80
N VAL K 553 34.29 5.03 -0.21
CA VAL K 553 33.92 5.40 1.15
C VAL K 553 33.53 4.13 1.91
N GLU K 554 33.51 4.24 3.23
CA GLU K 554 33.17 3.12 4.09
C GLU K 554 31.65 2.95 4.13
N ALA K 555 31.17 2.02 4.96
CA ALA K 555 29.75 1.75 5.07
C ALA K 555 29.03 2.89 5.79
N ALA L 28 29.56 14.17 14.86
CA ALA L 28 30.12 14.15 13.50
C ALA L 28 29.00 13.97 12.47
N HIS L 29 27.92 14.72 12.63
CA HIS L 29 26.79 14.64 11.71
C HIS L 29 26.01 15.95 11.81
N LYS L 30 26.01 16.72 10.73
CA LYS L 30 25.37 18.02 10.71
C LYS L 30 24.54 18.18 9.44
N GLU L 31 23.52 19.04 9.52
CA GLU L 31 22.72 19.43 8.38
C GLU L 31 22.73 20.95 8.26
N LEU L 32 22.76 21.45 7.04
CA LEU L 32 22.95 22.87 6.76
C LEU L 32 21.69 23.48 6.19
N LYS L 33 21.39 24.70 6.62
CA LYS L 33 20.31 25.50 6.07
C LYS L 33 20.87 26.87 5.70
N PHE L 34 20.58 27.32 4.48
CA PHE L 34 21.25 28.48 3.90
C PHE L 34 20.26 29.63 3.72
N GLY L 35 20.62 30.79 4.24
CA GLY L 35 19.93 32.02 3.90
C GLY L 35 18.49 32.05 4.37
N VAL L 36 17.57 32.11 3.40
CA VAL L 36 16.17 32.38 3.70
C VAL L 36 15.57 31.25 4.52
N GLU L 37 15.96 29.99 4.24
CA GLU L 37 15.39 28.86 4.96
C GLU L 37 15.77 28.91 6.44
N GLY L 38 17.06 29.10 6.73
CA GLY L 38 17.49 29.19 8.11
C GLY L 38 16.92 30.40 8.82
N ARG L 39 16.84 31.53 8.11
CA ARG L 39 16.26 32.73 8.71
C ARG L 39 14.78 32.52 9.04
N ALA L 40 14.05 31.83 8.16
CA ALA L 40 12.64 31.55 8.42
C ALA L 40 12.48 30.60 9.60
N ALA L 41 13.36 29.59 9.70
CA ALA L 41 13.29 28.68 10.85
C ALA L 41 13.55 29.42 12.15
N LEU L 42 14.57 30.29 12.16
CA LEU L 42 14.85 31.08 13.36
C LEU L 42 13.69 32.02 13.67
N LEU L 43 13.08 32.61 12.64
CA LEU L 43 11.91 33.45 12.84
C LEU L 43 10.80 32.67 13.51
N ASN L 44 10.52 31.46 13.01
CA ASN L 44 9.44 30.66 13.58
C ASN L 44 9.72 30.32 15.04
N GLY L 45 10.94 29.89 15.34
CA GLY L 45 11.27 29.55 16.72
C GLY L 45 11.16 30.73 17.66
N VAL L 46 11.75 31.87 17.26
CA VAL L 46 11.75 33.05 18.10
C VAL L 46 10.33 33.57 18.29
N GLU L 47 9.53 33.58 17.22
CA GLU L 47 8.17 34.05 17.31
C GLU L 47 7.32 33.16 18.22
N THR L 48 7.51 31.84 18.11
CA THR L 48 6.76 30.94 18.98
C THR L 48 7.12 31.16 20.45
N LEU L 49 8.42 31.25 20.74
CA LEU L 49 8.83 31.45 22.13
C LEU L 49 8.34 32.79 22.66
N ALA L 50 8.43 33.84 21.86
CA ALA L 50 8.01 35.16 22.30
C ALA L 50 6.49 35.22 22.49
N LYS L 51 5.73 34.56 21.62
CA LYS L 51 4.29 34.52 21.79
C LYS L 51 3.91 33.76 23.05
N ALA L 52 4.63 32.68 23.36
CA ALA L 52 4.38 31.97 24.61
C ALA L 52 4.72 32.85 25.82
N VAL L 53 5.83 33.58 25.74
CA VAL L 53 6.28 34.36 26.90
C VAL L 53 5.38 35.57 27.14
N ALA L 54 4.97 36.26 26.07
CA ALA L 54 4.26 37.51 26.20
C ALA L 54 2.87 37.35 26.80
N THR L 55 2.38 36.11 26.92
CA THR L 55 1.07 35.89 27.51
C THR L 55 1.00 36.31 28.98
N THR L 56 2.14 36.44 29.65
CA THR L 56 2.19 36.87 31.04
C THR L 56 2.60 38.32 31.20
N LEU L 57 2.73 39.06 30.10
CA LEU L 57 3.18 40.45 30.13
C LEU L 57 2.11 41.34 30.74
N GLY L 58 2.57 42.33 31.50
CA GLY L 58 1.70 43.32 32.08
C GLY L 58 1.10 42.88 33.40
N PRO L 59 0.55 43.82 34.16
CA PRO L 59 -0.11 43.45 35.43
C PRO L 59 -1.28 42.50 35.22
N LYS L 60 -1.98 42.62 34.11
CA LYS L 60 -3.11 41.73 33.79
C LYS L 60 -2.63 40.54 32.95
N GLY L 61 -1.63 39.84 33.49
CA GLY L 61 -1.07 38.70 32.81
C GLY L 61 -1.97 37.48 32.94
N ARG L 62 -1.53 36.41 32.27
CA ARG L 62 -2.29 35.17 32.26
C ARG L 62 -1.34 34.01 32.55
N ASN L 63 -1.86 32.99 33.22
CA ASN L 63 -1.01 31.97 33.82
C ASN L 63 -0.49 30.97 32.79
N VAL L 64 0.50 30.18 33.20
CA VAL L 64 1.09 29.11 32.40
C VAL L 64 1.02 27.83 33.20
N LEU L 65 0.92 26.69 32.51
CA LEU L 65 0.85 25.38 33.15
C LEU L 65 2.17 24.65 32.96
N ILE L 66 2.89 24.42 34.07
CA ILE L 66 4.18 23.75 34.04
C ILE L 66 4.11 22.52 34.93
N GLU L 67 4.65 21.41 34.43
CA GLU L 67 4.71 20.16 35.19
C GLU L 67 6.15 19.76 35.47
N SER L 68 6.40 19.39 36.72
CA SER L 68 7.70 18.91 37.15
C SER L 68 7.91 17.47 36.68
N THR L 69 9.17 17.03 36.72
CA THR L 69 9.48 15.66 36.33
C THR L 69 8.82 14.66 37.27
N PHE L 70 8.83 14.94 38.57
CA PHE L 70 8.22 14.09 39.58
C PHE L 70 7.11 14.86 40.28
N GLY L 71 6.09 14.13 40.73
CA GLY L 71 5.00 14.73 41.47
C GLY L 71 3.84 15.15 40.60
N SER L 72 3.42 16.41 40.75
CA SER L 72 2.26 16.95 40.05
C SER L 72 2.57 18.36 39.55
N PRO L 73 1.87 18.82 38.51
CA PRO L 73 2.22 20.10 37.89
C PRO L 73 2.00 21.29 38.81
N LYS L 74 2.78 22.33 38.55
CA LYS L 74 2.70 23.61 39.26
C LYS L 74 2.08 24.67 38.37
N ILE L 75 2.06 25.90 38.85
CA ILE L 75 1.53 27.03 38.11
C ILE L 75 2.66 28.04 37.91
N THR L 76 2.55 28.86 36.88
CA THR L 76 3.55 29.86 36.54
C THR L 76 2.88 31.11 35.99
N LYS L 77 3.24 32.27 36.54
CA LYS L 77 2.73 33.54 36.05
C LYS L 77 3.82 34.50 35.61
N ASP L 78 5.10 34.15 35.76
CA ASP L 78 6.19 35.01 35.35
C ASP L 78 6.65 34.63 33.94
N GLY L 79 7.78 35.19 33.51
CA GLY L 79 8.27 34.94 32.17
C GLY L 79 9.59 34.20 32.09
N VAL L 80 10.43 34.34 33.13
CA VAL L 80 11.76 33.76 33.09
C VAL L 80 11.70 32.24 33.06
N THR L 81 10.85 31.64 33.90
CA THR L 81 10.79 30.18 33.98
C THR L 81 10.21 29.58 32.70
N VAL L 82 9.13 30.16 32.18
CA VAL L 82 8.54 29.63 30.96
C VAL L 82 9.48 29.85 29.78
N ALA L 83 10.22 30.96 29.77
CA ALA L 83 11.22 31.18 28.73
C ALA L 83 12.33 30.14 28.78
N LYS L 84 12.79 29.82 29.99
CA LYS L 84 13.86 28.84 30.13
C LYS L 84 13.39 27.40 29.94
N ALA L 85 12.09 27.14 30.05
CA ALA L 85 11.54 25.79 29.96
C ALA L 85 10.83 25.54 28.63
N ILE L 86 11.36 26.08 27.53
CA ILE L 86 10.76 25.91 26.22
C ILE L 86 11.80 25.31 25.28
N SER L 87 11.43 24.23 24.60
CA SER L 87 12.29 23.60 23.60
C SER L 87 11.39 23.14 22.46
N LEU L 88 11.60 23.70 21.27
CA LEU L 88 10.70 23.47 20.15
C LEU L 88 10.98 22.12 19.49
N LYS L 89 10.17 21.80 18.48
CA LYS L 89 10.32 20.53 17.76
C LYS L 89 11.55 20.55 16.87
N ASP L 90 11.60 21.48 15.93
CA ASP L 90 12.72 21.54 15.00
C ASP L 90 13.99 21.98 15.70
N LYS L 91 15.13 21.50 15.19
CA LYS L 91 16.41 21.82 15.79
C LYS L 91 16.76 23.31 15.64
N PHE L 92 16.44 23.89 14.49
CA PHE L 92 16.73 25.31 14.27
C PHE L 92 15.84 26.20 15.12
N GLU L 93 14.56 25.83 15.27
CA GLU L 93 13.69 26.56 16.17
C GLU L 93 14.19 26.48 17.60
N ASN L 94 14.66 25.29 18.01
CA ASN L 94 15.24 25.14 19.33
C ASN L 94 16.49 26.00 19.49
N LEU L 95 17.30 26.10 18.43
CA LEU L 95 18.50 26.93 18.47
C LEU L 95 18.14 28.40 18.67
N GLY L 96 17.16 28.90 17.91
CA GLY L 96 16.73 30.27 18.09
C GLY L 96 16.15 30.51 19.46
N ALA L 97 15.35 29.56 19.96
CA ALA L 97 14.78 29.69 21.29
C ALA L 97 15.86 29.70 22.36
N LYS L 98 16.93 28.90 22.16
CA LYS L 98 18.00 28.86 23.14
C LYS L 98 18.81 30.15 23.12
N LEU L 99 19.03 30.74 21.95
CA LEU L 99 19.69 32.04 21.90
C LEU L 99 18.84 33.12 22.59
N LEU L 100 17.53 33.10 22.34
CA LEU L 100 16.64 34.04 23.02
C LEU L 100 16.66 33.80 24.53
N ALA L 101 16.76 32.53 24.95
CA ALA L 101 16.88 32.23 26.37
C ALA L 101 18.18 32.77 26.94
N GLU L 102 19.28 32.68 26.19
CA GLU L 102 20.54 33.27 26.63
C GLU L 102 20.38 34.76 26.88
N VAL L 103 19.84 35.49 25.90
CA VAL L 103 19.77 36.94 26.08
C VAL L 103 18.78 37.30 27.19
N ALA L 104 17.68 36.54 27.31
CA ALA L 104 16.71 36.80 28.38
C ALA L 104 17.33 36.55 29.74
N SER L 105 18.10 35.47 29.89
CA SER L 105 18.75 35.17 31.16
C SER L 105 19.80 36.22 31.50
N LYS L 106 20.55 36.68 30.49
CA LYS L 106 21.51 37.75 30.75
C LYS L 106 20.82 39.02 31.21
N THR L 107 19.69 39.37 30.57
CA THR L 107 18.94 40.55 30.99
C THR L 107 18.41 40.39 32.41
N ASN L 108 17.90 39.20 32.74
CA ASN L 108 17.37 38.96 34.07
C ASN L 108 18.47 39.04 35.13
N GLU L 109 19.65 38.48 34.84
CA GLU L 109 20.75 38.56 35.78
C GLU L 109 21.25 39.99 35.94
N VAL L 110 21.27 40.76 34.85
CA VAL L 110 21.74 42.14 34.93
C VAL L 110 20.76 43.00 35.72
N ALA L 111 19.47 42.90 35.41
CA ALA L 111 18.46 43.79 35.98
C ALA L 111 17.60 43.09 37.02
N GLY L 112 16.94 42.00 36.66
CA GLY L 112 16.01 41.30 37.53
C GLY L 112 14.58 41.23 37.02
N ASP L 113 14.26 42.00 35.98
CA ASP L 113 12.91 42.00 35.41
C ASP L 113 13.01 42.44 33.96
N GLY L 114 11.86 42.74 33.36
CA GLY L 114 11.83 43.20 31.99
C GLY L 114 12.20 42.17 30.95
N THR L 115 12.23 40.89 31.32
CA THR L 115 12.59 39.85 30.36
C THR L 115 11.56 39.74 29.25
N THR L 116 10.28 39.78 29.60
CA THR L 116 9.22 39.62 28.59
C THR L 116 9.24 40.78 27.59
N THR L 117 9.42 42.01 28.08
CA THR L 117 9.47 43.16 27.18
C THR L 117 10.66 43.06 26.23
N ALA L 118 11.82 42.66 26.75
CA ALA L 118 12.99 42.51 25.89
C ALA L 118 12.77 41.42 24.85
N THR L 119 12.16 40.30 25.25
CA THR L 119 11.90 39.23 24.29
C THR L 119 10.94 39.69 23.20
N VAL L 120 9.88 40.40 23.58
CA VAL L 120 8.91 40.88 22.60
C VAL L 120 9.55 41.87 21.64
N LEU L 121 10.37 42.80 22.17
CA LEU L 121 11.05 43.76 21.32
C LEU L 121 12.01 43.07 20.36
N ALA L 122 12.76 42.07 20.85
CA ALA L 122 13.67 41.35 19.99
C ALA L 122 12.92 40.61 18.89
N ARG L 123 11.80 39.98 19.23
CA ARG L 123 11.02 39.28 18.23
C ARG L 123 10.51 40.25 17.16
N ALA L 124 9.98 41.39 17.59
CA ALA L 124 9.45 42.35 16.64
C ALA L 124 10.53 42.87 15.71
N ILE L 125 11.67 43.26 16.27
CA ILE L 125 12.76 43.80 15.46
C ILE L 125 13.28 42.75 14.49
N PHE L 126 13.45 41.52 14.96
CA PHE L 126 13.94 40.45 14.08
C PHE L 126 12.95 40.17 12.95
N SER L 127 11.65 40.12 13.26
CA SER L 127 10.65 39.86 12.24
C SER L 127 10.64 40.96 11.19
N GLU L 128 10.65 42.22 11.63
CA GLU L 128 10.68 43.32 10.66
C GLU L 128 11.96 43.30 9.83
N MET L 129 13.10 42.98 10.46
CA MET L 129 14.36 42.95 9.74
C MET L 129 14.37 41.87 8.67
N VAL L 130 13.89 40.66 9.01
CA VAL L 130 13.89 39.59 8.02
C VAL L 130 12.87 39.88 6.92
N LYS L 131 11.73 40.49 7.28
CA LYS L 131 10.76 40.87 6.25
C LYS L 131 11.34 41.88 5.28
N ASN L 132 12.08 42.86 5.79
CA ASN L 132 12.73 43.83 4.90
C ASN L 132 13.85 43.20 4.09
N VAL L 133 14.58 42.24 4.68
CA VAL L 133 15.65 41.56 3.95
C VAL L 133 15.08 40.76 2.80
N ALA L 134 13.93 40.10 3.01
CA ALA L 134 13.29 39.36 1.94
C ALA L 134 12.86 40.25 0.78
N ALA L 135 12.75 41.56 1.02
CA ALA L 135 12.42 42.52 -0.04
C ALA L 135 13.64 43.00 -0.81
N GLY L 136 14.85 42.59 -0.42
CA GLY L 136 16.05 42.96 -1.12
C GLY L 136 16.84 44.10 -0.50
N CYS L 137 16.43 44.59 0.67
CA CYS L 137 17.15 45.67 1.33
C CYS L 137 18.48 45.18 1.88
N ASN L 138 19.41 46.12 2.04
CA ASN L 138 20.74 45.79 2.53
C ASN L 138 20.70 45.57 4.04
N PRO L 139 21.06 44.38 4.53
CA PRO L 139 21.03 44.15 5.98
C PRO L 139 21.96 45.06 6.77
N MET L 140 23.12 45.40 6.21
CA MET L 140 24.08 46.21 6.96
C MET L 140 23.56 47.62 7.20
N ASP L 141 22.98 48.25 6.18
CA ASP L 141 22.41 49.58 6.35
C ASP L 141 21.23 49.54 7.32
N LEU L 142 20.42 48.48 7.26
CA LEU L 142 19.33 48.33 8.23
C LEU L 142 19.87 48.24 9.65
N ARG L 143 20.93 47.46 9.85
CA ARG L 143 21.52 47.32 11.18
C ARG L 143 22.07 48.65 11.67
N ARG L 144 22.77 49.38 10.80
CA ARG L 144 23.29 50.68 11.20
C ARG L 144 22.17 51.65 11.56
N GLY L 145 21.09 51.65 10.77
CA GLY L 145 19.97 52.53 11.05
C GLY L 145 19.30 52.21 12.37
N ILE L 146 19.05 50.91 12.63
CA ILE L 146 18.42 50.55 13.89
C ILE L 146 19.35 50.84 15.07
N GLN L 147 20.67 50.68 14.89
CA GLN L 147 21.59 51.02 15.97
C GLN L 147 21.54 52.51 16.29
N ALA L 148 21.58 53.35 15.25
CA ALA L 148 21.50 54.79 15.47
C ALA L 148 20.17 55.18 16.12
N ALA L 149 19.08 54.57 15.66
CA ALA L 149 17.77 54.89 16.23
C ALA L 149 17.67 54.45 17.68
N VAL L 150 18.23 53.28 18.02
CA VAL L 150 18.22 52.82 19.39
C VAL L 150 19.05 53.75 20.27
N ASP L 151 20.20 54.21 19.77
CA ASP L 151 21.01 55.17 20.51
C ASP L 151 20.23 56.46 20.76
N ALA L 152 19.53 56.95 19.73
CA ALA L 152 18.72 58.15 19.92
C ALA L 152 17.62 57.92 20.95
N VAL L 153 16.98 56.74 20.90
CA VAL L 153 15.89 56.44 21.83
C VAL L 153 16.39 56.42 23.27
N VAL L 154 17.52 55.74 23.51
CA VAL L 154 18.03 55.66 24.88
C VAL L 154 18.51 57.02 25.35
N GLU L 155 19.08 57.82 24.45
CA GLU L 155 19.49 59.17 24.83
C GLU L 155 18.29 60.01 25.22
N TYR L 156 17.19 59.91 24.46
CA TYR L 156 15.98 60.64 24.81
C TYR L 156 15.41 60.16 26.14
N LEU L 157 15.43 58.85 26.37
CA LEU L 157 14.92 58.31 27.63
C LEU L 157 15.75 58.82 28.81
N GLN L 158 17.08 58.85 28.65
CA GLN L 158 17.93 59.37 29.72
C GLN L 158 17.71 60.85 29.94
N GLN L 159 17.45 61.60 28.87
CA GLN L 159 17.23 63.04 29.00
C GLN L 159 15.96 63.34 29.79
N ASN L 160 14.89 62.59 29.54
CA ASN L 160 13.59 62.90 30.11
C ASN L 160 13.40 62.32 31.51
N LYS L 161 14.26 61.40 31.93
CA LYS L 161 14.06 60.67 33.18
C LYS L 161 14.12 61.60 34.39
N ARG L 162 13.76 61.05 35.54
CA ARG L 162 13.80 61.76 36.81
C ARG L 162 14.72 61.02 37.78
N ASP L 163 15.37 61.78 38.67
CA ASP L 163 16.29 61.20 39.63
C ASP L 163 15.57 60.89 40.94
N ILE L 164 16.15 59.96 41.70
CA ILE L 164 15.59 59.52 42.97
C ILE L 164 16.60 59.90 44.04
N THR L 165 16.37 61.02 44.71
CA THR L 165 17.33 61.54 45.69
C THR L 165 16.73 61.71 47.08
N THR L 166 15.58 62.37 47.20
CA THR L 166 15.06 62.72 48.52
C THR L 166 14.57 61.48 49.25
N SER L 167 14.81 61.45 50.58
CA SER L 167 14.46 60.28 51.37
C SER L 167 12.96 59.99 51.35
N ALA L 168 12.13 61.03 51.25
CA ALA L 168 10.69 60.81 51.19
C ALA L 168 10.30 60.07 49.91
N GLU L 169 10.78 60.54 48.76
CA GLU L 169 10.50 59.83 47.52
C GLU L 169 11.28 58.53 47.44
N ILE L 170 12.37 58.41 48.20
CA ILE L 170 13.04 57.12 48.36
C ILE L 170 12.09 56.11 49.00
N ALA L 171 11.45 56.51 50.10
CA ALA L 171 10.48 55.63 50.74
C ALA L 171 9.30 55.36 49.82
N GLN L 172 8.88 56.37 49.05
CA GLN L 172 7.76 56.19 48.13
C GLN L 172 8.08 55.14 47.07
N VAL L 173 9.24 55.24 46.44
CA VAL L 173 9.61 54.29 45.39
C VAL L 173 9.84 52.91 45.98
N ALA L 174 10.40 52.84 47.19
CA ALA L 174 10.53 51.56 47.87
C ALA L 174 9.17 50.94 48.13
N THR L 175 8.18 51.76 48.49
CA THR L 175 6.84 51.26 48.77
C THR L 175 6.20 50.70 47.51
N ILE L 176 6.20 51.48 46.43
CA ILE L 176 5.51 51.03 45.23
C ILE L 176 6.25 49.86 44.58
N SER L 177 7.58 49.82 44.70
CA SER L 177 8.34 48.68 44.22
C SER L 177 8.07 47.42 45.04
N ALA L 178 7.58 47.57 46.28
CA ALA L 178 7.26 46.44 47.14
C ALA L 178 5.75 46.23 47.28
N ASN L 179 5.01 46.48 46.20
CA ASN L 179 3.56 46.30 46.13
C ASN L 179 2.78 47.19 47.08
N GLY L 180 3.44 48.15 47.72
CA GLY L 180 2.73 49.10 48.59
C GLY L 180 2.38 48.64 49.98
N ASP L 181 1.87 47.40 50.12
CA ASP L 181 1.45 46.92 51.42
C ASP L 181 2.63 46.73 52.37
N GLN L 182 3.85 46.61 51.84
CA GLN L 182 5.04 46.38 52.65
C GLN L 182 5.55 47.72 53.19
N HIS L 183 4.77 48.28 54.12
CA HIS L 183 5.13 49.57 54.72
C HIS L 183 6.36 49.43 55.61
N ILE L 184 6.40 48.40 56.45
CA ILE L 184 7.58 48.17 57.27
C ILE L 184 8.79 47.92 56.38
N GLY L 185 8.58 47.20 55.27
CA GLY L 185 9.67 46.96 54.35
C GLY L 185 10.19 48.23 53.70
N LYS L 186 9.29 49.14 53.31
CA LYS L 186 9.74 50.38 52.69
C LYS L 186 10.44 51.28 53.69
N LEU L 187 9.97 51.31 54.94
CA LEU L 187 10.69 52.06 55.97
C LEU L 187 12.07 51.48 56.20
N ILE L 188 12.18 50.15 56.25
CA ILE L 188 13.48 49.51 56.43
C ILE L 188 14.40 49.84 55.26
N ALA L 189 13.87 49.78 54.04
CA ALA L 189 14.68 50.08 52.86
C ALA L 189 15.15 51.53 52.86
N SER L 190 14.27 52.47 53.24
CA SER L 190 14.66 53.87 53.29
C SER L 190 15.75 54.10 54.34
N ALA L 191 15.60 53.49 55.52
CA ALA L 191 16.63 53.63 56.55
C ALA L 191 17.95 53.02 56.10
N MET L 192 17.89 51.85 55.46
CA MET L 192 19.10 51.17 55.00
C MET L 192 19.78 51.94 53.87
N GLU L 193 19.01 52.66 53.06
CA GLU L 193 19.60 53.49 52.02
C GLU L 193 20.19 54.78 52.58
N LYS L 194 19.54 55.37 53.58
CA LYS L 194 20.06 56.57 54.21
C LYS L 194 21.25 56.28 55.13
N VAL L 195 21.43 55.03 55.53
CA VAL L 195 22.56 54.67 56.39
C VAL L 195 23.74 54.16 55.58
N GLY L 196 23.51 53.20 54.69
CA GLY L 196 24.58 52.62 53.90
C GLY L 196 24.22 52.58 52.42
N LYS L 197 25.18 52.11 51.63
CA LYS L 197 25.03 52.01 50.18
C LYS L 197 25.27 50.61 49.63
N GLU L 198 25.93 49.73 50.37
CA GLU L 198 26.17 48.38 49.89
C GLU L 198 24.95 47.49 50.10
N GLY L 199 24.57 47.28 51.36
CA GLY L 199 23.35 46.56 51.67
C GLY L 199 23.43 45.06 51.50
N VAL L 200 22.69 44.32 52.32
CA VAL L 200 22.64 42.87 52.23
C VAL L 200 21.42 42.39 53.00
N ILE L 201 20.95 41.19 52.68
CA ILE L 201 19.82 40.56 53.35
C ILE L 201 20.23 39.17 53.80
N THR L 202 19.89 38.83 55.04
CA THR L 202 20.23 37.53 55.60
C THR L 202 19.07 37.03 56.46
N VAL L 203 19.03 35.71 56.64
CA VAL L 203 17.99 35.05 57.44
C VAL L 203 18.66 34.07 58.40
N LYS L 204 18.20 34.06 59.64
CA LYS L 204 18.71 33.16 60.67
C LYS L 204 17.52 32.54 61.38
N GLU L 205 17.41 31.20 61.29
CA GLU L 205 16.34 30.41 61.89
C GLU L 205 14.98 31.07 61.82
N GLY L 206 14.19 30.99 62.89
CA GLY L 206 12.85 31.55 62.88
C GLY L 206 12.83 33.06 62.76
N LYS L 207 13.69 33.74 63.54
CA LYS L 207 13.78 35.20 63.55
C LYS L 207 12.42 35.83 63.89
N THR L 208 11.99 35.57 65.13
CA THR L 208 10.71 36.06 65.61
C THR L 208 10.71 37.56 65.86
N LEU L 209 11.79 38.27 65.54
CA LEU L 209 11.85 39.70 65.76
C LEU L 209 10.95 40.43 64.77
N GLN L 210 10.94 41.76 64.89
CA GLN L 210 10.06 42.62 64.09
C GLN L 210 10.83 43.34 62.98
N ASP L 211 11.79 42.65 62.35
CA ASP L 211 12.57 43.17 61.24
C ASP L 211 13.33 44.45 61.64
N GLU L 212 14.24 44.27 62.59
CA GLU L 212 15.07 45.38 63.07
C GLU L 212 16.36 45.46 62.27
N LEU L 213 16.77 46.67 61.94
CA LEU L 213 17.98 46.91 61.16
C LEU L 213 19.16 47.22 62.08
N GLU L 214 20.36 47.14 61.52
CA GLU L 214 21.57 47.40 62.26
C GLU L 214 22.68 47.80 61.30
N VAL L 215 23.74 48.39 61.85
CA VAL L 215 24.92 48.79 61.09
C VAL L 215 26.10 48.01 61.64
N THR L 216 26.81 47.31 60.76
CA THR L 216 27.94 46.49 61.16
C THR L 216 29.05 46.60 60.12
N GLU L 217 30.28 46.74 60.61
CA GLU L 217 31.44 46.78 59.73
C GLU L 217 31.65 45.41 59.07
N GLY L 218 32.00 45.43 57.79
CA GLY L 218 32.22 44.19 57.08
C GLY L 218 32.86 44.43 55.73
N MET L 219 32.94 43.35 54.95
CA MET L 219 33.57 43.36 53.64
C MET L 219 32.68 42.60 52.66
N ARG L 220 32.82 42.94 51.37
CA ARG L 220 32.02 42.30 50.33
C ARG L 220 32.87 42.13 49.08
N PHE L 221 32.68 40.99 48.41
CA PHE L 221 33.30 40.75 47.11
C PHE L 221 32.42 39.77 46.35
N ASP L 222 32.59 39.78 45.02
CA ASP L 222 31.76 38.96 44.12
C ASP L 222 32.61 37.83 43.56
N ARG L 223 32.63 36.70 44.29
CA ARG L 223 33.32 35.50 43.82
C ARG L 223 32.69 34.29 44.52
N GLY L 224 31.84 33.57 43.79
CA GLY L 224 31.13 32.43 44.34
C GLY L 224 31.98 31.18 44.36
N PHE L 225 31.37 30.08 44.80
CA PHE L 225 32.06 28.81 44.87
C PHE L 225 32.35 28.28 43.47
N VAL L 226 33.48 27.58 43.33
CA VAL L 226 33.83 26.99 42.05
C VAL L 226 32.88 25.84 41.70
N SER L 227 32.46 25.07 42.70
CA SER L 227 31.61 23.91 42.48
C SER L 227 30.23 24.13 43.10
N PRO L 228 29.17 23.62 42.46
CA PRO L 228 27.82 23.81 43.00
C PRO L 228 27.42 22.83 44.09
N TYR L 229 28.34 21.98 44.56
CA TYR L 229 28.03 20.98 45.57
C TYR L 229 28.41 21.41 46.97
N PHE L 230 28.92 22.63 47.14
CA PHE L 230 29.39 23.08 48.45
C PHE L 230 28.26 23.59 49.35
N ILE L 231 27.08 23.86 48.81
CA ILE L 231 25.95 24.37 49.58
C ILE L 231 24.79 23.40 49.40
N THR L 232 24.30 22.85 50.52
CA THR L 232 23.16 21.95 50.45
C THR L 232 21.88 22.69 50.07
N ASP L 233 21.66 23.85 50.68
CA ASP L 233 20.47 24.66 50.39
C ASP L 233 20.75 25.69 49.30
N ALA L 234 21.20 25.21 48.13
CA ALA L 234 21.51 26.12 47.03
C ALA L 234 20.27 26.76 46.44
N LYS L 235 19.09 26.21 46.72
CA LYS L 235 17.85 26.79 46.18
C LYS L 235 17.60 28.18 46.75
N ALA L 236 17.88 28.38 48.03
CA ALA L 236 17.64 29.66 48.68
C ALA L 236 18.88 30.27 49.32
N GLN L 237 20.02 29.58 49.29
CA GLN L 237 21.27 30.07 49.88
C GLN L 237 21.08 30.40 51.37
N LYS L 238 20.73 29.36 52.13
CA LYS L 238 20.51 29.52 53.56
C LYS L 238 21.81 29.87 54.28
N VAL L 239 21.67 30.59 55.39
CA VAL L 239 22.80 31.01 56.21
C VAL L 239 22.95 30.01 57.35
N GLU L 240 24.09 29.32 57.38
CA GLU L 240 24.37 28.33 58.41
C GLU L 240 25.80 28.47 58.94
N PHE L 241 26.36 29.68 58.85
CA PHE L 241 27.73 29.95 59.28
C PHE L 241 27.66 30.95 60.44
N GLU L 242 27.59 30.42 61.66
CA GLU L 242 27.57 31.24 62.87
C GLU L 242 28.97 31.23 63.48
N LYS L 243 29.57 32.41 63.57
CA LYS L 243 30.95 32.56 64.02
C LYS L 243 31.90 31.61 63.29
N PRO L 244 32.05 31.77 61.97
CA PRO L 244 32.87 30.83 61.21
C PRO L 244 34.32 31.26 61.06
N LEU L 245 35.22 30.28 61.18
CA LEU L 245 36.62 30.52 60.93
C LEU L 245 36.87 30.67 59.44
N ILE L 246 37.91 31.44 59.10
CA ILE L 246 38.25 31.70 57.71
C ILE L 246 39.75 31.45 57.50
N LEU L 247 40.11 31.19 56.26
CA LEU L 247 41.49 30.92 55.87
C LEU L 247 41.93 31.91 54.80
N LEU L 248 43.13 32.44 54.96
CA LEU L 248 43.69 33.41 54.02
C LEU L 248 44.92 32.80 53.36
N SER L 249 44.94 32.82 52.03
CA SER L 249 46.06 32.29 51.27
C SER L 249 46.15 33.02 49.94
N GLU L 250 47.35 33.00 49.35
CA GLU L 250 47.61 33.65 48.08
C GLU L 250 48.21 32.72 47.04
N GLN L 251 49.10 31.82 47.45
CA GLN L 251 49.73 30.91 46.51
C GLN L 251 48.76 29.80 46.09
N LYS L 252 49.14 29.07 45.05
CA LYS L 252 48.30 28.00 44.53
C LYS L 252 48.21 26.86 45.54
N ILE L 253 47.03 26.25 45.62
CA ILE L 253 46.79 25.10 46.48
C ILE L 253 46.36 23.95 45.58
N SER L 254 47.18 22.90 45.53
CA SER L 254 46.88 21.74 44.71
C SER L 254 47.17 20.41 45.38
N ALA L 255 47.67 20.40 46.62
CA ALA L 255 47.99 19.17 47.33
C ALA L 255 47.39 19.19 48.72
N ALA L 256 47.23 18.00 49.28
CA ALA L 256 46.65 17.83 50.62
C ALA L 256 47.70 17.83 51.71
N THR L 257 48.97 18.08 51.39
CA THR L 257 50.02 18.02 52.39
C THR L 257 49.86 19.10 53.44
N ASP L 258 49.48 20.32 53.03
CA ASP L 258 49.45 21.46 53.92
C ASP L 258 48.04 22.00 54.13
N ILE L 259 47.00 21.22 53.82
CA ILE L 259 45.62 21.65 54.03
C ILE L 259 44.82 20.64 54.83
N ILE L 260 45.30 19.40 54.92
CA ILE L 260 44.58 18.37 55.67
C ILE L 260 44.41 18.72 57.14
N PRO L 261 45.44 19.16 57.87
CA PRO L 261 45.23 19.44 59.31
C PRO L 261 44.15 20.47 59.60
N ALA L 262 44.00 21.48 58.74
CA ALA L 262 43.01 22.52 58.99
C ALA L 262 41.60 21.95 58.97
N LEU L 263 41.25 21.23 57.89
CA LEU L 263 39.91 20.67 57.79
C LEU L 263 39.67 19.61 58.85
N GLU L 264 40.68 18.80 59.17
CA GLU L 264 40.52 17.78 60.18
C GLU L 264 40.25 18.39 61.55
N ILE L 265 41.00 19.44 61.92
CA ILE L 265 40.77 20.07 63.22
C ILE L 265 39.44 20.80 63.24
N SER L 266 39.05 21.39 62.09
CA SER L 266 37.75 22.06 62.03
C SER L 266 36.61 21.08 62.23
N HIS L 267 36.72 19.89 61.63
CA HIS L 267 35.72 18.85 61.88
C HIS L 267 35.80 18.36 63.32
N LYS L 268 37.01 18.33 63.90
CA LYS L 268 37.17 17.88 65.28
C LYS L 268 36.43 18.79 66.25
N MET L 269 36.58 20.10 66.11
CA MET L 269 35.85 21.02 66.98
C MET L 269 34.49 21.41 66.43
N ARG L 270 34.12 20.90 65.26
CA ARG L 270 32.81 21.18 64.65
C ARG L 270 32.60 22.67 64.44
N ARG L 271 33.52 23.29 63.70
CA ARG L 271 33.46 24.70 63.38
C ARG L 271 33.52 24.90 61.88
N PRO L 272 32.81 25.90 61.34
CA PRO L 272 32.87 26.16 59.91
C PRO L 272 34.23 26.71 59.49
N LEU L 273 34.57 26.45 58.22
CA LEU L 273 35.83 26.92 57.67
C LEU L 273 35.65 27.14 56.17
N VAL L 274 36.53 27.96 55.60
CA VAL L 274 36.53 28.26 54.18
C VAL L 274 37.92 28.01 53.62
N ILE L 275 37.98 27.85 52.30
CA ILE L 275 39.22 27.59 51.58
C ILE L 275 39.33 28.59 50.44
N ILE L 276 40.47 29.27 50.35
CA ILE L 276 40.74 30.23 49.29
C ILE L 276 41.90 29.66 48.46
N ALA L 277 41.58 29.08 47.32
CA ALA L 277 42.57 28.47 46.44
C ALA L 277 42.40 29.00 45.02
N GLU L 278 43.53 29.24 44.35
CA GLU L 278 43.47 29.72 42.98
C GLU L 278 42.83 28.69 42.05
N ASP L 279 43.18 27.42 42.21
CA ASP L 279 42.61 26.35 41.39
C ASP L 279 42.72 25.04 42.16
N ILE L 280 41.58 24.51 42.59
CA ILE L 280 41.52 23.26 43.36
C ILE L 280 40.52 22.34 42.69
N ASP L 281 40.91 21.08 42.48
CA ASP L 281 40.05 20.08 41.86
C ASP L 281 39.22 19.29 42.87
N GLY L 282 39.37 19.57 44.17
CA GLY L 282 38.59 18.88 45.18
C GLY L 282 39.01 17.46 45.45
N GLU L 283 40.31 17.14 45.31
CA GLU L 283 40.76 15.79 45.62
C GLU L 283 40.59 15.48 47.10
N ALA L 284 40.89 16.44 47.97
CA ALA L 284 40.69 16.23 49.40
C ALA L 284 39.21 16.06 49.72
N LEU L 285 38.34 16.84 49.07
CA LEU L 285 36.91 16.68 49.27
C LEU L 285 36.43 15.30 48.84
N ALA L 286 36.91 14.83 47.69
CA ALA L 286 36.52 13.49 47.23
C ALA L 286 37.03 12.41 48.17
N VAL L 287 38.25 12.55 48.66
CA VAL L 287 38.79 11.57 49.60
C VAL L 287 37.97 11.55 50.88
N CYS L 288 37.64 12.73 51.41
CA CYS L 288 36.82 12.79 52.62
C CYS L 288 35.44 12.19 52.39
N ILE L 289 34.83 12.46 51.24
CA ILE L 289 33.50 11.93 50.95
C ILE L 289 33.53 10.41 50.85
N LEU L 290 34.53 9.86 50.16
CA LEU L 290 34.61 8.41 50.03
C LEU L 290 34.95 7.74 51.36
N ASN L 291 35.74 8.40 52.21
CA ASN L 291 35.95 7.89 53.57
C ASN L 291 34.65 7.90 54.36
N LYS L 292 33.88 8.98 54.24
CA LYS L 292 32.56 9.08 54.85
C LYS L 292 31.78 10.14 54.09
N LEU L 293 30.64 9.74 53.51
CA LEU L 293 29.77 10.64 52.74
C LEU L 293 29.40 11.90 53.50
N ARG L 294 28.87 12.89 52.78
CA ARG L 294 28.63 14.22 53.32
C ARG L 294 27.86 14.16 54.63
N GLY L 295 28.22 15.06 55.54
CA GLY L 295 27.62 15.09 56.86
C GLY L 295 28.65 15.18 57.97
N GLN L 296 29.90 15.45 57.61
CA GLN L 296 30.98 15.55 58.57
C GLN L 296 31.76 16.85 58.51
N LEU L 297 31.69 17.61 57.42
CA LEU L 297 32.41 18.86 57.30
C LEU L 297 31.71 19.76 56.31
N GLU L 298 32.01 21.06 56.39
CA GLU L 298 31.43 22.07 55.50
C GLU L 298 32.54 22.60 54.61
N VAL L 299 32.52 22.20 53.34
CA VAL L 299 33.54 22.63 52.38
C VAL L 299 33.10 23.94 51.74
N ALA L 300 33.98 24.94 51.78
CA ALA L 300 33.73 26.25 51.20
C ALA L 300 34.98 26.70 50.45
N ALA L 301 34.98 26.52 49.14
CA ALA L 301 36.11 26.88 48.29
C ALA L 301 35.72 28.06 47.42
N VAL L 302 36.49 29.14 47.49
CA VAL L 302 36.27 30.34 46.71
C VAL L 302 37.58 30.72 46.02
N LYS L 303 37.51 30.94 44.72
CA LYS L 303 38.71 31.32 43.96
C LYS L 303 39.19 32.70 44.38
N ALA L 304 40.52 32.85 44.43
CA ALA L 304 41.10 34.14 44.79
C ALA L 304 40.87 35.16 43.67
N PRO L 305 40.68 36.42 44.03
CA PRO L 305 40.45 37.46 43.01
C PRO L 305 41.73 37.79 42.24
N GLY L 306 41.57 38.68 41.27
CA GLY L 306 42.69 39.18 40.50
C GLY L 306 43.26 40.44 41.11
N PHE L 307 43.78 41.32 40.25
CA PHE L 307 44.32 42.62 40.66
C PHE L 307 45.45 42.43 41.68
N GLY L 308 46.55 41.85 41.19
CA GLY L 308 47.66 41.42 42.02
C GLY L 308 48.04 42.32 43.19
N ASP L 309 48.45 43.55 42.91
CA ASP L 309 48.76 44.48 44.00
C ASP L 309 47.51 44.80 44.82
N ASN L 310 46.39 45.02 44.15
CA ASN L 310 45.13 45.21 44.87
C ASN L 310 44.71 43.93 45.58
N ARG L 311 45.08 42.77 45.05
CA ARG L 311 44.82 41.52 45.76
C ARG L 311 45.61 41.47 47.07
N LYS L 312 46.88 41.87 47.04
CA LYS L 312 47.66 41.94 48.27
C LYS L 312 47.04 42.94 49.25
N SER L 313 46.60 44.09 48.74
CA SER L 313 45.97 45.09 49.60
C SER L 313 44.69 44.56 50.24
N ILE L 314 43.86 43.87 49.46
CA ILE L 314 42.61 43.34 49.98
C ILE L 314 42.88 42.20 50.98
N LEU L 315 43.92 41.41 50.73
CA LEU L 315 44.30 40.37 51.69
C LEU L 315 44.75 40.98 53.00
N GLY L 316 45.56 42.04 52.93
CA GLY L 316 45.95 42.74 54.15
C GLY L 316 44.74 43.34 54.86
N ASP L 317 43.79 43.86 54.11
CA ASP L 317 42.60 44.46 54.72
C ASP L 317 41.75 43.41 55.42
N ILE L 318 41.51 42.26 54.77
CA ILE L 318 40.68 41.24 55.42
C ILE L 318 41.42 40.63 56.61
N ALA L 319 42.75 40.49 56.53
CA ALA L 319 43.50 40.05 57.68
C ALA L 319 43.39 41.03 58.83
N VAL L 320 43.50 42.33 58.53
CA VAL L 320 43.38 43.36 59.57
C VAL L 320 42.00 43.29 60.22
N LEU L 321 40.96 43.13 59.41
CA LEU L 321 39.60 43.08 59.95
C LEU L 321 39.39 41.84 60.81
N THR L 322 39.80 40.67 60.30
CA THR L 322 39.50 39.40 60.97
C THR L 322 40.74 38.63 61.37
N ASN L 323 41.68 38.38 60.44
CA ASN L 323 42.71 37.37 60.68
C ASN L 323 43.96 37.97 61.33
N GLY L 324 44.60 38.91 60.66
CA GLY L 324 45.87 39.44 61.10
C GLY L 324 47.09 38.71 60.59
N THR L 325 46.91 37.59 59.88
CA THR L 325 48.01 36.82 59.33
C THR L 325 47.58 36.19 58.02
N VAL L 326 48.42 36.32 57.00
CA VAL L 326 48.16 35.74 55.69
C VAL L 326 49.20 34.65 55.42
N PHE L 327 48.91 33.82 54.42
CA PHE L 327 49.76 32.70 54.05
C PHE L 327 50.38 32.98 52.69
N THR L 328 51.72 32.96 52.64
CA THR L 328 52.46 33.19 51.41
C THR L 328 53.88 32.70 51.60
N ASN L 329 54.36 31.87 50.66
CA ASN L 329 55.72 31.34 50.76
C ASN L 329 56.76 32.46 50.65
N GLU L 330 56.48 33.50 49.85
CA GLU L 330 57.39 34.62 49.77
C GLU L 330 57.53 35.33 51.10
N LEU L 331 56.42 35.48 51.82
CA LEU L 331 56.46 36.06 53.16
C LEU L 331 57.08 35.07 54.14
N ASP L 332 57.57 35.60 55.26
CA ASP L 332 58.28 34.80 56.24
C ASP L 332 57.40 33.76 56.92
N VAL L 333 56.07 33.85 56.78
CA VAL L 333 55.18 32.87 57.37
C VAL L 333 55.35 31.53 56.68
N LYS L 334 55.49 30.47 57.47
CA LYS L 334 55.69 29.14 56.93
C LYS L 334 54.38 28.62 56.34
N LEU L 335 54.48 27.88 55.23
CA LEU L 335 53.28 27.40 54.55
C LEU L 335 52.62 26.25 55.31
N GLU L 336 53.40 25.49 56.08
CA GLU L 336 52.87 24.34 56.82
C GLU L 336 52.55 24.67 58.27
N LYS L 337 52.11 25.90 58.54
CA LYS L 337 51.74 26.33 59.89
C LYS L 337 50.23 26.40 60.07
N VAL L 338 49.49 25.43 59.52
CA VAL L 338 48.04 25.46 59.57
C VAL L 338 47.55 25.00 60.94
N THR L 339 47.40 25.94 61.86
CA THR L 339 46.88 25.70 63.19
C THR L 339 45.79 26.73 63.49
N PRO L 340 44.84 26.39 64.36
CA PRO L 340 43.78 27.35 64.71
C PRO L 340 44.25 28.52 65.55
N ASP L 341 45.55 28.67 65.79
CA ASP L 341 46.04 29.75 66.64
C ASP L 341 45.86 31.11 65.96
N MET L 342 46.26 31.24 64.70
CA MET L 342 46.20 32.50 63.99
C MET L 342 45.08 32.56 62.97
N LEU L 343 44.24 31.53 62.91
CA LEU L 343 43.12 31.53 61.97
C LEU L 343 42.14 32.65 62.31
N GLY L 344 41.66 33.35 61.27
CA GLY L 344 40.75 34.44 61.49
C GLY L 344 39.35 33.99 61.80
N SER L 345 38.55 34.93 62.33
CA SER L 345 37.18 34.64 62.70
C SER L 345 36.34 35.90 62.51
N THR L 346 35.03 35.70 62.43
CA THR L 346 34.10 36.80 62.27
C THR L 346 32.79 36.44 62.96
N GLY L 347 31.97 37.47 63.22
CA GLY L 347 30.69 37.22 63.85
C GLY L 347 29.76 36.37 63.00
N SER L 348 29.67 36.68 61.71
CA SER L 348 28.85 35.91 60.80
C SER L 348 29.32 36.18 59.38
N ILE L 349 29.16 35.17 58.52
CA ILE L 349 29.55 35.26 57.12
C ILE L 349 28.41 34.74 56.25
N THR L 350 28.39 35.18 55.00
CA THR L 350 27.38 34.75 54.04
C THR L 350 28.02 34.69 52.68
N ILE L 351 28.23 33.48 52.17
CA ILE L 351 28.84 33.26 50.86
C ILE L 351 27.87 32.48 49.99
N THR L 352 27.56 33.02 48.81
CA THR L 352 26.67 32.35 47.88
C THR L 352 27.33 32.19 46.52
N LYS L 353 26.57 31.76 45.52
CA LYS L 353 27.15 31.35 44.25
C LYS L 353 27.68 32.51 43.41
N GLU L 354 27.36 33.76 43.76
CA GLU L 354 27.81 34.90 42.99
C GLU L 354 28.64 35.90 43.78
N ASP L 355 28.47 36.02 45.09
CA ASP L 355 29.25 36.97 45.87
C ASP L 355 29.36 36.48 47.31
N THR L 356 30.32 37.06 48.03
CA THR L 356 30.57 36.74 49.43
C THR L 356 30.26 37.95 50.29
N ILE L 357 29.66 37.70 51.45
CA ILE L 357 29.32 38.75 52.40
C ILE L 357 30.06 38.48 53.69
N ILE L 358 30.89 39.42 54.12
CA ILE L 358 31.63 39.33 55.37
C ILE L 358 31.22 40.48 56.27
N LEU L 359 31.05 40.18 57.55
CA LEU L 359 30.57 41.18 58.50
C LEU L 359 31.02 40.79 59.91
N ASN L 360 31.06 41.78 60.79
CA ASN L 360 31.46 41.63 62.18
C ASN L 360 32.89 41.07 62.29
N GLY L 361 33.83 41.89 61.81
CA GLY L 361 35.23 41.53 61.94
C GLY L 361 35.64 41.41 63.40
N ASP L 362 36.44 40.40 63.69
CA ASP L 362 36.86 40.10 65.06
C ASP L 362 38.22 40.72 65.42
N GLY L 363 38.82 41.50 64.54
CA GLY L 363 40.11 42.09 64.84
C GLY L 363 40.00 43.20 65.87
N SER L 364 41.15 43.53 66.45
CA SER L 364 41.21 44.59 67.46
C SER L 364 40.92 45.94 66.81
N LYS L 365 40.00 46.70 67.43
CA LYS L 365 39.61 47.98 66.85
C LYS L 365 40.69 49.05 67.03
N ASP L 366 41.51 48.92 68.07
CA ASP L 366 42.57 49.91 68.29
C ASP L 366 43.59 49.88 67.17
N ALA L 367 44.07 48.69 66.81
CA ALA L 367 45.01 48.58 65.70
C ALA L 367 44.38 48.96 64.37
N ILE L 368 43.09 48.66 64.19
CA ILE L 368 42.39 49.07 62.98
C ILE L 368 42.37 50.59 62.87
N ALA L 369 42.06 51.27 63.97
CA ALA L 369 42.05 52.73 63.96
C ALA L 369 43.46 53.29 63.73
N GLN L 370 44.47 52.65 64.32
CA GLN L 370 45.84 53.10 64.10
C GLN L 370 46.24 52.99 62.63
N ARG L 371 45.91 51.86 62.00
CA ARG L 371 46.21 51.70 60.58
C ARG L 371 45.39 52.65 59.72
N CYS L 372 44.14 52.91 60.10
CA CYS L 372 43.33 53.87 59.36
C CYS L 372 43.93 55.27 59.43
N GLU L 373 44.40 55.69 60.61
CA GLU L 373 45.02 57.00 60.72
C GLU L 373 46.36 57.04 59.99
N GLN L 374 47.09 55.92 59.96
CA GLN L 374 48.31 55.86 59.17
C GLN L 374 48.00 56.05 57.68
N ILE L 375 46.95 55.41 57.19
CA ILE L 375 46.55 55.58 55.79
C ILE L 375 46.13 57.03 55.54
N ARG L 376 45.38 57.62 56.48
CA ARG L 376 44.96 59.02 56.34
C ARG L 376 46.16 59.95 56.26
N GLY L 377 47.17 59.72 57.10
CA GLY L 377 48.41 60.48 56.99
C GLY L 377 49.15 60.25 55.70
N ALA L 378 49.10 59.02 55.18
CA ALA L 378 49.70 58.73 53.89
C ALA L 378 48.98 59.46 52.75
N MET L 379 47.68 59.76 52.93
CA MET L 379 46.95 60.54 51.94
C MET L 379 47.49 61.95 51.77
N ASN L 380 48.26 62.45 52.73
CA ASN L 380 48.76 63.82 52.67
C ASN L 380 50.02 63.96 51.82
N ASP L 381 50.62 62.86 51.40
CA ASP L 381 51.83 62.93 50.58
C ASP L 381 51.46 63.17 49.12
N PRO L 382 51.88 64.28 48.52
CA PRO L 382 51.59 64.50 47.09
C PRO L 382 52.29 63.53 46.16
N SER L 383 53.32 62.84 46.62
CA SER L 383 54.11 61.94 45.78
C SER L 383 53.56 60.53 45.73
N THR L 384 52.42 60.26 46.38
CA THR L 384 51.83 58.93 46.35
C THR L 384 51.39 58.57 44.93
N SER L 385 51.53 57.29 44.60
CA SER L 385 51.15 56.83 43.27
C SER L 385 49.65 56.98 43.06
N GLU L 386 49.27 57.35 41.82
CA GLU L 386 47.85 57.58 41.52
C GLU L 386 47.03 56.31 41.66
N TYR L 387 47.54 55.19 41.15
CA TYR L 387 46.82 53.93 41.26
C TYR L 387 46.66 53.50 42.70
N GLU L 388 47.74 53.61 43.49
CA GLU L 388 47.65 53.29 44.91
C GLU L 388 46.71 54.24 45.62
N LYS L 389 46.74 55.53 45.25
CA LYS L 389 45.86 56.51 45.88
C LYS L 389 44.40 56.17 45.64
N GLU L 390 44.04 55.84 44.38
CA GLU L 390 42.65 55.54 44.09
C GLU L 390 42.23 54.20 44.69
N LYS L 391 43.13 53.21 44.72
CA LYS L 391 42.81 51.94 45.36
C LYS L 391 42.54 52.12 46.85
N LEU L 392 43.38 52.90 47.53
CA LEU L 392 43.15 53.14 48.95
C LEU L 392 41.92 54.02 49.18
N GLN L 393 41.62 54.94 48.25
CA GLN L 393 40.42 55.75 48.38
C GLN L 393 39.16 54.90 48.26
N GLU L 394 39.10 53.98 47.29
CA GLU L 394 37.94 53.10 47.19
C GLU L 394 37.90 52.13 48.35
N ARG L 395 39.06 51.72 48.88
CA ARG L 395 39.09 50.93 50.10
C ARG L 395 38.44 51.69 51.25
N LEU L 396 38.78 52.97 51.40
CA LEU L 396 38.16 53.79 52.43
C LEU L 396 36.66 53.91 52.20
N ALA L 397 36.25 54.09 50.95
CA ALA L 397 34.82 54.24 50.64
C ALA L 397 34.05 52.98 51.00
N LYS L 398 34.61 51.80 50.70
CA LYS L 398 33.92 50.55 50.93
C LYS L 398 34.16 49.97 52.33
N LEU L 399 35.03 50.58 53.13
CA LEU L 399 35.29 50.11 54.48
C LEU L 399 34.72 51.01 55.56
N SER L 400 34.86 52.33 55.43
CA SER L 400 34.38 53.24 56.46
C SER L 400 32.86 53.19 56.58
N GLY L 401 32.15 53.08 55.46
CA GLY L 401 30.70 53.07 55.46
C GLY L 401 30.10 51.88 56.20
N GLY L 402 30.68 50.71 56.01
CA GLY L 402 30.18 49.52 56.67
C GLY L 402 29.13 48.81 55.84
N VAL L 403 28.93 47.54 56.15
CA VAL L 403 27.95 46.72 55.43
C VAL L 403 26.58 46.88 56.07
N ALA L 404 25.61 47.31 55.29
CA ALA L 404 24.24 47.49 55.78
C ALA L 404 23.56 46.12 55.85
N VAL L 405 23.27 45.66 57.06
CA VAL L 405 22.66 44.35 57.28
C VAL L 405 21.29 44.56 57.93
N ILE L 406 20.30 43.86 57.42
CA ILE L 406 18.94 43.90 57.95
C ILE L 406 18.54 42.51 58.38
N LYS L 407 18.10 42.37 59.62
CA LYS L 407 17.62 41.10 60.14
C LYS L 407 16.14 40.97 59.85
N VAL L 408 15.79 40.13 58.87
CA VAL L 408 14.40 39.97 58.48
C VAL L 408 13.64 39.26 59.60
N GLY L 409 12.33 39.46 59.63
CA GLY L 409 11.47 38.85 60.63
C GLY L 409 10.49 37.86 60.03
N GLY L 410 9.66 37.30 60.90
CA GLY L 410 8.66 36.35 60.48
C GLY L 410 8.28 35.42 61.61
N SER L 411 7.25 34.64 61.35
CA SER L 411 6.73 33.67 62.32
C SER L 411 7.22 32.26 62.07
N SER L 412 6.92 31.71 60.89
CA SER L 412 7.32 30.36 60.54
C SER L 412 8.46 30.37 59.54
N GLU L 413 8.98 29.18 59.23
CA GLU L 413 10.07 29.08 58.27
C GLU L 413 9.63 29.52 56.87
N VAL L 414 8.45 29.09 56.43
CA VAL L 414 7.95 29.49 55.13
C VAL L 414 7.63 30.98 55.11
N GLU L 415 7.10 31.51 56.22
CA GLU L 415 6.80 32.93 56.30
C GLU L 415 8.07 33.77 56.23
N VAL L 416 9.10 33.40 57.00
CA VAL L 416 10.34 34.15 56.95
C VAL L 416 11.02 34.00 55.59
N GLY L 417 10.87 32.83 54.95
CA GLY L 417 11.43 32.67 53.61
C GLY L 417 10.77 33.57 52.59
N GLU L 418 9.43 33.60 52.58
CA GLU L 418 8.74 34.46 51.62
C GLU L 418 9.01 35.92 51.92
N LYS L 419 9.15 36.28 53.20
CA LYS L 419 9.53 37.65 53.55
C LYS L 419 10.92 37.97 53.02
N LYS L 420 11.86 37.02 53.13
CA LYS L 420 13.21 37.26 52.63
C LYS L 420 13.22 37.46 51.12
N ASP L 421 12.50 36.61 50.38
CA ASP L 421 12.43 36.80 48.93
C ASP L 421 11.77 38.13 48.56
N ARG L 422 10.68 38.48 49.24
CA ARG L 422 10.02 39.76 48.96
C ARG L 422 10.99 40.91 49.20
N PHE L 423 11.72 40.86 50.32
CA PHE L 423 12.69 41.90 50.62
C PHE L 423 13.79 41.95 49.58
N VAL L 424 14.24 40.79 49.09
CA VAL L 424 15.37 40.82 48.15
C VAL L 424 14.94 41.42 46.82
N ASP L 425 13.72 41.10 46.34
CA ASP L 425 13.33 41.74 45.07
C ASP L 425 13.07 43.22 45.27
N ALA L 426 12.48 43.60 46.42
CA ALA L 426 12.23 45.01 46.68
C ALA L 426 13.54 45.79 46.72
N LEU L 427 14.55 45.28 47.41
CA LEU L 427 15.83 45.97 47.48
C LEU L 427 16.55 45.97 46.13
N ASN L 428 16.43 44.90 45.35
CA ASN L 428 17.04 44.89 44.03
C ASN L 428 16.43 45.98 43.15
N ALA L 429 15.10 46.07 43.16
CA ALA L 429 14.43 47.12 42.39
C ALA L 429 14.82 48.50 42.89
N THR L 430 14.92 48.67 44.21
CA THR L 430 15.30 49.96 44.76
C THR L 430 16.71 50.36 44.34
N ARG L 431 17.66 49.41 44.37
CA ARG L 431 19.02 49.69 43.93
C ARG L 431 19.06 50.06 42.46
N ALA L 432 18.32 49.33 41.63
CA ALA L 432 18.27 49.67 40.21
C ALA L 432 17.73 51.09 40.02
N ALA L 433 16.65 51.43 40.72
CA ALA L 433 16.03 52.74 40.58
C ALA L 433 16.97 53.85 41.02
N VAL L 434 17.66 53.66 42.16
CA VAL L 434 18.54 54.74 42.63
C VAL L 434 19.76 54.88 41.73
N GLU L 435 20.32 53.76 41.22
CA GLU L 435 21.54 53.87 40.44
C GLU L 435 21.25 54.39 39.04
N GLU L 436 20.05 54.16 38.51
CA GLU L 436 19.71 54.64 37.17
C GLU L 436 18.60 55.68 37.17
N GLY L 437 17.44 55.36 37.72
CA GLY L 437 16.30 56.25 37.66
C GLY L 437 15.03 55.53 37.24
N ILE L 438 13.89 56.09 37.58
CA ILE L 438 12.60 55.45 37.30
C ILE L 438 11.94 56.12 36.11
N LEU L 439 11.08 55.37 35.43
CA LEU L 439 10.31 55.83 34.29
C LEU L 439 8.89 55.29 34.39
N PRO L 440 7.92 55.97 33.78
CA PRO L 440 6.54 55.45 33.79
C PRO L 440 6.44 54.07 33.15
N GLY L 441 5.97 53.09 33.92
CA GLY L 441 5.89 51.73 33.46
C GLY L 441 4.70 51.49 32.55
N GLY L 442 4.53 50.23 32.16
CA GLY L 442 3.46 49.85 31.27
C GLY L 442 3.70 50.16 29.81
N GLY L 443 4.93 50.48 29.44
CA GLY L 443 5.26 50.80 28.07
C GLY L 443 4.97 52.22 27.65
N THR L 444 4.47 53.07 28.55
CA THR L 444 4.19 54.45 28.20
C THR L 444 5.46 55.20 27.81
N ALA L 445 6.54 54.98 28.56
CA ALA L 445 7.80 55.64 28.26
C ALA L 445 8.32 55.27 26.89
N LEU L 446 8.17 54.00 26.50
CA LEU L 446 8.58 53.57 25.17
C LEU L 446 7.79 54.29 24.09
N ILE L 447 6.47 54.43 24.28
CA ILE L 447 5.64 55.12 23.30
C ILE L 447 6.07 56.57 23.17
N LYS L 448 6.27 57.23 24.32
CA LYS L 448 6.66 58.65 24.29
C LYS L 448 8.01 58.82 23.62
N ALA L 449 8.96 57.92 23.89
CA ALA L 449 10.26 58.00 23.25
C ALA L 449 10.16 57.78 21.75
N SER L 450 9.40 56.76 21.33
CA SER L 450 9.25 56.49 19.91
C SER L 450 8.53 57.62 19.17
N VAL L 451 7.70 58.39 19.87
CA VAL L 451 6.99 59.47 19.20
C VAL L 451 7.80 60.77 19.19
N ASN L 452 8.47 61.11 20.28
CA ASN L 452 9.18 62.39 20.40
C ASN L 452 10.66 62.29 20.13
N ALA L 453 11.17 61.13 19.74
CA ALA L 453 12.62 60.95 19.56
C ALA L 453 13.01 60.69 18.12
N LEU L 454 12.42 59.69 17.49
CA LEU L 454 12.83 59.26 16.14
C LEU L 454 12.39 60.24 15.05
N ASN L 455 11.53 61.20 15.36
CA ASN L 455 11.10 62.16 14.35
C ASN L 455 12.20 63.15 13.99
N ASN L 456 13.22 63.30 14.85
CA ASN L 456 14.30 64.23 14.59
C ASN L 456 15.42 63.62 13.75
N LEU L 457 15.60 62.30 13.81
CA LEU L 457 16.68 61.66 13.08
C LEU L 457 16.48 61.83 11.57
N LYS L 458 17.59 62.08 10.87
CA LYS L 458 17.58 62.28 9.42
C LYS L 458 18.63 61.37 8.81
N PRO L 459 18.30 60.09 8.59
CA PRO L 459 19.26 59.17 7.97
C PRO L 459 19.63 59.61 6.56
N ALA L 460 20.86 59.29 6.16
CA ALA L 460 21.36 59.71 4.86
C ALA L 460 20.74 58.89 3.74
N ASN L 461 20.98 57.58 3.75
CA ASN L 461 20.49 56.71 2.70
C ASN L 461 19.05 56.29 3.00
N PHE L 462 18.55 55.30 2.25
CA PHE L 462 17.15 54.90 2.34
C PHE L 462 16.94 53.73 3.30
N ASP L 463 17.83 52.74 3.28
CA ASP L 463 17.68 51.58 4.16
C ASP L 463 17.83 51.97 5.62
N GLN L 464 18.62 53.00 5.93
CA GLN L 464 18.67 53.51 7.29
C GLN L 464 17.33 54.06 7.73
N GLN L 465 16.65 54.79 6.83
CA GLN L 465 15.30 55.26 7.13
C GLN L 465 14.34 54.08 7.33
N LEU L 466 14.49 53.04 6.51
CA LEU L 466 13.66 51.85 6.68
C LEU L 466 13.89 51.21 8.04
N GLY L 467 15.15 51.13 8.48
CA GLY L 467 15.44 50.58 9.80
C GLY L 467 14.90 51.43 10.92
N VAL L 468 14.96 52.76 10.76
CA VAL L 468 14.39 53.66 11.76
C VAL L 468 12.88 53.44 11.86
N ASN L 469 12.21 53.32 10.71
CA ASN L 469 10.78 53.02 10.72
C ASN L 469 10.51 51.65 11.37
N ILE L 470 11.39 50.69 11.13
CA ILE L 470 11.24 49.36 11.72
C ILE L 470 11.29 49.45 13.25
N ILE L 471 12.27 50.19 13.77
CA ILE L 471 12.40 50.31 15.22
C ILE L 471 11.22 51.10 15.78
N LYS L 472 10.73 52.10 15.05
CA LYS L 472 9.57 52.86 15.51
C LYS L 472 8.32 51.98 15.61
N ASN L 473 8.14 51.09 14.63
CA ASN L 473 6.99 50.19 14.67
C ASN L 473 7.17 49.11 15.73
N ALA L 474 8.41 48.70 16.00
CA ALA L 474 8.65 47.60 16.93
C ALA L 474 8.69 48.05 18.38
N ILE L 475 8.95 49.33 18.65
CA ILE L 475 9.03 49.79 20.04
C ILE L 475 7.67 49.67 20.73
N THR L 476 6.59 49.89 19.99
CA THR L 476 5.25 49.90 20.57
C THR L 476 4.70 48.50 20.86
N ARG L 477 5.44 47.44 20.51
CA ARG L 477 4.91 46.09 20.69
C ARG L 477 4.66 45.74 22.16
N PRO L 478 5.57 45.99 23.11
CA PRO L 478 5.23 45.65 24.51
C PRO L 478 3.99 46.34 25.03
N ALA L 479 3.78 47.61 24.69
CA ALA L 479 2.57 48.30 25.12
C ALA L 479 1.33 47.68 24.51
N ARG L 480 1.41 47.30 23.23
CA ARG L 480 0.29 46.63 22.57
C ARG L 480 -0.04 45.31 23.27
N MET L 481 0.99 44.52 23.61
CA MET L 481 0.75 43.26 24.30
C MET L 481 0.15 43.50 25.68
N ILE L 482 0.64 44.52 26.41
CA ILE L 482 0.12 44.80 27.73
C ILE L 482 -1.35 45.18 27.65
N VAL L 483 -1.71 46.02 26.70
CA VAL L 483 -3.10 46.45 26.56
C VAL L 483 -3.99 45.29 26.12
N GLU L 484 -3.50 44.47 25.19
CA GLU L 484 -4.31 43.37 24.68
C GLU L 484 -4.49 42.26 25.70
N ASN L 485 -3.54 42.14 26.65
CA ASN L 485 -3.67 41.11 27.68
C ASN L 485 -4.90 41.36 28.55
N ALA L 486 -5.16 42.62 28.91
CA ALA L 486 -6.34 42.93 29.71
C ALA L 486 -7.62 42.64 28.94
N GLY L 487 -7.65 42.97 27.65
CA GLY L 487 -8.82 42.71 26.84
C GLY L 487 -9.18 43.85 25.91
N LEU L 488 -8.85 45.08 26.31
CA LEU L 488 -9.15 46.24 25.47
C LEU L 488 -8.29 46.24 24.22
N GLU L 489 -8.79 46.89 23.18
CA GLU L 489 -8.06 46.97 21.92
C GLU L 489 -6.81 47.82 22.08
N GLY L 490 -5.67 47.30 21.62
CA GLY L 490 -4.43 48.03 21.79
C GLY L 490 -4.25 49.19 20.82
N SER L 491 -4.85 49.08 19.64
CA SER L 491 -4.65 50.11 18.62
C SER L 491 -5.20 51.46 19.08
N VAL L 492 -6.43 51.47 19.60
CA VAL L 492 -7.05 52.72 20.03
C VAL L 492 -6.29 53.31 21.21
N VAL L 493 -5.87 52.46 22.16
CA VAL L 493 -5.13 52.94 23.32
C VAL L 493 -3.81 53.57 22.91
N ILE L 494 -3.08 52.89 22.01
CA ILE L 494 -1.80 53.42 21.54
C ILE L 494 -2.00 54.72 20.78
N GLY L 495 -3.06 54.79 19.96
CA GLY L 495 -3.34 56.04 19.26
C GLY L 495 -3.65 57.18 20.20
N LYS L 496 -4.42 56.92 21.25
CA LYS L 496 -4.73 57.95 22.22
C LYS L 496 -3.48 58.40 22.99
N ILE L 497 -2.62 57.44 23.35
CA ILE L 497 -1.42 57.77 24.12
C ILE L 497 -0.45 58.57 23.27
N SER L 498 -0.21 58.13 22.03
CA SER L 498 0.83 58.72 21.21
C SER L 498 0.44 60.11 20.71
N ASP L 499 -0.82 60.31 20.37
CA ASP L 499 -1.27 61.55 19.75
C ASP L 499 -1.89 62.53 20.74
N GLU L 500 -2.91 62.10 21.48
CA GLU L 500 -3.61 63.03 22.37
C GLU L 500 -2.71 63.48 23.52
N TYR L 501 -1.89 62.59 24.05
CA TYR L 501 -1.06 62.87 25.22
C TYR L 501 0.42 62.81 24.86
N ALA L 502 0.79 63.35 23.69
CA ALA L 502 2.19 63.36 23.29
C ALA L 502 3.03 64.25 24.20
N ALA L 503 2.50 65.41 24.57
CA ALA L 503 3.26 66.35 25.39
C ALA L 503 3.51 65.80 26.78
N ASP L 504 2.51 65.17 27.38
CA ASP L 504 2.63 64.67 28.74
C ASP L 504 3.32 63.31 28.72
N PHE L 505 4.56 63.28 29.20
CA PHE L 505 5.30 62.02 29.24
C PHE L 505 4.67 61.03 30.21
N ASN L 506 4.23 61.51 31.38
CA ASN L 506 3.70 60.61 32.40
C ASN L 506 2.31 60.08 32.04
N LYS L 507 1.60 60.73 31.13
CA LYS L 507 0.26 60.28 30.78
C LYS L 507 0.34 59.02 29.93
N GLY L 508 -0.45 58.03 30.31
CA GLY L 508 -0.50 56.77 29.58
C GLY L 508 -1.79 56.05 29.86
N PHE L 509 -1.73 54.72 29.82
CA PHE L 509 -2.89 53.87 30.06
C PHE L 509 -2.62 52.98 31.28
N ASN L 510 -3.55 52.98 32.22
CA ASN L 510 -3.47 52.12 33.39
C ASN L 510 -4.32 50.87 33.12
N SER L 511 -3.64 49.77 32.81
CA SER L 511 -4.35 48.53 32.47
C SER L 511 -5.08 47.94 33.67
N ALA L 512 -4.70 48.31 34.89
CA ALA L 512 -5.36 47.76 36.08
C ALA L 512 -6.81 48.20 36.14
N THR L 513 -7.09 49.47 35.82
CA THR L 513 -8.45 49.99 35.91
C THR L 513 -9.02 50.44 34.56
N GLY L 514 -8.18 50.71 33.57
CA GLY L 514 -8.64 51.15 32.28
C GLY L 514 -8.81 52.64 32.11
N GLU L 515 -8.27 53.45 33.03
CA GLU L 515 -8.37 54.90 32.96
C GLU L 515 -6.99 55.49 32.66
N TYR L 516 -6.96 56.53 31.84
CA TYR L 516 -5.72 57.19 31.46
C TYR L 516 -5.26 58.07 32.61
N VAL L 517 -4.38 57.52 33.46
CA VAL L 517 -3.85 58.23 34.61
C VAL L 517 -2.33 58.17 34.57
N ASP L 518 -1.70 59.08 35.31
CA ASP L 518 -0.25 59.13 35.37
C ASP L 518 0.28 58.00 36.24
N MET L 519 1.27 57.27 35.74
CA MET L 519 1.88 56.19 36.52
C MET L 519 2.65 56.71 37.73
N ILE L 520 3.13 57.95 37.70
CA ILE L 520 3.85 58.51 38.84
C ILE L 520 2.94 58.57 40.06
N GLN L 521 1.71 59.09 39.87
CA GLN L 521 0.75 59.13 40.96
C GLN L 521 0.13 57.76 41.21
N ALA L 522 -0.09 56.98 40.15
CA ALA L 522 -0.70 55.67 40.30
C ALA L 522 0.24 54.65 40.93
N GLY L 523 1.55 54.91 40.90
CA GLY L 523 2.53 54.03 41.49
C GLY L 523 3.24 53.12 40.51
N ILE L 524 2.70 52.96 39.29
CA ILE L 524 3.37 52.14 38.29
C ILE L 524 4.68 52.78 37.88
N LEU L 525 5.72 51.96 37.74
CA LEU L 525 7.03 52.47 37.35
C LEU L 525 7.80 51.38 36.62
N ASP L 526 8.87 51.82 35.94
CA ASP L 526 9.83 50.93 35.32
C ASP L 526 11.18 51.63 35.42
N PRO L 527 12.15 51.03 36.10
CA PRO L 527 13.47 51.66 36.21
C PRO L 527 14.12 51.82 34.84
N LEU L 528 14.93 52.87 34.72
CA LEU L 528 15.60 53.13 33.44
C LEU L 528 16.56 52.00 33.09
N LYS L 529 17.26 51.45 34.10
CA LYS L 529 18.30 50.46 33.84
C LYS L 529 17.73 49.23 33.16
N VAL L 530 16.64 48.68 33.71
CA VAL L 530 16.11 47.43 33.18
C VAL L 530 15.59 47.60 31.76
N VAL L 531 14.81 48.66 31.52
CA VAL L 531 14.24 48.86 30.18
C VAL L 531 15.34 49.18 29.18
N ARG L 532 16.34 49.98 29.58
CA ARG L 532 17.42 50.34 28.68
C ARG L 532 18.24 49.12 28.30
N THR L 533 18.62 48.30 29.28
CA THR L 533 19.42 47.11 28.97
C THR L 533 18.61 46.09 28.19
N GLY L 534 17.30 45.97 28.48
CA GLY L 534 16.48 45.08 27.69
C GLY L 534 16.37 45.50 26.25
N LEU L 535 16.15 46.80 26.01
CA LEU L 535 16.09 47.30 24.64
C LEU L 535 17.41 47.13 23.92
N ILE L 536 18.53 47.41 24.60
CA ILE L 536 19.83 47.28 23.97
C ILE L 536 20.11 45.83 23.60
N ASP L 537 19.87 44.90 24.53
CA ASP L 537 20.11 43.49 24.25
C ASP L 537 19.19 42.98 23.17
N ALA L 538 17.91 43.39 23.19
CA ALA L 538 16.99 42.95 22.15
C ALA L 538 17.41 43.44 20.78
N SER L 539 17.79 44.72 20.68
CA SER L 539 18.21 45.27 19.40
C SER L 539 19.48 44.57 18.91
N GLY L 540 20.44 44.36 19.80
CA GLY L 540 21.66 43.68 19.39
C GLY L 540 21.41 42.26 18.93
N VAL L 541 20.59 41.51 19.67
CA VAL L 541 20.31 40.12 19.32
C VAL L 541 19.55 40.05 18.00
N ALA L 542 18.57 40.93 17.81
CA ALA L 542 17.82 40.93 16.55
C ALA L 542 18.72 41.30 15.37
N SER L 543 19.57 42.30 15.54
CA SER L 543 20.48 42.70 14.47
C SER L 543 21.45 41.58 14.14
N LEU L 544 21.97 40.89 15.15
CA LEU L 544 22.86 39.76 14.91
C LEU L 544 22.15 38.62 14.20
N LEU L 545 20.92 38.32 14.64
CA LEU L 545 20.18 37.20 14.07
C LEU L 545 19.71 37.50 12.65
N GLY L 546 19.56 38.77 12.31
CA GLY L 546 19.13 39.13 10.96
C GLY L 546 20.22 39.07 9.93
N THR L 547 21.45 38.73 10.32
CA THR L 547 22.56 38.68 9.39
C THR L 547 23.31 37.34 9.49
N THR L 548 22.56 36.24 9.52
CA THR L 548 23.13 34.89 9.57
C THR L 548 22.46 34.06 8.48
N GLU L 549 23.10 34.00 7.31
CA GLU L 549 22.57 33.18 6.22
C GLU L 549 22.71 31.69 6.54
N VAL L 550 23.82 31.31 7.16
CA VAL L 550 24.16 29.91 7.41
C VAL L 550 23.97 29.61 8.89
N ALA L 551 23.41 28.44 9.18
CA ALA L 551 23.21 27.97 10.55
C ALA L 551 23.15 26.46 10.51
N ILE L 552 23.96 25.80 11.34
CA ILE L 552 24.06 24.36 11.35
C ILE L 552 23.57 23.81 12.68
N VAL L 553 23.05 22.59 12.64
CA VAL L 553 22.59 21.89 13.84
C VAL L 553 23.14 20.46 13.81
N GLU L 554 23.11 19.82 14.98
CA GLU L 554 23.61 18.46 15.11
C GLU L 554 22.55 17.48 14.60
N ALA L 555 22.82 16.19 14.74
CA ALA L 555 21.91 15.15 14.29
C ALA L 555 20.66 15.09 15.17
N ALA M 28 14.27 17.74 27.88
CA ALA M 28 14.64 18.76 26.90
C ALA M 28 13.85 18.56 25.61
N HIS M 29 12.54 18.35 25.73
CA HIS M 29 11.69 18.14 24.57
C HIS M 29 10.27 18.48 24.97
N LYS M 30 9.72 19.54 24.38
CA LYS M 30 8.39 20.03 24.73
C LYS M 30 7.59 20.33 23.48
N GLU M 31 6.27 20.26 23.60
CA GLU M 31 5.35 20.66 22.55
C GLU M 31 4.38 21.69 23.11
N LEU M 32 4.03 22.67 22.29
CA LEU M 32 3.26 23.82 22.74
C LEU M 32 1.87 23.80 22.13
N LYS M 33 0.87 24.19 22.93
CA LYS M 33 -0.50 24.38 22.47
C LYS M 33 -0.96 25.76 22.92
N PHE M 34 -1.52 26.53 22.00
CA PHE M 34 -1.80 27.94 22.22
C PHE M 34 -3.29 28.21 22.26
N GLY M 35 -3.73 28.88 23.32
CA GLY M 35 -5.07 29.46 23.34
C GLY M 35 -6.16 28.41 23.30
N VAL M 36 -6.95 28.44 22.22
CA VAL M 36 -8.18 27.67 22.15
C VAL M 36 -7.88 26.17 22.17
N GLU M 37 -6.79 25.75 21.52
CA GLU M 37 -6.47 24.33 21.46
C GLU M 37 -6.14 23.79 22.86
N GLY M 38 -5.26 24.48 23.58
CA GLY M 38 -4.92 24.05 24.92
C GLY M 38 -6.11 24.12 25.86
N ARG M 39 -6.92 25.17 25.73
CA ARG M 39 -8.10 25.29 26.57
C ARG M 39 -9.09 24.15 26.31
N ALA M 40 -9.25 23.77 25.04
CA ALA M 40 -10.14 22.66 24.70
C ALA M 40 -9.60 21.33 25.24
N ALA M 41 -8.28 21.14 25.17
CA ALA M 41 -7.69 19.92 25.72
C ALA M 41 -7.91 19.83 27.22
N LEU M 42 -7.68 20.95 27.92
CA LEU M 42 -7.92 20.97 29.37
C LEU M 42 -9.39 20.75 29.68
N LEU M 43 -10.28 21.34 28.87
CA LEU M 43 -11.71 21.10 29.04
C LEU M 43 -12.03 19.63 28.92
N ASN M 44 -11.49 18.97 27.89
CA ASN M 44 -11.78 17.55 27.69
C ASN M 44 -11.29 16.72 28.86
N GLY M 45 -10.05 16.98 29.31
CA GLY M 45 -9.52 16.21 30.43
C GLY M 45 -10.32 16.40 31.71
N VAL M 46 -10.61 17.67 32.04
CA VAL M 46 -11.34 17.97 33.27
C VAL M 46 -12.74 17.40 33.21
N GLU M 47 -13.41 17.53 32.06
CA GLU M 47 -14.76 17.01 31.92
C GLU M 47 -14.79 15.49 32.04
N THR M 48 -13.81 14.80 31.44
CA THR M 48 -13.76 13.35 31.55
C THR M 48 -13.56 12.93 33.00
N LEU M 49 -12.61 13.56 33.69
CA LEU M 49 -12.36 13.17 35.08
C LEU M 49 -13.57 13.46 35.95
N ALA M 50 -14.21 14.62 35.76
CA ALA M 50 -15.36 14.97 36.57
C ALA M 50 -16.55 14.06 36.29
N LYS M 51 -16.75 13.68 35.03
CA LYS M 51 -17.82 12.75 34.70
C LYS M 51 -17.57 11.38 35.33
N ALA M 52 -16.31 10.94 35.34
CA ALA M 52 -15.99 9.69 36.03
C ALA M 52 -16.23 9.79 37.53
N VAL M 53 -15.86 10.91 38.13
CA VAL M 53 -15.95 11.06 39.58
C VAL M 53 -17.41 11.19 40.02
N ALA M 54 -18.21 11.96 39.29
CA ALA M 54 -19.56 12.29 39.73
C ALA M 54 -20.48 11.09 39.74
N THR M 55 -20.07 9.96 39.15
CA THR M 55 -20.90 8.77 39.15
C THR M 55 -21.15 8.22 40.55
N THR M 56 -20.33 8.59 41.52
CA THR M 56 -20.51 8.15 42.90
C THR M 56 -21.12 9.23 43.80
N LEU M 57 -21.54 10.35 43.22
CA LEU M 57 -22.08 11.46 43.99
C LEU M 57 -23.45 11.10 44.57
N GLY M 58 -23.70 11.59 45.78
CA GLY M 58 -24.98 11.41 46.43
C GLY M 58 -25.08 10.09 47.16
N PRO M 59 -26.08 9.99 48.05
CA PRO M 59 -26.28 8.70 48.75
C PRO M 59 -26.57 7.56 47.80
N LYS M 60 -27.24 7.83 46.69
CA LYS M 60 -27.56 6.80 45.69
C LYS M 60 -26.47 6.76 44.62
N GLY M 61 -25.23 6.59 45.08
CA GLY M 61 -24.10 6.54 44.19
C GLY M 61 -23.99 5.20 43.48
N ARG M 62 -23.00 5.11 42.60
CA ARG M 62 -22.79 3.91 41.81
C ARG M 62 -21.31 3.55 41.84
N ASN M 63 -21.02 2.25 41.81
CA ASN M 63 -19.69 1.77 42.14
C ASN M 63 -18.70 1.96 40.99
N VAL M 64 -17.42 1.81 41.31
CA VAL M 64 -16.32 1.88 40.36
C VAL M 64 -15.51 0.61 40.46
N LEU M 65 -14.89 0.20 39.35
CA LEU M 65 -14.07 -1.01 39.31
C LEU M 65 -12.60 -0.62 39.24
N ILE M 66 -11.85 -0.96 40.30
CA ILE M 66 -10.44 -0.64 40.39
C ILE M 66 -9.66 -1.93 40.59
N GLU M 67 -8.56 -2.07 39.86
CA GLU M 67 -7.68 -3.23 39.98
C GLU M 67 -6.30 -2.81 40.49
N SER M 68 -5.81 -3.57 41.45
CA SER M 68 -4.49 -3.38 42.02
C SER M 68 -3.44 -3.93 41.07
N THR M 69 -2.18 -3.52 41.30
CA THR M 69 -1.09 -4.01 40.47
C THR M 69 -0.90 -5.51 40.63
N PHE M 70 -1.02 -6.01 41.86
CA PHE M 70 -0.89 -7.43 42.14
C PHE M 70 -2.20 -7.95 42.73
N GLY M 71 -2.49 -9.22 42.48
CA GLY M 71 -3.68 -9.84 43.03
C GLY M 71 -4.88 -9.76 42.11
N SER M 72 -6.00 -9.28 42.65
CA SER M 72 -7.27 -9.21 41.93
C SER M 72 -7.95 -7.89 42.22
N PRO M 73 -8.84 -7.44 41.32
CA PRO M 73 -9.42 -6.10 41.45
C PRO M 73 -10.31 -5.96 42.68
N LYS M 74 -10.39 -4.72 43.16
CA LYS M 74 -11.23 -4.34 44.28
C LYS M 74 -12.43 -3.54 43.79
N ILE M 75 -13.21 -3.02 44.72
CA ILE M 75 -14.38 -2.20 44.44
C ILE M 75 -14.17 -0.83 45.05
N THR M 76 -14.82 0.18 44.49
CA THR M 76 -14.71 1.55 44.95
C THR M 76 -16.06 2.25 44.82
N LYS M 77 -16.49 2.91 45.90
CA LYS M 77 -17.73 3.68 45.87
C LYS M 77 -17.54 5.15 46.26
N ASP M 78 -16.32 5.56 46.63
CA ASP M 78 -16.04 6.94 46.99
C ASP M 78 -15.51 7.71 45.77
N GLY M 79 -15.02 8.92 46.00
CA GLY M 79 -14.56 9.75 44.91
C GLY M 79 -13.07 10.07 44.94
N VAL M 80 -12.47 10.07 46.13
CA VAL M 80 -11.08 10.48 46.26
C VAL M 80 -10.16 9.49 45.56
N THR M 81 -10.38 8.19 45.75
CA THR M 81 -9.49 7.19 45.17
C THR M 81 -9.61 7.16 43.64
N VAL M 82 -10.83 7.19 43.12
CA VAL M 82 -11.00 7.18 41.67
C VAL M 82 -10.47 8.47 41.06
N ALA M 83 -10.62 9.60 41.77
CA ALA M 83 -10.05 10.85 41.29
C ALA M 83 -8.54 10.79 41.23
N LYS M 84 -7.91 10.20 42.25
CA LYS M 84 -6.46 10.09 42.29
C LYS M 84 -5.91 9.02 41.36
N ALA M 85 -6.74 8.07 40.94
CA ALA M 85 -6.29 6.95 40.10
C ALA M 85 -6.73 7.10 38.64
N ILE M 86 -6.73 8.33 38.12
CA ILE M 86 -7.14 8.58 36.74
C ILE M 86 -6.00 9.28 36.01
N SER M 87 -5.62 8.74 34.85
CA SER M 87 -4.61 9.37 34.00
C SER M 87 -5.06 9.17 32.55
N LEU M 88 -5.31 10.28 31.86
CA LEU M 88 -5.91 10.21 30.53
C LEU M 88 -4.85 9.87 29.47
N LYS M 89 -5.32 9.74 28.22
CA LYS M 89 -4.42 9.41 27.12
C LYS M 89 -3.53 10.57 26.75
N ASP M 90 -4.13 11.70 26.38
CA ASP M 90 -3.36 12.86 25.96
C ASP M 90 -2.63 13.49 27.14
N LYS M 91 -1.48 14.09 26.86
CA LYS M 91 -0.67 14.70 27.91
C LYS M 91 -1.37 15.91 28.52
N PHE M 92 -2.04 16.72 27.71
CA PHE M 92 -2.74 17.90 28.22
C PHE M 92 -3.94 17.50 29.05
N GLU M 93 -4.68 16.48 28.62
CA GLU M 93 -5.78 15.96 29.42
C GLU M 93 -5.28 15.44 30.76
N ASN M 94 -4.13 14.74 30.74
CA ASN M 94 -3.54 14.27 31.97
C ASN M 94 -3.11 15.43 32.87
N LEU M 95 -2.61 16.51 32.26
CA LEU M 95 -2.22 17.70 33.02
C LEU M 95 -3.42 18.31 33.72
N GLY M 96 -4.53 18.49 32.98
CA GLY M 96 -5.74 19.02 33.60
C GLY M 96 -6.28 18.11 34.69
N ALA M 97 -6.26 16.79 34.45
CA ALA M 97 -6.71 15.85 35.45
C ALA M 97 -5.83 15.90 36.69
N LYS M 98 -4.53 16.09 36.52
CA LYS M 98 -3.63 16.16 37.66
C LYS M 98 -3.83 17.44 38.46
N LEU M 99 -4.10 18.56 37.79
CA LEU M 99 -4.43 19.78 38.52
C LEU M 99 -5.72 19.63 39.29
N LEU M 100 -6.74 19.01 38.67
CA LEU M 100 -7.99 18.74 39.38
C LEU M 100 -7.75 17.79 40.55
N ALA M 101 -6.85 16.83 40.40
CA ALA M 101 -6.49 15.95 41.51
C ALA M 101 -5.81 16.72 42.63
N GLU M 102 -4.95 17.68 42.29
CA GLU M 102 -4.35 18.53 43.31
C GLU M 102 -5.41 19.25 44.12
N VAL M 103 -6.33 19.94 43.44
CA VAL M 103 -7.31 20.71 44.19
C VAL M 103 -8.25 19.79 44.98
N ALA M 104 -8.61 18.64 44.41
CA ALA M 104 -9.45 17.69 45.13
C ALA M 104 -8.77 17.15 46.37
N SER M 105 -7.47 16.82 46.26
CA SER M 105 -6.72 16.32 47.41
C SER M 105 -6.57 17.40 48.48
N LYS M 106 -6.34 18.65 48.06
CA LYS M 106 -6.27 19.74 49.03
C LYS M 106 -7.60 19.90 49.76
N THR M 107 -8.71 19.83 49.02
CA THR M 107 -10.03 19.94 49.66
C THR M 107 -10.26 18.78 50.62
N ASN M 108 -9.88 17.56 50.23
CA ASN M 108 -10.07 16.41 51.09
C ASN M 108 -9.23 16.52 52.36
N GLU M 109 -7.99 16.97 52.23
CA GLU M 109 -7.15 17.14 53.41
C GLU M 109 -7.68 18.25 54.32
N VAL M 110 -8.20 19.33 53.74
CA VAL M 110 -8.71 20.43 54.55
C VAL M 110 -9.98 20.00 55.29
N ALA M 111 -10.92 19.37 54.57
CA ALA M 111 -12.23 19.07 55.13
C ALA M 111 -12.41 17.59 55.44
N GLY M 112 -12.23 16.72 54.45
CA GLY M 112 -12.45 15.29 54.61
C GLY M 112 -13.53 14.72 53.70
N ASP M 113 -14.32 15.56 53.06
CA ASP M 113 -15.38 15.12 52.15
C ASP M 113 -15.65 16.22 51.14
N GLY M 114 -16.75 16.09 50.41
CA GLY M 114 -17.13 17.08 49.44
C GLY M 114 -16.24 17.19 48.23
N THR M 115 -15.38 16.19 48.00
CA THR M 115 -14.48 16.24 46.84
C THR M 115 -15.25 16.19 45.54
N THR M 116 -16.24 15.30 45.45
CA THR M 116 -17.00 15.16 44.21
C THR M 116 -17.77 16.43 43.86
N THR M 117 -18.40 17.05 44.87
CA THR M 117 -19.14 18.28 44.61
C THR M 117 -18.21 19.39 44.14
N ALA M 118 -17.03 19.52 44.76
CA ALA M 118 -16.08 20.53 44.34
C ALA M 118 -15.60 20.27 42.92
N THR M 119 -15.33 19.02 42.59
CA THR M 119 -14.89 18.69 41.22
C THR M 119 -15.97 19.01 40.20
N VAL M 120 -17.22 18.68 40.51
CA VAL M 120 -18.32 18.95 39.58
C VAL M 120 -18.50 20.46 39.40
N LEU M 121 -18.45 21.21 40.50
CA LEU M 121 -18.59 22.66 40.40
C LEU M 121 -17.45 23.27 39.59
N ALA M 122 -16.22 22.80 39.81
CA ALA M 122 -15.09 23.31 39.05
C ALA M 122 -15.25 23.01 37.57
N ARG M 123 -15.67 21.79 37.23
CA ARG M 123 -15.88 21.44 35.84
C ARG M 123 -16.93 22.32 35.20
N ALA M 124 -18.06 22.54 35.90
CA ALA M 124 -19.13 23.35 35.34
C ALA M 124 -18.68 24.78 35.12
N ILE M 125 -18.02 25.37 36.11
CA ILE M 125 -17.57 26.76 35.99
C ILE M 125 -16.54 26.90 34.88
N PHE M 126 -15.60 25.96 34.80
CA PHE M 126 -14.59 26.03 33.75
C PHE M 126 -15.22 25.89 32.36
N SER M 127 -16.17 24.96 32.20
CA SER M 127 -16.81 24.78 30.91
C SER M 127 -17.57 26.03 30.50
N GLU M 128 -18.35 26.61 31.41
CA GLU M 128 -19.08 27.83 31.08
C GLU M 128 -18.12 28.96 30.76
N MET M 129 -17.02 29.08 31.52
CA MET M 129 -16.06 30.16 31.28
C MET M 129 -15.42 30.04 29.91
N VAL M 130 -15.00 28.83 29.53
CA VAL M 130 -14.36 28.68 28.23
C VAL M 130 -15.38 28.85 27.11
N LYS M 131 -16.62 28.42 27.32
CA LYS M 131 -17.65 28.65 26.31
C LYS M 131 -17.89 30.13 26.10
N ASN M 132 -17.94 30.91 27.19
CA ASN M 132 -18.10 32.36 27.06
C ASN M 132 -16.88 33.02 26.44
N VAL M 133 -15.68 32.51 26.76
CA VAL M 133 -14.46 33.07 26.18
C VAL M 133 -14.43 32.85 24.68
N ALA M 134 -14.89 31.67 24.23
CA ALA M 134 -14.96 31.40 22.80
C ALA M 134 -15.91 32.36 22.08
N ALA M 135 -16.82 32.99 22.80
CA ALA M 135 -17.73 33.96 22.21
C ALA M 135 -17.14 35.37 22.16
N GLY M 136 -15.93 35.58 22.67
CA GLY M 136 -15.29 36.88 22.62
C GLY M 136 -15.38 37.70 23.88
N CYS M 137 -15.95 37.16 24.96
CA CYS M 137 -16.06 37.91 26.20
C CYS M 137 -14.70 38.06 26.87
N ASN M 138 -14.58 39.09 27.71
CA ASN M 138 -13.33 39.36 28.39
C ASN M 138 -13.15 38.41 29.56
N PRO M 139 -12.09 37.59 29.58
CA PRO M 139 -11.90 36.65 30.69
C PRO M 139 -11.73 37.34 32.05
N MET M 140 -11.10 38.50 32.08
CA MET M 140 -10.84 39.17 33.35
C MET M 140 -12.13 39.64 34.01
N ASP M 141 -13.02 40.24 33.23
CA ASP M 141 -14.30 40.68 33.78
C ASP M 141 -15.13 39.48 34.22
N LEU M 142 -15.09 38.38 33.46
CA LEU M 142 -15.77 37.16 33.87
C LEU M 142 -15.23 36.65 35.20
N ARG M 143 -13.91 36.64 35.36
CA ARG M 143 -13.32 36.18 36.62
C ARG M 143 -13.72 37.07 37.77
N ARG M 144 -13.70 38.39 37.58
CA ARG M 144 -14.11 39.31 38.64
C ARG M 144 -15.57 39.10 39.01
N GLY M 145 -16.43 38.91 38.01
CA GLY M 145 -17.84 38.69 38.28
C GLY M 145 -18.09 37.40 39.04
N ILE M 146 -17.43 36.31 38.63
CA ILE M 146 -17.63 35.06 39.35
C ILE M 146 -17.05 35.14 40.75
N GLN M 147 -15.95 35.87 40.95
CA GLN M 147 -15.41 36.03 42.29
C GLN M 147 -16.38 36.78 43.19
N ALA M 148 -16.94 37.88 42.69
CA ALA M 148 -17.92 38.64 43.48
C ALA M 148 -19.15 37.80 43.78
N ALA M 149 -19.62 37.03 42.79
CA ALA M 149 -20.79 36.20 43.00
C ALA M 149 -20.53 35.09 44.01
N VAL M 150 -19.33 34.49 43.96
CA VAL M 150 -18.98 33.46 44.92
C VAL M 150 -18.90 34.05 46.33
N ASP M 151 -18.34 35.26 46.45
CA ASP M 151 -18.30 35.92 47.75
C ASP M 151 -19.72 36.17 48.27
N ALA M 152 -20.62 36.63 47.41
CA ALA M 152 -21.99 36.84 47.83
C ALA M 152 -22.65 35.53 48.26
N VAL M 153 -22.38 34.45 47.51
CA VAL M 153 -22.97 33.16 47.83
C VAL M 153 -22.51 32.66 49.19
N VAL M 154 -21.20 32.74 49.45
CA VAL M 154 -20.70 32.24 50.73
C VAL M 154 -21.18 33.12 51.87
N GLU M 155 -21.29 34.43 51.63
CA GLU M 155 -21.82 35.32 52.66
C GLU M 155 -23.27 34.96 52.98
N TYR M 156 -24.08 34.68 51.96
CA TYR M 156 -25.47 34.29 52.20
C TYR M 156 -25.53 32.95 52.94
N LEU M 157 -24.66 32.01 52.57
CA LEU M 157 -24.65 30.72 53.25
C LEU M 157 -24.28 30.89 54.72
N GLN M 158 -23.30 31.73 55.01
CA GLN M 158 -22.92 31.98 56.40
C GLN M 158 -24.04 32.67 57.16
N GLN M 159 -24.76 33.58 56.50
CA GLN M 159 -25.84 34.29 57.17
C GLN M 159 -26.98 33.36 57.57
N ASN M 160 -27.33 32.41 56.70
CA ASN M 160 -28.50 31.56 56.92
C ASN M 160 -28.20 30.34 57.79
N LYS M 161 -26.93 30.03 58.01
CA LYS M 161 -26.56 28.79 58.69
C LYS M 161 -27.05 28.78 60.14
N ARG M 162 -26.93 27.61 60.77
CA ARG M 162 -27.29 27.41 62.16
C ARG M 162 -26.07 26.94 62.95
N ASP M 163 -26.02 27.31 64.22
CA ASP M 163 -24.90 26.95 65.08
C ASP M 163 -25.19 25.66 65.82
N ILE M 164 -24.11 24.99 66.25
CA ILE M 164 -24.20 23.72 66.96
C ILE M 164 -23.62 23.97 68.34
N THR M 165 -24.48 24.20 69.33
CA THR M 165 -24.04 24.54 70.68
C THR M 165 -24.53 23.58 71.74
N THR M 166 -25.83 23.28 71.77
CA THR M 166 -26.40 22.51 72.88
C THR M 166 -25.94 21.06 72.81
N SER M 167 -25.67 20.48 73.99
CA SER M 167 -25.16 19.11 74.05
C SER M 167 -26.12 18.10 73.44
N ALA M 168 -27.42 18.35 73.55
CA ALA M 168 -28.39 17.43 72.95
C ALA M 168 -28.28 17.41 71.43
N GLU M 169 -28.27 18.59 70.81
CA GLU M 169 -28.08 18.65 69.36
C GLU M 169 -26.66 18.29 68.97
N ILE M 170 -25.71 18.44 69.91
CA ILE M 170 -24.37 17.91 69.69
C ILE M 170 -24.42 16.40 69.51
N ALA M 171 -25.11 15.71 70.40
CA ALA M 171 -25.26 14.26 70.27
C ALA M 171 -26.04 13.91 69.01
N GLN M 172 -27.04 14.72 68.66
CA GLN M 172 -27.82 14.48 67.46
C GLN M 172 -26.96 14.54 66.21
N VAL M 173 -26.16 15.61 66.07
CA VAL M 173 -25.32 15.77 64.89
C VAL M 173 -24.23 14.71 64.86
N ALA M 174 -23.70 14.34 66.04
CA ALA M 174 -22.74 13.23 66.09
C ALA M 174 -23.37 11.93 65.62
N THR M 175 -24.65 11.71 65.98
CA THR M 175 -25.34 10.49 65.58
C THR M 175 -25.53 10.44 64.07
N ILE M 176 -26.08 11.51 63.50
CA ILE M 176 -26.38 11.47 62.06
C ILE M 176 -25.09 11.49 61.25
N SER M 177 -24.04 12.16 61.75
CA SER M 177 -22.75 12.11 61.08
C SER M 177 -22.11 10.72 61.15
N ALA M 178 -22.52 9.89 62.10
CA ALA M 178 -22.01 8.53 62.24
C ALA M 178 -23.02 7.49 61.80
N ASN M 179 -23.80 7.79 60.77
CA ASN M 179 -24.80 6.90 60.17
C ASN M 179 -25.92 6.52 61.13
N GLY M 180 -26.01 7.17 62.29
CA GLY M 180 -27.12 6.91 63.22
C GLY M 180 -27.02 5.67 64.09
N ASP M 181 -26.61 4.54 63.51
CA ASP M 181 -26.57 3.30 64.27
C ASP M 181 -25.50 3.34 65.36
N GLN M 182 -24.52 4.23 65.24
CA GLN M 182 -23.42 4.33 66.20
C GLN M 182 -23.86 5.17 67.39
N HIS M 183 -24.77 4.60 68.17
CA HIS M 183 -25.29 5.31 69.35
C HIS M 183 -24.22 5.43 70.44
N ILE M 184 -23.50 4.35 70.71
CA ILE M 184 -22.40 4.44 71.67
C ILE M 184 -21.35 5.42 71.18
N GLY M 185 -21.10 5.45 69.87
CA GLY M 185 -20.15 6.39 69.32
C GLY M 185 -20.60 7.84 69.48
N LYS M 186 -21.90 8.11 69.27
CA LYS M 186 -22.37 9.48 69.41
C LYS M 186 -22.36 9.91 70.87
N LEU M 187 -22.69 9.01 71.80
CA LEU M 187 -22.57 9.34 73.21
C LEU M 187 -21.13 9.64 73.59
N ILE M 188 -20.19 8.83 73.09
CA ILE M 188 -18.77 9.05 73.37
C ILE M 188 -18.33 10.39 72.80
N ALA M 189 -18.76 10.72 71.58
CA ALA M 189 -18.38 11.98 70.97
C ALA M 189 -18.96 13.16 71.74
N SER M 190 -20.21 13.06 72.19
CA SER M 190 -20.81 14.14 72.96
C SER M 190 -20.07 14.34 74.28
N ALA M 191 -19.75 13.25 74.98
CA ALA M 191 -19.00 13.37 76.22
C ALA M 191 -17.62 13.97 75.99
N MET M 192 -16.94 13.53 74.92
CA MET M 192 -15.60 14.02 74.62
C MET M 192 -15.63 15.49 74.21
N GLU M 193 -16.71 15.95 73.60
CA GLU M 193 -16.84 17.36 73.25
C GLU M 193 -17.18 18.21 74.47
N LYS M 194 -18.02 17.68 75.38
CA LYS M 194 -18.36 18.41 76.58
C LYS M 194 -17.22 18.40 77.61
N VAL M 195 -16.26 17.50 77.46
CA VAL M 195 -15.13 17.44 78.38
C VAL M 195 -13.93 18.22 77.85
N GLY M 196 -13.53 17.96 76.60
CA GLY M 196 -12.38 18.61 76.01
C GLY M 196 -12.70 19.17 74.64
N LYS M 197 -11.69 19.83 74.06
CA LYS M 197 -11.82 20.45 72.75
C LYS M 197 -10.77 19.98 71.75
N GLU M 198 -9.65 19.41 72.20
CA GLU M 198 -8.62 18.94 71.27
C GLU M 198 -8.99 17.58 70.70
N GLY M 199 -9.09 16.56 71.55
CA GLY M 199 -9.54 15.26 71.12
C GLY M 199 -8.52 14.44 70.35
N VAL M 200 -8.58 13.12 70.51
CA VAL M 200 -7.69 12.21 69.78
C VAL M 200 -8.29 10.82 69.85
N ILE M 201 -7.89 9.96 68.91
CA ILE M 201 -8.33 8.57 68.86
C ILE M 201 -7.10 7.68 68.76
N THR M 202 -7.08 6.61 69.56
CA THR M 202 -5.97 5.69 69.58
C THR M 202 -6.49 4.26 69.72
N VAL M 203 -5.67 3.31 69.30
CA VAL M 203 -6.00 1.89 69.37
C VAL M 203 -4.82 1.13 69.96
N LYS M 204 -5.11 0.21 70.87
CA LYS M 204 -4.09 -0.63 71.51
C LYS M 204 -4.57 -2.06 71.47
N GLU M 205 -3.81 -2.93 70.78
CA GLU M 205 -4.09 -4.36 70.61
C GLU M 205 -5.56 -4.66 70.42
N GLY M 206 -6.06 -5.72 71.05
CA GLY M 206 -7.44 -6.11 70.86
C GLY M 206 -8.44 -5.11 71.41
N LYS M 207 -8.18 -4.61 72.63
CA LYS M 207 -9.05 -3.63 73.30
C LYS M 207 -10.48 -4.18 73.44
N THR M 208 -10.57 -5.24 74.23
CA THR M 208 -11.85 -5.91 74.46
C THR M 208 -12.80 -5.09 75.33
N LEU M 209 -12.44 -3.86 75.69
CA LEU M 209 -13.30 -3.03 76.51
C LEU M 209 -14.51 -2.55 75.71
N GLN M 210 -15.36 -1.78 76.38
CA GLN M 210 -16.62 -1.29 75.81
C GLN M 210 -16.54 0.18 75.42
N ASP M 211 -15.39 0.61 74.88
CA ASP M 211 -15.18 1.97 74.41
C ASP M 211 -15.40 2.99 75.54
N GLU M 212 -14.55 2.89 76.55
CA GLU M 212 -14.60 3.80 77.70
C GLU M 212 -13.70 5.00 77.45
N LEU M 213 -14.18 6.17 77.83
CA LEU M 213 -13.45 7.42 77.65
C LEU M 213 -12.70 7.79 78.93
N GLU M 214 -11.75 8.72 78.78
CA GLU M 214 -10.95 9.17 79.90
C GLU M 214 -10.40 10.55 79.60
N VAL M 215 -9.94 11.23 80.66
CA VAL M 215 -9.34 12.55 80.55
C VAL M 215 -7.91 12.45 81.05
N THR M 216 -6.95 12.86 80.22
CA THR M 216 -5.54 12.77 80.55
C THR M 216 -4.81 14.01 80.07
N GLU M 217 -3.93 14.53 80.92
CA GLU M 217 -3.10 15.68 80.55
C GLU M 217 -2.10 15.28 79.47
N GLY M 218 -1.91 16.17 78.51
CA GLY M 218 -0.98 15.88 77.44
C GLY M 218 -0.70 17.11 76.59
N MET M 219 0.02 16.88 75.50
CA MET M 219 0.43 17.93 74.58
C MET M 219 0.19 17.47 73.15
N ARG M 220 0.02 18.44 72.25
CA ARG M 220 -0.23 18.15 70.84
C ARG M 220 0.48 19.18 69.97
N PHE M 221 1.02 18.70 68.85
CA PHE M 221 1.59 19.59 67.84
C PHE M 221 1.52 18.88 66.50
N ASP M 222 1.57 19.68 65.43
CA ASP M 222 1.42 19.18 64.06
C ASP M 222 2.78 19.23 63.36
N ARG M 223 3.54 18.14 63.49
CA ARG M 223 4.82 18.01 62.79
C ARG M 223 5.13 16.52 62.67
N GLY M 224 4.91 15.97 61.48
CA GLY M 224 5.13 14.56 61.23
C GLY M 224 6.59 14.24 60.96
N PHE M 225 6.84 12.97 60.68
CA PHE M 225 8.20 12.51 60.39
C PHE M 225 8.69 13.09 59.07
N VAL M 226 10.00 13.33 59.00
CA VAL M 226 10.59 13.85 57.77
C VAL M 226 10.58 12.77 56.69
N SER M 227 10.79 11.51 57.07
CA SER M 227 10.87 10.41 56.12
C SER M 227 9.71 9.45 56.30
N PRO M 228 9.19 8.87 55.22
CA PRO M 228 8.06 7.94 55.33
C PRO M 228 8.43 6.52 55.71
N TYR M 229 9.71 6.25 56.02
CA TYR M 229 10.16 4.90 56.35
C TYR M 229 10.23 4.65 57.84
N PHE M 230 9.84 5.61 58.68
CA PHE M 230 9.98 5.47 60.12
C PHE M 230 8.83 4.68 60.75
N ILE M 231 7.73 4.48 60.04
CA ILE M 231 6.57 3.75 60.56
C ILE M 231 6.29 2.58 59.64
N THR M 232 6.32 1.37 60.19
CA THR M 232 6.03 0.19 59.39
C THR M 232 4.56 0.14 58.99
N ASP M 233 3.66 0.42 59.94
CA ASP M 233 2.22 0.43 59.68
C ASP M 233 1.72 1.82 59.29
N ALA M 234 2.32 2.39 58.23
CA ALA M 234 1.93 3.72 57.79
C ALA M 234 0.55 3.75 57.17
N LYS M 235 0.01 2.58 56.80
CA LYS M 235 -1.34 2.54 56.22
C LYS M 235 -2.40 2.99 57.23
N ALA M 236 -2.26 2.58 58.48
CA ALA M 236 -3.23 2.90 59.52
C ALA M 236 -2.65 3.65 60.71
N GLN M 237 -1.33 3.88 60.74
CA GLN M 237 -0.65 4.58 61.83
C GLN M 237 -0.94 3.89 63.17
N LYS M 238 -0.51 2.64 63.27
CA LYS M 238 -0.72 1.86 64.47
C LYS M 238 0.09 2.41 65.64
N VAL M 239 -0.42 2.21 66.85
CA VAL M 239 0.21 2.69 68.07
C VAL M 239 1.02 1.52 68.65
N GLU M 240 2.34 1.71 68.73
CA GLU M 240 3.24 0.69 69.27
C GLU M 240 4.27 1.31 70.21
N PHE M 241 3.92 2.43 70.83
CA PHE M 241 4.81 3.14 71.74
C PHE M 241 4.17 3.12 73.13
N GLU M 242 4.52 2.11 73.92
CA GLU M 242 4.03 1.96 75.29
C GLU M 242 5.14 2.42 76.23
N LYS M 243 4.84 3.47 77.01
CA LYS M 243 5.82 4.10 77.89
C LYS M 243 7.12 4.42 77.15
N PRO M 244 7.07 5.30 76.15
CA PRO M 244 8.28 5.57 75.35
C PRO M 244 9.10 6.74 75.87
N LEU M 245 10.42 6.57 75.83
CA LEU M 245 11.33 7.64 76.15
C LEU M 245 11.37 8.67 75.02
N ILE M 246 11.65 9.91 75.39
CA ILE M 246 11.68 11.01 74.44
C ILE M 246 12.97 11.81 74.62
N LEU M 247 13.36 12.50 73.56
CA LEU M 247 14.57 13.30 73.55
C LEU M 247 14.23 14.74 73.21
N LEU M 248 14.81 15.69 73.95
CA LEU M 248 14.58 17.11 73.74
C LEU M 248 15.89 17.77 73.30
N SER M 249 15.82 18.50 72.19
CA SER M 249 16.99 19.19 71.66
C SER M 249 16.53 20.41 70.88
N GLU M 250 17.43 21.38 70.75
CA GLU M 250 17.16 22.62 70.03
C GLU M 250 18.16 22.91 68.94
N GLN M 251 19.44 22.63 69.17
CA GLN M 251 20.46 22.91 68.18
C GLN M 251 20.41 21.88 67.05
N LYS M 252 21.12 22.18 65.96
CA LYS M 252 21.14 21.31 64.80
C LYS M 252 21.85 20.00 65.13
N ILE M 253 21.33 18.91 64.58
CA ILE M 253 21.93 17.59 64.73
C ILE M 253 22.30 17.09 63.34
N SER M 254 23.60 16.92 63.09
CA SER M 254 24.08 16.44 61.80
C SER M 254 25.17 15.40 61.89
N ALA M 255 25.62 15.02 63.08
CA ALA M 255 26.70 14.06 63.25
C ALA M 255 26.28 12.98 64.25
N ALA M 256 26.94 11.84 64.16
CA ALA M 256 26.68 10.71 65.04
C ALA M 256 27.53 10.71 66.29
N THR M 257 28.33 11.76 66.52
CA THR M 257 29.22 11.78 67.67
C THR M 257 28.45 11.81 68.98
N ASP M 258 27.37 12.60 69.03
CA ASP M 258 26.64 12.83 70.28
C ASP M 258 25.22 12.26 70.25
N ILE M 259 24.92 11.35 69.32
CA ILE M 259 23.59 10.74 69.27
C ILE M 259 23.67 9.22 69.25
N ILE M 260 24.84 8.65 68.94
CA ILE M 260 24.97 7.19 68.91
C ILE M 260 24.68 6.55 70.25
N PRO M 261 25.23 7.02 71.39
CA PRO M 261 24.96 6.31 72.66
C PRO M 261 23.49 6.20 73.01
N ALA M 262 22.69 7.22 72.67
CA ALA M 262 21.27 7.18 73.02
C ALA M 262 20.55 6.04 72.32
N LEU M 263 20.70 5.96 70.99
CA LEU M 263 20.02 4.90 70.25
C LEU M 263 20.56 3.53 70.61
N GLU M 264 21.88 3.43 70.84
CA GLU M 264 22.46 2.14 71.21
C GLU M 264 21.92 1.66 72.55
N ILE M 265 21.84 2.54 73.55
CA ILE M 265 21.32 2.12 74.85
C ILE M 265 19.83 1.84 74.77
N SER M 266 19.10 2.59 73.94
CA SER M 266 17.68 2.33 73.77
C SER M 266 17.44 0.95 73.16
N HIS M 267 18.25 0.57 72.17
CA HIS M 267 18.17 -0.78 71.63
C HIS M 267 18.62 -1.81 72.65
N LYS M 268 19.58 -1.46 73.51
CA LYS M 268 20.06 -2.39 74.53
C LYS M 268 18.96 -2.74 75.51
N MET M 269 18.23 -1.74 76.01
CA MET M 269 17.12 -2.03 76.92
C MET M 269 15.79 -2.26 76.20
N ARG M 270 15.78 -2.17 74.87
CA ARG M 270 14.58 -2.41 74.06
C ARG M 270 13.45 -1.46 74.47
N ARG M 271 13.73 -0.16 74.39
CA ARG M 271 12.76 0.87 74.72
C ARG M 271 12.61 1.84 73.56
N PRO M 272 11.40 2.35 73.31
CA PRO M 272 11.21 3.31 72.23
C PRO M 272 11.88 4.64 72.54
N LEU M 273 12.25 5.34 71.46
CA LEU M 273 12.88 6.65 71.58
C LEU M 273 12.54 7.48 70.35
N VAL M 274 12.66 8.79 70.50
CA VAL M 274 12.40 9.74 69.43
C VAL M 274 13.60 10.65 69.28
N ILE M 275 13.68 11.28 68.10
CA ILE M 275 14.77 12.20 67.77
C ILE M 275 14.16 13.51 67.27
N ILE M 276 14.60 14.62 67.84
CA ILE M 276 14.14 15.94 67.45
C ILE M 276 15.34 16.67 66.86
N ALA M 277 15.42 16.73 65.54
CA ALA M 277 16.53 17.37 64.84
C ALA M 277 16.00 18.36 63.81
N GLU M 278 16.68 19.50 63.70
CA GLU M 278 16.27 20.51 62.73
C GLU M 278 16.39 19.98 61.29
N ASP M 279 17.49 19.29 60.99
CA ASP M 279 17.69 18.72 59.67
C ASP M 279 18.65 17.55 59.79
N ILE M 280 18.13 16.33 59.57
CA ILE M 280 18.93 15.11 59.65
C ILE M 280 18.72 14.31 58.37
N ASP M 281 19.82 13.85 57.78
CA ASP M 281 19.76 13.06 56.56
C ASP M 281 19.68 11.56 56.81
N GLY M 282 19.68 11.13 58.07
CA GLY M 282 19.58 9.73 58.39
C GLY M 282 20.82 8.90 58.14
N GLU M 283 22.01 9.51 58.28
CA GLU M 283 23.23 8.75 58.10
C GLU M 283 23.38 7.66 59.16
N ALA M 284 23.03 7.98 60.41
CA ALA M 284 23.07 6.98 61.47
C ALA M 284 22.07 5.86 61.20
N LEU M 285 20.87 6.22 60.72
CA LEU M 285 19.88 5.20 60.38
C LEU M 285 20.38 4.29 59.27
N ALA M 286 21.00 4.86 58.24
CA ALA M 286 21.54 4.05 57.15
C ALA M 286 22.66 3.14 57.64
N VAL M 287 23.53 3.66 58.49
CA VAL M 287 24.62 2.85 59.03
C VAL M 287 24.06 1.69 59.85
N CYS M 288 23.07 1.97 60.70
CA CYS M 288 22.46 0.92 61.51
C CYS M 288 21.78 -0.13 60.63
N ILE M 289 21.09 0.31 59.57
CA ILE M 289 20.39 -0.62 58.69
C ILE M 289 21.38 -1.50 57.96
N LEU M 290 22.47 -0.93 57.44
CA LEU M 290 23.46 -1.74 56.74
C LEU M 290 24.20 -2.68 57.67
N ASN M 291 24.43 -2.27 58.92
CA ASN M 291 24.99 -3.19 59.91
C ASN M 291 24.01 -4.33 60.19
N LYS M 292 22.73 -4.02 60.31
CA LYS M 292 21.68 -5.02 60.46
C LYS M 292 20.37 -4.38 60.04
N LEU M 293 19.72 -4.97 59.03
CA LEU M 293 18.45 -4.48 58.49
C LEU M 293 17.39 -4.29 59.56
N ARG M 294 16.32 -3.58 59.21
CA ARG M 294 15.30 -3.16 60.17
C ARG M 294 14.81 -4.32 61.02
N GLY M 295 14.55 -4.04 62.29
CA GLY M 295 14.13 -5.06 63.24
C GLY M 295 14.92 -5.01 64.53
N GLN M 296 15.69 -3.94 64.73
CA GLN M 296 16.50 -3.78 65.93
C GLN M 296 16.25 -2.48 66.68
N LEU M 297 15.67 -1.46 66.06
CA LEU M 297 15.41 -0.19 66.73
C LEU M 297 14.25 0.50 66.05
N GLU M 298 13.66 1.46 66.77
CA GLU M 298 12.52 2.24 66.28
C GLU M 298 12.99 3.68 66.10
N VAL M 299 13.17 4.08 64.85
CA VAL M 299 13.63 5.43 64.53
C VAL M 299 12.43 6.36 64.43
N ALA M 300 12.47 7.46 65.17
CA ALA M 300 11.40 8.47 65.17
C ALA M 300 12.04 9.85 65.11
N ALA M 301 12.10 10.43 63.92
CA ALA M 301 12.69 11.74 63.71
C ALA M 301 11.59 12.74 63.36
N VAL M 302 11.50 13.82 64.13
CA VAL M 302 10.52 14.88 63.93
C VAL M 302 11.24 16.21 63.91
N LYS M 303 11.00 17.01 62.88
CA LYS M 303 11.63 18.32 62.78
C LYS M 303 11.14 19.24 63.88
N ALA M 304 12.06 20.06 64.40
CA ALA M 304 11.71 21.02 65.44
C ALA M 304 10.82 22.12 64.86
N PRO M 305 9.88 22.64 65.66
CA PRO M 305 8.99 23.70 65.17
C PRO M 305 9.73 25.03 65.06
N GLY M 306 8.99 26.02 64.57
CA GLY M 306 9.49 27.38 64.48
C GLY M 306 9.14 28.17 65.72
N PHE M 307 8.94 29.49 65.54
CA PHE M 307 8.54 30.40 66.61
C PHE M 307 9.58 30.38 67.74
N GLY M 308 10.77 30.87 67.42
CA GLY M 308 11.93 30.78 68.28
C GLY M 308 11.71 30.95 69.78
N ASP M 309 11.21 32.12 70.21
CA ASP M 309 10.91 32.30 71.62
C ASP M 309 9.79 31.36 72.06
N ASN M 310 8.75 31.23 71.25
CA ASN M 310 7.70 30.26 71.55
C ASN M 310 8.22 28.84 71.47
N ARG M 311 9.23 28.59 70.63
CA ARG M 311 9.86 27.27 70.61
C ARG M 311 10.57 26.99 71.94
N LYS M 312 11.28 27.97 72.48
CA LYS M 312 11.89 27.80 73.80
C LYS M 312 10.82 27.57 74.87
N SER M 313 9.72 28.33 74.79
CA SER M 313 8.64 28.15 75.76
C SER M 313 8.03 26.75 75.67
N ILE M 314 7.80 26.26 74.46
CA ILE M 314 7.20 24.94 74.28
C ILE M 314 8.18 23.85 74.71
N LEU M 315 9.48 24.06 74.49
CA LEU M 315 10.48 23.10 74.96
C LEU M 315 10.49 23.05 76.49
N GLY M 316 10.44 24.22 77.14
CA GLY M 316 10.34 24.23 78.59
C GLY M 316 9.07 23.55 79.07
N ASP M 317 7.96 23.75 78.37
CA ASP M 317 6.69 23.13 78.78
C ASP M 317 6.75 21.62 78.65
N ILE M 318 7.27 21.10 77.53
CA ILE M 318 7.33 19.64 77.38
C ILE M 318 8.33 19.04 78.35
N ALA M 319 9.43 19.74 78.63
CA ALA M 319 10.36 19.28 79.65
C ALA M 319 9.69 19.22 81.02
N VAL M 320 8.93 20.27 81.37
CA VAL M 320 8.23 20.30 82.64
C VAL M 320 7.24 19.14 82.74
N LEU M 321 6.51 18.88 81.65
CA LEU M 321 5.53 17.81 81.67
C LEU M 321 6.20 16.44 81.79
N THR M 322 7.24 16.19 80.99
CA THR M 322 7.86 14.87 80.92
C THR M 322 9.32 14.86 81.30
N ASN M 323 10.15 15.72 80.70
CA ASN M 323 11.60 15.54 80.79
C ASN M 323 12.20 16.28 81.99
N GLY M 324 12.07 17.60 82.02
CA GLY M 324 12.71 18.41 83.02
C GLY M 324 14.09 18.89 82.65
N THR M 325 14.63 18.46 81.51
CA THR M 325 15.95 18.89 81.05
C THR M 325 15.96 18.94 79.53
N VAL M 326 16.48 20.05 78.99
CA VAL M 326 16.59 20.23 77.55
C VAL M 326 18.07 20.25 77.18
N PHE M 327 18.33 20.10 75.88
CA PHE M 327 19.69 20.06 75.35
C PHE M 327 19.93 21.32 74.51
N THR M 328 20.95 22.07 74.88
CA THR M 328 21.32 23.29 74.17
C THR M 328 22.73 23.68 74.55
N ASN M 329 23.58 23.91 73.54
CA ASN M 329 24.97 24.30 73.83
C ASN M 329 25.05 25.65 74.53
N GLU M 330 24.13 26.57 74.22
CA GLU M 330 24.11 27.85 74.92
C GLU M 330 23.82 27.66 76.40
N LEU M 331 22.91 26.76 76.73
CA LEU M 331 22.63 26.44 78.12
C LEU M 331 23.79 25.63 78.72
N ASP M 332 23.87 25.66 80.05
CA ASP M 332 24.98 25.02 80.75
C ASP M 332 24.99 23.50 80.60
N VAL M 333 23.91 22.90 80.11
CA VAL M 333 23.88 21.46 79.92
C VAL M 333 24.84 21.07 78.80
N LYS M 334 25.67 20.06 79.06
CA LYS M 334 26.65 19.61 78.08
C LYS M 334 25.95 18.86 76.95
N LEU M 335 26.45 19.04 75.73
CA LEU M 335 25.81 18.42 74.57
C LEU M 335 26.07 16.91 74.51
N GLU M 336 27.19 16.46 75.07
CA GLU M 336 27.56 15.05 75.04
C GLU M 336 27.16 14.30 76.31
N LYS M 337 26.05 14.68 76.93
CA LYS M 337 25.56 14.03 78.15
C LYS M 337 24.37 13.13 77.86
N VAL M 338 24.39 12.40 76.75
CA VAL M 338 23.26 11.57 76.35
C VAL M 338 23.25 10.28 77.16
N THR M 339 22.57 10.30 78.30
CA THR M 339 22.38 9.16 79.16
C THR M 339 20.92 9.03 79.52
N PRO M 340 20.44 7.81 79.82
CA PRO M 340 19.03 7.65 80.20
C PRO M 340 18.67 8.20 81.56
N ASP M 341 19.59 8.91 82.23
CA ASP M 341 19.31 9.42 83.56
C ASP M 341 18.27 10.53 83.53
N MET M 342 18.44 11.51 82.64
CA MET M 342 17.55 12.66 82.56
C MET M 342 16.61 12.61 81.37
N LEU M 343 16.62 11.51 80.62
CA LEU M 343 15.72 11.40 79.48
C LEU M 343 14.27 11.36 79.95
N GLY M 344 13.40 12.09 79.22
CA GLY M 344 12.01 12.16 79.60
C GLY M 344 11.24 10.90 79.23
N SER M 345 10.06 10.78 79.83
CA SER M 345 9.20 9.62 79.60
C SER M 345 7.75 10.06 79.73
N THR M 346 6.87 9.23 79.16
CA THR M 346 5.43 9.48 79.22
C THR M 346 4.70 8.16 79.24
N GLY M 347 3.43 8.21 79.64
CA GLY M 347 2.63 7.00 79.68
C GLY M 347 2.42 6.38 78.30
N SER M 348 2.10 7.21 77.31
CA SER M 348 1.92 6.75 75.95
C SER M 348 2.04 7.94 75.01
N ILE M 349 2.53 7.67 73.81
CA ILE M 349 2.70 8.69 72.77
C ILE M 349 2.12 8.17 71.47
N THR M 350 1.77 9.11 70.59
CA THR M 350 1.22 8.77 69.28
C THR M 350 1.70 9.83 68.29
N ILE M 351 2.61 9.44 67.40
CA ILE M 351 3.15 10.35 66.40
C ILE M 351 2.86 9.76 65.02
N THR M 352 2.23 10.56 64.15
CA THR M 352 1.93 10.12 62.80
C THR M 352 2.48 11.12 61.79
N LYS M 353 2.12 10.95 60.52
CA LYS M 353 2.78 11.69 59.44
C LYS M 353 2.39 13.16 59.40
N GLU M 354 1.37 13.58 60.14
CA GLU M 354 0.94 14.98 60.13
C GLU M 354 0.98 15.67 61.48
N ASP M 355 0.83 14.94 62.58
CA ASP M 355 0.85 15.57 63.90
C ASP M 355 1.33 14.56 64.94
N THR M 356 1.72 15.09 66.10
CA THR M 356 2.18 14.28 67.22
C THR M 356 1.21 14.41 68.38
N ILE M 357 0.96 13.31 69.07
CA ILE M 357 0.07 13.27 70.22
C ILE M 357 0.88 12.83 71.42
N ILE M 358 0.93 13.68 72.46
CA ILE M 358 1.61 13.37 73.70
C ILE M 358 0.59 13.38 74.83
N LEU M 359 0.72 12.42 75.74
CA LEU M 359 -0.24 12.28 76.81
C LEU M 359 0.42 11.54 77.98
N ASN M 360 -0.15 11.73 79.17
CA ASN M 360 0.33 11.11 80.40
C ASN M 360 1.78 11.50 80.70
N GLY M 361 1.95 12.81 80.94
CA GLY M 361 3.27 13.30 81.33
C GLY M 361 3.72 12.68 82.65
N ASP M 362 5.00 12.34 82.70
CA ASP M 362 5.57 11.66 83.86
C ASP M 362 6.24 12.62 84.85
N GLY M 363 6.16 13.93 84.63
CA GLY M 363 6.77 14.86 85.54
C GLY M 363 6.03 14.96 86.86
N SER M 364 6.72 15.52 87.86
CA SER M 364 6.14 15.68 89.18
C SER M 364 5.01 16.71 89.14
N LYS M 365 3.86 16.36 89.69
CA LYS M 365 2.71 17.25 89.64
C LYS M 365 2.86 18.44 90.59
N ASP M 366 3.62 18.27 91.67
CA ASP M 366 3.81 19.37 92.61
C ASP M 366 4.56 20.54 91.97
N ALA M 367 5.68 20.23 91.29
CA ALA M 367 6.42 21.29 90.60
C ALA M 367 5.62 21.87 89.44
N ILE M 368 4.82 21.05 88.76
CA ILE M 368 3.97 21.55 87.69
C ILE M 368 2.97 22.56 88.25
N ALA M 369 2.35 22.24 89.39
CA ALA M 369 1.41 23.17 90.01
C ALA M 369 2.11 24.43 90.49
N GLN M 370 3.33 24.29 91.03
CA GLN M 370 4.08 25.47 91.46
C GLN M 370 4.38 26.39 90.29
N ARG M 371 4.83 25.82 89.16
CA ARG M 371 5.09 26.65 87.99
C ARG M 371 3.82 27.25 87.42
N CYS M 372 2.70 26.51 87.47
CA CYS M 372 1.44 27.05 87.00
C CYS M 372 1.01 28.25 87.85
N GLU M 373 1.15 28.15 89.18
CA GLU M 373 0.79 29.27 90.03
C GLU M 373 1.76 30.44 89.85
N GLN M 374 3.03 30.15 89.56
CA GLN M 374 3.97 31.23 89.24
C GLN M 374 3.55 31.96 87.98
N ILE M 375 3.13 31.21 86.95
CA ILE M 375 2.64 31.84 85.73
C ILE M 375 1.38 32.66 86.00
N ARG M 376 0.48 32.12 86.83
CA ARG M 376 -0.74 32.85 87.17
C ARG M 376 -0.43 34.15 87.88
N GLY M 377 0.54 34.13 88.81
CA GLY M 377 0.99 35.36 89.43
C GLY M 377 1.64 36.31 88.47
N ALA M 378 2.37 35.78 87.48
CA ALA M 378 2.95 36.62 86.45
C ALA M 378 1.88 37.28 85.58
N MET M 379 0.71 36.65 85.46
CA MET M 379 -0.41 37.25 84.72
C MET M 379 -0.90 38.54 85.36
N ASN M 380 -0.59 38.79 86.63
CA ASN M 380 -1.08 39.96 87.33
C ASN M 380 -0.25 41.21 87.06
N ASP M 381 0.90 41.08 86.41
CA ASP M 381 1.74 42.23 86.13
C ASP M 381 1.24 42.95 84.88
N PRO M 382 0.82 44.22 84.98
CA PRO M 382 0.39 44.95 83.78
C PRO M 382 1.50 45.22 82.79
N SER M 383 2.76 45.12 83.20
CA SER M 383 3.90 45.44 82.35
C SER M 383 4.38 44.25 81.52
N THR M 384 3.71 43.11 81.60
CA THR M 384 4.11 41.95 80.82
C THR M 384 3.93 42.22 79.33
N SER M 385 4.84 41.67 78.53
CA SER M 385 4.78 41.86 77.09
C SER M 385 3.53 41.23 76.51
N GLU M 386 2.94 41.90 75.50
CA GLU M 386 1.70 41.41 74.91
C GLU M 386 1.89 40.06 74.22
N TYR M 387 2.98 39.92 73.47
CA TYR M 387 3.24 38.65 72.78
C TYR M 387 3.46 37.53 73.78
N GLU M 388 4.26 37.79 74.82
CA GLU M 388 4.46 36.78 75.86
C GLU M 388 3.16 36.48 76.58
N LYS M 389 2.33 37.51 76.83
CA LYS M 389 1.07 37.30 77.51
C LYS M 389 0.15 36.39 76.71
N GLU M 390 0.02 36.65 75.40
CA GLU M 390 -0.86 35.82 74.59
C GLU M 390 -0.29 34.42 74.38
N LYS M 391 1.03 34.30 74.26
CA LYS M 391 1.63 32.96 74.15
C LYS M 391 1.37 32.14 75.41
N LEU M 392 1.55 32.74 76.58
CA LEU M 392 1.29 32.00 77.81
C LEU M 392 -0.21 31.76 78.01
N GLN M 393 -1.06 32.66 77.52
CA GLN M 393 -2.50 32.44 77.61
C GLN M 393 -2.93 31.25 76.76
N GLU M 394 -2.43 31.16 75.52
CA GLU M 394 -2.76 30.00 74.70
C GLU M 394 -2.11 28.73 75.24
N ARG M 395 -0.94 28.85 75.87
CA ARG M 395 -0.36 27.71 76.57
C ARG M 395 -1.28 27.22 77.67
N LEU M 396 -1.84 28.14 78.47
CA LEU M 396 -2.79 27.78 79.50
C LEU M 396 -4.02 27.12 78.88
N ALA M 397 -4.52 27.67 77.78
CA ALA M 397 -5.72 27.12 77.14
C ALA M 397 -5.49 25.70 76.65
N LYS M 398 -4.32 25.43 76.07
CA LYS M 398 -4.03 24.11 75.51
C LYS M 398 -3.42 23.14 76.52
N LEU M 399 -3.10 23.60 77.72
CA LEU M 399 -2.53 22.73 78.75
C LEU M 399 -3.50 22.41 79.88
N SER M 400 -4.25 23.40 80.38
CA SER M 400 -5.15 23.15 81.49
C SER M 400 -6.28 22.20 81.11
N GLY M 401 -6.80 22.34 79.89
CA GLY M 401 -7.90 21.50 79.43
C GLY M 401 -7.57 20.03 79.37
N GLY M 402 -6.39 19.71 78.87
CA GLY M 402 -5.98 18.32 78.77
C GLY M 402 -6.36 17.73 77.43
N VAL M 403 -5.69 16.63 77.07
CA VAL M 403 -5.94 15.95 75.80
C VAL M 403 -7.07 14.95 76.00
N ALA M 404 -8.13 15.08 75.21
CA ALA M 404 -9.26 14.16 75.28
C ALA M 404 -8.91 12.88 74.54
N VAL M 405 -8.78 11.78 75.27
CA VAL M 405 -8.40 10.49 74.71
C VAL M 405 -9.54 9.51 74.92
N ILE M 406 -9.89 8.78 73.88
CA ILE M 406 -10.93 7.76 73.93
C ILE M 406 -10.31 6.42 73.56
N LYS M 407 -10.52 5.42 74.41
CA LYS M 407 -10.04 4.07 74.16
C LYS M 407 -11.10 3.32 73.39
N VAL M 408 -10.89 3.12 72.09
CA VAL M 408 -11.85 2.42 71.26
C VAL M 408 -11.94 0.96 71.67
N GLY M 409 -13.07 0.33 71.37
CA GLY M 409 -13.29 -1.07 71.69
C GLY M 409 -13.43 -1.93 70.44
N GLY M 410 -13.66 -3.21 70.68
CA GLY M 410 -13.84 -4.15 69.61
C GLY M 410 -13.49 -5.55 70.04
N SER M 411 -13.79 -6.50 69.17
CA SER M 411 -13.53 -7.91 69.42
C SER M 411 -12.26 -8.41 68.73
N SER M 412 -12.18 -8.29 67.41
CA SER M 412 -11.03 -8.75 66.65
C SER M 412 -10.21 -7.55 66.16
N GLU M 413 -9.08 -7.86 65.55
CA GLU M 413 -8.21 -6.80 65.02
C GLU M 413 -8.90 -6.03 63.90
N VAL M 414 -9.55 -6.74 62.98
CA VAL M 414 -10.25 -6.07 61.89
C VAL M 414 -11.45 -5.29 62.43
N GLU M 415 -12.14 -5.84 63.43
CA GLU M 415 -13.28 -5.15 64.01
C GLU M 415 -12.84 -3.87 64.71
N VAL M 416 -11.78 -3.94 65.52
CA VAL M 416 -11.31 -2.73 66.19
C VAL M 416 -10.77 -1.73 65.18
N GLY M 417 -10.15 -2.21 64.09
CA GLY M 417 -9.69 -1.29 63.06
C GLY M 417 -10.82 -0.55 62.37
N GLU M 418 -11.86 -1.27 61.97
CA GLU M 418 -12.99 -0.61 61.32
C GLU M 418 -13.70 0.31 62.28
N LYS M 419 -13.77 -0.06 63.57
CA LYS M 419 -14.33 0.84 64.57
C LYS M 419 -13.50 2.11 64.70
N LYS M 420 -12.17 1.97 64.67
CA LYS M 420 -11.30 3.15 64.77
C LYS M 420 -11.49 4.09 63.58
N ASP M 421 -11.54 3.54 62.37
CA ASP M 421 -11.78 4.38 61.20
C ASP M 421 -13.15 5.05 61.25
N ARG M 422 -14.19 4.29 61.64
CA ARG M 422 -15.52 4.88 61.75
C ARG M 422 -15.51 6.03 62.75
N PHE M 423 -14.87 5.81 63.91
CA PHE M 423 -14.76 6.86 64.91
C PHE M 423 -14.01 8.07 64.39
N VAL M 424 -12.95 7.85 63.62
CA VAL M 424 -12.15 8.99 63.19
C VAL M 424 -12.92 9.84 62.19
N ASP M 425 -13.67 9.21 61.26
CA ASP M 425 -14.43 10.06 60.34
C ASP M 425 -15.58 10.74 61.08
N ALA M 426 -16.21 10.05 62.03
CA ALA M 426 -17.30 10.66 62.78
C ALA M 426 -16.80 11.88 63.56
N LEU M 427 -15.66 11.75 64.23
CA LEU M 427 -15.12 12.88 64.99
C LEU M 427 -14.64 13.99 64.07
N ASN M 428 -14.07 13.66 62.91
CA ASN M 428 -13.66 14.70 61.98
C ASN M 428 -14.87 15.52 61.51
N ALA M 429 -15.95 14.82 61.15
CA ALA M 429 -17.17 15.52 60.74
C ALA M 429 -17.73 16.35 61.88
N THR M 430 -17.70 15.82 63.10
CA THR M 430 -18.21 16.56 64.25
C THR M 430 -17.41 17.83 64.51
N ARG M 431 -16.07 17.73 64.42
CA ARG M 431 -15.23 18.91 64.59
C ARG M 431 -15.50 19.95 63.51
N ALA M 432 -15.63 19.51 62.26
CA ALA M 432 -15.96 20.45 61.20
C ALA M 432 -17.29 21.15 61.48
N ALA M 433 -18.31 20.38 61.89
CA ALA M 433 -19.62 20.94 62.14
C ALA M 433 -19.60 21.94 63.29
N VAL M 434 -18.90 21.61 64.39
CA VAL M 434 -18.89 22.54 65.51
C VAL M 434 -18.08 23.79 65.19
N GLU M 435 -16.97 23.67 64.46
CA GLU M 435 -16.14 24.84 64.22
C GLU M 435 -16.75 25.75 63.17
N GLU M 436 -17.55 25.21 62.25
CA GLU M 436 -18.18 26.03 61.22
C GLU M 436 -19.70 26.06 61.32
N GLY M 437 -20.36 24.92 61.29
CA GLY M 437 -21.81 24.88 61.27
C GLY M 437 -22.33 23.93 60.21
N ILE M 438 -23.56 23.45 60.39
CA ILE M 438 -24.15 22.47 59.47
C ILE M 438 -25.13 23.17 58.55
N LEU M 439 -25.34 22.56 57.38
CA LEU M 439 -26.28 23.02 56.37
C LEU M 439 -27.02 21.82 55.79
N PRO M 440 -28.23 22.02 55.26
CA PRO M 440 -28.95 20.92 54.62
C PRO M 440 -28.18 20.33 53.46
N GLY M 441 -27.87 19.04 53.53
CA GLY M 441 -27.08 18.38 52.53
C GLY M 441 -27.89 18.03 51.29
N GLY M 442 -27.22 17.35 50.36
CA GLY M 442 -27.84 16.98 49.11
C GLY M 442 -27.92 18.08 48.08
N GLY M 443 -27.20 19.18 48.29
CA GLY M 443 -27.22 20.29 47.36
C GLY M 443 -28.37 21.25 47.54
N THR M 444 -29.26 21.02 48.51
CA THR M 444 -30.37 21.93 48.73
C THR M 444 -29.89 23.33 49.12
N ALA M 445 -28.88 23.39 49.99
CA ALA M 445 -28.36 24.69 50.42
C ALA M 445 -27.79 25.47 49.24
N LEU M 446 -27.11 24.78 48.33
CA LEU M 446 -26.58 25.46 47.15
C LEU M 446 -27.69 26.04 46.29
N ILE M 447 -28.79 25.28 46.10
CA ILE M 447 -29.91 25.77 45.31
C ILE M 447 -30.53 27.00 45.98
N LYS M 448 -30.74 26.92 47.29
CA LYS M 448 -31.35 28.05 47.99
C LYS M 448 -30.45 29.28 47.92
N ALA M 449 -29.13 29.10 48.06
CA ALA M 449 -28.22 30.23 47.95
C ALA M 449 -28.23 30.82 46.56
N SER M 450 -28.17 29.98 45.52
CA SER M 450 -28.18 30.47 44.16
C SER M 450 -29.50 31.17 43.80
N VAL M 451 -30.59 30.82 44.47
CA VAL M 451 -31.87 31.46 44.15
C VAL M 451 -32.07 32.75 44.95
N ASN M 452 -31.73 32.77 46.24
CA ASN M 452 -32.00 33.91 47.11
C ASN M 452 -30.81 34.83 47.30
N ALA M 453 -29.69 34.59 46.62
CA ALA M 453 -28.49 35.38 46.84
C ALA M 453 -28.08 36.20 45.63
N LEU M 454 -27.91 35.57 44.47
CA LEU M 454 -27.40 36.24 43.29
C LEU M 454 -28.40 37.19 42.65
N ASN M 455 -29.67 37.14 43.05
CA ASN M 455 -30.66 38.06 42.49
C ASN M 455 -30.46 39.49 42.95
N ASN M 456 -29.74 39.71 44.05
CA ASN M 456 -29.52 41.04 44.57
C ASN M 456 -28.31 41.73 43.95
N LEU M 457 -27.33 40.97 43.49
CA LEU M 457 -26.12 41.55 42.92
C LEU M 457 -26.45 42.34 41.66
N LYS M 458 -25.80 43.50 41.52
CA LYS M 458 -26.00 44.39 40.37
C LYS M 458 -24.64 44.73 39.79
N PRO M 459 -24.09 43.86 38.94
CA PRO M 459 -22.79 44.14 38.33
C PRO M 459 -22.85 45.37 37.43
N ALA M 460 -21.72 46.07 37.34
CA ALA M 460 -21.68 47.31 36.58
C ALA M 460 -21.67 47.04 35.08
N ASN M 461 -20.64 46.33 34.60
CA ASN M 461 -20.51 46.06 33.18
C ASN M 461 -21.33 44.83 32.80
N PHE M 462 -21.12 44.31 31.59
CA PHE M 462 -21.92 43.23 31.04
C PHE M 462 -21.29 41.85 31.29
N ASP M 463 -19.98 41.74 31.12
CA ASP M 463 -19.31 40.46 31.32
C ASP M 463 -19.38 40.01 32.77
N GLN M 464 -19.42 40.95 33.72
CA GLN M 464 -19.64 40.57 35.12
C GLN M 464 -21.00 39.94 35.30
N GLN M 465 -22.03 40.49 34.65
CA GLN M 465 -23.35 39.87 34.69
C GLN M 465 -23.32 38.49 34.05
N LEU M 466 -22.58 38.34 32.95
CA LEU M 466 -22.44 37.03 32.32
C LEU M 466 -21.80 36.03 33.28
N GLY M 467 -20.76 36.46 34.00
CA GLY M 467 -20.12 35.57 34.96
C GLY M 467 -21.03 35.21 36.12
N VAL M 468 -21.84 36.17 36.58
CA VAL M 468 -22.81 35.89 37.63
C VAL M 468 -23.82 34.85 37.16
N ASN M 469 -24.31 34.99 35.92
CA ASN M 469 -25.21 34.00 35.36
C ASN M 469 -24.52 32.64 35.23
N ILE M 470 -23.23 32.65 34.88
CA ILE M 470 -22.48 31.41 34.77
C ILE M 470 -22.42 30.70 36.11
N ILE M 471 -22.12 31.44 37.17
CA ILE M 471 -22.03 30.81 38.49
C ILE M 471 -23.41 30.35 38.95
N LYS M 472 -24.46 31.09 38.60
CA LYS M 472 -25.82 30.67 38.97
C LYS M 472 -26.21 29.38 38.28
N ASN M 473 -25.83 29.23 37.01
CA ASN M 473 -26.12 27.99 36.30
C ASN M 473 -25.24 26.84 36.78
N ALA M 474 -24.01 27.13 37.22
CA ALA M 474 -23.08 26.08 37.61
C ALA M 474 -23.27 25.61 39.04
N ILE M 475 -23.88 26.43 39.91
CA ILE M 475 -24.05 26.02 41.30
C ILE M 475 -24.98 24.82 41.41
N THR M 476 -26.00 24.74 40.55
CA THR M 476 -27.00 23.69 40.63
C THR M 476 -26.51 22.35 40.10
N ARG M 477 -25.28 22.27 39.57
CA ARG M 477 -24.81 21.03 38.98
C ARG M 477 -24.71 19.88 39.99
N PRO M 478 -24.14 20.04 41.19
CA PRO M 478 -24.10 18.90 42.12
C PRO M 478 -25.47 18.36 42.48
N ALA M 479 -26.47 19.23 42.67
CA ALA M 479 -27.81 18.75 42.95
C ALA M 479 -28.39 17.98 41.78
N ARG M 480 -28.14 18.47 40.56
CA ARG M 480 -28.61 17.76 39.37
C ARG M 480 -27.99 16.38 39.29
N MET M 481 -26.68 16.27 39.56
CA MET M 481 -26.02 14.97 39.52
C MET M 481 -26.57 14.05 40.60
N ILE M 482 -26.80 14.59 41.81
CA ILE M 482 -27.33 13.77 42.89
C ILE M 482 -28.70 13.22 42.53
N VAL M 483 -29.56 14.07 41.98
CA VAL M 483 -30.91 13.62 41.62
C VAL M 483 -30.87 12.63 40.47
N GLU M 484 -30.01 12.88 39.47
CA GLU M 484 -29.95 12.00 38.31
C GLU M 484 -29.33 10.64 38.65
N ASN M 485 -28.49 10.60 39.69
CA ASN M 485 -27.88 9.33 40.08
C ASN M 485 -28.93 8.33 40.54
N ALA M 486 -29.92 8.80 41.30
CA ALA M 486 -30.99 7.91 41.75
C ALA M 486 -31.82 7.40 40.58
N GLY M 487 -32.12 8.28 39.62
CA GLY M 487 -32.89 7.89 38.46
C GLY M 487 -33.93 8.90 38.05
N LEU M 488 -34.45 9.66 39.02
CA LEU M 488 -35.46 10.66 38.73
C LEU M 488 -34.86 11.82 37.94
N GLU M 489 -35.71 12.50 37.18
CA GLU M 489 -35.26 13.62 36.36
C GLU M 489 -34.84 14.79 37.26
N GLY M 490 -33.65 15.34 37.00
CA GLY M 490 -33.16 16.41 37.85
C GLY M 490 -33.81 17.76 37.58
N SER M 491 -34.26 17.98 36.35
CA SER M 491 -34.82 19.29 35.99
C SER M 491 -36.07 19.59 36.79
N VAL M 492 -37.00 18.63 36.86
CA VAL M 492 -38.26 18.85 37.57
C VAL M 492 -38.00 19.02 39.06
N VAL M 493 -37.09 18.22 39.63
CA VAL M 493 -36.78 18.31 41.06
C VAL M 493 -36.17 19.67 41.38
N ILE M 494 -35.23 20.14 40.55
CA ILE M 494 -34.61 21.44 40.79
C ILE M 494 -35.64 22.56 40.64
N GLY M 495 -36.53 22.44 39.66
CA GLY M 495 -37.57 23.44 39.50
C GLY M 495 -38.50 23.50 40.70
N LYS M 496 -38.87 22.34 41.24
CA LYS M 496 -39.73 22.31 42.41
C LYS M 496 -39.01 22.88 43.64
N ILE M 497 -37.73 22.56 43.80
CA ILE M 497 -36.99 23.04 44.97
C ILE M 497 -36.79 24.56 44.89
N SER M 498 -36.39 25.06 43.73
CA SER M 498 -36.01 26.47 43.61
C SER M 498 -37.22 27.39 43.67
N ASP M 499 -38.33 26.97 43.08
CA ASP M 499 -39.50 27.84 42.95
C ASP M 499 -40.56 27.60 44.02
N GLU M 500 -41.03 26.36 44.14
CA GLU M 500 -42.12 26.07 45.08
C GLU M 500 -41.67 26.25 46.53
N TYR M 501 -40.43 25.88 46.85
CA TYR M 501 -39.92 25.90 48.21
C TYR M 501 -38.76 26.89 48.35
N ALA M 502 -38.89 28.05 47.70
CA ALA M 502 -37.84 29.07 47.79
C ALA M 502 -37.72 29.62 49.21
N ALA M 503 -38.86 29.87 49.87
CA ALA M 503 -38.84 30.45 51.20
C ALA M 503 -38.23 29.51 52.22
N ASP M 504 -38.57 28.22 52.14
CA ASP M 504 -38.10 27.25 53.13
C ASP M 504 -36.69 26.79 52.73
N PHE M 505 -35.70 27.21 53.51
CA PHE M 505 -34.32 26.81 53.23
C PHE M 505 -34.13 25.31 53.42
N ASN M 506 -34.72 24.75 54.49
CA ASN M 506 -34.50 23.34 54.80
C ASN M 506 -35.24 22.41 53.83
N LYS M 507 -36.25 22.91 53.12
CA LYS M 507 -37.00 22.06 52.22
C LYS M 507 -36.17 21.74 50.97
N GLY M 508 -36.12 20.48 50.62
CA GLY M 508 -35.39 20.04 49.44
C GLY M 508 -35.91 18.71 48.97
N PHE M 509 -35.01 17.92 48.38
CA PHE M 509 -35.34 16.59 47.85
C PHE M 509 -34.51 15.54 48.58
N ASN M 510 -35.18 14.51 49.09
CA ASN M 510 -34.51 13.38 49.73
C ASN M 510 -34.37 12.27 48.70
N SER M 511 -33.16 12.12 48.17
CA SER M 511 -32.92 11.11 47.13
C SER M 511 -33.05 9.69 47.66
N ALA M 512 -32.93 9.49 48.97
CA ALA M 512 -33.03 8.15 49.54
C ALA M 512 -34.43 7.57 49.33
N THR M 513 -35.47 8.38 49.52
CA THR M 513 -36.84 7.91 49.40
C THR M 513 -37.63 8.59 48.28
N GLY M 514 -37.21 9.75 47.82
CA GLY M 514 -37.90 10.45 46.76
C GLY M 514 -39.00 11.39 47.23
N GLU M 515 -39.05 11.72 48.51
CA GLU M 515 -40.06 12.63 49.05
C GLU M 515 -39.40 13.93 49.48
N TYR M 516 -40.08 15.04 49.24
CA TYR M 516 -39.57 16.37 49.59
C TYR M 516 -39.72 16.56 51.08
N VAL M 517 -38.66 16.27 51.85
CA VAL M 517 -38.66 16.41 53.29
C VAL M 517 -37.45 17.24 53.70
N ASP M 518 -37.52 17.78 54.91
CA ASP M 518 -36.44 18.60 55.44
C ASP M 518 -35.27 17.72 55.86
N MET M 519 -34.06 18.08 55.43
CA MET M 519 -32.87 17.33 55.81
C MET M 519 -32.56 17.44 57.29
N ILE M 520 -32.99 18.51 57.95
CA ILE M 520 -32.74 18.66 59.38
C ILE M 520 -33.42 17.54 60.16
N GLN M 521 -34.70 17.29 59.84
CA GLN M 521 -35.42 16.19 60.49
C GLN M 521 -35.00 14.84 59.91
N ALA M 522 -34.72 14.79 58.61
CA ALA M 522 -34.34 13.53 57.97
C ALA M 522 -32.94 13.08 58.36
N GLY M 523 -32.10 14.00 58.85
CA GLY M 523 -30.75 13.68 59.27
C GLY M 523 -29.67 14.03 58.27
N ILE M 524 -30.04 14.28 57.01
CA ILE M 524 -29.05 14.64 56.01
C ILE M 524 -28.48 16.02 56.35
N LEU M 525 -27.16 16.16 56.19
CA LEU M 525 -26.50 17.42 56.49
C LEU M 525 -25.25 17.55 55.65
N ASP M 526 -24.75 18.78 55.59
CA ASP M 526 -23.46 19.09 54.99
C ASP M 526 -22.87 20.24 55.79
N PRO M 527 -21.71 20.05 56.40
CA PRO M 527 -21.11 21.14 57.19
C PRO M 527 -20.77 22.32 56.29
N LEU M 528 -20.82 23.52 56.90
CA LEU M 528 -20.53 24.73 56.12
C LEU M 528 -19.09 24.75 55.65
N LYS M 529 -18.17 24.25 56.48
CA LYS M 529 -16.75 24.35 56.16
C LYS M 529 -16.42 23.61 54.87
N VAL M 530 -16.87 22.36 54.75
CA VAL M 530 -16.50 21.54 53.60
C VAL M 530 -17.08 22.11 52.32
N VAL M 531 -18.36 22.48 52.32
CA VAL M 531 -18.99 22.99 51.11
C VAL M 531 -18.40 24.34 50.73
N ARG M 532 -18.14 25.19 51.74
CA ARG M 532 -17.58 26.52 51.46
C ARG M 532 -16.18 26.41 50.87
N THR M 533 -15.32 25.58 51.47
CA THR M 533 -13.97 25.44 50.94
C THR M 533 -13.97 24.74 49.58
N GLY M 534 -14.87 23.79 49.36
CA GLY M 534 -14.97 23.16 48.05
C GLY M 534 -15.39 24.15 46.99
N LEU M 535 -16.41 24.97 47.27
CA LEU M 535 -16.84 25.98 46.32
C LEU M 535 -15.73 26.99 46.04
N ILE M 536 -15.03 27.44 47.08
CA ILE M 536 -13.98 28.43 46.90
C ILE M 536 -12.86 27.86 46.04
N ASP M 537 -12.40 26.65 46.36
CA ASP M 537 -11.33 26.03 45.59
C ASP M 537 -11.76 25.76 44.16
N ALA M 538 -12.99 25.30 43.95
CA ALA M 538 -13.47 25.04 42.60
C ALA M 538 -13.53 26.32 41.79
N SER M 539 -14.07 27.40 42.37
CA SER M 539 -14.15 28.67 41.65
C SER M 539 -12.76 29.20 41.33
N GLY M 540 -11.84 29.13 42.29
CA GLY M 540 -10.49 29.60 42.03
C GLY M 540 -9.79 28.81 40.95
N VAL M 541 -9.91 27.47 41.00
CA VAL M 541 -9.25 26.63 40.01
C VAL M 541 -9.85 26.85 38.63
N ALA M 542 -11.17 26.96 38.54
CA ALA M 542 -11.80 27.21 37.24
C ALA M 542 -11.41 28.57 36.69
N SER M 543 -11.39 29.61 37.54
CA SER M 543 -11.00 30.92 37.08
C SER M 543 -9.55 30.94 36.61
N LEU M 544 -8.66 30.25 37.33
CA LEU M 544 -7.27 30.18 36.92
C LEU M 544 -7.12 29.41 35.61
N LEU M 545 -7.85 28.30 35.46
CA LEU M 545 -7.71 27.48 34.26
C LEU M 545 -8.34 28.15 33.04
N GLY M 546 -9.29 29.07 33.26
CA GLY M 546 -9.91 29.75 32.14
C GLY M 546 -9.07 30.89 31.58
N THR M 547 -7.90 31.15 32.14
CA THR M 547 -7.06 32.24 31.68
C THR M 547 -5.63 31.76 31.42
N THR M 548 -5.49 30.62 30.74
CA THR M 548 -4.19 30.06 30.37
C THR M 548 -4.22 29.74 28.88
N GLU M 549 -3.75 30.68 28.07
CA GLU M 549 -3.67 30.44 26.62
C GLU M 549 -2.60 29.41 26.29
N VAL M 550 -1.47 29.45 27.00
CA VAL M 550 -0.31 28.63 26.71
C VAL M 550 -0.20 27.55 27.77
N ALA M 551 0.14 26.33 27.34
CA ALA M 551 0.35 25.20 28.23
C ALA M 551 1.27 24.21 27.53
N ILE M 552 2.35 23.82 28.20
CA ILE M 552 3.37 22.96 27.61
C ILE M 552 3.39 21.64 28.36
N VAL M 553 3.77 20.58 27.63
CA VAL M 553 3.93 19.25 28.20
C VAL M 553 5.25 18.67 27.73
N GLU M 554 5.70 17.63 28.42
CA GLU M 554 6.96 16.98 28.11
C GLU M 554 6.76 16.03 26.92
N ALA M 555 7.81 15.29 26.57
CA ALA M 555 7.74 14.35 25.45
C ALA M 555 6.87 13.15 25.78
N ALA N 28 0.85 4.48 35.71
CA ALA N 28 0.45 5.86 35.43
C ALA N 28 -0.09 5.98 34.00
N HIS N 29 -0.95 5.04 33.61
CA HIS N 29 -1.52 5.05 32.27
C HIS N 29 -2.82 4.25 32.32
N LYS N 30 -3.94 4.93 32.11
CA LYS N 30 -5.25 4.31 32.20
C LYS N 30 -6.12 4.72 31.03
N GLU N 31 -7.08 3.85 30.68
CA GLU N 31 -8.09 4.15 29.69
C GLU N 31 -9.47 3.95 30.30
N LEU N 32 -10.41 4.82 29.93
CA LEU N 32 -11.72 4.88 30.57
C LEU N 32 -12.80 4.41 29.61
N LYS N 33 -13.77 3.66 30.14
CA LYS N 33 -14.96 3.27 29.41
C LYS N 33 -16.17 3.64 30.25
N PHE N 34 -17.15 4.30 29.62
CA PHE N 34 -18.24 4.92 30.34
C PHE N 34 -19.56 4.24 30.02
N GLY N 35 -20.28 3.85 31.07
CA GLY N 35 -21.67 3.45 30.93
C GLY N 35 -21.85 2.19 30.10
N VAL N 36 -22.52 2.35 28.96
CA VAL N 36 -22.97 1.20 28.18
C VAL N 36 -21.79 0.40 27.65
N GLU N 37 -20.71 1.09 27.25
CA GLU N 37 -19.56 0.40 26.68
C GLU N 37 -18.89 -0.49 27.73
N GLY N 38 -18.62 0.06 28.91
CA GLY N 38 -18.02 -0.74 29.97
C GLY N 38 -18.93 -1.87 30.43
N ARG N 39 -20.24 -1.58 30.52
CA ARG N 39 -21.19 -2.63 30.92
C ARG N 39 -21.22 -3.75 29.89
N ALA N 40 -21.15 -3.41 28.60
CA ALA N 40 -21.14 -4.44 27.56
C ALA N 40 -19.85 -5.25 27.62
N ALA N 41 -18.72 -4.60 27.88
CA ALA N 41 -17.46 -5.33 27.99
C ALA N 41 -17.50 -6.31 29.17
N LEU N 42 -18.01 -5.84 30.31
CA LEU N 42 -18.15 -6.73 31.47
C LEU N 42 -19.12 -7.87 31.18
N LEU N 43 -20.22 -7.56 30.48
CA LEU N 43 -21.15 -8.60 30.07
C LEU N 43 -20.46 -9.66 29.23
N ASN N 44 -19.67 -9.23 28.24
CA ASN N 44 -18.99 -10.17 27.37
C ASN N 44 -18.02 -11.05 28.16
N GLY N 45 -17.22 -10.44 29.03
CA GLY N 45 -16.27 -11.22 29.81
C GLY N 45 -16.95 -12.22 30.74
N VAL N 46 -17.96 -11.75 31.47
CA VAL N 46 -18.66 -12.63 32.42
C VAL N 46 -19.37 -13.75 31.68
N GLU N 47 -20.02 -13.43 30.55
CA GLU N 47 -20.72 -14.44 29.79
C GLU N 47 -19.77 -15.48 29.23
N THR N 48 -18.60 -15.05 28.73
CA THR N 48 -17.64 -16.00 28.21
C THR N 48 -17.14 -16.94 29.31
N LEU N 49 -16.78 -16.37 30.46
CA LEU N 49 -16.28 -17.20 31.56
C LEU N 49 -17.36 -18.17 32.05
N ALA N 50 -18.59 -17.69 32.18
CA ALA N 50 -19.66 -18.54 32.67
C ALA N 50 -20.01 -19.64 31.66
N LYS N 51 -19.97 -19.33 30.37
CA LYS N 51 -20.21 -20.35 29.36
C LYS N 51 -19.11 -21.40 29.38
N ALA N 52 -17.87 -20.99 29.59
CA ALA N 52 -16.78 -21.96 29.72
C ALA N 52 -16.97 -22.82 30.96
N VAL N 53 -17.38 -22.22 32.07
CA VAL N 53 -17.47 -22.96 33.33
C VAL N 53 -18.66 -23.93 33.32
N ALA N 54 -19.80 -23.50 32.78
CA ALA N 54 -21.02 -24.28 32.87
C ALA N 54 -20.96 -25.57 32.07
N THR N 55 -19.95 -25.73 31.22
CA THR N 55 -19.82 -26.96 30.44
C THR N 55 -19.59 -28.20 31.31
N THR N 56 -19.16 -28.02 32.55
CA THR N 56 -18.94 -29.13 33.47
C THR N 56 -20.06 -29.25 34.51
N LEU N 57 -21.13 -28.48 34.38
CA LEU N 57 -22.22 -28.49 35.34
C LEU N 57 -23.01 -29.78 35.25
N GLY N 58 -23.46 -30.27 36.41
CA GLY N 58 -24.29 -31.44 36.48
C GLY N 58 -23.50 -32.73 36.50
N PRO N 59 -24.15 -33.82 36.89
CA PRO N 59 -23.46 -35.13 36.87
C PRO N 59 -22.98 -35.51 35.48
N LYS N 60 -23.72 -35.13 34.45
CA LYS N 60 -23.35 -35.42 33.06
C LYS N 60 -22.54 -34.27 32.47
N GLY N 61 -21.46 -33.93 33.17
CA GLY N 61 -20.60 -32.85 32.75
C GLY N 61 -19.69 -33.27 31.60
N ARG N 62 -18.92 -32.29 31.12
CA ARG N 62 -18.02 -32.52 30.00
C ARG N 62 -16.66 -31.93 30.34
N ASN N 63 -15.61 -32.58 29.84
CA ASN N 63 -14.26 -32.31 30.33
C ASN N 63 -13.69 -31.02 29.75
N VAL N 64 -12.59 -30.57 30.35
CA VAL N 64 -11.84 -29.39 29.91
C VAL N 64 -10.39 -29.80 29.69
N LEU N 65 -9.71 -29.12 28.78
CA LEU N 65 -8.32 -29.41 28.47
C LEU N 65 -7.44 -28.30 29.03
N ILE N 66 -6.59 -28.64 30.01
CA ILE N 66 -5.71 -27.69 30.67
C ILE N 66 -4.28 -28.19 30.52
N GLU N 67 -3.37 -27.26 30.18
CA GLU N 67 -1.96 -27.58 30.06
C GLU N 67 -1.15 -26.81 31.10
N SER N 68 -0.24 -27.52 31.73
CA SER N 68 0.67 -26.95 32.71
C SER N 68 1.79 -26.21 32.00
N THR N 69 2.50 -25.36 32.75
CA THR N 69 3.62 -24.62 32.18
C THR N 69 4.73 -25.56 31.72
N PHE N 70 5.02 -26.58 32.51
CA PHE N 70 6.04 -27.57 32.19
C PHE N 70 5.40 -28.94 32.05
N GLY N 71 5.97 -29.78 31.19
CA GLY N 71 5.49 -31.13 31.02
C GLY N 71 4.47 -31.27 29.92
N SER N 72 3.33 -31.89 30.22
CA SER N 72 2.28 -32.18 29.25
C SER N 72 0.92 -31.87 29.85
N PRO N 73 -0.09 -31.61 29.01
CA PRO N 73 -1.39 -31.16 29.53
C PRO N 73 -2.10 -32.22 30.35
N LYS N 74 -2.93 -31.74 31.26
CA LYS N 74 -3.77 -32.56 32.12
C LYS N 74 -5.22 -32.46 31.67
N ILE N 75 -6.11 -33.07 32.45
CA ILE N 75 -7.54 -33.06 32.20
C ILE N 75 -8.23 -32.39 33.37
N THR N 76 -9.41 -31.83 33.14
CA THR N 76 -10.18 -31.14 34.16
C THR N 76 -11.66 -31.38 33.92
N LYS N 77 -12.37 -31.78 34.99
CA LYS N 77 -13.82 -31.96 34.92
C LYS N 77 -14.58 -31.14 35.94
N ASP N 78 -13.90 -30.39 36.80
CA ASP N 78 -14.56 -29.55 37.80
C ASP N 78 -14.70 -28.12 37.26
N GLY N 79 -15.09 -27.20 38.13
CA GLY N 79 -15.32 -25.83 37.72
C GLY N 79 -14.38 -24.81 38.34
N VAL N 80 -13.87 -25.10 39.54
CA VAL N 80 -13.05 -24.12 40.25
C VAL N 80 -11.74 -23.86 39.51
N THR N 81 -11.08 -24.91 39.05
CA THR N 81 -9.78 -24.73 38.40
C THR N 81 -9.92 -24.02 37.06
N VAL N 82 -10.91 -24.41 36.25
CA VAL N 82 -11.10 -23.74 34.97
C VAL N 82 -11.55 -22.30 35.17
N ALA N 83 -12.34 -22.04 36.20
CA ALA N 83 -12.73 -20.67 36.52
C ALA N 83 -11.54 -19.83 36.91
N LYS N 84 -10.63 -20.40 37.72
CA LYS N 84 -9.46 -19.66 38.16
C LYS N 84 -8.39 -19.54 37.07
N ALA N 85 -8.43 -20.38 36.05
CA ALA N 85 -7.41 -20.40 35.00
C ALA N 85 -7.92 -19.78 33.70
N ILE N 86 -8.72 -18.73 33.77
CA ILE N 86 -9.26 -18.06 32.60
C ILE N 86 -8.87 -16.59 32.63
N SER N 87 -8.29 -16.10 31.54
CA SER N 87 -7.96 -14.69 31.40
C SER N 87 -8.24 -14.30 29.95
N LEU N 88 -9.18 -13.37 29.76
CA LEU N 88 -9.65 -13.03 28.42
C LEU N 88 -8.67 -12.10 27.71
N LYS N 89 -9.01 -11.78 26.46
CA LYS N 89 -8.16 -10.91 25.65
C LYS N 89 -8.24 -9.46 26.13
N ASP N 90 -9.44 -8.90 26.11
CA ASP N 90 -9.61 -7.50 26.50
C ASP N 90 -9.40 -7.33 28.00
N LYS N 91 -8.91 -6.14 28.37
CA LYS N 91 -8.64 -5.86 29.77
C LYS N 91 -9.91 -5.81 30.60
N PHE N 92 -10.99 -5.25 30.04
CA PHE N 92 -12.25 -5.16 30.78
C PHE N 92 -12.89 -6.53 30.94
N GLU N 93 -12.81 -7.36 29.90
CA GLU N 93 -13.29 -8.74 30.02
C GLU N 93 -12.50 -9.49 31.07
N ASN N 94 -11.19 -9.28 31.11
CA ASN N 94 -10.36 -9.90 32.14
C ASN N 94 -10.75 -9.40 33.53
N LEU N 95 -11.08 -8.11 33.64
CA LEU N 95 -11.50 -7.54 34.92
C LEU N 95 -12.79 -8.20 35.40
N GLY N 96 -13.79 -8.31 34.51
CA GLY N 96 -15.02 -8.98 34.88
C GLY N 96 -14.81 -10.44 35.25
N ALA N 97 -13.96 -11.14 34.48
CA ALA N 97 -13.65 -12.53 34.78
C ALA N 97 -12.95 -12.66 36.12
N LYS N 98 -12.08 -11.71 36.47
CA LYS N 98 -11.38 -11.77 37.74
C LYS N 98 -12.32 -11.50 38.91
N LEU N 99 -13.28 -10.58 38.74
CA LEU N 99 -14.28 -10.37 39.78
C LEU N 99 -15.14 -11.62 39.98
N LEU N 100 -15.54 -12.25 38.86
CA LEU N 100 -16.30 -13.50 38.95
C LEU N 100 -15.46 -14.59 39.62
N ALA N 101 -14.16 -14.61 39.35
CA ALA N 101 -13.27 -15.55 40.02
C ALA N 101 -13.19 -15.28 41.51
N GLU N 102 -13.15 -14.00 41.90
CA GLU N 102 -13.19 -13.66 43.32
C GLU N 102 -14.43 -14.23 43.99
N VAL N 103 -15.61 -13.96 43.42
CA VAL N 103 -16.83 -14.42 44.10
C VAL N 103 -16.91 -15.95 44.07
N ALA N 104 -16.47 -16.57 42.98
CA ALA N 104 -16.48 -18.03 42.92
C ALA N 104 -15.55 -18.65 43.95
N SER N 105 -14.35 -18.07 44.12
CA SER N 105 -13.41 -18.58 45.10
C SER N 105 -13.93 -18.37 46.52
N LYS N 106 -14.58 -17.23 46.78
CA LYS N 106 -15.17 -17.02 48.10
C LYS N 106 -16.27 -18.05 48.37
N THR N 107 -17.10 -18.33 47.37
CA THR N 107 -18.15 -19.33 47.54
C THR N 107 -17.55 -20.71 47.78
N ASN N 108 -16.49 -21.06 47.04
CA ASN N 108 -15.86 -22.36 47.21
C ASN N 108 -15.22 -22.49 48.60
N GLU N 109 -14.57 -21.44 49.07
CA GLU N 109 -13.99 -21.48 50.40
C GLU N 109 -15.06 -21.55 51.49
N VAL N 110 -16.17 -20.85 51.30
CA VAL N 110 -17.24 -20.88 52.31
C VAL N 110 -17.90 -22.26 52.35
N ALA N 111 -18.25 -22.80 51.19
CA ALA N 111 -19.04 -24.03 51.12
C ALA N 111 -18.21 -25.23 50.68
N GLY N 112 -17.56 -25.16 49.53
CA GLY N 112 -16.80 -26.27 48.97
C GLY N 112 -17.30 -26.75 47.63
N ASP N 113 -18.49 -26.33 47.20
CA ASP N 113 -19.05 -26.73 45.91
C ASP N 113 -20.01 -25.64 45.45
N GLY N 114 -20.80 -25.96 44.43
CA GLY N 114 -21.78 -25.03 43.92
C GLY N 114 -21.22 -23.82 43.21
N THR N 115 -19.93 -23.84 42.86
CA THR N 115 -19.33 -22.69 42.18
C THR N 115 -19.95 -22.46 40.82
N THR N 116 -20.14 -23.54 40.05
CA THR N 116 -20.68 -23.40 38.70
C THR N 116 -22.10 -22.85 38.72
N THR N 117 -22.94 -23.33 39.65
CA THR N 117 -24.31 -22.84 39.73
C THR N 117 -24.33 -21.36 40.10
N ALA N 118 -23.48 -20.95 41.05
CA ALA N 118 -23.42 -19.54 41.42
C ALA N 118 -22.95 -18.68 40.25
N THR N 119 -21.95 -19.15 39.51
CA THR N 119 -21.47 -18.40 38.35
C THR N 119 -22.56 -18.25 37.30
N VAL N 120 -23.29 -19.33 37.02
CA VAL N 120 -24.34 -19.29 36.02
C VAL N 120 -25.46 -18.34 36.45
N LEU N 121 -25.85 -18.41 37.73
CA LEU N 121 -26.89 -17.51 38.23
C LEU N 121 -26.44 -16.06 38.16
N ALA N 122 -25.19 -15.78 38.53
CA ALA N 122 -24.69 -14.41 38.45
C ALA N 122 -24.68 -13.91 37.02
N ARG N 123 -24.24 -14.75 36.08
CA ARG N 123 -24.24 -14.35 34.68
C ARG N 123 -25.65 -14.04 34.20
N ALA N 124 -26.61 -14.91 34.53
CA ALA N 124 -27.98 -14.70 34.08
C ALA N 124 -28.56 -13.41 34.65
N ILE N 125 -28.39 -13.20 35.95
CA ILE N 125 -28.94 -12.00 36.59
C ILE N 125 -28.29 -10.76 36.02
N PHE N 126 -26.97 -10.76 35.84
CA PHE N 126 -26.29 -9.59 35.30
C PHE N 126 -26.75 -9.30 33.87
N SER N 127 -26.89 -10.34 33.04
CA SER N 127 -27.32 -10.14 31.66
C SER N 127 -28.73 -9.56 31.62
N GLU N 128 -29.66 -10.11 32.40
CA GLU N 128 -31.01 -9.57 32.42
C GLU N 128 -31.02 -8.13 32.94
N MET N 129 -30.21 -7.85 33.97
CA MET N 129 -30.18 -6.50 34.54
C MET N 129 -29.67 -5.48 33.52
N VAL N 130 -28.60 -5.82 32.81
CA VAL N 130 -28.06 -4.86 31.84
C VAL N 130 -29.01 -4.72 30.65
N LYS N 131 -29.68 -5.82 30.26
CA LYS N 131 -30.66 -5.71 29.19
C LYS N 131 -31.82 -4.80 29.58
N ASN N 132 -32.29 -4.90 30.82
CA ASN N 132 -33.35 -4.01 31.28
C ASN N 132 -32.86 -2.58 31.42
N VAL N 133 -31.61 -2.40 31.85
CA VAL N 133 -31.05 -1.05 31.97
C VAL N 133 -30.96 -0.37 30.62
N ALA N 134 -30.58 -1.13 29.59
CA ALA N 134 -30.52 -0.59 28.24
C ALA N 134 -31.90 -0.14 27.75
N ALA N 135 -32.97 -0.62 28.35
CA ALA N 135 -34.33 -0.21 28.00
C ALA N 135 -34.78 1.04 28.74
N GLY N 136 -33.96 1.58 29.64
CA GLY N 136 -34.29 2.79 30.35
C GLY N 136 -34.84 2.59 31.75
N CYS N 137 -34.88 1.36 32.25
CA CYS N 137 -35.38 1.12 33.59
C CYS N 137 -34.41 1.62 34.65
N ASN N 138 -34.94 1.89 35.84
CA ASN N 138 -34.12 2.41 36.92
C ASN N 138 -33.31 1.29 37.56
N PRO N 139 -31.98 1.35 37.54
CA PRO N 139 -31.19 0.27 38.14
C PRO N 139 -31.43 0.09 39.63
N MET N 140 -31.69 1.16 40.36
CA MET N 140 -31.85 1.05 41.81
C MET N 140 -33.11 0.27 42.17
N ASP N 141 -34.22 0.57 41.50
CA ASP N 141 -35.46 -0.17 41.75
C ASP N 141 -35.31 -1.63 41.35
N LEU N 142 -34.60 -1.89 40.24
CA LEU N 142 -34.33 -3.27 39.85
C LEU N 142 -33.53 -3.99 40.93
N ARG N 143 -32.50 -3.35 41.47
CA ARG N 143 -31.69 -3.96 42.51
C ARG N 143 -32.52 -4.24 43.76
N ARG N 144 -33.35 -3.29 44.16
CA ARG N 144 -34.21 -3.51 45.33
C ARG N 144 -35.17 -4.66 45.10
N GLY N 145 -35.75 -4.73 43.90
CA GLY N 145 -36.68 -5.80 43.59
C GLY N 145 -36.01 -7.17 43.61
N ILE N 146 -34.84 -7.27 42.99
CA ILE N 146 -34.15 -8.56 42.99
C ILE N 146 -33.69 -8.93 44.40
N GLN N 147 -33.30 -7.94 45.22
CA GLN N 147 -32.93 -8.24 46.60
C GLN N 147 -34.11 -8.80 47.38
N ALA N 148 -35.28 -8.15 47.26
CA ALA N 148 -36.46 -8.63 47.95
C ALA N 148 -36.86 -10.02 47.46
N ALA N 149 -36.79 -10.25 46.15
CA ALA N 149 -37.14 -11.54 45.60
C ALA N 149 -36.18 -12.64 46.06
N VAL N 150 -34.88 -12.31 46.13
CA VAL N 150 -33.90 -13.28 46.61
C VAL N 150 -34.15 -13.61 48.08
N ASP N 151 -34.48 -12.59 48.88
CA ASP N 151 -34.82 -12.84 50.28
C ASP N 151 -36.04 -13.75 50.39
N ALA N 152 -37.07 -13.50 49.58
CA ALA N 152 -38.24 -14.38 49.59
C ALA N 152 -37.88 -15.80 49.19
N VAL N 153 -37.02 -15.94 48.17
CA VAL N 153 -36.63 -17.27 47.70
C VAL N 153 -35.89 -18.03 48.78
N VAL N 154 -34.93 -17.39 49.44
CA VAL N 154 -34.16 -18.10 50.47
C VAL N 154 -35.04 -18.41 51.66
N GLU N 155 -35.99 -17.52 52.00
CA GLU N 155 -36.91 -17.81 53.08
C GLU N 155 -37.78 -19.02 52.76
N TYR N 156 -38.26 -19.10 51.51
CA TYR N 156 -39.06 -20.27 51.11
C TYR N 156 -38.23 -21.54 51.14
N LEU N 157 -36.97 -21.45 50.69
CA LEU N 157 -36.10 -22.62 50.71
C LEU N 157 -35.86 -23.10 52.14
N GLN N 158 -35.63 -22.16 53.06
CA GLN N 158 -35.43 -22.53 54.46
C GLN N 158 -36.70 -23.12 55.06
N GLN N 159 -37.87 -22.61 54.66
CA GLN N 159 -39.12 -23.11 55.21
C GLN N 159 -39.37 -24.56 54.78
N ASN N 160 -39.08 -24.90 53.53
CA ASN N 160 -39.43 -26.20 52.99
C ASN N 160 -38.38 -27.27 53.29
N LYS N 161 -37.18 -26.88 53.73
CA LYS N 161 -36.07 -27.82 53.89
C LYS N 161 -36.38 -28.87 54.96
N ARG N 162 -35.51 -29.87 55.02
CA ARG N 162 -35.59 -30.94 56.00
C ARG N 162 -34.31 -30.97 56.85
N ASP N 163 -34.45 -31.38 58.10
CA ASP N 163 -33.33 -31.43 59.02
C ASP N 163 -32.69 -32.81 59.00
N ILE N 164 -31.42 -32.85 59.40
CA ILE N 164 -30.63 -34.09 59.43
C ILE N 164 -30.29 -34.33 60.89
N THR N 165 -31.05 -35.20 61.56
CA THR N 165 -30.86 -35.45 62.98
C THR N 165 -30.58 -36.90 63.31
N THR N 166 -31.38 -37.83 62.81
CA THR N 166 -31.28 -39.23 63.23
C THR N 166 -29.99 -39.86 62.69
N SER N 167 -29.36 -40.70 63.52
CA SER N 167 -28.09 -41.31 63.14
C SER N 167 -28.20 -42.17 61.88
N ALA N 168 -29.35 -42.81 61.68
CA ALA N 168 -29.53 -43.61 60.47
C ALA N 168 -29.51 -42.75 59.21
N GLU N 169 -30.29 -41.66 59.20
CA GLU N 169 -30.25 -40.76 58.06
C GLU N 169 -28.94 -39.97 58.02
N ILE N 170 -28.28 -39.85 59.17
CA ILE N 170 -26.91 -39.31 59.18
C ILE N 170 -25.99 -40.19 58.35
N ALA N 171 -26.04 -41.51 58.59
CA ALA N 171 -25.23 -42.43 57.81
C ALA N 171 -25.66 -42.43 56.35
N GLN N 172 -26.96 -42.29 56.09
CA GLN N 172 -27.46 -42.26 54.72
C GLN N 172 -26.90 -41.06 53.96
N VAL N 173 -26.98 -39.86 54.56
CA VAL N 173 -26.49 -38.66 53.89
C VAL N 173 -24.98 -38.70 53.74
N ALA N 174 -24.28 -39.27 54.74
CA ALA N 174 -22.84 -39.45 54.61
C ALA N 174 -22.51 -40.40 53.45
N THR N 175 -23.32 -41.43 53.26
CA THR N 175 -23.09 -42.38 52.18
C THR N 175 -23.28 -41.73 50.83
N ILE N 176 -24.41 -41.04 50.63
CA ILE N 176 -24.68 -40.48 49.31
C ILE N 176 -23.75 -39.31 49.03
N SER N 177 -23.35 -38.57 50.07
CA SER N 177 -22.36 -37.52 49.88
C SER N 177 -20.97 -38.07 49.53
N ALA N 178 -20.71 -39.34 49.85
CA ALA N 178 -19.45 -39.98 49.55
C ALA N 178 -19.57 -40.98 48.41
N ASN N 179 -20.41 -40.68 47.42
CA ASN N 179 -20.62 -41.49 46.22
C ASN N 179 -21.20 -42.88 46.52
N GLY N 180 -21.62 -43.12 47.75
CA GLY N 180 -22.27 -44.40 48.08
C GLY N 180 -21.36 -45.59 48.32
N ASP N 181 -20.35 -45.77 47.47
CA ASP N 181 -19.49 -46.94 47.58
C ASP N 181 -18.64 -46.90 48.85
N GLN N 182 -18.47 -45.71 49.44
CA GLN N 182 -17.64 -45.54 50.63
C GLN N 182 -18.47 -45.89 51.87
N HIS N 183 -18.76 -47.18 52.01
CA HIS N 183 -19.55 -47.64 53.15
C HIS N 183 -18.77 -47.54 54.45
N ILE N 184 -17.51 -47.96 54.44
CA ILE N 184 -16.68 -47.80 55.63
C ILE N 184 -16.53 -46.32 55.97
N GLY N 185 -16.42 -45.47 54.95
CA GLY N 185 -16.32 -44.05 55.18
C GLY N 185 -17.58 -43.47 55.81
N LYS N 186 -18.75 -43.91 55.34
CA LYS N 186 -19.99 -43.39 55.91
C LYS N 186 -20.20 -43.88 57.34
N LEU N 187 -19.82 -45.13 57.63
CA LEU N 187 -19.88 -45.61 59.00
C LEU N 187 -18.95 -44.81 59.90
N ILE N 188 -17.73 -44.52 59.42
CA ILE N 188 -16.78 -43.74 60.19
C ILE N 188 -17.33 -42.34 60.43
N ALA N 189 -17.92 -41.73 59.40
CA ALA N 189 -18.47 -40.39 59.55
C ALA N 189 -19.63 -40.37 60.54
N SER N 190 -20.50 -41.38 60.48
CA SER N 190 -21.62 -41.44 61.41
C SER N 190 -21.13 -41.60 62.85
N ALA N 191 -20.14 -42.47 63.07
CA ALA N 191 -19.59 -42.64 64.41
C ALA N 191 -18.92 -41.36 64.90
N MET N 192 -18.17 -40.69 64.01
CA MET N 192 -17.48 -39.47 64.39
C MET N 192 -18.45 -38.33 64.67
N GLU N 193 -19.60 -38.32 64.00
CA GLU N 193 -20.63 -37.32 64.29
C GLU N 193 -21.37 -37.62 65.57
N LYS N 194 -21.64 -38.90 65.86
CA LYS N 194 -22.31 -39.27 67.09
C LYS N 194 -21.38 -39.18 68.31
N VAL N 195 -20.08 -39.13 68.09
CA VAL N 195 -19.13 -39.02 69.20
C VAL N 195 -18.74 -37.57 69.45
N GLY N 196 -18.32 -36.85 68.41
CA GLY N 196 -17.89 -35.49 68.55
C GLY N 196 -18.55 -34.58 67.53
N LYS N 197 -18.23 -33.28 67.64
CA LYS N 197 -18.78 -32.28 66.75
C LYS N 197 -17.72 -31.44 66.04
N GLU N 198 -16.48 -31.42 66.52
CA GLU N 198 -15.44 -30.65 65.85
C GLU N 198 -14.87 -31.40 64.66
N GLY N 199 -14.26 -32.56 64.91
CA GLY N 199 -13.78 -33.42 63.84
C GLY N 199 -12.52 -32.95 63.15
N VAL N 200 -11.71 -33.91 62.69
CA VAL N 200 -10.48 -33.60 61.96
C VAL N 200 -10.04 -34.86 61.23
N ILE N 201 -9.23 -34.67 60.19
CA ILE N 201 -8.68 -35.77 59.41
C ILE N 201 -7.16 -35.59 59.32
N THR N 202 -6.44 -36.68 59.54
CA THR N 202 -4.98 -36.66 59.50
C THR N 202 -4.46 -37.93 58.85
N VAL N 203 -3.25 -37.85 58.33
CA VAL N 203 -2.59 -38.98 57.67
C VAL N 203 -1.17 -39.10 58.21
N LYS N 204 -0.75 -40.34 58.49
CA LYS N 204 0.59 -40.63 59.00
C LYS N 204 1.14 -41.79 58.18
N GLU N 205 2.24 -41.55 57.47
CA GLU N 205 2.94 -42.51 56.62
C GLU N 205 1.99 -43.44 55.86
N GLY N 206 2.32 -44.72 55.78
CA GLY N 206 1.51 -45.65 55.03
C GLY N 206 0.13 -45.86 55.62
N LYS N 207 0.06 -46.04 56.94
CA LYS N 207 -1.20 -46.28 57.66
C LYS N 207 -1.93 -47.49 57.10
N THR N 208 -1.29 -48.65 57.28
CA THR N 208 -1.84 -49.91 56.80
C THR N 208 -3.05 -50.38 57.59
N LEU N 209 -3.54 -49.60 58.54
CA LEU N 209 -4.70 -49.99 59.33
C LEU N 209 -5.97 -49.94 58.48
N GLN N 210 -7.08 -50.29 59.12
CA GLN N 210 -8.39 -50.38 58.45
C GLN N 210 -9.28 -49.19 58.77
N ASP N 211 -8.71 -47.99 58.87
CA ASP N 211 -9.45 -46.76 59.13
C ASP N 211 -10.21 -46.84 60.45
N GLU N 212 -9.45 -46.95 61.54
CA GLU N 212 -10.01 -47.01 62.88
C GLU N 212 -10.10 -45.62 63.47
N LEU N 213 -11.20 -45.34 64.15
CA LEU N 213 -11.45 -44.04 64.76
C LEU N 213 -11.06 -44.06 66.24
N GLU N 214 -10.93 -42.87 66.81
CA GLU N 214 -10.56 -42.73 68.21
C GLU N 214 -11.03 -41.38 68.72
N VAL N 215 -11.06 -41.25 70.04
CA VAL N 215 -11.46 -40.02 70.72
C VAL N 215 -10.26 -39.54 71.53
N THR N 216 -9.85 -38.30 71.31
CA THR N 216 -8.68 -37.75 71.98
C THR N 216 -8.94 -36.29 72.34
N GLU N 217 -8.56 -35.91 73.56
CA GLU N 217 -8.68 -34.53 74.00
C GLU N 217 -7.71 -33.65 73.22
N GLY N 218 -8.17 -32.46 72.85
CA GLY N 218 -7.32 -31.55 72.11
C GLY N 218 -7.94 -30.17 72.01
N MET N 219 -7.29 -29.32 71.21
CA MET N 219 -7.70 -27.95 71.02
C MET N 219 -7.65 -27.61 69.53
N ARG N 220 -8.44 -26.61 69.14
CA ARG N 220 -8.52 -26.20 67.74
C ARG N 220 -8.68 -24.68 67.67
N PHE N 221 -8.00 -24.08 66.69
CA PHE N 221 -8.18 -22.67 66.39
C PHE N 221 -7.85 -22.44 64.93
N ASP N 222 -8.36 -21.34 64.39
CA ASP N 222 -8.22 -21.02 62.97
C ASP N 222 -7.25 -19.85 62.81
N ARG N 223 -5.96 -20.18 62.69
CA ARG N 223 -4.93 -19.17 62.44
C ARG N 223 -3.74 -19.87 61.79
N GLY N 224 -3.61 -19.72 60.47
CA GLY N 224 -2.56 -20.35 59.72
C GLY N 224 -1.24 -19.60 59.81
N PHE N 225 -0.25 -20.12 59.09
CA PHE N 225 1.07 -19.49 59.07
C PHE N 225 1.01 -18.15 58.36
N VAL N 226 1.85 -17.22 58.82
CA VAL N 226 1.93 -15.91 58.17
C VAL N 226 2.55 -16.02 56.79
N SER N 227 3.54 -16.89 56.64
CA SER N 227 4.27 -17.04 55.38
C SER N 227 3.99 -18.41 54.76
N PRO N 228 3.92 -18.49 53.43
CA PRO N 228 3.66 -19.77 52.77
C PRO N 228 4.88 -20.67 52.59
N TYR N 229 6.03 -20.29 53.13
CA TYR N 229 7.26 -21.07 52.97
C TYR N 229 7.55 -21.98 54.15
N PHE N 230 6.67 -22.02 55.15
CA PHE N 230 6.93 -22.81 56.36
C PHE N 230 6.59 -24.28 56.19
N ILE N 231 5.84 -24.66 55.16
CA ILE N 231 5.45 -26.04 54.93
C ILE N 231 5.93 -26.46 53.55
N THR N 232 6.77 -27.50 53.50
CA THR N 232 7.26 -27.99 52.22
C THR N 232 6.14 -28.64 51.41
N ASP N 233 5.32 -29.46 52.06
CA ASP N 233 4.21 -30.13 51.38
C ASP N 233 2.91 -29.32 51.51
N ALA N 234 2.95 -28.07 51.05
CA ALA N 234 1.78 -27.20 51.12
C ALA N 234 0.68 -27.64 50.18
N LYS N 235 0.98 -28.49 49.20
CA LYS N 235 -0.04 -28.96 48.27
C LYS N 235 -1.09 -29.81 48.99
N ALA N 236 -0.67 -30.66 49.92
CA ALA N 236 -1.57 -31.54 50.63
C ALA N 236 -1.55 -31.37 52.14
N GLN N 237 -0.68 -30.51 52.68
CA GLN N 237 -0.56 -30.27 54.12
C GLN N 237 -0.28 -31.57 54.87
N LYS N 238 0.86 -32.17 54.54
CA LYS N 238 1.26 -33.42 55.15
C LYS N 238 1.57 -33.23 56.63
N VAL N 239 1.36 -34.29 57.41
CA VAL N 239 1.60 -34.28 58.85
C VAL N 239 3.00 -34.87 59.08
N GLU N 240 3.89 -34.06 59.64
CA GLU N 240 5.26 -34.48 59.93
C GLU N 240 5.69 -34.02 61.32
N PHE N 241 4.73 -33.83 62.23
CA PHE N 241 5.00 -33.35 63.58
C PHE N 241 4.59 -34.46 64.55
N GLU N 242 5.54 -35.33 64.89
CA GLU N 242 5.32 -36.42 65.83
C GLU N 242 5.92 -36.01 67.18
N LYS N 243 5.07 -35.92 68.19
CA LYS N 243 5.45 -35.43 69.51
C LYS N 243 6.21 -34.10 69.43
N PRO N 244 5.56 -33.04 68.94
CA PRO N 244 6.27 -31.77 68.76
C PRO N 244 6.18 -30.85 69.95
N LEU N 245 7.30 -30.19 70.26
CA LEU N 245 7.33 -29.17 71.28
C LEU N 245 6.64 -27.90 70.78
N ILE N 246 6.07 -27.15 71.73
CA ILE N 246 5.35 -25.93 71.40
C ILE N 246 5.84 -24.80 72.30
N LEU N 247 5.65 -23.57 71.83
CA LEU N 247 6.06 -22.37 72.54
C LEU N 247 4.85 -21.47 72.76
N LEU N 248 4.74 -20.94 73.97
CA LEU N 248 3.64 -20.06 74.35
C LEU N 248 4.19 -18.68 74.66
N SER N 249 3.63 -17.66 74.01
CA SER N 249 4.05 -16.29 74.23
C SER N 249 2.88 -15.35 73.96
N GLU N 250 2.94 -14.17 74.55
CA GLU N 250 1.90 -13.15 74.39
C GLU N 250 2.44 -11.82 73.90
N GLN N 251 3.61 -11.40 74.37
CA GLN N 251 4.17 -10.12 73.97
C GLN N 251 4.73 -10.21 72.55
N LYS N 252 5.03 -9.03 71.99
CA LYS N 252 5.56 -8.96 70.63
C LYS N 252 6.95 -9.57 70.56
N ILE N 253 7.23 -10.26 69.46
CA ILE N 253 8.55 -10.85 69.20
C ILE N 253 9.08 -10.22 67.93
N SER N 254 10.17 -9.46 68.05
CA SER N 254 10.78 -8.81 66.90
C SER N 254 12.29 -8.90 66.87
N ALA N 255 12.94 -9.52 67.85
CA ALA N 255 14.38 -9.62 67.91
C ALA N 255 14.80 -11.06 68.16
N ALA N 256 16.05 -11.37 67.79
CA ALA N 256 16.60 -12.70 67.96
C ALA N 256 17.32 -12.89 69.29
N THR N 257 17.27 -11.89 70.18
CA THR N 257 17.99 -11.98 71.44
C THR N 257 17.43 -13.09 72.33
N ASP N 258 16.11 -13.24 72.38
CA ASP N 258 15.46 -14.16 73.30
C ASP N 258 14.74 -15.30 72.60
N ILE N 259 15.04 -15.55 71.33
CA ILE N 259 14.42 -16.66 70.60
C ILE N 259 15.44 -17.57 69.95
N ILE N 260 16.69 -17.11 69.81
CA ILE N 260 17.73 -17.94 69.19
C ILE N 260 17.98 -19.23 69.96
N PRO N 261 18.15 -19.23 71.29
CA PRO N 261 18.46 -20.49 71.98
C PRO N 261 17.42 -21.58 71.77
N ALA N 262 16.13 -21.21 71.68
CA ALA N 262 15.09 -22.21 71.52
C ALA N 262 15.23 -22.97 70.21
N LEU N 263 15.33 -22.24 69.10
CA LEU N 263 15.46 -22.89 67.80
C LEU N 263 16.78 -23.65 67.68
N GLU N 264 17.86 -23.10 68.24
CA GLU N 264 19.14 -23.77 68.18
C GLU N 264 19.11 -25.10 68.93
N ILE N 265 18.52 -25.11 70.14
CA ILE N 265 18.46 -26.36 70.89
C ILE N 265 17.49 -27.34 70.24
N SER N 266 16.41 -26.83 69.63
CA SER N 266 15.48 -27.71 68.94
C SER N 266 16.15 -28.39 67.75
N HIS N 267 16.97 -27.65 67.00
CA HIS N 267 17.75 -28.27 65.93
C HIS N 267 18.80 -29.22 66.49
N LYS N 268 19.35 -28.90 67.67
CA LYS N 268 20.36 -29.76 68.28
C LYS N 268 19.79 -31.13 68.62
N MET N 269 18.61 -31.17 69.25
CA MET N 269 18.00 -32.45 69.54
C MET N 269 17.09 -32.97 68.43
N ARG N 270 16.96 -32.21 67.34
CA ARG N 270 16.15 -32.62 66.17
C ARG N 270 14.70 -32.87 66.58
N ARG N 271 14.08 -31.85 67.16
CA ARG N 271 12.69 -31.91 67.58
C ARG N 271 11.90 -30.76 66.97
N PRO N 272 10.64 -30.99 66.61
CA PRO N 272 9.83 -29.92 66.05
C PRO N 272 9.50 -28.85 67.09
N LEU N 273 9.28 -27.63 66.60
CA LEU N 273 8.95 -26.51 67.46
C LEU N 273 8.09 -25.52 66.67
N VAL N 274 7.35 -24.70 67.41
CA VAL N 274 6.49 -23.68 66.83
C VAL N 274 6.82 -22.33 67.47
N ILE N 275 6.42 -21.27 66.77
CA ILE N 275 6.65 -19.90 67.23
C ILE N 275 5.32 -19.15 67.18
N ILE N 276 4.97 -18.51 68.28
CA ILE N 276 3.75 -17.70 68.38
C ILE N 276 4.18 -16.26 68.57
N ALA N 277 4.14 -15.47 67.50
CA ALA N 277 4.56 -14.08 67.53
C ALA N 277 3.45 -13.21 66.93
N GLU N 278 3.24 -12.04 67.53
CA GLU N 278 2.24 -11.11 67.02
C GLU N 278 2.60 -10.62 65.62
N ASP N 279 3.87 -10.29 65.40
CA ASP N 279 4.33 -9.83 64.09
C ASP N 279 5.82 -10.09 63.99
N ILE N 280 6.19 -11.04 63.12
CA ILE N 280 7.59 -11.40 62.91
C ILE N 280 7.89 -11.35 61.41
N ASP N 281 9.00 -10.72 61.05
CA ASP N 281 9.41 -10.60 59.66
C ASP N 281 10.31 -11.73 59.20
N GLY N 282 10.65 -12.67 60.08
CA GLY N 282 11.48 -13.80 59.71
C GLY N 282 12.94 -13.48 59.53
N GLU N 283 13.48 -12.50 60.28
CA GLU N 283 14.90 -12.20 60.17
C GLU N 283 15.75 -13.37 60.65
N ALA N 284 15.34 -14.03 61.73
CA ALA N 284 16.06 -15.21 62.21
C ALA N 284 16.00 -16.34 61.19
N LEU N 285 14.83 -16.52 60.57
CA LEU N 285 14.70 -17.55 59.53
C LEU N 285 15.63 -17.25 58.35
N ALA N 286 15.68 -15.99 57.92
CA ALA N 286 16.56 -15.63 56.82
C ALA N 286 18.03 -15.84 57.18
N VAL N 287 18.41 -15.47 58.40
CA VAL N 287 19.78 -15.66 58.84
C VAL N 287 20.14 -17.15 58.86
N CYS N 288 19.24 -17.97 59.40
CA CYS N 288 19.48 -19.41 59.43
C CYS N 288 19.59 -19.99 58.02
N ILE N 289 18.72 -19.54 57.11
CA ILE N 289 18.75 -20.05 55.74
C ILE N 289 20.05 -19.67 55.05
N LEU N 290 20.48 -18.42 55.19
CA LEU N 290 21.73 -18.00 54.55
C LEU N 290 22.94 -18.67 55.17
N ASN N 291 22.91 -18.95 56.48
CA ASN N 291 23.97 -19.74 57.09
C ASN N 291 23.98 -21.16 56.53
N LYS N 292 22.79 -21.75 56.37
CA LYS N 292 22.64 -23.06 55.74
C LYS N 292 21.21 -23.18 55.25
N LEU N 293 21.04 -23.37 53.94
CA LEU N 293 19.73 -23.49 53.29
C LEU N 293 18.84 -24.53 53.96
N ARG N 294 17.55 -24.50 53.64
CA ARG N 294 16.54 -25.31 54.32
C ARG N 294 16.96 -26.77 54.38
N GLY N 295 16.63 -27.42 55.50
CA GLY N 295 17.01 -28.80 55.73
C GLY N 295 17.64 -29.01 57.08
N GLN N 296 17.56 -28.00 57.96
CA GLN N 296 18.13 -28.09 59.29
C GLN N 296 17.14 -27.80 60.41
N LEU N 297 16.02 -27.15 60.14
CA LEU N 297 15.03 -26.85 61.18
C LEU N 297 13.66 -26.70 60.55
N GLU N 298 12.63 -26.82 61.39
CA GLU N 298 11.24 -26.69 60.96
C GLU N 298 10.67 -25.43 61.58
N VAL N 299 10.49 -24.40 60.75
CA VAL N 299 9.96 -23.12 61.21
C VAL N 299 8.44 -23.15 61.14
N ALA N 300 7.80 -22.81 62.27
CA ALA N 300 6.34 -22.78 62.36
C ALA N 300 5.95 -21.52 63.11
N ALA N 301 5.55 -20.49 62.38
CA ALA N 301 5.15 -19.21 62.95
C ALA N 301 3.66 -19.01 62.74
N VAL N 302 2.94 -18.78 63.83
CA VAL N 302 1.50 -18.56 63.81
C VAL N 302 1.20 -17.30 64.60
N LYS N 303 0.44 -16.38 64.00
CA LYS N 303 0.09 -15.14 64.67
C LYS N 303 -0.83 -15.41 65.86
N ALA N 304 -0.62 -14.66 66.93
CA ALA N 304 -1.45 -14.80 68.11
C ALA N 304 -2.87 -14.29 67.83
N PRO N 305 -3.88 -14.91 68.43
CA PRO N 305 -5.26 -14.48 68.20
C PRO N 305 -5.56 -13.17 68.91
N GLY N 306 -6.79 -12.69 68.70
CA GLY N 306 -7.28 -11.50 69.37
C GLY N 306 -8.00 -11.85 70.66
N PHE N 307 -8.99 -11.03 71.00
CA PHE N 307 -9.84 -11.24 72.19
C PHE N 307 -8.98 -11.28 73.45
N GLY N 308 -8.41 -10.13 73.77
CA GLY N 308 -7.41 -9.98 74.82
C GLY N 308 -7.62 -10.79 76.08
N ASP N 309 -8.73 -10.56 76.80
CA ASP N 309 -9.01 -11.37 77.98
C ASP N 309 -9.25 -12.83 77.61
N ASN N 310 -10.00 -13.06 76.53
CA ASN N 310 -10.17 -14.42 76.04
C ASN N 310 -8.86 -15.00 75.52
N ARG N 311 -7.97 -14.14 75.02
CA ARG N 311 -6.64 -14.60 74.63
C ARG N 311 -5.86 -15.11 75.84
N LYS N 312 -5.91 -14.36 76.95
CA LYS N 312 -5.28 -14.83 78.19
C LYS N 312 -5.90 -16.14 78.66
N SER N 313 -7.23 -16.24 78.58
CA SER N 313 -7.90 -17.47 78.99
C SER N 313 -7.47 -18.65 78.12
N ILE N 314 -7.39 -18.45 76.81
CA ILE N 314 -7.02 -19.53 75.91
C ILE N 314 -5.54 -19.90 76.10
N LEU N 315 -4.69 -18.91 76.41
CA LEU N 315 -3.29 -19.22 76.70
C LEU N 315 -3.18 -20.05 77.97
N GLY N 316 -3.93 -19.69 79.01
CA GLY N 316 -3.96 -20.50 80.21
C GLY N 316 -4.46 -21.90 79.93
N ASP N 317 -5.48 -22.03 79.08
CA ASP N 317 -6.03 -23.34 78.77
C ASP N 317 -5.02 -24.22 78.01
N ILE N 318 -4.35 -23.65 77.01
CA ILE N 318 -3.38 -24.46 76.27
C ILE N 318 -2.18 -24.80 77.14
N ALA N 319 -1.77 -23.88 78.03
CA ALA N 319 -0.71 -24.20 78.97
C ALA N 319 -1.13 -25.33 79.91
N VAL N 320 -2.37 -25.29 80.41
CA VAL N 320 -2.87 -26.33 81.29
C VAL N 320 -2.87 -27.67 80.56
N LEU N 321 -3.32 -27.68 79.31
CA LEU N 321 -3.38 -28.92 78.55
C LEU N 321 -1.98 -29.47 78.28
N THR N 322 -1.06 -28.62 77.81
CA THR N 322 0.25 -29.07 77.37
C THR N 322 1.40 -28.45 78.14
N ASN N 323 1.46 -27.12 78.26
CA ASN N 323 2.68 -26.47 78.71
C ASN N 323 2.73 -26.30 80.23
N GLY N 324 1.78 -25.56 80.79
CA GLY N 324 1.80 -25.21 82.18
C GLY N 324 2.54 -23.92 82.50
N THR N 325 3.17 -23.29 81.53
CA THR N 325 3.89 -22.04 81.73
C THR N 325 3.79 -21.19 80.48
N VAL N 326 3.45 -19.91 80.65
CA VAL N 326 3.36 -18.97 79.54
C VAL N 326 4.46 -17.93 79.69
N PHE N 327 4.69 -17.19 78.61
CA PHE N 327 5.73 -16.17 78.57
C PHE N 327 5.07 -14.79 78.48
N THR N 328 5.39 -13.92 79.44
CA THR N 328 4.85 -12.57 79.47
C THR N 328 5.71 -11.73 80.40
N ASN N 329 6.16 -10.58 79.92
CA ASN N 329 7.00 -9.70 80.75
C ASN N 329 6.22 -9.17 81.96
N GLU N 330 4.91 -8.95 81.81
CA GLU N 330 4.11 -8.52 82.94
C GLU N 330 4.08 -9.58 84.02
N LEU N 331 3.97 -10.85 83.64
CA LEU N 331 4.03 -11.95 84.58
C LEU N 331 5.45 -12.12 85.11
N ASP N 332 5.57 -12.76 86.27
CA ASP N 332 6.86 -12.91 86.93
C ASP N 332 7.83 -13.79 86.15
N VAL N 333 7.37 -14.53 85.14
CA VAL N 333 8.26 -15.35 84.34
C VAL N 333 9.19 -14.46 83.53
N LYS N 334 10.49 -14.77 83.57
CA LYS N 334 11.48 -13.98 82.85
C LYS N 334 11.38 -14.26 81.35
N LEU N 335 11.59 -13.22 80.54
CA LEU N 335 11.44 -13.36 79.10
C LEU N 335 12.60 -14.13 78.48
N GLU N 336 13.78 -14.09 79.10
CA GLU N 336 14.97 -14.76 78.58
C GLU N 336 15.20 -16.13 79.21
N LYS N 337 14.13 -16.85 79.56
CA LYS N 337 14.22 -18.17 80.16
C LYS N 337 13.87 -19.27 79.15
N VAL N 338 14.30 -19.12 77.91
CA VAL N 338 13.96 -20.08 76.86
C VAL N 338 14.81 -21.33 76.98
N THR N 339 14.34 -22.30 77.74
CA THR N 339 14.97 -23.59 77.92
C THR N 339 13.94 -24.69 77.71
N PRO N 340 14.36 -25.88 77.28
CA PRO N 340 13.41 -26.99 77.09
C PRO N 340 12.84 -27.55 78.39
N ASP N 341 13.12 -26.95 79.54
CA ASP N 341 12.64 -27.50 80.80
C ASP N 341 11.13 -27.35 80.93
N MET N 342 10.59 -26.16 80.66
CA MET N 342 9.17 -25.90 80.81
C MET N 342 8.43 -25.82 79.49
N LEU N 343 9.10 -26.11 78.38
CA LEU N 343 8.44 -26.09 77.09
C LEU N 343 7.37 -27.18 77.01
N GLY N 344 6.21 -26.82 76.45
CA GLY N 344 5.12 -27.75 76.36
C GLY N 344 5.30 -28.78 75.27
N SER N 345 4.51 -29.85 75.36
CA SER N 345 4.58 -30.94 74.40
C SER N 345 3.20 -31.56 74.24
N THR N 346 3.02 -32.27 73.13
CA THR N 346 1.77 -32.94 72.85
C THR N 346 2.05 -34.21 72.06
N GLY N 347 1.06 -35.11 72.03
CA GLY N 347 1.23 -36.34 71.29
C GLY N 347 1.40 -36.12 69.80
N SER N 348 0.57 -35.26 69.22
CA SER N 348 0.67 -34.92 67.81
C SER N 348 -0.04 -33.60 67.56
N ILE N 349 0.46 -32.86 66.57
CA ILE N 349 -0.12 -31.57 66.20
C ILE N 349 -0.30 -31.54 64.69
N THR N 350 -1.21 -30.67 64.24
CA THR N 350 -1.47 -30.50 62.81
C THR N 350 -1.82 -29.03 62.59
N ILE N 351 -0.92 -28.30 61.94
CA ILE N 351 -1.13 -26.89 61.66
C ILE N 351 -1.04 -26.69 60.15
N THR N 352 -2.08 -26.08 59.56
CA THR N 352 -2.09 -25.81 58.13
C THR N 352 -2.36 -24.33 57.88
N LYS N 353 -2.58 -23.96 56.62
CA LYS N 353 -2.61 -22.56 56.24
C LYS N 353 -3.84 -21.81 56.71
N GLU N 354 -4.86 -22.51 57.21
CA GLU N 354 -6.08 -21.87 57.67
C GLU N 354 -6.44 -22.13 59.12
N ASP N 355 -6.03 -23.25 59.70
CA ASP N 355 -6.36 -23.54 61.09
C ASP N 355 -5.30 -24.47 61.68
N THR N 356 -5.28 -24.52 63.01
CA THR N 356 -4.36 -25.37 63.75
C THR N 356 -5.14 -26.45 64.49
N ILE N 357 -4.58 -27.66 64.52
CA ILE N 357 -5.19 -28.80 65.20
C ILE N 357 -4.23 -29.25 66.28
N ILE N 358 -4.69 -29.24 67.54
CA ILE N 358 -3.91 -29.71 68.67
C ILE N 358 -4.65 -30.86 69.32
N LEU N 359 -3.89 -31.89 69.71
CA LEU N 359 -4.49 -33.10 70.26
C LEU N 359 -3.45 -33.81 71.13
N ASN N 360 -3.96 -34.64 72.04
CA ASN N 360 -3.14 -35.42 72.97
C ASN N 360 -2.26 -34.51 73.84
N GLY N 361 -2.95 -33.72 74.66
CA GLY N 361 -2.24 -32.87 75.61
C GLY N 361 -1.44 -33.70 76.60
N ASP N 362 -0.24 -33.23 76.90
CA ASP N 362 0.69 -33.95 77.76
C ASP N 362 0.64 -33.51 79.22
N GLY N 363 -0.27 -32.60 79.57
CA GLY N 363 -0.36 -32.14 80.94
C GLY N 363 -0.93 -33.19 81.87
N SER N 364 -0.71 -32.98 83.17
CA SER N 364 -1.20 -33.90 84.18
C SER N 364 -2.73 -33.86 84.24
N LYS N 365 -3.35 -35.03 84.19
CA LYS N 365 -4.81 -35.08 84.18
C LYS N 365 -5.41 -34.74 85.54
N ASP N 366 -4.68 -34.99 86.63
CA ASP N 366 -5.19 -34.69 87.96
C ASP N 366 -5.39 -33.20 88.14
N ALA N 367 -4.38 -32.40 87.79
CA ALA N 367 -4.51 -30.95 87.89
C ALA N 367 -5.55 -30.41 86.91
N ILE N 368 -5.68 -31.03 85.74
CA ILE N 368 -6.70 -30.62 84.79
C ILE N 368 -8.08 -30.83 85.38
N ALA N 369 -8.30 -31.99 86.01
CA ALA N 369 -9.58 -32.26 86.64
C ALA N 369 -9.84 -31.31 87.82
N GLN N 370 -8.79 -31.00 88.59
CA GLN N 370 -8.94 -30.07 89.70
C GLN N 370 -9.36 -28.69 89.21
N ARG N 371 -8.71 -28.21 88.15
CA ARG N 371 -9.09 -26.90 87.59
C ARG N 371 -10.48 -26.93 86.97
N CYS N 372 -10.85 -28.05 86.35
CA CYS N 372 -12.20 -28.18 85.80
C CYS N 372 -13.25 -28.12 86.90
N GLU N 373 -13.01 -28.80 88.01
CA GLU N 373 -13.97 -28.74 89.12
C GLU N 373 -13.98 -27.37 89.77
N GLN N 374 -12.83 -26.68 89.79
CA GLN N 374 -12.82 -25.30 90.28
C GLN N 374 -13.67 -24.40 89.39
N ILE N 375 -13.57 -24.57 88.08
CA ILE N 375 -14.40 -23.79 87.16
C ILE N 375 -15.87 -24.13 87.35
N ARG N 376 -16.19 -25.42 87.54
CA ARG N 376 -17.57 -25.83 87.76
C ARG N 376 -18.13 -25.20 89.03
N GLY N 377 -17.33 -25.16 90.10
CA GLY N 377 -17.75 -24.46 91.30
C GLY N 377 -17.90 -22.97 91.10
N ALA N 378 -17.05 -22.38 90.27
CA ALA N 378 -17.19 -20.97 89.93
C ALA N 378 -18.48 -20.69 89.15
N MET N 379 -18.97 -21.69 88.41
CA MET N 379 -20.25 -21.54 87.71
C MET N 379 -21.42 -21.34 88.65
N ASN N 380 -21.28 -21.69 89.93
CA ASN N 380 -22.38 -21.59 90.87
C ASN N 380 -22.56 -20.18 91.44
N ASP N 381 -21.62 -19.28 91.20
CA ASP N 381 -21.73 -17.92 91.71
C ASP N 381 -22.63 -17.08 90.81
N PRO N 382 -23.76 -16.56 91.32
CA PRO N 382 -24.61 -15.72 90.48
C PRO N 382 -23.98 -14.39 90.11
N SER N 383 -22.93 -13.96 90.80
CA SER N 383 -22.31 -12.67 90.57
C SER N 383 -21.21 -12.71 89.51
N THR N 384 -20.99 -13.86 88.87
CA THR N 384 -19.98 -13.95 87.83
C THR N 384 -20.36 -13.09 86.63
N SER N 385 -19.34 -12.50 86.00
CA SER N 385 -19.57 -11.64 84.84
C SER N 385 -20.16 -12.45 83.70
N GLU N 386 -21.09 -11.82 82.95
CA GLU N 386 -21.76 -12.51 81.85
C GLU N 386 -20.78 -12.89 80.75
N TYR N 387 -19.88 -11.97 80.38
CA TYR N 387 -18.90 -12.27 79.33
C TYR N 387 -17.97 -13.39 79.76
N GLU N 388 -17.47 -13.33 81.00
CA GLU N 388 -16.63 -14.40 81.51
C GLU N 388 -17.40 -15.71 81.59
N LYS N 389 -18.67 -15.65 81.98
CA LYS N 389 -19.49 -16.86 82.08
C LYS N 389 -19.64 -17.52 80.72
N GLU N 390 -19.97 -16.74 79.68
CA GLU N 390 -20.15 -17.33 78.37
C GLU N 390 -18.83 -17.80 77.76
N LYS N 391 -17.74 -17.07 78.01
CA LYS N 391 -16.43 -17.51 77.53
C LYS N 391 -16.04 -18.84 78.16
N LEU N 392 -16.23 -18.98 79.47
CA LEU N 392 -15.91 -20.26 80.11
C LEU N 392 -16.89 -21.36 79.71
N GLN N 393 -18.14 -21.00 79.42
CA GLN N 393 -19.10 -22.00 78.95
C GLN N 393 -18.70 -22.55 77.58
N GLU N 394 -18.32 -21.67 76.65
CA GLU N 394 -17.87 -22.15 75.35
C GLU N 394 -16.53 -22.88 75.46
N ARG N 395 -15.68 -22.47 76.41
CA ARG N 395 -14.47 -23.24 76.69
C ARG N 395 -14.81 -24.66 77.12
N LEU N 396 -15.80 -24.80 78.02
CA LEU N 396 -16.24 -26.13 78.44
C LEU N 396 -16.80 -26.91 77.26
N ALA N 397 -17.58 -26.25 76.40
CA ALA N 397 -18.18 -26.93 75.25
C ALA N 397 -17.11 -27.44 74.30
N LYS N 398 -16.07 -26.66 74.05
CA LYS N 398 -15.04 -27.02 73.09
C LYS N 398 -13.90 -27.82 73.72
N LEU N 399 -13.89 -28.00 75.04
CA LEU N 399 -12.85 -28.78 75.70
C LEU N 399 -13.33 -30.13 76.22
N SER N 400 -14.52 -30.18 76.84
CA SER N 400 -15.00 -31.44 77.40
C SER N 400 -15.27 -32.47 76.31
N GLY N 401 -15.81 -32.04 75.17
CA GLY N 401 -16.15 -32.93 74.09
C GLY N 401 -14.95 -33.65 73.49
N GLY N 402 -13.86 -32.93 73.30
CA GLY N 402 -12.66 -33.51 72.75
C GLY N 402 -12.63 -33.41 71.23
N VAL N 403 -11.44 -33.53 70.67
CA VAL N 403 -11.25 -33.43 69.22
C VAL N 403 -11.46 -34.81 68.60
N ALA N 404 -12.39 -34.90 67.66
CA ALA N 404 -12.67 -36.16 66.97
C ALA N 404 -11.62 -36.37 65.90
N VAL N 405 -10.78 -37.39 66.09
CA VAL N 405 -9.69 -37.70 65.17
C VAL N 405 -9.93 -39.08 64.57
N ILE N 406 -9.77 -39.18 63.26
CA ILE N 406 -9.91 -40.44 62.54
C ILE N 406 -8.60 -40.75 61.84
N LYS N 407 -8.08 -41.95 62.07
CA LYS N 407 -6.86 -42.40 61.42
C LYS N 407 -7.23 -43.08 60.11
N VAL N 408 -6.98 -42.39 58.99
CA VAL N 408 -7.33 -42.93 57.69
C VAL N 408 -6.44 -44.12 57.38
N GLY N 409 -6.91 -45.00 56.50
CA GLY N 409 -6.18 -46.17 56.10
C GLY N 409 -5.79 -46.14 54.63
N GLY N 410 -5.13 -47.21 54.20
CA GLY N 410 -4.71 -47.34 52.82
C GLY N 410 -3.53 -48.26 52.70
N SER N 411 -3.19 -48.57 51.45
CA SER N 411 -2.07 -49.44 51.13
C SER N 411 -0.81 -48.68 50.74
N SER N 412 -0.89 -47.87 49.69
CA SER N 412 0.25 -47.10 49.21
C SER N 412 0.08 -45.63 49.57
N GLU N 413 1.13 -44.86 49.27
CA GLU N 413 1.09 -43.42 49.55
C GLU N 413 0.01 -42.72 48.72
N VAL N 414 -0.07 -43.04 47.43
CA VAL N 414 -1.09 -42.44 46.58
C VAL N 414 -2.48 -42.90 47.00
N GLU N 415 -2.61 -44.18 47.39
CA GLU N 415 -3.90 -44.69 47.83
C GLU N 415 -4.36 -44.00 49.12
N VAL N 416 -3.46 -43.87 50.10
CA VAL N 416 -3.84 -43.21 51.33
C VAL N 416 -4.11 -41.72 51.08
N GLY N 417 -3.39 -41.11 50.15
CA GLY N 417 -3.67 -39.72 49.81
C GLY N 417 -5.04 -39.52 49.20
N GLU N 418 -5.39 -40.35 48.22
CA GLU N 418 -6.71 -40.21 47.61
C GLU N 418 -7.81 -40.54 48.61
N LYS N 419 -7.56 -41.50 49.51
CA LYS N 419 -8.53 -41.78 50.57
C LYS N 419 -8.69 -40.57 51.49
N LYS N 420 -7.59 -39.90 51.82
CA LYS N 420 -7.67 -38.72 52.68
C LYS N 420 -8.47 -37.60 52.02
N ASP N 421 -8.21 -37.33 50.74
CA ASP N 421 -8.99 -36.30 50.04
C ASP N 421 -10.47 -36.69 49.94
N ARG N 422 -10.76 -37.95 49.63
CA ARG N 422 -12.15 -38.38 49.57
C ARG N 422 -12.83 -38.18 50.91
N PHE N 423 -12.15 -38.58 51.99
CA PHE N 423 -12.70 -38.39 53.33
C PHE N 423 -12.92 -36.92 53.65
N VAL N 424 -11.99 -36.05 53.22
CA VAL N 424 -12.13 -34.65 53.60
C VAL N 424 -13.31 -34.01 52.89
N ASP N 425 -13.53 -34.34 51.60
CA ASP N 425 -14.70 -33.75 50.95
C ASP N 425 -15.99 -34.35 51.51
N ALA N 426 -15.98 -35.65 51.81
CA ALA N 426 -17.17 -36.26 52.39
C ALA N 426 -17.54 -35.63 53.73
N LEU N 427 -16.55 -35.43 54.60
CA LEU N 427 -16.82 -34.82 55.89
C LEU N 427 -17.21 -33.35 55.75
N ASN N 428 -16.61 -32.62 54.79
CA ASN N 428 -17.01 -31.23 54.59
C ASN N 428 -18.48 -31.16 54.16
N ALA N 429 -18.88 -32.00 53.22
CA ALA N 429 -20.28 -32.04 52.80
C ALA N 429 -21.20 -32.43 53.95
N THR N 430 -20.77 -33.40 54.76
CA THR N 430 -21.58 -33.82 55.89
C THR N 430 -21.76 -32.70 56.91
N ARG N 431 -20.69 -31.96 57.21
CA ARG N 431 -20.79 -30.83 58.12
C ARG N 431 -21.72 -29.76 57.58
N ALA N 432 -21.59 -29.44 56.29
CA ALA N 432 -22.50 -28.47 55.70
C ALA N 432 -23.95 -28.92 55.82
N ALA N 433 -24.20 -30.20 55.51
CA ALA N 433 -25.57 -30.72 55.56
C ALA N 433 -26.14 -30.68 56.98
N VAL N 434 -25.34 -31.07 57.98
CA VAL N 434 -25.86 -31.08 59.34
C VAL N 434 -26.07 -29.66 59.86
N GLU N 435 -25.17 -28.73 59.53
CA GLU N 435 -25.30 -27.39 60.10
C GLU N 435 -26.40 -26.60 59.41
N GLU N 436 -26.71 -26.91 58.14
CA GLU N 436 -27.77 -26.20 57.44
C GLU N 436 -28.94 -27.07 57.07
N GLY N 437 -28.72 -28.16 56.34
CA GLY N 437 -29.80 -28.99 55.85
C GLY N 437 -29.65 -29.32 54.38
N ILE N 438 -30.27 -30.41 53.94
CA ILE N 438 -30.14 -30.87 52.57
C ILE N 438 -31.38 -30.51 51.78
N LEU N 439 -31.21 -30.38 50.46
CA LEU N 439 -32.28 -30.09 49.52
C LEU N 439 -32.09 -30.94 48.28
N PRO N 440 -33.18 -31.22 47.54
CA PRO N 440 -33.05 -31.99 46.29
C PRO N 440 -32.14 -31.32 45.30
N GLY N 441 -31.07 -32.00 44.90
CA GLY N 441 -30.09 -31.44 44.00
C GLY N 441 -30.54 -31.46 42.56
N GLY N 442 -29.64 -31.02 41.69
CA GLY N 442 -29.94 -30.94 40.27
C GLY N 442 -30.75 -29.74 39.85
N GLY N 443 -30.89 -28.75 40.73
CA GLY N 443 -31.66 -27.57 40.42
C GLY N 443 -33.15 -27.69 40.62
N THR N 444 -33.64 -28.85 41.07
CA THR N 444 -35.07 -29.02 41.31
C THR N 444 -35.57 -28.07 42.39
N ALA N 445 -34.80 -27.92 43.47
CA ALA N 445 -35.21 -27.04 44.55
C ALA N 445 -35.33 -25.60 44.07
N LEU N 446 -34.41 -25.17 43.21
CA LEU N 446 -34.49 -23.81 42.66
C LEU N 446 -35.76 -23.62 41.85
N ILE N 447 -36.12 -24.61 41.02
CA ILE N 447 -37.33 -24.51 40.22
C ILE N 447 -38.56 -24.43 41.12
N LYS N 448 -38.61 -25.30 42.13
CA LYS N 448 -39.77 -25.29 43.03
C LYS N 448 -39.87 -23.97 43.78
N ALA N 449 -38.74 -23.43 44.23
CA ALA N 449 -38.77 -22.14 44.91
C ALA N 449 -39.22 -21.02 43.98
N SER N 450 -38.69 -20.98 42.76
CA SER N 450 -39.07 -19.95 41.81
C SER N 450 -40.54 -20.06 41.40
N VAL N 451 -41.12 -21.24 41.48
CA VAL N 451 -42.53 -21.38 41.09
C VAL N 451 -43.48 -21.11 42.26
N ASN N 452 -43.16 -21.59 43.46
CA ASN N 452 -44.06 -21.49 44.61
C ASN N 452 -43.73 -20.33 45.54
N ALA N 453 -42.75 -19.50 45.20
CA ALA N 453 -42.32 -18.43 46.11
C ALA N 453 -42.59 -17.04 45.57
N LEU N 454 -42.11 -16.73 44.37
CA LEU N 454 -42.20 -15.38 43.81
C LEU N 454 -43.61 -15.00 43.37
N ASN N 455 -44.54 -15.97 43.31
CA ASN N 455 -45.91 -15.65 42.91
C ASN N 455 -46.65 -14.87 43.98
N ASN N 456 -46.18 -14.91 45.23
CA ASN N 456 -46.86 -14.22 46.32
C ASN N 456 -46.40 -12.78 46.47
N LEU N 457 -45.17 -12.46 46.05
CA LEU N 457 -44.65 -11.11 46.20
C LEU N 457 -45.46 -10.12 45.37
N LYS N 458 -45.72 -8.95 45.96
CA LYS N 458 -46.49 -7.89 45.30
C LYS N 458 -45.70 -6.60 45.38
N PRO N 459 -44.76 -6.40 44.46
CA PRO N 459 -43.97 -5.16 44.47
C PRO N 459 -44.84 -3.94 44.21
N ALA N 460 -44.43 -2.81 44.79
CA ALA N 460 -45.22 -1.59 44.69
C ALA N 460 -45.11 -0.97 43.31
N ASN N 461 -43.90 -0.58 42.92
CA ASN N 461 -43.69 0.08 41.64
C ASN N 461 -43.54 -0.97 40.53
N PHE N 462 -43.11 -0.53 39.35
CA PHE N 462 -43.06 -1.38 38.17
C PHE N 462 -41.68 -2.03 37.98
N ASP N 463 -40.61 -1.26 38.20
CA ASP N 463 -39.27 -1.82 38.02
C ASP N 463 -38.97 -2.91 39.03
N GLN N 464 -39.55 -2.85 40.23
CA GLN N 464 -39.41 -3.94 41.17
C GLN N 464 -40.05 -5.22 40.64
N GLN N 465 -41.22 -5.09 40.01
CA GLN N 465 -41.84 -6.25 39.36
C GLN N 465 -40.95 -6.77 38.23
N LEU N 466 -40.34 -5.86 37.47
CA LEU N 466 -39.43 -6.29 36.41
C LEU N 466 -38.24 -7.05 36.98
N GLY N 467 -37.69 -6.59 38.10
CA GLY N 467 -36.58 -7.30 38.73
C GLY N 467 -37.00 -8.66 39.28
N VAL N 468 -38.22 -8.75 39.83
CA VAL N 468 -38.73 -10.03 40.30
C VAL N 468 -38.86 -11.01 39.13
N ASN N 469 -39.39 -10.53 38.00
CA ASN N 469 -39.47 -11.38 36.81
C ASN N 469 -38.07 -11.78 36.33
N ILE N 470 -37.11 -10.86 36.44
CA ILE N 470 -35.74 -11.16 36.04
C ILE N 470 -35.17 -12.30 36.89
N ILE N 471 -35.37 -12.22 38.20
CA ILE N 471 -34.84 -13.28 39.07
C ILE N 471 -35.58 -14.58 38.83
N LYS N 472 -36.88 -14.52 38.53
CA LYS N 472 -37.63 -15.74 38.24
C LYS N 472 -37.12 -16.41 36.97
N ASN N 473 -36.80 -15.63 35.95
CA ASN N 473 -36.26 -16.20 34.72
C ASN N 473 -34.83 -16.69 34.91
N ALA N 474 -34.06 -16.04 35.79
CA ALA N 474 -32.66 -16.39 35.95
C ALA N 474 -32.43 -17.55 36.90
N ILE N 475 -33.38 -17.84 37.80
CA ILE N 475 -33.18 -18.93 38.75
C ILE N 475 -33.13 -20.28 38.04
N THR N 476 -33.89 -20.44 36.96
CA THR N 476 -33.98 -21.71 36.26
C THR N 476 -32.77 -22.01 35.38
N ARG N 477 -31.81 -21.09 35.28
CA ARG N 477 -30.67 -21.30 34.39
C ARG N 477 -29.81 -22.50 34.77
N PRO N 478 -29.43 -22.72 36.04
CA PRO N 478 -28.62 -23.92 36.34
C PRO N 478 -29.31 -25.22 35.99
N ALA N 479 -30.62 -25.32 36.22
CA ALA N 479 -31.34 -26.54 35.84
C ALA N 479 -31.34 -26.72 34.33
N ARG N 480 -31.52 -25.63 33.59
CA ARG N 480 -31.47 -25.71 32.13
C ARG N 480 -30.12 -26.19 31.65
N MET N 481 -29.03 -25.66 32.24
CA MET N 481 -27.70 -26.10 31.85
C MET N 481 -27.48 -27.56 32.20
N ILE N 482 -27.95 -28.00 33.38
CA ILE N 482 -27.78 -29.39 33.78
C ILE N 482 -28.49 -30.32 32.81
N VAL N 483 -29.72 -29.98 32.44
CA VAL N 483 -30.48 -30.83 31.52
C VAL N 483 -29.86 -30.82 30.13
N GLU N 484 -29.41 -29.64 29.67
CA GLU N 484 -28.86 -29.56 28.32
C GLU N 484 -27.50 -30.24 28.21
N ASN N 485 -26.77 -30.35 29.33
CA ASN N 485 -25.47 -31.02 29.30
C ASN N 485 -25.62 -32.50 28.93
N ALA N 486 -26.64 -33.16 29.47
CA ALA N 486 -26.87 -34.56 29.14
C ALA N 486 -27.24 -34.72 27.67
N GLY N 487 -28.08 -33.82 27.15
CA GLY N 487 -28.47 -33.89 25.76
C GLY N 487 -29.94 -33.63 25.53
N LEU N 488 -30.77 -33.95 26.51
CA LEU N 488 -32.21 -33.72 26.38
C LEU N 488 -32.52 -32.23 26.40
N GLU N 489 -33.65 -31.87 25.80
CA GLU N 489 -34.06 -30.48 25.73
C GLU N 489 -34.44 -29.99 27.12
N GLY N 490 -33.90 -28.83 27.51
CA GLY N 490 -34.17 -28.31 28.84
C GLY N 490 -35.54 -27.69 29.00
N SER N 491 -36.09 -27.15 27.92
CA SER N 491 -37.37 -26.44 28.01
C SER N 491 -38.49 -27.39 28.42
N VAL N 492 -38.58 -28.54 27.77
CA VAL N 492 -39.65 -29.49 28.08
C VAL N 492 -39.49 -30.03 29.50
N VAL N 493 -38.25 -30.32 29.91
CA VAL N 493 -38.01 -30.85 31.26
C VAL N 493 -38.41 -29.81 32.31
N ILE N 494 -38.02 -28.56 32.10
CA ILE N 494 -38.36 -27.50 33.05
C ILE N 494 -39.88 -27.30 33.10
N GLY N 495 -40.53 -27.35 31.93
CA GLY N 495 -41.98 -27.22 31.92
C GLY N 495 -42.68 -28.34 32.67
N LYS N 496 -42.19 -29.58 32.50
CA LYS N 496 -42.77 -30.69 33.22
C LYS N 496 -42.54 -30.58 34.73
N ILE N 497 -41.34 -30.15 35.13
CA ILE N 497 -41.02 -30.05 36.55
C ILE N 497 -41.84 -28.93 37.20
N SER N 498 -41.91 -27.77 36.56
CA SER N 498 -42.53 -26.60 37.19
C SER N 498 -44.04 -26.72 37.26
N ASP N 499 -44.66 -27.31 36.23
CA ASP N 499 -46.11 -27.34 36.13
C ASP N 499 -46.71 -28.66 36.61
N GLU N 500 -46.28 -29.78 36.03
CA GLU N 500 -46.89 -31.06 36.36
C GLU N 500 -46.60 -31.47 37.81
N TYR N 501 -45.39 -31.18 38.29
CA TYR N 501 -44.96 -31.61 39.62
C TYR N 501 -44.69 -30.40 40.52
N ALA N 502 -45.57 -29.39 40.44
CA ALA N 502 -45.40 -28.21 41.28
C ALA N 502 -45.61 -28.54 42.76
N ALA N 503 -46.60 -29.37 43.06
CA ALA N 503 -46.90 -29.69 44.46
C ALA N 503 -45.78 -30.49 45.10
N ASP N 504 -45.22 -31.46 44.38
CA ASP N 504 -44.18 -32.32 44.92
C ASP N 504 -42.83 -31.63 44.83
N PHE N 505 -42.31 -31.21 45.98
CA PHE N 505 -41.01 -30.53 46.00
C PHE N 505 -39.89 -31.48 45.58
N ASN N 506 -39.93 -32.73 46.05
CA ASN N 506 -38.85 -33.67 45.77
C ASN N 506 -38.86 -34.16 44.32
N LYS N 507 -39.99 -34.04 43.62
CA LYS N 507 -40.07 -34.52 42.26
C LYS N 507 -39.28 -33.60 41.33
N GLY N 508 -38.45 -34.18 40.49
CA GLY N 508 -37.66 -33.42 39.53
C GLY N 508 -37.22 -34.31 38.39
N PHE N 509 -36.06 -33.99 37.83
CA PHE N 509 -35.49 -34.73 36.72
C PHE N 509 -34.14 -35.32 37.13
N ASN N 510 -33.97 -36.62 36.90
CA ASN N 510 -32.71 -37.30 37.17
C ASN N 510 -31.94 -37.38 35.86
N SER N 511 -30.93 -36.52 35.72
CA SER N 511 -30.16 -36.47 34.48
C SER N 511 -29.32 -37.73 34.28
N ALA N 512 -29.05 -38.49 35.34
CA ALA N 512 -28.24 -39.69 35.20
C ALA N 512 -28.94 -40.73 34.34
N THR N 513 -30.25 -40.91 34.53
CA THR N 513 -31.01 -41.91 33.80
C THR N 513 -32.09 -41.33 32.90
N GLY N 514 -32.54 -40.11 33.15
CA GLY N 514 -33.58 -39.50 32.35
C GLY N 514 -34.99 -39.76 32.80
N GLU N 515 -35.18 -40.26 34.01
CA GLU N 515 -36.51 -40.54 34.55
C GLU N 515 -36.82 -39.57 35.68
N TYR N 516 -38.07 -39.13 35.75
CA TYR N 516 -38.50 -38.18 36.77
C TYR N 516 -38.69 -38.93 38.08
N VAL N 517 -37.64 -38.94 38.92
CA VAL N 517 -37.66 -39.61 40.20
C VAL N 517 -37.25 -38.62 41.29
N ASP N 518 -37.59 -38.95 42.53
CA ASP N 518 -37.27 -38.10 43.66
C ASP N 518 -35.79 -38.23 43.99
N MET N 519 -35.12 -37.08 44.17
CA MET N 519 -33.70 -37.11 44.53
C MET N 519 -33.47 -37.63 45.93
N ILE N 520 -34.46 -37.55 46.82
CA ILE N 520 -34.29 -38.07 48.17
C ILE N 520 -34.06 -39.58 48.14
N GLN N 521 -34.89 -40.30 47.36
CA GLN N 521 -34.71 -41.73 47.21
C GLN N 521 -33.55 -42.05 46.27
N ALA N 522 -33.36 -41.23 45.23
CA ALA N 522 -32.29 -41.48 44.27
C ALA N 522 -30.91 -41.18 44.84
N GLY N 523 -30.83 -40.39 45.91
CA GLY N 523 -29.58 -40.06 46.54
C GLY N 523 -29.02 -38.71 46.18
N ILE N 524 -29.52 -38.08 45.11
CA ILE N 524 -29.04 -36.76 44.73
C ILE N 524 -29.46 -35.75 45.78
N LEU N 525 -28.55 -34.84 46.12
CA LEU N 525 -28.85 -33.83 47.13
C LEU N 525 -28.01 -32.59 46.86
N ASP N 526 -28.41 -31.49 47.50
CA ASP N 526 -27.65 -30.25 47.51
C ASP N 526 -27.91 -29.62 48.88
N PRO N 527 -26.87 -29.42 49.68
CA PRO N 527 -27.06 -28.80 51.00
C PRO N 527 -27.61 -27.39 50.86
N LEU N 528 -28.39 -26.98 51.87
CA LEU N 528 -28.97 -25.64 51.83
C LEU N 528 -27.90 -24.56 51.88
N LYS N 529 -26.84 -24.79 52.66
CA LYS N 529 -25.82 -23.76 52.87
C LYS N 529 -25.15 -23.36 51.56
N VAL N 530 -24.71 -24.36 50.78
CA VAL N 530 -23.96 -24.06 49.57
C VAL N 530 -24.83 -23.34 48.55
N VAL N 531 -26.05 -23.83 48.31
CA VAL N 531 -26.91 -23.21 47.31
C VAL N 531 -27.35 -21.82 47.77
N ARG N 532 -27.63 -21.66 49.06
CA ARG N 532 -28.07 -20.37 49.57
C ARG N 532 -26.95 -19.33 49.45
N THR N 533 -25.74 -19.70 49.87
CA THR N 533 -24.64 -18.74 49.78
C THR N 533 -24.26 -18.46 48.33
N GLY N 534 -24.34 -19.46 47.45
CA GLY N 534 -24.08 -19.21 46.05
C GLY N 534 -25.09 -18.27 45.44
N LEU N 535 -26.38 -18.47 45.73
CA LEU N 535 -27.39 -17.56 45.22
C LEU N 535 -27.22 -16.15 45.76
N ILE N 536 -26.92 -16.03 47.06
CA ILE N 536 -26.75 -14.71 47.66
C ILE N 536 -25.56 -13.99 47.03
N ASP N 537 -24.43 -14.67 46.92
CA ASP N 537 -23.25 -14.05 46.34
C ASP N 537 -23.47 -13.69 44.87
N ALA N 538 -24.13 -14.58 44.12
CA ALA N 538 -24.39 -14.30 42.71
C ALA N 538 -25.30 -13.09 42.56
N SER N 539 -26.37 -13.01 43.35
CA SER N 539 -27.28 -11.88 43.26
C SER N 539 -26.56 -10.59 43.65
N GLY N 540 -25.77 -10.61 44.73
CA GLY N 540 -25.05 -9.42 45.13
C GLY N 540 -24.06 -8.96 44.08
N VAL N 541 -23.30 -9.89 43.52
CA VAL N 541 -22.29 -9.54 42.52
C VAL N 541 -22.96 -8.99 41.26
N ALA N 542 -24.05 -9.63 40.82
CA ALA N 542 -24.75 -9.13 39.63
C ALA N 542 -25.35 -7.75 39.87
N SER N 543 -25.95 -7.54 41.04
CA SER N 543 -26.52 -6.24 41.35
C SER N 543 -25.44 -5.17 41.41
N LEU N 544 -24.29 -5.49 42.00
CA LEU N 544 -23.19 -4.53 42.05
C LEU N 544 -22.66 -4.24 40.66
N LEU N 545 -22.50 -5.27 39.83
CA LEU N 545 -21.93 -5.09 38.50
C LEU N 545 -22.90 -4.36 37.56
N GLY N 546 -24.20 -4.44 37.85
CA GLY N 546 -25.17 -3.75 37.00
C GLY N 546 -25.27 -2.26 37.27
N THR N 547 -24.52 -1.74 38.23
CA THR N 547 -24.59 -0.33 38.57
C THR N 547 -23.20 0.31 38.58
N THR N 548 -22.40 0.02 37.56
CA THR N 548 -21.06 0.59 37.41
C THR N 548 -20.95 1.17 36.01
N GLU N 549 -21.23 2.46 35.86
CA GLU N 549 -21.08 3.12 34.56
C GLU N 549 -19.61 3.23 34.17
N VAL N 550 -18.75 3.54 35.14
CA VAL N 550 -17.34 3.81 34.90
C VAL N 550 -16.52 2.63 35.37
N ALA N 551 -15.50 2.28 34.58
CA ALA N 551 -14.56 1.21 34.91
C ALA N 551 -13.26 1.47 34.17
N ILE N 552 -12.15 1.48 34.91
CA ILE N 552 -10.86 1.81 34.35
C ILE N 552 -9.95 0.59 34.42
N VAL N 553 -9.02 0.52 33.46
CA VAL N 553 -8.01 -0.54 33.41
C VAL N 553 -6.65 0.09 33.18
N GLU N 554 -5.60 -0.68 33.46
CA GLU N 554 -4.23 -0.22 33.29
C GLU N 554 -3.84 -0.32 31.82
N ALA N 555 -2.58 -0.01 31.52
CA ALA N 555 -2.08 -0.04 30.15
C ALA N 555 -1.96 -1.47 29.64
#